data_9HG2
#
_entry.id   9HG2
#
_cell.length_a   113.940
_cell.length_b   115.740
_cell.length_c   178.920
_cell.angle_alpha   77.748
_cell.angle_beta   83.317
_cell.angle_gamma   65.603
#
_symmetry.space_group_name_H-M   'P 1'
#
loop_
_entity.id
_entity.type
_entity.pdbx_description
1 polymer 'GMP reductase'
2 non-polymer 'INOSINIC ACID'
3 non-polymer "ADENOSINE-5'-TRIPHOSPHATE"
4 water water
#
_entity_poly.entity_id   1
_entity_poly.type   'polypeptide(L)'
_entity_poly.pdbx_seq_one_letter_code
;MVRFLDGHTPAYDLTYNDVFVVPGRSDVASRFDVDLSTVDGSGTTIPVVVANMTAVAGRRMAETVARRGGIVVLPQDLPI
TAVSETVDFVKSRDLVVDTPVTLSPEDSVSDANALLHKRAHGAAVVVFEGRPIGLVTEANCAGVDRFARVRDIALSDFVT
APVGTDPREVFDLLEHAPIDVAVMTAPDGTLAGVLTRTGAIRAGIYTPAVDAKGRLRIAAAVGINGDVGAKAQALAEAGA
DLLVIDTAHGHQAKMLDAIKAVASLDLGLPLVAGNVVSAEGTRDLIEAGASIVKVGVGPGAMCTTRMMTGVGRPQFSAVV
ECAAAARQLGGHVWADGGVRHPRDVALALAAGASNVMIGSWFAGTYESPGDLLFDRDDRPYKESYGMASKRAVAARTAGD
SSFDRARKGLFEEGISTSRMSLDPARGGVEDLLDHITSGVRSTCTYVGAANLPELHEKVVLGVQSAAGFAEGHPLPAGWT
AAAKEDLEHHHHHHHH
;
_entity_poly.pdbx_strand_id   A,B,C,D,E,F,G,H,I,J,K,L,M,N,O,P
#
loop_
_chem_comp.id
_chem_comp.type
_chem_comp.name
_chem_comp.formula
ATP non-polymer ADENOSINE-5'-TRIPHOSPHATE 'C10 H16 N5 O13 P3'
IMP non-polymer 'INOSINIC ACID' 'C10 H13 N4 O8 P'
#
# COMPACT_ATOMS: atom_id res chain seq x y z
N MET A 1 -11.97 66.97 76.27
CA MET A 1 -13.16 66.14 76.48
C MET A 1 -14.12 66.19 75.29
N VAL A 2 -14.58 65.00 74.86
CA VAL A 2 -15.48 64.92 73.73
C VAL A 2 -16.84 65.49 74.09
N ARG A 3 -17.50 66.09 73.10
CA ARG A 3 -18.89 66.48 73.21
C ARG A 3 -19.67 65.79 72.11
N PHE A 4 -20.85 65.29 72.45
CA PHE A 4 -21.78 64.74 71.46
C PHE A 4 -22.93 65.71 71.20
N LEU A 5 -23.48 65.63 70.00
CA LEU A 5 -24.65 66.42 69.66
C LEU A 5 -25.76 66.16 70.68
N ASP A 6 -26.55 67.20 70.94
CA ASP A 6 -27.67 67.09 71.87
C ASP A 6 -28.52 65.88 71.53
N GLY A 7 -28.78 65.04 72.54
CA GLY A 7 -29.64 63.90 72.39
C GLY A 7 -28.97 62.62 71.90
N HIS A 8 -27.70 62.69 71.50
CA HIS A 8 -27.00 61.52 70.96
C HIS A 8 -26.35 60.74 72.12
N THR A 9 -27.21 60.16 72.95
CA THR A 9 -26.79 59.30 74.06
C THR A 9 -27.44 57.93 73.87
N PRO A 10 -26.87 57.10 73.00
CA PRO A 10 -27.49 55.81 72.71
C PRO A 10 -27.41 54.85 73.89
N ALA A 11 -28.31 53.87 73.87
CA ALA A 11 -28.30 52.82 74.89
C ALA A 11 -27.40 51.67 74.51
N TYR A 12 -26.22 51.99 73.97
CA TYR A 12 -25.23 50.99 73.57
C TYR A 12 -23.88 51.68 73.43
N ASP A 13 -22.83 50.85 73.34
CA ASP A 13 -21.48 51.38 73.15
C ASP A 13 -21.13 51.43 71.67
N LEU A 14 -20.13 52.24 71.36
CA LEU A 14 -19.90 52.74 70.00
C LEU A 14 -18.60 52.18 69.43
N THR A 15 -18.67 51.71 68.19
CA THR A 15 -17.49 51.40 67.39
C THR A 15 -17.08 52.62 66.55
N TYR A 16 -15.95 52.48 65.87
CA TYR A 16 -15.52 53.53 64.93
C TYR A 16 -16.54 53.74 63.82
N ASN A 17 -17.34 52.73 63.50
CA ASN A 17 -18.38 52.86 62.47
C ASN A 17 -19.63 53.57 62.95
N ASP A 18 -19.77 53.83 64.25
CA ASP A 18 -20.99 54.38 64.80
C ASP A 18 -21.02 55.91 64.85
N VAL A 19 -19.88 56.58 64.66
CA VAL A 19 -19.77 58.01 65.00
C VAL A 19 -19.25 58.81 63.81
N PHE A 20 -19.49 60.12 63.87
CA PHE A 20 -18.95 61.06 62.89
C PHE A 20 -18.57 62.35 63.61
N VAL A 21 -17.71 63.13 62.96
CA VAL A 21 -17.24 64.40 63.49
C VAL A 21 -17.97 65.54 62.77
N VAL A 22 -18.66 66.38 63.53
CA VAL A 22 -19.31 67.56 62.97
C VAL A 22 -18.27 68.64 62.74
N PRO A 23 -18.19 69.24 61.55
CA PRO A 23 -17.29 70.38 61.35
C PRO A 23 -17.60 71.51 62.33
N GLY A 24 -16.55 72.23 62.70
CA GLY A 24 -16.65 73.38 63.57
C GLY A 24 -16.09 74.61 62.87
N ARG A 25 -16.30 75.76 63.50
CA ARG A 25 -15.71 76.99 62.97
C ARG A 25 -14.18 76.91 63.08
N SER A 26 -13.49 77.28 62.00
CA SER A 26 -12.05 77.01 61.93
C SER A 26 -11.31 78.18 61.32
N ASP A 27 -10.18 78.53 61.91
CA ASP A 27 -9.21 79.38 61.21
C ASP A 27 -7.91 78.63 60.94
N VAL A 28 -7.97 77.30 60.92
CA VAL A 28 -6.84 76.44 60.56
C VAL A 28 -7.02 76.10 59.09
N ALA A 29 -6.37 76.87 58.22
CA ALA A 29 -6.62 76.75 56.78
C ALA A 29 -5.94 75.53 56.18
N SER A 30 -4.64 75.38 56.42
CA SER A 30 -3.83 74.38 55.73
C SER A 30 -3.59 73.16 56.62
N ARG A 31 -3.62 71.97 56.00
CA ARG A 31 -3.19 70.76 56.68
C ARG A 31 -1.83 70.93 57.34
N PHE A 32 -0.95 71.71 56.73
CA PHE A 32 0.42 71.86 57.21
C PHE A 32 0.53 72.78 58.42
N ASP A 33 -0.52 73.52 58.76
CA ASP A 33 -0.55 74.31 59.99
C ASP A 33 -0.83 73.46 61.23
N VAL A 34 -1.20 72.21 61.05
CA VAL A 34 -1.50 71.33 62.17
C VAL A 34 -0.21 70.72 62.70
N ASP A 35 -0.06 70.71 64.02
CA ASP A 35 1.05 70.05 64.70
C ASP A 35 0.55 68.69 65.17
N LEU A 36 1.09 67.63 64.59
CA LEU A 36 0.68 66.26 64.90
C LEU A 36 1.53 65.60 65.98
N SER A 37 2.41 66.34 66.66
N SER A 37 2.42 66.34 66.64
CA SER A 37 3.26 65.73 67.66
CA SER A 37 3.27 65.77 67.69
C SER A 37 2.43 65.29 68.87
N THR A 38 2.90 64.25 69.53
CA THR A 38 2.20 63.71 70.69
C THR A 38 2.78 64.29 71.98
N VAL A 39 2.03 64.13 73.06
CA VAL A 39 2.37 64.72 74.35
C VAL A 39 2.47 63.66 75.45
N ASP A 40 2.60 62.38 75.09
CA ASP A 40 2.57 61.30 76.07
C ASP A 40 3.94 60.79 76.45
N GLY A 41 5.02 61.42 75.99
CA GLY A 41 6.35 60.99 76.32
C GLY A 41 6.92 59.91 75.42
N SER A 42 6.13 59.41 74.45
CA SER A 42 6.66 58.45 73.50
C SER A 42 7.69 59.08 72.58
N GLY A 43 7.57 60.38 72.32
CA GLY A 43 8.45 61.04 71.37
C GLY A 43 8.03 60.95 69.93
N THR A 44 6.85 60.40 69.63
CA THR A 44 6.43 60.37 68.24
C THR A 44 5.99 61.76 67.80
N THR A 45 6.27 62.11 66.55
CA THR A 45 5.86 63.39 65.99
C THR A 45 4.63 63.25 65.11
N ILE A 46 4.15 62.03 64.90
CA ILE A 46 2.83 61.75 64.37
C ILE A 46 2.21 60.71 65.29
N PRO A 47 0.89 60.64 65.41
CA PRO A 47 0.24 59.76 66.40
C PRO A 47 0.09 58.31 65.95
N VAL A 48 1.19 57.72 65.46
CA VAL A 48 1.18 56.35 64.93
C VAL A 48 2.23 55.50 65.65
N VAL A 49 1.78 54.39 66.24
CA VAL A 49 2.64 53.38 66.84
C VAL A 49 2.38 52.06 66.12
N VAL A 50 3.44 51.34 65.76
CA VAL A 50 3.30 50.04 65.12
C VAL A 50 3.24 48.96 66.19
N ALA A 51 2.25 48.07 66.06
CA ALA A 51 1.96 47.09 67.09
C ALA A 51 3.11 46.11 67.27
N ASN A 52 3.28 45.64 68.51
CA ASN A 52 4.26 44.62 68.86
C ASN A 52 3.83 43.26 68.34
N MET A 53 3.87 43.07 67.02
CA MET A 53 3.46 41.85 66.37
C MET A 53 4.56 41.40 65.43
N THR A 54 4.90 40.10 65.49
CA THR A 54 5.95 39.60 64.59
C THR A 54 5.60 39.78 63.12
N ALA A 55 4.32 39.89 62.78
CA ALA A 55 3.96 40.08 61.38
C ALA A 55 4.28 41.49 60.86
N VAL A 56 4.59 42.44 61.74
CA VAL A 56 4.69 43.83 61.31
C VAL A 56 5.99 44.46 61.76
N ALA A 57 6.43 44.17 62.99
CA ALA A 57 7.41 45.00 63.69
C ALA A 57 8.82 44.42 63.55
N GLY A 58 9.32 44.46 62.32
CA GLY A 58 10.69 44.09 62.02
C GLY A 58 11.62 45.30 61.89
N ARG A 59 12.87 45.01 61.50
CA ARG A 59 13.86 46.08 61.48
C ARG A 59 13.60 47.09 60.37
N ARG A 60 13.15 46.62 59.19
CA ARG A 60 12.84 47.55 58.11
C ARG A 60 11.67 48.44 58.50
N MET A 61 10.68 47.89 59.20
CA MET A 61 9.54 48.69 59.63
C MET A 61 9.95 49.69 60.69
N ALA A 62 10.77 49.26 61.66
CA ALA A 62 11.21 50.15 62.74
C ALA A 62 11.97 51.35 62.19
N GLU A 63 12.87 51.12 61.23
CA GLU A 63 13.62 52.23 60.62
C GLU A 63 12.70 53.17 59.87
N THR A 64 11.85 52.61 59.01
CA THR A 64 11.07 53.44 58.08
C THR A 64 10.05 54.29 58.82
N VAL A 65 9.40 53.72 59.83
CA VAL A 65 8.34 54.46 60.51
C VAL A 65 8.94 55.53 61.42
N ALA A 66 10.00 55.19 62.16
CA ALA A 66 10.64 56.15 63.05
C ALA A 66 11.17 57.36 62.27
N ARG A 67 11.70 57.13 61.07
CA ARG A 67 12.20 58.26 60.29
C ARG A 67 11.08 59.24 59.96
N ARG A 68 9.85 58.75 59.82
CA ARG A 68 8.70 59.62 59.56
C ARG A 68 7.97 60.01 60.83
N GLY A 69 8.52 59.73 62.02
CA GLY A 69 8.01 60.27 63.25
C GLY A 69 7.18 59.33 64.09
N GLY A 70 6.87 58.13 63.59
CA GLY A 70 6.20 57.13 64.40
C GLY A 70 7.21 56.39 65.25
N ILE A 71 6.73 55.33 65.90
CA ILE A 71 7.63 54.42 66.61
C ILE A 71 7.09 53.00 66.48
N VAL A 72 8.01 52.04 66.45
CA VAL A 72 7.68 50.62 66.35
C VAL A 72 8.01 49.93 67.67
N VAL A 73 7.10 49.08 68.14
CA VAL A 73 7.29 48.29 69.36
C VAL A 73 7.72 46.90 68.95
N LEU A 74 8.93 46.50 69.31
CA LEU A 74 9.41 45.17 68.99
C LEU A 74 8.58 44.11 69.72
N PRO A 75 8.30 42.99 69.08
CA PRO A 75 7.42 41.98 69.72
C PRO A 75 8.05 41.42 70.98
N GLN A 76 7.20 41.12 71.96
CA GLN A 76 7.69 40.44 73.16
C GLN A 76 8.30 39.10 72.79
N ASP A 77 9.26 38.67 73.62
CA ASP A 77 10.00 37.41 73.53
C ASP A 77 11.01 37.39 72.38
N LEU A 78 11.19 38.49 71.65
CA LEU A 78 12.33 38.57 70.74
C LEU A 78 13.60 38.38 71.56
N PRO A 79 14.46 37.43 71.20
CA PRO A 79 15.67 37.19 72.01
C PRO A 79 16.52 38.44 72.10
N ILE A 80 17.19 38.61 73.25
CA ILE A 80 17.84 39.89 73.53
C ILE A 80 18.96 40.18 72.54
N THR A 81 19.63 39.13 72.02
CA THR A 81 20.62 39.35 70.97
C THR A 81 19.98 40.02 69.76
N ALA A 82 18.81 39.54 69.35
CA ALA A 82 18.11 40.14 68.22
C ALA A 82 17.56 41.52 68.57
N VAL A 83 17.14 41.74 69.81
CA VAL A 83 16.75 43.10 70.21
C VAL A 83 17.91 44.05 70.02
N SER A 84 19.09 43.67 70.53
N SER A 84 19.09 43.67 70.53
CA SER A 84 20.25 44.55 70.47
CA SER A 84 20.25 44.55 70.46
C SER A 84 20.66 44.82 69.02
N GLU A 85 20.66 43.78 68.18
CA GLU A 85 21.03 43.97 66.78
C GLU A 85 20.03 44.85 66.07
N THR A 86 18.74 44.70 66.39
CA THR A 86 17.71 45.54 65.79
C THR A 86 17.85 46.99 66.22
N VAL A 87 18.00 47.23 67.53
CA VAL A 87 18.19 48.58 68.04
C VAL A 87 19.41 49.23 67.41
N ASP A 88 20.53 48.48 67.34
CA ASP A 88 21.75 49.04 66.79
C ASP A 88 21.58 49.39 65.31
N PHE A 89 20.84 48.55 64.57
CA PHE A 89 20.56 48.88 63.17
C PHE A 89 19.75 50.17 63.06
N VAL A 90 18.65 50.25 63.82
CA VAL A 90 17.77 51.41 63.72
C VAL A 90 18.50 52.68 64.13
N LYS A 91 19.30 52.61 65.20
CA LYS A 91 19.94 53.81 65.74
C LYS A 91 21.18 54.21 64.96
N SER A 92 21.60 53.44 63.96
CA SER A 92 22.67 53.87 63.06
C SER A 92 22.14 54.38 61.73
N ARG A 93 20.82 54.42 61.53
CA ARG A 93 20.27 54.88 60.26
C ARG A 93 20.33 56.40 60.15
N ASP A 94 20.47 56.87 58.92
CA ASP A 94 20.43 58.29 58.63
C ASP A 94 19.01 58.82 58.81
N LEU A 95 18.91 60.06 59.29
CA LEU A 95 17.59 60.66 59.54
C LEU A 95 16.86 61.02 58.26
N VAL A 96 17.56 61.11 57.13
CA VAL A 96 16.96 61.54 55.86
C VAL A 96 17.11 60.45 54.80
N VAL A 97 18.31 59.91 54.66
CA VAL A 97 18.64 58.96 53.60
C VAL A 97 18.26 57.55 54.05
N ASP A 98 17.59 56.81 53.18
CA ASP A 98 17.04 55.50 53.53
C ASP A 98 18.05 54.38 53.21
N THR A 99 17.80 53.21 53.79
CA THR A 99 18.62 52.04 53.55
C THR A 99 18.07 51.27 52.35
N PRO A 100 18.82 51.13 51.26
CA PRO A 100 18.32 50.37 50.11
C PRO A 100 18.52 48.88 50.26
N VAL A 101 17.80 48.13 49.41
CA VAL A 101 18.20 46.77 49.09
C VAL A 101 19.51 46.82 48.33
N THR A 102 20.46 45.97 48.70
CA THR A 102 21.71 45.86 47.96
C THR A 102 21.90 44.45 47.42
N LEU A 103 22.68 44.36 46.34
CA LEU A 103 22.94 43.11 45.64
C LEU A 103 24.42 43.01 45.33
N SER A 104 24.91 41.78 45.22
CA SER A 104 26.21 41.51 44.64
C SER A 104 26.09 41.29 43.13
N PRO A 105 27.12 41.66 42.36
CA PRO A 105 27.11 41.35 40.93
C PRO A 105 26.92 39.87 40.63
N GLU A 106 27.19 39.02 41.61
CA GLU A 106 27.09 37.57 41.46
C GLU A 106 25.78 37.00 41.98
N ASP A 107 24.90 37.83 42.52
CA ASP A 107 23.55 37.36 42.83
C ASP A 107 22.81 37.06 41.53
N SER A 108 21.87 36.13 41.61
CA SER A 108 21.04 35.79 40.46
C SER A 108 19.94 36.81 40.27
N VAL A 109 19.41 36.87 39.04
CA VAL A 109 18.27 37.73 38.74
C VAL A 109 17.07 37.31 39.57
N SER A 110 16.89 36.00 39.74
CA SER A 110 15.78 35.49 40.57
C SER A 110 15.84 36.07 41.98
N ASP A 111 17.00 35.96 42.64
CA ASP A 111 17.13 36.52 43.98
C ASP A 111 16.92 38.03 43.98
N ALA A 112 17.48 38.72 42.98
CA ALA A 112 17.36 40.17 42.92
C ALA A 112 15.91 40.61 42.83
N ASN A 113 15.11 39.93 42.01
CA ASN A 113 13.71 40.29 41.87
C ASN A 113 12.96 40.09 43.17
N ALA A 114 13.29 39.05 43.92
CA ALA A 114 12.64 38.81 45.20
C ALA A 114 13.01 39.89 46.22
N LEU A 115 14.31 40.21 46.32
CA LEU A 115 14.77 41.15 47.34
C LEU A 115 14.26 42.56 47.09
N LEU A 116 14.00 42.91 45.82
CA LEU A 116 13.61 44.27 45.45
C LEU A 116 12.41 44.76 46.25
N HIS A 117 11.45 43.88 46.52
CA HIS A 117 10.22 44.29 47.17
C HIS A 117 10.32 44.38 48.68
N LYS A 118 11.52 44.26 49.25
CA LYS A 118 11.68 44.51 50.68
C LYS A 118 11.71 46.00 51.03
N ARG A 119 11.89 46.87 50.04
CA ARG A 119 11.76 48.31 50.22
C ARG A 119 10.87 48.86 49.11
N ALA A 120 10.50 50.13 49.26
CA ALA A 120 9.59 50.81 48.35
C ALA A 120 10.32 51.68 47.33
N HIS A 121 11.62 51.49 47.15
CA HIS A 121 12.38 52.37 46.27
C HIS A 121 12.24 52.02 44.80
N GLY A 122 11.81 50.79 44.49
CA GLY A 122 11.76 50.37 43.11
C GLY A 122 13.11 50.12 42.45
N ALA A 123 14.19 50.09 43.23
CA ALA A 123 15.51 49.76 42.70
C ALA A 123 16.39 49.28 43.84
N ALA A 124 17.30 48.36 43.50
CA ALA A 124 18.34 47.90 44.40
C ALA A 124 19.70 48.40 43.92
N VAL A 125 20.61 48.64 44.87
CA VAL A 125 21.95 49.12 44.56
C VAL A 125 22.90 47.92 44.49
N VAL A 126 23.56 47.75 43.34
CA VAL A 126 24.61 46.74 43.23
C VAL A 126 25.88 47.29 43.86
N VAL A 127 26.44 46.55 44.80
CA VAL A 127 27.57 47.00 45.60
C VAL A 127 28.75 46.07 45.35
N PHE A 128 29.93 46.64 45.21
CA PHE A 128 31.19 45.90 45.14
C PHE A 128 32.16 46.57 46.10
N GLU A 129 32.52 45.85 47.17
CA GLU A 129 33.44 46.35 48.19
C GLU A 129 32.94 47.67 48.79
N GLY A 130 31.65 47.69 49.14
CA GLY A 130 31.03 48.85 49.77
C GLY A 130 30.67 49.97 48.82
N ARG A 131 31.10 49.91 47.56
CA ARG A 131 30.86 51.03 46.67
C ARG A 131 29.74 50.73 45.67
N PRO A 132 28.83 51.68 45.45
CA PRO A 132 27.74 51.45 44.49
C PRO A 132 28.28 51.45 43.07
N ILE A 133 27.88 50.44 42.29
CA ILE A 133 28.31 50.34 40.90
C ILE A 133 27.15 50.25 39.92
N GLY A 134 25.90 50.16 40.39
CA GLY A 134 24.78 50.11 39.47
C GLY A 134 23.46 50.01 40.21
N LEU A 135 22.37 50.07 39.41
CA LEU A 135 21.01 49.86 39.90
C LEU A 135 20.36 48.68 39.18
N VAL A 136 19.52 47.97 39.91
CA VAL A 136 18.66 46.91 39.36
C VAL A 136 17.21 47.32 39.59
N THR A 137 16.41 47.28 38.53
CA THR A 137 14.99 47.50 38.63
C THR A 137 14.23 46.24 38.23
N GLU A 138 12.93 46.23 38.51
CA GLU A 138 12.10 45.12 38.07
C GLU A 138 12.12 44.99 36.56
N ALA A 139 12.11 46.13 35.85
CA ALA A 139 12.20 46.11 34.39
C ALA A 139 13.48 45.42 33.93
N ASN A 140 14.60 45.70 34.60
CA ASN A 140 15.87 45.07 34.20
C ASN A 140 15.85 43.56 34.37
N CYS A 141 14.99 43.03 35.26
CA CYS A 141 14.92 41.60 35.47
C CYS A 141 14.02 40.90 34.46
N ALA A 142 13.13 41.63 33.79
CA ALA A 142 12.16 41.01 32.89
C ALA A 142 12.83 40.49 31.62
N GLY A 143 12.38 39.33 31.16
CA GLY A 143 12.81 38.78 29.89
C GLY A 143 14.20 38.18 29.86
N VAL A 144 14.89 38.10 30.99
CA VAL A 144 16.20 37.49 31.06
C VAL A 144 16.09 36.17 31.80
N ASP A 145 17.08 35.29 31.57
CA ASP A 145 17.15 34.04 32.31
C ASP A 145 17.19 34.32 33.80
N ARG A 146 16.27 33.72 34.56
CA ARG A 146 16.18 34.01 35.98
C ARG A 146 17.46 33.65 36.73
N PHE A 147 18.35 32.83 36.14
CA PHE A 147 19.62 32.49 36.76
C PHE A 147 20.80 33.22 36.14
N ALA A 148 20.56 34.18 35.26
CA ALA A 148 21.61 35.11 34.89
C ALA A 148 22.08 35.87 36.13
N ARG A 149 23.28 36.41 36.04
CA ARG A 149 23.85 37.18 37.14
C ARG A 149 23.39 38.64 37.05
N VAL A 150 23.25 39.26 38.23
CA VAL A 150 22.91 40.67 38.33
C VAL A 150 23.85 41.52 37.49
N ARG A 151 25.12 41.12 37.42
CA ARG A 151 26.13 41.81 36.62
C ARG A 151 25.65 42.07 35.19
N ASP A 152 24.83 41.17 34.64
CA ASP A 152 24.42 41.30 33.25
C ASP A 152 23.20 42.20 33.03
N ILE A 153 22.45 42.56 34.07
CA ILE A 153 21.27 43.40 33.91
C ILE A 153 21.40 44.75 34.62
N ALA A 154 22.45 44.96 35.40
CA ALA A 154 22.56 46.18 36.19
C ALA A 154 22.77 47.40 35.30
N LEU A 155 22.18 48.52 35.70
CA LEU A 155 22.40 49.80 35.03
C LEU A 155 23.55 50.52 35.71
N SER A 156 24.63 50.78 34.97
CA SER A 156 25.79 51.45 35.56
C SER A 156 25.62 52.96 35.67
N ASP A 157 24.62 53.55 35.01
CA ASP A 157 24.36 54.98 35.09
C ASP A 157 23.25 55.27 36.10
N PHE A 158 23.52 56.16 37.04
CA PHE A 158 22.55 56.53 38.06
C PHE A 158 22.95 57.86 38.68
N VAL A 159 21.96 58.59 39.20
CA VAL A 159 22.22 59.84 39.91
C VAL A 159 22.86 59.52 41.26
N THR A 160 23.92 60.25 41.60
CA THR A 160 24.58 60.10 42.89
C THR A 160 24.85 61.47 43.49
N ALA A 161 24.85 61.53 44.82
CA ALA A 161 25.15 62.78 45.53
C ALA A 161 25.70 62.44 46.91
N PRO A 162 26.52 63.31 47.49
CA PRO A 162 27.04 63.04 48.84
C PRO A 162 25.93 63.15 49.87
N VAL A 163 26.02 62.30 50.89
CA VAL A 163 25.12 62.42 52.03
C VAL A 163 25.37 63.78 52.68
N GLY A 164 24.28 64.44 53.07
CA GLY A 164 24.36 65.81 53.53
C GLY A 164 23.91 66.84 52.51
N THR A 165 23.85 66.46 51.23
CA THR A 165 23.24 67.32 50.23
C THR A 165 21.81 67.66 50.64
N ASP A 166 21.46 68.93 50.49
CA ASP A 166 20.11 69.38 50.83
C ASP A 166 19.08 68.54 50.06
N PRO A 167 18.05 68.01 50.72
CA PRO A 167 17.07 67.19 49.99
C PRO A 167 16.37 67.94 48.86
N ARG A 168 16.21 69.25 48.97
CA ARG A 168 15.68 70.02 47.84
C ARG A 168 16.58 69.90 46.62
N GLU A 169 17.89 69.82 46.84
CA GLU A 169 18.80 69.68 45.70
C GLU A 169 18.76 68.28 45.12
N VAL A 170 18.73 67.26 45.98
CA VAL A 170 18.58 65.89 45.46
C VAL A 170 17.29 65.77 44.67
N PHE A 171 16.20 66.36 45.18
CA PHE A 171 14.94 66.39 44.45
C PHE A 171 15.14 66.91 43.03
N ASP A 172 15.81 68.06 42.91
CA ASP A 172 16.03 68.65 41.59
C ASP A 172 16.97 67.79 40.74
N LEU A 173 17.96 67.14 41.36
CA LEU A 173 18.88 66.31 40.58
C LEU A 173 18.16 65.14 39.92
N LEU A 174 17.04 64.70 40.48
CA LEU A 174 16.30 63.55 39.96
C LEU A 174 15.18 63.93 39.00
N GLU A 175 14.92 65.23 38.80
CA GLU A 175 13.76 65.64 37.99
C GLU A 175 13.74 64.97 36.62
N HIS A 176 14.90 64.87 35.97
CA HIS A 176 14.96 64.29 34.62
C HIS A 176 15.69 62.96 34.61
N ALA A 177 15.77 62.27 35.74
CA ALA A 177 16.43 60.98 35.81
C ALA A 177 15.43 59.87 35.45
N PRO A 178 15.82 58.94 34.58
CA PRO A 178 14.92 57.82 34.26
C PRO A 178 14.54 56.98 35.47
N ILE A 179 15.41 56.90 36.48
CA ILE A 179 15.14 56.15 37.70
C ILE A 179 15.11 57.13 38.85
N ASP A 180 13.97 57.19 39.55
CA ASP A 180 13.76 58.13 40.66
C ASP A 180 14.41 57.61 41.94
N VAL A 181 15.73 57.41 41.86
CA VAL A 181 16.54 56.97 43.00
C VAL A 181 17.91 57.65 42.92
N ALA A 182 18.29 58.37 43.96
CA ALA A 182 19.63 58.97 44.05
C ALA A 182 20.47 58.16 45.02
N VAL A 183 21.63 57.71 44.56
CA VAL A 183 22.53 56.90 45.37
C VAL A 183 23.39 57.85 46.19
N MET A 184 23.25 57.80 47.51
CA MET A 184 23.88 58.76 48.41
C MET A 184 25.16 58.15 48.97
N THR A 185 26.25 58.91 48.95
CA THR A 185 27.57 58.39 49.27
C THR A 185 28.16 59.07 50.49
N ALA A 186 28.95 58.32 51.25
CA ALA A 186 29.77 58.86 52.32
C ALA A 186 30.95 59.60 51.69
N PRO A 187 31.69 60.40 52.48
CA PRO A 187 32.85 61.12 51.92
C PRO A 187 33.83 60.25 51.14
N ASP A 188 34.02 58.99 51.55
CA ASP A 188 34.97 58.13 50.86
C ASP A 188 34.37 57.43 49.64
N GLY A 189 33.17 57.84 49.23
CA GLY A 189 32.55 57.28 48.03
C GLY A 189 31.76 56.01 48.23
N THR A 190 31.76 55.43 49.43
CA THR A 190 31.01 54.21 49.64
C THR A 190 29.53 54.53 49.86
N LEU A 191 28.70 53.48 49.75
CA LEU A 191 27.27 53.65 49.81
C LEU A 191 26.82 54.06 51.21
N ALA A 192 26.07 55.15 51.29
CA ALA A 192 25.45 55.59 52.53
C ALA A 192 23.94 55.39 52.56
N GLY A 193 23.30 55.30 51.40
CA GLY A 193 21.89 55.01 51.32
C GLY A 193 21.30 55.57 50.03
N VAL A 194 19.97 55.69 50.00
CA VAL A 194 19.28 56.21 48.82
C VAL A 194 18.26 57.25 49.25
N LEU A 195 17.88 58.08 48.29
CA LEU A 195 16.85 59.08 48.51
C LEU A 195 16.09 59.26 47.19
N THR A 196 14.78 59.13 47.25
CA THR A 196 13.93 59.38 46.09
C THR A 196 13.35 60.77 46.18
N ARG A 197 12.76 61.22 45.07
CA ARG A 197 12.06 62.50 45.08
C ARG A 197 11.00 62.54 46.17
N THR A 198 10.22 61.47 46.31
CA THR A 198 9.19 61.48 47.34
C THR A 198 9.80 61.43 48.73
N GLY A 199 10.90 60.68 48.90
CA GLY A 199 11.60 60.68 50.17
C GLY A 199 12.23 62.02 50.52
N ALA A 200 12.69 62.76 49.50
CA ALA A 200 13.17 64.12 49.73
C ALA A 200 12.04 65.03 50.19
N ILE A 201 10.86 64.88 49.58
CA ILE A 201 9.69 65.66 49.97
C ILE A 201 9.28 65.34 51.40
N ARG A 202 9.26 64.05 51.75
CA ARG A 202 8.84 63.65 53.09
C ARG A 202 9.76 64.20 54.16
N ALA A 203 11.05 64.39 53.85
CA ALA A 203 11.97 64.92 54.84
C ALA A 203 11.55 66.31 55.31
N GLY A 204 10.85 67.07 54.47
CA GLY A 204 10.33 68.37 54.84
C GLY A 204 8.92 68.37 55.39
N ILE A 205 8.29 67.20 55.48
CA ILE A 205 6.94 67.07 56.02
C ILE A 205 6.94 66.38 57.39
N TYR A 206 7.72 65.32 57.53
CA TYR A 206 7.76 64.52 58.74
C TYR A 206 9.04 64.79 59.51
N THR A 207 8.90 64.94 60.82
CA THR A 207 10.05 65.10 61.72
C THR A 207 10.43 63.74 62.27
N PRO A 208 11.67 63.29 62.09
CA PRO A 208 12.09 62.00 62.66
C PRO A 208 11.87 61.95 64.16
N ALA A 209 11.41 60.79 64.64
CA ALA A 209 11.29 60.55 66.08
C ALA A 209 12.64 60.06 66.58
N VAL A 210 13.30 60.85 67.44
CA VAL A 210 14.67 60.59 67.81
C VAL A 210 14.84 60.67 69.33
N ASP A 211 15.86 59.98 69.83
CA ASP A 211 16.24 60.03 71.23
C ASP A 211 17.12 61.26 71.48
N ALA A 212 17.58 61.41 72.73
CA ALA A 212 18.37 62.59 73.09
C ALA A 212 19.70 62.65 72.36
N LYS A 213 20.18 61.53 71.82
CA LYS A 213 21.39 61.51 71.02
C LYS A 213 21.11 61.72 69.53
N GLY A 214 19.87 62.03 69.15
CA GLY A 214 19.55 62.24 67.76
C GLY A 214 19.42 60.99 66.92
N ARG A 215 19.23 59.83 67.54
CA ARG A 215 19.10 58.57 66.82
C ARG A 215 17.64 58.14 66.80
N LEU A 216 17.24 57.43 65.74
CA LEU A 216 15.86 57.00 65.58
C LEU A 216 15.37 56.26 66.82
N ARG A 217 14.14 56.54 67.22
CA ARG A 217 13.52 55.91 68.39
C ARG A 217 13.00 54.52 68.07
N ILE A 218 12.89 53.69 69.12
CA ILE A 218 12.40 52.32 68.98
C ILE A 218 11.92 51.88 70.36
N ALA A 219 10.91 51.04 70.38
CA ALA A 219 10.29 50.56 71.61
C ALA A 219 10.34 49.05 71.67
N ALA A 220 9.99 48.48 72.82
CA ALA A 220 10.02 47.03 72.91
C ALA A 220 8.99 46.56 73.93
N ALA A 221 8.40 45.41 73.65
CA ALA A 221 7.36 44.85 74.50
C ALA A 221 7.89 43.70 75.34
N VAL A 222 7.19 43.46 76.45
CA VAL A 222 7.48 42.36 77.35
C VAL A 222 6.16 41.81 77.84
N GLY A 223 6.03 40.48 77.88
CA GLY A 223 4.87 39.85 78.46
C GLY A 223 5.02 39.74 79.97
N ILE A 224 3.95 39.29 80.64
CA ILE A 224 3.93 39.32 82.10
C ILE A 224 4.29 37.96 82.71
N ASN A 225 4.74 37.00 81.91
CA ASN A 225 5.24 35.74 82.45
C ASN A 225 6.74 35.84 82.74
N GLY A 226 7.21 34.94 83.59
CA GLY A 226 8.63 34.90 83.91
C GLY A 226 9.07 36.10 84.73
N ASP A 227 10.33 36.49 84.53
CA ASP A 227 10.96 37.54 85.33
C ASP A 227 10.80 38.87 84.59
N VAL A 228 9.67 39.54 84.83
CA VAL A 228 9.35 40.72 84.03
C VAL A 228 10.37 41.83 84.28
N GLY A 229 10.76 42.03 85.52
CA GLY A 229 11.76 43.05 85.81
C GLY A 229 13.07 42.80 85.10
N ALA A 230 13.56 41.55 85.15
CA ALA A 230 14.82 41.25 84.49
C ALA A 230 14.73 41.46 82.98
N LYS A 231 13.61 41.04 82.37
CA LYS A 231 13.43 41.25 80.94
C LYS A 231 13.37 42.74 80.60
N ALA A 232 12.65 43.53 81.40
CA ALA A 232 12.54 44.95 81.11
C ALA A 232 13.87 45.65 81.28
N GLN A 233 14.65 45.26 82.29
CA GLN A 233 15.98 45.84 82.47
C GLN A 233 16.86 45.56 81.26
N ALA A 234 16.81 44.33 80.75
CA ALA A 234 17.64 43.98 79.60
C ALA A 234 17.21 44.74 78.35
N LEU A 235 15.91 44.99 78.19
CA LEU A 235 15.45 45.79 77.06
C LEU A 235 15.91 47.24 77.16
N ALA A 236 15.83 47.82 78.36
CA ALA A 236 16.35 49.17 78.55
C ALA A 236 17.85 49.23 78.28
N GLU A 237 18.60 48.25 78.79
CA GLU A 237 20.03 48.22 78.57
C GLU A 237 20.37 48.02 77.11
N ALA A 238 19.49 47.39 76.34
CA ALA A 238 19.70 47.26 74.90
C ALA A 238 19.40 48.55 74.15
N GLY A 239 18.81 49.55 74.79
CA GLY A 239 18.58 50.83 74.17
C GLY A 239 17.14 51.16 73.77
N ALA A 240 16.15 50.40 74.24
CA ALA A 240 14.76 50.74 73.97
C ALA A 240 14.42 52.10 74.58
N ASP A 241 13.69 52.92 73.82
CA ASP A 241 13.27 54.24 74.27
C ASP A 241 11.95 54.23 75.03
N LEU A 242 11.21 53.12 74.97
CA LEU A 242 9.92 53.00 75.61
C LEU A 242 9.65 51.52 75.80
N LEU A 243 8.95 51.18 76.88
CA LEU A 243 8.64 49.79 77.20
C LEU A 243 7.13 49.60 77.24
N VAL A 244 6.69 48.49 76.65
CA VAL A 244 5.28 48.11 76.60
C VAL A 244 5.14 46.80 77.36
N ILE A 245 4.40 46.82 78.45
CA ILE A 245 4.06 45.61 79.19
C ILE A 245 2.69 45.18 78.67
N ASP A 246 2.64 44.03 77.99
CA ASP A 246 1.51 43.67 77.15
C ASP A 246 0.92 42.32 77.55
N THR A 247 -0.40 42.28 77.71
CA THR A 247 -1.11 41.03 77.95
C THR A 247 -2.55 41.19 77.46
N ALA A 248 -3.19 40.05 77.17
CA ALA A 248 -4.54 40.07 76.62
C ALA A 248 -5.52 40.69 77.60
N HIS A 249 -5.48 40.25 78.86
CA HIS A 249 -6.35 40.77 79.92
C HIS A 249 -5.49 41.59 80.87
N GLY A 250 -5.36 42.89 80.59
CA GLY A 250 -4.55 43.78 81.41
C GLY A 250 -5.04 43.94 82.83
N HIS A 251 -6.32 43.72 83.10
CA HIS A 251 -6.90 44.07 84.40
C HIS A 251 -6.83 42.85 85.32
N GLN A 252 -5.62 42.47 85.69
CA GLN A 252 -5.47 41.31 86.55
C GLN A 252 -4.23 41.44 87.40
N ALA A 253 -4.23 40.70 88.51
CA ALA A 253 -3.21 40.85 89.55
C ALA A 253 -1.80 40.67 88.99
N LYS A 254 -1.63 39.72 88.07
CA LYS A 254 -0.29 39.46 87.55
C LYS A 254 0.24 40.65 86.76
N MET A 255 -0.65 41.37 86.06
CA MET A 255 -0.21 42.56 85.34
C MET A 255 0.16 43.68 86.32
N LEU A 256 -0.67 43.91 87.34
CA LEU A 256 -0.34 44.90 88.35
C LEU A 256 1.01 44.61 89.00
N ASP A 257 1.26 43.34 89.35
CA ASP A 257 2.55 42.95 89.90
C ASP A 257 3.67 43.26 88.91
N ALA A 258 3.45 42.96 87.63
CA ALA A 258 4.48 43.18 86.62
C ALA A 258 4.80 44.66 86.48
N ILE A 259 3.79 45.52 86.50
CA ILE A 259 4.02 46.96 86.39
C ILE A 259 4.83 47.45 87.59
N LYS A 260 4.46 47.01 88.80
CA LYS A 260 5.21 47.43 89.98
C LYS A 260 6.66 47.00 89.91
N ALA A 261 6.92 45.78 89.42
CA ALA A 261 8.29 45.30 89.33
C ALA A 261 9.11 46.15 88.37
N VAL A 262 8.54 46.50 87.21
CA VAL A 262 9.29 47.28 86.23
C VAL A 262 9.47 48.71 86.74
N ALA A 263 8.42 49.30 87.30
CA ALA A 263 8.51 50.66 87.81
C ALA A 263 9.56 50.78 88.91
N SER A 264 9.61 49.77 89.80
CA SER A 264 10.55 49.85 90.92
C SER A 264 12.01 49.80 90.49
N LEU A 265 12.29 49.49 89.22
CA LEU A 265 13.67 49.50 88.74
C LEU A 265 14.12 50.90 88.31
N ASP A 266 13.20 51.86 88.22
CA ASP A 266 13.52 53.25 87.90
C ASP A 266 14.36 53.34 86.62
N LEU A 267 13.86 52.74 85.55
CA LEU A 267 14.63 52.65 84.32
C LEU A 267 14.69 53.96 83.54
N GLY A 268 13.86 54.94 83.89
CA GLY A 268 13.88 56.22 83.21
C GLY A 268 13.17 56.26 81.87
N LEU A 269 12.32 55.28 81.58
CA LEU A 269 11.65 55.19 80.29
C LEU A 269 10.14 55.26 80.44
N PRO A 270 9.44 55.85 79.46
CA PRO A 270 7.97 55.77 79.48
C PRO A 270 7.51 54.32 79.51
N LEU A 271 6.50 54.06 80.35
CA LEU A 271 6.00 52.71 80.61
C LEU A 271 4.55 52.60 80.14
N VAL A 272 4.33 51.78 79.11
CA VAL A 272 3.00 51.48 78.60
C VAL A 272 2.56 50.13 79.18
N ALA A 273 1.29 50.03 79.56
CA ALA A 273 0.75 48.75 80.00
C ALA A 273 -0.67 48.58 79.48
N GLY A 274 -1.00 47.35 79.03
CA GLY A 274 -2.32 47.02 78.51
C GLY A 274 -2.49 45.52 78.38
N ASN A 275 -3.71 45.10 78.04
CA ASN A 275 -4.79 46.00 77.60
C ASN A 275 -6.02 45.95 78.50
N VAL A 276 -6.72 47.09 78.59
CA VAL A 276 -7.96 47.22 79.34
C VAL A 276 -8.95 48.02 78.49
N VAL A 277 -10.21 48.03 78.93
CA VAL A 277 -11.26 48.77 78.22
C VAL A 277 -12.17 49.49 79.21
N SER A 278 -11.80 49.52 80.49
CA SER A 278 -12.64 50.15 81.49
C SER A 278 -11.88 51.25 82.23
N ALA A 279 -12.65 52.20 82.78
CA ALA A 279 -12.06 53.24 83.63
C ALA A 279 -11.32 52.63 84.81
N GLU A 280 -11.93 51.62 85.45
CA GLU A 280 -11.29 50.98 86.61
C GLU A 280 -9.97 50.33 86.22
N GLY A 281 -9.97 49.58 85.12
CA GLY A 281 -8.72 49.03 84.64
C GLY A 281 -7.68 50.11 84.37
N THR A 282 -8.12 51.25 83.82
CA THR A 282 -7.17 52.33 83.53
C THR A 282 -6.60 52.91 84.80
N ARG A 283 -7.46 53.17 85.79
CA ARG A 283 -6.98 53.69 87.08
C ARG A 283 -6.00 52.73 87.74
N ASP A 284 -6.28 51.43 87.68
CA ASP A 284 -5.46 50.45 88.38
C ASP A 284 -4.08 50.32 87.72
N LEU A 285 -4.02 50.36 86.38
CA LEU A 285 -2.70 50.24 85.75
C LEU A 285 -1.85 51.47 85.99
N ILE A 286 -2.46 52.66 86.04
CA ILE A 286 -1.68 53.88 86.31
C ILE A 286 -1.21 53.90 87.76
N GLU A 287 -2.10 53.57 88.70
CA GLU A 287 -1.70 53.49 90.11
C GLU A 287 -0.57 52.48 90.33
N ALA A 288 -0.55 51.40 89.54
CA ALA A 288 0.52 50.41 89.65
C ALA A 288 1.85 50.92 89.11
N GLY A 289 1.84 51.97 88.29
CA GLY A 289 3.09 52.55 87.84
C GLY A 289 3.21 52.85 86.36
N ALA A 290 2.18 52.56 85.58
CA ALA A 290 2.21 52.88 84.17
C ALA A 290 1.90 54.36 83.94
N SER A 291 2.56 54.96 82.94
CA SER A 291 2.18 56.30 82.54
C SER A 291 1.26 56.32 81.32
N ILE A 292 1.25 55.25 80.54
CA ILE A 292 0.39 55.11 79.37
C ILE A 292 -0.35 53.79 79.47
N VAL A 293 -1.65 53.82 79.23
CA VAL A 293 -2.50 52.63 79.28
C VAL A 293 -2.90 52.27 77.86
N LYS A 294 -2.65 51.03 77.46
CA LYS A 294 -3.02 50.57 76.12
C LYS A 294 -4.42 49.98 76.16
N VAL A 295 -5.31 50.47 75.29
CA VAL A 295 -6.74 50.21 75.37
C VAL A 295 -7.17 49.37 74.18
N GLY A 296 -7.90 48.29 74.45
CA GLY A 296 -8.47 47.47 73.40
C GLY A 296 -8.52 46.01 73.77
N VAL A 297 -9.74 45.46 73.88
CA VAL A 297 -9.97 44.04 74.13
C VAL A 297 -11.15 43.64 73.26
N GLY A 298 -10.92 42.69 72.36
CA GLY A 298 -11.93 42.20 71.45
C GLY A 298 -12.82 43.29 70.87
N PRO A 299 -12.21 44.29 70.21
CA PRO A 299 -13.03 45.39 69.67
C PRO A 299 -13.90 44.95 68.50
N GLY A 300 -13.52 43.90 67.78
CA GLY A 300 -14.32 43.41 66.66
C GLY A 300 -15.37 42.40 67.07
N ALA A 301 -16.64 42.70 66.77
CA ALA A 301 -17.75 41.84 67.18
C ALA A 301 -17.62 40.43 66.63
N MET A 302 -17.05 40.26 65.44
CA MET A 302 -16.97 38.95 64.81
C MET A 302 -15.56 38.37 64.81
N CYS A 303 -14.63 38.96 65.57
CA CYS A 303 -13.27 38.45 65.61
C CYS A 303 -13.12 37.39 66.71
N THR A 304 -11.91 36.86 66.84
CA THR A 304 -11.70 35.59 67.54
C THR A 304 -12.01 35.70 69.03
N THR A 305 -11.50 36.72 69.70
CA THR A 305 -11.75 36.85 71.12
C THR A 305 -13.24 36.93 71.41
N ARG A 306 -13.96 37.78 70.67
CA ARG A 306 -15.38 37.96 70.92
C ARG A 306 -16.16 36.69 70.59
N MET A 307 -15.78 35.99 69.53
CA MET A 307 -16.54 34.80 69.16
C MET A 307 -16.20 33.60 70.05
N MET A 308 -15.05 33.63 70.73
CA MET A 308 -14.68 32.56 71.65
C MET A 308 -15.23 32.76 73.05
N THR A 309 -15.34 34.01 73.50
CA THR A 309 -15.62 34.30 74.91
C THR A 309 -16.78 35.25 75.13
N GLY A 310 -17.20 36.00 74.12
CA GLY A 310 -18.15 37.07 74.33
C GLY A 310 -17.56 38.34 74.91
N VAL A 311 -16.25 38.36 75.17
CA VAL A 311 -15.61 39.44 75.91
C VAL A 311 -15.07 40.48 74.94
N GLY A 312 -15.27 41.74 75.27
CA GLY A 312 -14.72 42.82 74.48
C GLY A 312 -15.45 44.12 74.78
N ARG A 313 -15.15 45.13 73.96
CA ARG A 313 -15.89 46.37 74.09
C ARG A 313 -15.73 47.16 72.80
N PRO A 314 -16.81 47.73 72.27
CA PRO A 314 -16.68 48.65 71.13
C PRO A 314 -15.61 49.69 71.39
N GLN A 315 -14.70 49.84 70.43
CA GLN A 315 -13.43 50.50 70.71
C GLN A 315 -13.57 52.01 70.91
N PHE A 316 -14.51 52.69 70.23
CA PHE A 316 -14.60 54.13 70.43
C PHE A 316 -15.06 54.46 71.85
N SER A 317 -16.08 53.76 72.34
CA SER A 317 -16.49 53.95 73.74
C SER A 317 -15.38 53.56 74.71
N ALA A 318 -14.67 52.48 74.42
CA ALA A 318 -13.56 52.07 75.28
C ALA A 318 -12.53 53.19 75.41
N VAL A 319 -12.12 53.76 74.27
CA VAL A 319 -11.11 54.81 74.31
C VAL A 319 -11.65 56.05 75.03
N VAL A 320 -12.90 56.43 74.76
CA VAL A 320 -13.47 57.60 75.42
C VAL A 320 -13.41 57.44 76.93
N GLU A 321 -13.90 56.31 77.44
CA GLU A 321 -13.95 56.12 78.89
C GLU A 321 -12.55 56.04 79.49
N CYS A 322 -11.64 55.29 78.84
CA CYS A 322 -10.31 55.11 79.42
C CYS A 322 -9.49 56.39 79.32
N ALA A 323 -9.62 57.11 78.22
CA ALA A 323 -8.85 58.36 78.09
C ALA A 323 -9.27 59.35 79.16
N ALA A 324 -10.57 59.39 79.46
CA ALA A 324 -11.06 60.30 80.50
C ALA A 324 -10.56 59.89 81.87
N ALA A 325 -10.57 58.59 82.18
CA ALA A 325 -10.03 58.12 83.45
C ALA A 325 -8.55 58.42 83.56
N ALA A 326 -7.80 58.23 82.47
CA ALA A 326 -6.37 58.48 82.50
C ALA A 326 -6.06 59.97 82.67
N ARG A 327 -6.88 60.84 82.04
CA ARG A 327 -6.65 62.28 82.13
C ARG A 327 -6.70 62.78 83.56
N GLN A 328 -7.67 62.29 84.35
CA GLN A 328 -7.77 62.67 85.76
C GLN A 328 -6.55 62.27 86.57
N LEU A 329 -5.75 61.32 86.08
CA LEU A 329 -4.54 60.90 86.77
C LEU A 329 -3.29 61.46 86.10
N GLY A 330 -3.44 62.36 85.14
CA GLY A 330 -2.30 62.86 84.40
C GLY A 330 -1.67 61.86 83.45
N GLY A 331 -2.38 60.77 83.12
CA GLY A 331 -1.87 59.75 82.22
C GLY A 331 -2.43 59.88 80.81
N HIS A 332 -2.06 58.89 79.98
CA HIS A 332 -2.42 58.89 78.57
C HIS A 332 -2.87 57.48 78.18
N VAL A 333 -3.56 57.38 77.04
CA VAL A 333 -4.00 56.07 76.54
C VAL A 333 -3.61 55.93 75.08
N TRP A 334 -3.25 54.70 74.70
CA TRP A 334 -3.05 54.31 73.32
C TRP A 334 -4.27 53.53 72.85
N ALA A 335 -4.82 53.90 71.70
CA ALA A 335 -5.93 53.16 71.09
C ALA A 335 -5.35 52.01 70.25
N ASP A 336 -5.54 50.78 70.71
CA ASP A 336 -4.88 49.60 70.13
C ASP A 336 -5.92 48.65 69.53
N GLY A 337 -5.97 48.60 68.20
CA GLY A 337 -6.74 47.56 67.55
C GLY A 337 -7.84 48.06 66.63
N GLY A 338 -8.08 47.31 65.55
CA GLY A 338 -9.21 47.58 64.68
C GLY A 338 -9.01 48.70 63.69
N VAL A 339 -7.84 49.31 63.62
CA VAL A 339 -7.61 50.46 62.74
C VAL A 339 -7.42 49.97 61.32
N ARG A 340 -8.26 50.46 60.40
CA ARG A 340 -8.20 50.07 58.99
C ARG A 340 -8.22 51.26 58.03
N HIS A 341 -8.57 52.46 58.50
CA HIS A 341 -8.76 53.62 57.66
C HIS A 341 -8.26 54.85 58.42
N PRO A 342 -7.87 55.90 57.70
CA PRO A 342 -7.47 57.13 58.42
C PRO A 342 -8.56 57.65 59.34
N ARG A 343 -9.83 57.42 58.98
CA ARG A 343 -10.95 57.78 59.85
C ARG A 343 -10.79 57.20 61.25
N ASP A 344 -10.32 55.94 61.33
CA ASP A 344 -10.18 55.29 62.64
C ASP A 344 -9.12 55.97 63.49
N VAL A 345 -8.03 56.39 62.87
CA VAL A 345 -6.99 57.13 63.58
C VAL A 345 -7.54 58.45 64.08
N ALA A 346 -8.22 59.20 63.20
CA ALA A 346 -8.78 60.49 63.61
C ALA A 346 -9.78 60.34 64.75
N LEU A 347 -10.63 59.32 64.69
CA LEU A 347 -11.65 59.16 65.73
C LEU A 347 -11.04 58.71 67.05
N ALA A 348 -10.00 57.88 67.01
CA ALA A 348 -9.32 57.49 68.24
C ALA A 348 -8.71 58.69 68.94
N LEU A 349 -8.10 59.60 68.17
CA LEU A 349 -7.53 60.81 68.77
C LEU A 349 -8.63 61.75 69.25
N ALA A 350 -9.70 61.89 68.47
CA ALA A 350 -10.86 62.66 68.92
C ALA A 350 -11.38 62.13 70.25
N ALA A 351 -11.36 60.80 70.42
CA ALA A 351 -11.84 60.17 71.64
C ALA A 351 -10.95 60.48 72.84
N GLY A 352 -9.73 60.97 72.63
CA GLY A 352 -8.83 61.30 73.72
C GLY A 352 -7.53 60.51 73.75
N ALA A 353 -7.35 59.54 72.86
CA ALA A 353 -6.08 58.81 72.82
C ALA A 353 -4.94 59.75 72.46
N SER A 354 -3.77 59.50 73.05
CA SER A 354 -2.58 60.25 72.70
C SER A 354 -1.84 59.67 71.51
N ASN A 355 -2.07 58.40 71.19
CA ASN A 355 -1.36 57.71 70.12
C ASN A 355 -2.25 56.56 69.68
N VAL A 356 -2.06 56.11 68.43
CA VAL A 356 -2.88 55.04 67.88
C VAL A 356 -1.96 53.91 67.45
N MET A 357 -2.24 52.71 67.92
CA MET A 357 -1.44 51.54 67.60
C MET A 357 -2.08 50.78 66.45
N ILE A 358 -1.28 50.51 65.41
CA ILE A 358 -1.76 49.89 64.17
C ILE A 358 -0.95 48.62 63.96
N GLY A 359 -1.66 47.51 63.72
CA GLY A 359 -1.00 46.25 63.46
C GLY A 359 -1.20 45.71 62.05
N SER A 360 -2.27 44.92 61.87
N SER A 360 -2.27 44.92 61.87
CA SER A 360 -2.40 44.15 60.64
CA SER A 360 -2.47 44.15 60.64
C SER A 360 -2.45 45.03 59.39
N TRP A 361 -3.02 46.24 59.47
CA TRP A 361 -3.02 47.11 58.30
C TRP A 361 -1.62 47.26 57.72
N PHE A 362 -0.62 47.42 58.59
CA PHE A 362 0.75 47.63 58.11
C PHE A 362 1.44 46.35 57.68
N ALA A 363 0.84 45.17 57.89
CA ALA A 363 1.42 43.96 57.32
C ALA A 363 1.40 44.01 55.80
N GLY A 364 0.38 44.65 55.21
CA GLY A 364 0.32 44.77 53.76
C GLY A 364 1.11 45.95 53.22
N THR A 365 2.42 45.94 53.48
CA THR A 365 3.36 46.93 52.97
C THR A 365 4.66 46.22 52.60
N TYR A 366 5.49 46.89 51.79
CA TYR A 366 6.77 46.30 51.43
C TYR A 366 7.64 46.06 52.66
N GLU A 367 7.56 46.94 53.64
CA GLU A 367 8.55 46.97 54.73
C GLU A 367 8.24 45.99 55.85
N SER A 368 7.05 45.38 55.90
CA SER A 368 6.77 44.39 56.91
C SER A 368 7.62 43.13 56.67
N PRO A 369 7.86 42.33 57.72
CA PRO A 369 8.86 41.25 57.61
C PRO A 369 8.45 40.10 56.68
N GLY A 370 7.16 39.85 56.51
CA GLY A 370 6.72 38.67 55.79
C GLY A 370 6.99 38.81 54.30
N ASP A 371 6.89 37.68 53.61
CA ASP A 371 7.13 37.64 52.17
C ASP A 371 5.93 38.19 51.41
N LEU A 372 6.22 38.87 50.29
CA LEU A 372 5.16 39.35 49.42
C LEU A 372 4.55 38.18 48.66
N LEU A 373 3.23 38.07 48.71
CA LEU A 373 2.49 36.99 48.06
C LEU A 373 1.50 37.57 47.06
N PHE A 374 0.99 36.70 46.19
CA PHE A 374 0.03 37.09 45.16
C PHE A 374 -1.12 36.10 45.16
N ASP A 375 -2.35 36.62 45.08
CA ASP A 375 -3.54 35.78 45.17
C ASP A 375 -3.95 35.27 43.80
N ARG A 376 -5.15 34.70 43.69
CA ARG A 376 -5.61 34.11 42.45
C ARG A 376 -5.86 35.13 41.35
N ASP A 377 -5.98 36.41 41.70
CA ASP A 377 -6.11 37.47 40.72
C ASP A 377 -4.77 38.16 40.43
N ASP A 378 -3.67 37.63 40.98
CA ASP A 378 -2.32 38.18 40.86
C ASP A 378 -2.15 39.49 41.64
N ARG A 379 -3.03 39.75 42.62
CA ARG A 379 -2.95 40.96 43.44
C ARG A 379 -2.02 40.73 44.63
N PRO A 380 -1.10 41.64 44.91
CA PRO A 380 -0.16 41.41 46.02
C PRO A 380 -0.84 41.53 47.38
N TYR A 381 -0.32 40.75 48.33
CA TYR A 381 -0.77 40.80 49.71
C TYR A 381 0.30 40.19 50.59
N LYS A 382 0.15 40.41 51.90
CA LYS A 382 0.92 39.69 52.89
C LYS A 382 -0.01 39.22 53.99
N GLU A 383 0.41 38.18 54.70
CA GLU A 383 -0.39 37.62 55.76
C GLU A 383 -0.04 38.31 57.07
N SER A 384 -1.05 38.91 57.70
CA SER A 384 -0.94 39.20 59.12
C SER A 384 -1.32 37.98 59.92
N TYR A 385 -0.80 37.89 61.15
CA TYR A 385 -1.21 36.82 62.05
C TYR A 385 -0.96 37.28 63.48
N GLY A 386 -1.69 36.67 64.40
CA GLY A 386 -1.68 37.11 65.77
C GLY A 386 -0.48 36.62 66.57
N MET A 387 -0.24 37.32 67.68
CA MET A 387 0.78 36.92 68.65
C MET A 387 0.29 35.80 69.55
N ALA A 388 -1.02 35.57 69.60
CA ALA A 388 -1.62 34.43 70.30
C ALA A 388 -1.12 34.30 71.73
N SER A 389 -0.51 33.16 72.06
CA SER A 389 -0.15 32.89 73.44
C SER A 389 1.00 33.75 73.95
N LYS A 390 1.72 34.45 73.07
CA LYS A 390 2.69 35.42 73.55
C LYS A 390 2.02 36.60 74.27
N ARG A 391 0.70 36.71 74.19
CA ARG A 391 -0.06 37.70 74.95
C ARG A 391 -0.79 37.07 76.14
N ALA A 392 -0.57 35.78 76.40
CA ALA A 392 -1.35 35.04 77.39
C ALA A 392 -0.53 34.78 78.64
N VAL A 393 -1.24 34.70 79.77
CA VAL A 393 -0.61 34.26 81.02
C VAL A 393 -0.33 32.77 80.93
N ALA A 394 0.87 32.36 81.34
CA ALA A 394 1.23 30.95 81.32
C ALA A 394 1.71 30.48 82.69
N SER A 401 6.21 17.54 82.79
CA SER A 401 6.39 16.48 81.80
C SER A 401 5.76 16.85 80.46
N SER A 402 6.09 16.09 79.41
CA SER A 402 5.50 16.33 78.10
C SER A 402 3.99 16.12 78.12
N PHE A 403 3.51 15.22 78.98
CA PHE A 403 2.06 15.10 79.19
C PHE A 403 1.49 16.41 79.69
N ASP A 404 2.13 17.02 80.69
CA ASP A 404 1.67 18.31 81.19
C ASP A 404 1.78 19.38 80.11
N ARG A 405 2.83 19.33 79.29
CA ARG A 405 3.00 20.31 78.22
C ARG A 405 1.85 20.26 77.23
N ALA A 406 1.49 19.05 76.76
CA ALA A 406 0.39 18.94 75.82
C ALA A 406 -0.94 19.30 76.46
N ARG A 407 -1.09 19.02 77.76
CA ARG A 407 -2.31 19.40 78.46
C ARG A 407 -2.51 20.91 78.45
N LYS A 408 -1.46 21.66 78.79
CA LYS A 408 -1.55 23.12 78.72
C LYS A 408 -1.78 23.59 77.29
N GLY A 409 -1.14 22.93 76.32
CA GLY A 409 -1.20 23.39 74.95
C GLY A 409 -2.54 23.16 74.27
N LEU A 410 -3.37 22.25 74.79
CA LEU A 410 -4.59 21.88 74.09
C LEU A 410 -5.59 23.05 74.02
N PHE A 411 -5.64 23.89 75.05
CA PHE A 411 -6.58 24.99 75.09
C PHE A 411 -5.97 26.32 74.64
N GLU A 412 -4.72 26.30 74.19
CA GLU A 412 -4.04 27.53 73.78
C GLU A 412 -4.72 28.17 72.57
N GLU A 413 -4.66 29.49 72.51
CA GLU A 413 -5.16 30.20 71.33
C GLU A 413 -4.32 29.82 70.11
N GLY A 414 -4.99 29.38 69.05
CA GLY A 414 -4.31 29.18 67.79
C GLY A 414 -3.96 30.50 67.14
N ILE A 415 -3.10 30.43 66.13
CA ILE A 415 -2.67 31.62 65.41
C ILE A 415 -3.62 31.83 64.23
N SER A 416 -4.31 32.96 64.22
CA SER A 416 -5.20 33.33 63.13
C SER A 416 -4.44 34.12 62.07
N THR A 417 -4.68 33.80 60.81
CA THR A 417 -4.01 34.42 59.67
C THR A 417 -5.01 35.17 58.82
N SER A 418 -4.61 36.35 58.33
CA SER A 418 -5.50 37.22 57.56
C SER A 418 -4.73 37.86 56.41
N ARG A 419 -5.36 37.93 55.24
CA ARG A 419 -4.72 38.47 54.05
C ARG A 419 -4.87 39.98 54.02
N MET A 420 -3.74 40.69 54.01
CA MET A 420 -3.72 42.15 53.94
C MET A 420 -3.20 42.55 52.57
N SER A 421 -4.10 43.03 51.71
CA SER A 421 -3.71 43.40 50.37
C SER A 421 -2.79 44.61 50.39
N LEU A 422 -1.83 44.63 49.46
CA LEU A 422 -1.06 45.85 49.24
C LEU A 422 -1.83 46.74 48.29
N ASP A 423 -1.89 48.01 48.61
CA ASP A 423 -2.45 48.99 47.69
C ASP A 423 -1.47 49.13 46.53
N PRO A 424 -1.89 48.87 45.29
CA PRO A 424 -0.99 49.10 44.15
C PRO A 424 -0.51 50.53 44.05
N ALA A 425 -1.18 51.47 44.73
CA ALA A 425 -0.74 52.86 44.79
C ALA A 425 -0.13 53.26 46.12
N ARG A 426 -0.30 52.45 47.16
CA ARG A 426 0.23 52.77 48.49
C ARG A 426 0.98 51.57 49.07
N GLY A 427 1.86 50.99 48.27
CA GLY A 427 2.49 49.74 48.66
C GLY A 427 3.48 49.86 49.81
N GLY A 428 4.05 51.05 50.00
CA GLY A 428 4.97 51.27 51.10
C GLY A 428 4.26 51.77 52.36
N VAL A 429 4.85 51.48 53.52
CA VAL A 429 4.24 51.96 54.76
C VAL A 429 4.22 53.49 54.78
N GLU A 430 5.19 54.15 54.14
CA GLU A 430 5.17 55.61 54.10
C GLU A 430 4.00 56.15 53.29
N ASP A 431 3.52 55.38 52.31
CA ASP A 431 2.33 55.80 51.59
C ASP A 431 1.11 55.72 52.50
N LEU A 432 1.05 54.69 53.34
CA LEU A 432 -0.02 54.62 54.34
C LEU A 432 0.11 55.74 55.36
N LEU A 433 1.33 56.11 55.75
CA LEU A 433 1.48 57.24 56.67
C LEU A 433 1.02 58.55 56.02
N ASP A 434 1.32 58.74 54.74
CA ASP A 434 0.78 59.90 54.01
C ASP A 434 -0.74 59.90 54.07
N HIS A 435 -1.36 58.75 53.78
CA HIS A 435 -2.80 58.60 53.81
C HIS A 435 -3.35 58.91 55.20
N ILE A 436 -2.75 58.29 56.23
CA ILE A 436 -3.23 58.49 57.60
C ILE A 436 -3.09 59.95 58.01
N THR A 437 -1.90 60.52 57.87
CA THR A 437 -1.70 61.87 58.41
C THR A 437 -2.40 62.92 57.55
N SER A 438 -2.54 62.69 56.25
CA SER A 438 -3.37 63.58 55.43
C SER A 438 -4.78 63.65 55.99
N GLY A 439 -5.37 62.51 56.31
CA GLY A 439 -6.73 62.50 56.84
C GLY A 439 -6.82 63.18 58.20
N VAL A 440 -5.91 62.83 59.11
CA VAL A 440 -5.95 63.41 60.46
C VAL A 440 -5.76 64.92 60.40
N ARG A 441 -4.80 65.39 59.59
CA ARG A 441 -4.64 66.83 59.42
C ARG A 441 -5.92 67.47 58.91
N SER A 442 -6.59 66.81 57.97
N SER A 442 -6.59 66.81 57.97
CA SER A 442 -7.86 67.34 57.48
CA SER A 442 -7.86 67.35 57.48
C SER A 442 -8.91 67.37 58.59
N THR A 443 -9.00 66.29 59.38
CA THR A 443 -9.91 66.29 60.52
C THR A 443 -9.68 67.52 61.39
N CYS A 444 -8.41 67.81 61.69
CA CYS A 444 -8.10 68.96 62.54
C CYS A 444 -8.59 70.26 61.90
N THR A 445 -8.38 70.45 60.60
CA THR A 445 -8.85 71.67 59.95
C THR A 445 -10.37 71.77 60.00
N TYR A 446 -11.08 70.64 59.84
CA TYR A 446 -12.54 70.66 59.94
C TYR A 446 -13.00 71.02 61.35
N VAL A 447 -12.27 70.58 62.36
CA VAL A 447 -12.67 70.79 63.75
C VAL A 447 -12.30 72.19 64.22
N GLY A 448 -11.31 72.82 63.59
CA GLY A 448 -10.73 74.04 64.08
C GLY A 448 -9.54 73.85 65.00
N ALA A 449 -8.88 72.70 64.96
CA ALA A 449 -7.82 72.34 65.87
C ALA A 449 -6.46 72.48 65.20
N ALA A 450 -5.52 73.11 65.91
CA ALA A 450 -4.16 73.29 65.40
C ALA A 450 -3.19 72.21 65.87
N ASN A 451 -3.61 71.36 66.79
CA ASN A 451 -2.76 70.31 67.35
C ASN A 451 -3.67 69.25 67.94
N LEU A 452 -3.07 68.18 68.45
CA LEU A 452 -3.88 67.05 68.89
C LEU A 452 -4.64 67.33 70.18
N PRO A 453 -4.05 68.02 71.16
CA PRO A 453 -4.87 68.43 72.32
C PRO A 453 -6.08 69.28 71.94
N GLU A 454 -5.92 70.20 70.97
CA GLU A 454 -7.07 70.98 70.52
C GLU A 454 -8.11 70.10 69.84
N LEU A 455 -7.68 69.06 69.14
CA LEU A 455 -8.63 68.15 68.52
C LEU A 455 -9.54 67.52 69.56
N HIS A 456 -8.95 66.98 70.63
CA HIS A 456 -9.77 66.38 71.68
C HIS A 456 -10.59 67.42 72.41
N GLU A 457 -10.07 68.65 72.56
CA GLU A 457 -10.77 69.68 73.32
C GLU A 457 -11.97 70.23 72.56
N LYS A 458 -11.85 70.34 71.23
CA LYS A 458 -12.83 71.06 70.42
C LYS A 458 -13.81 70.17 69.66
N VAL A 459 -13.58 68.86 69.60
CA VAL A 459 -14.32 68.01 68.68
C VAL A 459 -15.78 67.89 69.14
N VAL A 460 -16.69 67.86 68.17
CA VAL A 460 -18.11 67.59 68.38
C VAL A 460 -18.45 66.35 67.57
N LEU A 461 -19.04 65.36 68.21
CA LEU A 461 -19.35 64.11 67.54
C LEU A 461 -20.84 63.87 67.51
N GLY A 462 -21.26 63.02 66.57
CA GLY A 462 -22.62 62.54 66.52
C GLY A 462 -22.64 61.04 66.27
N VAL A 463 -23.83 60.46 66.49
CA VAL A 463 -24.07 59.05 66.28
C VAL A 463 -24.95 58.91 65.04
N GLN A 464 -24.68 57.89 64.23
CA GLN A 464 -25.46 57.59 63.04
C GLN A 464 -26.06 56.20 63.15
N SER A 465 -27.13 55.97 62.40
CA SER A 465 -27.82 54.68 62.42
C SER A 465 -27.13 53.70 61.48
N ALA A 466 -27.69 52.48 61.43
CA ALA A 466 -27.18 51.45 60.53
C ALA A 466 -27.28 51.85 59.05
N ALA A 467 -28.08 52.86 58.73
CA ALA A 467 -28.22 53.37 57.37
C ALA A 467 -26.87 53.66 56.72
N VAL B 2 -40.30 71.17 60.65
CA VAL B 2 -40.90 69.86 60.42
C VAL B 2 -41.46 69.30 61.71
N ARG B 3 -42.49 68.45 61.59
CA ARG B 3 -43.02 67.70 62.72
C ARG B 3 -42.73 66.21 62.54
N PHE B 4 -42.29 65.57 63.60
CA PHE B 4 -42.13 64.13 63.65
C PHE B 4 -43.25 63.50 64.48
N LEU B 5 -43.61 62.27 64.13
CA LEU B 5 -44.51 61.47 64.96
C LEU B 5 -44.04 61.47 66.41
N ASP B 6 -44.99 61.50 67.35
CA ASP B 6 -44.67 61.46 68.78
C ASP B 6 -43.74 60.29 69.07
N GLY B 7 -42.67 60.57 69.84
CA GLY B 7 -41.72 59.54 70.24
C GLY B 7 -40.59 59.29 69.27
N HIS B 8 -40.70 59.78 68.03
CA HIS B 8 -39.67 59.53 67.02
C HIS B 8 -38.54 60.55 67.18
N THR B 9 -37.83 60.43 68.29
CA THR B 9 -36.70 61.31 68.62
C THR B 9 -35.48 60.44 68.90
N PRO B 10 -34.88 59.87 67.87
CA PRO B 10 -33.80 58.91 68.08
C PRO B 10 -32.52 59.58 68.58
N ALA B 11 -31.65 58.76 69.16
CA ALA B 11 -30.37 59.22 69.69
C ALA B 11 -29.29 59.17 68.63
N TYR B 12 -29.62 59.60 67.41
CA TYR B 12 -28.69 59.63 66.30
C TYR B 12 -29.26 60.56 65.24
N ASP B 13 -28.41 60.96 64.29
CA ASP B 13 -28.84 61.80 63.18
C ASP B 13 -29.26 60.94 61.99
N LEU B 14 -30.02 61.54 61.08
CA LEU B 14 -30.82 60.83 60.10
C LEU B 14 -30.31 61.07 58.69
N THR B 15 -30.17 59.99 57.92
CA THR B 15 -29.97 60.06 56.48
C THR B 15 -31.32 60.02 55.77
N TYR B 16 -31.27 60.20 54.44
CA TYR B 16 -32.47 60.03 53.63
C TYR B 16 -33.08 58.63 53.75
N ASN B 17 -32.27 57.63 54.11
CA ASN B 17 -32.78 56.28 54.29
C ASN B 17 -33.49 56.07 55.62
N ASP B 18 -33.36 57.01 56.56
CA ASP B 18 -33.85 56.79 57.92
C ASP B 18 -35.31 57.18 58.13
N VAL B 19 -35.93 57.89 57.18
CA VAL B 19 -37.18 58.58 57.47
C VAL B 19 -38.21 58.31 56.39
N PHE B 20 -39.48 58.58 56.73
CA PHE B 20 -40.58 58.44 55.80
C PHE B 20 -41.56 59.59 56.04
N VAL B 21 -42.40 59.85 55.04
CA VAL B 21 -43.42 60.88 55.13
C VAL B 21 -44.77 60.21 55.35
N VAL B 22 -45.47 60.63 56.39
CA VAL B 22 -46.81 60.09 56.66
C VAL B 22 -47.83 60.86 55.83
N PRO B 23 -48.71 60.18 55.09
CA PRO B 23 -49.75 60.89 54.34
C PRO B 23 -50.63 61.72 55.25
N GLY B 24 -51.09 62.87 54.73
CA GLY B 24 -52.02 63.72 55.43
C GLY B 24 -53.30 63.90 54.64
N ARG B 25 -54.28 64.53 55.28
CA ARG B 25 -55.53 64.82 54.60
C ARG B 25 -55.27 65.83 53.50
N SER B 26 -55.71 65.51 52.28
CA SER B 26 -55.35 66.29 51.11
C SER B 26 -56.58 66.62 50.27
N ASP B 27 -56.57 67.81 49.69
CA ASP B 27 -57.52 68.16 48.64
C ASP B 27 -56.80 68.60 47.38
N VAL B 28 -55.52 68.24 47.26
CA VAL B 28 -54.75 68.43 46.03
C VAL B 28 -54.96 67.18 45.19
N ALA B 29 -55.85 67.27 44.21
CA ALA B 29 -56.23 66.08 43.44
C ALA B 29 -55.14 65.68 42.45
N SER B 30 -54.65 66.61 41.66
CA SER B 30 -53.75 66.31 40.55
C SER B 30 -52.32 66.70 40.88
N ARG B 31 -51.38 65.90 40.38
CA ARG B 31 -49.98 66.29 40.41
C ARG B 31 -49.76 67.66 39.79
N PHE B 32 -50.53 67.99 38.75
CA PHE B 32 -50.37 69.24 38.04
C PHE B 32 -50.91 70.44 38.79
N ASP B 33 -51.66 70.23 39.87
CA ASP B 33 -52.11 71.34 40.70
C ASP B 33 -51.00 71.89 41.56
N VAL B 34 -49.93 71.13 41.77
CA VAL B 34 -48.81 71.55 42.61
C VAL B 34 -47.96 72.57 41.86
N ASP B 35 -47.54 73.60 42.57
CA ASP B 35 -46.61 74.60 42.05
C ASP B 35 -45.22 74.26 42.57
N LEU B 36 -44.32 73.87 41.66
CA LEU B 36 -42.97 73.46 42.05
C LEU B 36 -41.96 74.60 42.03
N SER B 37 -42.39 75.83 41.78
N SER B 37 -42.39 75.84 41.77
CA SER B 37 -41.43 76.92 41.69
CA SER B 37 -41.47 76.96 41.71
C SER B 37 -40.79 77.19 43.05
N THR B 38 -39.53 77.63 43.01
CA THR B 38 -38.80 77.90 44.24
C THR B 38 -38.94 79.36 44.65
N VAL B 39 -38.56 79.64 45.89
CA VAL B 39 -38.77 80.96 46.48
C VAL B 39 -37.48 81.57 47.02
N ASP B 40 -36.32 81.06 46.56
CA ASP B 40 -35.04 81.51 47.10
C ASP B 40 -34.32 82.51 46.21
N GLY B 41 -34.97 82.98 45.15
CA GLY B 41 -34.34 83.93 44.25
C GLY B 41 -33.48 83.31 43.18
N SER B 42 -33.31 81.99 43.17
CA SER B 42 -32.57 81.32 42.11
C SER B 42 -33.28 81.42 40.77
N GLY B 43 -34.60 81.54 40.79
CA GLY B 43 -35.38 81.56 39.57
C GLY B 43 -35.76 80.19 39.01
N THR B 44 -35.41 79.10 39.68
CA THR B 44 -35.82 77.80 39.15
C THR B 44 -37.33 77.63 39.32
N THR B 45 -37.96 76.98 38.34
CA THR B 45 -39.37 76.64 38.42
C THR B 45 -39.59 75.19 38.83
N ILE B 46 -38.52 74.41 38.96
CA ILE B 46 -38.54 73.12 39.64
C ILE B 46 -37.36 73.15 40.61
N PRO B 47 -37.40 72.40 41.71
CA PRO B 47 -36.35 72.50 42.73
C PRO B 47 -35.10 71.67 42.45
N VAL B 48 -34.53 71.85 41.26
CA VAL B 48 -33.36 71.08 40.83
C VAL B 48 -32.25 72.03 40.41
N VAL B 49 -31.08 71.89 41.03
CA VAL B 49 -29.86 72.58 40.65
C VAL B 49 -28.83 71.53 40.30
N VAL B 50 -28.12 71.72 39.18
CA VAL B 50 -27.05 70.79 38.81
C VAL B 50 -25.74 71.27 39.43
N ALA B 51 -25.04 70.33 40.07
CA ALA B 51 -23.83 70.63 40.83
C ALA B 51 -22.73 71.21 39.94
N ASN B 52 -21.92 72.09 40.56
CA ASN B 52 -20.76 72.70 39.91
C ASN B 52 -19.62 71.68 39.86
N MET B 53 -19.77 70.72 38.95
CA MET B 53 -18.84 69.61 38.75
C MET B 53 -18.55 69.50 37.27
N THR B 54 -17.27 69.40 36.91
CA THR B 54 -16.90 69.24 35.51
C THR B 54 -17.48 67.99 34.87
N ALA B 55 -17.85 66.98 35.67
CA ALA B 55 -18.41 65.77 35.10
C ALA B 55 -19.86 65.93 34.68
N VAL B 56 -20.54 67.00 35.09
CA VAL B 56 -21.97 67.14 34.86
C VAL B 56 -22.31 68.47 34.17
N ALA B 57 -21.63 69.54 34.55
CA ALA B 57 -22.12 70.90 34.28
C ALA B 57 -21.46 71.50 33.04
N GLY B 58 -21.81 70.92 31.89
CA GLY B 58 -21.37 71.43 30.61
C GLY B 58 -22.48 72.23 29.92
N ARG B 59 -22.19 72.69 28.70
CA ARG B 59 -23.12 73.61 28.06
C ARG B 59 -24.39 72.89 27.60
N ARG B 60 -24.28 71.64 27.15
CA ARG B 60 -25.48 70.89 26.79
C ARG B 60 -26.38 70.66 28.00
N MET B 61 -25.78 70.31 29.14
CA MET B 61 -26.55 70.18 30.37
C MET B 61 -27.18 71.51 30.77
N ALA B 62 -26.43 72.60 30.66
CA ALA B 62 -26.93 73.90 31.11
C ALA B 62 -28.12 74.35 30.28
N GLU B 63 -28.07 74.13 28.96
CA GLU B 63 -29.22 74.44 28.12
C GLU B 63 -30.41 73.56 28.46
N THR B 64 -30.19 72.25 28.56
CA THR B 64 -31.30 71.31 28.63
C THR B 64 -32.06 71.46 29.93
N VAL B 65 -31.32 71.64 31.04
CA VAL B 65 -31.96 71.72 32.35
C VAL B 65 -32.68 73.04 32.54
N ALA B 66 -32.05 74.15 32.13
CA ALA B 66 -32.69 75.46 32.31
C ALA B 66 -33.99 75.55 31.54
N ARG B 67 -34.06 74.94 30.34
CA ARG B 67 -35.29 74.97 29.57
C ARG B 67 -36.45 74.29 30.32
N ARG B 68 -36.14 73.27 31.13
CA ARG B 68 -37.18 72.61 31.92
C ARG B 68 -37.31 73.17 33.32
N GLY B 69 -36.64 74.30 33.62
CA GLY B 69 -36.90 75.03 34.84
C GLY B 69 -35.86 74.90 35.92
N GLY B 70 -34.85 74.06 35.74
CA GLY B 70 -33.74 73.99 36.65
C GLY B 70 -32.70 75.05 36.34
N ILE B 71 -31.54 74.92 36.99
CA ILE B 71 -30.40 75.76 36.70
C ILE B 71 -29.13 74.95 36.90
N VAL B 72 -28.11 75.24 36.08
CA VAL B 72 -26.83 74.54 36.15
C VAL B 72 -25.78 75.53 36.65
N VAL B 73 -25.00 75.12 37.65
CA VAL B 73 -23.90 75.91 38.18
C VAL B 73 -22.62 75.51 37.45
N LEU B 74 -22.01 76.42 36.69
CA LEU B 74 -20.76 76.10 36.02
C LEU B 74 -19.65 75.87 37.05
N PRO B 75 -18.73 74.94 36.77
CA PRO B 75 -17.70 74.60 37.76
C PRO B 75 -16.74 75.75 38.00
N GLN B 76 -16.30 75.90 39.26
CA GLN B 76 -15.28 76.89 39.56
C GLN B 76 -14.01 76.61 38.77
N ASP B 77 -13.27 77.69 38.47
CA ASP B 77 -12.02 77.70 37.71
C ASP B 77 -12.19 77.40 36.23
N LEU B 78 -13.43 77.30 35.73
CA LEU B 78 -13.62 77.36 34.29
C LEU B 78 -13.11 78.71 33.80
N PRO B 79 -12.20 78.75 32.83
CA PRO B 79 -11.62 80.03 32.41
C PRO B 79 -12.70 80.99 31.92
N ILE B 80 -12.51 82.27 32.24
CA ILE B 80 -13.56 83.28 32.04
C ILE B 80 -14.00 83.37 30.59
N THR B 81 -13.09 83.15 29.62
CA THR B 81 -13.52 83.15 28.23
C THR B 81 -14.40 81.95 27.93
N ALA B 82 -14.14 80.80 28.56
CA ALA B 82 -15.04 79.66 28.41
C ALA B 82 -16.36 79.92 29.13
N VAL B 83 -16.32 80.60 30.28
CA VAL B 83 -17.56 81.01 30.94
C VAL B 83 -18.40 81.85 29.99
N SER B 84 -17.78 82.88 29.39
CA SER B 84 -18.51 83.77 28.49
C SER B 84 -19.11 83.01 27.32
N GLU B 85 -18.33 82.12 26.69
CA GLU B 85 -18.84 81.36 25.56
C GLU B 85 -20.00 80.46 25.97
N THR B 86 -19.94 79.90 27.19
CA THR B 86 -20.99 79.02 27.65
C THR B 86 -22.27 79.80 27.93
N VAL B 87 -22.14 80.91 28.65
CA VAL B 87 -23.30 81.75 28.93
C VAL B 87 -23.95 82.23 27.62
N ASP B 88 -23.12 82.72 26.69
CA ASP B 88 -23.66 83.20 25.42
C ASP B 88 -24.41 82.10 24.67
N PHE B 89 -23.89 80.87 24.71
CA PHE B 89 -24.58 79.78 24.05
C PHE B 89 -25.93 79.51 24.71
N VAL B 90 -25.94 79.39 26.03
CA VAL B 90 -27.16 79.04 26.74
C VAL B 90 -28.21 80.14 26.55
N LYS B 91 -27.80 81.40 26.64
CA LYS B 91 -28.71 82.53 26.54
C LYS B 91 -29.14 82.86 25.11
N SER B 92 -28.60 82.17 24.10
CA SER B 92 -29.12 82.26 22.75
C SER B 92 -29.99 81.06 22.37
N ARG B 93 -30.22 80.12 23.30
CA ARG B 93 -31.06 78.97 23.01
C ARG B 93 -32.53 79.36 23.00
N ASP B 94 -33.29 78.73 22.10
CA ASP B 94 -34.73 78.87 22.10
C ASP B 94 -35.34 78.25 23.36
N LEU B 95 -36.48 78.80 23.78
CA LEU B 95 -37.12 78.33 25.01
C LEU B 95 -37.93 77.05 24.82
N VAL B 96 -38.25 76.66 23.59
CA VAL B 96 -39.03 75.46 23.31
C VAL B 96 -38.26 74.47 22.45
N VAL B 97 -37.59 74.96 21.43
CA VAL B 97 -36.89 74.14 20.45
C VAL B 97 -35.48 73.85 20.93
N ASP B 98 -35.05 72.60 20.78
CA ASP B 98 -33.77 72.16 21.30
C ASP B 98 -32.68 72.25 20.24
N THR B 99 -31.44 72.20 20.71
CA THR B 99 -30.28 72.18 19.82
C THR B 99 -29.92 70.74 19.50
N PRO B 100 -29.94 70.32 18.23
CA PRO B 100 -29.62 68.94 17.89
C PRO B 100 -28.13 68.75 17.64
N VAL B 101 -27.75 67.47 17.59
CA VAL B 101 -26.49 67.10 16.96
C VAL B 101 -26.59 67.40 15.47
N THR B 102 -25.56 68.05 14.90
CA THR B 102 -25.51 68.28 13.46
C THR B 102 -24.31 67.57 12.85
N LEU B 103 -24.47 67.18 11.59
CA LEU B 103 -23.44 66.48 10.85
C LEU B 103 -23.24 67.17 9.50
N SER B 104 -22.03 67.04 8.96
CA SER B 104 -21.79 67.37 7.57
C SER B 104 -22.00 66.14 6.70
N PRO B 105 -22.46 66.30 5.45
CA PRO B 105 -22.55 65.15 4.55
C PRO B 105 -21.22 64.43 4.36
N GLU B 106 -20.11 65.09 4.66
CA GLU B 106 -18.77 64.53 4.51
C GLU B 106 -18.24 63.88 5.79
N ASP B 107 -18.98 63.97 6.91
CA ASP B 107 -18.57 63.22 8.09
C ASP B 107 -18.66 61.71 7.83
N SER B 108 -17.94 60.94 8.64
CA SER B 108 -17.99 59.50 8.54
C SER B 108 -19.16 58.94 9.35
N VAL B 109 -19.64 57.76 8.93
CA VAL B 109 -20.66 57.05 9.71
C VAL B 109 -20.18 56.83 11.14
N SER B 110 -18.92 56.39 11.29
CA SER B 110 -18.33 56.18 12.62
C SER B 110 -18.45 57.42 13.50
N ASP B 111 -18.02 58.57 12.98
CA ASP B 111 -18.12 59.80 13.75
C ASP B 111 -19.58 60.14 14.05
N ALA B 112 -20.46 59.89 13.08
CA ALA B 112 -21.87 60.21 13.28
C ALA B 112 -22.47 59.39 14.43
N ASN B 113 -22.16 58.11 14.48
CA ASN B 113 -22.72 57.25 15.52
C ASN B 113 -22.20 57.65 16.91
N ALA B 114 -21.00 58.21 16.98
CA ALA B 114 -20.50 58.69 18.27
C ALA B 114 -21.18 60.00 18.68
N LEU B 115 -21.35 60.93 17.73
CA LEU B 115 -21.96 62.22 18.04
C LEU B 115 -23.43 62.09 18.42
N LEU B 116 -24.12 61.08 17.88
CA LEU B 116 -25.56 60.96 18.07
C LEU B 116 -25.95 61.03 19.54
N HIS B 117 -25.16 60.40 20.41
CA HIS B 117 -25.52 60.24 21.80
C HIS B 117 -25.17 61.45 22.66
N LYS B 118 -24.76 62.57 22.05
CA LYS B 118 -24.59 63.80 22.81
C LYS B 118 -25.92 64.49 23.13
N ARG B 119 -27.02 64.07 22.50
CA ARG B 119 -28.36 64.54 22.80
C ARG B 119 -29.29 63.33 22.88
N ALA B 120 -30.52 63.56 23.34
CA ALA B 120 -31.49 62.49 23.55
C ALA B 120 -32.49 62.34 22.40
N HIS B 121 -32.26 63.00 21.26
CA HIS B 121 -33.25 63.05 20.20
C HIS B 121 -33.29 61.79 19.34
N GLY B 122 -32.25 60.97 19.39
CA GLY B 122 -32.22 59.80 18.53
C GLY B 122 -32.00 60.08 17.05
N ALA B 123 -31.68 61.32 16.70
CA ALA B 123 -31.39 61.66 15.31
C ALA B 123 -30.46 62.86 15.29
N ALA B 124 -29.61 62.89 14.28
CA ALA B 124 -28.76 64.04 14.00
C ALA B 124 -29.22 64.69 12.71
N VAL B 125 -29.07 66.01 12.62
CA VAL B 125 -29.50 66.78 11.45
C VAL B 125 -28.30 67.01 10.55
N VAL B 126 -28.39 66.54 9.31
CA VAL B 126 -27.36 66.82 8.32
C VAL B 126 -27.61 68.21 7.76
N VAL B 127 -26.58 69.06 7.79
CA VAL B 127 -26.72 70.45 7.36
C VAL B 127 -25.76 70.72 6.22
N PHE B 128 -26.21 71.57 5.30
CA PHE B 128 -25.35 72.13 4.26
C PHE B 128 -25.72 73.60 4.09
N GLU B 129 -24.70 74.45 4.09
CA GLU B 129 -24.84 75.92 4.08
C GLU B 129 -25.89 76.38 5.10
N GLY B 130 -25.84 75.79 6.29
CA GLY B 130 -26.74 76.14 7.38
C GLY B 130 -28.14 75.59 7.27
N ARG B 131 -28.47 74.88 6.19
CA ARG B 131 -29.81 74.38 5.91
C ARG B 131 -29.90 72.88 6.17
N PRO B 132 -31.02 72.43 6.75
CA PRO B 132 -31.18 70.99 6.99
C PRO B 132 -31.48 70.25 5.70
N ILE B 133 -30.72 69.20 5.43
CA ILE B 133 -30.93 68.40 4.23
C ILE B 133 -31.24 66.94 4.52
N GLY B 134 -31.15 66.49 5.77
CA GLY B 134 -31.55 65.12 6.08
C GLY B 134 -31.31 64.79 7.54
N LEU B 135 -31.67 63.57 7.90
CA LEU B 135 -31.51 63.06 9.25
C LEU B 135 -30.69 61.77 9.23
N VAL B 136 -29.96 61.55 10.32
CA VAL B 136 -29.20 60.32 10.54
C VAL B 136 -29.62 59.72 11.88
N THR B 137 -30.03 58.47 11.87
CA THR B 137 -30.35 57.72 13.08
C THR B 137 -29.34 56.61 13.29
N GLU B 138 -29.35 56.04 14.50
CA GLU B 138 -28.47 54.92 14.78
C GLU B 138 -28.77 53.75 13.85
N ALA B 139 -30.04 53.59 13.46
CA ALA B 139 -30.41 52.51 12.55
C ALA B 139 -29.80 52.71 11.17
N ASN B 140 -29.69 53.97 10.72
CA ASN B 140 -29.08 54.23 9.41
C ASN B 140 -27.59 53.95 9.39
N CYS B 141 -26.95 53.84 10.55
CA CYS B 141 -25.52 53.59 10.60
C CYS B 141 -25.17 52.12 10.73
N ALA B 142 -26.15 51.25 10.93
CA ALA B 142 -25.88 49.83 11.12
C ALA B 142 -25.68 49.13 9.79
N GLY B 143 -24.72 48.21 9.75
CA GLY B 143 -24.49 47.39 8.57
C GLY B 143 -23.87 48.10 7.40
N VAL B 144 -23.38 49.32 7.58
CA VAL B 144 -22.68 50.06 6.54
C VAL B 144 -21.22 50.18 6.97
N ASP B 145 -20.33 50.29 5.99
CA ASP B 145 -18.92 50.56 6.28
C ASP B 145 -18.81 51.79 7.18
N ARG B 146 -18.11 51.65 8.30
CA ARG B 146 -18.04 52.74 9.25
C ARG B 146 -17.32 53.97 8.71
N PHE B 147 -16.62 53.84 7.57
CA PHE B 147 -15.99 55.00 6.95
C PHE B 147 -16.72 55.47 5.70
N ALA B 148 -17.91 54.92 5.44
CA ALA B 148 -18.82 55.54 4.49
C ALA B 148 -19.15 56.97 4.95
N ARG B 149 -19.54 57.80 3.99
CA ARG B 149 -19.90 59.17 4.30
C ARG B 149 -21.35 59.25 4.75
N VAL B 150 -21.63 60.23 5.62
CA VAL B 150 -23.00 60.46 6.07
C VAL B 150 -23.93 60.68 4.90
N ARG B 151 -23.43 61.31 3.83
CA ARG B 151 -24.21 61.54 2.62
C ARG B 151 -24.93 60.28 2.15
N ASP B 152 -24.31 59.10 2.32
CA ASP B 152 -24.82 57.87 1.77
C ASP B 152 -25.85 57.16 2.66
N ILE B 153 -25.96 57.53 3.93
CA ILE B 153 -26.94 56.91 4.82
C ILE B 153 -28.03 57.86 5.25
N ALA B 154 -27.89 59.16 4.99
CA ALA B 154 -28.86 60.14 5.45
C ALA B 154 -30.22 59.91 4.81
N LEU B 155 -31.27 60.25 5.56
CA LEU B 155 -32.64 60.21 5.06
C LEU B 155 -33.02 61.62 4.64
N SER B 156 -33.45 61.77 3.39
CA SER B 156 -33.78 63.10 2.86
C SER B 156 -35.17 63.57 3.28
N ASP B 157 -36.02 62.69 3.78
CA ASP B 157 -37.40 63.02 4.10
C ASP B 157 -37.58 63.07 5.62
N PHE B 158 -38.15 64.16 6.10
CA PHE B 158 -38.30 64.39 7.53
C PHE B 158 -39.34 65.48 7.75
N VAL B 159 -39.98 65.44 8.91
CA VAL B 159 -40.97 66.45 9.25
C VAL B 159 -40.25 67.77 9.56
N THR B 160 -40.80 68.87 9.03
CA THR B 160 -40.24 70.18 9.26
C THR B 160 -41.37 71.16 9.54
N ALA B 161 -41.07 72.17 10.36
CA ALA B 161 -42.03 73.22 10.64
C ALA B 161 -41.29 74.49 10.99
N PRO B 162 -41.88 75.66 10.72
CA PRO B 162 -41.23 76.92 11.13
C PRO B 162 -41.24 77.08 12.63
N VAL B 163 -40.19 77.74 13.14
CA VAL B 163 -40.17 78.13 14.55
C VAL B 163 -41.39 78.97 14.85
N GLY B 164 -41.92 78.83 16.07
CA GLY B 164 -43.12 79.49 16.48
C GLY B 164 -44.38 78.70 16.27
N THR B 165 -44.33 77.64 15.46
CA THR B 165 -45.43 76.70 15.36
C THR B 165 -45.79 76.19 16.75
N ASP B 166 -47.08 76.21 17.05
CA ASP B 166 -47.60 75.70 18.31
C ASP B 166 -47.07 74.28 18.55
N PRO B 167 -46.44 74.01 19.70
CA PRO B 167 -45.93 72.64 19.93
C PRO B 167 -47.00 71.57 19.81
N ARG B 168 -48.26 71.90 20.11
CA ARG B 168 -49.34 70.95 19.90
C ARG B 168 -49.47 70.59 18.42
N GLU B 169 -49.25 71.56 17.53
CA GLU B 169 -49.27 71.27 16.11
C GLU B 169 -48.08 70.40 15.70
N VAL B 170 -46.89 70.73 16.20
CA VAL B 170 -45.71 69.90 15.92
C VAL B 170 -45.94 68.48 16.43
N PHE B 171 -46.53 68.37 17.63
CA PHE B 171 -46.86 67.05 18.17
C PHE B 171 -47.72 66.25 17.21
N ASP B 172 -48.73 66.89 16.62
CA ASP B 172 -49.62 66.18 15.70
C ASP B 172 -48.94 65.89 14.38
N LEU B 173 -48.12 66.84 13.88
CA LEU B 173 -47.38 66.60 12.65
C LEU B 173 -46.50 65.37 12.74
N LEU B 174 -46.04 65.02 13.94
CA LEU B 174 -45.13 63.91 14.13
C LEU B 174 -45.84 62.58 14.41
N GLU B 175 -47.17 62.56 14.48
CA GLU B 175 -47.85 61.37 14.98
C GLU B 175 -47.56 60.15 14.12
N HIS B 176 -47.56 60.31 12.79
CA HIS B 176 -47.31 59.19 11.90
C HIS B 176 -45.95 59.28 11.21
N ALA B 177 -45.03 60.04 11.77
CA ALA B 177 -43.71 60.12 11.17
C ALA B 177 -42.85 58.93 11.62
N PRO B 178 -42.08 58.33 10.72
CA PRO B 178 -41.18 57.24 11.15
C PRO B 178 -40.15 57.70 12.17
N ILE B 179 -39.72 58.95 12.08
CA ILE B 179 -38.72 59.50 13.01
C ILE B 179 -39.39 60.59 13.83
N ASP B 180 -39.37 60.41 15.16
CA ASP B 180 -40.01 61.32 16.10
C ASP B 180 -39.12 62.55 16.36
N VAL B 181 -38.82 63.26 15.29
CA VAL B 181 -38.04 64.50 15.35
C VAL B 181 -38.60 65.45 14.30
N ALA B 182 -38.97 66.66 14.72
CA ALA B 182 -39.34 67.71 13.78
C ALA B 182 -38.18 68.69 13.64
N VAL B 183 -37.81 68.99 12.40
CA VAL B 183 -36.72 69.91 12.13
C VAL B 183 -37.31 71.32 12.04
N MET B 184 -36.94 72.19 12.97
CA MET B 184 -37.53 73.51 13.05
C MET B 184 -36.65 74.51 12.31
N THR B 185 -37.27 75.39 11.54
CA THR B 185 -36.54 76.27 10.63
C THR B 185 -36.76 77.74 10.97
N ALA B 186 -35.69 78.52 10.81
CA ALA B 186 -35.78 79.96 10.81
C ALA B 186 -36.58 80.42 9.60
N PRO B 187 -36.99 81.69 9.56
CA PRO B 187 -37.74 82.18 8.39
C PRO B 187 -37.01 82.00 7.06
N ASP B 188 -35.68 82.12 7.05
CA ASP B 188 -34.93 81.90 5.81
C ASP B 188 -34.78 80.43 5.44
N GLY B 189 -35.33 79.52 6.24
CA GLY B 189 -35.23 78.10 5.98
C GLY B 189 -34.02 77.41 6.59
N THR B 190 -33.11 78.16 7.21
CA THR B 190 -31.98 77.54 7.88
C THR B 190 -32.45 76.81 9.14
N LEU B 191 -31.57 75.97 9.68
CA LEU B 191 -31.90 75.16 10.85
C LEU B 191 -31.94 76.01 12.11
N ALA B 192 -33.08 75.98 12.81
CA ALA B 192 -33.17 76.63 14.11
C ALA B 192 -33.14 75.65 15.29
N GLY B 193 -33.47 74.38 15.05
CA GLY B 193 -33.36 73.37 16.08
C GLY B 193 -34.29 72.20 15.79
N VAL B 194 -34.59 71.42 16.83
CA VAL B 194 -35.47 70.27 16.71
C VAL B 194 -36.48 70.26 17.84
N LEU B 195 -37.58 69.55 17.60
CA LEU B 195 -38.61 69.33 18.62
C LEU B 195 -39.19 67.94 18.41
N THR B 196 -39.18 67.15 19.48
CA THR B 196 -39.77 65.82 19.46
C THR B 196 -41.16 65.89 20.07
N ARG B 197 -41.92 64.79 19.91
CA ARG B 197 -43.24 64.74 20.53
C ARG B 197 -43.14 64.89 22.05
N THR B 198 -42.15 64.25 22.67
CA THR B 198 -41.98 64.42 24.11
C THR B 198 -41.50 65.82 24.45
N GLY B 199 -40.60 66.38 23.64
CA GLY B 199 -40.22 67.77 23.83
C GLY B 199 -41.40 68.71 23.73
N ALA B 200 -42.33 68.43 22.81
CA ALA B 200 -43.52 69.27 22.68
C ALA B 200 -44.41 69.16 23.92
N ILE B 201 -44.58 67.94 24.43
CA ILE B 201 -45.32 67.73 25.68
C ILE B 201 -44.66 68.49 26.82
N ARG B 202 -43.33 68.39 26.93
CA ARG B 202 -42.64 69.01 28.05
C ARG B 202 -42.75 70.53 28.04
N ALA B 203 -42.83 71.14 26.85
CA ALA B 203 -43.03 72.58 26.78
C ALA B 203 -44.30 73.01 27.52
N GLY B 204 -45.28 72.12 27.65
CA GLY B 204 -46.52 72.40 28.34
C GLY B 204 -46.54 72.02 29.80
N ILE B 205 -45.49 71.40 30.31
CA ILE B 205 -45.41 70.97 31.70
C ILE B 205 -44.39 71.79 32.48
N TYR B 206 -43.26 72.13 31.86
CA TYR B 206 -42.15 72.80 32.52
C TYR B 206 -42.06 74.23 32.04
N THR B 207 -41.95 75.16 32.98
CA THR B 207 -41.71 76.55 32.66
C THR B 207 -40.20 76.80 32.58
N PRO B 208 -39.67 77.27 31.46
CA PRO B 208 -38.24 77.60 31.41
C PRO B 208 -37.86 78.57 32.52
N ALA B 209 -36.67 78.36 33.07
CA ALA B 209 -36.07 79.29 34.03
C ALA B 209 -35.35 80.36 33.23
N VAL B 210 -35.76 81.63 33.39
CA VAL B 210 -35.28 82.69 32.52
C VAL B 210 -34.94 83.93 33.32
N ASP B 211 -34.03 84.73 32.76
CA ASP B 211 -33.66 86.01 33.35
C ASP B 211 -34.67 87.08 32.95
N ALA B 212 -34.40 88.31 33.35
CA ALA B 212 -35.37 89.38 33.08
C ALA B 212 -35.55 89.64 31.60
N LYS B 213 -34.59 89.25 30.77
CA LYS B 213 -34.70 89.45 29.33
C LYS B 213 -35.29 88.24 28.61
N GLY B 214 -35.75 87.23 29.34
CA GLY B 214 -36.35 86.06 28.71
C GLY B 214 -35.37 85.00 28.22
N ARG B 215 -34.13 85.04 28.67
CA ARG B 215 -33.10 84.09 28.26
C ARG B 215 -32.84 83.09 29.38
N LEU B 216 -32.52 81.85 28.97
CA LEU B 216 -32.30 80.75 29.92
C LEU B 216 -31.30 81.13 31.01
N ARG B 217 -31.63 80.76 32.25
CA ARG B 217 -30.79 81.06 33.40
C ARG B 217 -29.58 80.13 33.47
N ILE B 218 -28.52 80.63 34.09
CA ILE B 218 -27.29 79.85 34.29
C ILE B 218 -26.58 80.46 35.49
N ALA B 219 -25.85 79.62 36.22
CA ALA B 219 -25.11 80.04 37.41
C ALA B 219 -23.63 79.71 37.26
N ALA B 220 -22.81 80.24 38.17
CA ALA B 220 -21.39 79.96 38.11
C ALA B 220 -20.81 79.92 39.53
N ALA B 221 -19.84 79.04 39.72
CA ALA B 221 -19.20 78.85 41.01
C ALA B 221 -17.81 79.48 41.02
N VAL B 222 -17.36 79.79 42.24
CA VAL B 222 -16.03 80.30 42.49
C VAL B 222 -15.53 79.68 43.80
N GLY B 223 -14.24 79.28 43.81
CA GLY B 223 -13.62 78.85 45.05
C GLY B 223 -13.05 80.03 45.84
N ILE B 224 -12.56 79.75 47.04
CA ILE B 224 -12.18 80.82 47.97
C ILE B 224 -10.68 81.10 47.97
N ASN B 225 -9.93 80.55 47.03
CA ASN B 225 -8.54 80.92 46.85
C ASN B 225 -8.42 82.09 45.87
N GLY B 226 -7.31 82.82 45.98
CA GLY B 226 -7.07 83.91 45.04
C GLY B 226 -7.92 85.13 45.35
N ASP B 227 -8.24 85.88 44.29
CA ASP B 227 -9.00 87.12 44.42
C ASP B 227 -10.47 86.78 44.17
N VAL B 228 -11.19 86.46 45.25
CA VAL B 228 -12.57 85.98 45.10
C VAL B 228 -13.47 87.10 44.57
N GLY B 229 -13.27 88.32 45.06
CA GLY B 229 -14.08 89.43 44.56
C GLY B 229 -13.92 89.66 43.07
N ALA B 230 -12.67 89.70 42.60
CA ALA B 230 -12.43 89.92 41.17
C ALA B 230 -13.02 88.79 40.34
N LYS B 231 -12.84 87.54 40.78
CA LYS B 231 -13.41 86.42 40.03
C LYS B 231 -14.93 86.52 39.97
N ALA B 232 -15.56 86.88 41.09
CA ALA B 232 -17.02 86.97 41.12
C ALA B 232 -17.53 88.10 40.24
N GLN B 233 -16.86 89.26 40.27
CA GLN B 233 -17.27 90.36 39.39
C GLN B 233 -17.18 89.94 37.93
N ALA B 234 -16.13 89.19 37.58
CA ALA B 234 -15.97 88.72 36.20
C ALA B 234 -17.11 87.79 35.81
N LEU B 235 -17.46 86.85 36.69
CA LEU B 235 -18.59 85.96 36.43
C LEU B 235 -19.89 86.75 36.26
N ALA B 236 -20.09 87.79 37.09
CA ALA B 236 -21.29 88.60 36.97
C ALA B 236 -21.32 89.31 35.62
N GLU B 237 -20.21 89.93 35.24
CA GLU B 237 -20.16 90.64 33.96
C GLU B 237 -20.30 89.69 32.78
N ALA B 238 -19.89 88.43 32.94
CA ALA B 238 -20.09 87.42 31.90
C ALA B 238 -21.54 87.02 31.74
N GLY B 239 -22.41 87.37 32.69
CA GLY B 239 -23.83 87.13 32.57
C GLY B 239 -24.40 86.05 33.47
N ALA B 240 -23.64 85.56 34.44
CA ALA B 240 -24.20 84.59 35.38
C ALA B 240 -25.35 85.21 36.15
N ASP B 241 -26.41 84.42 36.37
CA ASP B 241 -27.60 84.87 37.08
C ASP B 241 -27.52 84.63 38.58
N LEU B 242 -26.54 83.85 39.02
CA LEU B 242 -26.41 83.46 40.41
C LEU B 242 -24.97 83.02 40.61
N LEU B 243 -24.41 83.33 41.77
CA LEU B 243 -23.04 83.00 42.11
C LEU B 243 -23.02 82.00 43.26
N VAL B 244 -22.13 81.02 43.16
CA VAL B 244 -21.94 80.02 44.20
C VAL B 244 -20.50 80.12 44.68
N ILE B 245 -20.32 80.47 45.95
CA ILE B 245 -19.01 80.46 46.58
C ILE B 245 -18.86 79.11 47.27
N ASP B 246 -17.94 78.28 46.79
CA ASP B 246 -17.94 76.86 47.09
C ASP B 246 -16.60 76.43 47.69
N THR B 247 -16.68 75.73 48.82
CA THR B 247 -15.49 75.11 49.40
C THR B 247 -15.93 73.92 50.25
N ALA B 248 -15.01 72.99 50.46
CA ALA B 248 -15.33 71.77 51.19
C ALA B 248 -15.77 72.09 52.62
N HIS B 249 -15.00 72.92 53.31
CA HIS B 249 -15.28 73.29 54.69
C HIS B 249 -15.76 74.74 54.71
N GLY B 250 -17.06 74.93 54.54
CA GLY B 250 -17.63 76.28 54.47
C GLY B 250 -17.49 77.08 55.74
N HIS B 251 -17.36 76.41 56.88
CA HIS B 251 -17.35 77.10 58.18
C HIS B 251 -15.93 77.47 58.60
N GLN B 252 -15.31 78.34 57.81
CA GLN B 252 -13.95 78.73 58.15
C GLN B 252 -13.73 80.19 57.78
N ALA B 253 -12.72 80.78 58.42
CA ALA B 253 -12.48 82.22 58.32
C ALA B 253 -12.32 82.65 56.87
N LYS B 254 -11.61 81.87 56.07
CA LYS B 254 -11.36 82.26 54.68
C LYS B 254 -12.65 82.32 53.87
N MET B 255 -13.64 81.47 54.18
CA MET B 255 -14.92 81.56 53.48
C MET B 255 -15.69 82.79 53.91
N LEU B 256 -15.74 83.06 55.22
CA LEU B 256 -16.39 84.27 55.70
C LEU B 256 -15.80 85.51 55.03
N ASP B 257 -14.46 85.55 54.89
CA ASP B 257 -13.84 86.66 54.18
C ASP B 257 -14.28 86.73 52.73
N ALA B 258 -14.37 85.58 52.07
CA ALA B 258 -14.74 85.57 50.66
C ALA B 258 -16.17 86.06 50.46
N ILE B 259 -17.10 85.63 51.32
CA ILE B 259 -18.47 86.10 51.21
C ILE B 259 -18.53 87.61 51.37
N LYS B 260 -17.81 88.15 52.36
CA LYS B 260 -17.81 89.59 52.57
C LYS B 260 -17.24 90.34 51.38
N ALA B 261 -16.15 89.82 50.79
CA ALA B 261 -15.55 90.49 49.64
C ALA B 261 -16.51 90.51 48.46
N VAL B 262 -17.22 89.40 48.24
CA VAL B 262 -18.17 89.36 47.12
C VAL B 262 -19.38 90.23 47.42
N ALA B 263 -19.90 90.15 48.64
CA ALA B 263 -21.11 90.91 48.99
C ALA B 263 -20.87 92.40 48.91
N SER B 264 -19.68 92.85 49.31
CA SER B 264 -19.39 94.29 49.31
C SER B 264 -19.33 94.86 47.90
N LEU B 265 -19.20 94.02 46.87
CA LEU B 265 -19.23 94.50 45.50
C LEU B 265 -20.63 94.82 45.00
N ASP B 266 -21.67 94.41 45.74
CA ASP B 266 -23.06 94.69 45.40
C ASP B 266 -23.37 94.32 43.95
N LEU B 267 -23.04 93.07 43.59
CA LEU B 267 -23.18 92.63 42.20
C LEU B 267 -24.63 92.47 41.78
N GLY B 268 -25.59 92.46 42.72
CA GLY B 268 -26.99 92.34 42.40
C GLY B 268 -27.50 90.93 42.15
N LEU B 269 -26.73 89.91 42.53
CA LEU B 269 -27.10 88.54 42.21
C LEU B 269 -27.31 87.73 43.47
N PRO B 270 -28.21 86.74 43.44
CA PRO B 270 -28.31 85.80 44.57
C PRO B 270 -26.96 85.16 44.85
N LEU B 271 -26.62 85.05 46.13
CA LEU B 271 -25.30 84.60 46.55
C LEU B 271 -25.43 83.35 47.40
N VAL B 272 -24.98 82.22 46.85
CA VAL B 272 -24.93 80.92 47.53
C VAL B 272 -23.53 80.73 48.10
N ALA B 273 -23.45 80.23 49.32
CA ALA B 273 -22.16 79.87 49.89
C ALA B 273 -22.28 78.57 50.67
N GLY B 274 -21.25 77.73 50.57
CA GLY B 274 -21.21 76.47 51.30
C GLY B 274 -19.85 75.83 51.15
N ASN B 275 -19.67 74.69 51.83
CA ASN B 275 -20.75 73.94 52.50
C ASN B 275 -20.58 73.84 53.99
N VAL B 276 -21.72 73.87 54.71
CA VAL B 276 -21.76 73.64 56.15
C VAL B 276 -22.83 72.59 56.43
N VAL B 277 -22.85 72.11 57.68
CA VAL B 277 -23.88 71.16 58.10
C VAL B 277 -24.42 71.52 59.49
N SER B 278 -24.09 72.70 59.99
CA SER B 278 -24.52 73.10 61.34
C SER B 278 -25.30 74.41 61.30
N ALA B 279 -26.10 74.60 62.35
CA ALA B 279 -26.83 75.86 62.51
C ALA B 279 -25.86 77.03 62.67
N GLU B 280 -24.78 76.83 63.43
CA GLU B 280 -23.80 77.88 63.62
C GLU B 280 -23.14 78.26 62.30
N GLY B 281 -22.79 77.26 61.49
CA GLY B 281 -22.25 77.54 60.17
C GLY B 281 -23.23 78.29 59.29
N THR B 282 -24.51 77.88 59.32
CA THR B 282 -25.52 78.54 58.51
C THR B 282 -25.69 80.01 58.91
N ARG B 283 -25.79 80.27 60.22
CA ARG B 283 -25.90 81.65 60.68
C ARG B 283 -24.68 82.46 60.26
N ASP B 284 -23.48 81.90 60.46
CA ASP B 284 -22.26 82.64 60.16
C ASP B 284 -22.14 83.00 58.68
N LEU B 285 -22.55 82.08 57.78
CA LEU B 285 -22.44 82.38 56.35
C LEU B 285 -23.47 83.43 55.94
N ILE B 286 -24.66 83.40 56.53
CA ILE B 286 -25.69 84.38 56.17
C ILE B 286 -25.30 85.76 56.69
N GLU B 287 -24.77 85.83 57.91
CA GLU B 287 -24.33 87.11 58.43
C GLU B 287 -23.12 87.65 57.68
N ALA B 288 -22.35 86.80 57.01
CA ALA B 288 -21.26 87.27 56.18
C ALA B 288 -21.74 87.87 54.88
N GLY B 289 -22.95 87.52 54.43
CA GLY B 289 -23.52 88.14 53.25
C GLY B 289 -24.19 87.20 52.26
N ALA B 290 -24.22 85.91 52.57
CA ALA B 290 -24.90 84.95 51.70
C ALA B 290 -26.40 85.00 51.95
N SER B 291 -27.18 84.88 50.87
CA SER B 291 -28.61 84.71 51.02
C SER B 291 -29.03 83.25 50.98
N ILE B 292 -28.19 82.36 50.44
CA ILE B 292 -28.48 80.94 50.37
C ILE B 292 -27.27 80.17 50.88
N VAL B 293 -27.50 79.20 51.76
CA VAL B 293 -26.44 78.38 52.32
C VAL B 293 -26.52 76.99 51.71
N LYS B 294 -25.40 76.51 51.18
CA LYS B 294 -25.34 75.19 50.56
C LYS B 294 -24.92 74.18 51.62
N VAL B 295 -25.70 73.11 51.79
CA VAL B 295 -25.60 72.24 52.95
C VAL B 295 -25.18 70.85 52.50
N GLY B 296 -24.12 70.33 53.13
CA GLY B 296 -23.68 68.97 52.87
C GLY B 296 -22.19 68.80 53.04
N VAL B 297 -21.78 67.96 54.00
CA VAL B 297 -20.37 67.61 54.20
C VAL B 297 -20.32 66.14 54.56
N GLY B 298 -19.60 65.34 53.77
CA GLY B 298 -19.47 63.92 53.98
C GLY B 298 -20.76 63.21 54.39
N PRO B 299 -21.82 63.35 53.60
CA PRO B 299 -23.11 62.74 53.98
C PRO B 299 -23.12 61.23 53.88
N GLY B 300 -22.26 60.64 53.06
CA GLY B 300 -22.20 59.19 52.93
C GLY B 300 -21.18 58.59 53.86
N ALA B 301 -21.65 57.72 54.77
CA ALA B 301 -20.78 57.15 55.80
C ALA B 301 -19.61 56.38 55.22
N MET B 302 -19.72 55.89 54.00
CA MET B 302 -18.67 55.08 53.38
C MET B 302 -17.97 55.78 52.24
N CYS B 303 -18.23 57.08 52.03
CA CYS B 303 -17.61 57.82 50.95
C CYS B 303 -16.27 58.40 51.40
N THR B 304 -15.57 59.06 50.46
CA THR B 304 -14.15 59.34 50.64
C THR B 304 -13.90 60.28 51.83
N THR B 305 -14.63 61.39 51.93
CA THR B 305 -14.40 62.34 53.01
C THR B 305 -14.56 61.66 54.38
N ARG B 306 -15.63 60.89 54.55
CA ARG B 306 -15.86 60.24 55.84
C ARG B 306 -14.79 59.20 56.15
N MET B 307 -14.37 58.43 55.15
CA MET B 307 -13.39 57.38 55.43
C MET B 307 -11.98 57.94 55.62
N MET B 308 -11.70 59.15 55.14
CA MET B 308 -10.41 59.76 55.34
C MET B 308 -10.32 60.52 56.65
N THR B 309 -11.43 61.07 57.14
CA THR B 309 -11.39 62.02 58.22
C THR B 309 -12.40 61.76 59.33
N GLY B 310 -13.39 60.91 59.09
CA GLY B 310 -14.50 60.77 60.03
C GLY B 310 -15.47 61.91 60.05
N VAL B 311 -15.26 62.93 59.21
CA VAL B 311 -16.04 64.15 59.27
C VAL B 311 -17.23 64.05 58.32
N GLY B 312 -18.40 64.42 58.81
CA GLY B 312 -19.57 64.51 57.97
C GLY B 312 -20.80 64.69 58.83
N ARG B 313 -21.94 64.60 58.18
CA ARG B 313 -23.19 64.58 58.94
C ARG B 313 -24.29 63.94 58.10
N PRO B 314 -25.07 63.03 58.67
CA PRO B 314 -26.25 62.52 57.96
C PRO B 314 -27.08 63.67 57.40
N GLN B 315 -27.41 63.58 56.10
CA GLN B 315 -27.83 64.75 55.35
C GLN B 315 -29.24 65.21 55.71
N PHE B 316 -30.15 64.30 56.05
CA PHE B 316 -31.49 64.77 56.40
C PHE B 316 -31.47 65.63 57.65
N SER B 317 -30.77 65.17 58.69
CA SER B 317 -30.63 65.99 59.90
C SER B 317 -29.90 67.29 59.62
N ALA B 318 -28.88 67.24 58.75
CA ALA B 318 -28.13 68.45 58.40
C ALA B 318 -29.03 69.49 57.77
N VAL B 319 -29.85 69.07 56.79
CA VAL B 319 -30.76 70.00 56.12
C VAL B 319 -31.79 70.55 57.09
N VAL B 320 -32.38 69.68 57.92
CA VAL B 320 -33.40 70.14 58.87
C VAL B 320 -32.83 71.25 59.75
N GLU B 321 -31.66 71.01 60.34
CA GLU B 321 -31.10 71.98 61.29
C GLU B 321 -30.68 73.26 60.59
N CYS B 322 -30.10 73.15 59.40
CA CYS B 322 -29.61 74.32 58.70
C CYS B 322 -30.76 75.11 58.09
N ALA B 323 -31.76 74.41 57.50
CA ALA B 323 -32.91 75.12 56.97
C ALA B 323 -33.61 75.93 58.06
N ALA B 324 -33.69 75.37 59.26
CA ALA B 324 -34.36 76.08 60.35
C ALA B 324 -33.58 77.33 60.75
N ALA B 325 -32.26 77.22 60.84
CA ALA B 325 -31.44 78.38 61.19
C ALA B 325 -31.52 79.45 60.11
N ALA B 326 -31.50 79.05 58.84
CA ALA B 326 -31.53 80.01 57.75
C ALA B 326 -32.86 80.76 57.72
N ARG B 327 -33.96 80.04 57.98
CA ARG B 327 -35.27 80.66 57.91
C ARG B 327 -35.44 81.76 58.94
N GLN B 328 -34.80 81.63 60.11
CA GLN B 328 -34.91 82.67 61.13
C GLN B 328 -34.14 83.92 60.74
N LEU B 329 -33.24 83.84 59.77
CA LEU B 329 -32.53 85.00 59.26
C LEU B 329 -33.04 85.43 57.88
N GLY B 330 -34.18 84.89 57.44
CA GLY B 330 -34.69 85.21 56.12
C GLY B 330 -33.93 84.58 54.99
N GLY B 331 -33.11 83.56 55.27
CA GLY B 331 -32.30 82.90 54.28
C GLY B 331 -32.88 81.57 53.83
N HIS B 332 -32.11 80.90 52.98
CA HIS B 332 -32.54 79.65 52.35
C HIS B 332 -31.39 78.66 52.35
N VAL B 333 -31.72 77.38 52.14
CA VAL B 333 -30.74 76.30 52.17
C VAL B 333 -30.89 75.44 50.92
N TRP B 334 -29.76 75.11 50.30
CA TRP B 334 -29.69 74.12 49.22
C TRP B 334 -29.14 72.82 49.77
N ALA B 335 -29.86 71.72 49.53
CA ALA B 335 -29.44 70.39 49.98
C ALA B 335 -28.50 69.81 48.93
N ASP B 336 -27.21 69.72 49.27
CA ASP B 336 -26.17 69.38 48.29
C ASP B 336 -25.54 68.03 48.64
N GLY B 337 -25.83 66.99 47.85
CA GLY B 337 -25.10 65.74 47.98
C GLY B 337 -25.96 64.53 48.29
N GLY B 338 -25.58 63.37 47.74
CA GLY B 338 -26.21 62.13 48.10
C GLY B 338 -27.53 61.83 47.41
N VAL B 339 -27.98 62.67 46.50
CA VAL B 339 -29.29 62.46 45.86
C VAL B 339 -29.16 61.39 44.79
N ARG B 340 -29.99 60.35 44.90
CA ARG B 340 -29.98 59.24 43.95
C ARG B 340 -31.37 58.83 43.49
N HIS B 341 -32.43 59.24 44.16
CA HIS B 341 -33.79 58.83 43.86
C HIS B 341 -34.70 60.05 44.05
N PRO B 342 -35.86 60.06 43.41
CA PRO B 342 -36.80 61.16 43.66
C PRO B 342 -37.14 61.32 45.12
N ARG B 343 -37.17 60.21 45.87
CA ARG B 343 -37.37 60.26 47.31
C ARG B 343 -36.43 61.26 47.97
N ASP B 344 -35.16 61.28 47.58
CA ASP B 344 -34.17 62.14 48.22
C ASP B 344 -34.49 63.60 47.98
N VAL B 345 -34.94 63.93 46.78
CA VAL B 345 -35.35 65.30 46.46
C VAL B 345 -36.56 65.68 47.31
N ALA B 346 -37.57 64.79 47.37
CA ALA B 346 -38.76 65.08 48.17
C ALA B 346 -38.43 65.28 49.64
N LEU B 347 -37.53 64.44 50.18
CA LEU B 347 -37.23 64.55 51.61
C LEU B 347 -36.40 65.79 51.91
N ALA B 348 -35.48 66.16 51.02
CA ALA B 348 -34.74 67.38 51.21
C ALA B 348 -35.68 68.58 51.29
N LEU B 349 -36.70 68.59 50.44
CA LEU B 349 -37.65 69.71 50.43
C LEU B 349 -38.54 69.67 51.67
N ALA B 350 -39.02 68.48 52.04
CA ALA B 350 -39.79 68.34 53.27
C ALA B 350 -38.98 68.84 54.47
N ALA B 351 -37.67 68.60 54.46
CA ALA B 351 -36.79 69.03 55.54
C ALA B 351 -36.62 70.54 55.60
N GLY B 352 -36.96 71.26 54.53
CA GLY B 352 -36.89 72.71 54.51
C GLY B 352 -35.98 73.30 53.45
N ALA B 353 -35.25 72.50 52.68
CA ALA B 353 -34.42 73.06 51.62
C ALA B 353 -35.28 73.79 50.58
N SER B 354 -34.75 74.87 50.03
CA SER B 354 -35.42 75.59 48.96
C SER B 354 -35.13 74.99 47.59
N ASN B 355 -34.04 74.26 47.47
CA ASN B 355 -33.58 73.72 46.20
C ASN B 355 -32.70 72.54 46.52
N VAL B 356 -32.55 71.62 45.58
CA VAL B 356 -31.77 70.41 45.78
C VAL B 356 -30.71 70.35 44.69
N MET B 357 -29.44 70.22 45.09
CA MET B 357 -28.32 70.16 44.16
C MET B 357 -27.96 68.70 43.87
N ILE B 358 -27.85 68.38 42.59
CA ILE B 358 -27.66 67.01 42.12
C ILE B 358 -26.41 66.96 41.27
N GLY B 359 -25.50 66.05 41.60
CA GLY B 359 -24.29 65.89 40.83
C GLY B 359 -24.18 64.57 40.08
N SER B 360 -23.58 63.57 40.72
N SER B 360 -23.59 63.56 40.73
CA SER B 360 -23.17 62.36 39.99
CA SER B 360 -23.18 62.33 40.04
C SER B 360 -24.35 61.65 39.32
N TRP B 361 -25.55 61.70 39.90
CA TRP B 361 -26.70 61.06 39.26
C TRP B 361 -26.86 61.53 37.82
N PHE B 362 -26.64 62.83 37.58
CA PHE B 362 -26.83 63.40 36.25
C PHE B 362 -25.63 63.20 35.35
N ALA B 363 -24.54 62.63 35.85
CA ALA B 363 -23.47 62.24 34.93
C ALA B 363 -23.94 61.12 34.02
N GLY B 364 -24.82 60.25 34.51
CA GLY B 364 -25.33 59.16 33.70
C GLY B 364 -26.46 59.57 32.77
N THR B 365 -26.21 60.57 31.92
CA THR B 365 -27.18 61.07 30.97
C THR B 365 -26.46 61.37 29.66
N TYR B 366 -27.23 61.40 28.57
CA TYR B 366 -26.66 61.80 27.29
C TYR B 366 -26.02 63.18 27.36
N GLU B 367 -26.64 64.10 28.11
CA GLU B 367 -26.26 65.50 28.03
C GLU B 367 -25.07 65.89 28.88
N SER B 368 -24.56 65.00 29.74
CA SER B 368 -23.39 65.33 30.54
C SER B 368 -22.16 65.33 29.65
N PRO B 369 -21.11 66.06 30.05
CA PRO B 369 -19.98 66.30 29.12
C PRO B 369 -19.17 65.05 28.77
N GLY B 370 -19.11 64.06 29.64
CA GLY B 370 -18.21 62.94 29.41
C GLY B 370 -18.70 62.02 28.31
N ASP B 371 -17.78 61.14 27.87
CA ASP B 371 -18.10 60.21 26.78
C ASP B 371 -18.95 59.06 27.29
N LEU B 372 -19.84 58.59 26.42
CA LEU B 372 -20.66 57.43 26.74
C LEU B 372 -19.82 56.16 26.68
N LEU B 373 -19.85 55.38 27.75
CA LEU B 373 -19.08 54.15 27.87
C LEU B 373 -20.01 52.96 28.03
N PHE B 374 -19.46 51.76 27.87
CA PHE B 374 -20.21 50.53 27.97
C PHE B 374 -19.43 49.52 28.81
N ASP B 375 -20.11 48.86 29.74
CA ASP B 375 -19.44 48.01 30.71
C ASP B 375 -19.37 46.56 30.21
N ARG B 376 -18.99 45.64 31.10
CA ARG B 376 -18.79 44.24 30.71
C ARG B 376 -20.05 43.63 30.10
N ASP B 377 -21.22 44.11 30.49
CA ASP B 377 -22.48 43.64 29.93
C ASP B 377 -22.98 44.50 28.79
N ASP B 378 -22.13 45.37 28.25
CA ASP B 378 -22.49 46.30 27.16
C ASP B 378 -23.64 47.23 27.56
N ARG B 379 -23.76 47.52 28.88
CA ARG B 379 -24.70 48.50 29.41
C ARG B 379 -24.08 49.90 29.36
N PRO B 380 -24.81 50.91 28.92
CA PRO B 380 -24.21 52.26 28.85
C PRO B 380 -24.06 52.89 30.22
N TYR B 381 -22.99 53.67 30.36
CA TYR B 381 -22.75 54.42 31.59
C TYR B 381 -21.77 55.53 31.27
N LYS B 382 -21.63 56.45 32.22
CA LYS B 382 -20.58 57.46 32.15
C LYS B 382 -19.95 57.57 33.52
N GLU B 383 -18.74 58.10 33.55
CA GLU B 383 -18.02 58.27 34.80
C GLU B 383 -18.32 59.64 35.39
N SER B 384 -18.79 59.64 36.63
CA SER B 384 -18.71 60.85 37.44
C SER B 384 -17.39 60.86 38.18
N TYR B 385 -16.95 62.06 38.55
CA TYR B 385 -15.72 62.18 39.31
C TYR B 385 -15.73 63.51 40.05
N GLY B 386 -14.94 63.58 41.12
CA GLY B 386 -15.02 64.70 42.01
C GLY B 386 -14.23 65.92 41.53
N MET B 387 -14.60 67.07 42.09
CA MET B 387 -13.85 68.29 41.86
C MET B 387 -12.58 68.36 42.69
N ALA B 388 -12.48 67.54 43.74
CA ALA B 388 -11.25 67.35 44.50
C ALA B 388 -10.64 68.67 44.97
N SER B 389 -9.41 68.98 44.55
CA SER B 389 -8.73 70.13 45.11
C SER B 389 -9.31 71.46 44.64
N LYS B 390 -10.19 71.45 43.64
CA LYS B 390 -10.88 72.70 43.30
C LYS B 390 -11.90 73.11 44.36
N ARG B 391 -12.17 72.24 45.34
CA ARG B 391 -13.00 72.60 46.49
C ARG B 391 -12.19 72.88 47.75
N ALA B 392 -10.86 72.82 47.67
CA ALA B 392 -10.00 72.90 48.85
C ALA B 392 -9.30 74.25 48.93
N VAL B 393 -8.89 74.59 50.15
CA VAL B 393 -8.08 75.77 50.39
C VAL B 393 -6.65 75.47 49.99
N ALA B 394 -6.01 76.44 49.31
CA ALA B 394 -4.62 76.32 48.92
C ALA B 394 -3.81 77.51 49.44
N SER B 401 8.71 76.73 44.48
CA SER B 401 9.52 75.92 43.58
C SER B 401 8.82 74.61 43.21
N SER B 402 9.42 73.86 42.28
CA SER B 402 8.91 72.54 41.94
C SER B 402 8.92 71.62 43.14
N PHE B 403 9.89 71.80 44.05
CA PHE B 403 9.89 71.08 45.32
C PHE B 403 8.63 71.40 46.12
N ASP B 404 8.35 72.70 46.31
CA ASP B 404 7.18 73.10 47.09
C ASP B 404 5.88 72.66 46.44
N ARG B 405 5.87 72.49 45.12
CA ARG B 405 4.67 72.01 44.44
C ARG B 405 4.40 70.55 44.77
N ALA B 406 5.42 69.69 44.68
CA ALA B 406 5.24 68.28 45.03
C ALA B 406 4.95 68.09 46.51
N ARG B 407 5.49 68.96 47.36
CA ARG B 407 5.22 68.87 48.79
C ARG B 407 3.75 69.14 49.09
N LYS B 408 3.21 70.23 48.56
CA LYS B 408 1.80 70.53 48.76
C LYS B 408 0.90 69.51 48.07
N GLY B 409 1.32 69.01 46.91
CA GLY B 409 0.54 68.02 46.20
C GLY B 409 0.54 66.63 46.81
N LEU B 410 1.40 66.38 47.80
CA LEU B 410 1.52 65.03 48.35
C LEU B 410 0.29 64.64 49.16
N PHE B 411 -0.33 65.59 49.86
CA PHE B 411 -1.44 65.28 50.75
C PHE B 411 -2.81 65.53 50.12
N GLU B 412 -2.88 66.18 48.96
CA GLU B 412 -4.17 66.65 48.48
C GLU B 412 -5.06 65.49 48.04
N GLU B 413 -6.36 65.79 47.95
CA GLU B 413 -7.36 64.79 47.61
C GLU B 413 -7.19 64.34 46.16
N GLY B 414 -7.06 63.03 45.96
CA GLY B 414 -7.12 62.48 44.62
C GLY B 414 -8.53 62.50 44.08
N ILE B 415 -8.64 62.29 42.77
CA ILE B 415 -9.93 62.31 42.09
C ILE B 415 -10.54 60.91 42.16
N SER B 416 -11.69 60.80 42.81
CA SER B 416 -12.44 59.55 42.86
C SER B 416 -13.39 59.47 41.68
N THR B 417 -13.53 58.27 41.12
CA THR B 417 -14.35 58.03 39.95
C THR B 417 -15.43 57.00 40.26
N SER B 418 -16.64 57.23 39.76
CA SER B 418 -17.75 56.34 39.98
C SER B 418 -18.49 56.11 38.66
N ARG B 419 -19.00 54.89 38.49
CA ARG B 419 -19.74 54.51 37.29
C ARG B 419 -21.22 54.83 37.47
N MET B 420 -21.74 55.75 36.65
CA MET B 420 -23.15 56.13 36.69
C MET B 420 -23.82 55.54 35.45
N SER B 421 -24.58 54.47 35.64
CA SER B 421 -25.19 53.82 34.49
C SER B 421 -26.36 54.65 33.97
N LEU B 422 -26.52 54.66 32.66
CA LEU B 422 -27.67 55.30 32.05
C LEU B 422 -28.84 54.32 32.05
N ASP B 423 -30.00 54.80 32.47
CA ASP B 423 -31.22 54.02 32.31
C ASP B 423 -31.55 53.97 30.83
N PRO B 424 -31.62 52.79 30.21
CA PRO B 424 -32.10 52.72 28.81
C PRO B 424 -33.50 53.28 28.64
N ALA B 425 -34.28 53.39 29.71
CA ALA B 425 -35.59 54.02 29.66
C ALA B 425 -35.56 55.50 30.06
N ARG B 426 -34.48 55.99 30.65
CA ARG B 426 -34.38 57.37 31.11
C ARG B 426 -33.00 57.94 30.79
N GLY B 427 -32.49 57.68 29.58
CA GLY B 427 -31.13 58.06 29.25
C GLY B 427 -30.89 59.55 29.21
N GLY B 428 -31.94 60.34 28.93
CA GLY B 428 -31.81 61.77 28.92
C GLY B 428 -32.05 62.39 30.28
N VAL B 429 -31.37 63.51 30.55
CA VAL B 429 -31.57 64.19 31.83
C VAL B 429 -33.01 64.65 31.98
N GLU B 430 -33.70 64.95 30.88
CA GLU B 430 -35.10 65.33 30.98
C GLU B 430 -35.96 64.17 31.43
N ASP B 431 -35.56 62.94 31.11
CA ASP B 431 -36.26 61.78 31.66
C ASP B 431 -36.05 61.70 33.16
N LEU B 432 -34.86 62.05 33.65
CA LEU B 432 -34.66 62.09 35.09
C LEU B 432 -35.44 63.22 35.74
N LEU B 433 -35.59 64.36 35.05
CA LEU B 433 -36.42 65.43 35.59
C LEU B 433 -37.88 65.02 35.67
N ASP B 434 -38.37 64.29 34.66
CA ASP B 434 -39.72 63.73 34.73
C ASP B 434 -39.87 62.84 35.96
N HIS B 435 -38.90 61.95 36.15
CA HIS B 435 -38.90 61.02 37.27
C HIS B 435 -38.90 61.78 38.61
N ILE B 436 -38.00 62.76 38.73
CA ILE B 436 -37.87 63.52 39.98
C ILE B 436 -39.13 64.32 40.25
N THR B 437 -39.59 65.11 39.27
CA THR B 437 -40.71 65.99 39.56
C THR B 437 -42.02 65.24 39.67
N SER B 438 -42.18 64.14 38.92
CA SER B 438 -43.36 63.29 39.15
C SER B 438 -43.40 62.83 40.60
N GLY B 439 -42.27 62.39 41.13
CA GLY B 439 -42.23 61.94 42.52
C GLY B 439 -42.54 63.05 43.51
N VAL B 440 -41.89 64.21 43.33
CA VAL B 440 -42.08 65.32 44.26
C VAL B 440 -43.51 65.83 44.21
N ARG B 441 -44.10 65.90 43.01
CA ARG B 441 -45.52 66.28 42.91
C ARG B 441 -46.40 65.30 43.67
N SER B 442 -46.12 64.00 43.54
N SER B 442 -46.12 64.00 43.54
CA SER B 442 -46.87 63.00 44.28
CA SER B 442 -46.87 62.99 44.28
C SER B 442 -46.69 63.16 45.79
N THR B 443 -45.46 63.43 46.24
CA THR B 443 -45.26 63.68 47.66
C THR B 443 -46.15 64.81 48.12
N CYS B 444 -46.23 65.88 47.34
CA CYS B 444 -47.06 67.02 47.72
C CYS B 444 -48.53 66.62 47.80
N THR B 445 -49.02 65.81 46.86
CA THR B 445 -50.41 65.39 46.91
C THR B 445 -50.69 64.52 48.14
N TYR B 446 -49.74 63.65 48.50
CA TYR B 446 -49.89 62.83 49.69
C TYR B 446 -49.92 63.68 50.96
N VAL B 447 -49.11 64.74 50.99
CA VAL B 447 -49.04 65.60 52.17
C VAL B 447 -50.22 66.56 52.25
N GLY B 448 -50.87 66.84 51.13
CA GLY B 448 -51.87 67.89 51.06
C GLY B 448 -51.32 69.26 50.74
N ALA B 449 -50.14 69.33 50.12
CA ALA B 449 -49.46 70.60 49.85
C ALA B 449 -49.61 70.99 48.39
N ALA B 450 -49.91 72.27 48.16
CA ALA B 450 -50.07 72.81 46.81
C ALA B 450 -48.79 73.44 46.26
N ASN B 451 -47.74 73.55 47.07
CA ASN B 451 -46.50 74.20 46.67
C ASN B 451 -45.42 73.76 47.66
N LEU B 452 -44.17 74.18 47.40
CA LEU B 452 -43.06 73.69 48.22
C LEU B 452 -43.08 74.28 49.63
N PRO B 453 -43.41 75.57 49.82
CA PRO B 453 -43.56 76.05 51.21
C PRO B 453 -44.60 75.25 51.99
N GLU B 454 -45.73 74.91 51.37
CA GLU B 454 -46.72 74.10 52.08
C GLU B 454 -46.21 72.71 52.37
N LEU B 455 -45.37 72.15 51.49
CA LEU B 455 -44.78 70.85 51.77
C LEU B 455 -44.01 70.87 53.08
N HIS B 456 -43.13 71.84 53.25
CA HIS B 456 -42.35 71.92 54.47
C HIS B 456 -43.24 72.20 55.67
N GLU B 457 -44.28 73.03 55.49
CA GLU B 457 -45.10 73.41 56.63
C GLU B 457 -46.01 72.28 57.08
N LYS B 458 -46.49 71.45 56.16
CA LYS B 458 -47.52 70.47 56.47
C LYS B 458 -46.99 69.06 56.69
N VAL B 459 -45.73 68.78 56.36
CA VAL B 459 -45.25 67.40 56.38
C VAL B 459 -45.16 66.86 57.80
N VAL B 460 -45.55 65.60 57.95
CA VAL B 460 -45.35 64.82 59.17
C VAL B 460 -44.39 63.68 58.82
N LEU B 461 -43.34 63.53 59.60
CA LEU B 461 -42.31 62.55 59.29
C LEU B 461 -42.21 61.51 60.40
N GLY B 462 -41.69 60.34 60.01
CA GLY B 462 -41.43 59.28 60.96
C GLY B 462 -40.06 58.68 60.72
N VAL B 463 -39.57 57.97 61.73
CA VAL B 463 -38.31 57.25 61.69
C VAL B 463 -38.60 55.76 61.58
N GLN B 464 -37.81 55.06 60.77
CA GLN B 464 -37.90 53.62 60.64
C GLN B 464 -36.59 52.97 61.05
N SER B 465 -36.67 51.70 61.45
CA SER B 465 -35.47 50.97 61.83
C SER B 465 -34.77 50.43 60.58
N ALA B 466 -33.67 49.70 60.80
CA ALA B 466 -32.94 49.10 59.69
C ALA B 466 -33.68 47.90 59.09
N ALA B 467 -34.97 47.75 59.39
CA ALA B 467 -35.78 46.68 58.80
C ALA B 467 -35.88 46.86 57.28
N MET C 1 -56.62 44.60 72.40
CA MET C 1 -55.65 45.69 72.44
C MET C 1 -54.25 45.12 72.69
N VAL C 2 -53.26 45.57 71.91
CA VAL C 2 -51.93 45.00 72.04
C VAL C 2 -51.27 45.48 73.34
N ARG C 3 -50.37 44.66 73.85
CA ARG C 3 -49.49 45.02 74.95
C ARG C 3 -48.06 44.73 74.50
N PHE C 4 -47.15 45.65 74.80
CA PHE C 4 -45.73 45.41 74.58
C PHE C 4 -45.02 45.13 75.90
N LEU C 5 -43.95 44.33 75.81
CA LEU C 5 -43.06 44.12 76.94
C LEU C 5 -42.62 45.45 77.53
N ASP C 6 -42.44 45.47 78.85
CA ASP C 6 -41.95 46.66 79.53
C ASP C 6 -40.69 47.20 78.87
N GLY C 7 -40.70 48.50 78.58
CA GLY C 7 -39.54 49.18 78.04
C GLY C 7 -39.45 49.17 76.53
N HIS C 8 -40.25 48.36 75.85
CA HIS C 8 -40.18 48.22 74.39
C HIS C 8 -40.97 49.35 73.73
N THR C 9 -40.42 50.57 73.85
CA THR C 9 -41.03 51.78 73.29
C THR C 9 -40.02 52.41 72.36
N PRO C 10 -39.85 51.85 71.16
CA PRO C 10 -38.82 52.35 70.25
C PRO C 10 -39.11 53.75 69.76
N ALA C 11 -38.04 54.47 69.38
CA ALA C 11 -38.13 55.79 68.77
C ALA C 11 -38.31 55.71 67.26
N TYR C 12 -39.13 54.76 66.81
CA TYR C 12 -39.35 54.55 65.38
C TYR C 12 -40.59 53.69 65.24
N ASP C 13 -41.11 53.61 64.01
CA ASP C 13 -42.26 52.76 63.73
C ASP C 13 -41.81 51.40 63.21
N LEU C 14 -42.74 50.44 63.23
CA LEU C 14 -42.43 49.03 63.25
C LEU C 14 -42.95 48.34 61.99
N THR C 15 -42.08 47.59 61.32
CA THR C 15 -42.47 46.70 60.25
C THR C 15 -42.80 45.32 60.82
N TYR C 16 -43.25 44.39 59.96
CA TYR C 16 -43.45 43.02 60.40
C TYR C 16 -42.14 42.37 60.81
N ASN C 17 -40.99 42.90 60.35
CA ASN C 17 -39.69 42.36 60.73
C ASN C 17 -39.23 42.82 62.12
N ASP C 18 -39.86 43.85 62.69
CA ASP C 18 -39.36 44.45 63.92
C ASP C 18 -39.89 43.81 65.18
N VAL C 19 -40.91 42.95 65.09
CA VAL C 19 -41.65 42.53 66.29
C VAL C 19 -41.77 41.01 66.36
N PHE C 20 -41.98 40.53 67.58
CA PHE C 20 -42.22 39.12 67.85
C PHE C 20 -43.35 38.99 68.88
N VAL C 21 -43.96 37.81 68.91
CA VAL C 21 -45.04 37.49 69.84
C VAL C 21 -44.49 36.65 70.98
N VAL C 22 -44.70 37.09 72.21
CA VAL C 22 -44.29 36.29 73.38
C VAL C 22 -45.38 35.27 73.69
N PRO C 23 -45.05 33.99 73.85
CA PRO C 23 -46.06 33.00 74.24
C PRO C 23 -46.71 33.39 75.55
N GLY C 24 -47.97 32.97 75.71
CA GLY C 24 -48.69 33.18 76.94
C GLY C 24 -49.26 31.85 77.45
N ARG C 25 -49.81 31.89 78.66
CA ARG C 25 -50.39 30.69 79.23
C ARG C 25 -51.63 30.30 78.42
N SER C 26 -51.67 29.04 77.99
CA SER C 26 -52.66 28.59 77.02
C SER C 26 -53.35 27.31 77.47
N ASP C 27 -54.65 27.22 77.21
CA ASP C 27 -55.34 25.94 77.25
C ASP C 27 -55.97 25.61 75.90
N VAL C 28 -55.53 26.29 74.84
CA VAL C 28 -55.90 25.93 73.47
C VAL C 28 -54.82 24.98 72.96
N ALA C 29 -55.08 23.68 73.08
CA ALA C 29 -54.08 22.67 72.79
C ALA C 29 -53.89 22.45 71.30
N SER C 30 -55.00 22.31 70.56
CA SER C 30 -54.98 21.89 69.17
C SER C 30 -55.23 23.06 68.24
N ARG C 31 -54.50 23.08 67.11
CA ARG C 31 -54.77 24.06 66.06
C ARG C 31 -56.24 24.08 65.67
N PHE C 32 -56.90 22.92 65.70
CA PHE C 32 -58.27 22.82 65.20
C PHE C 32 -59.30 23.37 66.18
N ASP C 33 -58.94 23.62 67.43
CA ASP C 33 -59.86 24.26 68.35
C ASP C 33 -59.97 25.76 68.13
N VAL C 34 -59.14 26.32 67.26
CA VAL C 34 -59.19 27.75 66.98
C VAL C 34 -60.26 28.03 65.94
N ASP C 35 -61.00 29.11 66.14
CA ASP C 35 -61.99 29.60 65.18
C ASP C 35 -61.36 30.77 64.43
N LEU C 36 -61.09 30.57 63.14
CA LEU C 36 -60.46 31.61 62.33
C LEU C 36 -61.45 32.54 61.62
N SER C 37 -62.74 32.43 61.91
N SER C 37 -62.75 32.42 61.90
CA SER C 37 -63.70 33.24 61.18
CA SER C 37 -63.74 33.24 61.22
C SER C 37 -63.59 34.71 61.58
N THR C 38 -63.90 35.58 60.63
CA THR C 38 -63.76 37.01 60.83
C THR C 38 -65.08 37.63 61.27
N VAL C 39 -64.97 38.83 61.82
CA VAL C 39 -66.12 39.48 62.45
C VAL C 39 -66.42 40.84 61.80
N ASP C 40 -65.93 41.09 60.59
CA ASP C 40 -66.03 42.41 59.97
C ASP C 40 -67.14 42.50 58.93
N GLY C 41 -67.99 41.49 58.81
CA GLY C 41 -69.02 41.51 57.80
C GLY C 41 -68.58 41.04 56.43
N SER C 42 -67.29 40.75 56.24
CA SER C 42 -66.82 40.25 54.94
C SER C 42 -67.39 38.88 54.63
N GLY C 43 -67.67 38.09 55.66
CA GLY C 43 -68.12 36.72 55.48
C GLY C 43 -67.01 35.71 55.30
N THR C 44 -65.75 36.09 55.46
CA THR C 44 -64.69 35.10 55.34
C THR C 44 -64.60 34.25 56.60
N THR C 45 -64.27 32.98 56.40
CA THR C 45 -64.10 32.03 57.50
C THR C 45 -62.64 31.79 57.82
N ILE C 46 -61.73 32.34 57.01
CA ILE C 46 -60.31 32.47 57.33
C ILE C 46 -59.95 33.92 57.01
N PRO C 47 -58.94 34.50 57.66
CA PRO C 47 -58.67 35.94 57.51
C PRO C 47 -57.80 36.28 56.29
N VAL C 48 -58.18 35.78 55.13
CA VAL C 48 -57.44 36.01 53.89
C VAL C 48 -58.36 36.66 52.87
N VAL C 49 -57.94 37.80 52.35
CA VAL C 49 -58.57 38.46 51.21
C VAL C 49 -57.53 38.57 50.10
N VAL C 50 -57.92 38.21 48.88
CA VAL C 50 -57.01 38.34 47.73
C VAL C 50 -57.17 39.72 47.12
N ALA C 51 -56.04 40.37 46.84
CA ALA C 51 -56.03 41.77 46.43
C ALA C 51 -56.65 41.98 45.05
N ASN C 52 -57.29 43.15 44.90
CA ASN C 52 -57.87 43.59 43.63
C ASN C 52 -56.76 43.94 42.64
N MET C 53 -56.06 42.92 42.14
CA MET C 53 -54.98 43.08 41.17
C MET C 53 -55.20 42.13 40.01
N THR C 54 -55.05 42.63 38.79
CA THR C 54 -55.24 41.79 37.61
C THR C 54 -54.26 40.62 37.58
N ALA C 55 -53.10 40.77 38.21
CA ALA C 55 -52.13 39.67 38.23
C ALA C 55 -52.58 38.51 39.09
N VAL C 56 -53.61 38.68 39.92
CA VAL C 56 -53.95 37.69 40.94
C VAL C 56 -55.43 37.32 40.92
N ALA C 57 -56.31 38.32 40.76
CA ALA C 57 -57.73 38.16 41.08
C ALA C 57 -58.55 37.81 39.83
N GLY C 58 -58.33 36.60 39.32
CA GLY C 58 -59.11 36.07 38.23
C GLY C 58 -60.14 35.06 38.72
N ARG C 59 -60.84 34.46 37.76
CA ARG C 59 -62.00 33.64 38.14
C ARG C 59 -61.57 32.32 38.77
N ARG C 60 -60.45 31.73 38.33
CA ARG C 60 -59.97 30.52 38.99
C ARG C 60 -59.57 30.81 40.44
N MET C 61 -58.90 31.94 40.66
CA MET C 61 -58.53 32.32 42.02
C MET C 61 -59.78 32.55 42.87
N ALA C 62 -60.77 33.25 42.31
CA ALA C 62 -61.95 33.60 43.10
C ALA C 62 -62.73 32.36 43.53
N GLU C 63 -62.88 31.40 42.63
CA GLU C 63 -63.53 30.14 43.00
C GLU C 63 -62.73 29.40 44.06
N THR C 64 -61.42 29.23 43.82
CA THR C 64 -60.62 28.36 44.68
C THR C 64 -60.50 28.92 46.09
N VAL C 65 -60.29 30.23 46.22
CA VAL C 65 -60.10 30.84 47.54
C VAL C 65 -61.41 30.91 48.31
N ALA C 66 -62.51 31.29 47.66
CA ALA C 66 -63.77 31.39 48.40
C ALA C 66 -64.23 30.03 48.90
N ARG C 67 -63.97 28.95 48.15
CA ARG C 67 -64.31 27.62 48.62
C ARG C 67 -63.61 27.29 49.93
N ARG C 68 -62.40 27.81 50.14
CA ARG C 68 -61.67 27.57 51.39
C ARG C 68 -61.88 28.67 52.42
N GLY C 69 -62.80 29.60 52.18
CA GLY C 69 -63.23 30.55 53.18
C GLY C 69 -62.68 31.96 53.04
N GLY C 70 -61.81 32.21 52.09
CA GLY C 70 -61.38 33.55 51.79
C GLY C 70 -62.35 34.23 50.83
N ILE C 71 -61.95 35.40 50.37
CA ILE C 71 -62.71 36.14 49.36
C ILE C 71 -61.72 36.84 48.43
N VAL C 72 -62.07 36.91 47.16
CA VAL C 72 -61.25 37.59 46.17
C VAL C 72 -61.95 38.87 45.76
N VAL C 73 -61.19 39.97 45.69
CA VAL C 73 -61.72 41.26 45.24
C VAL C 73 -61.34 41.42 43.78
N LEU C 74 -62.34 41.47 42.90
CA LEU C 74 -62.06 41.65 41.49
C LEU C 74 -61.45 43.04 41.25
N PRO C 75 -60.54 43.17 40.30
CA PRO C 75 -59.86 44.44 40.10
C PRO C 75 -60.81 45.50 39.58
N GLN C 76 -60.57 46.75 40.01
CA GLN C 76 -61.36 47.85 39.47
C GLN C 76 -61.17 47.93 37.96
N ASP C 77 -62.18 48.45 37.28
CA ASP C 77 -62.21 48.70 35.84
C ASP C 77 -62.32 47.44 35.00
N LEU C 78 -62.53 46.28 35.63
CA LEU C 78 -62.96 45.12 34.88
C LEU C 78 -64.31 45.43 34.26
N PRO C 79 -64.48 45.28 32.94
CA PRO C 79 -65.75 45.68 32.33
C PRO C 79 -66.92 44.96 32.97
N ILE C 80 -68.05 45.66 33.09
CA ILE C 80 -69.15 45.14 33.89
C ILE C 80 -69.66 43.82 33.33
N THR C 81 -69.62 43.65 32.00
CA THR C 81 -70.01 42.35 31.45
C THR C 81 -69.07 41.26 31.91
N ALA C 82 -67.77 41.56 32.03
CA ALA C 82 -66.84 40.56 32.55
C ALA C 82 -67.02 40.33 34.04
N VAL C 83 -67.38 41.39 34.79
CA VAL C 83 -67.73 41.20 36.20
C VAL C 83 -68.89 40.21 36.32
N SER C 84 -69.97 40.45 35.58
N SER C 84 -69.98 40.46 35.58
CA SER C 84 -71.14 39.58 35.68
CA SER C 84 -71.14 39.59 35.67
C SER C 84 -70.80 38.14 35.31
N GLU C 85 -70.00 37.96 34.25
CA GLU C 85 -69.63 36.60 33.86
C GLU C 85 -68.79 35.92 34.92
N THR C 86 -67.89 36.68 35.56
CA THR C 86 -67.05 36.12 36.62
C THR C 86 -67.87 35.77 37.85
N VAL C 87 -68.76 36.68 38.26
CA VAL C 87 -69.64 36.40 39.41
C VAL C 87 -70.49 35.17 39.13
N ASP C 88 -71.09 35.10 37.94
CA ASP C 88 -71.95 33.96 37.61
C ASP C 88 -71.15 32.65 37.62
N PHE C 89 -69.90 32.67 37.13
CA PHE C 89 -69.08 31.47 37.19
C PHE C 89 -68.83 31.04 38.63
N VAL C 90 -68.31 31.96 39.44
CA VAL C 90 -67.98 31.64 40.83
C VAL C 90 -69.21 31.13 41.57
N LYS C 91 -70.37 31.76 41.36
CA LYS C 91 -71.53 31.42 42.15
C LYS C 91 -72.27 30.21 41.63
N SER C 92 -71.86 29.65 40.50
CA SER C 92 -72.37 28.35 40.05
C SER C 92 -71.46 27.19 40.46
N ARG C 93 -70.37 27.44 41.18
CA ARG C 93 -69.45 26.37 41.53
C ARG C 93 -69.96 25.55 42.71
N ASP C 94 -69.56 24.29 42.74
CA ASP C 94 -69.88 23.44 43.90
C ASP C 94 -69.06 23.86 45.11
N LEU C 95 -69.65 23.68 46.30
CA LEU C 95 -68.97 24.06 47.53
C LEU C 95 -67.88 23.07 47.95
N VAL C 96 -67.87 21.88 47.37
CA VAL C 96 -66.91 20.83 47.73
C VAL C 96 -66.08 20.41 46.52
N VAL C 97 -66.73 20.15 45.40
CA VAL C 97 -66.10 19.64 44.19
C VAL C 97 -65.57 20.80 43.37
N ASP C 98 -64.36 20.66 42.85
CA ASP C 98 -63.64 21.72 42.15
C ASP C 98 -63.86 21.63 40.64
N THR C 99 -63.52 22.71 39.95
CA THR C 99 -63.59 22.74 38.48
C THR C 99 -62.26 22.31 37.89
N PRO C 100 -62.20 21.20 37.15
CA PRO C 100 -60.94 20.78 36.55
C PRO C 100 -60.68 21.51 35.23
N VAL C 101 -59.44 21.37 34.76
CA VAL C 101 -59.14 21.62 33.36
C VAL C 101 -59.82 20.54 32.53
N THR C 102 -60.46 20.94 31.43
CA THR C 102 -61.10 19.98 30.54
C THR C 102 -60.44 20.02 29.17
N LEU C 103 -60.48 18.89 28.48
CA LEU C 103 -59.88 18.75 27.17
C LEU C 103 -60.87 18.07 26.24
N SER C 104 -60.75 18.38 24.96
CA SER C 104 -61.40 17.65 23.89
C SER C 104 -60.48 16.52 23.41
N PRO C 105 -61.04 15.41 22.94
CA PRO C 105 -60.19 14.36 22.36
C PRO C 105 -59.35 14.86 21.19
N GLU C 106 -59.75 15.95 20.54
CA GLU C 106 -59.04 16.50 19.39
C GLU C 106 -58.07 17.61 19.75
N ASP C 107 -57.94 17.94 21.04
CA ASP C 107 -56.87 18.85 21.42
C ASP C 107 -55.52 18.18 21.20
N SER C 108 -54.48 19.00 21.08
CA SER C 108 -53.13 18.48 20.92
C SER C 108 -52.50 18.22 22.28
N VAL C 109 -51.53 17.31 22.31
CA VAL C 109 -50.76 17.07 23.52
C VAL C 109 -50.11 18.36 23.99
N SER C 110 -49.63 19.17 23.04
CA SER C 110 -48.99 20.44 23.37
C SER C 110 -49.95 21.37 24.11
N ASP C 111 -51.19 21.49 23.61
CA ASP C 111 -52.15 22.35 24.28
C ASP C 111 -52.57 21.77 25.63
N ALA C 112 -52.66 20.44 25.72
CA ALA C 112 -53.01 19.82 26.99
C ALA C 112 -51.93 20.06 28.02
N ASN C 113 -50.66 19.96 27.61
CA ASN C 113 -49.55 20.18 28.54
C ASN C 113 -49.59 21.58 29.12
N ALA C 114 -49.91 22.58 28.29
CA ALA C 114 -49.96 23.95 28.75
C ALA C 114 -51.14 24.19 29.68
N LEU C 115 -52.31 23.63 29.36
CA LEU C 115 -53.51 23.92 30.15
C LEU C 115 -53.52 23.23 31.51
N LEU C 116 -52.77 22.14 31.67
CA LEU C 116 -52.82 21.35 32.91
C LEU C 116 -52.50 22.19 34.12
N HIS C 117 -51.58 23.14 33.99
CA HIS C 117 -51.11 23.92 35.12
C HIS C 117 -52.01 25.09 35.48
N LYS C 118 -53.19 25.19 34.85
CA LYS C 118 -54.18 26.18 35.28
C LYS C 118 -54.89 25.77 36.56
N ARG C 119 -54.79 24.49 36.95
CA ARG C 119 -55.31 24.00 38.22
C ARG C 119 -54.22 23.20 38.91
N ALA C 120 -54.46 22.83 40.17
CA ALA C 120 -53.47 22.11 40.95
C ALA C 120 -53.75 20.61 41.00
N HIS C 121 -54.69 20.11 40.19
CA HIS C 121 -55.13 18.73 40.33
C HIS C 121 -54.14 17.72 39.76
N GLY C 122 -53.24 18.14 38.88
CA GLY C 122 -52.33 17.18 38.25
C GLY C 122 -52.94 16.32 37.17
N ALA C 123 -54.17 16.63 36.76
CA ALA C 123 -54.84 15.89 35.70
C ALA C 123 -55.92 16.77 35.11
N ALA C 124 -56.14 16.60 33.81
CA ALA C 124 -57.26 17.25 33.13
C ALA C 124 -58.25 16.16 32.70
N VAL C 125 -59.52 16.55 32.58
CA VAL C 125 -60.60 15.62 32.27
C VAL C 125 -60.93 15.75 30.79
N VAL C 126 -60.81 14.65 30.04
CA VAL C 126 -61.25 14.63 28.66
C VAL C 126 -62.76 14.44 28.62
N VAL C 127 -63.45 15.32 27.92
CA VAL C 127 -64.90 15.29 27.85
C VAL C 127 -65.33 15.17 26.40
N PHE C 128 -66.36 14.35 26.16
CA PHE C 128 -67.04 14.30 24.88
C PHE C 128 -68.52 14.45 25.15
N GLU C 129 -69.14 15.45 24.53
CA GLU C 129 -70.57 15.79 24.69
C GLU C 129 -70.94 16.02 26.15
N GLY C 130 -69.99 16.54 26.94
CA GLY C 130 -70.23 16.83 28.34
C GLY C 130 -69.96 15.69 29.29
N ARG C 131 -69.64 14.49 28.76
CA ARG C 131 -69.38 13.29 29.54
C ARG C 131 -67.89 13.07 29.70
N PRO C 132 -67.41 12.75 30.90
CA PRO C 132 -65.98 12.47 31.08
C PRO C 132 -65.60 11.12 30.50
N ILE C 133 -64.56 11.10 29.68
CA ILE C 133 -64.12 9.88 29.01
C ILE C 133 -62.68 9.51 29.31
N GLY C 134 -61.93 10.35 30.00
CA GLY C 134 -60.56 10.00 30.34
C GLY C 134 -59.89 11.09 31.14
N LEU C 135 -58.67 10.78 31.57
CA LEU C 135 -57.80 11.70 32.28
C LEU C 135 -56.49 11.86 31.52
N VAL C 136 -55.95 13.08 31.52
CA VAL C 136 -54.64 13.38 30.97
C VAL C 136 -53.77 13.93 32.09
N THR C 137 -52.62 13.28 32.31
CA THR C 137 -51.61 13.75 33.24
C THR C 137 -50.38 14.26 32.49
N GLU C 138 -49.53 14.97 33.22
CA GLU C 138 -48.26 15.41 32.64
C GLU C 138 -47.43 14.22 32.16
N ALA C 139 -47.46 13.13 32.92
CA ALA C 139 -46.70 11.94 32.53
C ALA C 139 -47.21 11.37 31.21
N ASN C 140 -48.54 11.42 30.98
CA ASN C 140 -49.09 10.94 29.73
C ASN C 140 -48.61 11.73 28.52
N CYS C 141 -48.15 12.96 28.73
CA CYS C 141 -47.72 13.81 27.62
C CYS C 141 -46.24 13.66 27.29
N ALA C 142 -45.45 13.00 28.15
CA ALA C 142 -44.02 12.89 27.94
C ALA C 142 -43.68 11.85 26.89
N GLY C 143 -42.66 12.15 26.09
CA GLY C 143 -42.17 11.21 25.10
C GLY C 143 -43.11 10.91 23.96
N VAL C 144 -44.17 11.69 23.78
CA VAL C 144 -45.05 11.54 22.63
C VAL C 144 -44.96 12.79 21.78
N ASP C 145 -45.26 12.63 20.49
CA ASP C 145 -45.30 13.76 19.57
C ASP C 145 -46.21 14.85 20.11
N ARG C 146 -45.66 16.07 20.24
CA ARG C 146 -46.45 17.13 20.85
C ARG C 146 -47.68 17.51 20.03
N PHE C 147 -47.79 17.03 18.79
CA PHE C 147 -49.00 17.27 18.02
C PHE C 147 -49.87 16.02 17.89
N ALA C 148 -49.57 14.95 18.64
CA ALA C 148 -50.53 13.86 18.76
C ALA C 148 -51.82 14.39 19.39
N ARG C 149 -52.91 13.66 19.19
CA ARG C 149 -54.18 14.03 19.78
C ARG C 149 -54.31 13.49 21.20
N VAL C 150 -55.01 14.25 22.03
CA VAL C 150 -55.29 13.83 23.40
C VAL C 150 -55.92 12.45 23.43
N ARG C 151 -56.75 12.14 22.44
CA ARG C 151 -57.37 10.83 22.33
C ARG C 151 -56.36 9.69 22.47
N ASP C 152 -55.13 9.89 21.98
CA ASP C 152 -54.15 8.81 21.91
C ASP C 152 -53.29 8.65 23.16
N ILE C 153 -53.38 9.57 24.13
CA ILE C 153 -52.64 9.44 25.37
C ILE C 153 -53.53 9.40 26.59
N ALA C 154 -54.82 9.68 26.45
CA ALA C 154 -55.72 9.75 27.59
C ALA C 154 -55.92 8.38 28.21
N LEU C 155 -56.13 8.37 29.53
CA LEU C 155 -56.37 7.16 30.29
C LEU C 155 -57.87 6.96 30.45
N SER C 156 -58.39 5.83 29.98
CA SER C 156 -59.82 5.61 30.03
C SER C 156 -60.31 5.16 31.39
N ASP C 157 -59.40 4.74 32.27
CA ASP C 157 -59.75 4.20 33.58
C ASP C 157 -59.45 5.25 34.65
N PHE C 158 -60.48 5.58 35.44
CA PHE C 158 -60.34 6.57 36.50
C PHE C 158 -61.45 6.36 37.51
N VAL C 159 -61.21 6.85 38.73
CA VAL C 159 -62.22 6.79 39.78
C VAL C 159 -63.32 7.81 39.49
N THR C 160 -64.58 7.40 39.65
CA THR C 160 -65.70 8.30 39.46
C THR C 160 -66.67 8.15 40.62
N ALA C 161 -67.39 9.22 40.95
CA ALA C 161 -68.35 9.21 42.03
C ALA C 161 -69.41 10.27 41.78
N PRO C 162 -70.65 10.04 42.21
CA PRO C 162 -71.69 11.06 42.04
C PRO C 162 -71.43 12.30 42.88
N VAL C 163 -71.68 13.46 42.28
CA VAL C 163 -71.53 14.71 43.02
C VAL C 163 -72.48 14.69 44.21
N GLY C 164 -71.99 15.14 45.36
CA GLY C 164 -72.72 14.98 46.60
C GLY C 164 -72.29 13.81 47.45
N THR C 165 -71.50 12.89 46.90
CA THR C 165 -70.90 11.84 47.72
C THR C 165 -70.05 12.46 48.82
N ASP C 166 -70.11 11.84 50.01
CA ASP C 166 -69.37 12.30 51.18
C ASP C 166 -67.88 12.39 50.84
N PRO C 167 -67.21 13.52 51.11
CA PRO C 167 -65.76 13.60 50.87
C PRO C 167 -64.97 12.50 51.56
N ARG C 168 -65.42 12.07 52.73
CA ARG C 168 -64.82 10.92 53.39
C ARG C 168 -64.82 9.70 52.48
N GLU C 169 -65.93 9.46 51.78
CA GLU C 169 -66.02 8.29 50.93
C GLU C 169 -65.16 8.43 49.68
N VAL C 170 -65.14 9.62 49.07
CA VAL C 170 -64.28 9.85 47.92
C VAL C 170 -62.82 9.64 48.29
N PHE C 171 -62.42 10.15 49.46
CA PHE C 171 -61.05 9.97 49.93
C PHE C 171 -60.67 8.49 49.97
N ASP C 172 -61.55 7.65 50.52
CA ASP C 172 -61.26 6.22 50.58
C ASP C 172 -61.30 5.57 49.20
N LEU C 173 -62.19 6.03 48.32
CA LEU C 173 -62.22 5.50 46.95
C LEU C 173 -60.90 5.72 46.23
N LEU C 174 -60.15 6.74 46.61
CA LEU C 174 -58.93 7.11 45.91
C LEU C 174 -57.68 6.51 46.55
N GLU C 175 -57.81 5.78 47.65
CA GLU C 175 -56.64 5.38 48.43
C GLU C 175 -55.66 4.57 47.58
N HIS C 176 -56.17 3.65 46.76
CA HIS C 176 -55.32 2.82 45.93
C HIS C 176 -55.44 3.17 44.45
N ALA C 177 -55.93 4.36 44.15
CA ALA C 177 -56.01 4.79 42.76
C ALA C 177 -54.62 5.23 42.28
N PRO C 178 -54.26 4.89 41.04
CA PRO C 178 -52.99 5.41 40.48
C PRO C 178 -52.98 6.92 40.34
N ILE C 179 -54.11 7.52 39.98
CA ILE C 179 -54.25 8.97 39.83
C ILE C 179 -55.13 9.48 40.96
N ASP C 180 -54.61 10.43 41.72
CA ASP C 180 -55.30 10.98 42.89
C ASP C 180 -56.28 12.07 42.46
N VAL C 181 -57.24 11.67 41.63
CA VAL C 181 -58.31 12.54 41.15
C VAL C 181 -59.57 11.70 40.97
N ALA C 182 -60.67 12.11 41.61
CA ALA C 182 -61.96 11.48 41.38
C ALA C 182 -62.81 12.38 40.51
N VAL C 183 -63.39 11.80 39.46
CA VAL C 183 -64.23 12.53 38.51
C VAL C 183 -65.66 12.51 39.01
N MET C 184 -66.21 13.67 39.34
CA MET C 184 -67.51 13.78 39.99
C MET C 184 -68.57 14.03 38.92
N THR C 185 -69.66 13.25 38.97
CA THR C 185 -70.67 13.28 37.91
C THR C 185 -72.00 13.82 38.41
N ALA C 186 -72.69 14.57 37.55
CA ALA C 186 -74.06 14.98 37.78
C ALA C 186 -74.97 13.75 37.60
N PRO C 187 -76.23 13.84 38.03
CA PRO C 187 -77.11 12.66 37.90
C PRO C 187 -77.21 12.08 36.49
N ASP C 188 -77.15 12.92 35.45
CA ASP C 188 -77.20 12.43 34.09
C ASP C 188 -75.87 11.83 33.61
N GLY C 189 -74.85 11.80 34.45
CA GLY C 189 -73.55 11.27 34.08
C GLY C 189 -72.58 12.28 33.53
N THR C 190 -73.02 13.50 33.25
CA THR C 190 -72.09 14.53 32.78
C THR C 190 -71.16 14.96 33.90
N LEU C 191 -70.08 15.65 33.51
CA LEU C 191 -69.07 16.08 34.47
C LEU C 191 -69.61 17.17 35.37
N ALA C 192 -69.44 16.98 36.68
CA ALA C 192 -69.74 18.02 37.66
C ALA C 192 -68.49 18.64 38.28
N GLY C 193 -67.37 17.93 38.27
CA GLY C 193 -66.12 18.47 38.77
C GLY C 193 -65.17 17.34 39.17
N VAL C 194 -64.18 17.70 39.98
CA VAL C 194 -63.21 16.74 40.49
C VAL C 194 -63.01 16.95 41.98
N LEU C 195 -62.49 15.92 42.62
CA LEU C 195 -62.12 15.99 44.02
C LEU C 195 -60.92 15.07 44.22
N THR C 196 -59.84 15.63 44.76
CA THR C 196 -58.65 14.88 45.10
C THR C 196 -58.69 14.49 46.57
N ARG C 197 -57.78 13.62 46.97
CA ARG C 197 -57.72 13.25 48.39
C ARG C 197 -57.47 14.48 49.26
N THR C 198 -56.58 15.38 48.82
CA THR C 198 -56.33 16.56 49.62
C THR C 198 -57.50 17.52 49.59
N GLY C 199 -58.19 17.62 48.45
CA GLY C 199 -59.42 18.41 48.40
C GLY C 199 -60.49 17.86 49.32
N ALA C 200 -60.57 16.53 49.43
CA ALA C 200 -61.54 15.91 50.33
C ALA C 200 -61.25 16.27 51.78
N ILE C 201 -59.98 16.20 52.18
CA ILE C 201 -59.56 16.58 53.53
C ILE C 201 -59.87 18.06 53.79
N ARG C 202 -59.57 18.93 52.83
CA ARG C 202 -59.79 20.36 53.01
C ARG C 202 -61.26 20.69 53.19
N ALA C 203 -62.17 19.90 52.59
CA ALA C 203 -63.60 20.12 52.83
C ALA C 203 -63.94 19.99 54.32
N GLY C 204 -63.19 19.16 55.05
CA GLY C 204 -63.42 18.98 56.48
C GLY C 204 -62.64 19.91 57.38
N ILE C 205 -61.89 20.85 56.80
CA ILE C 205 -61.07 21.79 57.55
C ILE C 205 -61.49 23.23 57.31
N TYR C 206 -61.86 23.56 56.07
CA TYR C 206 -62.20 24.92 55.66
C TYR C 206 -63.70 25.04 55.40
N THR C 207 -64.32 26.07 55.96
CA THR C 207 -65.74 26.33 55.70
C THR C 207 -65.85 27.29 54.52
N PRO C 208 -66.57 26.94 53.46
CA PRO C 208 -66.73 27.85 52.34
C PRO C 208 -67.31 29.19 52.76
N ALA C 209 -66.78 30.27 52.15
CA ALA C 209 -67.35 31.59 52.30
C ALA C 209 -68.51 31.73 51.32
N VAL C 210 -69.72 31.93 51.84
CA VAL C 210 -70.92 31.88 51.01
C VAL C 210 -71.82 33.07 51.30
N ASP C 211 -72.57 33.48 50.28
CA ASP C 211 -73.55 34.55 50.42
C ASP C 211 -74.81 34.00 51.12
N ALA C 212 -75.86 34.82 51.21
CA ALA C 212 -77.08 34.40 51.87
C ALA C 212 -77.87 33.36 51.07
N LYS C 213 -77.55 33.18 49.78
CA LYS C 213 -78.11 32.10 48.98
C LYS C 213 -77.28 30.83 49.04
N GLY C 214 -76.21 30.81 49.82
CA GLY C 214 -75.37 29.63 49.89
C GLY C 214 -74.40 29.46 48.75
N ARG C 215 -74.12 30.51 47.99
CA ARG C 215 -73.19 30.46 46.86
C ARG C 215 -71.90 31.15 47.25
N LEU C 216 -70.80 30.75 46.61
CA LEU C 216 -69.48 31.29 46.95
C LEU C 216 -69.45 32.81 46.87
N ARG C 217 -68.79 33.42 47.86
CA ARG C 217 -68.65 34.86 47.96
C ARG C 217 -67.59 35.41 47.01
N ILE C 218 -67.80 36.67 46.61
CA ILE C 218 -66.88 37.38 45.73
C ILE C 218 -67.08 38.86 45.97
N ALA C 219 -66.01 39.63 45.83
CA ALA C 219 -66.04 41.07 46.04
C ALA C 219 -65.56 41.77 44.78
N ALA C 220 -65.75 43.10 44.74
CA ALA C 220 -65.33 43.86 43.57
C ALA C 220 -64.86 45.25 43.98
N ALA C 221 -63.83 45.75 43.29
CA ALA C 221 -63.25 47.03 43.61
C ALA C 221 -63.68 48.10 42.61
N VAL C 222 -63.67 49.35 43.07
CA VAL C 222 -63.95 50.51 42.24
C VAL C 222 -62.95 51.61 42.59
N GLY C 223 -62.38 52.26 41.57
CA GLY C 223 -61.57 53.43 41.82
C GLY C 223 -62.43 54.68 41.92
N ILE C 224 -61.82 55.80 42.31
CA ILE C 224 -62.59 56.97 42.69
C ILE C 224 -62.73 57.98 41.55
N ASN C 225 -62.34 57.63 40.33
CA ASN C 225 -62.60 58.48 39.18
C ASN C 225 -63.96 58.15 38.56
N GLY C 226 -64.44 59.08 37.73
CA GLY C 226 -65.69 58.82 37.03
C GLY C 226 -66.89 58.89 37.97
N ASP C 227 -67.93 58.15 37.60
CA ASP C 227 -69.18 58.12 38.38
C ASP C 227 -69.10 56.94 39.34
N VAL C 228 -68.58 57.21 40.54
CA VAL C 228 -68.31 56.13 41.48
C VAL C 228 -69.61 55.49 41.96
N GLY C 229 -70.63 56.30 42.21
CA GLY C 229 -71.91 55.73 42.61
C GLY C 229 -72.49 54.79 41.58
N ALA C 230 -72.50 55.21 40.31
CA ALA C 230 -73.06 54.37 39.26
C ALA C 230 -72.25 53.09 39.08
N LYS C 231 -70.92 53.20 39.14
CA LYS C 231 -70.08 52.01 39.06
C LYS C 231 -70.38 51.04 40.20
N ALA C 232 -70.51 51.57 41.41
CA ALA C 232 -70.77 50.73 42.58
C ALA C 232 -72.13 50.05 42.48
N GLN C 233 -73.15 50.77 42.02
CA GLN C 233 -74.47 50.16 41.89
C GLN C 233 -74.47 49.06 40.84
N ALA C 234 -73.78 49.27 39.73
CA ALA C 234 -73.65 48.22 38.72
C ALA C 234 -72.94 46.99 39.29
N LEU C 235 -71.90 47.19 40.10
CA LEU C 235 -71.21 46.04 40.70
C LEU C 235 -72.12 45.32 41.69
N ALA C 236 -72.90 46.07 42.46
CA ALA C 236 -73.87 45.43 43.36
C ALA C 236 -74.90 44.63 42.57
N GLU C 237 -75.41 45.20 41.47
CA GLU C 237 -76.40 44.49 40.66
C GLU C 237 -75.79 43.26 39.99
N ALA C 238 -74.51 43.32 39.62
CA ALA C 238 -73.83 42.17 39.06
C ALA C 238 -73.61 41.05 40.07
N GLY C 239 -73.80 41.31 41.37
CA GLY C 239 -73.75 40.27 42.37
C GLY C 239 -72.60 40.33 43.35
N ALA C 240 -71.79 41.38 43.35
CA ALA C 240 -70.70 41.49 44.32
C ALA C 240 -71.26 41.44 45.74
N ASP C 241 -70.55 40.71 46.61
CA ASP C 241 -70.94 40.57 48.00
C ASP C 241 -70.34 41.64 48.89
N LEU C 242 -69.42 42.44 48.38
CA LEU C 242 -68.66 43.43 49.13
C LEU C 242 -68.01 44.35 48.12
N LEU C 243 -68.00 45.65 48.40
CA LEU C 243 -67.39 46.64 47.53
C LEU C 243 -66.15 47.21 48.20
N VAL C 244 -65.10 47.40 47.40
CA VAL C 244 -63.86 48.00 47.87
C VAL C 244 -63.66 49.26 47.07
N ILE C 245 -63.68 50.40 47.75
CA ILE C 245 -63.39 51.68 47.11
C ILE C 245 -61.91 51.94 47.33
N ASP C 246 -61.13 51.94 46.24
CA ASP C 246 -59.69 51.76 46.30
C ASP C 246 -58.95 52.91 45.62
N THR C 247 -58.01 53.53 46.34
CA THR C 247 -57.13 54.52 45.75
C THR C 247 -55.81 54.53 46.53
N ALA C 248 -54.75 55.00 45.85
CA ALA C 248 -53.43 55.01 46.47
C ALA C 248 -53.40 55.87 47.73
N HIS C 249 -53.97 57.08 47.66
CA HIS C 249 -54.02 58.00 48.79
C HIS C 249 -55.48 58.16 49.23
N GLY C 250 -55.90 57.31 50.17
CA GLY C 250 -57.30 57.33 50.59
C GLY C 250 -57.69 58.54 51.41
N HIS C 251 -56.74 59.22 52.04
CA HIS C 251 -57.07 60.33 52.92
C HIS C 251 -57.14 61.64 52.12
N GLN C 252 -58.15 61.71 51.25
CA GLN C 252 -58.30 62.89 50.43
C GLN C 252 -59.77 63.12 50.11
N ALA C 253 -60.08 64.37 49.74
CA ALA C 253 -61.47 64.81 49.58
C ALA C 253 -62.21 63.95 48.55
N LYS C 254 -61.56 63.64 47.42
CA LYS C 254 -62.21 62.84 46.39
C LYS C 254 -62.63 61.46 46.89
N MET C 255 -61.84 60.86 47.79
CA MET C 255 -62.24 59.59 48.39
C MET C 255 -63.42 59.77 49.34
N LEU C 256 -63.35 60.79 50.20
CA LEU C 256 -64.48 61.06 51.10
C LEU C 256 -65.77 61.23 50.32
N ASP C 257 -65.72 62.00 49.22
CA ASP C 257 -66.89 62.19 48.37
C ASP C 257 -67.37 60.87 47.78
N ALA C 258 -66.43 60.03 47.34
CA ALA C 258 -66.80 58.77 46.72
C ALA C 258 -67.50 57.86 47.72
N ILE C 259 -67.02 57.82 48.97
CA ILE C 259 -67.64 56.98 49.98
C ILE C 259 -69.07 57.45 50.27
N LYS C 260 -69.24 58.76 50.43
CA LYS C 260 -70.56 59.29 50.70
C LYS C 260 -71.51 59.00 49.54
N ALA C 261 -71.01 59.06 48.31
CA ALA C 261 -71.84 58.77 47.15
C ALA C 261 -72.28 57.30 47.13
N VAL C 262 -71.36 56.37 47.43
CA VAL C 262 -71.73 54.96 47.43
C VAL C 262 -72.63 54.65 48.62
N ALA C 263 -72.32 55.20 49.80
CA ALA C 263 -73.13 54.91 50.97
C ALA C 263 -74.55 55.41 50.82
N SER C 264 -74.73 56.54 50.12
CA SER C 264 -76.07 57.11 49.98
C SER C 264 -76.98 56.27 49.09
N LEU C 265 -76.41 55.36 48.29
CA LEU C 265 -77.21 54.48 47.47
C LEU C 265 -77.79 53.30 48.25
N ASP C 266 -77.34 53.08 49.48
CA ASP C 266 -77.93 52.08 50.38
C ASP C 266 -77.97 50.69 49.73
N LEU C 267 -76.84 50.30 49.14
CA LEU C 267 -76.76 49.07 48.35
C LEU C 267 -76.87 47.80 49.19
N GLY C 268 -76.76 47.90 50.51
CA GLY C 268 -76.89 46.74 51.37
C GLY C 268 -75.65 45.88 51.50
N LEU C 269 -74.48 46.42 51.18
CA LEU C 269 -73.25 45.63 51.14
C LEU C 269 -72.19 46.26 52.03
N PRO C 270 -71.30 45.46 52.61
CA PRO C 270 -70.18 46.03 53.36
C PRO C 270 -69.33 46.89 52.43
N LEU C 271 -68.91 48.04 52.94
CA LEU C 271 -68.10 48.98 52.17
C LEU C 271 -66.70 49.09 52.77
N VAL C 272 -65.69 48.73 51.98
CA VAL C 272 -64.29 48.90 52.31
C VAL C 272 -63.77 50.12 51.57
N ALA C 273 -62.96 50.94 52.24
CA ALA C 273 -62.30 52.03 51.53
C ALA C 273 -60.88 52.17 52.03
N GLY C 274 -59.98 52.52 51.12
CA GLY C 274 -58.59 52.78 51.48
C GLY C 274 -57.85 53.35 50.30
N ASN C 275 -56.56 53.62 50.50
CA ASN C 275 -55.79 53.17 51.66
C ASN C 275 -55.25 54.33 52.52
N VAL C 276 -55.26 54.14 53.84
CA VAL C 276 -54.67 55.10 54.77
C VAL C 276 -53.68 54.38 55.67
N VAL C 277 -52.93 55.16 56.46
CA VAL C 277 -52.02 54.57 57.43
C VAL C 277 -52.07 55.31 58.76
N SER C 278 -53.07 56.18 58.94
CA SER C 278 -53.17 56.99 60.15
C SER C 278 -54.52 56.85 60.81
N ALA C 279 -54.54 57.11 62.11
CA ALA C 279 -55.80 57.11 62.86
C ALA C 279 -56.75 58.15 62.32
N GLU C 280 -56.21 59.32 61.92
CA GLU C 280 -57.07 60.38 61.40
C GLU C 280 -57.70 59.97 60.08
N GLY C 281 -56.89 59.40 59.18
CA GLY C 281 -57.45 58.91 57.92
C GLY C 281 -58.50 57.84 58.15
N THR C 282 -58.23 56.93 59.09
CA THR C 282 -59.17 55.86 59.40
C THR C 282 -60.50 56.42 59.88
N ARG C 283 -60.45 57.38 60.82
CA ARG C 283 -61.67 57.99 61.30
C ARG C 283 -62.44 58.67 60.17
N ASP C 284 -61.75 59.46 59.34
CA ASP C 284 -62.43 60.20 58.29
C ASP C 284 -63.09 59.26 57.29
N LEU C 285 -62.45 58.13 56.98
CA LEU C 285 -63.08 57.19 56.05
C LEU C 285 -64.32 56.54 56.66
N ILE C 286 -64.26 56.22 57.95
CA ILE C 286 -65.43 55.60 58.59
C ILE C 286 -66.56 56.60 58.67
N GLU C 287 -66.26 57.83 59.07
CA GLU C 287 -67.28 58.86 59.20
C GLU C 287 -67.89 59.22 57.86
N ALA C 288 -67.17 59.00 56.75
CA ALA C 288 -67.73 59.20 55.42
C ALA C 288 -68.70 58.09 55.04
N GLY C 289 -68.63 56.94 55.70
CA GLY C 289 -69.57 55.86 55.42
C GLY C 289 -68.99 54.48 55.23
N ALA C 290 -67.67 54.31 55.32
CA ALA C 290 -67.10 52.99 55.23
C ALA C 290 -67.20 52.27 56.57
N SER C 291 -67.37 50.94 56.51
CA SER C 291 -67.30 50.14 57.71
C SER C 291 -65.97 49.42 57.87
N ILE C 292 -65.23 49.26 56.78
CA ILE C 292 -63.91 48.64 56.80
C ILE C 292 -62.93 49.60 56.14
N VAL C 293 -61.79 49.82 56.80
CA VAL C 293 -60.74 50.69 56.27
C VAL C 293 -59.56 49.82 55.87
N LYS C 294 -59.09 50.00 54.64
CA LYS C 294 -57.96 49.24 54.13
C LYS C 294 -56.69 50.04 54.40
N VAL C 295 -55.71 49.40 55.04
CA VAL C 295 -54.56 50.10 55.62
C VAL C 295 -53.29 49.66 54.90
N GLY C 296 -52.55 50.62 54.36
CA GLY C 296 -51.28 50.32 53.71
C GLY C 296 -50.89 51.35 52.66
N VAL C 297 -49.83 52.10 52.93
CA VAL C 297 -49.25 53.03 51.96
C VAL C 297 -47.74 52.87 52.00
N GLY C 298 -47.14 52.56 50.85
CA GLY C 298 -45.71 52.30 50.75
C GLY C 298 -45.09 51.67 51.98
N PRO C 299 -45.57 50.48 52.36
CA PRO C 299 -45.03 49.84 53.57
C PRO C 299 -43.61 49.33 53.42
N GLY C 300 -43.16 49.10 52.18
CA GLY C 300 -41.80 48.64 51.92
C GLY C 300 -40.86 49.80 51.64
N ALA C 301 -39.80 49.93 52.44
CA ALA C 301 -38.92 51.09 52.34
C ALA C 301 -38.20 51.15 51.00
N MET C 302 -37.99 50.01 50.34
CA MET C 302 -37.28 49.97 49.07
C MET C 302 -38.21 49.84 47.88
N CYS C 303 -39.52 49.87 48.09
CA CYS C 303 -40.46 49.64 47.00
C CYS C 303 -40.77 50.96 46.30
N THR C 304 -41.57 50.88 45.23
CA THR C 304 -41.65 51.97 44.27
C THR C 304 -42.22 53.25 44.90
N THR C 305 -43.30 53.14 45.65
CA THR C 305 -43.93 54.33 46.22
C THR C 305 -42.93 55.07 47.13
N ARG C 306 -42.23 54.34 48.00
CA ARG C 306 -41.31 54.98 48.92
C ARG C 306 -40.11 55.59 48.19
N MET C 307 -39.61 54.89 47.17
CA MET C 307 -38.43 55.41 46.46
C MET C 307 -38.78 56.56 45.53
N MET C 308 -40.03 56.68 45.12
CA MET C 308 -40.44 57.80 44.28
C MET C 308 -40.77 59.05 45.10
N THR C 309 -41.30 58.87 46.31
CA THR C 309 -41.95 59.96 47.03
C THR C 309 -41.49 60.13 48.47
N GLY C 310 -40.86 59.14 49.07
CA GLY C 310 -40.59 59.18 50.49
C GLY C 310 -41.79 58.86 51.35
N VAL C 311 -42.95 58.62 50.75
CA VAL C 311 -44.22 58.50 51.49
C VAL C 311 -44.48 57.05 51.84
N GLY C 312 -44.87 56.81 53.09
CA GLY C 312 -45.28 55.48 53.49
C GLY C 312 -45.36 55.40 55.00
N ARG C 313 -45.55 54.17 55.48
CA ARG C 313 -45.46 53.94 56.92
C ARG C 313 -45.18 52.46 57.16
N PRO C 314 -44.27 52.13 58.07
CA PRO C 314 -44.07 50.73 58.46
C PRO C 314 -45.40 50.10 58.84
N GLN C 315 -45.67 48.92 58.29
CA GLN C 315 -47.05 48.40 58.24
C GLN C 315 -47.54 47.93 59.60
N PHE C 316 -46.67 47.39 60.45
CA PHE C 316 -47.17 46.94 61.75
C PHE C 316 -47.69 48.11 62.57
N SER C 317 -46.91 49.20 62.64
CA SER C 317 -47.37 50.38 63.36
C SER C 317 -48.61 50.98 62.72
N ALA C 318 -48.65 50.99 61.38
CA ALA C 318 -49.83 51.51 60.69
C ALA C 318 -51.09 50.74 61.10
N VAL C 319 -51.01 49.39 61.07
CA VAL C 319 -52.18 48.59 61.41
C VAL C 319 -52.56 48.77 62.88
N VAL C 320 -51.58 48.75 63.79
CA VAL C 320 -51.89 48.94 65.21
C VAL C 320 -52.67 50.24 65.42
N GLU C 321 -52.17 51.35 64.84
CA GLU C 321 -52.81 52.64 65.07
C GLU C 321 -54.18 52.70 64.42
N CYS C 322 -54.29 52.26 63.17
CA CYS C 322 -55.56 52.37 62.46
C CYS C 322 -56.61 51.43 63.04
N ALA C 323 -56.20 50.22 63.43
CA ALA C 323 -57.18 49.26 63.95
C ALA C 323 -57.75 49.73 65.28
N ALA C 324 -56.93 50.35 66.11
CA ALA C 324 -57.41 50.86 67.39
C ALA C 324 -58.37 52.03 67.18
N ALA C 325 -58.06 52.92 66.24
CA ALA C 325 -58.98 54.00 65.89
C ALA C 325 -60.30 53.44 65.37
N ALA C 326 -60.23 52.49 64.43
CA ALA C 326 -61.44 51.91 63.87
C ALA C 326 -62.26 51.20 64.94
N ARG C 327 -61.58 50.49 65.85
CA ARG C 327 -62.29 49.78 66.91
C ARG C 327 -63.10 50.74 67.77
N GLN C 328 -62.55 51.93 68.03
CA GLN C 328 -63.28 52.91 68.84
C GLN C 328 -64.51 53.45 68.11
N LEU C 329 -64.57 53.30 66.79
CA LEU C 329 -65.67 53.83 65.99
C LEU C 329 -66.62 52.75 65.50
N GLY C 330 -66.45 51.51 65.94
CA GLY C 330 -67.31 50.43 65.51
C GLY C 330 -66.93 49.81 64.19
N GLY C 331 -65.77 50.16 63.63
CA GLY C 331 -65.33 49.67 62.35
C GLY C 331 -64.20 48.66 62.45
N HIS C 332 -63.64 48.33 61.29
CA HIS C 332 -62.61 47.30 61.18
C HIS C 332 -61.55 47.76 60.18
N VAL C 333 -60.44 47.04 60.17
CA VAL C 333 -59.28 47.36 59.34
C VAL C 333 -58.80 46.12 58.60
N TRP C 334 -58.52 46.27 57.30
CA TRP C 334 -57.83 45.26 56.52
C TRP C 334 -56.37 45.66 56.38
N ALA C 335 -55.46 44.74 56.71
CA ALA C 335 -54.03 44.96 56.52
C ALA C 335 -53.65 44.61 55.09
N ASP C 336 -53.30 45.62 54.28
CA ASP C 336 -53.09 45.48 52.85
C ASP C 336 -51.65 45.78 52.50
N GLY C 337 -50.89 44.75 52.12
CA GLY C 337 -49.57 44.95 51.55
C GLY C 337 -48.42 44.34 52.31
N GLY C 338 -47.42 43.84 51.59
CA GLY C 338 -46.20 43.37 52.21
C GLY C 338 -46.23 41.96 52.77
N VAL C 339 -47.34 41.23 52.61
CA VAL C 339 -47.45 39.89 53.18
C VAL C 339 -46.65 38.91 52.32
N ARG C 340 -45.68 38.23 52.93
CA ARG C 340 -44.86 37.24 52.23
C ARG C 340 -44.72 35.93 53.00
N HIS C 341 -45.13 35.88 54.27
CA HIS C 341 -44.98 34.70 55.11
C HIS C 341 -46.20 34.61 56.02
N PRO C 342 -46.48 33.42 56.55
CA PRO C 342 -47.58 33.31 57.52
C PRO C 342 -47.40 34.22 58.72
N ARG C 343 -46.15 34.46 59.13
CA ARG C 343 -45.87 35.41 60.20
C ARG C 343 -46.55 36.76 59.97
N ASP C 344 -46.50 37.27 58.74
CA ASP C 344 -47.08 38.57 58.44
C ASP C 344 -48.59 38.56 58.66
N VAL C 345 -49.26 37.49 58.25
CA VAL C 345 -50.69 37.36 58.49
C VAL C 345 -50.96 37.35 60.00
N ALA C 346 -50.21 36.55 60.74
CA ALA C 346 -50.44 36.45 62.18
C ALA C 346 -50.19 37.79 62.86
N LEU C 347 -49.13 38.50 62.47
CA LEU C 347 -48.83 39.77 63.12
C LEU C 347 -49.88 40.83 62.80
N ALA C 348 -50.36 40.87 61.56
CA ALA C 348 -51.41 41.83 61.20
C ALA C 348 -52.66 41.60 62.04
N LEU C 349 -52.98 40.33 62.29
CA LEU C 349 -54.14 40.00 63.11
C LEU C 349 -53.89 40.33 64.58
N ALA C 350 -52.70 40.00 65.08
CA ALA C 350 -52.33 40.40 66.43
C ALA C 350 -52.41 41.92 66.61
N ALA C 351 -52.03 42.66 65.58
CA ALA C 351 -52.10 44.13 65.60
C ALA C 351 -53.51 44.66 65.61
N GLY C 352 -54.51 43.84 65.29
CA GLY C 352 -55.90 44.24 65.34
C GLY C 352 -56.64 44.25 64.03
N ALA C 353 -55.99 43.93 62.90
CA ALA C 353 -56.74 43.83 61.65
C ALA C 353 -57.75 42.70 61.74
N SER C 354 -58.88 42.88 61.06
CA SER C 354 -59.91 41.84 60.95
C SER C 354 -59.65 40.87 59.80
N ASN C 355 -58.86 41.28 58.83
CA ASN C 355 -58.61 40.53 57.61
C ASN C 355 -57.28 41.01 57.05
N VAL C 356 -56.63 40.14 56.27
CA VAL C 356 -55.33 40.44 55.70
C VAL C 356 -55.45 40.30 54.19
N MET C 357 -55.05 41.34 53.45
CA MET C 357 -55.14 41.32 51.99
C MET C 357 -53.79 40.94 51.41
N ILE C 358 -53.79 39.96 50.51
CA ILE C 358 -52.57 39.39 49.97
C ILE C 358 -52.61 39.55 48.46
N GLY C 359 -51.55 40.14 47.90
CA GLY C 359 -51.46 40.29 46.47
C GLY C 359 -50.39 39.43 45.82
N SER C 360 -49.19 39.98 45.68
N SER C 360 -49.19 39.99 45.68
CA SER C 360 -48.19 39.38 44.80
CA SER C 360 -48.16 39.40 44.82
C SER C 360 -47.82 37.97 45.22
N TRP C 361 -47.82 37.67 46.53
CA TRP C 361 -47.52 36.30 46.97
C TRP C 361 -48.36 35.28 46.20
N PHE C 362 -49.64 35.58 45.99
CA PHE C 362 -50.55 34.62 45.38
C PHE C 362 -50.45 34.61 43.86
N ALA C 363 -49.67 35.51 43.27
CA ALA C 363 -49.40 35.40 41.85
C ALA C 363 -48.60 34.14 41.54
N GLY C 364 -47.77 33.71 42.49
CA GLY C 364 -46.94 32.53 42.31
C GLY C 364 -47.68 31.24 42.61
N THR C 365 -48.81 31.03 41.92
CA THR C 365 -49.65 29.86 42.14
C THR C 365 -50.22 29.42 40.80
N TYR C 366 -50.65 28.16 40.75
CA TYR C 366 -51.30 27.65 39.53
C TYR C 366 -52.53 28.48 39.17
N GLU C 367 -53.27 28.96 40.18
CA GLU C 367 -54.60 29.49 39.94
C GLU C 367 -54.61 30.98 39.57
N SER C 368 -53.47 31.67 39.66
CA SER C 368 -53.47 33.07 39.25
C SER C 368 -53.58 33.18 37.72
N PRO C 369 -54.05 34.32 37.21
CA PRO C 369 -54.38 34.39 35.78
C PRO C 369 -53.19 34.31 34.85
N GLY C 370 -52.00 34.71 35.28
CA GLY C 370 -50.84 34.78 34.41
C GLY C 370 -50.34 33.42 33.97
N ASP C 371 -49.48 33.43 32.94
CA ASP C 371 -48.91 32.20 32.41
C ASP C 371 -47.79 31.70 33.32
N LEU C 372 -47.69 30.38 33.44
CA LEU C 372 -46.60 29.78 34.19
C LEU C 372 -45.30 29.89 33.40
N LEU C 373 -44.26 30.43 34.03
CA LEU C 373 -42.96 30.63 33.38
C LEU C 373 -41.88 29.88 34.15
N PHE C 374 -40.70 29.78 33.53
CA PHE C 374 -39.58 29.05 34.11
C PHE C 374 -38.32 29.87 33.94
N ASP C 375 -37.58 30.06 35.04
CA ASP C 375 -36.42 30.95 35.03
C ASP C 375 -35.19 30.27 34.45
N ARG C 376 -34.01 30.84 34.71
CA ARG C 376 -32.78 30.28 34.18
C ARG C 376 -32.55 28.86 34.69
N ASP C 377 -32.81 28.63 35.98
CA ASP C 377 -32.64 27.31 36.58
C ASP C 377 -33.81 26.37 36.32
N ASP C 378 -34.70 26.73 35.39
CA ASP C 378 -35.91 25.98 35.07
C ASP C 378 -36.88 25.90 36.25
N ARG C 379 -36.80 26.85 37.19
CA ARG C 379 -37.71 26.90 38.33
C ARG C 379 -39.00 27.61 37.93
N PRO C 380 -40.15 27.12 38.35
CA PRO C 380 -41.42 27.75 37.95
C PRO C 380 -41.66 29.07 38.66
N TYR C 381 -42.26 30.02 37.95
CA TYR C 381 -42.63 31.29 38.55
C TYR C 381 -43.71 31.93 37.69
N LYS C 382 -44.37 32.94 38.27
CA LYS C 382 -45.26 33.83 37.52
C LYS C 382 -44.91 35.27 37.90
N GLU C 383 -45.27 36.19 37.00
CA GLU C 383 -44.97 37.59 37.18
C GLU C 383 -46.13 38.29 37.89
N SER C 384 -45.84 38.94 39.01
CA SER C 384 -46.79 39.89 39.56
C SER C 384 -46.47 41.27 39.04
N TYR C 385 -47.50 42.11 38.94
CA TYR C 385 -47.33 43.47 38.47
C TYR C 385 -48.42 44.35 39.08
N GLY C 386 -48.11 45.63 39.21
CA GLY C 386 -49.00 46.54 39.91
C GLY C 386 -50.19 46.99 39.08
N MET C 387 -51.16 47.55 39.79
CA MET C 387 -52.32 48.16 39.14
C MET C 387 -52.04 49.59 38.69
N ALA C 388 -50.97 50.21 39.18
CA ALA C 388 -50.47 51.49 38.69
C ALA C 388 -51.55 52.56 38.66
N SER C 389 -51.81 53.14 37.49
CA SER C 389 -52.73 54.26 37.42
C SER C 389 -54.18 53.86 37.68
N LYS C 390 -54.49 52.56 37.68
CA LYS C 390 -55.85 52.18 38.08
C LYS C 390 -56.11 52.42 39.56
N ARG C 391 -55.08 52.76 40.34
CA ARG C 391 -55.25 53.17 41.73
C ARG C 391 -55.04 54.68 41.93
N ALA C 392 -54.89 55.44 40.85
CA ALA C 392 -54.55 56.86 40.94
C ALA C 392 -55.73 57.73 40.53
N VAL C 393 -55.75 58.95 41.06
CA VAL C 393 -56.74 59.95 40.67
C VAL C 393 -56.39 60.48 39.29
N ALA C 394 -57.41 60.69 38.46
CA ALA C 394 -57.22 61.21 37.11
C ALA C 394 -58.29 62.23 36.78
N SER C 401 -57.64 65.86 23.96
CA SER C 401 -56.86 65.74 22.73
C SER C 401 -55.77 64.67 22.88
N SER C 402 -55.23 64.21 21.74
CA SER C 402 -54.15 63.24 21.79
C SER C 402 -52.90 63.83 22.43
N PHE C 403 -52.65 65.12 22.22
CA PHE C 403 -51.62 65.84 22.97
C PHE C 403 -51.91 65.76 24.46
N ASP C 404 -53.12 66.13 24.87
CA ASP C 404 -53.49 66.10 26.28
C ASP C 404 -53.39 64.71 26.87
N ARG C 405 -53.60 63.67 26.06
CA ARG C 405 -53.46 62.30 26.54
C ARG C 405 -52.01 62.00 26.91
N ALA C 406 -51.07 62.28 26.01
CA ALA C 406 -49.66 62.03 26.29
C ALA C 406 -49.14 62.92 27.41
N ARG C 407 -49.74 64.11 27.59
CA ARG C 407 -49.28 65.02 28.63
C ARG C 407 -49.53 64.45 30.02
N LYS C 408 -50.79 64.10 30.30
CA LYS C 408 -51.09 63.49 31.60
C LYS C 408 -50.46 62.11 31.74
N GLY C 409 -50.25 61.41 30.63
CA GLY C 409 -49.65 60.09 30.68
C GLY C 409 -48.16 60.10 30.96
N LEU C 410 -47.50 61.24 30.78
CA LEU C 410 -46.04 61.27 30.90
C LEU C 410 -45.57 61.01 32.33
N PHE C 411 -46.33 61.49 33.32
CA PHE C 411 -45.90 61.38 34.71
C PHE C 411 -46.50 60.18 35.43
N GLU C 412 -47.47 59.48 34.85
CA GLU C 412 -48.15 58.44 35.59
C GLU C 412 -47.22 57.27 35.90
N GLU C 413 -47.59 56.51 36.93
CA GLU C 413 -46.75 55.42 37.41
C GLU C 413 -46.64 54.32 36.36
N GLY C 414 -45.42 53.86 36.12
CA GLY C 414 -45.24 52.69 35.28
C GLY C 414 -45.67 51.42 35.98
N ILE C 415 -45.86 50.37 35.19
CA ILE C 415 -46.22 49.06 35.74
C ILE C 415 -44.94 48.32 36.10
N SER C 416 -44.70 48.16 37.40
CA SER C 416 -43.55 47.40 37.88
C SER C 416 -43.89 45.91 37.92
N THR C 417 -42.90 45.08 37.61
CA THR C 417 -43.07 43.64 37.52
C THR C 417 -42.11 42.94 38.47
N SER C 418 -42.58 41.86 39.11
CA SER C 418 -41.77 41.08 40.02
C SER C 418 -41.96 39.60 39.72
N ARG C 419 -40.92 38.81 39.98
CA ARG C 419 -40.96 37.37 39.74
C ARG C 419 -41.34 36.68 41.05
N MET C 420 -42.47 35.97 41.04
CA MET C 420 -42.98 35.28 42.22
C MET C 420 -42.84 33.78 41.96
N SER C 421 -41.86 33.16 42.62
CA SER C 421 -41.58 31.76 42.36
C SER C 421 -42.68 30.88 42.94
N LEU C 422 -43.09 29.89 42.16
CA LEU C 422 -43.96 28.85 42.68
C LEU C 422 -43.17 27.90 43.57
N ASP C 423 -43.74 27.55 44.70
CA ASP C 423 -43.15 26.51 45.52
C ASP C 423 -43.34 25.16 44.81
N PRO C 424 -42.26 24.39 44.61
CA PRO C 424 -42.45 23.01 44.12
C PRO C 424 -43.24 22.13 45.07
N ALA C 425 -43.44 22.55 46.33
CA ALA C 425 -44.25 21.83 47.29
C ALA C 425 -45.56 22.52 47.64
N ARG C 426 -45.71 23.80 47.31
CA ARG C 426 -46.93 24.55 47.61
C ARG C 426 -47.42 25.31 46.38
N GLY C 427 -47.46 24.62 45.24
CA GLY C 427 -47.71 25.28 43.95
C GLY C 427 -49.10 25.85 43.81
N GLY C 428 -50.10 25.23 44.44
CA GLY C 428 -51.46 25.76 44.41
C GLY C 428 -51.72 26.77 45.53
N VAL C 429 -52.65 27.69 45.27
CA VAL C 429 -52.98 28.67 46.31
C VAL C 429 -53.51 27.99 47.57
N GLU C 430 -54.14 26.82 47.44
CA GLU C 430 -54.65 26.16 48.64
C GLU C 430 -53.53 25.63 49.52
N ASP C 431 -52.37 25.32 48.92
CA ASP C 431 -51.21 24.96 49.72
C ASP C 431 -50.71 26.17 50.52
N LEU C 432 -50.74 27.36 49.90
CA LEU C 432 -50.40 28.58 50.65
C LEU C 432 -51.41 28.83 51.76
N LEU C 433 -52.70 28.58 51.50
CA LEU C 433 -53.70 28.75 52.55
C LEU C 433 -53.47 27.79 53.71
N ASP C 434 -53.05 26.55 53.42
CA ASP C 434 -52.69 25.62 54.48
C ASP C 434 -51.51 26.16 55.27
N HIS C 435 -50.49 26.64 54.55
CA HIS C 435 -49.32 27.26 55.17
C HIS C 435 -49.72 28.44 56.06
N ILE C 436 -50.49 29.38 55.50
CA ILE C 436 -50.91 30.56 56.26
C ILE C 436 -51.71 30.16 57.48
N THR C 437 -52.74 29.34 57.28
CA THR C 437 -53.66 29.13 58.41
C THR C 437 -53.10 28.14 59.41
N SER C 438 -52.26 27.20 59.01
CA SER C 438 -51.50 26.43 59.99
C SER C 438 -50.71 27.36 60.91
N GLY C 439 -50.05 28.35 60.33
CA GLY C 439 -49.26 29.28 61.12
C GLY C 439 -50.11 30.10 62.07
N VAL C 440 -51.19 30.70 61.55
CA VAL C 440 -52.04 31.56 62.39
C VAL C 440 -52.68 30.74 63.50
N ARG C 441 -53.18 29.55 63.19
CA ARG C 441 -53.71 28.68 64.23
C ARG C 441 -52.66 28.41 65.31
N SER C 442 -51.40 28.23 64.90
N SER C 442 -51.40 28.23 64.90
CA SER C 442 -50.33 28.03 65.87
CA SER C 442 -50.33 28.03 65.87
C SER C 442 -50.08 29.30 66.68
N THR C 443 -50.05 30.46 66.04
CA THR C 443 -49.93 31.71 66.81
C THR C 443 -51.00 31.77 67.88
N CYS C 444 -52.22 31.39 67.53
CA CYS C 444 -53.31 31.45 68.49
C CYS C 444 -53.07 30.52 69.67
N THR C 445 -52.54 29.31 69.42
CA THR C 445 -52.30 28.38 70.53
C THR C 445 -51.17 28.86 71.43
N TYR C 446 -50.13 29.47 70.87
CA TYR C 446 -49.05 30.04 71.66
C TYR C 446 -49.54 31.19 72.54
N VAL C 447 -50.50 31.98 72.04
CA VAL C 447 -50.99 33.16 72.74
C VAL C 447 -51.99 32.76 73.82
N GLY C 448 -52.66 31.63 73.64
CA GLY C 448 -53.81 31.28 74.46
C GLY C 448 -55.14 31.75 73.90
N ALA C 449 -55.23 31.99 72.59
CA ALA C 449 -56.44 32.51 71.97
C ALA C 449 -57.20 31.41 71.22
N ALA C 450 -58.51 31.35 71.43
CA ALA C 450 -59.38 30.40 70.75
C ALA C 450 -60.00 30.96 69.48
N ASN C 451 -59.76 32.23 69.18
CA ASN C 451 -60.37 32.90 68.03
C ASN C 451 -59.59 34.18 67.77
N LEU C 452 -59.94 34.88 66.69
CA LEU C 452 -59.17 36.07 66.32
C LEU C 452 -59.40 37.26 67.25
N PRO C 453 -60.62 37.51 67.73
CA PRO C 453 -60.74 38.54 68.78
C PRO C 453 -59.85 38.28 69.98
N GLU C 454 -59.81 37.03 70.47
CA GLU C 454 -58.94 36.72 71.61
C GLU C 454 -57.47 36.89 71.28
N LEU C 455 -57.08 36.61 70.03
CA LEU C 455 -55.69 36.84 69.63
C LEU C 455 -55.29 38.30 69.86
N HIS C 456 -56.12 39.23 69.38
CA HIS C 456 -55.80 40.64 69.52
C HIS C 456 -55.94 41.10 70.97
N GLU C 457 -56.83 40.46 71.73
CA GLU C 457 -57.07 40.84 73.12
C GLU C 457 -55.93 40.39 74.04
N LYS C 458 -55.33 39.25 73.76
CA LYS C 458 -54.38 38.64 74.67
C LYS C 458 -52.91 38.79 74.26
N VAL C 459 -52.61 39.20 73.03
CA VAL C 459 -51.25 39.10 72.53
C VAL C 459 -50.30 40.03 73.29
N VAL C 460 -49.10 39.52 73.58
CA VAL C 460 -47.99 40.29 74.11
C VAL C 460 -46.90 40.33 73.04
N LEU C 461 -46.41 41.53 72.74
CA LEU C 461 -45.42 41.72 71.68
C LEU C 461 -44.14 42.32 72.25
N GLY C 462 -43.03 42.08 71.54
CA GLY C 462 -41.78 42.74 71.85
C GLY C 462 -41.11 43.24 70.58
N VAL C 463 -40.09 44.07 70.77
CA VAL C 463 -39.29 44.59 69.65
C VAL C 463 -37.93 43.89 69.66
N GLN C 464 -37.40 43.60 68.47
CA GLN C 464 -36.07 43.04 68.36
C GLN C 464 -35.18 43.95 67.52
N SER C 465 -33.88 43.80 67.69
CA SER C 465 -32.91 44.58 66.93
C SER C 465 -32.67 43.96 65.56
N ALA C 466 -31.76 44.57 64.82
CA ALA C 466 -31.32 44.03 63.53
C ALA C 466 -30.39 42.83 63.66
N ALA C 467 -30.15 42.33 64.87
CA ALA C 467 -29.31 41.15 65.07
C ALA C 467 -29.83 39.95 64.29
N VAL D 2 -28.65 40.62 86.60
CA VAL D 2 -27.40 40.70 85.84
C VAL D 2 -27.11 42.17 85.56
N ARG D 3 -25.85 42.56 85.66
CA ARG D 3 -25.46 43.98 85.60
C ARG D 3 -25.05 44.37 84.19
N PHE D 4 -25.67 45.44 83.68
CA PHE D 4 -25.28 46.07 82.42
C PHE D 4 -24.59 47.39 82.67
N LEU D 5 -23.77 47.80 81.70
CA LEU D 5 -23.21 49.14 81.70
C LEU D 5 -24.33 50.17 81.86
N ASP D 6 -24.03 51.24 82.60
CA ASP D 6 -25.00 52.30 82.82
C ASP D 6 -25.51 52.85 81.49
N GLY D 7 -26.82 53.01 81.39
CA GLY D 7 -27.44 53.52 80.20
C GLY D 7 -27.75 52.50 79.12
N HIS D 8 -27.26 51.26 79.26
CA HIS D 8 -27.49 50.20 78.26
C HIS D 8 -28.83 49.52 78.55
N THR D 9 -29.90 50.27 78.31
CA THR D 9 -31.27 49.84 78.58
C THR D 9 -32.05 50.00 77.29
N PRO D 10 -31.87 49.08 76.34
CA PRO D 10 -32.47 49.25 75.02
C PRO D 10 -33.97 49.01 75.04
N ALA D 11 -34.64 49.64 74.07
CA ALA D 11 -36.08 49.45 73.87
C ALA D 11 -36.39 48.21 73.03
N TYR D 12 -35.63 47.15 73.25
CA TYR D 12 -35.82 45.89 72.52
C TYR D 12 -35.16 44.79 73.33
N ASP D 13 -35.49 43.55 72.98
CA ASP D 13 -34.90 42.39 73.64
C ASP D 13 -33.68 41.90 72.87
N LEU D 14 -32.84 41.13 73.56
CA LEU D 14 -31.46 40.90 73.15
C LEU D 14 -31.22 39.46 72.71
N THR D 15 -30.59 39.30 71.54
CA THR D 15 -30.02 38.02 71.11
C THR D 15 -28.58 37.91 71.59
N TYR D 16 -27.99 36.73 71.35
CA TYR D 16 -26.58 36.56 71.68
C TYR D 16 -25.70 37.54 70.91
N ASN D 17 -26.14 37.95 69.71
CA ASN D 17 -25.37 38.89 68.90
C ASN D 17 -25.38 40.32 69.44
N ASP D 18 -26.29 40.64 70.36
CA ASP D 18 -26.52 42.02 70.78
C ASP D 18 -25.61 42.48 71.92
N VAL D 19 -24.90 41.56 72.59
CA VAL D 19 -24.30 41.86 73.87
C VAL D 19 -22.83 41.44 73.89
N PHE D 20 -22.09 42.05 74.82
CA PHE D 20 -20.70 41.70 75.07
C PHE D 20 -20.43 41.75 76.57
N VAL D 21 -19.35 41.09 76.98
CA VAL D 21 -18.93 41.05 78.38
C VAL D 21 -17.77 42.01 78.55
N VAL D 22 -17.88 42.90 79.53
CA VAL D 22 -16.78 43.83 79.84
C VAL D 22 -15.80 43.12 80.77
N PRO D 23 -14.50 43.13 80.46
CA PRO D 23 -13.53 42.53 81.40
C PRO D 23 -13.61 43.21 82.77
N GLY D 24 -13.34 42.42 83.80
CA GLY D 24 -13.31 42.92 85.16
C GLY D 24 -11.96 42.61 85.80
N ARG D 25 -11.75 43.18 86.99
CA ARG D 25 -10.52 42.93 87.71
C ARG D 25 -10.47 41.47 88.13
N SER D 26 -9.38 40.78 87.82
CA SER D 26 -9.34 39.33 87.96
C SER D 26 -8.10 38.88 88.70
N ASP D 27 -8.28 37.89 89.58
CA ASP D 27 -7.18 37.15 90.18
C ASP D 27 -7.15 35.70 89.69
N VAL D 28 -8.00 35.35 88.73
CA VAL D 28 -8.06 34.00 88.18
C VAL D 28 -7.08 33.95 87.01
N ALA D 29 -5.89 33.44 87.27
CA ALA D 29 -4.82 33.49 86.28
C ALA D 29 -4.99 32.43 85.20
N SER D 30 -5.20 31.18 85.61
CA SER D 30 -5.20 30.04 84.68
C SER D 30 -6.63 29.64 84.33
N ARG D 31 -6.84 29.37 83.04
CA ARG D 31 -8.06 28.72 82.57
C ARG D 31 -8.40 27.50 83.42
N PHE D 32 -7.38 26.77 83.88
CA PHE D 32 -7.59 25.51 84.57
C PHE D 32 -7.98 25.69 86.03
N ASP D 33 -7.86 26.90 86.57
CA ASP D 33 -8.33 27.20 87.92
C ASP D 33 -9.83 27.37 87.99
N VAL D 34 -10.51 27.44 86.86
CA VAL D 34 -11.96 27.61 86.84
C VAL D 34 -12.63 26.26 87.04
N ASP D 35 -13.68 26.25 87.85
CA ASP D 35 -14.53 25.08 88.06
C ASP D 35 -15.77 25.23 87.18
N LEU D 36 -15.87 24.42 86.13
CA LEU D 36 -16.99 24.47 85.20
C LEU D 36 -18.16 23.57 85.60
N SER D 37 -18.14 22.98 86.79
N SER D 37 -18.13 22.97 86.78
CA SER D 37 -19.22 22.06 87.11
CA SER D 37 -19.20 22.07 87.18
C SER D 37 -20.50 22.83 87.38
N THR D 38 -21.62 22.16 87.13
CA THR D 38 -22.92 22.80 87.24
C THR D 38 -23.55 22.50 88.59
N VAL D 39 -24.54 23.30 88.95
CA VAL D 39 -25.15 23.26 90.28
C VAL D 39 -26.66 22.94 90.21
N ASP D 40 -27.14 22.42 89.09
CA ASP D 40 -28.57 22.23 88.89
C ASP D 40 -29.03 20.80 89.13
N GLY D 41 -28.14 19.92 89.58
CA GLY D 41 -28.49 18.52 89.78
C GLY D 41 -28.44 17.66 88.53
N SER D 42 -28.05 18.21 87.37
CA SER D 42 -27.84 17.38 86.20
C SER D 42 -26.67 16.44 86.39
N GLY D 43 -25.68 16.86 87.16
CA GLY D 43 -24.46 16.10 87.33
C GLY D 43 -23.39 16.39 86.29
N THR D 44 -23.61 17.36 85.40
CA THR D 44 -22.59 17.65 84.41
C THR D 44 -21.42 18.37 85.07
N THR D 45 -20.21 18.07 84.61
CA THR D 45 -19.02 18.75 85.10
C THR D 45 -18.56 19.86 84.17
N ILE D 46 -19.18 19.97 82.99
CA ILE D 46 -19.11 21.15 82.13
C ILE D 46 -20.54 21.53 81.78
N PRO D 47 -20.78 22.78 81.36
CA PRO D 47 -22.16 23.26 81.16
C PRO D 47 -22.72 22.97 79.77
N VAL D 48 -22.65 21.72 79.34
CA VAL D 48 -23.09 21.33 78.01
C VAL D 48 -24.06 20.16 78.11
N VAL D 49 -25.25 20.33 77.53
CA VAL D 49 -26.25 19.28 77.40
C VAL D 49 -26.55 19.11 75.91
N VAL D 50 -26.57 17.87 75.43
CA VAL D 50 -26.89 17.62 74.02
C VAL D 50 -28.40 17.45 73.86
N ALA D 51 -28.96 18.19 72.91
CA ALA D 51 -30.41 18.26 72.71
C ALA D 51 -31.01 16.90 72.37
N ASN D 52 -32.24 16.69 72.86
CA ASN D 52 -33.04 15.49 72.55
C ASN D 52 -33.53 15.55 71.10
N MET D 53 -32.60 15.29 70.18
CA MET D 53 -32.87 15.33 68.74
C MET D 53 -32.29 14.08 68.10
N THR D 54 -33.09 13.41 67.25
CA THR D 54 -32.62 12.21 66.58
C THR D 54 -31.41 12.46 65.71
N ALA D 55 -31.25 13.70 65.22
CA ALA D 55 -30.07 14.02 64.41
C ALA D 55 -28.79 14.06 65.21
N VAL D 56 -28.86 14.08 66.55
CA VAL D 56 -27.68 14.38 67.36
C VAL D 56 -27.48 13.34 68.45
N ALA D 57 -28.57 12.94 69.11
CA ALA D 57 -28.47 12.24 70.41
C ALA D 57 -28.54 10.72 70.24
N GLY D 58 -27.50 10.17 69.61
CA GLY D 58 -27.34 8.74 69.49
C GLY D 58 -26.40 8.19 70.57
N ARG D 59 -26.16 6.87 70.47
CA ARG D 59 -25.38 6.19 71.51
C ARG D 59 -23.91 6.63 71.48
N ARG D 60 -23.35 6.85 70.28
CA ARG D 60 -21.96 7.30 70.23
C ARG D 60 -21.80 8.69 70.85
N MET D 61 -22.78 9.57 70.60
CA MET D 61 -22.76 10.91 71.19
C MET D 61 -22.91 10.84 72.71
N ALA D 62 -23.82 9.99 73.18
CA ALA D 62 -24.10 9.93 74.61
C ALA D 62 -22.88 9.45 75.37
N GLU D 63 -22.19 8.43 74.84
CA GLU D 63 -20.95 7.96 75.46
C GLU D 63 -19.89 9.05 75.44
N THR D 64 -19.65 9.62 74.26
CA THR D 64 -18.51 10.52 74.12
C THR D 64 -18.66 11.78 74.97
N VAL D 65 -19.86 12.38 74.99
CA VAL D 65 -20.03 13.64 75.71
C VAL D 65 -20.06 13.42 77.22
N ALA D 66 -20.72 12.34 77.68
CA ALA D 66 -20.75 12.08 79.12
C ALA D 66 -19.35 11.83 79.66
N ARG D 67 -18.50 11.16 78.89
CA ARG D 67 -17.14 10.94 79.37
C ARG D 67 -16.39 12.25 79.59
N ARG D 68 -16.70 13.29 78.79
CA ARG D 68 -16.08 14.59 78.99
C ARG D 68 -16.89 15.50 79.90
N GLY D 69 -17.91 14.98 80.57
CA GLY D 69 -18.59 15.71 81.61
C GLY D 69 -19.91 16.34 81.24
N GLY D 70 -20.34 16.22 79.99
CA GLY D 70 -21.66 16.67 79.59
C GLY D 70 -22.68 15.57 79.81
N ILE D 71 -23.88 15.82 79.31
CA ILE D 71 -24.90 14.79 79.31
C ILE D 71 -25.74 14.92 78.05
N VAL D 72 -26.20 13.78 77.54
CA VAL D 72 -26.99 13.71 76.32
C VAL D 72 -28.41 13.31 76.71
N VAL D 73 -29.41 14.01 76.18
CA VAL D 73 -30.82 13.69 76.39
C VAL D 73 -31.29 12.86 75.20
N LEU D 74 -31.64 11.61 75.44
CA LEU D 74 -32.16 10.77 74.37
C LEU D 74 -33.47 11.34 73.84
N PRO D 75 -33.74 11.20 72.55
CA PRO D 75 -34.94 11.83 71.98
C PRO D 75 -36.21 11.17 72.48
N GLN D 76 -37.26 11.97 72.62
CA GLN D 76 -38.56 11.41 72.97
C GLN D 76 -39.04 10.48 71.88
N ASP D 77 -39.80 9.46 72.31
CA ASP D 77 -40.41 8.43 71.48
C ASP D 77 -39.40 7.41 70.96
N LEU D 78 -38.15 7.49 71.39
CA LEU D 78 -37.26 6.34 71.23
C LEU D 78 -37.92 5.16 71.92
N PRO D 79 -38.19 4.05 71.22
CA PRO D 79 -38.87 2.92 71.86
C PRO D 79 -38.13 2.45 73.10
N ILE D 80 -38.88 1.97 74.09
CA ILE D 80 -38.30 1.72 75.40
C ILE D 80 -37.22 0.65 75.36
N THR D 81 -37.33 -0.34 74.46
CA THR D 81 -36.27 -1.33 74.36
C THR D 81 -34.99 -0.69 73.82
N ALA D 82 -35.12 0.26 72.90
CA ALA D 82 -33.94 0.98 72.42
C ALA D 82 -33.37 1.89 73.50
N VAL D 83 -34.23 2.48 74.33
CA VAL D 83 -33.75 3.25 75.48
C VAL D 83 -32.89 2.36 76.37
N SER D 84 -33.40 1.19 76.75
CA SER D 84 -32.66 0.31 77.65
C SER D 84 -31.34 -0.12 77.03
N GLU D 85 -31.35 -0.48 75.74
CA GLU D 85 -30.11 -0.89 75.10
C GLU D 85 -29.11 0.25 75.06
N THR D 86 -29.59 1.47 74.80
CA THR D 86 -28.70 2.64 74.76
C THR D 86 -28.14 2.93 76.14
N VAL D 87 -28.97 2.89 77.18
CA VAL D 87 -28.48 3.17 78.53
C VAL D 87 -27.49 2.11 78.96
N ASP D 88 -27.78 0.83 78.68
CA ASP D 88 -26.87 -0.25 79.06
C ASP D 88 -25.53 -0.11 78.34
N PHE D 89 -25.55 0.31 77.08
CA PHE D 89 -24.28 0.57 76.37
C PHE D 89 -23.50 1.69 77.03
N VAL D 90 -24.13 2.85 77.20
CA VAL D 90 -23.45 4.00 77.78
C VAL D 90 -22.91 3.67 79.16
N LYS D 91 -23.71 2.98 79.98
CA LYS D 91 -23.32 2.73 81.37
C LYS D 91 -22.34 1.58 81.51
N SER D 92 -22.01 0.89 80.43
CA SER D 92 -20.94 -0.11 80.46
C SER D 92 -19.64 0.42 79.85
N ARG D 93 -19.60 1.69 79.46
CA ARG D 93 -18.40 2.25 78.86
C ARG D 93 -17.36 2.59 79.93
N ASP D 94 -16.10 2.48 79.54
CA ASP D 94 -14.99 2.88 80.41
C ASP D 94 -14.99 4.40 80.57
N LEU D 95 -14.55 4.87 81.74
CA LEU D 95 -14.49 6.30 82.02
C LEU D 95 -13.33 7.01 81.34
N VAL D 96 -12.31 6.28 80.89
CA VAL D 96 -11.12 6.85 80.27
C VAL D 96 -10.97 6.36 78.83
N VAL D 97 -11.10 5.07 78.63
CA VAL D 97 -10.84 4.40 77.35
C VAL D 97 -12.11 4.45 76.50
N ASP D 98 -11.96 4.77 75.21
CA ASP D 98 -13.10 4.98 74.33
C ASP D 98 -13.44 3.72 73.54
N THR D 99 -14.66 3.69 73.00
CA THR D 99 -15.08 2.59 72.14
C THR D 99 -14.69 2.88 70.70
N PRO D 100 -13.84 2.07 70.06
CA PRO D 100 -13.49 2.32 68.67
C PRO D 100 -14.50 1.71 67.70
N VAL D 101 -14.40 2.15 66.45
CA VAL D 101 -14.93 1.37 65.33
C VAL D 101 -14.22 0.02 65.31
N THR D 102 -14.97 -1.07 65.13
CA THR D 102 -14.37 -2.38 64.97
C THR D 102 -14.73 -2.98 63.62
N LEU D 103 -13.85 -3.86 63.14
CA LEU D 103 -13.99 -4.50 61.84
C LEU D 103 -13.67 -5.97 61.99
N SER D 104 -14.30 -6.77 61.15
CA SER D 104 -13.97 -8.16 60.95
C SER D 104 -12.89 -8.27 59.88
N PRO D 105 -11.98 -9.26 59.98
CA PRO D 105 -11.03 -9.50 58.89
C PRO D 105 -11.71 -9.73 57.55
N GLU D 106 -12.96 -10.18 57.53
CA GLU D 106 -13.68 -10.47 56.30
C GLU D 106 -14.54 -9.31 55.82
N ASP D 107 -14.56 -8.18 56.53
CA ASP D 107 -15.20 -6.98 56.02
C ASP D 107 -14.46 -6.49 54.78
N SER D 108 -15.17 -5.75 53.93
CA SER D 108 -14.55 -5.18 52.74
C SER D 108 -13.85 -3.86 53.08
N VAL D 109 -12.90 -3.49 52.23
CA VAL D 109 -12.23 -2.20 52.39
C VAL D 109 -13.25 -1.08 52.24
N SER D 110 -14.21 -1.25 51.34
CA SER D 110 -15.26 -0.26 51.14
C SER D 110 -16.03 -0.02 52.44
N ASP D 111 -16.43 -1.10 53.12
CA ASP D 111 -17.18 -0.93 54.37
C ASP D 111 -16.30 -0.32 55.45
N ALA D 112 -15.04 -0.75 55.54
CA ALA D 112 -14.10 -0.16 56.49
C ALA D 112 -14.01 1.35 56.29
N ASN D 113 -13.87 1.78 55.04
CA ASN D 113 -13.75 3.19 54.74
C ASN D 113 -14.96 3.96 55.23
N ALA D 114 -16.16 3.40 55.06
CA ALA D 114 -17.39 4.06 55.47
C ALA D 114 -17.55 4.09 57.00
N LEU D 115 -17.04 3.07 57.68
CA LEU D 115 -17.22 2.98 59.14
C LEU D 115 -16.20 3.80 59.92
N LEU D 116 -15.04 4.08 59.34
CA LEU D 116 -13.96 4.78 60.05
C LEU D 116 -14.45 6.09 60.65
N HIS D 117 -15.34 6.78 59.96
CA HIS D 117 -15.71 8.14 60.35
C HIS D 117 -16.84 8.19 61.36
N LYS D 118 -17.22 7.05 61.94
CA LYS D 118 -18.15 7.04 63.07
C LYS D 118 -17.50 7.46 64.38
N ARG D 119 -16.16 7.44 64.44
CA ARG D 119 -15.42 7.95 65.60
C ARG D 119 -14.33 8.89 65.10
N ALA D 120 -13.66 9.55 66.06
CA ALA D 120 -12.62 10.53 65.77
C ALA D 120 -11.20 9.98 65.90
N HIS D 121 -11.03 8.66 66.04
CA HIS D 121 -9.73 8.09 66.37
C HIS D 121 -8.78 8.00 65.19
N GLY D 122 -9.30 8.05 63.97
CA GLY D 122 -8.45 7.87 62.80
C GLY D 122 -8.01 6.44 62.53
N ALA D 123 -8.57 5.46 63.24
CA ALA D 123 -8.22 4.06 63.04
C ALA D 123 -9.33 3.19 63.59
N ALA D 124 -9.66 2.12 62.86
CA ALA D 124 -10.54 1.08 63.35
C ALA D 124 -9.71 -0.10 63.84
N VAL D 125 -10.26 -0.84 64.79
CA VAL D 125 -9.59 -2.04 65.32
C VAL D 125 -10.20 -3.27 64.68
N VAL D 126 -9.35 -4.09 64.06
CA VAL D 126 -9.77 -5.39 63.55
C VAL D 126 -9.81 -6.36 64.73
N VAL D 127 -10.93 -7.04 64.90
CA VAL D 127 -11.10 -7.94 66.03
C VAL D 127 -11.41 -9.33 65.51
N PHE D 128 -10.97 -10.33 66.28
CA PHE D 128 -11.27 -11.73 65.99
C PHE D 128 -11.53 -12.42 67.32
N GLU D 129 -12.70 -13.05 67.45
CA GLU D 129 -13.10 -13.68 68.71
C GLU D 129 -12.96 -12.68 69.85
N GLY D 130 -13.35 -11.44 69.59
CA GLY D 130 -13.34 -10.38 70.59
C GLY D 130 -12.00 -9.75 70.86
N ARG D 131 -10.92 -10.23 70.25
CA ARG D 131 -9.59 -9.72 70.56
C ARG D 131 -9.03 -8.90 69.42
N PRO D 132 -8.23 -7.87 69.73
CA PRO D 132 -7.66 -7.02 68.66
C PRO D 132 -6.57 -7.74 67.91
N ILE D 133 -6.60 -7.65 66.58
CA ILE D 133 -5.56 -8.29 65.79
C ILE D 133 -4.93 -7.31 64.80
N GLY D 134 -5.45 -6.10 64.69
CA GLY D 134 -4.91 -5.16 63.71
C GLY D 134 -5.59 -3.81 63.77
N LEU D 135 -4.98 -2.84 63.08
CA LEU D 135 -5.54 -1.52 62.88
C LEU D 135 -5.77 -1.24 61.40
N VAL D 136 -6.87 -0.56 61.08
CA VAL D 136 -7.15 -0.07 59.74
C VAL D 136 -7.21 1.45 59.79
N THR D 137 -6.46 2.11 58.91
CA THR D 137 -6.53 3.55 58.75
C THR D 137 -7.04 3.88 57.36
N GLU D 138 -7.47 5.14 57.21
CA GLU D 138 -7.90 5.62 55.90
C GLU D 138 -6.80 5.46 54.87
N ALA D 139 -5.54 5.73 55.26
CA ALA D 139 -4.43 5.58 54.32
C ALA D 139 -4.26 4.13 53.88
N ASN D 140 -4.51 3.18 54.78
CA ASN D 140 -4.49 1.75 54.40
C ASN D 140 -5.56 1.41 53.38
N CYS D 141 -6.64 2.18 53.30
CA CYS D 141 -7.72 1.88 52.36
C CYS D 141 -7.49 2.46 50.98
N ALA D 142 -6.60 3.44 50.84
CA ALA D 142 -6.43 4.15 49.58
C ALA D 142 -5.60 3.35 48.58
N GLY D 143 -5.97 3.42 47.30
CA GLY D 143 -5.25 2.71 46.28
C GLY D 143 -5.43 1.22 46.28
N VAL D 144 -6.47 0.72 46.95
CA VAL D 144 -6.74 -0.70 47.11
C VAL D 144 -8.09 -0.99 46.47
N ASP D 145 -8.21 -2.16 45.83
CA ASP D 145 -9.52 -2.61 45.36
C ASP D 145 -10.50 -2.51 46.51
N ARG D 146 -11.61 -1.81 46.28
CA ARG D 146 -12.53 -1.54 47.38
C ARG D 146 -13.24 -2.79 47.88
N PHE D 147 -13.14 -3.91 47.16
CA PHE D 147 -13.72 -5.15 47.66
C PHE D 147 -12.66 -6.13 48.16
N ALA D 148 -11.42 -5.69 48.29
CA ALA D 148 -10.45 -6.49 49.02
C ALA D 148 -10.92 -6.64 50.47
N ARG D 149 -10.41 -7.67 51.13
CA ARG D 149 -10.77 -7.89 52.53
C ARG D 149 -9.89 -7.05 53.46
N VAL D 150 -10.46 -6.69 54.61
CA VAL D 150 -9.73 -5.92 55.62
C VAL D 150 -8.44 -6.62 56.00
N ARG D 151 -8.46 -7.96 56.03
CA ARG D 151 -7.27 -8.72 56.41
C ARG D 151 -6.07 -8.37 55.55
N ASP D 152 -6.30 -7.96 54.30
CA ASP D 152 -5.19 -7.70 53.38
C ASP D 152 -4.68 -6.27 53.42
N ILE D 153 -5.30 -5.38 54.20
CA ILE D 153 -4.79 -4.03 54.40
C ILE D 153 -4.46 -3.73 55.85
N ALA D 154 -4.85 -4.58 56.80
CA ALA D 154 -4.71 -4.25 58.20
C ALA D 154 -3.24 -4.27 58.66
N LEU D 155 -2.93 -3.40 59.60
CA LEU D 155 -1.61 -3.36 60.22
C LEU D 155 -1.61 -4.25 61.45
N SER D 156 -0.71 -5.22 61.49
CA SER D 156 -0.61 -6.09 62.65
C SER D 156 0.21 -5.50 63.80
N ASP D 157 0.96 -4.44 63.55
CA ASP D 157 1.77 -3.81 64.60
C ASP D 157 1.09 -2.56 65.12
N PHE D 158 0.91 -2.49 66.44
CA PHE D 158 0.23 -1.36 67.06
C PHE D 158 0.54 -1.37 68.54
N VAL D 159 0.40 -0.20 69.17
CA VAL D 159 0.63 -0.07 70.61
C VAL D 159 -0.56 -0.68 71.35
N THR D 160 -0.27 -1.50 72.34
CA THR D 160 -1.33 -2.07 73.19
C THR D 160 -0.92 -1.92 74.64
N ALA D 161 -1.92 -1.92 75.53
CA ALA D 161 -1.67 -1.80 76.96
C ALA D 161 -2.87 -2.33 77.71
N PRO D 162 -2.67 -2.86 78.91
CA PRO D 162 -3.82 -3.31 79.71
C PRO D 162 -4.73 -2.16 80.09
N VAL D 163 -6.04 -2.41 79.99
CA VAL D 163 -6.99 -1.41 80.47
C VAL D 163 -6.72 -1.19 81.96
N GLY D 164 -6.83 0.07 82.39
CA GLY D 164 -6.38 0.46 83.71
C GLY D 164 -5.00 1.10 83.73
N THR D 165 -4.21 0.94 82.68
CA THR D 165 -2.93 1.64 82.59
C THR D 165 -3.16 3.14 82.69
N ASP D 166 -2.31 3.80 83.47
CA ASP D 166 -2.43 5.24 83.68
C ASP D 166 -2.40 5.99 82.34
N PRO D 167 -3.30 6.93 82.11
CA PRO D 167 -3.30 7.67 80.84
C PRO D 167 -2.00 8.39 80.54
N ARG D 168 -1.28 8.85 81.58
CA ARG D 168 0.02 9.46 81.33
C ARG D 168 1.00 8.46 80.72
N GLU D 169 0.98 7.21 81.21
CA GLU D 169 1.88 6.20 80.67
C GLU D 169 1.47 5.80 79.26
N VAL D 170 0.18 5.71 78.97
CA VAL D 170 -0.26 5.44 77.61
C VAL D 170 0.16 6.57 76.69
N PHE D 171 0.01 7.81 77.14
CA PHE D 171 0.49 8.97 76.40
C PHE D 171 1.95 8.79 75.97
N ASP D 172 2.80 8.39 76.91
CA ASP D 172 4.23 8.22 76.61
C ASP D 172 4.47 7.02 75.69
N LEU D 173 3.74 5.92 75.91
CA LEU D 173 3.86 4.77 75.01
C LEU D 173 3.62 5.14 73.55
N LEU D 174 2.80 6.17 73.31
CA LEU D 174 2.41 6.55 71.96
C LEU D 174 3.30 7.63 71.34
N GLU D 175 4.27 8.18 72.10
CA GLU D 175 5.00 9.35 71.61
C GLU D 175 5.64 9.11 70.26
N HIS D 176 6.25 7.95 70.05
CA HIS D 176 6.93 7.64 68.79
C HIS D 176 6.21 6.56 67.99
N ALA D 177 4.93 6.39 68.21
CA ALA D 177 4.16 5.42 67.44
C ALA D 177 3.70 6.05 66.12
N PRO D 178 3.82 5.31 65.01
CA PRO D 178 3.29 5.83 63.73
C PRO D 178 1.82 6.15 63.76
N ILE D 179 1.02 5.36 64.49
CA ILE D 179 -0.43 5.56 64.60
C ILE D 179 -0.74 5.98 66.03
N ASP D 180 -1.45 7.11 66.18
CA ASP D 180 -1.72 7.70 67.49
C ASP D 180 -2.97 7.06 68.11
N VAL D 181 -2.88 5.75 68.33
CA VAL D 181 -3.97 4.96 68.89
C VAL D 181 -3.35 3.84 69.71
N ALA D 182 -3.72 3.76 70.99
CA ALA D 182 -3.33 2.65 71.83
C ALA D 182 -4.53 1.71 72.00
N VAL D 183 -4.30 0.43 71.77
CA VAL D 183 -5.35 -0.58 71.85
C VAL D 183 -5.33 -1.15 73.25
N MET D 184 -6.42 -0.97 74.00
CA MET D 184 -6.49 -1.35 75.40
C MET D 184 -7.20 -2.70 75.54
N THR D 185 -6.62 -3.61 76.33
CA THR D 185 -7.11 -4.98 76.43
C THR D 185 -7.54 -5.32 77.85
N ALA D 186 -8.52 -6.20 77.93
CA ALA D 186 -8.98 -6.78 79.19
C ALA D 186 -8.02 -7.87 79.63
N PRO D 187 -8.13 -8.37 80.87
CA PRO D 187 -7.22 -9.46 81.29
C PRO D 187 -7.33 -10.70 80.42
N ASP D 188 -8.48 -10.99 79.82
CA ASP D 188 -8.59 -12.17 78.97
C ASP D 188 -8.18 -11.89 77.53
N GLY D 189 -7.56 -10.74 77.27
CA GLY D 189 -7.08 -10.43 75.94
C GLY D 189 -8.10 -9.79 75.02
N THR D 190 -9.37 -9.70 75.43
CA THR D 190 -10.37 -9.10 74.56
C THR D 190 -10.20 -7.58 74.52
N LEU D 191 -10.77 -6.98 73.49
CA LEU D 191 -10.70 -5.54 73.32
C LEU D 191 -11.47 -4.82 74.41
N ALA D 192 -10.81 -3.90 75.12
CA ALA D 192 -11.49 -3.05 76.08
C ALA D 192 -11.78 -1.65 75.54
N GLY D 193 -11.05 -1.21 74.53
CA GLY D 193 -11.26 0.09 73.93
C GLY D 193 -9.95 0.65 73.41
N VAL D 194 -9.97 1.95 73.10
CA VAL D 194 -8.77 2.63 72.60
C VAL D 194 -8.54 3.92 73.38
N LEU D 195 -7.29 4.38 73.35
CA LEU D 195 -6.93 5.67 73.93
C LEU D 195 -5.92 6.33 73.01
N THR D 196 -6.18 7.56 72.58
CA THR D 196 -5.20 8.33 71.82
C THR D 196 -4.46 9.26 72.74
N ARG D 197 -3.40 9.90 72.21
CA ARG D 197 -2.67 10.85 73.04
C ARG D 197 -3.55 12.02 73.44
N THR D 198 -4.45 12.47 72.54
CA THR D 198 -5.36 13.55 72.93
C THR D 198 -6.42 13.03 73.91
N GLY D 199 -6.91 11.81 73.69
CA GLY D 199 -7.81 11.21 74.68
C GLY D 199 -7.19 11.11 76.05
N ALA D 200 -5.89 10.80 76.12
CA ALA D 200 -5.21 10.70 77.41
C ALA D 200 -5.10 12.06 78.07
N ILE D 201 -4.79 13.10 77.29
CA ILE D 201 -4.74 14.46 77.83
C ILE D 201 -6.11 14.90 78.34
N ARG D 202 -7.17 14.58 77.58
CA ARG D 202 -8.51 14.98 78.00
C ARG D 202 -8.94 14.31 79.30
N ALA D 203 -8.43 13.11 79.58
CA ALA D 203 -8.73 12.45 80.85
C ALA D 203 -8.26 13.29 82.04
N GLY D 204 -7.25 14.13 81.84
CA GLY D 204 -6.73 15.00 82.88
C GLY D 204 -7.34 16.37 82.91
N ILE D 205 -8.24 16.68 81.98
CA ILE D 205 -8.89 17.98 81.90
C ILE D 205 -10.38 17.90 82.22
N TYR D 206 -11.04 16.85 81.75
CA TYR D 206 -12.48 16.69 81.89
C TYR D 206 -12.78 15.60 82.92
N THR D 207 -13.70 15.92 83.85
CA THR D 207 -14.21 14.91 84.79
C THR D 207 -15.44 14.25 84.20
N PRO D 208 -15.47 12.91 84.07
CA PRO D 208 -16.67 12.25 83.55
C PRO D 208 -17.89 12.57 84.39
N ALA D 209 -19.02 12.76 83.72
CA ALA D 209 -20.32 12.89 84.38
C ALA D 209 -20.83 11.49 84.69
N VAL D 210 -21.01 11.15 85.97
CA VAL D 210 -21.29 9.78 86.37
C VAL D 210 -22.40 9.73 87.40
N ASP D 211 -23.11 8.61 87.42
CA ASP D 211 -24.13 8.32 88.42
C ASP D 211 -23.48 7.86 89.73
N ALA D 212 -24.32 7.50 90.71
CA ALA D 212 -23.80 7.10 92.01
C ALA D 212 -22.99 5.82 91.95
N LYS D 213 -23.16 5.01 90.90
CA LYS D 213 -22.38 3.78 90.75
C LYS D 213 -21.13 3.98 89.92
N GLY D 214 -20.80 5.22 89.56
CA GLY D 214 -19.61 5.48 88.78
C GLY D 214 -19.74 5.22 87.30
N ARG D 215 -20.97 5.13 86.79
CA ARG D 215 -21.22 4.88 85.38
C ARG D 215 -21.65 6.17 84.69
N LEU D 216 -21.36 6.27 83.39
CA LEU D 216 -21.65 7.50 82.66
C LEU D 216 -23.12 7.90 82.73
N ARG D 217 -23.36 9.19 82.97
CA ARG D 217 -24.71 9.73 83.05
C ARG D 217 -25.37 9.84 81.67
N ILE D 218 -26.70 9.77 81.68
CA ILE D 218 -27.51 9.89 80.47
C ILE D 218 -28.91 10.32 80.90
N ALA D 219 -29.59 11.05 80.02
CA ALA D 219 -30.94 11.52 80.28
C ALA D 219 -31.85 11.07 79.15
N ALA D 220 -33.16 11.27 79.33
CA ALA D 220 -34.12 10.88 78.31
C ALA D 220 -35.29 11.86 78.33
N ALA D 221 -35.82 12.12 77.14
CA ALA D 221 -36.93 13.05 77.02
C ALA D 221 -38.25 12.31 76.83
N VAL D 222 -39.33 13.03 77.14
CA VAL D 222 -40.69 12.51 76.98
C VAL D 222 -41.57 13.67 76.54
N GLY D 223 -42.40 13.44 75.53
CA GLY D 223 -43.38 14.42 75.11
C GLY D 223 -44.64 14.30 75.94
N ILE D 224 -45.56 15.25 75.76
CA ILE D 224 -46.69 15.37 76.67
C ILE D 224 -47.97 14.76 76.11
N ASN D 225 -47.88 14.00 75.02
CA ASN D 225 -49.04 13.23 74.56
C ASN D 225 -49.07 11.85 75.21
N GLY D 226 -50.23 11.22 75.17
CA GLY D 226 -50.30 9.87 75.71
C GLY D 226 -50.25 9.85 77.23
N ASP D 227 -49.72 8.75 77.76
CA ASP D 227 -49.63 8.54 79.21
C ASP D 227 -48.22 8.96 79.65
N VAL D 228 -48.08 10.24 80.01
CA VAL D 228 -46.75 10.79 80.32
C VAL D 228 -46.17 10.11 81.55
N GLY D 229 -47.00 9.85 82.56
CA GLY D 229 -46.50 9.20 83.76
C GLY D 229 -45.96 7.81 83.48
N ALA D 230 -46.70 7.02 82.71
CA ALA D 230 -46.23 5.67 82.39
C ALA D 230 -44.94 5.73 81.60
N LYS D 231 -44.85 6.66 80.64
CA LYS D 231 -43.62 6.79 79.85
C LYS D 231 -42.45 7.19 80.73
N ALA D 232 -42.65 8.17 81.61
CA ALA D 232 -41.57 8.63 82.49
C ALA D 232 -41.13 7.53 83.45
N GLN D 233 -42.10 6.77 83.99
CA GLN D 233 -41.75 5.68 84.87
C GLN D 233 -40.91 4.63 84.15
N ALA D 234 -41.25 4.31 82.90
CA ALA D 234 -40.46 3.36 82.15
C ALA D 234 -39.04 3.90 81.89
N LEU D 235 -38.93 5.18 81.55
CA LEU D 235 -37.61 5.77 81.34
C LEU D 235 -36.77 5.71 82.61
N ALA D 236 -37.39 5.99 83.76
CA ALA D 236 -36.69 5.90 85.03
C ALA D 236 -36.22 4.48 85.29
N GLU D 237 -37.09 3.49 85.06
CA GLU D 237 -36.72 2.10 85.29
C GLU D 237 -35.65 1.64 84.31
N ALA D 238 -35.62 2.22 83.10
CA ALA D 238 -34.58 1.92 82.13
C ALA D 238 -33.22 2.46 82.56
N GLY D 239 -33.16 3.37 83.53
CA GLY D 239 -31.91 3.88 84.06
C GLY D 239 -31.57 5.32 83.74
N ALA D 240 -32.48 6.10 83.18
CA ALA D 240 -32.18 7.50 82.92
C ALA D 240 -31.84 8.20 84.22
N ASP D 241 -30.85 9.10 84.17
CA ASP D 241 -30.44 9.86 85.35
C ASP D 241 -31.20 11.17 85.50
N LEU D 242 -31.93 11.57 84.48
CA LEU D 242 -32.65 12.84 84.45
C LEU D 242 -33.72 12.73 83.38
N LEU D 243 -34.87 13.34 83.62
CA LEU D 243 -35.99 13.28 82.71
C LEU D 243 -36.28 14.69 82.18
N VAL D 244 -36.53 14.77 80.88
CA VAL D 244 -36.85 16.03 80.21
C VAL D 244 -38.26 15.92 79.65
N ILE D 245 -39.19 16.71 80.19
CA ILE D 245 -40.54 16.79 79.65
C ILE D 245 -40.53 17.92 78.63
N ASP D 246 -40.74 17.60 77.36
CA ASP D 246 -40.40 18.50 76.26
C ASP D 246 -41.61 18.76 75.36
N THR D 247 -41.91 20.04 75.14
CA THR D 247 -42.94 20.42 74.18
C THR D 247 -42.62 21.79 73.60
N ALA D 248 -43.12 22.05 72.40
CA ALA D 248 -42.82 23.32 71.74
C ALA D 248 -43.29 24.51 72.57
N HIS D 249 -44.54 24.46 73.06
CA HIS D 249 -45.15 25.52 73.87
C HIS D 249 -45.34 25.01 75.30
N GLY D 250 -44.31 25.18 76.13
CA GLY D 250 -44.39 24.63 77.48
C GLY D 250 -45.39 25.30 78.39
N HIS D 251 -45.78 26.55 78.09
CA HIS D 251 -46.66 27.30 78.99
C HIS D 251 -48.12 26.99 78.66
N GLN D 252 -48.50 25.74 78.87
CA GLN D 252 -49.88 25.35 78.57
C GLN D 252 -50.36 24.29 79.56
N ALA D 253 -51.68 24.17 79.65
CA ALA D 253 -52.29 23.29 80.65
C ALA D 253 -51.79 21.86 80.53
N LYS D 254 -51.72 21.32 79.31
CA LYS D 254 -51.33 19.93 79.15
C LYS D 254 -49.92 19.68 79.69
N MET D 255 -49.04 20.68 79.60
CA MET D 255 -47.71 20.51 80.17
C MET D 255 -47.74 20.59 81.69
N LEU D 256 -48.47 21.55 82.25
CA LEU D 256 -48.61 21.58 83.70
C LEU D 256 -49.14 20.27 84.24
N ASP D 257 -50.16 19.71 83.57
CA ASP D 257 -50.70 18.41 83.99
C ASP D 257 -49.66 17.31 83.88
N ALA D 258 -48.85 17.33 82.82
CA ALA D 258 -47.84 16.30 82.64
C ALA D 258 -46.76 16.37 83.72
N ILE D 259 -46.30 17.57 84.06
CA ILE D 259 -45.31 17.71 85.13
C ILE D 259 -45.85 17.15 86.43
N LYS D 260 -47.08 17.53 86.78
CA LYS D 260 -47.68 17.07 88.03
C LYS D 260 -47.82 15.56 88.05
N ALA D 261 -48.21 14.95 86.92
CA ALA D 261 -48.34 13.50 86.85
C ALA D 261 -47.00 12.82 87.08
N VAL D 262 -45.95 13.28 86.39
CA VAL D 262 -44.62 12.70 86.59
C VAL D 262 -44.14 12.94 88.01
N ALA D 263 -44.33 14.14 88.53
CA ALA D 263 -43.83 14.47 89.87
C ALA D 263 -44.51 13.62 90.93
N SER D 264 -45.80 13.32 90.75
CA SER D 264 -46.56 12.52 91.71
C SER D 264 -46.04 11.09 91.82
N LEU D 265 -45.32 10.59 90.81
CA LEU D 265 -44.78 9.24 90.83
C LEU D 265 -43.51 9.11 91.64
N ASP D 266 -42.94 10.21 92.13
CA ASP D 266 -41.81 10.21 93.05
C ASP D 266 -40.66 9.35 92.52
N LEU D 267 -40.27 9.61 91.28
CA LEU D 267 -39.27 8.78 90.60
C LEU D 267 -37.85 9.04 91.08
N GLY D 268 -37.62 10.10 91.85
CA GLY D 268 -36.32 10.34 92.42
C GLY D 268 -35.31 10.93 91.46
N LEU D 269 -35.75 11.49 90.34
CA LEU D 269 -34.86 12.07 89.35
C LEU D 269 -35.13 13.56 89.17
N PRO D 270 -34.10 14.34 88.83
CA PRO D 270 -34.35 15.74 88.47
C PRO D 270 -35.26 15.79 87.25
N LEU D 271 -36.20 16.74 87.29
CA LEU D 271 -37.21 16.91 86.25
C LEU D 271 -36.99 18.23 85.54
N VAL D 272 -36.68 18.16 84.26
CA VAL D 272 -36.61 19.32 83.37
C VAL D 272 -37.93 19.42 82.62
N ALA D 273 -38.46 20.63 82.47
CA ALA D 273 -39.62 20.85 81.63
C ALA D 273 -39.44 22.12 80.81
N GLY D 274 -39.97 22.11 79.59
CA GLY D 274 -39.89 23.26 78.71
C GLY D 274 -40.67 22.99 77.44
N ASN D 275 -40.75 24.01 76.58
CA ASN D 275 -39.97 25.24 76.68
C ASN D 275 -40.81 26.50 76.90
N VAL D 276 -40.28 27.44 77.69
CA VAL D 276 -40.90 28.73 77.92
C VAL D 276 -39.85 29.81 77.66
N VAL D 277 -40.32 31.05 77.60
CA VAL D 277 -39.43 32.20 77.47
C VAL D 277 -39.88 33.36 78.37
N SER D 278 -40.79 33.10 79.31
CA SER D 278 -41.31 34.16 80.17
C SER D 278 -41.13 33.82 81.64
N ALA D 279 -41.04 34.86 82.46
CA ALA D 279 -41.01 34.68 83.92
C ALA D 279 -42.23 33.91 84.40
N GLU D 280 -43.42 34.27 83.90
CA GLU D 280 -44.63 33.57 84.32
C GLU D 280 -44.58 32.09 83.95
N GLY D 281 -44.14 31.78 82.73
CA GLY D 281 -44.05 30.38 82.34
C GLY D 281 -43.05 29.62 83.20
N THR D 282 -41.95 30.27 83.56
CA THR D 282 -40.95 29.64 84.43
C THR D 282 -41.54 29.34 85.79
N ARG D 283 -42.19 30.34 86.40
CA ARG D 283 -42.83 30.12 87.70
C ARG D 283 -43.81 28.96 87.63
N ASP D 284 -44.65 28.94 86.59
CA ASP D 284 -45.70 27.93 86.51
C ASP D 284 -45.14 26.53 86.35
N LEU D 285 -44.07 26.36 85.56
CA LEU D 285 -43.49 25.03 85.40
C LEU D 285 -42.85 24.54 86.70
N ILE D 286 -42.18 25.43 87.43
CA ILE D 286 -41.59 25.05 88.70
C ILE D 286 -42.68 24.67 89.71
N GLU D 287 -43.75 25.47 89.77
CA GLU D 287 -44.81 25.21 90.75
C GLU D 287 -45.54 23.92 90.43
N ALA D 288 -45.58 23.50 89.16
CA ALA D 288 -46.14 22.20 88.82
C ALA D 288 -45.22 21.04 89.20
N GLY D 289 -43.92 21.29 89.42
CA GLY D 289 -43.04 20.24 89.89
C GLY D 289 -41.68 20.13 89.23
N ALA D 290 -41.38 20.98 88.25
CA ALA D 290 -40.07 20.92 87.61
C ALA D 290 -39.01 21.58 88.49
N SER D 291 -37.81 20.99 88.51
CA SER D 291 -36.68 21.64 89.16
C SER D 291 -35.86 22.47 88.19
N ILE D 292 -35.91 22.15 86.91
CA ILE D 292 -35.15 22.86 85.88
C ILE D 292 -36.11 23.23 84.76
N VAL D 293 -36.04 24.47 84.30
CA VAL D 293 -36.91 24.96 83.23
C VAL D 293 -36.07 25.17 81.98
N LYS D 294 -36.45 24.51 80.90
CA LYS D 294 -35.77 24.64 79.61
C LYS D 294 -36.34 25.85 78.86
N VAL D 295 -35.48 26.77 78.46
CA VAL D 295 -35.88 28.07 77.93
C VAL D 295 -35.48 28.16 76.47
N GLY D 296 -36.44 28.54 75.62
CA GLY D 296 -36.16 28.76 74.21
C GLY D 296 -37.38 28.52 73.35
N VAL D 297 -37.88 29.57 72.70
CA VAL D 297 -38.99 29.47 71.76
C VAL D 297 -38.68 30.41 70.60
N GLY D 298 -38.52 29.85 69.41
CA GLY D 298 -38.22 30.63 68.23
C GLY D 298 -37.19 31.73 68.46
N PRO D 299 -35.99 31.36 68.92
CA PRO D 299 -34.98 32.40 69.19
C PRO D 299 -34.41 33.03 67.93
N GLY D 300 -34.50 32.36 66.79
CA GLY D 300 -33.98 32.90 65.55
C GLY D 300 -35.03 33.64 64.74
N ALA D 301 -34.77 34.91 64.42
CA ALA D 301 -35.79 35.73 63.76
C ALA D 301 -36.21 35.16 62.41
N MET D 302 -35.30 34.48 61.70
CA MET D 302 -35.60 33.97 60.36
C MET D 302 -35.83 32.47 60.33
N CYS D 303 -35.92 31.81 61.48
CA CYS D 303 -36.09 30.36 61.48
C CYS D 303 -37.58 30.00 61.43
N THR D 304 -37.86 28.69 61.37
CA THR D 304 -39.18 28.23 60.95
C THR D 304 -40.30 28.69 61.86
N THR D 305 -40.15 28.50 63.18
CA THR D 305 -41.21 28.88 64.10
C THR D 305 -41.56 30.35 63.96
N ARG D 306 -40.55 31.22 63.97
CA ARG D 306 -40.79 32.66 63.86
C ARG D 306 -41.43 33.02 62.53
N MET D 307 -40.97 32.40 61.44
CA MET D 307 -41.52 32.77 60.14
C MET D 307 -42.91 32.20 59.92
N MET D 308 -43.28 31.14 60.66
CA MET D 308 -44.62 30.56 60.53
C MET D 308 -45.65 31.27 61.38
N THR D 309 -45.25 31.81 62.54
CA THR D 309 -46.19 32.24 63.56
C THR D 309 -45.92 33.63 64.13
N GLY D 310 -44.75 34.20 63.89
CA GLY D 310 -44.33 35.41 64.56
C GLY D 310 -43.92 35.23 66.01
N VAL D 311 -44.01 34.02 66.54
CA VAL D 311 -43.83 33.74 67.96
C VAL D 311 -42.39 33.43 68.28
N GLY D 312 -41.88 34.01 69.36
CA GLY D 312 -40.56 33.67 69.85
C GLY D 312 -40.05 34.77 70.76
N ARG D 313 -38.78 34.66 71.11
CA ARG D 313 -38.16 35.69 71.92
C ARG D 313 -36.63 35.64 71.78
N PRO D 314 -35.98 36.79 71.59
CA PRO D 314 -34.51 36.83 71.57
C PRO D 314 -33.95 36.11 72.78
N GLN D 315 -32.98 35.22 72.56
CA GLN D 315 -32.68 34.21 73.56
C GLN D 315 -31.94 34.76 74.77
N PHE D 316 -31.08 35.77 74.61
CA PHE D 316 -30.39 36.30 75.78
C PHE D 316 -31.37 36.91 76.76
N SER D 317 -32.30 37.75 76.27
CA SER D 317 -33.32 38.32 77.14
C SER D 317 -34.19 37.24 77.77
N ALA D 318 -34.56 36.22 76.99
CA ALA D 318 -35.38 35.14 77.51
C ALA D 318 -34.68 34.43 78.67
N VAL D 319 -33.40 34.11 78.50
CA VAL D 319 -32.65 33.43 79.55
C VAL D 319 -32.50 34.32 80.78
N VAL D 320 -32.21 35.62 80.58
CA VAL D 320 -32.07 36.53 81.71
C VAL D 320 -33.34 36.53 82.55
N GLU D 321 -34.50 36.75 81.90
CA GLU D 321 -35.75 36.86 82.66
C GLU D 321 -36.12 35.54 83.32
N CYS D 322 -35.96 34.43 82.60
CA CYS D 322 -36.38 33.15 83.15
C CYS D 322 -35.43 32.66 84.24
N ALA D 323 -34.11 32.87 84.05
CA ALA D 323 -33.16 32.45 85.08
C ALA D 323 -33.44 33.18 86.39
N ALA D 324 -33.73 34.48 86.30
CA ALA D 324 -34.03 35.25 87.51
C ALA D 324 -35.31 34.75 88.17
N ALA D 325 -36.31 34.39 87.37
CA ALA D 325 -37.55 33.86 87.93
C ALA D 325 -37.32 32.51 88.59
N ALA D 326 -36.55 31.64 87.94
CA ALA D 326 -36.27 30.33 88.52
C ALA D 326 -35.48 30.45 89.81
N ARG D 327 -34.50 31.36 89.85
CA ARG D 327 -33.63 31.46 91.01
C ARG D 327 -34.38 31.93 92.24
N GLN D 328 -35.41 32.77 92.08
CA GLN D 328 -36.23 33.16 93.23
C GLN D 328 -36.94 31.97 93.85
N LEU D 329 -37.22 30.95 93.06
CA LEU D 329 -37.92 29.76 93.51
C LEU D 329 -36.99 28.61 93.81
N GLY D 330 -35.68 28.83 93.78
CA GLY D 330 -34.74 27.76 94.03
C GLY D 330 -34.49 26.84 92.86
N GLY D 331 -34.92 27.22 91.66
CA GLY D 331 -34.76 26.38 90.49
C GLY D 331 -33.70 26.89 89.55
N HIS D 332 -33.63 26.25 88.38
CA HIS D 332 -32.57 26.52 87.42
C HIS D 332 -33.17 26.59 86.03
N VAL D 333 -32.41 27.15 85.07
CA VAL D 333 -32.84 27.16 83.68
C VAL D 333 -31.74 26.62 82.78
N TRP D 334 -32.16 25.90 81.75
CA TRP D 334 -31.30 25.46 80.66
C TRP D 334 -31.54 26.38 79.46
N ALA D 335 -30.45 26.88 78.85
CA ALA D 335 -30.57 27.73 77.66
C ALA D 335 -30.58 26.84 76.44
N ASP D 336 -31.73 26.72 75.79
CA ASP D 336 -31.96 25.73 74.74
C ASP D 336 -32.18 26.43 73.41
N GLY D 337 -31.19 26.35 72.52
CA GLY D 337 -31.43 26.84 71.16
C GLY D 337 -30.49 27.93 70.69
N GLY D 338 -30.11 27.84 69.40
CA GLY D 338 -29.36 28.90 68.74
C GLY D 338 -27.89 28.97 69.05
N VAL D 339 -27.34 27.99 69.76
CA VAL D 339 -25.92 28.00 70.11
C VAL D 339 -25.09 27.56 68.91
N ARG D 340 -24.18 28.43 68.46
CA ARG D 340 -23.31 28.14 67.33
C ARG D 340 -21.83 28.41 67.59
N HIS D 341 -21.49 29.09 68.67
CA HIS D 341 -20.13 29.48 68.98
C HIS D 341 -19.93 29.39 70.48
N PRO D 342 -18.68 29.22 70.94
CA PRO D 342 -18.44 29.28 72.39
C PRO D 342 -18.96 30.55 73.03
N ARG D 343 -18.96 31.67 72.31
CA ARG D 343 -19.53 32.91 72.85
C ARG D 343 -20.96 32.70 73.36
N ASP D 344 -21.76 31.94 72.62
CA ASP D 344 -23.16 31.78 72.99
C ASP D 344 -23.30 31.00 74.30
N VAL D 345 -22.44 30.00 74.49
CA VAL D 345 -22.42 29.25 75.74
C VAL D 345 -22.05 30.18 76.90
N ALA D 346 -20.98 30.96 76.72
CA ALA D 346 -20.55 31.90 77.76
C ALA D 346 -21.64 32.91 78.09
N LEU D 347 -22.33 33.42 77.08
CA LEU D 347 -23.37 34.43 77.30
C LEU D 347 -24.58 33.85 77.99
N ALA D 348 -24.98 32.63 77.61
CA ALA D 348 -26.08 31.95 78.30
C ALA D 348 -25.78 31.80 79.79
N LEU D 349 -24.56 31.38 80.12
CA LEU D 349 -24.18 31.24 81.52
C LEU D 349 -24.11 32.59 82.23
N ALA D 350 -23.55 33.59 81.57
CA ALA D 350 -23.54 34.94 82.14
C ALA D 350 -24.96 35.42 82.44
N ALA D 351 -25.90 35.08 81.55
CA ALA D 351 -27.30 35.46 81.74
C ALA D 351 -27.97 34.74 82.90
N GLY D 352 -27.37 33.66 83.40
CA GLY D 352 -27.91 32.94 84.56
C GLY D 352 -28.32 31.51 84.30
N ALA D 353 -28.23 31.00 83.08
CA ALA D 353 -28.52 29.59 82.84
C ALA D 353 -27.54 28.72 83.61
N SER D 354 -28.03 27.58 84.09
CA SER D 354 -27.17 26.61 84.77
C SER D 354 -26.52 25.64 83.82
N ASN D 355 -27.05 25.53 82.60
CA ASN D 355 -26.59 24.57 81.61
C ASN D 355 -27.06 25.09 80.27
N VAL D 356 -26.39 24.65 79.21
CA VAL D 356 -26.64 25.13 77.87
C VAL D 356 -26.90 23.92 76.99
N MET D 357 -28.04 23.90 76.31
CA MET D 357 -28.41 22.76 75.48
C MET D 357 -28.06 23.07 74.03
N ILE D 358 -27.32 22.15 73.40
CA ILE D 358 -26.81 22.34 72.04
C ILE D 358 -27.34 21.23 71.16
N GLY D 359 -27.96 21.63 70.04
CA GLY D 359 -28.43 20.65 69.06
C GLY D 359 -27.68 20.62 67.75
N SER D 360 -28.13 21.43 66.79
N SER D 360 -28.13 21.43 66.79
CA SER D 360 -27.68 21.25 65.40
CA SER D 360 -27.68 21.32 65.39
C SER D 360 -26.17 21.40 65.25
N TRP D 361 -25.54 22.27 66.04
CA TRP D 361 -24.08 22.41 65.94
C TRP D 361 -23.38 21.06 66.08
N PHE D 362 -23.82 20.23 67.02
CA PHE D 362 -23.17 18.95 67.23
C PHE D 362 -23.58 17.89 66.21
N ALA D 363 -24.54 18.17 65.33
CA ALA D 363 -24.79 17.25 64.24
C ALA D 363 -23.59 17.18 63.31
N GLY D 364 -22.82 18.26 63.20
CA GLY D 364 -21.66 18.29 62.34
C GLY D 364 -20.41 17.73 63.00
N THR D 365 -20.51 16.47 63.45
CA THR D 365 -19.40 15.79 64.09
C THR D 365 -19.41 14.33 63.66
N TYR D 366 -18.26 13.68 63.84
CA TYR D 366 -18.17 12.25 63.53
C TYR D 366 -19.18 11.46 64.35
N GLU D 367 -19.38 11.84 65.60
CA GLU D 367 -20.10 11.00 66.55
C GLU D 367 -21.61 11.16 66.47
N SER D 368 -22.15 12.09 65.69
CA SER D 368 -23.59 12.17 65.56
C SER D 368 -24.10 10.99 64.71
N PRO D 369 -25.40 10.67 64.80
CA PRO D 369 -25.90 9.42 64.19
C PRO D 369 -25.96 9.41 62.68
N GLY D 370 -26.03 10.58 62.04
CA GLY D 370 -26.22 10.62 60.60
C GLY D 370 -24.97 10.23 59.84
N ASP D 371 -25.16 10.01 58.54
CA ASP D 371 -24.06 9.66 57.65
C ASP D 371 -23.25 10.90 57.31
N LEU D 372 -21.93 10.70 57.18
CA LEU D 372 -21.03 11.77 56.78
C LEU D 372 -21.20 12.03 55.29
N LEU D 373 -21.51 13.27 54.93
CA LEU D 373 -21.76 13.66 53.55
C LEU D 373 -20.70 14.67 53.11
N PHE D 374 -20.66 14.92 51.80
CA PHE D 374 -19.70 15.86 51.22
C PHE D 374 -20.40 16.74 50.20
N ASP D 375 -20.11 18.04 50.23
CA ASP D 375 -20.82 19.00 49.41
C ASP D 375 -20.11 19.18 48.07
N ARG D 376 -20.48 20.24 47.34
CA ARG D 376 -19.95 20.44 45.98
C ARG D 376 -18.43 20.60 45.96
N ASP D 377 -17.85 21.12 47.05
CA ASP D 377 -16.42 21.36 47.14
C ASP D 377 -15.69 20.23 47.87
N ASP D 378 -16.32 19.06 48.00
CA ASP D 378 -15.76 17.91 48.72
C ASP D 378 -15.52 18.22 50.20
N ARG D 379 -16.23 19.20 50.75
CA ARG D 379 -16.16 19.51 52.17
C ARG D 379 -17.15 18.64 52.95
N PRO D 380 -16.75 18.08 54.07
CA PRO D 380 -17.66 17.19 54.82
C PRO D 380 -18.73 17.97 55.58
N TYR D 381 -19.90 17.35 55.68
CA TYR D 381 -21.00 17.90 56.48
C TYR D 381 -21.93 16.76 56.87
N LYS D 382 -22.85 17.06 57.79
CA LYS D 382 -23.98 16.20 58.07
C LYS D 382 -25.23 17.06 58.15
N GLU D 383 -26.37 16.43 57.91
CA GLU D 383 -27.64 17.12 57.98
C GLU D 383 -28.16 17.10 59.41
N SER D 384 -28.53 18.28 59.91
CA SER D 384 -29.36 18.35 61.09
C SER D 384 -30.80 18.52 60.63
N TYR D 385 -31.72 18.02 61.43
CA TYR D 385 -33.13 18.16 61.10
C TYR D 385 -33.89 18.18 62.41
N GLY D 386 -35.09 18.78 62.36
CA GLY D 386 -35.83 19.00 63.57
C GLY D 386 -36.65 17.79 63.99
N MET D 387 -37.10 17.84 65.23
CA MET D 387 -37.97 16.81 65.77
C MET D 387 -39.43 17.03 65.39
N ALA D 388 -39.77 18.22 64.89
CA ALA D 388 -41.07 18.50 64.31
C ALA D 388 -42.22 18.13 65.23
N SER D 389 -43.12 17.25 64.77
CA SER D 389 -44.32 16.95 65.53
C SER D 389 -44.03 16.13 66.79
N LYS D 390 -42.83 15.59 66.95
CA LYS D 390 -42.52 14.95 68.22
C LYS D 390 -42.40 15.95 69.37
N ARG D 391 -42.41 17.26 69.09
CA ARG D 391 -42.49 18.29 70.12
C ARG D 391 -43.86 18.95 70.20
N ALA D 392 -44.85 18.44 69.46
CA ALA D 392 -46.15 19.10 69.39
C ALA D 392 -47.22 18.30 70.12
N VAL D 393 -48.28 19.00 70.50
CA VAL D 393 -49.45 18.37 71.11
C VAL D 393 -50.29 17.74 70.00
N ALA D 394 -50.72 16.51 70.23
CA ALA D 394 -51.60 15.81 69.29
C ALA D 394 -52.87 15.37 70.02
N SER D 401 -59.55 7.08 62.00
CA SER D 401 -59.62 6.66 60.60
C SER D 401 -58.49 7.26 59.78
N SER D 402 -58.27 6.69 58.58
CA SER D 402 -57.21 7.16 57.70
C SER D 402 -57.50 8.58 57.20
N PHE D 403 -58.77 8.88 56.92
CA PHE D 403 -59.17 10.25 56.67
C PHE D 403 -58.85 11.15 57.85
N ASP D 404 -59.24 10.72 59.06
CA ASP D 404 -58.98 11.50 60.27
C ASP D 404 -57.49 11.72 60.46
N ARG D 405 -56.67 10.73 60.14
CA ARG D 405 -55.22 10.86 60.30
C ARG D 405 -54.65 11.84 59.29
N ALA D 406 -55.06 11.74 58.03
CA ALA D 406 -54.59 12.67 57.01
C ALA D 406 -55.10 14.09 57.26
N ARG D 407 -56.31 14.21 57.81
CA ARG D 407 -56.82 15.52 58.21
C ARG D 407 -55.88 16.21 59.19
N LYS D 408 -55.59 15.55 60.31
CA LYS D 408 -54.70 16.14 61.31
C LYS D 408 -53.28 16.27 60.77
N GLY D 409 -52.83 15.32 59.95
CA GLY D 409 -51.49 15.39 59.41
C GLY D 409 -51.24 16.52 58.44
N LEU D 410 -52.31 17.15 57.94
CA LEU D 410 -52.13 18.18 56.91
C LEU D 410 -51.40 19.40 57.45
N PHE D 411 -51.77 19.86 58.64
CA PHE D 411 -51.20 21.09 59.18
C PHE D 411 -49.89 20.89 59.93
N GLU D 412 -49.47 19.64 60.15
CA GLU D 412 -48.34 19.37 61.03
C GLU D 412 -47.05 19.96 60.46
N GLU D 413 -46.14 20.34 61.38
CA GLU D 413 -44.85 20.90 60.98
C GLU D 413 -44.06 19.86 60.19
N GLY D 414 -43.57 20.26 59.02
CA GLY D 414 -42.65 19.44 58.28
C GLY D 414 -41.27 19.43 58.92
N ILE D 415 -40.48 18.43 58.53
CA ILE D 415 -39.12 18.28 59.03
C ILE D 415 -38.21 19.14 58.15
N SER D 416 -37.66 20.21 58.73
CA SER D 416 -36.71 21.03 58.00
C SER D 416 -35.29 20.51 58.24
N THR D 417 -34.44 20.72 57.24
CA THR D 417 -33.08 20.17 57.23
C THR D 417 -32.08 21.29 57.00
N SER D 418 -30.96 21.23 57.70
CA SER D 418 -29.86 22.17 57.50
C SER D 418 -28.54 21.42 57.42
N ARG D 419 -27.61 21.98 56.66
CA ARG D 419 -26.28 21.38 56.48
C ARG D 419 -25.33 21.94 57.54
N MET D 420 -24.76 21.05 58.36
CA MET D 420 -23.79 21.44 59.40
C MET D 420 -22.42 20.93 58.98
N SER D 421 -21.55 21.84 58.56
CA SER D 421 -20.25 21.43 58.08
C SER D 421 -19.39 20.92 59.24
N LEU D 422 -18.64 19.86 58.98
CA LEU D 422 -17.61 19.42 59.93
C LEU D 422 -16.36 20.25 59.76
N ASP D 423 -15.76 20.64 60.86
CA ASP D 423 -14.45 21.27 60.82
C ASP D 423 -13.41 20.24 60.43
N PRO D 424 -12.60 20.50 59.39
CA PRO D 424 -11.51 19.57 59.07
C PRO D 424 -10.44 19.49 60.16
N ALA D 425 -10.59 20.31 61.21
CA ALA D 425 -9.71 20.25 62.37
C ALA D 425 -10.44 20.09 63.70
N ARG D 426 -11.77 20.28 63.74
CA ARG D 426 -12.59 20.03 64.91
C ARG D 426 -13.69 19.03 64.60
N GLY D 427 -13.34 17.98 63.84
CA GLY D 427 -14.34 17.06 63.30
C GLY D 427 -15.07 16.25 64.35
N GLY D 428 -14.43 15.97 65.48
CA GLY D 428 -15.09 15.24 66.55
C GLY D 428 -15.78 16.17 67.55
N VAL D 429 -16.80 15.64 68.23
CA VAL D 429 -17.52 16.46 69.20
C VAL D 429 -16.60 16.89 70.35
N GLU D 430 -15.57 16.10 70.66
CA GLU D 430 -14.67 16.49 71.74
C GLU D 430 -13.83 17.70 71.35
N ASP D 431 -13.54 17.86 70.06
CA ASP D 431 -12.88 19.08 69.62
C ASP D 431 -13.79 20.29 69.83
N LEU D 432 -15.08 20.13 69.54
CA LEU D 432 -16.03 21.20 69.83
C LEU D 432 -16.10 21.48 71.33
N LEU D 433 -16.06 20.43 72.17
CA LEU D 433 -16.08 20.65 73.61
C LEU D 433 -14.82 21.38 74.08
N ASP D 434 -13.66 21.05 73.50
CA ASP D 434 -12.45 21.82 73.79
C ASP D 434 -12.65 23.28 73.44
N HIS D 435 -13.17 23.54 72.24
CA HIS D 435 -13.43 24.89 71.77
C HIS D 435 -14.37 25.62 72.73
N ILE D 436 -15.49 24.97 73.08
CA ILE D 436 -16.48 25.59 73.96
C ILE D 436 -15.89 25.87 75.34
N THR D 437 -15.23 24.88 75.95
CA THR D 437 -14.84 25.06 77.34
C THR D 437 -13.57 25.89 77.45
N SER D 438 -12.71 25.86 76.44
CA SER D 438 -11.61 26.82 76.38
C SER D 438 -12.15 28.23 76.42
N GLY D 439 -13.18 28.50 75.63
CA GLY D 439 -13.75 29.84 75.57
C GLY D 439 -14.42 30.26 76.87
N VAL D 440 -15.24 29.37 77.44
CA VAL D 440 -15.93 29.72 78.68
C VAL D 440 -14.94 29.89 79.82
N ARG D 441 -13.93 29.04 79.88
CA ARG D 441 -12.87 29.26 80.88
C ARG D 441 -12.24 30.64 80.69
N SER D 442 -11.99 31.05 79.45
N SER D 442 -11.99 31.04 79.45
CA SER D 442 -11.43 32.38 79.23
CA SER D 442 -11.43 32.37 79.22
C SER D 442 -12.40 33.47 79.65
N THR D 443 -13.70 33.30 79.35
CA THR D 443 -14.69 34.26 79.82
C THR D 443 -14.61 34.45 81.33
N CYS D 444 -14.48 33.36 82.08
CA CYS D 444 -14.39 33.46 83.53
C CYS D 444 -13.12 34.18 83.96
N THR D 445 -11.99 33.90 83.31
CA THR D 445 -10.75 34.60 83.67
C THR D 445 -10.87 36.09 83.41
N TYR D 446 -11.52 36.47 82.30
CA TYR D 446 -11.74 37.88 82.00
C TYR D 446 -12.67 38.54 83.01
N VAL D 447 -13.65 37.79 83.52
CA VAL D 447 -14.62 38.36 84.46
C VAL D 447 -14.09 38.39 85.87
N GLY D 448 -13.11 37.55 86.20
CA GLY D 448 -12.67 37.36 87.56
C GLY D 448 -13.38 36.26 88.29
N ALA D 449 -14.03 35.35 87.56
CA ALA D 449 -14.84 34.28 88.14
C ALA D 449 -14.07 32.99 88.21
N ALA D 450 -14.17 32.29 89.34
CA ALA D 450 -13.53 31.00 89.54
C ALA D 450 -14.47 29.83 89.26
N ASN D 451 -15.76 30.09 89.01
CA ASN D 451 -16.75 29.06 88.77
C ASN D 451 -17.96 29.71 88.14
N LEU D 452 -18.97 28.89 87.83
CA LEU D 452 -20.11 29.40 87.07
C LEU D 452 -21.02 30.30 87.90
N PRO D 453 -21.29 29.98 89.17
CA PRO D 453 -22.02 30.96 89.98
C PRO D 453 -21.34 32.31 90.04
N GLU D 454 -20.01 32.35 90.19
CA GLU D 454 -19.30 33.62 90.21
C GLU D 454 -19.37 34.34 88.87
N LEU D 455 -19.43 33.60 87.77
CA LEU D 455 -19.57 34.22 86.46
C LEU D 455 -20.86 35.01 86.37
N HIS D 456 -21.99 34.39 86.75
CA HIS D 456 -23.26 35.11 86.73
C HIS D 456 -23.28 36.25 87.75
N GLU D 457 -22.62 36.08 88.89
CA GLU D 457 -22.65 37.09 89.95
C GLU D 457 -21.82 38.32 89.57
N LYS D 458 -20.69 38.12 88.90
CA LYS D 458 -19.71 39.17 88.72
C LYS D 458 -19.75 39.82 87.33
N VAL D 459 -20.48 39.24 86.38
CA VAL D 459 -20.34 39.69 85.00
C VAL D 459 -20.96 41.06 84.82
N VAL D 460 -20.30 41.90 84.01
CA VAL D 460 -20.83 43.18 83.54
C VAL D 460 -20.99 43.06 82.03
N LEU D 461 -22.17 43.41 81.54
CA LEU D 461 -22.48 43.26 80.12
C LEU D 461 -22.78 44.61 79.50
N GLY D 462 -22.59 44.69 78.18
CA GLY D 462 -22.97 45.85 77.41
C GLY D 462 -23.75 45.47 76.17
N VAL D 463 -24.39 46.47 75.57
CA VAL D 463 -25.13 46.34 74.32
C VAL D 463 -24.34 47.04 73.22
N GLN D 464 -24.31 46.43 72.04
CA GLN D 464 -23.64 47.00 70.88
C GLN D 464 -24.64 47.16 69.74
N SER D 465 -24.32 48.04 68.80
CA SER D 465 -25.20 48.26 67.67
C SER D 465 -24.90 47.26 66.57
N ALA D 466 -25.68 47.33 65.50
CA ALA D 466 -25.43 46.55 64.29
C ALA D 466 -24.14 46.95 63.58
N ALA D 467 -23.30 47.81 64.15
CA ALA D 467 -21.99 48.12 63.58
C ALA D 467 -21.11 46.88 63.53
N VAL E 2 -15.19 -9.56 6.33
CA VAL E 2 -15.91 -8.31 6.05
C VAL E 2 -15.54 -7.75 4.68
N ARG E 3 -16.51 -7.08 4.06
CA ARG E 3 -16.30 -6.33 2.83
C ARG E 3 -16.26 -4.84 3.16
N PHE E 4 -15.31 -4.14 2.56
CA PHE E 4 -15.26 -2.68 2.62
C PHE E 4 -15.60 -2.09 1.26
N LEU E 5 -16.18 -0.88 1.28
CA LEU E 5 -16.44 -0.15 0.03
C LEU E 5 -15.16 -0.05 -0.79
N ASP E 6 -15.31 -0.08 -2.11
CA ASP E 6 -14.16 0.01 -3.00
C ASP E 6 -13.32 1.25 -2.67
N GLY E 7 -12.01 1.03 -2.56
CA GLY E 7 -11.06 2.09 -2.27
C GLY E 7 -10.90 2.43 -0.80
N HIS E 8 -11.70 1.84 0.07
CA HIS E 8 -11.61 2.16 1.50
C HIS E 8 -10.56 1.26 2.16
N THR E 9 -9.30 1.51 1.81
CA THR E 9 -8.15 0.77 2.31
C THR E 9 -7.19 1.77 2.93
N PRO E 10 -7.51 2.29 4.11
CA PRO E 10 -6.70 3.38 4.68
C PRO E 10 -5.34 2.89 5.15
N ALA E 11 -4.41 3.84 5.25
CA ALA E 11 -3.06 3.58 5.74
C ALA E 11 -2.96 3.70 7.26
N TYR E 12 -3.95 3.15 7.96
CA TYR E 12 -3.98 3.14 9.41
C TYR E 12 -5.01 2.12 9.86
N ASP E 13 -4.95 1.77 11.14
CA ASP E 13 -5.93 0.86 11.72
C ASP E 13 -7.11 1.64 12.31
N LEU E 14 -8.21 0.91 12.53
CA LEU E 14 -9.52 1.51 12.71
C LEU E 14 -10.06 1.29 14.11
N THR E 15 -10.60 2.34 14.71
CA THR E 15 -11.36 2.25 15.95
C THR E 15 -12.83 2.11 15.59
N TYR E 16 -13.67 1.93 16.61
CA TYR E 16 -15.12 1.94 16.41
C TYR E 16 -15.62 3.28 15.87
N ASN E 17 -14.86 4.37 16.06
CA ASN E 17 -15.25 5.68 15.54
C ASN E 17 -14.90 5.89 14.06
N ASP E 18 -14.10 5.00 13.46
CA ASP E 18 -13.62 5.20 12.10
C ASP E 18 -14.53 4.62 11.03
N VAL E 19 -15.51 3.78 11.39
CA VAL E 19 -16.22 2.98 10.40
C VAL E 19 -17.73 3.15 10.51
N PHE E 20 -18.40 2.79 9.42
CA PHE E 20 -19.86 2.80 9.35
C PHE E 20 -20.31 1.60 8.54
N VAL E 21 -21.56 1.18 8.79
CA VAL E 21 -22.17 0.05 8.09
C VAL E 21 -23.10 0.58 7.01
N VAL E 22 -22.94 0.09 5.79
CA VAL E 22 -23.79 0.56 4.70
C VAL E 22 -25.05 -0.31 4.64
N PRO E 23 -26.25 0.26 4.61
CA PRO E 23 -27.46 -0.56 4.50
C PRO E 23 -27.40 -1.45 3.26
N GLY E 24 -27.97 -2.65 3.38
CA GLY E 24 -28.10 -3.56 2.27
C GLY E 24 -29.58 -3.85 1.99
N ARG E 25 -29.82 -4.55 0.89
CA ARG E 25 -31.19 -4.96 0.58
C ARG E 25 -31.64 -5.99 1.60
N SER E 26 -32.79 -5.74 2.23
CA SER E 26 -33.20 -6.54 3.36
C SER E 26 -34.61 -7.06 3.19
N ASP E 27 -34.83 -8.31 3.59
CA ASP E 27 -36.19 -8.79 3.80
C ASP E 27 -36.41 -9.20 5.25
N VAL E 28 -35.59 -8.67 6.16
CA VAL E 28 -35.80 -8.85 7.59
C VAL E 28 -36.58 -7.63 8.07
N ALA E 29 -37.90 -7.79 8.18
CA ALA E 29 -38.76 -6.63 8.45
C ALA E 29 -38.68 -6.22 9.92
N SER E 30 -38.83 -7.17 10.82
CA SER E 30 -38.99 -6.87 12.24
C SER E 30 -37.69 -7.15 12.99
N ARG E 31 -37.35 -6.24 13.91
CA ARG E 31 -36.26 -6.48 14.84
C ARG E 31 -36.42 -7.83 15.55
N PHE E 32 -37.66 -8.26 15.80
CA PHE E 32 -37.90 -9.49 16.53
C PHE E 32 -37.70 -10.74 15.69
N ASP E 33 -37.51 -10.60 14.38
CA ASP E 33 -37.19 -11.74 13.54
C ASP E 33 -35.72 -12.10 13.56
N VAL E 34 -34.88 -11.26 14.17
CA VAL E 34 -33.46 -11.51 14.26
C VAL E 34 -33.20 -12.47 15.41
N ASP E 35 -32.30 -13.42 15.19
CA ASP E 35 -31.86 -14.34 16.23
C ASP E 35 -30.51 -13.82 16.76
N LEU E 36 -30.50 -13.36 18.01
CA LEU E 36 -29.28 -12.81 18.60
C LEU E 36 -28.45 -13.85 19.34
N SER E 37 -28.85 -15.11 19.32
N SER E 37 -28.85 -15.12 19.34
CA SER E 37 -28.08 -16.13 20.05
CA SER E 37 -28.09 -16.16 20.03
C SER E 37 -26.69 -16.28 19.45
N THR E 38 -25.72 -16.62 20.31
CA THR E 38 -24.34 -16.75 19.89
C THR E 38 -24.01 -18.21 19.57
N VAL E 39 -22.90 -18.39 18.86
CA VAL E 39 -22.53 -19.69 18.33
C VAL E 39 -21.15 -20.14 18.82
N ASP E 40 -20.66 -19.57 19.93
CA ASP E 40 -19.31 -19.84 20.39
C ASP E 40 -19.23 -20.81 21.56
N GLY E 41 -20.34 -21.44 21.95
CA GLY E 41 -20.35 -22.33 23.09
C GLY E 41 -20.53 -21.65 24.41
N SER E 42 -20.60 -20.32 24.45
CA SER E 42 -20.83 -19.62 25.71
C SER E 42 -22.24 -19.88 26.23
N GLY E 43 -23.20 -20.12 25.34
CA GLY E 43 -24.58 -20.26 25.74
C GLY E 43 -25.36 -18.96 25.86
N THR E 44 -24.76 -17.80 25.59
CA THR E 44 -25.53 -16.57 25.68
C THR E 44 -26.53 -16.51 24.53
N THR E 45 -27.71 -15.96 24.82
CA THR E 45 -28.75 -15.79 23.80
C THR E 45 -28.78 -14.37 23.27
N ILE E 46 -27.95 -13.49 23.83
CA ILE E 46 -27.64 -12.17 23.27
C ILE E 46 -26.13 -12.05 23.35
N PRO E 47 -25.51 -11.23 22.50
CA PRO E 47 -24.04 -11.19 22.43
C PRO E 47 -23.38 -10.27 23.45
N VAL E 48 -23.77 -10.41 24.73
CA VAL E 48 -23.24 -9.55 25.78
C VAL E 48 -22.61 -10.41 26.86
N VAL E 49 -21.36 -10.11 27.19
CA VAL E 49 -20.63 -10.72 28.31
C VAL E 49 -20.15 -9.61 29.23
N VAL E 50 -20.41 -9.74 30.53
CA VAL E 50 -19.95 -8.75 31.49
C VAL E 50 -18.53 -9.08 31.92
N ALA E 51 -17.66 -8.06 31.89
CA ALA E 51 -16.23 -8.21 32.13
C ALA E 51 -15.93 -8.72 33.54
N ASN E 52 -14.81 -9.44 33.65
CA ASN E 52 -14.33 -9.95 34.93
C ASN E 52 -13.62 -8.84 35.71
N MET E 53 -14.44 -7.93 36.24
CA MET E 53 -13.99 -6.77 36.98
C MET E 53 -14.78 -6.67 38.27
N THR E 54 -14.08 -6.48 39.39
CA THR E 54 -14.76 -6.32 40.67
C THR E 54 -15.74 -5.16 40.68
N ALA E 55 -15.53 -4.15 39.83
CA ALA E 55 -16.42 -3.00 39.79
C ALA E 55 -17.76 -3.31 39.16
N VAL E 56 -17.90 -4.46 38.49
CA VAL E 56 -19.09 -4.75 37.71
C VAL E 56 -19.67 -6.12 38.04
N ALA E 57 -18.81 -7.12 38.26
CA ALA E 57 -19.23 -8.53 38.16
C ALA E 57 -19.54 -9.11 39.53
N GLY E 58 -20.63 -8.62 40.12
CA GLY E 58 -21.11 -9.12 41.40
C GLY E 58 -22.30 -10.03 41.22
N ARG E 59 -22.83 -10.50 42.35
CA ARG E 59 -23.88 -11.51 42.30
C ARG E 59 -25.18 -10.95 41.71
N ARG E 60 -25.52 -9.69 42.04
CA ARG E 60 -26.73 -9.10 41.47
C ARG E 60 -26.61 -8.94 39.97
N MET E 61 -25.44 -8.52 39.49
CA MET E 61 -25.22 -8.41 38.04
C MET E 61 -25.27 -9.78 37.38
N ALA E 62 -24.64 -10.80 37.97
CA ALA E 62 -24.63 -12.14 37.40
C ALA E 62 -26.05 -12.68 37.24
N GLU E 63 -26.89 -12.51 38.27
CA GLU E 63 -28.28 -12.95 38.17
C GLU E 63 -29.01 -12.18 37.08
N THR E 64 -28.90 -10.85 37.10
CA THR E 64 -29.76 -10.01 36.28
C THR E 64 -29.43 -10.18 34.80
N VAL E 65 -28.14 -10.23 34.47
CA VAL E 65 -27.74 -10.32 33.07
C VAL E 65 -27.99 -11.73 32.51
N ALA E 66 -27.72 -12.77 33.30
CA ALA E 66 -27.95 -14.12 32.80
C ALA E 66 -29.43 -14.36 32.51
N ARG E 67 -30.33 -13.81 33.33
CA ARG E 67 -31.75 -13.99 33.08
C ARG E 67 -32.17 -13.41 31.74
N ARG E 68 -31.49 -12.36 31.29
CA ARG E 68 -31.79 -11.76 29.99
C ARG E 68 -30.91 -12.29 28.86
N GLY E 69 -30.14 -13.35 29.12
CA GLY E 69 -29.44 -14.07 28.07
C GLY E 69 -27.96 -13.82 27.97
N GLY E 70 -27.41 -12.89 28.74
CA GLY E 70 -25.98 -12.68 28.76
C GLY E 70 -25.30 -13.63 29.73
N ILE E 71 -24.04 -13.36 30.00
CA ILE E 71 -23.31 -14.10 31.03
C ILE E 71 -22.31 -13.14 31.67
N VAL E 72 -22.09 -13.31 32.97
CA VAL E 72 -21.14 -12.52 33.73
C VAL E 72 -19.96 -13.39 34.09
N VAL E 73 -18.74 -12.86 33.91
CA VAL E 73 -17.51 -13.54 34.26
C VAL E 73 -17.06 -13.04 35.63
N LEU E 74 -17.08 -13.91 36.64
CA LEU E 74 -16.64 -13.52 37.96
C LEU E 74 -15.17 -13.11 37.93
N PRO E 75 -14.78 -12.09 38.69
CA PRO E 75 -13.39 -11.62 38.65
C PRO E 75 -12.42 -12.68 39.14
N GLN E 76 -11.23 -12.69 38.54
CA GLN E 76 -10.20 -13.60 39.01
C GLN E 76 -9.78 -13.22 40.42
N ASP E 77 -9.36 -14.24 41.19
CA ASP E 77 -8.91 -14.15 42.57
C ASP E 77 -10.05 -13.90 43.56
N LEU E 78 -11.29 -13.96 43.14
CA LEU E 78 -12.39 -14.11 44.10
C LEU E 78 -12.15 -15.40 44.88
N PRO E 79 -12.16 -15.37 46.22
CA PRO E 79 -11.90 -16.62 46.97
C PRO E 79 -12.92 -17.69 46.60
N ILE E 80 -12.45 -18.93 46.52
CA ILE E 80 -13.28 -20.03 46.01
C ILE E 80 -14.54 -20.20 46.84
N THR E 81 -14.50 -19.91 48.14
CA THR E 81 -15.71 -20.00 48.93
C THR E 81 -16.74 -18.96 48.49
N ALA E 82 -16.28 -17.75 48.12
CA ALA E 82 -17.18 -16.73 47.59
C ALA E 82 -17.64 -17.08 46.17
N VAL E 83 -16.76 -17.68 45.36
CA VAL E 83 -17.20 -18.21 44.07
C VAL E 83 -18.37 -19.17 44.26
N SER E 84 -18.21 -20.15 45.15
N SER E 84 -18.21 -20.14 45.15
CA SER E 84 -19.25 -21.15 45.35
CA SER E 84 -19.26 -21.15 45.33
C SER E 84 -20.54 -20.52 45.83
N GLU E 85 -20.44 -19.56 46.76
CA GLU E 85 -21.64 -18.87 47.26
C GLU E 85 -22.32 -18.10 46.14
N THR E 86 -21.54 -17.43 45.29
CA THR E 86 -22.12 -16.67 44.18
C THR E 86 -22.79 -17.59 43.18
N VAL E 87 -22.10 -18.68 42.79
CA VAL E 87 -22.68 -19.63 41.84
C VAL E 87 -23.98 -20.21 42.40
N ASP E 88 -23.98 -20.58 43.68
CA ASP E 88 -25.17 -21.15 44.29
C ASP E 88 -26.32 -20.15 44.31
N PHE E 89 -26.03 -18.88 44.62
CA PHE E 89 -27.05 -17.84 44.52
C PHE E 89 -27.62 -17.77 43.11
N VAL E 90 -26.75 -17.62 42.11
CA VAL E 90 -27.22 -17.39 40.74
C VAL E 90 -28.02 -18.59 40.24
N LYS E 91 -27.56 -19.80 40.53
CA LYS E 91 -28.23 -20.98 40.00
C LYS E 91 -29.45 -21.40 40.79
N SER E 92 -29.78 -20.71 41.88
CA SER E 92 -31.06 -20.91 42.54
C SER E 92 -32.08 -19.82 42.19
N ARG E 93 -31.74 -18.92 41.26
CA ARG E 93 -32.66 -17.86 40.90
C ARG E 93 -33.75 -18.37 39.96
N ASP E 94 -34.92 -17.76 40.06
CA ASP E 94 -36.01 -18.04 39.14
C ASP E 94 -35.69 -17.44 37.77
N LEU E 95 -36.13 -18.12 36.70
CA LEU E 95 -35.83 -17.68 35.35
C LEU E 95 -36.65 -16.48 34.89
N VAL E 96 -37.72 -16.15 35.61
CA VAL E 96 -38.61 -15.05 35.26
C VAL E 96 -38.69 -14.02 36.38
N VAL E 97 -38.93 -14.48 37.62
CA VAL E 97 -39.16 -13.62 38.76
C VAL E 97 -37.83 -13.21 39.36
N ASP E 98 -37.69 -11.93 39.71
CA ASP E 98 -36.42 -11.36 40.13
C ASP E 98 -36.31 -11.35 41.64
N THR E 99 -35.07 -11.27 42.12
CA THR E 99 -34.81 -11.13 43.55
C THR E 99 -34.93 -9.67 43.98
N PRO E 100 -35.83 -9.33 44.92
CA PRO E 100 -35.95 -7.95 45.37
C PRO E 100 -34.97 -7.63 46.48
N VAL E 101 -34.82 -6.33 46.73
CA VAL E 101 -34.32 -5.85 48.00
C VAL E 101 -35.36 -6.18 49.06
N THR E 102 -34.93 -6.76 50.18
CA THR E 102 -35.86 -7.00 51.28
C THR E 102 -35.42 -6.24 52.53
N LEU E 103 -36.40 -5.98 53.38
CA LEU E 103 -36.20 -5.17 54.57
C LEU E 103 -36.91 -5.83 55.75
N SER E 104 -36.38 -5.59 56.90
CA SER E 104 -37.06 -5.94 58.15
C SER E 104 -37.95 -4.79 58.60
N PRO E 105 -39.06 -5.07 59.29
CA PRO E 105 -39.83 -3.97 59.88
C PRO E 105 -39.00 -3.11 60.81
N GLU E 106 -37.91 -3.63 61.37
CA GLU E 106 -37.06 -2.93 62.32
C GLU E 106 -35.89 -2.20 61.66
N ASP E 107 -35.72 -2.32 60.34
CA ASP E 107 -34.72 -1.51 59.68
C ASP E 107 -35.09 -0.04 59.75
N SER E 108 -34.08 0.81 59.65
CA SER E 108 -34.35 2.25 59.65
C SER E 108 -34.74 2.72 58.26
N VAL E 109 -35.47 3.85 58.22
CA VAL E 109 -35.78 4.48 56.94
C VAL E 109 -34.50 4.82 56.20
N SER E 110 -33.47 5.26 56.93
CA SER E 110 -32.19 5.58 56.32
C SER E 110 -31.60 4.37 55.60
N ASP E 111 -31.59 3.21 56.26
CA ASP E 111 -31.03 2.01 55.62
C ASP E 111 -31.90 1.55 54.46
N ALA E 112 -33.23 1.66 54.60
CA ALA E 112 -34.12 1.30 53.51
C ALA E 112 -33.83 2.13 52.27
N ASN E 113 -33.64 3.43 52.46
CA ASN E 113 -33.38 4.33 51.34
C ASN E 113 -32.11 3.94 50.60
N ALA E 114 -31.05 3.60 51.33
CA ALA E 114 -29.80 3.20 50.68
C ALA E 114 -29.96 1.88 49.94
N LEU E 115 -30.63 0.90 50.54
CA LEU E 115 -30.71 -0.44 49.95
C LEU E 115 -31.61 -0.47 48.71
N LEU E 116 -32.58 0.44 48.63
CA LEU E 116 -33.54 0.45 47.52
C LEU E 116 -32.83 0.46 46.16
N HIS E 117 -31.72 1.19 46.07
CA HIS E 117 -31.04 1.37 44.79
C HIS E 117 -30.16 0.18 44.40
N LYS E 118 -30.14 -0.91 45.17
CA LYS E 118 -29.38 -2.08 44.74
C LYS E 118 -30.10 -2.88 43.67
N ARG E 119 -31.38 -2.60 43.40
CA ARG E 119 -32.13 -3.20 42.30
C ARG E 119 -32.88 -2.09 41.57
N ALA E 120 -33.50 -2.43 40.44
CA ALA E 120 -34.19 -1.43 39.63
C ALA E 120 -35.70 -1.48 39.78
N HIS E 121 -36.22 -2.12 40.83
CA HIS E 121 -37.66 -2.33 40.95
C HIS E 121 -38.40 -1.11 41.49
N GLY E 122 -37.69 -0.15 42.07
CA GLY E 122 -38.36 0.99 42.68
C GLY E 122 -39.11 0.69 43.95
N ALA E 123 -38.93 -0.50 44.52
CA ALA E 123 -39.61 -0.86 45.76
C ALA E 123 -38.87 -2.01 46.41
N ALA E 124 -38.79 -1.99 47.73
CA ALA E 124 -38.28 -3.11 48.50
C ALA E 124 -39.46 -3.82 49.16
N VAL E 125 -39.29 -5.12 49.42
CA VAL E 125 -40.32 -5.93 50.03
C VAL E 125 -40.00 -6.10 51.51
N VAL E 126 -40.93 -5.70 52.36
CA VAL E 126 -40.77 -5.89 53.80
C VAL E 126 -41.17 -7.31 54.15
N VAL E 127 -40.31 -8.00 54.87
CA VAL E 127 -40.46 -9.43 55.15
C VAL E 127 -40.48 -9.63 56.66
N PHE E 128 -41.36 -10.53 57.10
CA PHE E 128 -41.35 -11.02 58.48
C PHE E 128 -41.58 -12.51 58.42
N GLU E 129 -40.58 -13.28 58.87
CA GLU E 129 -40.64 -14.74 58.86
C GLU E 129 -40.87 -15.26 57.44
N GLY E 130 -39.98 -14.85 56.52
CA GLY E 130 -40.06 -15.27 55.14
C GLY E 130 -41.25 -14.77 54.36
N ARG E 131 -42.25 -14.18 55.02
CA ARG E 131 -43.46 -13.77 54.30
C ARG E 131 -43.43 -12.28 54.00
N PRO E 132 -43.91 -11.89 52.80
CA PRO E 132 -43.99 -10.47 52.45
C PRO E 132 -45.18 -9.82 53.13
N ILE E 133 -44.94 -8.67 53.77
CA ILE E 133 -46.00 -7.95 54.48
C ILE E 133 -46.13 -6.50 54.03
N GLY E 134 -45.31 -6.03 53.11
CA GLY E 134 -45.43 -4.66 52.68
C GLY E 134 -44.37 -4.31 51.66
N LEU E 135 -44.52 -3.11 51.09
CA LEU E 135 -43.59 -2.54 50.13
C LEU E 135 -43.12 -1.18 50.63
N VAL E 136 -41.84 -0.89 50.43
CA VAL E 136 -41.25 0.42 50.72
C VAL E 136 -40.75 1.02 49.41
N THR E 137 -41.18 2.24 49.12
CA THR E 137 -40.69 3.01 47.99
C THR E 137 -39.89 4.22 48.46
N GLU E 138 -39.18 4.85 47.51
CA GLU E 138 -38.46 6.08 47.82
C GLU E 138 -39.42 7.17 48.30
N ALA E 139 -40.62 7.22 47.73
CA ALA E 139 -41.62 8.19 48.18
C ALA E 139 -42.02 7.94 49.63
N ASN E 140 -42.10 6.68 50.05
CA ASN E 140 -42.45 6.37 51.43
C ASN E 140 -41.42 6.90 52.41
N CYS E 141 -40.17 7.01 51.98
CA CYS E 141 -39.10 7.45 52.88
C CYS E 141 -39.00 8.95 53.00
N ALA E 142 -39.58 9.70 52.07
CA ALA E 142 -39.43 11.16 52.07
C ALA E 142 -40.24 11.78 53.19
N GLY E 143 -39.71 12.86 53.77
CA GLY E 143 -40.43 13.64 54.76
C GLY E 143 -40.60 13.00 56.12
N VAL E 144 -40.01 11.83 56.36
CA VAL E 144 -40.08 11.19 57.66
C VAL E 144 -38.70 11.21 58.29
N ASP E 145 -38.68 11.14 59.63
CA ASP E 145 -37.42 11.01 60.35
C ASP E 145 -36.62 9.84 59.78
N ARG E 146 -35.37 10.13 59.41
CA ARG E 146 -34.56 9.09 58.77
C ARG E 146 -34.27 7.92 59.70
N PHE E 147 -34.53 8.04 61.01
CA PHE E 147 -34.33 6.93 61.91
C PHE E 147 -35.64 6.30 62.36
N ALA E 148 -36.77 6.73 61.80
CA ALA E 148 -38.01 6.00 61.93
C ALA E 148 -37.83 4.57 61.41
N ARG E 149 -38.71 3.69 61.87
CA ARG E 149 -38.65 2.30 61.46
C ARG E 149 -39.43 2.06 60.18
N VAL E 150 -38.94 1.12 59.38
CA VAL E 150 -39.63 0.70 58.16
C VAL E 150 -41.09 0.38 58.45
N ARG E 151 -41.36 -0.21 59.61
CA ARG E 151 -42.73 -0.55 60.00
C ARG E 151 -43.67 0.64 59.83
N ASP E 152 -43.19 1.85 60.07
CA ASP E 152 -44.07 3.02 60.12
C ASP E 152 -44.28 3.68 58.76
N ILE E 153 -43.58 3.23 57.72
CA ILE E 153 -43.76 3.80 56.38
C ILE E 153 -44.18 2.76 55.36
N ALA E 154 -44.08 1.47 55.67
CA ALA E 154 -44.38 0.43 54.70
C ALA E 154 -45.85 0.47 54.28
N LEU E 155 -46.09 0.19 53.00
CA LEU E 155 -47.45 0.06 52.47
C LEU E 155 -47.87 -1.41 52.58
N SER E 156 -48.98 -1.67 53.29
CA SER E 156 -49.46 -3.04 53.46
C SER E 156 -50.25 -3.55 52.27
N ASP E 157 -50.61 -2.69 51.32
CA ASP E 157 -51.37 -3.06 50.14
C ASP E 157 -50.44 -3.16 48.93
N PHE E 158 -50.50 -4.31 48.25
CA PHE E 158 -49.63 -4.54 47.09
C PHE E 158 -50.18 -5.72 46.29
N VAL E 159 -49.87 -5.72 44.99
CA VAL E 159 -50.30 -6.82 44.13
C VAL E 159 -49.45 -8.04 44.40
N THR E 160 -50.09 -9.21 44.48
CA THR E 160 -49.36 -10.44 44.71
C THR E 160 -49.96 -11.53 43.84
N ALA E 161 -49.10 -12.48 43.45
CA ALA E 161 -49.49 -13.59 42.58
C ALA E 161 -48.55 -14.75 42.87
N PRO E 162 -49.00 -15.99 42.71
CA PRO E 162 -48.13 -17.12 42.95
C PRO E 162 -47.12 -17.29 41.82
N VAL E 163 -45.94 -17.78 42.17
CA VAL E 163 -44.92 -18.02 41.15
C VAL E 163 -45.44 -19.06 40.17
N GLY E 164 -45.18 -18.82 38.89
CA GLY E 164 -45.74 -19.62 37.83
C GLY E 164 -46.93 -18.98 37.12
N THR E 165 -47.52 -17.95 37.72
CA THR E 165 -48.52 -17.17 37.00
C THR E 165 -47.93 -16.64 35.71
N ASP E 166 -48.69 -16.80 34.62
CA ASP E 166 -48.28 -16.31 33.31
C ASP E 166 -47.85 -14.85 33.41
N PRO E 167 -46.64 -14.50 32.94
CA PRO E 167 -46.22 -13.09 32.96
C PRO E 167 -47.25 -12.14 32.37
N ARG E 168 -47.97 -12.57 31.33
CA ARG E 168 -48.98 -11.74 30.72
C ARG E 168 -50.11 -11.43 31.70
N GLU E 169 -50.45 -12.39 32.55
CA GLU E 169 -51.46 -12.14 33.57
C GLU E 169 -50.95 -11.19 34.65
N VAL E 170 -49.72 -11.39 35.12
CA VAL E 170 -49.14 -10.47 36.10
C VAL E 170 -49.08 -9.07 35.54
N PHE E 171 -48.66 -8.94 34.27
CA PHE E 171 -48.67 -7.66 33.58
C PHE E 171 -50.04 -6.99 33.69
N ASP E 172 -51.11 -7.75 33.43
CA ASP E 172 -52.44 -7.17 33.50
C ASP E 172 -52.82 -6.81 34.93
N LEU E 173 -52.45 -7.67 35.89
CA LEU E 173 -52.78 -7.41 37.29
C LEU E 173 -52.20 -6.09 37.78
N LEU E 174 -51.08 -5.66 37.21
CA LEU E 174 -50.40 -4.44 37.61
C LEU E 174 -50.87 -3.21 36.84
N GLU E 175 -51.84 -3.33 35.93
CA GLU E 175 -52.14 -2.21 35.04
C GLU E 175 -52.60 -0.98 35.81
N HIS E 176 -53.42 -1.17 36.84
CA HIS E 176 -53.93 -0.07 37.64
C HIS E 176 -53.37 -0.08 39.06
N ALA E 177 -52.27 -0.77 39.29
CA ALA E 177 -51.67 -0.74 40.61
C ALA E 177 -50.86 0.54 40.78
N PRO E 178 -50.92 1.17 41.96
CA PRO E 178 -50.09 2.35 42.21
C PRO E 178 -48.60 2.06 42.19
N ILE E 179 -48.18 0.88 42.61
CA ILE E 179 -46.78 0.47 42.57
C ILE E 179 -46.62 -0.62 41.53
N ASP E 180 -45.70 -0.40 40.58
CA ASP E 180 -45.49 -1.32 39.47
C ASP E 180 -44.57 -2.48 39.90
N VAL E 181 -45.02 -3.21 40.92
CA VAL E 181 -44.29 -4.36 41.45
C VAL E 181 -45.31 -5.40 41.91
N ALA E 182 -45.19 -6.60 41.38
CA ALA E 182 -45.99 -7.73 41.87
C ALA E 182 -45.12 -8.59 42.77
N VAL E 183 -45.60 -8.88 43.97
CA VAL E 183 -44.89 -9.71 44.93
C VAL E 183 -45.27 -11.16 44.65
N MET E 184 -44.29 -11.96 44.19
CA MET E 184 -44.53 -13.34 43.78
C MET E 184 -44.24 -14.28 44.95
N THR E 185 -45.12 -15.25 45.15
CA THR E 185 -45.06 -16.10 46.33
C THR E 185 -44.84 -17.56 45.97
N ALA E 186 -44.15 -18.26 46.87
CA ALA E 186 -44.03 -19.71 46.83
C ALA E 186 -45.38 -20.34 47.20
N PRO E 187 -45.55 -21.65 46.99
CA PRO E 187 -46.80 -22.30 47.39
C PRO E 187 -47.20 -22.08 48.84
N ASP E 188 -46.23 -21.98 49.76
CA ASP E 188 -46.57 -21.77 51.17
C ASP E 188 -46.80 -20.30 51.51
N GLY E 189 -46.74 -19.41 50.52
CA GLY E 189 -46.98 -18.00 50.75
C GLY E 189 -45.75 -17.18 51.10
N THR E 190 -44.61 -17.81 51.31
CA THR E 190 -43.38 -17.06 51.52
C THR E 190 -42.97 -16.35 50.23
N LEU E 191 -42.08 -15.38 50.38
CA LEU E 191 -41.63 -14.58 49.24
C LEU E 191 -40.80 -15.42 48.29
N ALA E 192 -41.17 -15.41 47.00
CA ALA E 192 -40.35 -16.03 45.97
C ALA E 192 -39.60 -15.01 45.12
N GLY E 193 -40.09 -13.79 45.03
CA GLY E 193 -39.42 -12.75 44.28
C GLY E 193 -40.40 -11.65 43.91
N VAL E 194 -40.05 -10.89 42.86
CA VAL E 194 -40.91 -9.84 42.35
C VAL E 194 -40.92 -9.90 40.82
N LEU E 195 -41.98 -9.34 40.24
CA LEU E 195 -42.08 -9.15 38.80
C LEU E 195 -42.73 -7.81 38.53
N THR E 196 -42.10 -6.99 37.69
CA THR E 196 -42.68 -5.73 37.26
C THR E 196 -43.30 -5.88 35.86
N ARG E 197 -44.06 -4.87 35.44
CA ARG E 197 -44.65 -4.93 34.10
C ARG E 197 -43.56 -5.02 33.05
N THR E 198 -42.47 -4.26 33.23
CA THR E 198 -41.37 -4.35 32.27
C THR E 198 -40.63 -5.68 32.39
N GLY E 199 -40.52 -6.22 33.61
CA GLY E 199 -39.95 -7.56 33.75
C GLY E 199 -40.80 -8.61 33.08
N ALA E 200 -42.13 -8.46 33.14
CA ALA E 200 -43.02 -9.38 32.45
C ALA E 200 -42.81 -9.30 30.93
N ILE E 201 -42.69 -8.09 30.40
CA ILE E 201 -42.45 -7.93 28.97
C ILE E 201 -41.12 -8.55 28.57
N ARG E 202 -40.07 -8.30 29.36
CA ARG E 202 -38.74 -8.79 29.02
C ARG E 202 -38.71 -10.32 29.01
N ALA E 203 -39.54 -10.98 29.82
CA ALA E 203 -39.57 -12.43 29.80
C ALA E 203 -40.00 -12.97 28.44
N GLY E 204 -40.76 -12.18 27.67
CA GLY E 204 -41.18 -12.53 26.33
C GLY E 204 -40.27 -12.06 25.22
N ILE E 205 -39.18 -11.36 25.56
CA ILE E 205 -38.22 -10.88 24.57
C ILE E 205 -36.89 -11.61 24.70
N TYR E 206 -36.42 -11.82 25.92
CA TYR E 206 -35.10 -12.38 26.19
C TYR E 206 -35.22 -13.83 26.65
N THR E 207 -34.42 -14.70 26.06
CA THR E 207 -34.30 -16.09 26.51
C THR E 207 -33.22 -16.20 27.58
N PRO E 208 -33.53 -16.68 28.79
CA PRO E 208 -32.49 -16.82 29.81
C PRO E 208 -31.36 -17.73 29.34
N ALA E 209 -30.13 -17.36 29.72
CA ALA E 209 -28.96 -18.18 29.45
C ALA E 209 -28.83 -19.21 30.57
N VAL E 210 -28.98 -20.49 30.22
CA VAL E 210 -29.10 -21.55 31.21
C VAL E 210 -28.18 -22.71 30.89
N ASP E 211 -27.79 -23.45 31.93
CA ASP E 211 -27.01 -24.67 31.76
C ASP E 211 -27.95 -25.82 31.43
N ALA E 212 -27.40 -27.04 31.32
CA ALA E 212 -28.21 -28.19 30.93
C ALA E 212 -29.23 -28.57 31.97
N LYS E 213 -29.10 -28.08 33.21
CA LYS E 213 -30.10 -28.34 34.24
C LYS E 213 -31.13 -27.22 34.35
N GLY E 214 -31.11 -26.27 33.43
CA GLY E 214 -32.05 -25.17 33.45
C GLY E 214 -31.77 -24.06 34.45
N ARG E 215 -30.55 -23.99 34.98
CA ARG E 215 -30.16 -22.94 35.90
C ARG E 215 -29.35 -21.87 35.18
N LEU E 216 -29.47 -20.62 35.65
CA LEU E 216 -28.78 -19.50 35.01
C LEU E 216 -27.27 -19.76 34.89
N ARG E 217 -26.71 -19.37 33.75
CA ARG E 217 -25.28 -19.54 33.49
C ARG E 217 -24.45 -18.48 34.20
N ILE E 218 -23.20 -18.84 34.47
CA ILE E 218 -22.23 -17.95 35.09
C ILE E 218 -20.85 -18.44 34.72
N ALA E 219 -19.90 -17.51 34.58
CA ALA E 219 -18.54 -17.84 34.21
C ALA E 219 -17.59 -17.31 35.28
N ALA E 220 -16.31 -17.68 35.16
CA ALA E 220 -15.33 -17.30 36.16
C ALA E 220 -13.96 -17.18 35.51
N ALA E 221 -13.18 -16.20 35.97
CA ALA E 221 -11.88 -15.90 35.40
C ALA E 221 -10.75 -16.36 36.31
N VAL E 222 -9.61 -16.67 35.69
CA VAL E 222 -8.40 -17.03 36.40
C VAL E 222 -7.23 -16.30 35.75
N GLY E 223 -6.31 -15.76 36.57
CA GLY E 223 -5.06 -15.22 36.06
C GLY E 223 -4.01 -16.32 35.89
N ILE E 224 -2.86 -15.95 35.32
CA ILE E 224 -1.89 -16.96 34.90
C ILE E 224 -0.77 -17.16 35.94
N ASN E 225 -0.87 -16.56 37.10
CA ASN E 225 0.09 -16.82 38.17
C ASN E 225 -0.38 -17.99 39.04
N GLY E 226 0.57 -18.56 39.79
CA GLY E 226 0.22 -19.64 40.69
C GLY E 226 -0.05 -20.93 39.93
N ASP E 227 -0.94 -21.75 40.51
CA ASP E 227 -1.28 -23.06 39.97
C ASP E 227 -2.58 -22.89 39.19
N VAL E 228 -2.44 -22.54 37.90
CA VAL E 228 -3.60 -22.19 37.10
C VAL E 228 -4.53 -23.38 36.94
N GLY E 229 -3.96 -24.58 36.73
CA GLY E 229 -4.78 -25.76 36.57
C GLY E 229 -5.62 -26.07 37.80
N ALA E 230 -4.99 -26.01 38.98
CA ALA E 230 -5.74 -26.22 40.22
C ALA E 230 -6.86 -25.20 40.38
N LYS E 231 -6.56 -23.93 40.10
CA LYS E 231 -7.58 -22.89 40.21
C LYS E 231 -8.73 -23.14 39.24
N ALA E 232 -8.40 -23.43 37.98
CA ALA E 232 -9.44 -23.73 37.01
C ALA E 232 -10.29 -24.92 37.42
N GLN E 233 -9.63 -25.97 37.93
CA GLN E 233 -10.35 -27.16 38.38
C GLN E 233 -11.36 -26.82 39.47
N ALA E 234 -10.93 -26.00 40.45
CA ALA E 234 -11.84 -25.62 41.53
C ALA E 234 -13.00 -24.78 41.01
N LEU E 235 -12.75 -23.90 40.03
CA LEU E 235 -13.82 -23.10 39.47
C LEU E 235 -14.86 -23.97 38.76
N ALA E 236 -14.40 -24.96 37.99
CA ALA E 236 -15.33 -25.89 37.36
C ALA E 236 -16.10 -26.68 38.40
N GLU E 237 -15.41 -27.15 39.45
CA GLU E 237 -16.07 -27.91 40.49
C GLU E 237 -17.09 -27.07 41.25
N ALA E 238 -16.86 -25.75 41.33
CA ALA E 238 -17.83 -24.85 41.95
C ALA E 238 -19.03 -24.57 41.06
N GLY E 239 -18.98 -24.98 39.78
CA GLY E 239 -20.13 -24.91 38.92
C GLY E 239 -20.06 -23.89 37.79
N ALA E 240 -18.91 -23.28 37.56
CA ALA E 240 -18.79 -22.33 36.44
C ALA E 240 -19.08 -23.03 35.12
N ASP E 241 -19.80 -22.34 34.25
CA ASP E 241 -20.18 -22.85 32.94
C ASP E 241 -19.17 -22.52 31.86
N LEU E 242 -18.18 -21.69 32.19
CA LEU E 242 -17.23 -21.18 31.21
C LEU E 242 -16.07 -20.58 31.98
N LEU E 243 -14.85 -20.80 31.50
CA LEU E 243 -13.65 -20.32 32.17
C LEU E 243 -12.96 -19.31 31.27
N VAL E 244 -12.39 -18.28 31.88
CA VAL E 244 -11.65 -17.23 31.20
C VAL E 244 -10.26 -17.17 31.80
N ILE E 245 -9.24 -17.46 30.99
CA ILE E 245 -7.86 -17.30 31.42
C ILE E 245 -7.44 -15.92 30.97
N ASP E 246 -7.13 -15.03 31.91
CA ASP E 246 -7.09 -13.61 31.60
C ASP E 246 -5.75 -13.01 32.01
N THR E 247 -5.13 -12.27 31.07
CA THR E 247 -3.90 -11.55 31.40
C THR E 247 -3.78 -10.37 30.43
N ALA E 248 -3.03 -9.36 30.87
CA ALA E 248 -2.86 -8.14 30.08
C ALA E 248 -2.20 -8.43 28.74
N HIS E 249 -1.09 -9.17 28.75
CA HIS E 249 -0.35 -9.51 27.54
C HIS E 249 -0.54 -11.00 27.28
N GLY E 250 -1.62 -11.35 26.56
CA GLY E 250 -1.94 -12.74 26.32
C GLY E 250 -0.91 -13.48 25.47
N HIS E 251 -0.17 -12.76 24.62
CA HIS E 251 0.73 -13.43 23.68
C HIS E 251 2.10 -13.69 24.32
N GLN E 252 2.10 -14.55 25.34
CA GLN E 252 3.36 -14.82 26.00
C GLN E 252 3.41 -16.25 26.50
N ALA E 253 4.63 -16.72 26.78
CA ALA E 253 4.86 -18.12 27.09
C ALA E 253 4.07 -18.56 28.31
N LYS E 254 4.02 -17.72 29.36
CA LYS E 254 3.31 -18.12 30.58
C LYS E 254 1.82 -18.32 30.32
N MET E 255 1.25 -17.59 29.35
CA MET E 255 -0.16 -17.80 29.00
C MET E 255 -0.34 -19.10 28.21
N LEU E 256 0.55 -19.36 27.25
CA LEU E 256 0.49 -20.62 26.50
C LEU E 256 0.58 -21.82 27.44
N ASP E 257 1.47 -21.74 28.43
CA ASP E 257 1.58 -22.80 29.42
C ASP E 257 0.29 -22.96 30.22
N ALA E 258 -0.32 -21.84 30.61
CA ALA E 258 -1.54 -21.90 31.41
C ALA E 258 -2.69 -22.53 30.63
N ILE E 259 -2.83 -22.18 29.35
CA ILE E 259 -3.89 -22.76 28.54
C ILE E 259 -3.69 -24.27 28.43
N LYS E 260 -2.47 -24.70 28.12
CA LYS E 260 -2.18 -26.12 28.03
C LYS E 260 -2.50 -26.83 29.34
N ALA E 261 -2.14 -26.22 30.47
CA ALA E 261 -2.42 -26.82 31.78
C ALA E 261 -3.91 -27.03 31.97
N VAL E 262 -4.71 -26.01 31.67
CA VAL E 262 -6.16 -26.12 31.86
C VAL E 262 -6.76 -27.07 30.83
N ALA E 263 -6.30 -26.97 29.58
CA ALA E 263 -6.82 -27.85 28.54
C ALA E 263 -6.61 -29.31 28.90
N SER E 264 -5.46 -29.63 29.51
CA SER E 264 -5.13 -31.02 29.80
C SER E 264 -6.02 -31.62 30.89
N LEU E 265 -6.72 -30.79 31.65
CA LEU E 265 -7.63 -31.30 32.68
C LEU E 265 -8.95 -31.79 32.10
N ASP E 266 -9.26 -31.45 30.84
CA ASP E 266 -10.45 -31.95 30.14
C ASP E 266 -11.73 -31.63 30.91
N LEU E 267 -11.83 -30.38 31.37
CA LEU E 267 -12.92 -30.00 32.26
C LEU E 267 -14.27 -29.95 31.54
N GLY E 268 -14.29 -29.98 30.22
CA GLY E 268 -15.54 -30.00 29.47
C GLY E 268 -16.23 -28.67 29.33
N LEU E 269 -15.52 -27.56 29.53
CA LEU E 269 -16.12 -26.25 29.49
C LEU E 269 -15.49 -25.41 28.38
N PRO E 270 -16.26 -24.48 27.81
CA PRO E 270 -15.67 -23.50 26.90
C PRO E 270 -14.53 -22.78 27.61
N LEU E 271 -13.44 -22.54 26.88
CA LEU E 271 -12.22 -22.00 27.47
C LEU E 271 -11.81 -20.75 26.70
N VAL E 272 -12.01 -19.60 27.31
CA VAL E 272 -11.63 -18.29 26.78
C VAL E 272 -10.22 -17.97 27.26
N ALA E 273 -9.38 -17.41 26.37
CA ALA E 273 -8.08 -16.92 26.79
C ALA E 273 -7.75 -15.60 26.09
N GLY E 274 -7.12 -14.69 26.81
CA GLY E 274 -6.71 -13.40 26.24
C GLY E 274 -5.86 -12.63 27.22
N ASN E 275 -5.36 -11.47 26.78
CA ASN E 275 -5.85 -10.79 25.57
C ASN E 275 -4.76 -10.62 24.54
N VAL E 276 -5.14 -10.71 23.26
CA VAL E 276 -4.25 -10.45 22.14
C VAL E 276 -4.94 -9.48 21.18
N VAL E 277 -4.16 -8.99 20.22
CA VAL E 277 -4.72 -8.12 19.18
C VAL E 277 -4.20 -8.50 17.79
N SER E 278 -3.51 -9.63 17.69
CA SER E 278 -2.89 -10.01 16.43
C SER E 278 -3.31 -11.40 15.97
N ALA E 279 -3.23 -11.61 14.65
CA ALA E 279 -3.52 -12.93 14.09
C ALA E 279 -2.61 -14.00 14.68
N GLU E 280 -1.32 -13.69 14.83
CA GLU E 280 -0.38 -14.66 15.37
C GLU E 280 -0.74 -15.03 16.81
N GLY E 281 -1.09 -14.03 17.61
CA GLY E 281 -1.48 -14.31 18.99
C GLY E 281 -2.75 -15.12 19.06
N THR E 282 -3.71 -14.83 18.18
CA THR E 282 -4.95 -15.60 18.13
C THR E 282 -4.68 -17.06 17.77
N ARG E 283 -3.86 -17.30 16.75
CA ARG E 283 -3.55 -18.67 16.38
C ARG E 283 -2.83 -19.41 17.51
N ASP E 284 -1.87 -18.73 18.16
CA ASP E 284 -1.09 -19.39 19.22
C ASP E 284 -1.98 -19.76 20.41
N LEU E 285 -2.93 -18.91 20.78
CA LEU E 285 -3.78 -19.26 21.92
C LEU E 285 -4.71 -20.41 21.59
N ILE E 286 -5.23 -20.46 20.36
CA ILE E 286 -6.10 -21.56 19.97
C ILE E 286 -5.32 -22.86 19.89
N GLU E 287 -4.14 -22.83 19.25
CA GLU E 287 -3.30 -24.03 19.19
C GLU E 287 -2.93 -24.52 20.59
N ALA E 288 -2.80 -23.61 21.57
CA ALA E 288 -2.50 -24.03 22.93
C ALA E 288 -3.70 -24.68 23.62
N GLY E 289 -4.92 -24.49 23.11
CA GLY E 289 -6.07 -25.16 23.68
C GLY E 289 -7.27 -24.29 24.01
N ALA E 290 -7.22 -23.01 23.68
CA ALA E 290 -8.37 -22.13 23.88
C ALA E 290 -9.39 -22.33 22.78
N SER E 291 -10.68 -22.32 23.14
CA SER E 291 -11.70 -22.35 22.10
C SER E 291 -12.15 -20.95 21.70
N ILE E 292 -11.95 -19.96 22.57
CA ILE E 292 -12.36 -18.58 22.33
C ILE E 292 -11.19 -17.67 22.70
N VAL E 293 -10.90 -16.69 21.85
CA VAL E 293 -9.81 -15.75 22.10
C VAL E 293 -10.39 -14.39 22.46
N LYS E 294 -9.97 -13.84 23.60
CA LYS E 294 -10.42 -12.53 24.02
C LYS E 294 -9.47 -11.47 23.44
N VAL E 295 -10.03 -10.50 22.74
CA VAL E 295 -9.26 -9.56 21.93
C VAL E 295 -9.40 -8.15 22.51
N GLY E 296 -8.26 -7.53 22.76
CA GLY E 296 -8.25 -6.15 23.24
C GLY E 296 -7.05 -5.82 24.09
N VAL E 297 -6.21 -4.90 23.61
CA VAL E 297 -5.03 -4.44 24.32
C VAL E 297 -4.88 -2.96 24.02
N GLY E 298 -4.97 -2.13 25.06
CA GLY E 298 -4.86 -0.69 24.92
C GLY E 298 -5.63 -0.10 23.75
N PRO E 299 -6.93 -0.38 23.66
CA PRO E 299 -7.70 0.12 22.50
C PRO E 299 -7.92 1.63 22.50
N GLY E 300 -7.87 2.29 23.66
CA GLY E 300 -8.00 3.73 23.71
C GLY E 300 -6.66 4.45 23.67
N ALA E 301 -6.48 5.35 22.69
CA ALA E 301 -5.19 6.01 22.51
C ALA E 301 -4.79 6.85 23.71
N MET E 302 -5.78 7.32 24.49
CA MET E 302 -5.48 8.18 25.63
C MET E 302 -5.62 7.46 26.97
N CYS E 303 -5.88 6.16 26.97
CA CYS E 303 -6.04 5.46 28.23
C CYS E 303 -4.66 5.00 28.76
N THR E 304 -4.70 4.45 29.98
CA THR E 304 -3.48 4.27 30.78
C THR E 304 -2.45 3.38 30.09
N THR E 305 -2.87 2.24 29.56
CA THR E 305 -1.91 1.34 28.92
C THR E 305 -1.17 2.04 27.79
N ARG E 306 -1.90 2.72 26.91
CA ARG E 306 -1.26 3.36 25.77
C ARG E 306 -0.37 4.52 26.21
N MET E 307 -0.79 5.27 27.22
CA MET E 307 0.00 6.42 27.64
C MET E 307 1.21 6.00 28.47
N MET E 308 1.22 4.79 29.02
CA MET E 308 2.36 4.31 29.76
C MET E 308 3.38 3.60 28.88
N THR E 309 2.92 2.93 27.81
CA THR E 309 3.79 2.04 27.05
C THR E 309 3.78 2.28 25.56
N GLY E 310 2.82 3.03 25.02
CA GLY E 310 2.64 3.10 23.58
C GLY E 310 2.02 1.88 22.96
N VAL E 311 1.66 0.87 23.75
CA VAL E 311 1.24 -0.44 23.24
C VAL E 311 -0.27 -0.51 23.16
N GLY E 312 -0.77 -1.07 22.06
CA GLY E 312 -2.18 -1.31 21.92
C GLY E 312 -2.52 -1.49 20.45
N ARG E 313 -3.83 -1.47 20.17
CA ARG E 313 -4.25 -1.52 18.77
C ARG E 313 -5.68 -1.01 18.66
N PRO E 314 -6.00 -0.20 17.65
CA PRO E 314 -7.40 0.19 17.43
C PRO E 314 -8.29 -1.04 17.33
N GLN E 315 -9.40 -1.00 18.06
CA GLN E 315 -10.11 -2.24 18.39
C GLN E 315 -10.85 -2.82 17.19
N PHE E 316 -11.37 -1.99 16.28
CA PHE E 316 -12.09 -2.59 15.16
C PHE E 316 -11.15 -3.38 14.27
N SER E 317 -9.97 -2.84 13.95
CA SER E 317 -8.99 -3.59 13.17
C SER E 317 -8.50 -4.83 13.92
N ALA E 318 -8.28 -4.70 15.23
CA ALA E 318 -7.87 -5.86 16.02
C ALA E 318 -8.89 -6.99 15.92
N VAL E 319 -10.17 -6.66 16.08
CA VAL E 319 -11.21 -7.67 16.04
C VAL E 319 -11.30 -8.30 14.65
N VAL E 320 -11.25 -7.48 13.59
CA VAL E 320 -11.32 -8.00 12.23
C VAL E 320 -10.22 -9.03 12.01
N GLU E 321 -8.99 -8.65 12.35
CA GLU E 321 -7.85 -9.51 12.09
C GLU E 321 -7.93 -10.79 12.93
N CYS E 322 -8.26 -10.67 14.21
CA CYS E 322 -8.23 -11.85 15.07
C CYS E 322 -9.40 -12.77 14.77
N ALA E 323 -10.56 -12.21 14.45
CA ALA E 323 -11.71 -13.07 14.16
C ALA E 323 -11.49 -13.87 12.89
N ALA E 324 -10.91 -13.24 11.86
CA ALA E 324 -10.58 -13.98 10.64
C ALA E 324 -9.58 -15.09 10.94
N ALA E 325 -8.57 -14.81 11.76
CA ALA E 325 -7.57 -15.83 12.06
C ALA E 325 -8.19 -16.98 12.85
N ALA E 326 -9.04 -16.67 13.83
CA ALA E 326 -9.69 -17.70 14.62
C ALA E 326 -10.60 -18.57 13.77
N ARG E 327 -11.29 -17.98 12.79
CA ARG E 327 -12.18 -18.75 11.92
C ARG E 327 -11.43 -19.82 11.13
N GLN E 328 -10.18 -19.56 10.74
CA GLN E 328 -9.40 -20.58 10.05
C GLN E 328 -9.11 -21.79 10.92
N LEU E 329 -9.29 -21.66 12.24
CA LEU E 329 -9.05 -22.76 13.16
C LEU E 329 -10.32 -23.18 13.88
N GLY E 330 -11.48 -22.78 13.37
CA GLY E 330 -12.73 -23.19 13.97
C GLY E 330 -13.05 -22.51 15.28
N GLY E 331 -12.33 -21.44 15.60
CA GLY E 331 -12.46 -20.75 16.88
C GLY E 331 -13.24 -19.45 16.77
N HIS E 332 -13.32 -18.77 17.92
CA HIS E 332 -14.17 -17.60 18.08
C HIS E 332 -13.41 -16.51 18.80
N VAL E 333 -13.91 -15.28 18.71
CA VAL E 333 -13.25 -14.12 19.30
C VAL E 333 -14.26 -13.29 20.09
N TRP E 334 -13.87 -12.87 21.29
CA TRP E 334 -14.63 -11.92 22.10
C TRP E 334 -13.98 -10.55 22.00
N ALA E 335 -14.77 -9.53 21.69
CA ALA E 335 -14.29 -8.16 21.57
C ALA E 335 -14.37 -7.52 22.95
N ASP E 336 -13.22 -7.32 23.57
CA ASP E 336 -13.13 -6.92 24.97
C ASP E 336 -12.53 -5.52 25.08
N GLY E 337 -13.36 -4.54 25.42
CA GLY E 337 -12.84 -3.23 25.76
C GLY E 337 -13.38 -2.09 24.93
N GLY E 338 -13.62 -0.95 25.58
CA GLY E 338 -14.01 0.28 24.90
C GLY E 338 -15.46 0.39 24.47
N VAL E 339 -16.33 -0.53 24.88
CA VAL E 339 -17.71 -0.48 24.46
C VAL E 339 -18.45 0.56 25.30
N ARG E 340 -19.04 1.55 24.64
CA ARG E 340 -19.77 2.61 25.32
C ARG E 340 -21.14 2.89 24.73
N HIS E 341 -21.44 2.37 23.54
CA HIS E 341 -22.68 2.63 22.82
C HIS E 341 -23.12 1.35 22.13
N PRO E 342 -24.40 1.24 21.79
CA PRO E 342 -24.83 0.06 21.03
C PRO E 342 -24.10 -0.08 19.71
N ARG E 343 -23.72 1.04 19.09
CA ARG E 343 -22.92 1.01 17.86
C ARG E 343 -21.69 0.13 18.01
N ASP E 344 -21.00 0.23 19.16
CA ASP E 344 -19.76 -0.52 19.36
C ASP E 344 -20.04 -2.02 19.41
N VAL E 345 -21.12 -2.42 20.07
CA VAL E 345 -21.51 -3.83 20.06
C VAL E 345 -21.78 -4.29 18.62
N ALA E 346 -22.59 -3.52 17.89
CA ALA E 346 -22.92 -3.90 16.52
C ALA E 346 -21.67 -3.97 15.65
N LEU E 347 -20.75 -3.03 15.82
CA LEU E 347 -19.55 -3.02 14.96
C LEU E 347 -18.62 -4.19 15.32
N ALA E 348 -18.48 -4.49 16.62
CA ALA E 348 -17.72 -5.67 17.01
C ALA E 348 -18.25 -6.94 16.34
N LEU E 349 -19.58 -7.09 16.30
CA LEU E 349 -20.15 -8.29 15.70
C LEU E 349 -19.98 -8.27 14.19
N ALA E 350 -20.19 -7.11 13.56
CA ALA E 350 -19.92 -6.98 12.13
C ALA E 350 -18.47 -7.35 11.81
N ALA E 351 -17.54 -7.02 12.70
CA ALA E 351 -16.13 -7.33 12.49
C ALA E 351 -15.85 -8.82 12.59
N GLY E 352 -16.75 -9.59 13.19
CA GLY E 352 -16.61 -11.02 13.30
C GLY E 352 -16.54 -11.55 14.72
N ALA E 353 -16.62 -10.70 15.74
CA ALA E 353 -16.66 -11.22 17.10
C ALA E 353 -17.91 -12.06 17.32
N SER E 354 -17.79 -13.10 18.14
CA SER E 354 -18.93 -13.93 18.50
C SER E 354 -19.69 -13.39 19.70
N ASN E 355 -19.05 -12.53 20.48
CA ASN E 355 -19.59 -12.00 21.72
C ASN E 355 -18.80 -10.73 22.03
N VAL E 356 -19.41 -9.84 22.81
CA VAL E 356 -18.82 -8.56 23.14
C VAL E 356 -18.75 -8.45 24.66
N MET E 357 -17.56 -8.19 25.19
CA MET E 357 -17.36 -8.06 26.63
C MET E 357 -17.41 -6.59 27.03
N ILE E 358 -18.20 -6.29 28.05
CA ILE E 358 -18.52 -4.93 28.47
C ILE E 358 -18.16 -4.79 29.93
N GLY E 359 -17.30 -3.81 30.23
CA GLY E 359 -16.94 -3.52 31.62
C GLY E 359 -17.50 -2.22 32.20
N SER E 360 -16.75 -1.13 32.05
N SER E 360 -16.75 -1.13 32.05
CA SER E 360 -17.06 0.06 32.84
CA SER E 360 -17.02 0.10 32.79
C SER E 360 -18.44 0.64 32.53
N TRP E 361 -18.94 0.48 31.30
CA TRP E 361 -20.28 0.99 31.01
C TRP E 361 -21.31 0.43 31.98
N PHE E 362 -21.19 -0.85 32.32
CA PHE E 362 -22.16 -1.47 33.23
C PHE E 362 -21.90 -1.14 34.69
N ALA E 363 -20.81 -0.45 35.02
CA ALA E 363 -20.65 -0.01 36.40
C ALA E 363 -21.70 1.04 36.75
N GLY E 364 -22.12 1.84 35.78
CA GLY E 364 -23.12 2.86 36.00
C GLY E 364 -24.54 2.33 35.95
N THR E 365 -24.82 1.32 36.77
CA THR E 365 -26.15 0.73 36.88
C THR E 365 -26.43 0.41 38.34
N TYR E 366 -27.73 0.25 38.65
CA TYR E 366 -28.11 -0.13 40.01
C TYR E 366 -27.46 -1.45 40.41
N GLU E 367 -27.37 -2.40 39.48
CA GLU E 367 -27.03 -3.78 39.82
C GLU E 367 -25.54 -4.02 40.00
N SER E 368 -24.68 -3.06 39.65
CA SER E 368 -23.26 -3.24 39.88
C SER E 368 -22.93 -3.16 41.38
N PRO E 369 -21.82 -3.77 41.80
CA PRO E 369 -21.57 -3.91 43.25
C PRO E 369 -21.29 -2.61 44.00
N GLY E 370 -20.75 -1.59 43.34
CA GLY E 370 -20.35 -0.39 44.06
C GLY E 370 -21.55 0.43 44.54
N ASP E 371 -21.26 1.38 45.43
CA ASP E 371 -22.31 2.21 45.99
C ASP E 371 -22.72 3.31 45.02
N LEU E 372 -24.00 3.67 45.06
CA LEU E 372 -24.50 4.74 44.22
C LEU E 372 -24.06 6.09 44.77
N LEU E 373 -23.42 6.89 43.91
CA LEU E 373 -22.89 8.19 44.31
C LEU E 373 -23.61 9.30 43.54
N PHE E 374 -23.37 10.55 43.96
CA PHE E 374 -23.99 11.71 43.34
C PHE E 374 -22.95 12.82 43.18
N ASP E 375 -22.89 13.40 41.98
CA ASP E 375 -21.82 14.32 41.64
C ASP E 375 -22.15 15.74 42.10
N ARG E 376 -21.36 16.72 41.65
CA ARG E 376 -21.57 18.10 42.07
C ARG E 376 -22.95 18.62 41.69
N ASP E 377 -23.52 18.10 40.61
CA ASP E 377 -24.87 18.47 40.19
C ASP E 377 -25.94 17.52 40.73
N ASP E 378 -25.58 16.67 41.70
CA ASP E 378 -26.47 15.69 42.32
C ASP E 378 -26.94 14.62 41.34
N ARG E 379 -26.23 14.45 40.24
CA ARG E 379 -26.54 13.39 39.28
C ARG E 379 -25.98 12.06 39.75
N PRO E 380 -26.68 10.95 39.53
CA PRO E 380 -26.19 9.66 40.01
C PRO E 380 -25.05 9.12 39.16
N TYR E 381 -24.09 8.51 39.82
CA TYR E 381 -23.00 7.83 39.13
C TYR E 381 -22.43 6.76 40.06
N LYS E 382 -21.63 5.88 39.47
CA LYS E 382 -20.80 4.95 40.21
C LYS E 382 -19.40 4.97 39.60
N GLU E 383 -18.44 4.49 40.37
CA GLU E 383 -17.05 4.49 39.94
C GLU E 383 -16.69 3.12 39.38
N SER E 384 -16.21 3.10 38.14
CA SER E 384 -15.54 1.91 37.66
C SER E 384 -14.05 2.04 37.99
N TYR E 385 -13.38 0.91 38.05
CA TYR E 385 -11.94 0.94 38.30
C TYR E 385 -11.36 -0.36 37.80
N GLY E 386 -10.06 -0.34 37.51
CA GLY E 386 -9.43 -1.46 36.85
C GLY E 386 -9.09 -2.59 37.81
N MET E 387 -8.84 -3.75 37.21
CA MET E 387 -8.31 -4.91 37.94
C MET E 387 -6.80 -4.83 38.13
N ALA E 388 -6.12 -3.94 37.38
CA ALA E 388 -4.71 -3.61 37.60
C ALA E 388 -3.82 -4.85 37.69
N SER E 389 -3.14 -5.03 38.82
CA SER E 389 -2.17 -6.11 38.91
C SER E 389 -2.81 -7.50 38.92
N LYS E 390 -4.13 -7.58 39.08
CA LYS E 390 -4.79 -8.87 38.95
C LYS E 390 -4.81 -9.37 37.50
N ARG E 391 -4.40 -8.52 36.55
CA ARG E 391 -4.23 -8.94 35.16
C ARG E 391 -2.77 -9.08 34.77
N ALA E 392 -1.85 -8.90 35.72
CA ALA E 392 -0.42 -8.85 35.42
C ALA E 392 0.28 -10.12 35.88
N VAL E 393 1.42 -10.39 35.23
CA VAL E 393 2.28 -11.50 35.64
C VAL E 393 3.03 -11.12 36.91
N ALA E 394 3.17 -12.08 37.83
CA ALA E 394 3.91 -11.83 39.06
C ALA E 394 4.81 -13.03 39.40
N SER E 401 10.85 -11.33 51.54
CA SER E 401 10.96 -10.23 52.49
C SER E 401 9.99 -9.11 52.13
N SER E 402 9.55 -8.36 53.15
CA SER E 402 8.73 -7.18 52.90
C SER E 402 9.49 -6.11 52.13
N PHE E 403 10.82 -6.11 52.20
CA PHE E 403 11.63 -5.31 51.28
C PHE E 403 11.39 -5.73 49.84
N ASP E 404 11.52 -7.03 49.57
CA ASP E 404 11.32 -7.54 48.21
C ASP E 404 9.90 -7.25 47.72
N ARG E 405 8.92 -7.36 48.62
CA ARG E 405 7.54 -7.05 48.24
C ARG E 405 7.38 -5.57 47.86
N ALA E 406 8.00 -4.68 48.63
CA ALA E 406 7.92 -3.26 48.30
C ALA E 406 8.69 -2.94 47.02
N ARG E 407 9.76 -3.69 46.74
CA ARG E 407 10.51 -3.47 45.52
C ARG E 407 9.67 -3.78 44.29
N LYS E 408 9.02 -4.96 44.27
CA LYS E 408 8.15 -5.30 43.15
C LYS E 408 6.91 -4.41 43.11
N GLY E 409 6.41 -3.98 44.28
CA GLY E 409 5.21 -3.17 44.30
C GLY E 409 5.41 -1.76 43.77
N LEU E 410 6.66 -1.29 43.69
CA LEU E 410 6.90 0.10 43.31
C LEU E 410 6.51 0.37 41.86
N PHE E 411 6.59 -0.64 41.00
CA PHE E 411 6.31 -0.47 39.58
C PHE E 411 4.93 -0.98 39.17
N GLU E 412 4.19 -1.59 40.09
CA GLU E 412 2.88 -2.15 39.77
C GLU E 412 1.94 -1.06 39.29
N GLU E 413 1.02 -1.45 38.40
CA GLU E 413 0.00 -0.54 37.91
C GLU E 413 -0.92 -0.12 39.05
N GLY E 414 -1.10 1.19 39.20
CA GLY E 414 -2.11 1.68 40.12
C GLY E 414 -3.50 1.47 39.58
N ILE E 415 -4.49 1.49 40.48
CA ILE E 415 -5.88 1.35 40.07
C ILE E 415 -6.38 2.69 39.54
N SER E 416 -6.82 2.71 38.28
CA SER E 416 -7.43 3.89 37.67
C SER E 416 -8.93 3.91 37.93
N THR E 417 -9.46 5.08 38.21
CA THR E 417 -10.86 5.25 38.58
C THR E 417 -11.53 6.24 37.63
N SER E 418 -12.75 5.91 37.20
CA SER E 418 -13.52 6.78 36.31
C SER E 418 -14.98 6.77 36.73
N ARG E 419 -15.66 7.89 36.49
CA ARG E 419 -17.05 8.07 36.90
C ARG E 419 -17.97 7.66 35.75
N MET E 420 -18.85 6.69 36.02
CA MET E 420 -19.81 6.21 35.03
C MET E 420 -21.20 6.66 35.48
N SER E 421 -21.77 7.63 34.77
CA SER E 421 -23.03 8.21 35.20
C SER E 421 -24.18 7.26 34.89
N LEU E 422 -25.14 7.19 35.81
CA LEU E 422 -26.37 6.46 35.55
C LEU E 422 -27.31 7.31 34.72
N ASP E 423 -28.04 6.67 33.83
CA ASP E 423 -29.13 7.35 33.15
C ASP E 423 -30.26 7.55 34.15
N PRO E 424 -30.73 8.78 34.34
CA PRO E 424 -31.90 9.01 35.21
C PRO E 424 -33.14 8.23 34.79
N ALA E 425 -33.08 7.54 33.65
CA ALA E 425 -34.13 6.61 33.23
C ALA E 425 -33.62 5.19 33.09
N ARG E 426 -32.63 4.96 32.23
CA ARG E 426 -32.05 3.65 31.98
C ARG E 426 -31.04 3.25 33.06
N GLY E 427 -31.41 3.46 34.33
CA GLY E 427 -30.49 3.21 35.43
C GLY E 427 -30.18 1.75 35.67
N GLY E 428 -31.07 0.84 35.26
CA GLY E 428 -30.82 -0.58 35.43
C GLY E 428 -30.06 -1.16 34.25
N VAL E 429 -29.33 -2.24 34.51
CA VAL E 429 -28.55 -2.86 33.44
C VAL E 429 -29.47 -3.44 32.38
N GLU E 430 -30.68 -3.86 32.76
CA GLU E 430 -31.63 -4.36 31.76
C GLU E 430 -32.07 -3.25 30.81
N ASP E 431 -32.10 -2.00 31.27
CA ASP E 431 -32.35 -0.90 30.36
C ASP E 431 -31.21 -0.73 29.37
N LEU E 432 -29.97 -0.94 29.82
CA LEU E 432 -28.85 -0.91 28.87
C LEU E 432 -28.93 -2.10 27.91
N LEU E 433 -29.34 -3.27 28.39
CA LEU E 433 -29.50 -4.41 27.48
C LEU E 433 -30.57 -4.14 26.43
N ASP E 434 -31.67 -3.49 26.83
CA ASP E 434 -32.68 -3.07 25.86
C ASP E 434 -32.06 -2.16 24.81
N HIS E 435 -31.28 -1.17 25.25
CA HIS E 435 -30.61 -0.22 24.35
C HIS E 435 -29.69 -0.94 23.39
N ILE E 436 -28.84 -1.83 23.91
CA ILE E 436 -27.85 -2.54 23.09
C ILE E 436 -28.54 -3.46 22.09
N THR E 437 -29.46 -4.30 22.57
CA THR E 437 -30.05 -5.30 21.69
C THR E 437 -31.05 -4.67 20.71
N SER E 438 -31.71 -3.59 21.09
CA SER E 438 -32.50 -2.85 20.11
C SER E 438 -31.61 -2.35 18.98
N GLY E 439 -30.46 -1.77 19.33
CA GLY E 439 -29.53 -1.29 18.32
C GLY E 439 -29.04 -2.41 17.40
N VAL E 440 -28.56 -3.51 17.99
CA VAL E 440 -27.97 -4.59 17.19
C VAL E 440 -29.04 -5.24 16.30
N ARG E 441 -30.26 -5.41 16.84
CA ARG E 441 -31.34 -5.92 16.00
C ARG E 441 -31.58 -5.00 14.81
N SER E 442 -31.54 -3.69 15.04
N SER E 442 -31.54 -3.69 15.04
CA SER E 442 -31.70 -2.74 13.95
CA SER E 442 -31.71 -2.75 13.93
C SER E 442 -30.56 -2.85 12.94
N THR E 443 -29.32 -2.96 13.43
CA THR E 443 -28.19 -3.16 12.51
C THR E 443 -28.46 -4.35 11.60
N CYS E 444 -28.96 -5.44 12.17
CA CYS E 444 -29.22 -6.63 11.38
C CYS E 444 -30.30 -6.39 10.34
N THR E 445 -31.36 -5.66 10.69
CA THR E 445 -32.40 -5.38 9.70
C THR E 445 -31.86 -4.49 8.58
N TYR E 446 -31.01 -3.51 8.92
CA TYR E 446 -30.40 -2.67 7.89
C TYR E 446 -29.49 -3.47 6.97
N VAL E 447 -28.80 -4.48 7.52
CA VAL E 447 -27.87 -5.28 6.72
C VAL E 447 -28.60 -6.34 5.90
N GLY E 448 -29.78 -6.75 6.34
CA GLY E 448 -30.47 -7.89 5.76
C GLY E 448 -30.15 -9.21 6.43
N ALA E 449 -29.66 -9.18 7.66
CA ALA E 449 -29.22 -10.38 8.38
C ALA E 449 -30.29 -10.83 9.36
N ALA E 450 -30.56 -12.14 9.38
CA ALA E 450 -31.52 -12.71 10.31
C ALA E 450 -30.88 -13.23 11.59
N ASN E 451 -29.55 -13.24 11.68
CA ASN E 451 -28.83 -13.78 12.82
C ASN E 451 -27.41 -13.24 12.78
N LEU E 452 -26.61 -13.58 13.82
CA LEU E 452 -25.29 -12.97 13.93
C LEU E 452 -24.30 -13.48 12.88
N PRO E 453 -24.28 -14.78 12.54
CA PRO E 453 -23.40 -15.19 11.42
C PRO E 453 -23.71 -14.47 10.12
N GLU E 454 -25.00 -14.25 9.82
CA GLU E 454 -25.38 -13.51 8.62
C GLU E 454 -24.94 -12.05 8.69
N LEU E 455 -24.97 -11.45 9.88
CA LEU E 455 -24.51 -10.08 10.02
C LEU E 455 -23.07 -9.94 9.54
N HIS E 456 -22.20 -10.84 10.02
CA HIS E 456 -20.79 -10.78 9.64
C HIS E 456 -20.58 -11.17 8.18
N GLU E 457 -21.41 -12.07 7.66
CA GLU E 457 -21.25 -12.53 6.28
C GLU E 457 -21.72 -11.49 5.26
N LYS E 458 -22.74 -10.70 5.61
CA LYS E 458 -23.40 -9.82 4.65
C LYS E 458 -22.98 -8.36 4.77
N VAL E 459 -22.28 -7.97 5.84
CA VAL E 459 -22.11 -6.55 6.11
C VAL E 459 -21.14 -5.93 5.10
N VAL E 460 -21.45 -4.71 4.69
CA VAL E 460 -20.56 -3.86 3.92
C VAL E 460 -20.21 -2.65 4.78
N LEU E 461 -18.92 -2.39 4.93
CA LEU E 461 -18.44 -1.33 5.80
C LEU E 461 -17.74 -0.26 4.97
N GLY E 462 -17.70 0.95 5.52
CA GLY E 462 -16.92 2.03 4.95
C GLY E 462 -16.14 2.77 6.02
N VAL E 463 -15.20 3.58 5.56
CA VAL E 463 -14.37 4.41 6.43
C VAL E 463 -14.84 5.85 6.29
N GLN E 464 -14.82 6.59 7.40
CA GLN E 464 -15.12 8.01 7.39
C GLN E 464 -13.94 8.79 7.94
N SER E 465 -13.87 10.07 7.60
CA SER E 465 -12.82 10.94 8.10
C SER E 465 -13.20 11.52 9.46
N ALA E 466 -12.34 12.39 9.98
CA ALA E 466 -12.58 13.07 11.25
C ALA E 466 -13.68 14.12 11.18
N ALA E 467 -14.19 14.44 10.00
CA ALA E 467 -15.25 15.45 9.86
C ALA E 467 -16.52 15.03 10.59
N MET F 1 -21.90 15.28 -14.13
CA MET F 1 -21.08 14.36 -13.34
C MET F 1 -19.98 15.13 -12.63
N VAL F 2 -19.69 14.75 -11.39
CA VAL F 2 -18.71 15.50 -10.61
C VAL F 2 -17.30 15.17 -11.10
N ARG F 3 -16.40 16.13 -10.94
CA ARG F 3 -14.97 15.92 -11.15
C ARG F 3 -14.26 16.34 -9.87
N PHE F 4 -13.25 15.57 -9.47
CA PHE F 4 -12.38 15.96 -8.38
C PHE F 4 -11.00 16.36 -8.89
N LEU F 5 -10.35 17.24 -8.13
CA LEU F 5 -8.96 17.59 -8.42
C LEU F 5 -8.09 16.33 -8.51
N ASP F 6 -7.06 16.42 -9.35
CA ASP F 6 -6.18 15.27 -9.55
C ASP F 6 -5.56 14.83 -8.23
N GLY F 7 -5.63 13.53 -7.96
CA GLY F 7 -5.08 12.96 -6.75
C GLY F 7 -6.02 12.96 -5.57
N HIS F 8 -7.17 13.62 -5.66
CA HIS F 8 -8.11 13.69 -4.53
C HIS F 8 -9.04 12.49 -4.56
N THR F 9 -8.47 11.34 -4.20
CA THR F 9 -9.15 10.05 -4.20
C THR F 9 -8.97 9.43 -2.83
N PRO F 10 -9.64 9.98 -1.81
CA PRO F 10 -9.42 9.51 -0.44
C PRO F 10 -9.93 8.09 -0.25
N ALA F 11 -9.34 7.42 0.74
CA ALA F 11 -9.75 6.08 1.16
C ALA F 11 -10.88 6.12 2.19
N TYR F 12 -11.85 6.99 1.99
CA TYR F 12 -12.99 7.13 2.89
C TYR F 12 -14.08 7.89 2.15
N ASP F 13 -15.30 7.80 2.67
CA ASP F 13 -16.43 8.55 2.12
C ASP F 13 -16.53 9.94 2.77
N LEU F 14 -17.30 10.81 2.12
CA LEU F 14 -17.22 12.25 2.31
C LEU F 14 -18.52 12.82 2.87
N THR F 15 -18.41 13.60 3.94
CA THR F 15 -19.48 14.46 4.43
C THR F 15 -19.42 15.80 3.71
N TYR F 16 -20.44 16.63 3.93
CA TYR F 16 -20.39 18.00 3.45
C TYR F 16 -19.20 18.79 4.01
N ASN F 17 -18.69 18.40 5.19
CA ASN F 17 -17.52 19.07 5.77
C ASN F 17 -16.22 18.69 5.08
N ASP F 18 -16.20 17.63 4.27
CA ASP F 18 -14.97 17.11 3.71
C ASP F 18 -14.54 17.78 2.41
N VAL F 19 -15.41 18.53 1.75
CA VAL F 19 -15.15 18.92 0.36
C VAL F 19 -15.34 20.43 0.18
N PHE F 20 -14.77 20.91 -0.93
CA PHE F 20 -14.90 22.29 -1.36
C PHE F 20 -15.05 22.33 -2.87
N VAL F 21 -15.64 23.41 -3.35
CA VAL F 21 -15.83 23.65 -4.78
C VAL F 21 -14.74 24.59 -5.27
N VAL F 22 -14.05 24.21 -6.35
CA VAL F 22 -13.01 25.04 -6.92
C VAL F 22 -13.65 26.01 -7.91
N PRO F 23 -13.38 27.31 -7.85
CA PRO F 23 -13.94 28.24 -8.84
C PRO F 23 -13.51 27.83 -10.25
N GLY F 24 -14.41 28.07 -11.20
CA GLY F 24 -14.13 27.82 -12.60
C GLY F 24 -14.29 29.10 -13.42
N ARG F 25 -13.91 29.02 -14.69
CA ARG F 25 -14.07 30.18 -15.55
C ARG F 25 -15.55 30.45 -15.80
N SER F 26 -15.98 31.68 -15.55
CA SER F 26 -17.38 32.02 -15.53
C SER F 26 -17.69 33.22 -16.41
N ASP F 27 -18.82 33.16 -17.11
CA ASP F 27 -19.41 34.37 -17.67
C ASP F 27 -20.82 34.61 -17.14
N VAL F 28 -21.16 34.01 -15.98
CA VAL F 28 -22.39 34.28 -15.28
C VAL F 28 -22.07 35.33 -14.21
N ALA F 29 -22.32 36.60 -14.52
CA ALA F 29 -21.86 37.68 -13.65
C ALA F 29 -22.77 37.87 -12.45
N SER F 30 -24.09 37.80 -12.64
CA SER F 30 -25.05 38.17 -11.62
C SER F 30 -25.71 36.94 -11.02
N ARG F 31 -25.92 36.99 -9.69
CA ARG F 31 -26.71 35.98 -9.02
C ARG F 31 -28.05 35.77 -9.70
N PHE F 32 -28.63 36.85 -10.24
CA PHE F 32 -29.97 36.84 -10.78
C PHE F 32 -30.05 36.22 -12.18
N ASP F 33 -28.90 36.04 -12.85
CA ASP F 33 -28.84 35.32 -14.11
C ASP F 33 -28.97 33.81 -13.93
N VAL F 34 -28.91 33.30 -12.70
CA VAL F 34 -29.00 31.86 -12.46
C VAL F 34 -30.48 31.46 -12.41
N ASP F 35 -30.80 30.34 -13.05
CA ASP F 35 -32.12 29.74 -12.96
C ASP F 35 -32.07 28.63 -11.91
N LEU F 36 -32.78 28.81 -10.79
CA LEU F 36 -32.77 27.83 -9.71
C LEU F 36 -33.88 26.79 -9.83
N SER F 37 -34.65 26.80 -10.91
N SER F 37 -34.66 26.81 -10.90
CA SER F 37 -35.76 25.86 -11.00
CA SER F 37 -35.77 25.87 -11.06
C SER F 37 -35.25 24.43 -11.14
N THR F 38 -36.03 23.51 -10.59
CA THR F 38 -35.63 22.10 -10.60
C THR F 38 -36.26 21.38 -11.79
N VAL F 39 -35.73 20.21 -12.09
CA VAL F 39 -36.08 19.45 -13.29
C VAL F 39 -36.61 18.06 -12.95
N ASP F 40 -37.00 17.82 -11.70
CA ASP F 40 -37.39 16.49 -11.26
C ASP F 40 -38.90 16.27 -11.23
N GLY F 41 -39.68 17.20 -11.77
CA GLY F 41 -41.12 17.08 -11.73
C GLY F 41 -41.77 17.49 -10.43
N SER F 42 -40.98 17.91 -9.43
CA SER F 42 -41.54 18.40 -8.19
C SER F 42 -42.30 19.71 -8.39
N GLY F 43 -41.91 20.49 -9.40
CA GLY F 43 -42.46 21.80 -9.58
C GLY F 43 -41.86 22.90 -8.72
N THR F 44 -40.81 22.61 -7.95
CA THR F 44 -40.18 23.68 -7.18
C THR F 44 -39.37 24.58 -8.11
N THR F 45 -39.40 25.88 -7.82
CA THR F 45 -38.64 26.87 -8.57
C THR F 45 -37.36 27.27 -7.85
N ILE F 46 -37.20 26.83 -6.60
CA ILE F 46 -35.90 26.79 -5.93
C ILE F 46 -35.73 25.38 -5.39
N PRO F 47 -34.48 24.93 -5.18
CA PRO F 47 -34.23 23.54 -4.81
C PRO F 47 -34.35 23.24 -3.32
N VAL F 48 -35.46 23.66 -2.72
CA VAL F 48 -35.72 23.48 -1.29
C VAL F 48 -37.04 22.73 -1.10
N VAL F 49 -36.97 21.61 -0.38
CA VAL F 49 -38.15 20.86 0.06
C VAL F 49 -38.12 20.81 1.58
N VAL F 50 -39.25 21.08 2.22
CA VAL F 50 -39.32 20.99 3.68
C VAL F 50 -39.69 19.57 4.08
N ALA F 51 -38.95 19.01 5.06
CA ALA F 51 -39.09 17.63 5.46
C ALA F 51 -40.46 17.33 6.03
N ASN F 52 -40.90 16.08 5.81
CA ASN F 52 -42.15 15.56 6.36
C ASN F 52 -41.99 15.26 7.86
N MET F 53 -41.94 16.34 8.65
CA MET F 53 -41.72 16.28 10.09
C MET F 53 -42.75 17.15 10.77
N THR F 54 -43.41 16.61 11.82
CA THR F 54 -44.40 17.40 12.55
C THR F 54 -43.80 18.65 13.16
N ALA F 55 -42.51 18.64 13.47
CA ALA F 55 -41.88 19.83 14.04
C ALA F 55 -41.75 20.98 13.04
N VAL F 56 -41.94 20.74 11.74
CA VAL F 56 -41.64 21.76 10.73
C VAL F 56 -42.79 21.97 9.75
N ALA F 57 -43.47 20.90 9.37
CA ALA F 57 -44.29 20.90 8.15
C ALA F 57 -45.76 21.17 8.48
N GLY F 58 -46.03 22.39 8.96
CA GLY F 58 -47.37 22.82 9.25
C GLY F 58 -47.94 23.69 8.14
N ARG F 59 -49.16 24.18 8.36
CA ARG F 59 -49.84 24.92 7.30
C ARG F 59 -49.21 26.28 7.05
N ARG F 60 -48.75 26.98 8.11
CA ARG F 60 -48.04 28.24 7.88
C ARG F 60 -46.76 28.01 7.09
N MET F 61 -46.02 26.96 7.42
CA MET F 61 -44.81 26.63 6.67
C MET F 61 -45.13 26.31 5.21
N ALA F 62 -46.20 25.55 4.97
CA ALA F 62 -46.51 25.10 3.61
C ALA F 62 -46.91 26.26 2.72
N GLU F 63 -47.68 27.20 3.26
CA GLU F 63 -48.03 28.40 2.52
C GLU F 63 -46.80 29.24 2.23
N THR F 64 -46.01 29.51 3.28
CA THR F 64 -44.90 30.46 3.14
C THR F 64 -43.85 29.94 2.19
N VAL F 65 -43.48 28.65 2.29
CA VAL F 65 -42.39 28.14 1.47
C VAL F 65 -42.84 27.97 0.01
N ALA F 66 -44.06 27.49 -0.22
CA ALA F 66 -44.51 27.32 -1.61
C ALA F 66 -44.62 28.65 -2.33
N ARG F 67 -45.02 29.71 -1.63
CA ARG F 67 -45.10 31.02 -2.28
C ARG F 67 -43.74 31.47 -2.80
N ARG F 68 -42.65 31.04 -2.17
CA ARG F 68 -41.30 31.38 -2.61
C ARG F 68 -40.67 30.28 -3.46
N GLY F 69 -41.44 29.26 -3.85
CA GLY F 69 -41.02 28.33 -4.87
C GLY F 69 -40.55 26.99 -4.36
N GLY F 70 -40.53 26.78 -3.04
CA GLY F 70 -40.25 25.49 -2.47
C GLY F 70 -41.53 24.69 -2.37
N ILE F 71 -41.43 23.55 -1.71
CA ILE F 71 -42.61 22.73 -1.43
C ILE F 71 -42.43 22.09 -0.06
N VAL F 72 -43.53 21.93 0.67
CA VAL F 72 -43.54 21.30 1.98
C VAL F 72 -44.22 19.94 1.86
N VAL F 73 -43.61 18.92 2.46
CA VAL F 73 -44.16 17.57 2.50
C VAL F 73 -44.86 17.41 3.84
N LEU F 74 -46.18 17.24 3.84
CA LEU F 74 -46.91 17.04 5.08
C LEU F 74 -46.48 15.71 5.71
N PRO F 75 -46.45 15.63 7.05
CA PRO F 75 -45.93 14.42 7.68
C PRO F 75 -46.87 13.24 7.49
N GLN F 76 -46.27 12.05 7.40
CA GLN F 76 -47.10 10.85 7.31
C GLN F 76 -47.94 10.71 8.57
N ASP F 77 -49.11 10.09 8.39
CA ASP F 77 -50.11 9.80 9.43
C ASP F 77 -50.85 11.04 9.93
N LEU F 78 -50.69 12.19 9.29
CA LEU F 78 -51.64 13.28 9.49
C LEU F 78 -53.02 12.79 9.06
N PRO F 79 -54.04 12.85 9.92
CA PRO F 79 -55.34 12.28 9.53
C PRO F 79 -55.87 12.96 8.28
N ILE F 80 -56.56 12.17 7.45
CA ILE F 80 -56.89 12.61 6.10
C ILE F 80 -57.77 13.86 6.15
N THR F 81 -58.63 13.99 7.16
CA THR F 81 -59.41 15.22 7.29
C THR F 81 -58.49 16.42 7.50
N ALA F 82 -57.44 16.26 8.29
CA ALA F 82 -56.51 17.36 8.49
C ALA F 82 -55.66 17.61 7.23
N VAL F 83 -55.34 16.56 6.49
CA VAL F 83 -54.70 16.75 5.18
C VAL F 83 -55.56 17.64 4.31
N SER F 84 -56.84 17.29 4.14
CA SER F 84 -57.72 18.05 3.26
C SER F 84 -57.84 19.50 3.72
N GLU F 85 -58.01 19.73 5.03
CA GLU F 85 -58.07 21.09 5.54
C GLU F 85 -56.79 21.85 5.24
N THR F 86 -55.64 21.20 5.39
CA THR F 86 -54.37 21.86 5.14
C THR F 86 -54.19 22.18 3.66
N VAL F 87 -54.49 21.21 2.79
CA VAL F 87 -54.39 21.45 1.36
C VAL F 87 -55.31 22.59 0.95
N ASP F 88 -56.56 22.56 1.44
CA ASP F 88 -57.51 23.61 1.06
C ASP F 88 -57.02 24.98 1.52
N PHE F 89 -56.43 25.06 2.72
CA PHE F 89 -55.87 26.32 3.18
C PHE F 89 -54.77 26.80 2.25
N VAL F 90 -53.77 25.95 1.99
CA VAL F 90 -52.62 26.36 1.18
C VAL F 90 -53.07 26.77 -0.22
N LYS F 91 -54.01 26.02 -0.79
CA LYS F 91 -54.37 26.28 -2.17
C LYS F 91 -55.35 27.43 -2.32
N SER F 92 -55.85 27.99 -1.23
CA SER F 92 -56.63 29.23 -1.29
C SER F 92 -55.80 30.47 -0.96
N ARG F 93 -54.51 30.33 -0.76
CA ARG F 93 -53.66 31.47 -0.45
C ARG F 93 -53.34 32.28 -1.69
N ASP F 94 -53.21 33.58 -1.51
CA ASP F 94 -52.79 34.46 -2.60
C ASP F 94 -51.33 34.19 -2.94
N LEU F 95 -50.98 34.38 -4.23
CA LEU F 95 -49.63 34.09 -4.67
C LEU F 95 -48.62 35.17 -4.29
N VAL F 96 -49.09 36.34 -3.86
CA VAL F 96 -48.24 37.47 -3.53
C VAL F 96 -48.47 37.96 -2.10
N VAL F 97 -49.72 38.10 -1.71
CA VAL F 97 -50.09 38.67 -0.41
C VAL F 97 -50.14 37.54 0.60
N ASP F 98 -49.57 37.78 1.79
CA ASP F 98 -49.43 36.76 2.81
C ASP F 98 -50.61 36.79 3.79
N THR F 99 -50.77 35.68 4.50
CA THR F 99 -51.80 35.58 5.52
C THR F 99 -51.27 36.10 6.84
N PRO F 100 -51.88 37.13 7.44
CA PRO F 100 -51.39 37.65 8.71
C PRO F 100 -51.95 36.91 9.92
N VAL F 101 -51.31 37.14 11.07
CA VAL F 101 -51.98 36.92 12.34
C VAL F 101 -53.14 37.90 12.43
N THR F 102 -54.32 37.41 12.82
CA THR F 102 -55.44 38.30 13.06
C THR F 102 -55.84 38.29 14.52
N LEU F 103 -56.46 39.37 14.95
CA LEU F 103 -56.93 39.51 16.33
C LEU F 103 -58.33 40.11 16.35
N SER F 104 -59.07 39.77 17.37
CA SER F 104 -60.32 40.39 17.79
C SER F 104 -60.02 41.58 18.69
N PRO F 105 -60.83 42.64 18.64
CA PRO F 105 -60.64 43.74 19.61
C PRO F 105 -60.79 43.28 21.05
N GLU F 106 -61.45 42.15 21.27
CA GLU F 106 -61.68 41.61 22.60
C GLU F 106 -60.59 40.66 23.06
N ASP F 107 -59.62 40.35 22.21
CA ASP F 107 -58.49 39.54 22.65
C ASP F 107 -57.67 40.31 23.68
N SER F 108 -56.96 39.57 24.52
CA SER F 108 -56.10 40.20 25.50
C SER F 108 -54.76 40.55 24.88
N VAL F 109 -54.09 41.53 25.50
CA VAL F 109 -52.73 41.89 25.10
C VAL F 109 -51.80 40.69 25.21
N SER F 110 -51.99 39.87 26.25
CA SER F 110 -51.13 38.71 26.46
C SER F 110 -51.25 37.72 25.30
N ASP F 111 -52.48 37.38 24.92
CA ASP F 111 -52.69 36.51 23.78
C ASP F 111 -52.12 37.11 22.50
N ALA F 112 -52.33 38.42 22.29
CA ALA F 112 -51.85 39.05 21.06
C ALA F 112 -50.33 38.97 20.96
N ASN F 113 -49.64 39.20 22.08
CA ASN F 113 -48.18 39.13 22.08
C ASN F 113 -47.70 37.71 21.77
N ALA F 114 -48.46 36.70 22.20
CA ALA F 114 -48.09 35.32 21.91
C ALA F 114 -48.36 34.95 20.46
N LEU F 115 -49.45 35.45 19.89
CA LEU F 115 -49.82 35.11 18.52
C LEU F 115 -48.96 35.82 17.48
N LEU F 116 -48.40 36.99 17.84
CA LEU F 116 -47.67 37.81 16.88
C LEU F 116 -46.55 37.05 16.19
N HIS F 117 -45.85 36.19 16.93
CA HIS F 117 -44.68 35.51 16.42
C HIS F 117 -45.01 34.26 15.63
N LYS F 118 -46.28 34.03 15.31
CA LYS F 118 -46.61 32.96 14.37
C LYS F 118 -46.29 33.33 12.93
N ARG F 119 -46.05 34.61 12.63
CA ARG F 119 -45.61 35.07 11.32
C ARG F 119 -44.45 36.03 11.51
N ALA F 120 -43.82 36.41 10.41
CA ALA F 120 -42.65 37.29 10.44
C ALA F 120 -42.98 38.75 10.16
N HIS F 121 -44.26 39.13 10.19
CA HIS F 121 -44.66 40.47 9.73
C HIS F 121 -44.40 41.55 10.76
N GLY F 122 -44.27 41.21 12.03
CA GLY F 122 -44.10 42.21 13.07
C GLY F 122 -45.36 42.95 13.45
N ALA F 123 -46.51 42.52 12.95
CA ALA F 123 -47.78 43.16 13.26
C ALA F 123 -48.90 42.18 12.99
N ALA F 124 -49.93 42.23 13.83
CA ALA F 124 -51.16 41.49 13.60
C ALA F 124 -52.25 42.47 13.21
N VAL F 125 -53.23 41.97 12.46
CA VAL F 125 -54.33 42.80 11.97
C VAL F 125 -55.54 42.56 12.86
N VAL F 126 -56.05 43.64 13.45
CA VAL F 126 -57.30 43.56 14.20
C VAL F 126 -58.45 43.59 13.20
N VAL F 127 -59.36 42.62 13.33
CA VAL F 127 -60.47 42.43 12.40
C VAL F 127 -61.78 42.55 13.16
N PHE F 128 -62.75 43.21 12.55
CA PHE F 128 -64.12 43.25 13.05
C PHE F 128 -65.05 43.03 11.87
N GLU F 129 -65.76 41.89 11.87
CA GLU F 129 -66.64 41.49 10.78
C GLU F 129 -65.87 41.44 9.45
N GLY F 130 -64.75 40.71 9.46
CA GLY F 130 -63.96 40.50 8.27
C GLY F 130 -63.15 41.69 7.80
N ARG F 131 -63.37 42.87 8.35
CA ARG F 131 -62.69 44.06 7.86
C ARG F 131 -61.57 44.48 8.81
N PRO F 132 -60.45 44.94 8.26
CA PRO F 132 -59.32 45.35 9.10
C PRO F 132 -59.59 46.71 9.75
N ILE F 133 -59.36 46.79 11.06
CA ILE F 133 -59.59 48.03 11.79
C ILE F 133 -58.37 48.54 12.53
N GLY F 134 -57.27 47.79 12.58
CA GLY F 134 -56.11 48.27 13.28
C GLY F 134 -54.96 47.29 13.19
N LEU F 135 -53.79 47.76 13.64
CA LEU F 135 -52.59 46.93 13.70
C LEU F 135 -52.08 46.87 15.14
N VAL F 136 -51.58 45.70 15.52
CA VAL F 136 -50.98 45.48 16.83
C VAL F 136 -49.53 45.07 16.60
N THR F 137 -48.62 45.81 17.23
CA THR F 137 -47.20 45.50 17.16
C THR F 137 -46.71 45.10 18.55
N GLU F 138 -45.52 44.50 18.59
CA GLU F 138 -44.88 44.17 19.86
C GLU F 138 -44.70 45.42 20.72
N ALA F 139 -44.37 46.55 20.09
CA ALA F 139 -44.20 47.80 20.83
C ALA F 139 -45.51 48.29 21.42
N ASN F 140 -46.65 47.97 20.78
CA ASN F 140 -47.96 48.33 21.33
C ASN F 140 -48.27 47.54 22.59
N CYS F 141 -47.70 46.36 22.76
CA CYS F 141 -47.99 45.51 23.90
C CYS F 141 -47.14 45.84 25.12
N ALA F 142 -46.14 46.71 24.99
CA ALA F 142 -45.20 46.97 26.07
C ALA F 142 -45.76 48.00 27.05
N GLY F 143 -45.47 47.79 28.34
CA GLY F 143 -45.88 48.73 29.37
C GLY F 143 -47.37 48.75 29.65
N VAL F 144 -48.12 47.80 29.11
CA VAL F 144 -49.57 47.76 29.25
C VAL F 144 -49.93 46.54 30.08
N ASP F 145 -51.00 46.67 30.88
CA ASP F 145 -51.55 45.52 31.58
C ASP F 145 -51.79 44.38 30.60
N ARG F 146 -51.18 43.22 30.88
CA ARG F 146 -51.24 42.12 29.93
C ARG F 146 -52.66 41.59 29.72
N PHE F 147 -53.63 42.01 30.55
CA PHE F 147 -55.00 41.63 30.35
C PHE F 147 -55.88 42.77 29.84
N ALA F 148 -55.27 43.90 29.47
CA ALA F 148 -56.01 44.89 28.70
C ALA F 148 -56.46 44.29 27.37
N ARG F 149 -57.49 44.88 26.79
CA ARG F 149 -57.99 44.41 25.51
C ARG F 149 -57.18 44.99 24.37
N VAL F 150 -57.13 44.25 23.26
CA VAL F 150 -56.44 44.71 22.07
C VAL F 150 -57.00 46.05 21.60
N ARG F 151 -58.31 46.25 21.77
CA ARG F 151 -58.94 47.50 21.38
C ARG F 151 -58.21 48.72 21.93
N ASP F 152 -57.65 48.62 23.14
CA ASP F 152 -57.01 49.76 23.79
C ASP F 152 -55.57 49.97 23.37
N ILE F 153 -54.98 49.07 22.59
CA ILE F 153 -53.60 49.23 22.14
C ILE F 153 -53.45 49.22 20.62
N ALA F 154 -54.50 48.88 19.87
CA ALA F 154 -54.39 48.80 18.42
C ALA F 154 -54.19 50.18 17.81
N LEU F 155 -53.48 50.22 16.68
CA LEU F 155 -53.27 51.44 15.92
C LEU F 155 -54.27 51.50 14.78
N SER F 156 -55.10 52.54 14.76
CA SER F 156 -56.13 52.64 13.73
C SER F 156 -55.59 53.14 12.40
N ASP F 157 -54.40 53.74 12.38
CA ASP F 157 -53.81 54.28 11.16
C ASP F 157 -52.80 53.27 10.62
N PHE F 158 -53.01 52.85 9.37
CA PHE F 158 -52.11 51.90 8.72
C PHE F 158 -52.27 52.02 7.22
N VAL F 159 -51.20 51.68 6.50
CA VAL F 159 -51.26 51.69 5.04
C VAL F 159 -52.17 50.56 4.58
N THR F 160 -53.03 50.87 3.60
CA THR F 160 -53.91 49.89 3.00
C THR F 160 -53.88 50.05 1.49
N ALA F 161 -54.14 48.96 0.78
CA ALA F 161 -54.13 48.98 -0.68
C ALA F 161 -54.99 47.83 -1.19
N PRO F 162 -55.63 48.00 -2.36
CA PRO F 162 -56.43 46.90 -2.92
C PRO F 162 -55.53 45.76 -3.36
N VAL F 163 -55.98 44.54 -3.09
CA VAL F 163 -55.27 43.37 -3.60
C VAL F 163 -55.21 43.48 -5.13
N GLY F 164 -54.07 43.11 -5.69
CA GLY F 164 -53.79 43.33 -7.09
C GLY F 164 -52.92 44.55 -7.38
N THR F 165 -52.78 45.45 -6.41
CA THR F 165 -51.85 46.57 -6.55
C THR F 165 -50.45 46.03 -6.83
N ASP F 166 -49.78 46.63 -7.82
CA ASP F 166 -48.43 46.25 -8.19
C ASP F 166 -47.54 46.24 -6.94
N PRO F 167 -46.80 45.15 -6.68
CA PRO F 167 -45.90 45.14 -5.51
C PRO F 167 -44.96 46.33 -5.44
N ARG F 168 -44.47 46.81 -6.59
CA ARG F 168 -43.62 48.00 -6.58
C ARG F 168 -44.33 49.20 -5.98
N GLU F 169 -45.62 49.34 -6.27
CA GLU F 169 -46.40 50.44 -5.73
C GLU F 169 -46.62 50.30 -4.24
N VAL F 170 -46.92 49.07 -3.78
CA VAL F 170 -47.05 48.84 -2.34
C VAL F 170 -45.74 49.16 -1.65
N PHE F 171 -44.62 48.67 -2.20
CA PHE F 171 -43.29 49.01 -1.69
C PHE F 171 -43.15 50.51 -1.47
N ASP F 172 -43.45 51.30 -2.50
CA ASP F 172 -43.31 52.75 -2.38
C ASP F 172 -44.28 53.34 -1.35
N LEU F 173 -45.51 52.79 -1.30
CA LEU F 173 -46.49 53.31 -0.35
C LEU F 173 -46.02 53.12 1.09
N LEU F 174 -45.16 52.14 1.33
CA LEU F 174 -44.68 51.83 2.68
C LEU F 174 -43.40 52.56 3.05
N GLU F 175 -42.81 53.33 2.12
CA GLU F 175 -41.46 53.82 2.33
C GLU F 175 -41.36 54.69 3.58
N HIS F 176 -42.32 55.58 3.79
CA HIS F 176 -42.31 56.46 4.96
C HIS F 176 -43.38 56.06 5.97
N ALA F 177 -43.82 54.81 5.94
CA ALA F 177 -44.80 54.35 6.90
C ALA F 177 -44.11 53.92 8.19
N PRO F 178 -44.66 54.27 9.36
CA PRO F 178 -44.05 53.82 10.61
C PRO F 178 -44.00 52.32 10.76
N ILE F 179 -45.01 51.62 10.24
CA ILE F 179 -45.09 50.17 10.31
C ILE F 179 -44.99 49.62 8.89
N ASP F 180 -44.02 48.73 8.68
CA ASP F 180 -43.71 48.15 7.37
C ASP F 180 -44.65 46.96 7.07
N VAL F 181 -45.95 47.28 7.02
CA VAL F 181 -47.00 46.32 6.71
C VAL F 181 -48.11 47.05 5.96
N ALA F 182 -48.40 46.61 4.73
CA ALA F 182 -49.57 47.11 4.01
C ALA F 182 -50.69 46.10 4.19
N VAL F 183 -51.86 46.60 4.60
CA VAL F 183 -53.05 45.77 4.75
C VAL F 183 -53.78 45.73 3.41
N MET F 184 -53.88 44.54 2.82
CA MET F 184 -54.42 44.39 1.49
C MET F 184 -55.90 44.00 1.58
N THR F 185 -56.74 44.70 0.80
CA THR F 185 -58.19 44.53 0.92
C THR F 185 -58.78 44.04 -0.39
N ALA F 186 -59.82 43.23 -0.27
CA ALA F 186 -60.66 42.84 -1.39
C ALA F 186 -61.57 44.00 -1.76
N PRO F 187 -62.29 43.92 -2.90
CA PRO F 187 -63.13 45.06 -3.31
C PRO F 187 -64.17 45.49 -2.28
N ASP F 188 -64.70 44.57 -1.48
CA ASP F 188 -65.68 44.95 -0.46
C ASP F 188 -65.04 45.51 0.80
N GLY F 189 -63.72 45.70 0.82
CA GLY F 189 -63.03 46.22 1.98
C GLY F 189 -62.64 45.19 3.02
N THR F 190 -63.02 43.93 2.85
CA THR F 190 -62.62 42.90 3.80
C THR F 190 -61.12 42.58 3.65
N LEU F 191 -60.56 42.04 4.72
CA LEU F 191 -59.14 41.71 4.74
C LEU F 191 -58.82 40.62 3.72
N ALA F 192 -57.84 40.89 2.85
CA ALA F 192 -57.33 39.89 1.94
C ALA F 192 -55.93 39.40 2.29
N GLY F 193 -55.16 40.18 3.04
CA GLY F 193 -53.87 39.74 3.52
C GLY F 193 -52.98 40.95 3.79
N VAL F 194 -51.68 40.69 3.91
CA VAL F 194 -50.70 41.75 4.14
C VAL F 194 -49.54 41.61 3.18
N LEU F 195 -48.83 42.72 3.00
CA LEU F 195 -47.63 42.72 2.16
C LEU F 195 -46.66 43.71 2.79
N THR F 196 -45.45 43.25 3.09
CA THR F 196 -44.39 44.11 3.60
C THR F 196 -43.48 44.52 2.45
N ARG F 197 -42.61 45.51 2.72
CA ARG F 197 -41.64 45.92 1.71
C ARG F 197 -40.76 44.76 1.28
N THR F 198 -40.34 43.91 2.22
CA THR F 198 -39.52 42.76 1.85
C THR F 198 -40.34 41.72 1.10
N GLY F 199 -41.61 41.52 1.51
CA GLY F 199 -42.48 40.62 0.76
C GLY F 199 -42.72 41.11 -0.66
N ALA F 200 -42.83 42.43 -0.84
CA ALA F 200 -42.96 42.98 -2.19
C ALA F 200 -41.71 42.71 -3.03
N ILE F 201 -40.53 42.90 -2.43
CA ILE F 201 -39.28 42.59 -3.13
C ILE F 201 -39.21 41.11 -3.49
N ARG F 202 -39.59 40.23 -2.56
CA ARG F 202 -39.49 38.80 -2.81
C ARG F 202 -40.42 38.36 -3.95
N ALA F 203 -41.52 39.07 -4.16
CA ALA F 203 -42.45 38.70 -5.24
C ALA F 203 -41.78 38.82 -6.60
N GLY F 204 -40.76 39.66 -6.73
CA GLY F 204 -40.05 39.88 -7.96
C GLY F 204 -38.80 39.03 -8.11
N ILE F 205 -38.52 38.19 -7.11
CA ILE F 205 -37.33 37.37 -7.07
C ILE F 205 -37.66 35.88 -7.12
N TYR F 206 -38.72 35.48 -6.41
CA TYR F 206 -39.09 34.08 -6.27
C TYR F 206 -40.35 33.81 -7.07
N THR F 207 -40.34 32.74 -7.86
CA THR F 207 -41.52 32.30 -8.58
C THR F 207 -42.30 31.32 -7.72
N PRO F 208 -43.57 31.58 -7.40
CA PRO F 208 -44.35 30.61 -6.62
C PRO F 208 -44.43 29.26 -7.30
N ALA F 209 -44.34 28.20 -6.50
CA ALA F 209 -44.53 26.85 -6.99
C ALA F 209 -46.02 26.55 -7.02
N VAL F 210 -46.56 26.25 -8.21
CA VAL F 210 -48.00 26.18 -8.40
C VAL F 210 -48.38 24.93 -9.17
N ASP F 211 -49.60 24.45 -8.93
CA ASP F 211 -50.14 23.30 -9.63
C ASP F 211 -50.73 23.74 -10.98
N ALA F 212 -51.38 22.83 -11.69
CA ALA F 212 -51.91 23.14 -13.01
C ALA F 212 -53.08 24.10 -12.97
N LYS F 213 -53.60 24.44 -11.79
CA LYS F 213 -54.62 25.47 -11.65
C LYS F 213 -54.05 26.78 -11.13
N GLY F 214 -52.72 26.87 -11.00
CA GLY F 214 -52.11 28.09 -10.52
C GLY F 214 -52.17 28.27 -9.01
N ARG F 215 -52.42 27.18 -8.27
CA ARG F 215 -52.53 27.23 -6.81
C ARG F 215 -51.25 26.71 -6.18
N LEU F 216 -50.92 27.21 -4.98
CA LEU F 216 -49.67 26.82 -4.32
C LEU F 216 -49.58 25.29 -4.19
N ARG F 217 -48.38 24.76 -4.46
CA ARG F 217 -48.11 23.34 -4.41
C ARG F 217 -47.92 22.87 -2.97
N ILE F 218 -48.18 21.58 -2.76
CA ILE F 218 -48.02 20.93 -1.46
C ILE F 218 -47.87 19.44 -1.70
N ALA F 219 -47.07 18.79 -0.86
CA ALA F 219 -46.85 17.36 -0.96
C ALA F 219 -47.31 16.68 0.32
N ALA F 220 -47.31 15.36 0.30
CA ALA F 220 -47.70 14.60 1.48
C ALA F 220 -46.94 13.28 1.53
N ALA F 221 -46.65 12.82 2.74
CA ALA F 221 -45.89 11.60 2.94
C ALA F 221 -46.78 10.47 3.43
N VAL F 222 -46.29 9.25 3.21
CA VAL F 222 -46.97 8.04 3.66
C VAL F 222 -45.91 7.03 4.08
N GLY F 223 -46.11 6.38 5.24
CA GLY F 223 -45.25 5.29 5.64
C GLY F 223 -45.69 3.98 4.99
N ILE F 224 -44.86 2.94 5.14
CA ILE F 224 -45.07 1.70 4.39
C ILE F 224 -45.86 0.66 5.18
N ASN F 225 -46.37 1.01 6.36
CA ASN F 225 -47.25 0.12 7.10
C ASN F 225 -48.70 0.29 6.65
N GLY F 226 -49.50 -0.76 6.89
CA GLY F 226 -50.92 -0.64 6.56
C GLY F 226 -51.18 -0.73 5.05
N ASP F 227 -52.28 -0.10 4.62
CA ASP F 227 -52.68 -0.13 3.21
C ASP F 227 -52.11 1.11 2.53
N VAL F 228 -50.89 0.96 1.98
CA VAL F 228 -50.18 2.11 1.44
C VAL F 228 -50.90 2.66 0.22
N GLY F 229 -51.41 1.78 -0.63
CA GLY F 229 -52.15 2.23 -1.81
C GLY F 229 -53.39 3.04 -1.45
N ALA F 230 -54.16 2.57 -0.46
CA ALA F 230 -55.34 3.32 -0.06
C ALA F 230 -54.97 4.68 0.51
N LYS F 231 -53.95 4.72 1.38
CA LYS F 231 -53.50 6.00 1.92
C LYS F 231 -53.00 6.92 0.82
N ALA F 232 -52.23 6.39 -0.13
CA ALA F 232 -51.72 7.22 -1.22
C ALA F 232 -52.87 7.76 -2.07
N GLN F 233 -53.82 6.89 -2.43
CA GLN F 233 -54.95 7.35 -3.21
C GLN F 233 -55.73 8.45 -2.49
N ALA F 234 -55.92 8.30 -1.17
CA ALA F 234 -56.62 9.32 -0.41
C ALA F 234 -55.86 10.65 -0.40
N LEU F 235 -54.53 10.60 -0.30
CA LEU F 235 -53.76 11.84 -0.32
C LEU F 235 -53.85 12.52 -1.68
N ALA F 236 -53.85 11.73 -2.75
CA ALA F 236 -54.01 12.31 -4.09
C ALA F 236 -55.38 12.96 -4.22
N GLU F 237 -56.42 12.27 -3.76
CA GLU F 237 -57.78 12.82 -3.83
C GLU F 237 -57.93 14.05 -2.96
N ALA F 238 -57.16 14.15 -1.87
CA ALA F 238 -57.16 15.34 -1.04
C ALA F 238 -56.45 16.53 -1.70
N GLY F 239 -55.72 16.30 -2.78
CA GLY F 239 -55.11 17.36 -3.53
C GLY F 239 -53.58 17.44 -3.48
N ALA F 240 -52.91 16.43 -2.91
CA ALA F 240 -51.45 16.49 -2.86
C ALA F 240 -50.89 16.50 -4.28
N ASP F 241 -49.84 17.29 -4.48
CA ASP F 241 -49.22 17.44 -5.79
C ASP F 241 -48.05 16.50 -5.99
N LEU F 242 -47.61 15.82 -4.93
CA LEU F 242 -46.47 14.91 -4.98
C LEU F 242 -46.57 14.03 -3.75
N LEU F 243 -46.19 12.77 -3.89
CA LEU F 243 -46.29 11.80 -2.80
C LEU F 243 -44.91 11.32 -2.42
N VAL F 244 -44.65 11.23 -1.12
CA VAL F 244 -43.40 10.73 -0.57
C VAL F 244 -43.69 9.45 0.19
N ILE F 245 -43.16 8.33 -0.30
CA ILE F 245 -43.24 7.07 0.43
C ILE F 245 -41.97 6.98 1.28
N ASP F 246 -42.12 7.03 2.59
CA ASP F 246 -41.01 7.34 3.48
C ASP F 246 -40.81 6.26 4.52
N THR F 247 -39.56 5.82 4.69
CA THR F 247 -39.22 4.86 5.74
C THR F 247 -37.74 4.98 6.05
N ALA F 248 -37.36 4.54 7.24
CA ALA F 248 -35.97 4.70 7.66
C ALA F 248 -35.03 3.87 6.79
N HIS F 249 -35.40 2.62 6.51
CA HIS F 249 -34.57 1.75 5.68
C HIS F 249 -35.32 1.48 4.39
N GLY F 250 -35.09 2.33 3.38
CA GLY F 250 -35.81 2.20 2.13
C GLY F 250 -35.48 0.96 1.35
N HIS F 251 -34.31 0.36 1.57
CA HIS F 251 -33.88 -0.75 0.72
C HIS F 251 -34.34 -2.08 1.32
N GLN F 252 -35.65 -2.28 1.28
CA GLN F 252 -36.22 -3.50 1.84
C GLN F 252 -37.48 -3.87 1.10
N ALA F 253 -37.82 -5.16 1.18
CA ALA F 253 -38.93 -5.71 0.40
C ALA F 253 -40.24 -4.99 0.67
N LYS F 254 -40.50 -4.63 1.94
CA LYS F 254 -41.77 -3.97 2.24
C LYS F 254 -41.87 -2.62 1.52
N MET F 255 -40.75 -1.94 1.32
CA MET F 255 -40.78 -0.67 0.57
C MET F 255 -41.00 -0.90 -0.92
N LEU F 256 -40.31 -1.89 -1.50
CA LEU F 256 -40.51 -2.20 -2.90
C LEU F 256 -41.97 -2.54 -3.18
N ASP F 257 -42.59 -3.32 -2.30
CA ASP F 257 -44.01 -3.65 -2.43
C ASP F 257 -44.88 -2.41 -2.35
N ALA F 258 -44.57 -1.49 -1.41
CA ALA F 258 -45.37 -0.28 -1.27
C ALA F 258 -45.28 0.59 -2.51
N ILE F 259 -44.07 0.76 -3.05
CA ILE F 259 -43.91 1.56 -4.26
C ILE F 259 -44.75 0.97 -5.39
N LYS F 260 -44.65 -0.35 -5.56
CA LYS F 260 -45.38 -1.01 -6.65
C LYS F 260 -46.88 -0.83 -6.49
N ALA F 261 -47.38 -0.95 -5.26
CA ALA F 261 -48.81 -0.75 -5.01
C ALA F 261 -49.25 0.67 -5.37
N VAL F 262 -48.46 1.68 -4.99
CA VAL F 262 -48.85 3.06 -5.29
C VAL F 262 -48.72 3.34 -6.79
N ALA F 263 -47.63 2.87 -7.41
CA ALA F 263 -47.45 3.08 -8.84
C ALA F 263 -48.59 2.46 -9.63
N SER F 264 -49.07 1.29 -9.20
CA SER F 264 -50.11 0.58 -9.95
C SER F 264 -51.42 1.34 -9.96
N LEU F 265 -51.63 2.28 -9.04
CA LEU F 265 -52.86 3.06 -9.03
C LEU F 265 -52.86 4.17 -10.07
N ASP F 266 -51.72 4.45 -10.71
CA ASP F 266 -51.63 5.43 -11.79
C ASP F 266 -52.24 6.78 -11.37
N LEU F 267 -51.74 7.31 -10.24
CA LEU F 267 -52.33 8.52 -9.67
C LEU F 267 -51.94 9.79 -10.42
N GLY F 268 -50.97 9.73 -11.31
CA GLY F 268 -50.56 10.91 -12.06
C GLY F 268 -49.67 11.87 -11.32
N LEU F 269 -49.06 11.45 -10.21
CA LEU F 269 -48.26 12.33 -9.38
C LEU F 269 -46.82 11.85 -9.33
N PRO F 270 -45.85 12.78 -9.27
CA PRO F 270 -44.46 12.37 -8.99
C PRO F 270 -44.42 11.55 -7.71
N LEU F 271 -43.63 10.48 -7.73
CA LEU F 271 -43.51 9.58 -6.58
C LEU F 271 -42.07 9.58 -6.08
N VAL F 272 -41.88 10.09 -4.86
CA VAL F 272 -40.61 10.04 -4.16
C VAL F 272 -40.63 8.82 -3.25
N ALA F 273 -39.52 8.11 -3.16
CA ALA F 273 -39.40 7.03 -2.19
C ALA F 273 -38.00 7.02 -1.58
N GLY F 274 -37.91 6.68 -0.30
CA GLY F 274 -36.63 6.61 0.37
C GLY F 274 -36.83 6.09 1.79
N ASN F 275 -35.71 5.91 2.51
CA ASN F 275 -34.40 6.44 2.12
C ASN F 275 -33.35 5.36 1.87
N VAL F 276 -32.46 5.61 0.90
CA VAL F 276 -31.34 4.73 0.65
C VAL F 276 -30.07 5.56 0.57
N VAL F 277 -28.92 4.88 0.56
CA VAL F 277 -27.64 5.57 0.39
C VAL F 277 -26.72 4.82 -0.57
N SER F 278 -27.26 3.85 -1.30
CA SER F 278 -26.47 3.05 -2.22
C SER F 278 -27.03 3.11 -3.64
N ALA F 279 -26.13 2.88 -4.61
CA ALA F 279 -26.57 2.78 -6.01
C ALA F 279 -27.59 1.67 -6.19
N GLU F 280 -27.36 0.51 -5.56
CA GLU F 280 -28.30 -0.61 -5.68
C GLU F 280 -29.67 -0.23 -5.14
N GLY F 281 -29.70 0.40 -3.96
CA GLY F 281 -30.97 0.86 -3.41
C GLY F 281 -31.67 1.85 -4.31
N THR F 282 -30.90 2.77 -4.92
CA THR F 282 -31.49 3.72 -5.85
C THR F 282 -32.08 3.00 -7.06
N ARG F 283 -31.34 2.06 -7.65
CA ARG F 283 -31.88 1.32 -8.80
C ARG F 283 -33.15 0.57 -8.43
N ASP F 284 -33.16 -0.05 -7.25
CA ASP F 284 -34.30 -0.90 -6.88
C ASP F 284 -35.55 -0.07 -6.62
N LEU F 285 -35.40 1.12 -6.03
CA LEU F 285 -36.59 1.93 -5.78
C LEU F 285 -37.15 2.51 -7.08
N ILE F 286 -36.28 2.86 -8.02
CA ILE F 286 -36.78 3.40 -9.29
C ILE F 286 -37.47 2.29 -10.07
N GLU F 287 -36.85 1.10 -10.13
CA GLU F 287 -37.44 -0.01 -10.86
C GLU F 287 -38.76 -0.47 -10.25
N ALA F 288 -38.96 -0.23 -8.96
CA ALA F 288 -40.25 -0.52 -8.34
C ALA F 288 -41.31 0.51 -8.74
N GLY F 289 -40.91 1.67 -9.22
CA GLY F 289 -41.89 2.65 -9.68
C GLY F 289 -41.70 4.09 -9.23
N ALA F 290 -40.70 4.36 -8.40
CA ALA F 290 -40.40 5.72 -7.99
C ALA F 290 -39.72 6.47 -9.13
N SER F 291 -40.04 7.75 -9.26
CA SER F 291 -39.27 8.61 -10.16
C SER F 291 -38.21 9.43 -9.43
N ILE F 292 -38.32 9.58 -8.11
CA ILE F 292 -37.37 10.33 -7.31
C ILE F 292 -36.99 9.46 -6.12
N VAL F 293 -35.69 9.38 -5.82
CA VAL F 293 -35.21 8.59 -4.69
C VAL F 293 -34.69 9.54 -3.63
N LYS F 294 -35.16 9.37 -2.39
CA LYS F 294 -34.72 10.22 -1.28
C LYS F 294 -33.53 9.54 -0.59
N VAL F 295 -32.44 10.29 -0.43
CA VAL F 295 -31.14 9.75 -0.07
C VAL F 295 -30.75 10.30 1.30
N GLY F 296 -30.46 9.38 2.23
CA GLY F 296 -29.99 9.81 3.54
C GLY F 296 -30.30 8.80 4.62
N VAL F 297 -29.27 8.16 5.18
CA VAL F 297 -29.41 7.25 6.31
C VAL F 297 -28.25 7.54 7.25
N GLY F 298 -28.56 7.89 8.49
CA GLY F 298 -27.58 8.25 9.48
C GLY F 298 -26.38 9.02 8.93
N PRO F 299 -26.62 10.18 8.33
CA PRO F 299 -25.50 10.97 7.79
C PRO F 299 -24.59 11.57 8.85
N GLY F 300 -25.08 11.75 10.07
CA GLY F 300 -24.25 12.32 11.13
C GLY F 300 -23.60 11.24 11.97
N ALA F 301 -22.27 11.26 12.06
CA ALA F 301 -21.55 10.22 12.78
C ALA F 301 -21.92 10.20 14.26
N MET F 302 -22.33 11.33 14.82
CA MET F 302 -22.65 11.42 16.24
C MET F 302 -24.14 11.39 16.53
N CYS F 303 -24.99 11.18 15.52
CA CYS F 303 -26.42 11.24 15.76
C CYS F 303 -26.98 9.86 16.11
N THR F 304 -28.28 9.85 16.44
CA THR F 304 -28.89 8.70 17.10
C THR F 304 -28.76 7.42 16.29
N THR F 305 -29.16 7.44 15.03
CA THR F 305 -29.11 6.23 14.21
C THR F 305 -27.71 5.63 14.19
N ARG F 306 -26.70 6.45 13.92
CA ARG F 306 -25.35 5.95 13.87
C ARG F 306 -24.89 5.45 15.23
N MET F 307 -25.26 6.15 16.31
CA MET F 307 -24.78 5.75 17.62
C MET F 307 -25.52 4.54 18.17
N MET F 308 -26.70 4.25 17.65
CA MET F 308 -27.43 3.05 18.05
C MET F 308 -27.04 1.81 17.25
N THR F 309 -26.69 1.97 15.97
CA THR F 309 -26.57 0.84 15.08
C THR F 309 -25.27 0.78 14.30
N GLY F 310 -24.49 1.86 14.26
CA GLY F 310 -23.34 1.92 13.39
C GLY F 310 -23.68 2.12 11.93
N VAL F 311 -24.97 2.23 11.59
CA VAL F 311 -25.41 2.25 10.20
C VAL F 311 -25.54 3.68 9.71
N GLY F 312 -25.02 3.94 8.52
CA GLY F 312 -25.23 5.22 7.88
C GLY F 312 -24.24 5.38 6.74
N ARG F 313 -24.21 6.60 6.21
CA ARG F 313 -23.21 6.87 5.17
C ARG F 313 -22.97 8.36 5.09
N PRO F 314 -21.71 8.79 4.99
CA PRO F 314 -21.44 10.22 4.79
C PRO F 314 -22.21 10.74 3.58
N GLN F 315 -22.90 11.86 3.77
CA GLN F 315 -23.98 12.24 2.87
C GLN F 315 -23.49 12.70 1.49
N PHE F 316 -22.35 13.37 1.40
CA PHE F 316 -21.89 13.80 0.08
C PHE F 316 -21.61 12.60 -0.82
N SER F 317 -20.87 11.61 -0.30
CA SER F 317 -20.63 10.41 -1.11
C SER F 317 -21.93 9.67 -1.41
N ALA F 318 -22.85 9.65 -0.45
CA ALA F 318 -24.14 9.00 -0.66
C ALA F 318 -24.89 9.66 -1.80
N VAL F 319 -24.91 11.00 -1.83
CA VAL F 319 -25.66 11.70 -2.88
C VAL F 319 -24.97 11.55 -4.23
N VAL F 320 -23.63 11.65 -4.26
CA VAL F 320 -22.92 11.47 -5.53
C VAL F 320 -23.26 10.12 -6.14
N GLU F 321 -23.15 9.04 -5.35
CA GLU F 321 -23.37 7.70 -5.86
C GLU F 321 -24.83 7.48 -6.28
N CYS F 322 -25.77 7.90 -5.45
CA CYS F 322 -27.17 7.66 -5.78
C CYS F 322 -27.63 8.54 -6.95
N ALA F 323 -27.18 9.79 -7.01
CA ALA F 323 -27.58 10.65 -8.13
C ALA F 323 -27.09 10.08 -9.44
N ALA F 324 -25.87 9.54 -9.46
CA ALA F 324 -25.32 8.97 -10.68
C ALA F 324 -26.09 7.72 -11.09
N ALA F 325 -26.45 6.89 -10.12
CA ALA F 325 -27.28 5.71 -10.39
C ALA F 325 -28.65 6.11 -10.93
N ALA F 326 -29.30 7.08 -10.30
CA ALA F 326 -30.63 7.50 -10.73
C ALA F 326 -30.59 8.07 -12.14
N ARG F 327 -29.54 8.83 -12.45
CA ARG F 327 -29.42 9.46 -13.77
C ARG F 327 -29.47 8.41 -14.88
N GLN F 328 -28.85 7.25 -14.67
CA GLN F 328 -28.85 6.23 -15.72
C GLN F 328 -30.23 5.68 -16.02
N LEU F 329 -31.18 5.85 -15.10
CA LEU F 329 -32.54 5.35 -15.28
C LEU F 329 -33.54 6.48 -15.51
N GLY F 330 -33.06 7.68 -15.75
CA GLY F 330 -33.94 8.82 -15.99
C GLY F 330 -34.56 9.39 -14.73
N GLY F 331 -34.07 9.01 -13.55
CA GLY F 331 -34.61 9.46 -12.29
C GLY F 331 -33.78 10.56 -11.65
N HIS F 332 -34.18 10.92 -10.43
CA HIS F 332 -33.61 12.05 -9.71
C HIS F 332 -33.46 11.64 -8.26
N VAL F 333 -32.63 12.38 -7.50
CA VAL F 333 -32.50 12.13 -6.07
C VAL F 333 -32.67 13.42 -5.26
N TRP F 334 -33.28 13.28 -4.10
CA TRP F 334 -33.36 14.34 -3.10
C TRP F 334 -32.34 14.07 -1.99
N ALA F 335 -31.54 15.08 -1.66
CA ALA F 335 -30.58 14.97 -0.57
C ALA F 335 -31.30 15.32 0.72
N ASP F 336 -31.47 14.33 1.61
CA ASP F 336 -32.33 14.46 2.79
C ASP F 336 -31.49 14.26 4.05
N GLY F 337 -31.25 15.35 4.78
CA GLY F 337 -30.65 15.24 6.09
C GLY F 337 -29.35 15.99 6.29
N GLY F 338 -29.17 16.54 7.49
CA GLY F 338 -27.91 17.15 7.86
C GLY F 338 -27.63 18.51 7.27
N VAL F 339 -28.61 19.16 6.64
CA VAL F 339 -28.41 20.49 6.06
C VAL F 339 -28.50 21.53 7.17
N ARG F 340 -27.45 22.32 7.32
CA ARG F 340 -27.42 23.36 8.34
C ARG F 340 -26.95 24.71 7.83
N HIS F 341 -26.40 24.77 6.62
CA HIS F 341 -25.81 25.97 6.05
C HIS F 341 -26.10 25.99 4.56
N PRO F 342 -26.06 27.17 3.93
CA PRO F 342 -26.22 27.22 2.47
C PRO F 342 -25.19 26.38 1.75
N ARG F 343 -23.96 26.29 2.28
CA ARG F 343 -22.95 25.38 1.73
C ARG F 343 -23.50 23.98 1.51
N ASP F 344 -24.26 23.46 2.49
CA ASP F 344 -24.75 22.09 2.39
C ASP F 344 -25.71 21.94 1.22
N VAL F 345 -26.59 22.93 1.01
CA VAL F 345 -27.49 22.92 -0.14
C VAL F 345 -26.69 22.95 -1.43
N ALA F 346 -25.72 23.87 -1.51
CA ALA F 346 -24.91 23.97 -2.73
C ALA F 346 -24.16 22.68 -3.02
N LEU F 347 -23.56 22.07 -1.99
CA LEU F 347 -22.79 20.85 -2.21
C LEU F 347 -23.70 19.68 -2.61
N ALA F 348 -24.88 19.58 -2.01
CA ALA F 348 -25.83 18.55 -2.41
C ALA F 348 -26.18 18.67 -3.88
N LEU F 349 -26.42 19.89 -4.36
CA LEU F 349 -26.77 20.10 -5.76
C LEU F 349 -25.57 19.83 -6.67
N ALA F 350 -24.38 20.27 -6.24
CA ALA F 350 -23.15 19.96 -6.99
C ALA F 350 -22.94 18.45 -7.10
N ALA F 351 -23.31 17.71 -6.04
CA ALA F 351 -23.21 16.24 -6.04
C ALA F 351 -24.20 15.60 -7.00
N GLY F 352 -25.22 16.33 -7.44
CA GLY F 352 -26.16 15.82 -8.41
C GLY F 352 -27.58 15.69 -7.92
N ALA F 353 -27.90 16.03 -6.67
CA ALA F 353 -29.29 16.02 -6.25
C ALA F 353 -30.08 17.05 -7.05
N SER F 354 -31.34 16.72 -7.33
CA SER F 354 -32.24 17.67 -7.98
C SER F 354 -32.92 18.62 -6.99
N ASN F 355 -32.93 18.26 -5.70
CA ASN F 355 -33.64 19.01 -4.68
C ASN F 355 -33.01 18.65 -3.36
N VAL F 356 -33.18 19.52 -2.37
CA VAL F 356 -32.57 19.34 -1.06
C VAL F 356 -33.66 19.42 -0.02
N MET F 357 -33.77 18.40 0.83
CA MET F 357 -34.78 18.36 1.87
C MET F 357 -34.20 18.86 3.19
N ILE F 358 -34.87 19.82 3.80
CA ILE F 358 -34.40 20.50 5.01
C ILE F 358 -35.42 20.29 6.12
N GLY F 359 -34.96 19.77 7.25
CA GLY F 359 -35.85 19.57 8.38
C GLY F 359 -35.60 20.51 9.55
N SER F 360 -34.75 20.09 10.49
N SER F 360 -34.75 20.08 10.49
CA SER F 360 -34.68 20.77 11.77
CA SER F 360 -34.61 20.74 11.79
C SER F 360 -34.21 22.21 11.65
N TRP F 361 -33.37 22.53 10.66
CA TRP F 361 -32.98 23.93 10.48
C TRP F 361 -34.20 24.84 10.44
N PHE F 362 -35.23 24.43 9.72
CA PHE F 362 -36.42 25.26 9.60
C PHE F 362 -37.35 25.20 10.82
N ALA F 363 -37.09 24.32 11.78
CA ALA F 363 -37.83 24.41 13.03
C ALA F 363 -37.59 25.75 13.71
N GLY F 364 -36.39 26.30 13.55
CA GLY F 364 -36.06 27.54 14.21
C GLY F 364 -36.50 28.76 13.42
N THR F 365 -37.79 28.82 13.11
CA THR F 365 -38.39 29.95 12.41
C THR F 365 -39.74 30.28 13.02
N TYR F 366 -40.22 31.49 12.73
CA TYR F 366 -41.55 31.88 13.19
C TYR F 366 -42.62 30.94 12.65
N GLU F 367 -42.48 30.51 11.39
CA GLU F 367 -43.55 29.81 10.68
C GLU F 367 -43.68 28.33 11.02
N SER F 368 -42.72 27.73 11.73
CA SER F 368 -42.83 26.33 12.10
C SER F 368 -43.91 26.16 13.16
N PRO F 369 -44.50 24.97 13.28
CA PRO F 369 -45.71 24.81 14.13
C PRO F 369 -45.46 24.97 15.63
N GLY F 370 -44.24 24.74 16.11
CA GLY F 370 -44.01 24.76 17.54
C GLY F 370 -44.08 26.15 18.15
N ASP F 371 -44.20 26.18 19.47
CA ASP F 371 -44.20 27.43 20.22
C ASP F 371 -42.80 28.05 20.27
N LEU F 372 -42.75 29.37 20.17
CA LEU F 372 -41.49 30.08 20.33
C LEU F 372 -41.05 30.05 21.79
N LEU F 373 -39.83 29.59 22.03
CA LEU F 373 -39.28 29.47 23.39
C LEU F 373 -38.06 30.37 23.53
N PHE F 374 -37.61 30.52 24.77
CA PHE F 374 -36.44 31.34 25.09
C PHE F 374 -35.57 30.61 26.08
N ASP F 375 -34.25 30.59 25.82
CA ASP F 375 -33.32 29.84 26.66
C ASP F 375 -32.89 30.70 27.85
N ARG F 376 -31.85 30.24 28.56
CA ARG F 376 -31.40 30.94 29.77
C ARG F 376 -30.87 32.34 29.48
N ASP F 377 -30.51 32.63 28.22
CA ASP F 377 -29.99 33.93 27.83
C ASP F 377 -31.03 34.78 27.10
N ASP F 378 -32.31 34.42 27.22
CA ASP F 378 -33.41 35.10 26.53
C ASP F 378 -33.29 35.03 25.01
N ARG F 379 -32.45 34.12 24.49
CA ARG F 379 -32.37 33.94 23.04
C ARG F 379 -33.52 33.07 22.55
N PRO F 380 -34.17 33.45 21.46
CA PRO F 380 -35.33 32.66 20.99
C PRO F 380 -34.90 31.37 20.29
N TYR F 381 -35.71 30.34 20.49
CA TYR F 381 -35.46 29.05 19.86
C TYR F 381 -36.76 28.27 19.80
N LYS F 382 -36.76 27.22 18.99
CA LYS F 382 -37.81 26.22 19.01
C LYS F 382 -37.17 24.85 19.02
N GLU F 383 -37.94 23.86 19.45
CA GLU F 383 -37.43 22.50 19.51
C GLU F 383 -37.80 21.77 18.22
N SER F 384 -36.80 21.20 17.58
CA SER F 384 -37.06 20.18 16.58
C SER F 384 -37.05 18.83 17.28
N TYR F 385 -37.77 17.88 16.70
CA TYR F 385 -37.80 16.52 17.22
C TYR F 385 -38.11 15.57 16.09
N GLY F 386 -37.72 14.31 16.28
CA GLY F 386 -37.86 13.33 15.22
C GLY F 386 -39.25 12.77 15.06
N MET F 387 -39.46 12.18 13.89
CA MET F 387 -40.67 11.41 13.60
C MET F 387 -40.61 9.99 14.17
N ALA F 388 -39.42 9.50 14.51
CA ALA F 388 -39.25 8.27 15.27
C ALA F 388 -39.96 7.07 14.65
N SER F 389 -40.91 6.46 15.38
CA SER F 389 -41.52 5.24 14.85
C SER F 389 -42.42 5.50 13.65
N LYS F 390 -42.76 6.76 13.36
CA LYS F 390 -43.53 7.05 12.16
C LYS F 390 -42.72 6.81 10.89
N ARG F 391 -41.42 6.53 11.02
CA ARG F 391 -40.59 6.13 9.89
C ARG F 391 -40.19 4.66 9.93
N ALA F 392 -40.70 3.90 10.90
CA ALA F 392 -40.28 2.51 11.08
C ALA F 392 -41.35 1.53 10.59
N VAL F 393 -40.89 0.33 10.26
CA VAL F 393 -41.79 -0.79 9.97
C VAL F 393 -42.42 -1.27 11.27
N ALA F 394 -43.72 -1.57 11.22
CA ALA F 394 -44.40 -2.11 12.40
C ALA F 394 -45.32 -3.27 12.02
N SER F 401 -53.03 -7.66 22.25
CA SER F 401 -53.34 -7.18 23.59
C SER F 401 -52.43 -6.03 24.01
N SER F 402 -52.73 -5.42 25.15
CA SER F 402 -51.87 -4.36 25.67
C SER F 402 -50.50 -4.89 26.05
N PHE F 403 -50.40 -6.18 26.37
CA PHE F 403 -49.09 -6.79 26.62
C PHE F 403 -48.29 -6.87 25.33
N ASP F 404 -48.89 -7.42 24.27
CA ASP F 404 -48.22 -7.43 22.97
C ASP F 404 -47.88 -6.02 22.50
N ARG F 405 -48.77 -5.06 22.78
CA ARG F 405 -48.50 -3.67 22.43
C ARG F 405 -47.26 -3.15 23.16
N ALA F 406 -47.19 -3.38 24.47
CA ALA F 406 -46.04 -2.91 25.24
C ALA F 406 -44.77 -3.67 24.88
N ARG F 407 -44.88 -4.96 24.54
CA ARG F 407 -43.71 -5.71 24.12
C ARG F 407 -43.08 -5.10 22.87
N LYS F 408 -43.89 -4.94 21.81
CA LYS F 408 -43.37 -4.33 20.59
C LYS F 408 -42.90 -2.89 20.82
N GLY F 409 -43.51 -2.20 21.78
CA GLY F 409 -43.15 -0.81 22.04
C GLY F 409 -41.86 -0.60 22.79
N LEU F 410 -41.37 -1.64 23.49
CA LEU F 410 -40.21 -1.47 24.35
C LEU F 410 -38.97 -1.08 23.55
N PHE F 411 -38.82 -1.59 22.34
CA PHE F 411 -37.62 -1.38 21.55
C PHE F 411 -37.75 -0.23 20.55
N GLU F 412 -38.89 0.47 20.52
CA GLU F 412 -39.07 1.52 19.53
C GLU F 412 -38.17 2.71 19.82
N GLU F 413 -37.74 3.37 18.73
CA GLU F 413 -36.93 4.57 18.84
C GLU F 413 -37.69 5.66 19.60
N GLY F 414 -37.05 6.24 20.60
CA GLY F 414 -37.61 7.39 21.28
C GLY F 414 -37.55 8.63 20.40
N ILE F 415 -38.29 9.65 20.82
CA ILE F 415 -38.23 10.94 20.14
C ILE F 415 -37.04 11.73 20.68
N SER F 416 -36.09 12.05 19.82
CA SER F 416 -34.98 12.93 20.17
C SER F 416 -35.38 14.38 19.93
N THR F 417 -34.88 15.27 20.78
CA THR F 417 -35.26 16.69 20.76
C THR F 417 -34.01 17.55 20.67
N SER F 418 -34.04 18.56 19.79
CA SER F 418 -32.92 19.47 19.61
C SER F 418 -33.41 20.90 19.67
N ARG F 419 -32.57 21.78 20.22
CA ARG F 419 -32.88 23.20 20.28
C ARG F 419 -32.36 23.87 19.01
N MET F 420 -33.27 24.50 18.25
CA MET F 420 -32.90 25.20 17.03
C MET F 420 -33.10 26.69 17.27
N SER F 421 -32.00 27.43 17.36
CA SER F 421 -32.07 28.85 17.65
C SER F 421 -32.62 29.62 16.44
N LEU F 422 -33.53 30.54 16.71
CA LEU F 422 -33.93 31.52 15.71
C LEU F 422 -32.84 32.58 15.59
N ASP F 423 -32.50 32.91 14.37
CA ASP F 423 -31.61 34.04 14.14
C ASP F 423 -32.40 35.32 14.37
N PRO F 424 -31.99 36.18 15.30
CA PRO F 424 -32.66 37.50 15.41
C PRO F 424 -32.60 38.30 14.13
N ALA F 425 -31.72 37.96 13.19
CA ALA F 425 -31.68 38.59 11.87
C ALA F 425 -32.32 37.75 10.78
N ARG F 426 -32.58 36.47 11.02
CA ARG F 426 -33.18 35.60 10.00
C ARG F 426 -34.28 34.75 10.63
N GLY F 427 -35.15 35.39 11.43
CA GLY F 427 -36.15 34.66 12.19
C GLY F 427 -37.24 34.02 11.35
N GLY F 428 -37.54 34.60 10.20
CA GLY F 428 -38.53 34.00 9.31
C GLY F 428 -37.90 33.00 8.37
N VAL F 429 -38.69 32.01 7.95
CA VAL F 429 -38.16 31.00 7.02
C VAL F 429 -37.77 31.65 5.69
N GLU F 430 -38.44 32.74 5.30
CA GLU F 430 -38.06 33.37 4.04
C GLU F 430 -36.70 34.04 4.14
N ASP F 431 -36.31 34.45 5.34
CA ASP F 431 -34.94 34.93 5.53
C ASP F 431 -33.94 33.81 5.34
N LEU F 432 -34.27 32.60 5.81
CA LEU F 432 -33.40 31.45 5.53
C LEU F 432 -33.38 31.14 4.04
N LEU F 433 -34.51 31.27 3.36
CA LEU F 433 -34.53 31.02 1.92
C LEU F 433 -33.69 32.05 1.16
N ASP F 434 -33.74 33.32 1.58
CA ASP F 434 -32.82 34.32 1.04
C ASP F 434 -31.38 33.90 1.24
N HIS F 435 -31.06 33.46 2.46
CA HIS F 435 -29.70 33.02 2.81
C HIS F 435 -29.28 31.82 1.96
N ILE F 436 -30.15 30.81 1.87
CA ILE F 436 -29.83 29.60 1.10
C ILE F 436 -29.65 29.93 -0.38
N THR F 437 -30.62 30.62 -0.96
CA THR F 437 -30.57 30.78 -2.41
C THR F 437 -29.56 31.85 -2.82
N SER F 438 -29.30 32.84 -1.96
CA SER F 438 -28.17 33.73 -2.23
C SER F 438 -26.87 32.93 -2.35
N GLY F 439 -26.68 31.99 -1.42
CA GLY F 439 -25.48 31.18 -1.46
C GLY F 439 -25.39 30.30 -2.69
N VAL F 440 -26.48 29.60 -3.01
CA VAL F 440 -26.46 28.69 -4.16
C VAL F 440 -26.26 29.46 -5.46
N ARG F 441 -26.92 30.61 -5.61
CA ARG F 441 -26.69 31.43 -6.79
C ARG F 441 -25.21 31.82 -6.89
N SER F 442 -24.60 32.14 -5.74
N SER F 442 -24.60 32.14 -5.74
CA SER F 442 -23.17 32.48 -5.73
CA SER F 442 -23.19 32.48 -5.73
C SER F 442 -22.32 31.29 -6.14
N THR F 443 -22.62 30.09 -5.61
CA THR F 443 -21.90 28.89 -6.05
C THR F 443 -21.96 28.75 -7.56
N CYS F 444 -23.13 28.98 -8.13
CA CYS F 444 -23.28 28.85 -9.57
C CYS F 444 -22.42 29.86 -10.32
N THR F 445 -22.36 31.10 -9.84
CA THR F 445 -21.52 32.09 -10.52
C THR F 445 -20.05 31.72 -10.40
N TYR F 446 -19.63 31.19 -9.24
CA TYR F 446 -18.24 30.75 -9.09
C TYR F 446 -17.90 29.60 -10.03
N VAL F 447 -18.87 28.70 -10.27
CA VAL F 447 -18.63 27.52 -11.10
C VAL F 447 -18.74 27.86 -12.58
N GLY F 448 -19.46 28.92 -12.92
CA GLY F 448 -19.77 29.22 -14.30
C GLY F 448 -21.06 28.61 -14.78
N ALA F 449 -21.95 28.25 -13.87
CA ALA F 449 -23.20 27.58 -14.19
C ALA F 449 -24.37 28.57 -14.20
N ALA F 450 -25.22 28.45 -15.22
CA ALA F 450 -26.40 29.28 -15.37
C ALA F 450 -27.66 28.65 -14.79
N ASN F 451 -27.58 27.38 -14.36
CA ASN F 451 -28.73 26.65 -13.85
C ASN F 451 -28.21 25.44 -13.07
N LEU F 452 -29.13 24.69 -12.48
CA LEU F 452 -28.69 23.58 -11.63
C LEU F 452 -28.12 22.40 -12.42
N PRO F 453 -28.68 22.01 -13.57
CA PRO F 453 -27.97 21.01 -14.38
C PRO F 453 -26.54 21.42 -14.70
N GLU F 454 -26.31 22.68 -15.05
CA GLU F 454 -24.95 23.13 -15.37
C GLU F 454 -24.04 23.09 -14.15
N LEU F 455 -24.59 23.33 -12.96
CA LEU F 455 -23.77 23.26 -11.75
C LEU F 455 -23.19 21.86 -11.59
N HIS F 456 -24.03 20.84 -11.72
CA HIS F 456 -23.54 19.47 -11.59
C HIS F 456 -22.65 19.09 -12.77
N GLU F 457 -22.94 19.64 -13.96
CA GLU F 457 -22.15 19.31 -15.14
C GLU F 457 -20.74 19.90 -15.06
N LYS F 458 -20.59 21.07 -14.45
CA LYS F 458 -19.37 21.86 -14.55
C LYS F 458 -18.50 21.85 -13.29
N VAL F 459 -19.02 21.36 -12.17
CA VAL F 459 -18.35 21.60 -10.89
C VAL F 459 -17.09 20.75 -10.79
N VAL F 460 -16.05 21.33 -10.21
CA VAL F 460 -14.81 20.66 -9.84
C VAL F 460 -14.69 20.76 -8.34
N LEU F 461 -14.45 19.64 -7.67
CA LEU F 461 -14.37 19.62 -6.22
C LEU F 461 -13.02 19.13 -5.76
N GLY F 462 -12.69 19.45 -4.50
CA GLY F 462 -11.51 18.92 -3.86
C GLY F 462 -11.84 18.47 -2.46
N VAL F 463 -10.91 17.72 -1.87
CA VAL F 463 -11.01 17.22 -0.51
C VAL F 463 -10.04 18.03 0.36
N GLN F 464 -10.47 18.33 1.58
CA GLN F 464 -9.61 19.01 2.54
C GLN F 464 -9.41 18.14 3.77
N SER F 465 -8.32 18.41 4.50
CA SER F 465 -8.04 17.67 5.72
C SER F 465 -8.80 18.27 6.89
N ALA F 466 -8.56 17.70 8.08
CA ALA F 466 -9.12 18.24 9.31
C ALA F 466 -8.59 19.63 9.64
N ALA F 467 -7.57 20.11 8.93
CA ALA F 467 -7.14 21.50 9.04
C ALA F 467 -8.10 22.42 8.29
N MET G 1 10.81 25.66 -7.63
CA MET G 1 10.03 24.44 -7.57
C MET G 1 10.12 23.82 -6.17
N VAL G 2 8.98 23.61 -5.51
CA VAL G 2 8.99 22.97 -4.20
C VAL G 2 9.25 21.48 -4.34
N ARG G 3 9.84 20.89 -3.30
CA ARG G 3 9.94 19.45 -3.17
C ARG G 3 9.24 19.05 -1.87
N PHE G 4 8.44 18.00 -1.92
CA PHE G 4 7.92 17.38 -0.70
C PHE G 4 8.71 16.11 -0.38
N LEU G 5 8.73 15.75 0.90
CA LEU G 5 9.31 14.48 1.32
C LEU G 5 8.71 13.33 0.54
N ASP G 6 9.51 12.29 0.32
CA ASP G 6 9.06 11.11 -0.43
C ASP G 6 7.78 10.56 0.18
N GLY G 7 6.77 10.33 -0.67
CA GLY G 7 5.52 9.76 -0.24
C GLY G 7 4.50 10.75 0.29
N HIS G 8 4.88 12.01 0.48
CA HIS G 8 3.97 13.02 1.02
C HIS G 8 3.14 13.61 -0.12
N THR G 9 2.26 12.77 -0.66
CA THR G 9 1.34 13.15 -1.74
C THR G 9 -0.07 12.84 -1.26
N PRO G 10 -0.63 13.68 -0.39
CA PRO G 10 -1.93 13.37 0.21
C PRO G 10 -3.07 13.52 -0.78
N ALA G 11 -4.16 12.78 -0.51
CA ALA G 11 -5.37 12.87 -1.31
C ALA G 11 -6.25 14.06 -0.92
N TYR G 12 -5.65 15.19 -0.61
CA TYR G 12 -6.39 16.39 -0.24
C TYR G 12 -5.48 17.60 -0.46
N ASP G 13 -6.08 18.78 -0.48
CA ASP G 13 -5.30 20.00 -0.58
C ASP G 13 -4.95 20.53 0.81
N LEU G 14 -3.96 21.41 0.85
CA LEU G 14 -3.21 21.72 2.05
C LEU G 14 -3.44 23.17 2.49
N THR G 15 -3.74 23.35 3.78
CA THR G 15 -3.73 24.67 4.39
C THR G 15 -2.36 24.97 4.98
N TYR G 16 -2.18 26.18 5.51
CA TYR G 16 -0.93 26.50 6.20
C TYR G 16 -0.73 25.63 7.44
N ASN G 17 -1.80 25.08 8.02
CA ASN G 17 -1.67 24.19 9.16
C ASN G 17 -1.22 22.79 8.78
N ASP G 18 -1.24 22.42 7.50
CA ASP G 18 -0.99 21.04 7.08
C ASP G 18 0.48 20.71 6.83
N VAL G 19 1.36 21.72 6.76
CA VAL G 19 2.70 21.50 6.21
C VAL G 19 3.77 22.05 7.15
N PHE G 20 4.97 21.51 6.98
CA PHE G 20 6.14 21.97 7.74
C PHE G 20 7.34 22.05 6.79
N VAL G 21 8.34 22.82 7.21
CA VAL G 21 9.59 22.98 6.47
C VAL G 21 10.69 22.14 7.12
N VAL G 22 11.31 21.28 6.34
CA VAL G 22 12.44 20.49 6.85
C VAL G 22 13.72 21.33 6.76
N PRO G 23 14.48 21.45 7.84
CA PRO G 23 15.76 22.17 7.75
C PRO G 23 16.68 21.53 6.71
N GLY G 24 17.44 22.39 6.01
CA GLY G 24 18.43 21.97 5.05
C GLY G 24 19.83 22.36 5.48
N ARG G 25 20.83 21.87 4.74
CA ARG G 25 22.20 22.25 5.05
C ARG G 25 22.40 23.72 4.72
N SER G 26 22.95 24.48 5.67
CA SER G 26 22.94 25.92 5.54
C SER G 26 24.33 26.52 5.70
N ASP G 27 24.62 27.51 4.88
CA ASP G 27 25.78 28.39 5.03
C ASP G 27 25.37 29.81 5.41
N VAL G 28 24.08 30.06 5.63
CA VAL G 28 23.62 31.42 5.89
C VAL G 28 24.05 31.79 7.31
N ALA G 29 25.05 32.66 7.42
CA ALA G 29 25.75 32.88 8.68
C ALA G 29 24.95 33.73 9.67
N SER G 30 23.97 34.49 9.19
CA SER G 30 23.24 35.40 10.06
C SER G 30 21.87 35.68 9.45
N ARG G 31 20.90 35.89 10.34
CA ARG G 31 19.56 36.23 9.88
C ARG G 31 19.54 37.58 9.18
N PHE G 32 20.45 38.48 9.54
CA PHE G 32 20.52 39.78 8.87
C PHE G 32 21.20 39.71 7.51
N ASP G 33 21.86 38.60 7.18
CA ASP G 33 22.41 38.45 5.82
C ASP G 33 21.33 38.17 4.79
N VAL G 34 20.17 37.64 5.21
CA VAL G 34 19.10 37.33 4.28
C VAL G 34 18.55 38.60 3.66
N ASP G 35 18.36 38.56 2.34
CA ASP G 35 17.75 39.65 1.59
C ASP G 35 16.26 39.36 1.44
N LEU G 36 15.42 40.16 2.12
CA LEU G 36 13.96 39.99 2.07
C LEU G 36 13.29 40.79 0.96
N SER G 37 14.06 41.40 0.07
N SER G 37 14.05 41.41 0.07
CA SER G 37 13.42 42.20 -0.96
CA SER G 37 13.45 42.20 -1.00
C SER G 37 12.72 41.30 -1.98
N THR G 38 11.62 41.81 -2.53
CA THR G 38 10.81 41.06 -3.48
C THR G 38 11.25 41.37 -4.91
N VAL G 39 10.81 40.51 -5.83
CA VAL G 39 11.26 40.54 -7.22
C VAL G 39 10.10 40.73 -8.19
N ASP G 40 8.93 41.13 -7.72
CA ASP G 40 7.74 41.18 -8.57
C ASP G 40 7.43 42.57 -9.12
N GLY G 41 8.31 43.55 -8.91
CA GLY G 41 8.06 44.90 -9.37
C GLY G 41 7.26 45.77 -8.43
N SER G 42 6.81 45.22 -7.29
CA SER G 42 6.07 46.04 -6.33
C SER G 42 6.95 47.09 -5.67
N GLY G 43 8.25 46.82 -5.59
CA GLY G 43 9.16 47.67 -4.86
C GLY G 43 9.27 47.41 -3.37
N THR G 44 8.59 46.40 -2.83
CA THR G 44 8.71 46.16 -1.41
C THR G 44 10.06 45.55 -1.09
N THR G 45 10.63 45.94 0.05
CA THR G 45 11.90 45.40 0.52
C THR G 45 11.70 44.33 1.60
N ILE G 46 10.47 44.17 2.08
CA ILE G 46 10.04 42.98 2.80
C ILE G 46 8.79 42.45 2.11
N PRO G 47 8.49 41.16 2.27
CA PRO G 47 7.38 40.55 1.53
C PRO G 47 6.00 40.73 2.17
N VAL G 48 5.67 41.98 2.49
CA VAL G 48 4.43 42.30 3.19
C VAL G 48 3.67 43.37 2.42
N VAL G 49 2.44 43.06 2.04
CA VAL G 49 1.49 43.99 1.45
C VAL G 49 0.28 44.06 2.37
N VAL G 50 -0.21 45.28 2.62
CA VAL G 50 -1.41 45.45 3.44
C VAL G 50 -2.65 45.46 2.55
N ALA G 51 -3.65 44.66 2.95
CA ALA G 51 -4.82 44.43 2.12
C ALA G 51 -5.61 45.71 1.89
N ASN G 52 -6.21 45.81 0.71
CA ASN G 52 -7.15 46.88 0.35
C ASN G 52 -8.49 46.74 1.08
N MET G 53 -8.48 47.04 2.37
CA MET G 53 -9.64 46.92 3.24
C MET G 53 -9.74 48.20 4.06
N THR G 54 -10.94 48.77 4.12
CA THR G 54 -11.13 50.00 4.88
C THR G 54 -10.78 49.82 6.35
N ALA G 55 -10.89 48.60 6.88
CA ALA G 55 -10.57 48.36 8.30
C ALA G 55 -9.08 48.48 8.58
N VAL G 56 -8.22 48.49 7.55
CA VAL G 56 -6.78 48.41 7.75
C VAL G 56 -6.00 49.48 7.01
N ALA G 57 -6.40 49.79 5.76
CA ALA G 57 -5.53 50.53 4.84
C ALA G 57 -5.85 52.04 4.84
N GLY G 58 -5.52 52.70 5.95
CA GLY G 58 -5.61 54.13 6.04
C GLY G 58 -4.24 54.79 5.91
N ARG G 59 -4.22 56.12 6.06
CA ARG G 59 -3.02 56.88 5.78
C ARG G 59 -1.93 56.61 6.82
N ARG G 60 -2.28 56.49 8.11
CA ARG G 60 -1.28 56.14 9.11
C ARG G 60 -0.65 54.78 8.80
N MET G 61 -1.46 53.80 8.40
CA MET G 61 -0.93 52.49 8.04
C MET G 61 -0.03 52.57 6.80
N ALA G 62 -0.47 53.33 5.79
CA ALA G 62 0.30 53.42 4.53
C ALA G 62 1.65 54.06 4.76
N GLU G 63 1.71 55.10 5.59
CA GLU G 63 2.99 55.71 5.94
C GLU G 63 3.86 54.73 6.70
N THR G 64 3.30 54.13 7.76
CA THR G 64 4.12 53.37 8.69
C THR G 64 4.70 52.13 8.04
N VAL G 65 3.90 51.42 7.23
CA VAL G 65 4.36 50.17 6.62
C VAL G 65 5.35 50.46 5.49
N ALA G 66 5.08 51.45 4.65
CA ALA G 66 5.99 51.74 3.55
C ALA G 66 7.37 52.16 4.05
N ARG G 67 7.42 52.89 5.16
CA ARG G 67 8.72 53.24 5.72
C ARG G 67 9.53 52.00 6.07
N ARG G 68 8.87 50.91 6.45
CA ARG G 68 9.57 49.68 6.80
C ARG G 68 9.67 48.71 5.63
N GLY G 69 9.32 49.16 4.42
CA GLY G 69 9.59 48.40 3.22
C GLY G 69 8.41 47.64 2.65
N GLY G 70 7.26 47.63 3.31
CA GLY G 70 6.07 47.06 2.74
C GLY G 70 5.35 48.07 1.89
N ILE G 71 4.15 47.70 1.45
CA ILE G 71 3.30 48.64 0.72
C ILE G 71 1.86 48.40 1.14
N VAL G 72 1.06 49.46 1.12
CA VAL G 72 -0.35 49.40 1.50
C VAL G 72 -1.19 49.70 0.26
N VAL G 73 -2.20 48.86 0.01
CA VAL G 73 -3.10 49.04 -1.11
C VAL G 73 -4.34 49.77 -0.61
N LEU G 74 -4.56 50.97 -1.11
CA LEU G 74 -5.74 51.73 -0.71
C LEU G 74 -7.01 50.99 -1.15
N PRO G 75 -8.06 51.01 -0.34
CA PRO G 75 -9.26 50.26 -0.71
C PRO G 75 -9.93 50.83 -1.95
N GLN G 76 -10.55 49.94 -2.73
CA GLN G 76 -11.30 50.39 -3.88
C GLN G 76 -12.47 51.26 -3.43
N ASP G 77 -12.85 52.20 -4.30
CA ASP G 77 -13.95 53.13 -4.14
C ASP G 77 -13.66 54.25 -3.15
N LEU G 78 -12.44 54.32 -2.62
CA LEU G 78 -12.00 55.56 -1.99
C LEU G 78 -12.11 56.69 -3.00
N PRO G 79 -12.84 57.76 -2.71
CA PRO G 79 -13.01 58.84 -3.69
C PRO G 79 -11.66 59.45 -4.07
N ILE G 80 -11.54 59.82 -5.35
CA ILE G 80 -10.24 60.15 -5.90
C ILE G 80 -9.60 61.33 -5.19
N THR G 81 -10.40 62.28 -4.70
CA THR G 81 -9.81 63.39 -3.94
C THR G 81 -9.19 62.88 -2.65
N ALA G 82 -9.81 61.86 -2.04
CA ALA G 82 -9.23 61.26 -0.84
C ALA G 82 -7.99 60.45 -1.20
N VAL G 83 -7.99 59.78 -2.35
CA VAL G 83 -6.79 59.10 -2.81
C VAL G 83 -5.65 60.10 -2.94
N SER G 84 -5.89 61.21 -3.64
CA SER G 84 -4.85 62.22 -3.84
C SER G 84 -4.32 62.75 -2.52
N GLU G 85 -5.23 63.09 -1.60
CA GLU G 85 -4.80 63.59 -0.30
C GLU G 85 -3.97 62.55 0.45
N THR G 86 -4.38 61.27 0.38
CA THR G 86 -3.64 60.22 1.06
C THR G 86 -2.27 60.02 0.41
N VAL G 87 -2.22 59.96 -0.93
CA VAL G 87 -0.93 59.82 -1.61
C VAL G 87 -0.02 60.99 -1.25
N ASP G 88 -0.54 62.22 -1.32
CA ASP G 88 0.29 63.39 -1.04
C ASP G 88 0.83 63.36 0.38
N PHE G 89 0.02 62.87 1.33
CA PHE G 89 0.48 62.73 2.70
C PHE G 89 1.63 61.73 2.79
N VAL G 90 1.43 60.52 2.25
CA VAL G 90 2.45 59.47 2.35
C VAL G 90 3.73 59.90 1.65
N LYS G 91 3.62 60.54 0.49
CA LYS G 91 4.80 60.90 -0.28
C LYS G 91 5.47 62.18 0.22
N SER G 92 4.91 62.84 1.22
CA SER G 92 5.61 63.94 1.89
C SER G 92 6.24 63.51 3.21
N ARG G 93 6.14 62.24 3.58
CA ARG G 93 6.68 61.78 4.85
C ARG G 93 8.18 61.61 4.77
N ASP G 94 8.84 61.78 5.91
CA ASP G 94 10.26 61.51 6.01
C ASP G 94 10.52 60.00 5.99
N LEU G 95 11.70 59.62 5.47
CA LEU G 95 12.04 58.21 5.35
C LEU G 95 12.49 57.58 6.66
N VAL G 96 12.83 58.39 7.67
CA VAL G 96 13.31 57.91 8.95
C VAL G 96 12.41 58.38 10.09
N VAL G 97 12.13 59.67 10.13
CA VAL G 97 11.37 60.29 11.21
C VAL G 97 9.88 60.07 10.96
N ASP G 98 9.14 59.71 12.01
CA ASP G 98 7.72 59.39 11.92
C ASP G 98 6.84 60.61 12.20
N THR G 99 5.57 60.51 11.83
CA THR G 99 4.58 61.56 12.09
C THR G 99 3.91 61.30 13.42
N PRO G 100 4.04 62.19 14.40
CA PRO G 100 3.42 61.96 15.70
C PRO G 100 1.97 62.42 15.74
N VAL G 101 1.27 61.96 16.79
CA VAL G 101 0.07 62.64 17.26
C VAL G 101 0.45 64.02 17.75
N THR G 102 -0.30 65.04 17.33
CA THR G 102 -0.06 66.39 17.81
C THR G 102 -1.30 66.91 18.54
N LEU G 103 -1.06 67.79 19.49
CA LEU G 103 -2.10 68.38 20.32
C LEU G 103 -1.91 69.89 20.38
N SER G 104 -3.02 70.61 20.60
CA SER G 104 -2.99 72.02 20.94
C SER G 104 -2.95 72.18 22.46
N PRO G 105 -2.33 73.24 22.97
CA PRO G 105 -2.40 73.49 24.42
C PRO G 105 -3.82 73.60 24.95
N GLU G 106 -4.79 73.94 24.10
CA GLU G 106 -6.19 74.08 24.51
C GLU G 106 -7.00 72.81 24.34
N ASP G 107 -6.40 71.74 23.80
CA ASP G 107 -7.10 70.47 23.81
C ASP G 107 -7.35 70.01 25.24
N SER G 108 -8.35 69.15 25.41
CA SER G 108 -8.65 68.57 26.70
C SER G 108 -7.80 67.34 26.94
N VAL G 109 -7.58 67.04 28.23
CA VAL G 109 -6.91 65.79 28.59
C VAL G 109 -7.64 64.60 28.02
N SER G 110 -8.97 64.64 28.04
CA SER G 110 -9.78 63.54 27.52
C SER G 110 -9.50 63.30 26.04
N ASP G 111 -9.45 64.37 25.24
CA ASP G 111 -9.20 64.21 23.82
C ASP G 111 -7.77 63.73 23.56
N ALA G 112 -6.81 64.26 24.34
CA ALA G 112 -5.44 63.81 24.23
C ALA G 112 -5.32 62.32 24.54
N ASN G 113 -5.99 61.86 25.58
CA ASN G 113 -5.93 60.44 25.94
C ASN G 113 -6.50 59.56 24.84
N ALA G 114 -7.49 60.06 24.10
CA ALA G 114 -8.06 59.29 23.00
C ALA G 114 -7.14 59.28 21.77
N LEU G 115 -6.44 60.39 21.52
CA LEU G 115 -5.64 60.48 20.31
C LEU G 115 -4.28 59.80 20.44
N LEU G 116 -3.78 59.62 21.67
CA LEU G 116 -2.46 59.04 21.87
C LEU G 116 -2.29 57.70 21.21
N HIS G 117 -3.36 56.91 21.12
CA HIS G 117 -3.25 55.55 20.61
C HIS G 117 -3.40 55.47 19.09
N LYS G 118 -3.41 56.62 18.40
CA LYS G 118 -3.34 56.60 16.94
C LYS G 118 -1.94 56.29 16.43
N ARG G 119 -0.93 56.40 17.27
CA ARG G 119 0.43 56.00 16.94
C ARG G 119 0.98 55.15 18.07
N ALA G 120 2.17 54.59 17.83
CA ALA G 120 2.82 53.70 18.79
C ALA G 120 3.91 54.41 19.60
N HIS G 121 3.99 55.74 19.55
CA HIS G 121 5.12 56.43 20.17
C HIS G 121 5.00 56.58 21.68
N GLY G 122 3.80 56.49 22.23
CA GLY G 122 3.61 56.66 23.66
C GLY G 122 3.67 58.10 24.12
N ALA G 123 3.69 59.06 23.19
CA ALA G 123 3.70 60.47 23.53
C ALA G 123 3.14 61.25 22.36
N ALA G 124 2.38 62.29 22.66
CA ALA G 124 1.96 63.27 21.67
C ALA G 124 2.79 64.53 21.83
N VAL G 125 2.97 65.26 20.74
CA VAL G 125 3.71 66.53 20.76
C VAL G 125 2.71 67.67 20.85
N VAL G 126 2.87 68.52 21.86
CA VAL G 126 2.08 69.74 21.95
C VAL G 126 2.69 70.80 21.04
N VAL G 127 1.86 71.35 20.16
CA VAL G 127 2.31 72.28 19.13
C VAL G 127 1.58 73.60 19.32
N PHE G 128 2.33 74.70 19.23
CA PHE G 128 1.77 76.04 19.13
C PHE G 128 2.41 76.74 17.96
N GLU G 129 1.61 77.10 16.97
CA GLU G 129 2.09 77.78 15.75
C GLU G 129 3.18 76.97 15.06
N GLY G 130 2.93 75.67 14.92
CA GLY G 130 3.85 74.78 14.24
C GLY G 130 5.05 74.36 15.04
N ARG G 131 5.28 74.94 16.22
CA ARG G 131 6.48 74.64 16.97
C ARG G 131 6.19 73.74 18.16
N PRO G 132 7.04 72.74 18.41
CA PRO G 132 6.81 71.85 19.55
C PRO G 132 7.12 72.56 20.86
N ILE G 133 6.21 72.46 21.82
CA ILE G 133 6.41 73.08 23.12
C ILE G 133 6.33 72.08 24.28
N GLY G 134 5.94 70.84 24.03
CA GLY G 134 5.86 69.89 25.13
C GLY G 134 5.45 68.51 24.63
N LEU G 135 5.50 67.57 25.56
CA LEU G 135 5.08 66.20 25.32
C LEU G 135 3.97 65.82 26.29
N VAL G 136 3.05 64.99 25.81
CA VAL G 136 1.96 64.44 26.61
C VAL G 136 2.04 62.93 26.54
N THR G 137 2.09 62.28 27.71
CA THR G 137 2.10 60.84 27.83
C THR G 137 0.85 60.38 28.56
N GLU G 138 0.57 59.07 28.46
CA GLU G 138 -0.56 58.52 29.19
C GLU G 138 -0.43 58.77 30.68
N ALA G 139 0.80 58.70 31.21
CA ALA G 139 1.02 58.97 32.63
C ALA G 139 0.70 60.43 32.99
N ASN G 140 0.97 61.36 32.07
CA ASN G 140 0.62 62.76 32.31
C ASN G 140 -0.89 62.96 32.41
N CYS G 141 -1.67 62.07 31.79
CA CYS G 141 -3.12 62.24 31.77
C CYS G 141 -3.80 61.62 32.99
N ALA G 142 -3.17 60.66 33.65
CA ALA G 142 -3.83 59.97 34.74
C ALA G 142 -3.96 60.87 35.97
N GLY G 143 -5.04 60.66 36.71
CA GLY G 143 -5.27 61.37 37.95
C GLY G 143 -5.59 62.85 37.84
N VAL G 144 -5.77 63.37 36.63
CA VAL G 144 -6.13 64.76 36.44
C VAL G 144 -7.55 64.85 35.92
N ASP G 145 -8.18 66.01 36.13
CA ASP G 145 -9.50 66.26 35.57
C ASP G 145 -9.47 66.07 34.06
N ARG G 146 -10.39 65.25 33.54
CA ARG G 146 -10.33 64.93 32.12
C ARG G 146 -10.65 66.12 31.23
N PHE G 147 -11.18 67.21 31.78
CA PHE G 147 -11.38 68.42 31.01
C PHE G 147 -10.38 69.52 31.35
N ALA G 148 -9.35 69.21 32.14
CA ALA G 148 -8.20 70.09 32.21
C ALA G 148 -7.59 70.23 30.81
N ARG G 149 -6.91 71.36 30.59
CA ARG G 149 -6.29 71.58 29.30
C ARG G 149 -4.95 70.86 29.22
N VAL G 150 -4.55 70.53 28.00
CA VAL G 150 -3.26 69.87 27.77
C VAL G 150 -2.12 70.71 28.34
N ARG G 151 -2.25 72.04 28.23
CA ARG G 151 -1.22 72.94 28.74
C ARG G 151 -0.84 72.64 30.19
N ASP G 152 -1.80 72.21 31.00
CA ASP G 152 -1.54 71.98 32.43
C ASP G 152 -0.77 70.70 32.70
N ILE G 153 -0.74 69.73 31.78
CA ILE G 153 -0.10 68.45 32.03
C ILE G 153 1.09 68.19 31.11
N ALA G 154 1.30 69.01 30.09
CA ALA G 154 2.39 68.77 29.15
C ALA G 154 3.76 68.95 29.82
N LEU G 155 4.72 68.14 29.38
CA LEU G 155 6.09 68.23 29.85
C LEU G 155 6.90 69.11 28.89
N SER G 156 7.48 70.18 29.42
CA SER G 156 8.23 71.12 28.60
C SER G 156 9.64 70.64 28.27
N ASP G 157 10.15 69.66 29.01
CA ASP G 157 11.50 69.13 28.78
C ASP G 157 11.42 67.88 27.91
N PHE G 158 12.13 67.88 26.79
CA PHE G 158 12.16 66.73 25.91
C PHE G 158 13.43 66.81 25.08
N VAL G 159 13.88 65.63 24.61
CA VAL G 159 15.01 65.58 23.69
C VAL G 159 14.57 66.06 22.32
N THR G 160 15.38 66.92 21.69
CA THR G 160 15.08 67.44 20.38
C THR G 160 16.34 67.45 19.52
N ALA G 161 16.17 67.26 18.22
CA ALA G 161 17.30 67.29 17.30
C ALA G 161 16.80 67.70 15.92
N PRO G 162 17.66 68.31 15.10
CA PRO G 162 17.24 68.65 13.73
C PRO G 162 16.93 67.40 12.92
N VAL G 163 15.91 67.52 12.06
CA VAL G 163 15.68 66.46 11.09
C VAL G 163 16.89 66.37 10.16
N GLY G 164 17.32 65.16 9.89
CA GLY G 164 18.60 64.92 9.25
C GLY G 164 19.64 64.36 10.18
N THR G 165 19.46 64.50 11.50
CA THR G 165 20.35 63.84 12.44
C THR G 165 20.25 62.34 12.24
N ASP G 166 21.41 61.69 12.16
CA ASP G 166 21.46 60.25 11.91
C ASP G 166 20.74 59.50 13.04
N PRO G 167 20.00 58.43 12.71
CA PRO G 167 19.29 57.71 13.79
C PRO G 167 20.21 57.12 14.83
N ARG G 168 21.45 56.78 14.47
CA ARG G 168 22.38 56.26 15.47
C ARG G 168 22.70 57.31 16.53
N GLU G 169 22.77 58.57 16.13
CA GLU G 169 22.99 59.65 17.10
C GLU G 169 21.75 59.90 17.94
N VAL G 170 20.56 59.92 17.31
CA VAL G 170 19.33 60.12 18.08
C VAL G 170 19.15 59.00 19.10
N PHE G 171 19.46 57.77 18.70
CA PHE G 171 19.40 56.61 19.60
C PHE G 171 20.23 56.86 20.86
N ASP G 172 21.44 57.37 20.69
CA ASP G 172 22.29 57.65 21.85
C ASP G 172 21.78 58.86 22.64
N LEU G 173 21.24 59.87 21.95
CA LEU G 173 20.71 61.02 22.66
C LEU G 173 19.54 60.66 23.56
N LEU G 174 18.87 59.54 23.28
CA LEU G 174 17.72 59.12 24.06
C LEU G 174 18.07 58.11 25.16
N GLU G 175 19.35 57.74 25.31
CA GLU G 175 19.67 56.62 26.19
C GLU G 175 19.21 56.87 27.62
N HIS G 176 19.41 58.09 28.13
CA HIS G 176 19.06 58.41 29.50
C HIS G 176 17.90 59.41 29.60
N ALA G 177 17.08 59.48 28.55
CA ALA G 177 15.93 60.37 28.57
C ALA G 177 14.75 59.68 29.25
N PRO G 178 14.04 60.37 30.16
CA PRO G 178 12.85 59.75 30.77
C PRO G 178 11.79 59.32 29.76
N ILE G 179 11.63 60.06 28.67
CA ILE G 179 10.67 59.73 27.62
C ILE G 179 11.45 59.35 26.37
N ASP G 180 11.16 58.15 25.86
CA ASP G 180 11.89 57.58 24.72
C ASP G 180 11.29 58.10 23.40
N VAL G 181 11.34 59.43 23.26
CA VAL G 181 10.82 60.13 22.08
C VAL G 181 11.69 61.35 21.85
N ALA G 182 12.29 61.46 20.66
CA ALA G 182 13.03 62.65 20.25
C ALA G 182 12.16 63.47 19.31
N VAL G 183 12.06 64.76 19.59
CA VAL G 183 11.25 65.68 18.78
C VAL G 183 12.16 66.26 17.71
N MET G 184 11.87 65.95 16.44
CA MET G 184 12.73 66.31 15.33
C MET G 184 12.20 67.57 14.67
N THR G 185 13.09 68.53 14.42
CA THR G 185 12.69 69.87 13.98
C THR G 185 13.16 70.17 12.56
N ALA G 186 12.38 70.98 11.87
CA ALA G 186 12.78 71.54 10.59
C ALA G 186 13.81 72.65 10.83
N PRO G 187 14.53 73.07 9.78
CA PRO G 187 15.56 74.11 10.00
C PRO G 187 15.05 75.35 10.72
N ASP G 188 13.82 75.77 10.48
CA ASP G 188 13.29 76.96 11.16
C ASP G 188 12.79 76.66 12.57
N GLY G 189 12.85 75.41 13.03
CA GLY G 189 12.45 75.06 14.38
C GLY G 189 11.06 74.49 14.53
N THR G 190 10.26 74.49 13.47
CA THR G 190 8.94 73.87 13.55
C THR G 190 9.06 72.35 13.62
N LEU G 191 7.93 71.70 13.92
CA LEU G 191 7.91 70.26 14.07
C LEU G 191 8.08 69.56 12.73
N ALA G 192 9.02 68.62 12.67
CA ALA G 192 9.17 67.75 11.51
C ALA G 192 8.75 66.32 11.78
N GLY G 193 8.75 65.87 13.02
CA GLY G 193 8.32 64.53 13.37
C GLY G 193 8.96 64.07 14.67
N VAL G 194 8.89 62.76 14.92
CA VAL G 194 9.49 62.17 16.10
C VAL G 194 10.29 60.93 15.71
N LEU G 195 11.20 60.54 16.59
CA LEU G 195 11.95 59.31 16.43
C LEU G 195 12.21 58.72 17.82
N THR G 196 11.82 57.46 18.01
CA THR G 196 12.09 56.73 19.23
C THR G 196 13.38 55.94 19.07
N ARG G 197 13.89 55.42 20.20
CA ARG G 197 15.05 54.53 20.10
C ARG G 197 14.75 53.33 19.23
N THR G 198 13.55 52.74 19.36
CA THR G 198 13.21 51.59 18.54
C THR G 198 13.02 52.00 17.09
N GLY G 199 12.42 53.17 16.86
CA GLY G 199 12.32 53.67 15.50
C GLY G 199 13.69 53.94 14.87
N ALA G 200 14.65 54.38 15.68
CA ALA G 200 15.99 54.60 15.16
C ALA G 200 16.65 53.27 14.78
N ILE G 201 16.49 52.26 15.64
CA ILE G 201 17.01 50.92 15.36
C ILE G 201 16.42 50.37 14.07
N ARG G 202 15.11 50.57 13.87
CA ARG G 202 14.45 50.00 12.70
C ARG G 202 14.93 50.64 11.41
N ALA G 203 15.38 51.89 11.46
CA ALA G 203 15.95 52.51 10.28
C ALA G 203 17.23 51.82 9.84
N GLY G 204 17.91 51.10 10.74
CA GLY G 204 19.05 50.28 10.39
C GLY G 204 18.74 48.85 9.97
N ILE G 205 17.47 48.44 10.06
CA ILE G 205 17.04 47.09 9.73
C ILE G 205 16.24 47.06 8.42
N TYR G 206 15.33 48.02 8.27
CA TYR G 206 14.35 48.03 7.19
C TYR G 206 14.72 49.09 6.18
N THR G 207 14.67 48.73 4.90
CA THR G 207 14.86 49.71 3.82
C THR G 207 13.51 50.26 3.39
N PRO G 208 13.29 51.58 3.44
CA PRO G 208 12.00 52.12 2.98
C PRO G 208 11.70 51.75 1.54
N ALA G 209 10.43 51.45 1.28
CA ALA G 209 9.95 51.20 -0.07
C ALA G 209 9.62 52.54 -0.71
N VAL G 210 10.37 52.91 -1.77
CA VAL G 210 10.32 54.26 -2.30
C VAL G 210 10.17 54.23 -3.81
N ASP G 211 9.58 55.30 -4.37
CA ASP G 211 9.46 55.44 -5.81
C ASP G 211 10.77 55.97 -6.39
N ALA G 212 10.79 56.25 -7.69
CA ALA G 212 11.98 56.76 -8.34
C ALA G 212 12.38 58.15 -7.83
N LYS G 213 11.48 58.87 -7.17
CA LYS G 213 11.79 60.17 -6.60
C LYS G 213 12.20 60.11 -5.13
N GLY G 214 12.34 58.91 -4.58
CA GLY G 214 12.69 58.76 -3.18
C GLY G 214 11.57 58.95 -2.19
N ARG G 215 10.32 58.89 -2.64
CA ARG G 215 9.15 59.05 -1.77
C ARG G 215 8.51 57.71 -1.49
N LEU G 216 7.88 57.60 -0.31
CA LEU G 216 7.30 56.33 0.12
C LEU G 216 6.28 55.81 -0.90
N ARG G 217 6.32 54.51 -1.13
CA ARG G 217 5.43 53.86 -2.10
C ARG G 217 4.05 53.64 -1.52
N ILE G 218 3.06 53.57 -2.43
CA ILE G 218 1.66 53.37 -2.06
C ILE G 218 0.95 52.77 -3.27
N ALA G 219 -0.05 51.96 -3.02
CA ALA G 219 -0.80 51.30 -4.08
C ALA G 219 -2.27 51.62 -3.92
N ALA G 220 -3.07 51.20 -4.91
CA ALA G 220 -4.48 51.50 -4.88
C ALA G 220 -5.26 50.42 -5.62
N ALA G 221 -6.44 50.09 -5.10
CA ALA G 221 -7.28 49.05 -5.68
C ALA G 221 -8.43 49.66 -6.48
N VAL G 222 -8.92 48.89 -7.45
CA VAL G 222 -10.11 49.24 -8.20
C VAL G 222 -10.94 47.97 -8.38
N GLY G 223 -12.26 48.09 -8.22
CA GLY G 223 -13.14 47.00 -8.56
C GLY G 223 -13.49 47.03 -10.05
N ILE G 224 -14.16 45.97 -10.50
CA ILE G 224 -14.34 45.77 -11.93
C ILE G 224 -15.69 46.29 -12.42
N ASN G 225 -16.45 46.96 -11.57
CA ASN G 225 -17.66 47.62 -12.03
C ASN G 225 -17.35 48.99 -12.60
N GLY G 226 -18.28 49.51 -13.40
CA GLY G 226 -18.14 50.86 -13.91
C GLY G 226 -17.03 50.97 -14.95
N ASP G 227 -16.40 52.15 -14.96
CA ASP G 227 -15.40 52.49 -15.99
C ASP G 227 -14.03 52.19 -15.40
N VAL G 228 -13.61 50.93 -15.51
CA VAL G 228 -12.39 50.49 -14.82
C VAL G 228 -11.17 51.19 -15.38
N GLY G 229 -11.11 51.35 -16.70
CA GLY G 229 -9.99 52.05 -17.31
C GLY G 229 -9.85 53.48 -16.82
N ALA G 230 -10.97 54.20 -16.76
CA ALA G 230 -10.94 55.58 -16.29
C ALA G 230 -10.54 55.67 -14.81
N LYS G 231 -11.09 54.78 -13.98
CA LYS G 231 -10.70 54.76 -12.57
C LYS G 231 -9.21 54.45 -12.41
N ALA G 232 -8.72 53.47 -13.17
CA ALA G 232 -7.28 53.14 -13.11
C ALA G 232 -6.44 54.33 -13.53
N GLN G 233 -6.82 54.99 -14.62
CA GLN G 233 -6.07 56.14 -15.10
C GLN G 233 -6.01 57.23 -14.04
N ALA G 234 -7.12 57.47 -13.35
CA ALA G 234 -7.14 58.51 -12.32
C ALA G 234 -6.26 58.12 -11.13
N LEU G 235 -6.26 56.85 -10.75
CA LEU G 235 -5.38 56.39 -9.67
C LEU G 235 -3.91 56.55 -10.03
N ALA G 236 -3.53 56.24 -11.28
CA ALA G 236 -2.15 56.45 -11.71
C ALA G 236 -1.79 57.93 -11.68
N GLU G 237 -2.70 58.80 -12.14
CA GLU G 237 -2.43 60.23 -12.12
C GLU G 237 -2.41 60.79 -10.70
N ALA G 238 -3.10 60.16 -9.76
CA ALA G 238 -2.98 60.57 -8.38
C ALA G 238 -1.64 60.19 -7.77
N GLY G 239 -0.89 59.31 -8.43
CA GLY G 239 0.44 58.93 -7.99
C GLY G 239 0.59 57.52 -7.44
N ALA G 240 -0.40 56.66 -7.59
CA ALA G 240 -0.26 55.28 -7.14
C ALA G 240 0.93 54.61 -7.82
N ASP G 241 1.68 53.85 -7.04
CA ASP G 241 2.86 53.15 -7.59
C ASP G 241 2.53 51.77 -8.13
N LEU G 242 1.33 51.26 -7.85
CA LEU G 242 0.93 49.91 -8.21
C LEU G 242 -0.59 49.88 -8.15
N LEU G 243 -1.20 49.16 -9.09
CA LEU G 243 -2.65 49.05 -9.17
C LEU G 243 -3.09 47.61 -8.91
N VAL G 244 -4.14 47.46 -8.12
CA VAL G 244 -4.76 46.17 -7.85
C VAL G 244 -6.17 46.18 -8.41
N ILE G 245 -6.43 45.30 -9.38
CA ILE G 245 -7.77 45.09 -9.90
C ILE G 245 -8.36 43.93 -9.11
N ASP G 246 -9.38 44.21 -8.29
CA ASP G 246 -9.78 43.29 -7.23
C ASP G 246 -11.25 42.88 -7.37
N THR G 247 -11.51 41.58 -7.30
CA THR G 247 -12.87 41.07 -7.26
C THR G 247 -12.86 39.72 -6.55
N ALA G 248 -14.02 39.34 -6.01
CA ALA G 248 -14.12 38.09 -5.28
C ALA G 248 -13.83 36.89 -6.17
N HIS G 249 -14.46 36.83 -7.35
CA HIS G 249 -14.27 35.75 -8.31
C HIS G 249 -13.49 36.29 -9.51
N GLY G 250 -12.16 36.17 -9.45
CA GLY G 250 -11.33 36.76 -10.48
C GLY G 250 -11.39 36.05 -11.81
N HIS G 251 -11.82 34.79 -11.82
CA HIS G 251 -11.78 33.98 -13.05
C HIS G 251 -13.13 34.08 -13.76
N GLN G 252 -13.39 35.28 -14.27
CA GLN G 252 -14.63 35.54 -14.96
C GLN G 252 -14.39 36.56 -16.06
N ALA G 253 -15.24 36.49 -17.09
CA ALA G 253 -15.06 37.31 -18.29
C ALA G 253 -14.95 38.80 -17.96
N LYS G 254 -15.73 39.28 -16.98
CA LYS G 254 -15.71 40.71 -16.68
C LYS G 254 -14.37 41.15 -16.11
N MET G 255 -13.68 40.26 -15.38
CA MET G 255 -12.34 40.60 -14.91
C MET G 255 -11.34 40.60 -16.07
N LEU G 256 -11.41 39.60 -16.94
CA LEU G 256 -10.53 39.57 -18.10
C LEU G 256 -10.70 40.84 -18.93
N ASP G 257 -11.94 41.26 -19.15
CA ASP G 257 -12.17 42.51 -19.88
C ASP G 257 -11.56 43.70 -19.14
N ALA G 258 -11.72 43.74 -17.83
CA ALA G 258 -11.21 44.85 -17.04
C ALA G 258 -9.70 44.92 -17.10
N ILE G 259 -9.02 43.78 -16.98
CA ILE G 259 -7.56 43.76 -17.06
C ILE G 259 -7.12 44.26 -18.43
N LYS G 260 -7.75 43.76 -19.49
CA LYS G 260 -7.38 44.18 -20.84
C LYS G 260 -7.53 45.69 -21.01
N ALA G 261 -8.64 46.25 -20.52
CA ALA G 261 -8.86 47.68 -20.62
C ALA G 261 -7.78 48.48 -19.89
N VAL G 262 -7.41 48.06 -18.67
CA VAL G 262 -6.41 48.80 -17.92
C VAL G 262 -5.03 48.63 -18.55
N ALA G 263 -4.71 47.41 -19.01
CA ALA G 263 -3.39 47.15 -19.56
C ALA G 263 -3.18 47.92 -20.87
N SER G 264 -4.27 48.13 -21.64
CA SER G 264 -4.16 48.83 -22.93
C SER G 264 -3.83 50.30 -22.77
N LEU G 265 -4.01 50.87 -21.58
CA LEU G 265 -3.73 52.27 -21.32
C LEU G 265 -2.25 52.56 -21.15
N ASP G 266 -1.42 51.52 -20.95
CA ASP G 266 0.02 51.66 -20.83
C ASP G 266 0.39 52.68 -19.74
N LEU G 267 -0.19 52.50 -18.56
CA LEU G 267 0.05 53.41 -17.45
C LEU G 267 1.44 53.25 -16.84
N GLY G 268 2.17 52.20 -17.18
CA GLY G 268 3.52 52.03 -16.71
C GLY G 268 3.66 51.54 -15.29
N LEU G 269 2.61 50.98 -14.71
CA LEU G 269 2.62 50.54 -13.33
C LEU G 269 2.41 49.03 -13.25
N PRO G 270 3.00 48.38 -12.26
CA PRO G 270 2.71 46.96 -12.06
C PRO G 270 1.22 46.76 -11.85
N LEU G 271 0.68 45.72 -12.49
CA LEU G 271 -0.75 45.46 -12.51
C LEU G 271 -1.02 44.13 -11.79
N VAL G 272 -1.68 44.21 -10.62
CA VAL G 272 -2.13 43.04 -9.86
C VAL G 272 -3.61 42.80 -10.18
N ALA G 273 -3.97 41.54 -10.36
CA ALA G 273 -5.38 41.19 -10.55
C ALA G 273 -5.68 39.91 -9.78
N GLY G 274 -6.86 39.87 -9.16
CA GLY G 274 -7.32 38.68 -8.47
C GLY G 274 -8.77 38.83 -8.08
N ASN G 275 -9.32 37.78 -7.46
CA ASN G 275 -8.58 36.61 -6.96
C ASN G 275 -8.94 35.30 -7.64
N VAL G 276 -7.96 34.41 -7.75
CA VAL G 276 -8.15 33.07 -8.29
C VAL G 276 -7.40 32.09 -7.41
N VAL G 277 -7.69 30.79 -7.60
CA VAL G 277 -7.00 29.75 -6.83
C VAL G 277 -6.58 28.60 -7.74
N SER G 278 -6.65 28.77 -9.06
CA SER G 278 -6.35 27.68 -9.99
C SER G 278 -5.28 28.10 -10.98
N ALA G 279 -4.57 27.10 -11.51
CA ALA G 279 -3.58 27.35 -12.56
C ALA G 279 -4.22 28.00 -13.78
N GLU G 280 -5.40 27.50 -14.20
CA GLU G 280 -6.09 28.07 -15.34
C GLU G 280 -6.44 29.53 -15.10
N GLY G 281 -6.94 29.85 -13.92
CA GLY G 281 -7.25 31.23 -13.60
C GLY G 281 -6.02 32.11 -13.63
N THR G 282 -4.89 31.59 -13.13
CA THR G 282 -3.64 32.34 -13.13
C THR G 282 -3.17 32.62 -14.55
N ARG G 283 -3.19 31.60 -15.41
CA ARG G 283 -2.78 31.79 -16.79
C ARG G 283 -3.66 32.82 -17.48
N ASP G 284 -4.98 32.73 -17.27
CA ASP G 284 -5.91 33.61 -17.96
C ASP G 284 -5.76 35.07 -17.54
N LEU G 285 -5.49 35.32 -16.26
CA LEU G 285 -5.32 36.71 -15.84
C LEU G 285 -4.02 37.29 -16.36
N ILE G 286 -2.96 36.47 -16.46
CA ILE G 286 -1.70 36.96 -17.01
C ILE G 286 -1.84 37.20 -18.51
N GLU G 287 -2.56 36.32 -19.21
CA GLU G 287 -2.78 36.50 -20.64
C GLU G 287 -3.55 37.79 -20.91
N ALA G 288 -4.50 38.11 -20.02
CA ALA G 288 -5.27 39.34 -20.17
C ALA G 288 -4.43 40.59 -19.93
N GLY G 289 -3.30 40.49 -19.25
CA GLY G 289 -2.46 41.66 -19.04
C GLY G 289 -1.91 41.89 -17.64
N ALA G 290 -2.26 41.06 -16.66
CA ALA G 290 -1.73 41.25 -15.32
C ALA G 290 -0.31 40.70 -15.23
N SER G 291 0.54 41.38 -14.45
CA SER G 291 1.86 40.86 -14.15
C SER G 291 1.91 40.10 -12.83
N ILE G 292 0.98 40.37 -11.94
CA ILE G 292 0.90 39.72 -10.63
C ILE G 292 -0.53 39.22 -10.44
N VAL G 293 -0.66 37.97 -10.02
CA VAL G 293 -1.98 37.36 -9.81
C VAL G 293 -2.18 37.22 -8.31
N LYS G 294 -3.29 37.76 -7.81
CA LYS G 294 -3.60 37.69 -6.38
C LYS G 294 -4.42 36.44 -6.13
N VAL G 295 -3.94 35.62 -5.19
CA VAL G 295 -4.45 34.25 -5.01
C VAL G 295 -5.15 34.16 -3.66
N GLY G 296 -6.38 33.61 -3.68
CA GLY G 296 -7.11 33.35 -2.45
C GLY G 296 -8.61 33.48 -2.61
N VAL G 297 -9.34 32.38 -2.43
CA VAL G 297 -10.79 32.38 -2.47
C VAL G 297 -11.24 31.43 -1.37
N GLY G 298 -11.99 31.96 -0.40
CA GLY G 298 -12.45 31.19 0.73
C GLY G 298 -11.46 30.18 1.28
N PRO G 299 -10.27 30.64 1.67
CA PRO G 299 -9.26 29.69 2.18
C PRO G 299 -9.61 29.07 3.52
N GLY G 300 -10.49 29.70 4.31
CA GLY G 300 -10.86 29.21 5.61
C GLY G 300 -12.13 28.39 5.52
N ALA G 301 -12.04 27.11 5.92
CA ALA G 301 -13.17 26.20 5.78
C ALA G 301 -14.39 26.63 6.59
N MET G 302 -14.23 27.41 7.64
CA MET G 302 -15.36 27.84 8.46
C MET G 302 -15.70 29.31 8.27
N CYS G 303 -15.14 29.98 7.25
CA CYS G 303 -15.43 31.39 7.11
C CYS G 303 -16.60 31.60 6.15
N THR G 304 -16.94 32.88 5.92
CA THR G 304 -18.23 33.24 5.32
C THR G 304 -18.38 32.66 3.91
N THR G 305 -17.42 32.92 3.03
CA THR G 305 -17.51 32.43 1.66
C THR G 305 -17.74 30.92 1.63
N ARG G 306 -16.94 30.16 2.37
CA ARG G 306 -17.07 28.71 2.33
C ARG G 306 -18.41 28.26 2.91
N MET G 307 -18.86 28.86 4.00
CA MET G 307 -20.10 28.40 4.61
C MET G 307 -21.34 28.85 3.82
N MET G 308 -21.21 29.89 2.99
CA MET G 308 -22.32 30.33 2.16
C MET G 308 -22.41 29.58 0.84
N THR G 309 -21.29 29.13 0.28
CA THR G 309 -21.27 28.64 -1.09
C THR G 309 -20.61 27.30 -1.28
N GLY G 310 -19.86 26.80 -0.30
CA GLY G 310 -19.00 25.66 -0.49
C GLY G 310 -17.74 25.92 -1.30
N VAL G 311 -17.53 27.16 -1.77
CA VAL G 311 -16.45 27.51 -2.71
C VAL G 311 -15.20 27.95 -1.96
N GLY G 312 -14.06 27.46 -2.41
CA GLY G 312 -12.79 27.94 -1.89
C GLY G 312 -11.68 26.98 -2.25
N ARG G 313 -10.51 27.23 -1.64
CA ARG G 313 -9.45 26.25 -1.78
C ARG G 313 -8.47 26.44 -0.64
N PRO G 314 -7.99 25.37 -0.01
CA PRO G 314 -6.91 25.50 0.97
C PRO G 314 -5.74 26.29 0.39
N GLN G 315 -5.24 27.24 1.17
CA GLN G 315 -4.44 28.31 0.60
C GLN G 315 -3.03 27.87 0.23
N PHE G 316 -2.42 26.95 0.97
CA PHE G 316 -1.07 26.53 0.61
C PHE G 316 -1.06 25.84 -0.74
N SER G 317 -1.99 24.90 -0.96
CA SER G 317 -2.07 24.26 -2.28
C SER G 317 -2.41 25.26 -3.36
N ALA G 318 -3.28 26.23 -3.07
CA ALA G 318 -3.64 27.23 -4.06
C ALA G 318 -2.44 28.07 -4.47
N VAL G 319 -1.64 28.50 -3.49
CA VAL G 319 -0.44 29.28 -3.82
C VAL G 319 0.58 28.43 -4.57
N VAL G 320 0.83 27.19 -4.13
CA VAL G 320 1.76 26.32 -4.85
C VAL G 320 1.39 26.23 -6.32
N GLU G 321 0.13 25.90 -6.62
CA GLU G 321 -0.26 25.65 -8.00
C GLU G 321 -0.25 26.95 -8.81
N CYS G 322 -0.74 28.04 -8.24
CA CYS G 322 -0.81 29.29 -8.99
C CYS G 322 0.57 29.90 -9.20
N ALA G 323 1.44 29.83 -8.18
CA ALA G 323 2.78 30.39 -8.33
C ALA G 323 3.54 29.65 -9.41
N ALA G 324 3.36 28.34 -9.49
CA ALA G 324 4.00 27.56 -10.56
C ALA G 324 3.47 27.97 -11.92
N ALA G 325 2.15 28.13 -12.06
CA ALA G 325 1.59 28.57 -13.33
C ALA G 325 2.09 29.96 -13.71
N ALA G 326 2.11 30.89 -12.75
CA ALA G 326 2.57 32.24 -13.04
C ALA G 326 4.04 32.26 -13.42
N ARG G 327 4.85 31.42 -12.78
CA ARG G 327 6.29 31.41 -13.05
C ARG G 327 6.59 30.97 -14.47
N GLN G 328 5.82 30.01 -14.99
CA GLN G 328 5.99 29.56 -16.37
C GLN G 328 5.78 30.70 -17.36
N LEU G 329 4.99 31.70 -16.99
CA LEU G 329 4.70 32.84 -17.85
C LEU G 329 5.50 34.08 -17.49
N GLY G 330 6.49 33.95 -16.60
CA GLY G 330 7.27 35.09 -16.18
C GLY G 330 6.55 36.05 -15.26
N GLY G 331 5.46 35.61 -14.63
CA GLY G 331 4.70 36.42 -13.70
C GLY G 331 4.88 35.98 -12.25
N HIS G 332 4.08 36.58 -11.38
CA HIS G 332 4.21 36.42 -9.94
C HIS G 332 2.83 36.26 -9.31
N VAL G 333 2.80 35.77 -8.06
CA VAL G 333 1.55 35.68 -7.31
C VAL G 333 1.71 36.28 -5.92
N TRP G 334 0.64 36.92 -5.46
CA TRP G 334 0.51 37.38 -4.08
C TRP G 334 -0.39 36.40 -3.34
N ALA G 335 0.04 35.99 -2.14
CA ALA G 335 -0.78 35.09 -1.32
C ALA G 335 -1.67 35.95 -0.44
N ASP G 336 -2.98 35.93 -0.72
CA ASP G 336 -3.93 36.86 -0.12
C ASP G 336 -4.91 36.08 0.75
N GLY G 337 -4.79 36.21 2.06
CA GLY G 337 -5.83 35.70 2.94
C GLY G 337 -5.38 34.70 3.97
N GLY G 338 -5.97 34.78 5.17
CA GLY G 338 -5.74 33.78 6.20
C GLY G 338 -4.42 33.89 6.96
N VAL G 339 -3.65 34.95 6.75
CA VAL G 339 -2.36 35.07 7.43
C VAL G 339 -2.58 35.52 8.87
N ARG G 340 -2.09 34.73 9.82
CA ARG G 340 -2.25 35.04 11.23
C ARG G 340 -0.96 34.91 12.04
N HIS G 341 0.08 34.30 11.49
CA HIS G 341 1.32 34.04 12.21
C HIS G 341 2.47 34.21 11.24
N PRO G 342 3.68 34.42 11.75
CA PRO G 342 4.84 34.50 10.83
C PRO G 342 5.03 33.24 10.03
N ARG G 343 4.70 32.08 10.61
CA ARG G 343 4.68 30.81 9.86
C ARG G 343 3.95 30.95 8.53
N ASP G 344 2.80 31.64 8.54
CA ASP G 344 1.97 31.71 7.35
C ASP G 344 2.68 32.49 6.24
N VAL G 345 3.37 33.57 6.61
CA VAL G 345 4.14 34.35 5.64
C VAL G 345 5.28 33.50 5.09
N ALA G 346 6.01 32.82 5.97
CA ALA G 346 7.10 31.96 5.52
C ALA G 346 6.60 30.89 4.57
N LEU G 347 5.49 30.24 4.91
CA LEU G 347 5.00 29.14 4.09
C LEU G 347 4.54 29.64 2.72
N ALA G 348 3.85 30.78 2.67
CA ALA G 348 3.40 31.32 1.38
C ALA G 348 4.59 31.59 0.46
N LEU G 349 5.65 32.15 1.02
CA LEU G 349 6.84 32.43 0.23
C LEU G 349 7.54 31.14 -0.19
N ALA G 350 7.63 30.16 0.73
CA ALA G 350 8.17 28.87 0.34
C ALA G 350 7.36 28.24 -0.78
N ALA G 351 6.05 28.47 -0.78
CA ALA G 351 5.16 27.94 -1.82
C ALA G 351 5.39 28.62 -3.17
N GLY G 352 6.05 29.77 -3.19
CA GLY G 352 6.39 30.46 -4.42
C GLY G 352 5.76 31.83 -4.58
N ALA G 353 4.99 32.31 -3.62
CA ALA G 353 4.48 33.67 -3.70
C ALA G 353 5.63 34.67 -3.65
N SER G 354 5.49 35.76 -4.39
CA SER G 354 6.50 36.83 -4.33
C SER G 354 6.22 37.82 -3.22
N ASN G 355 5.00 37.82 -2.67
CA ASN G 355 4.56 38.77 -1.67
C ASN G 355 3.36 38.17 -0.97
N VAL G 356 3.10 38.65 0.24
CA VAL G 356 2.03 38.13 1.08
C VAL G 356 1.14 39.29 1.51
N MET G 357 -0.15 39.17 1.25
CA MET G 357 -1.11 40.21 1.58
C MET G 357 -1.79 39.89 2.91
N ILE G 358 -1.77 40.87 3.82
CA ILE G 358 -2.27 40.70 5.18
C ILE G 358 -3.36 41.71 5.44
N GLY G 359 -4.52 41.22 5.88
CA GLY G 359 -5.62 42.12 6.22
C GLY G 359 -5.96 42.20 7.69
N SER G 360 -6.85 41.30 8.15
N SER G 360 -6.86 41.31 8.14
CA SER G 360 -7.46 41.48 9.46
CA SER G 360 -7.46 41.42 9.47
C SER G 360 -6.41 41.48 10.58
N TRP G 361 -5.34 40.69 10.46
CA TRP G 361 -4.32 40.68 11.51
C TRP G 361 -3.84 42.09 11.82
N PHE G 362 -3.62 42.92 10.80
CA PHE G 362 -3.12 44.27 11.01
C PHE G 362 -4.20 45.25 11.46
N ALA G 363 -5.47 44.86 11.47
CA ALA G 363 -6.48 45.72 12.09
C ALA G 363 -6.21 45.89 13.58
N GLY G 364 -5.62 44.87 14.22
CA GLY G 364 -5.37 44.93 15.65
C GLY G 364 -4.06 45.63 15.99
N THR G 365 -3.89 46.86 15.48
CA THR G 365 -2.71 47.67 15.73
C THR G 365 -3.14 49.11 15.98
N TYR G 366 -2.24 49.88 16.60
CA TYR G 366 -2.51 51.31 16.79
C TYR G 366 -2.78 52.00 15.46
N GLU G 367 -2.03 51.64 14.42
CA GLU G 367 -2.03 52.46 13.21
C GLU G 367 -3.22 52.20 12.29
N SER G 368 -4.02 51.17 12.52
CA SER G 368 -5.18 50.94 11.67
C SER G 368 -6.24 52.02 11.92
N PRO G 369 -7.13 52.26 10.96
CA PRO G 369 -8.02 53.43 11.04
C PRO G 369 -9.09 53.34 12.12
N GLY G 370 -9.44 52.14 12.57
CA GLY G 370 -10.53 52.00 13.51
C GLY G 370 -10.19 52.48 14.90
N ASP G 371 -11.22 52.73 15.69
CA ASP G 371 -11.02 53.17 17.06
C ASP G 371 -10.56 52.00 17.94
N LEU G 372 -9.73 52.32 18.92
CA LEU G 372 -9.26 51.31 19.87
C LEU G 372 -10.34 50.99 20.90
N LEU G 373 -10.65 49.71 21.06
CA LEU G 373 -11.71 49.24 21.95
C LEU G 373 -11.13 48.31 23.00
N PHE G 374 -11.97 47.98 23.99
CA PHE G 374 -11.57 47.11 25.10
C PHE G 374 -12.67 46.10 25.41
N ASP G 375 -12.27 44.85 25.66
CA ASP G 375 -13.22 43.75 25.84
C ASP G 375 -13.63 43.65 27.31
N ARG G 376 -14.37 42.59 27.64
CA ARG G 376 -14.86 42.40 29.01
C ARG G 376 -13.72 42.25 30.03
N ASP G 377 -12.51 41.91 29.58
CA ASP G 377 -11.35 41.80 30.45
C ASP G 377 -10.42 42.99 30.33
N ASP G 378 -10.90 44.10 29.77
CA ASP G 378 -10.11 45.32 29.52
C ASP G 378 -8.92 45.06 28.60
N ARG G 379 -9.00 44.04 27.75
CA ARG G 379 -7.96 43.81 26.76
C ARG G 379 -8.24 44.65 25.52
N PRO G 380 -7.23 45.35 24.99
CA PRO G 380 -7.46 46.18 23.79
C PRO G 380 -7.66 45.35 22.53
N TYR G 381 -8.50 45.86 21.64
CA TYR G 381 -8.75 45.22 20.35
C TYR G 381 -9.35 46.25 19.41
N LYS G 382 -9.29 45.94 18.11
CA LYS G 382 -10.06 46.67 17.10
C LYS G 382 -10.85 45.68 16.25
N GLU G 383 -11.91 46.19 15.62
CA GLU G 383 -12.76 45.35 14.79
C GLU G 383 -12.26 45.38 13.35
N SER G 384 -11.91 44.20 12.84
CA SER G 384 -11.78 44.05 11.40
C SER G 384 -13.15 43.74 10.81
N TYR G 385 -13.36 44.17 9.58
CA TYR G 385 -14.61 43.86 8.89
C TYR G 385 -14.32 43.81 7.39
N GLY G 386 -15.16 43.05 6.67
CA GLY G 386 -14.90 42.80 5.26
C GLY G 386 -15.31 43.95 4.35
N MET G 387 -14.79 43.90 3.12
CA MET G 387 -15.18 44.86 2.10
C MET G 387 -16.48 44.48 1.40
N ALA G 388 -16.93 43.24 1.59
CA ALA G 388 -18.26 42.80 1.16
C ALA G 388 -18.56 43.12 -0.29
N SER G 389 -19.60 43.92 -0.55
CA SER G 389 -20.03 44.13 -1.93
C SER G 389 -19.06 44.97 -2.74
N LYS G 390 -18.11 45.66 -2.10
CA LYS G 390 -17.07 46.35 -2.85
C LYS G 390 -16.15 45.39 -3.59
N ARG G 391 -16.21 44.09 -3.30
CA ARG G 391 -15.49 43.08 -4.06
C ARG G 391 -16.39 42.30 -5.01
N ALA G 392 -17.64 42.70 -5.16
CA ALA G 392 -18.61 41.97 -5.96
C ALA G 392 -18.91 42.68 -7.27
N VAL G 393 -19.37 41.89 -8.26
CA VAL G 393 -19.84 42.45 -9.53
C VAL G 393 -21.22 43.06 -9.33
N ALA G 394 -21.43 44.23 -9.92
CA ALA G 394 -22.73 44.91 -9.87
C ALA G 394 -23.14 45.36 -11.26
N SER G 401 -34.48 52.50 -9.80
CA SER G 401 -35.61 52.49 -8.87
C SER G 401 -35.15 52.11 -7.47
N SER G 402 -35.79 52.71 -6.44
CA SER G 402 -35.51 52.32 -5.07
C SER G 402 -36.01 50.91 -4.78
N PHE G 403 -37.07 50.48 -5.48
CA PHE G 403 -37.47 49.08 -5.45
C PHE G 403 -36.40 48.19 -6.06
N ASP G 404 -35.91 48.58 -7.25
CA ASP G 404 -34.82 47.84 -7.87
C ASP G 404 -33.58 47.84 -6.98
N ARG G 405 -33.32 48.95 -6.29
CA ARG G 405 -32.20 49.02 -5.38
C ARG G 405 -32.33 48.00 -4.26
N ALA G 406 -33.51 47.94 -3.63
CA ALA G 406 -33.72 47.00 -2.52
C ALA G 406 -33.70 45.55 -3.00
N ARG G 407 -34.15 45.30 -4.23
CA ARG G 407 -34.11 43.96 -4.79
C ARG G 407 -32.68 43.44 -4.87
N LYS G 408 -31.81 44.16 -5.57
CA LYS G 408 -30.42 43.75 -5.67
C LYS G 408 -29.76 43.66 -4.28
N GLY G 409 -30.12 44.58 -3.38
CA GLY G 409 -29.52 44.60 -2.06
C GLY G 409 -29.88 43.42 -1.18
N LEU G 410 -30.96 42.71 -1.52
CA LEU G 410 -31.47 41.66 -0.62
C LEU G 410 -30.53 40.47 -0.51
N PHE G 411 -29.81 40.14 -1.58
CA PHE G 411 -28.94 38.97 -1.55
C PHE G 411 -27.48 39.31 -1.26
N GLU G 412 -27.09 40.57 -1.35
CA GLU G 412 -25.68 40.92 -1.30
C GLU G 412 -25.07 40.56 0.05
N GLU G 413 -23.75 40.37 0.04
CA GLU G 413 -23.02 39.97 1.24
C GLU G 413 -23.09 41.05 2.30
N GLY G 414 -23.54 40.67 3.50
CA GLY G 414 -23.47 41.57 4.62
C GLY G 414 -22.05 41.72 5.13
N ILE G 415 -21.81 42.80 5.87
CA ILE G 415 -20.47 43.07 6.40
C ILE G 415 -20.25 42.21 7.65
N SER G 416 -19.25 41.32 7.58
CA SER G 416 -18.87 40.48 8.70
C SER G 416 -17.76 41.16 9.50
N THR G 417 -17.78 40.95 10.82
CA THR G 417 -16.89 41.64 11.74
C THR G 417 -16.18 40.64 12.64
N SER G 418 -14.92 40.91 12.96
CA SER G 418 -14.14 40.09 13.87
C SER G 418 -13.36 41.00 14.82
N ARG G 419 -13.13 40.51 16.03
CA ARG G 419 -12.37 41.26 17.02
C ARG G 419 -10.92 40.81 16.96
N MET G 420 -10.02 41.76 16.68
CA MET G 420 -8.59 41.49 16.55
C MET G 420 -7.87 42.16 17.72
N SER G 421 -7.42 41.36 18.68
CA SER G 421 -6.86 41.92 19.90
C SER G 421 -5.46 42.46 19.63
N LEU G 422 -5.17 43.61 20.23
CA LEU G 422 -3.81 44.13 20.18
C LEU G 422 -2.95 43.36 21.16
N ASP G 423 -1.74 43.08 20.75
CA ASP G 423 -0.77 42.52 21.67
C ASP G 423 -0.30 43.62 22.61
N PRO G 424 -0.42 43.46 23.94
CA PRO G 424 0.17 44.45 24.84
C PRO G 424 1.68 44.56 24.72
N ALA G 425 2.32 43.65 23.99
CA ALA G 425 3.75 43.73 23.68
C ALA G 425 4.05 44.02 22.21
N ARG G 426 3.05 43.95 21.33
CA ARG G 426 3.24 44.21 19.91
C ARG G 426 2.12 45.08 19.37
N GLY G 427 1.79 46.16 20.11
CA GLY G 427 0.63 46.96 19.78
C GLY G 427 0.71 47.67 18.44
N GLY G 428 1.92 48.01 17.99
CA GLY G 428 2.09 48.71 16.73
C GLY G 428 2.29 47.75 15.57
N VAL G 429 1.91 48.20 14.38
CA VAL G 429 2.12 47.34 13.22
C VAL G 429 3.59 47.03 13.04
N GLU G 430 4.48 47.94 13.44
CA GLU G 430 5.91 47.66 13.24
C GLU G 430 6.39 46.55 14.16
N ASP G 431 5.75 46.37 15.31
CA ASP G 431 6.06 45.21 16.12
C ASP G 431 5.64 43.92 15.41
N LEU G 432 4.52 43.96 14.69
CA LEU G 432 4.13 42.81 13.90
C LEU G 432 5.11 42.57 12.76
N LEU G 433 5.60 43.63 12.12
CA LEU G 433 6.59 43.45 11.06
C LEU G 433 7.89 42.86 11.60
N ASP G 434 8.31 43.29 12.80
CA ASP G 434 9.47 42.66 13.44
C ASP G 434 9.23 41.16 13.64
N HIS G 435 8.05 40.81 14.13
CA HIS G 435 7.69 39.42 14.38
C HIS G 435 7.72 38.62 13.09
N ILE G 436 7.07 39.14 12.06
CA ILE G 436 6.98 38.47 10.77
C ILE G 436 8.36 38.31 10.14
N THR G 437 9.10 39.41 10.01
CA THR G 437 10.34 39.33 9.26
C THR G 437 11.43 38.60 10.05
N SER G 438 11.44 38.73 11.38
CA SER G 438 12.29 37.86 12.19
C SER G 438 12.01 36.40 11.89
N GLY G 439 10.73 36.02 11.84
CA GLY G 439 10.39 34.64 11.56
C GLY G 439 10.86 34.19 10.19
N VAL G 440 10.61 35.01 9.17
CA VAL G 440 10.95 34.62 7.80
C VAL G 440 12.45 34.53 7.61
N ARG G 441 13.20 35.47 8.21
CA ARG G 441 14.66 35.38 8.18
C ARG G 441 15.13 34.06 8.76
N SER G 442 14.50 33.63 9.86
N SER G 442 14.49 33.63 9.86
CA SER G 442 14.87 32.35 10.47
CA SER G 442 14.87 32.35 10.47
C SER G 442 14.53 31.17 9.56
N THR G 443 13.38 31.22 8.89
CA THR G 443 13.06 30.16 7.94
C THR G 443 14.14 30.05 6.88
N CYS G 444 14.58 31.19 6.35
CA CYS G 444 15.63 31.17 5.34
C CYS G 444 16.91 30.55 5.86
N THR G 445 17.33 30.89 7.09
CA THR G 445 18.56 30.31 7.62
C THR G 445 18.42 28.81 7.84
N TYR G 446 17.24 28.34 8.28
CA TYR G 446 17.02 26.91 8.39
C TYR G 446 17.06 26.22 7.03
N VAL G 447 16.53 26.89 6.00
CA VAL G 447 16.50 26.29 4.65
C VAL G 447 17.86 26.37 3.97
N GLY G 448 18.70 27.31 4.35
CA GLY G 448 19.91 27.58 3.60
C GLY G 448 19.75 28.60 2.50
N ALA G 449 18.73 29.44 2.58
CA ALA G 449 18.42 30.44 1.57
C ALA G 449 18.92 31.82 1.98
N ALA G 450 19.53 32.52 1.04
CA ALA G 450 20.02 33.87 1.28
C ALA G 450 19.03 34.94 0.85
N ASN G 451 17.97 34.55 0.15
CA ASN G 451 16.97 35.50 -0.35
C ASN G 451 15.68 34.74 -0.62
N LEU G 452 14.65 35.45 -1.07
CA LEU G 452 13.35 34.80 -1.20
C LEU G 452 13.29 33.85 -2.38
N PRO G 453 13.88 34.17 -3.54
CA PRO G 453 13.92 33.15 -4.60
C PRO G 453 14.59 31.86 -4.15
N GLU G 454 15.70 31.94 -3.41
CA GLU G 454 16.37 30.74 -2.92
C GLU G 454 15.51 29.99 -1.91
N LEU G 455 14.71 30.69 -1.12
CA LEU G 455 13.78 30.03 -0.21
C LEU G 455 12.86 29.10 -0.97
N HIS G 456 12.22 29.61 -2.02
CA HIS G 456 11.31 28.79 -2.79
C HIS G 456 12.04 27.67 -3.52
N GLU G 457 13.22 27.97 -4.08
CA GLU G 457 13.97 26.97 -4.83
C GLU G 457 14.50 25.86 -3.92
N LYS G 458 14.93 26.20 -2.71
CA LYS G 458 15.64 25.23 -1.86
C LYS G 458 14.75 24.51 -0.87
N VAL G 459 13.53 24.97 -0.63
CA VAL G 459 12.75 24.45 0.50
C VAL G 459 12.36 22.99 0.26
N VAL G 460 12.40 22.20 1.33
CA VAL G 460 11.84 20.85 1.36
C VAL G 460 10.70 20.86 2.36
N LEU G 461 9.54 20.36 1.95
CA LEU G 461 8.31 20.44 2.75
C LEU G 461 7.81 19.05 3.11
N GLY G 462 7.13 18.97 4.25
CA GLY G 462 6.44 17.75 4.64
C GLY G 462 5.01 18.02 5.02
N VAL G 463 4.20 16.95 5.03
CA VAL G 463 2.81 17.01 5.46
C VAL G 463 2.74 16.37 6.85
N GLN G 464 1.87 16.91 7.69
CA GLN G 464 1.68 16.35 9.03
C GLN G 464 0.20 16.07 9.23
N SER G 465 -0.09 15.19 10.18
CA SER G 465 -1.47 14.83 10.45
C SER G 465 -2.07 15.81 11.46
N ALA G 466 -3.35 15.63 11.74
CA ALA G 466 -3.99 16.44 12.78
C ALA G 466 -3.49 16.09 14.20
N ALA G 467 -2.45 15.28 14.32
CA ALA G 467 -1.84 14.96 15.61
C ALA G 467 -1.25 16.20 16.27
N MET H 1 15.76 -1.99 12.80
CA MET H 1 14.94 -1.34 11.79
C MET H 1 13.45 -1.59 12.04
N VAL H 2 12.66 -0.50 12.04
CA VAL H 2 11.26 -0.62 12.40
C VAL H 2 10.46 -1.27 11.28
N ARG H 3 9.46 -2.04 11.67
CA ARG H 3 8.47 -2.58 10.75
C ARG H 3 7.13 -1.98 11.10
N PHE H 4 6.41 -1.50 10.10
CA PHE H 4 5.02 -1.08 10.28
C PHE H 4 4.10 -2.18 9.76
N LEU H 5 2.88 -2.21 10.31
CA LEU H 5 1.85 -3.10 9.80
C LEU H 5 1.66 -2.89 8.31
N ASP H 6 1.22 -3.95 7.62
CA ASP H 6 1.04 -3.89 6.18
C ASP H 6 0.06 -2.80 5.82
N GLY H 7 0.41 -2.00 4.81
CA GLY H 7 -0.41 -0.90 4.35
C GLY H 7 -0.27 0.39 5.13
N HIS H 8 0.45 0.39 6.26
CA HIS H 8 0.55 1.58 7.10
C HIS H 8 1.70 2.45 6.59
N THR H 9 1.47 3.06 5.42
CA THR H 9 2.42 3.94 4.75
C THR H 9 1.74 5.27 4.50
N PRO H 10 1.56 6.09 5.53
CA PRO H 10 0.79 7.33 5.35
C PRO H 10 1.56 8.34 4.51
N ALA H 11 0.79 9.26 3.93
CA ALA H 11 1.35 10.37 3.15
C ALA H 11 1.69 11.57 4.03
N TYR H 12 2.23 11.31 5.22
CA TYR H 12 2.60 12.36 6.14
C TYR H 12 3.60 11.77 7.14
N ASP H 13 4.28 12.66 7.88
CA ASP H 13 5.19 12.23 8.92
C ASP H 13 4.48 12.17 10.27
N LEU H 14 5.11 11.48 11.22
CA LEU H 14 4.46 10.94 12.40
C LEU H 14 5.01 11.57 13.68
N THR H 15 4.09 12.03 14.53
CA THR H 15 4.38 12.41 15.91
C THR H 15 4.25 11.20 16.82
N TYR H 16 4.60 11.39 18.10
CA TYR H 16 4.37 10.33 19.07
C TYR H 16 2.88 10.00 19.19
N ASN H 17 2.00 10.95 18.90
CA ASN H 17 0.56 10.70 18.94
C ASN H 17 0.06 9.83 17.79
N ASP H 18 0.81 9.69 16.70
CA ASP H 18 0.29 9.02 15.52
C ASP H 18 0.45 7.50 15.53
N VAL H 19 1.27 6.93 16.41
CA VAL H 19 1.69 5.54 16.27
C VAL H 19 1.38 4.75 17.53
N PHE H 20 1.29 3.44 17.36
CA PHE H 20 1.12 2.50 18.47
C PHE H 20 2.04 1.30 18.25
N VAL H 21 2.32 0.58 19.34
CA VAL H 21 3.15 -0.62 19.30
C VAL H 21 2.25 -1.84 19.37
N VAL H 22 2.40 -2.75 18.40
CA VAL H 22 1.62 -3.98 18.41
C VAL H 22 2.31 -5.01 19.31
N PRO H 23 1.61 -5.60 20.28
CA PRO H 23 2.25 -6.66 21.08
C PRO H 23 2.78 -7.77 20.20
N GLY H 24 3.90 -8.35 20.65
CA GLY H 24 4.50 -9.48 19.97
C GLY H 24 4.57 -10.68 20.93
N ARG H 25 4.90 -11.83 20.37
CA ARG H 25 5.09 -13.02 21.20
C ARG H 25 6.29 -12.80 22.12
N SER H 26 6.09 -13.02 23.41
CA SER H 26 7.08 -12.66 24.41
C SER H 26 7.35 -13.81 25.36
N ASP H 27 8.61 -13.98 25.75
CA ASP H 27 8.94 -14.77 26.93
C ASP H 27 9.68 -13.95 27.96
N VAL H 28 9.49 -12.63 27.93
CA VAL H 28 10.03 -11.73 28.96
C VAL H 28 8.93 -11.56 30.01
N ALA H 29 9.00 -12.36 31.07
CA ALA H 29 7.93 -12.41 32.05
C ALA H 29 7.84 -11.11 32.84
N SER H 30 8.94 -10.71 33.47
CA SER H 30 8.93 -9.64 34.45
C SER H 30 9.56 -8.36 33.89
N ARG H 31 9.01 -7.22 34.33
CA ARG H 31 9.64 -5.93 34.07
C ARG H 31 11.12 -5.94 34.44
N PHE H 32 11.46 -6.64 35.53
CA PHE H 32 12.82 -6.63 36.05
C PHE H 32 13.79 -7.47 35.25
N ASP H 33 13.31 -8.33 34.36
CA ASP H 33 14.18 -9.06 33.45
C ASP H 33 14.71 -8.18 32.33
N VAL H 34 14.13 -7.00 32.13
CA VAL H 34 14.59 -6.10 31.07
C VAL H 34 15.84 -5.38 31.54
N ASP H 35 16.82 -5.30 30.63
CA ASP H 35 18.04 -4.51 30.85
C ASP H 35 17.84 -3.17 30.15
N LEU H 36 17.73 -2.09 30.93
CA LEU H 36 17.50 -0.75 30.40
C LEU H 36 18.79 0.02 30.09
N SER H 37 19.95 -0.63 30.21
N SER H 37 19.96 -0.63 30.21
CA SER H 37 21.19 0.10 30.02
CA SER H 37 21.22 0.06 30.01
C SER H 37 21.38 0.49 28.55
N THR H 38 22.01 1.65 28.35
CA THR H 38 22.22 2.16 27.00
C THR H 38 23.60 1.74 26.48
N VAL H 39 23.76 1.89 25.17
CA VAL H 39 24.90 1.34 24.44
C VAL H 39 25.58 2.42 23.61
N ASP H 40 25.34 3.69 23.93
CA ASP H 40 25.89 4.81 23.15
C ASP H 40 27.12 5.44 23.78
N GLY H 41 27.69 4.83 24.82
CA GLY H 41 28.84 5.41 25.48
C GLY H 41 28.52 6.51 26.48
N SER H 42 27.25 6.85 26.68
CA SER H 42 26.91 7.83 27.72
C SER H 42 27.14 7.27 29.11
N GLY H 43 27.02 5.96 29.26
CA GLY H 43 27.10 5.33 30.57
C GLY H 43 25.81 5.33 31.35
N THR H 44 24.70 5.78 30.76
CA THR H 44 23.44 5.72 31.48
C THR H 44 22.94 4.28 31.56
N THR H 45 22.40 3.92 32.71
CA THR H 45 21.83 2.60 32.92
C THR H 45 20.33 2.58 32.75
N ILE H 46 19.71 3.76 32.59
CA ILE H 46 18.37 3.92 32.06
C ILE H 46 18.45 4.92 30.91
N PRO H 47 17.51 4.86 29.97
CA PRO H 47 17.58 5.73 28.78
C PRO H 47 17.00 7.13 28.98
N VAL H 48 17.46 7.82 30.03
CA VAL H 48 16.98 9.16 30.32
C VAL H 48 18.16 10.11 30.45
N VAL H 49 18.11 11.20 29.68
CA VAL H 49 19.07 12.31 29.77
C VAL H 49 18.27 13.56 30.08
N VAL H 50 18.72 14.35 31.05
CA VAL H 50 18.06 15.61 31.35
C VAL H 50 18.66 16.71 30.47
N ALA H 51 17.78 17.49 29.85
CA ALA H 51 18.16 18.50 28.88
C ALA H 51 19.04 19.60 29.50
N ASN H 52 19.91 20.16 28.65
CA ASN H 52 20.79 21.26 29.03
C ASN H 52 19.99 22.56 29.03
N MET H 53 19.20 22.73 30.08
CA MET H 53 18.30 23.86 30.23
C MET H 53 18.46 24.39 31.64
N THR H 54 18.64 25.71 31.79
CA THR H 54 18.78 26.30 33.12
C THR H 54 17.56 26.04 34.00
N ALA H 55 16.38 25.84 33.39
CA ALA H 55 15.19 25.57 34.19
C ALA H 55 15.19 24.17 34.82
N VAL H 56 16.12 23.30 34.43
CA VAL H 56 16.02 21.89 34.83
C VAL H 56 17.35 21.36 35.36
N ALA H 57 18.46 21.72 34.72
CA ALA H 57 19.73 21.00 34.90
C ALA H 57 20.62 21.68 35.94
N GLY H 58 20.14 21.66 37.19
CA GLY H 58 20.90 22.17 38.31
C GLY H 58 21.61 21.07 39.08
N ARG H 59 22.26 21.51 40.16
CA ARG H 59 23.04 20.62 41.02
C ARG H 59 22.21 19.48 41.61
N ARG H 60 21.08 19.81 42.24
CA ARG H 60 20.24 18.78 42.84
C ARG H 60 19.73 17.79 41.80
N MET H 61 19.37 18.28 40.61
CA MET H 61 18.91 17.39 39.56
C MET H 61 20.01 16.45 39.09
N ALA H 62 21.24 16.97 38.93
CA ALA H 62 22.35 16.18 38.42
C ALA H 62 22.71 15.04 39.38
N GLU H 63 22.74 15.32 40.68
CA GLU H 63 22.95 14.26 41.67
C GLU H 63 21.81 13.24 41.61
N THR H 64 20.57 13.71 41.68
CA THR H 64 19.45 12.80 41.91
C THR H 64 19.26 11.86 40.73
N VAL H 65 19.42 12.37 39.50
CA VAL H 65 19.18 11.55 38.33
C VAL H 65 20.34 10.60 38.06
N ALA H 66 21.58 11.07 38.18
CA ALA H 66 22.71 10.16 37.97
C ALA H 66 22.70 9.01 38.96
N ARG H 67 22.25 9.24 40.19
CA ARG H 67 22.19 8.13 41.14
C ARG H 67 21.22 7.04 40.68
N ARG H 68 20.17 7.40 39.94
CA ARG H 68 19.24 6.41 39.43
C ARG H 68 19.59 5.98 38.01
N GLY H 69 20.75 6.37 37.50
CA GLY H 69 21.29 5.84 36.27
C GLY H 69 21.10 6.70 35.04
N GLY H 70 20.48 7.87 35.17
CA GLY H 70 20.43 8.83 34.09
C GLY H 70 21.67 9.71 34.10
N ILE H 71 21.63 10.77 33.29
CA ILE H 71 22.70 11.76 33.29
C ILE H 71 22.09 13.12 32.99
N VAL H 72 22.65 14.16 33.59
CA VAL H 72 22.18 15.52 33.38
C VAL H 72 23.24 16.28 32.60
N VAL H 73 22.81 17.01 31.57
CA VAL H 73 23.69 17.87 30.78
C VAL H 73 23.61 19.29 31.32
N LEU H 74 24.71 19.78 31.88
CA LEU H 74 24.70 21.15 32.37
C LEU H 74 24.48 22.12 31.22
N PRO H 75 23.79 23.24 31.46
CA PRO H 75 23.48 24.16 30.37
C PRO H 75 24.72 24.87 29.83
N GLN H 76 24.74 25.07 28.52
CA GLN H 76 25.84 25.85 27.95
C GLN H 76 25.90 27.24 28.58
N ASP H 77 27.11 27.77 28.67
CA ASP H 77 27.46 29.11 29.14
C ASP H 77 27.40 29.23 30.66
N LEU H 78 27.14 28.13 31.37
CA LEU H 78 27.42 28.11 32.80
C LEU H 78 28.89 28.43 33.02
N PRO H 79 29.24 29.46 33.81
CA PRO H 79 30.65 29.81 33.97
C PRO H 79 31.47 28.63 34.47
N ILE H 80 32.73 28.58 34.04
CA ILE H 80 33.56 27.40 34.26
C ILE H 80 33.78 27.14 35.75
N THR H 81 33.86 28.19 36.57
CA THR H 81 33.99 27.97 38.00
C THR H 81 32.74 27.32 38.57
N ALA H 82 31.57 27.69 38.05
CA ALA H 82 30.32 27.06 38.47
C ALA H 82 30.20 25.63 37.93
N VAL H 83 30.67 25.39 36.70
CA VAL H 83 30.78 24.01 36.22
C VAL H 83 31.61 23.17 37.18
N SER H 84 32.79 23.67 37.55
CA SER H 84 33.68 22.91 38.41
C SER H 84 33.04 22.63 39.77
N GLU H 85 32.43 23.66 40.37
CA GLU H 85 31.80 23.47 41.67
C GLU H 85 30.64 22.49 41.59
N THR H 86 29.91 22.51 40.48
CA THR H 86 28.81 21.57 40.30
C THR H 86 29.33 20.15 40.14
N VAL H 87 30.31 19.95 39.25
CA VAL H 87 30.90 18.63 39.06
C VAL H 87 31.49 18.12 40.37
N ASP H 88 32.21 18.97 41.10
CA ASP H 88 32.79 18.53 42.37
C ASP H 88 31.72 18.11 43.35
N PHE H 89 30.59 18.83 43.37
CA PHE H 89 29.49 18.43 44.25
C PHE H 89 28.94 17.07 43.83
N VAL H 90 28.62 16.92 42.55
CA VAL H 90 28.01 15.68 42.09
C VAL H 90 28.95 14.50 42.31
N LYS H 91 30.24 14.68 42.07
CA LYS H 91 31.16 13.55 42.14
C LYS H 91 31.62 13.25 43.56
N SER H 92 31.16 14.01 44.55
CA SER H 92 31.38 13.67 45.95
C SER H 92 30.14 13.10 46.61
N ARG H 93 29.06 12.91 45.87
CA ARG H 93 27.85 12.36 46.46
C ARG H 93 27.97 10.85 46.64
N ASP H 94 27.29 10.36 47.68
CA ASP H 94 27.19 8.92 47.88
C ASP H 94 26.31 8.29 46.81
N LEU H 95 26.63 7.04 46.45
CA LEU H 95 25.89 6.31 45.43
C LEU H 95 24.55 5.78 45.93
N VAL H 96 24.31 5.75 47.25
CA VAL H 96 23.09 5.22 47.84
C VAL H 96 22.37 6.28 48.66
N VAL H 97 23.09 6.93 49.55
CA VAL H 97 22.51 7.88 50.49
C VAL H 97 22.43 9.26 49.83
N ASP H 98 21.30 9.93 50.01
CA ASP H 98 21.01 11.18 49.33
C ASP H 98 21.42 12.38 50.18
N THR H 99 21.55 13.52 49.52
CA THR H 99 21.85 14.77 50.22
C THR H 99 20.56 15.43 50.68
N PRO H 100 20.36 15.62 51.99
CA PRO H 100 19.13 16.27 52.46
C PRO H 100 19.23 17.79 52.41
N VAL H 101 18.06 18.43 52.58
CA VAL H 101 18.03 19.81 53.01
C VAL H 101 18.57 19.89 54.42
N THR H 102 19.45 20.84 54.70
CA THR H 102 19.93 21.06 56.06
C THR H 102 19.53 22.43 56.55
N LEU H 103 19.33 22.53 57.86
CA LEU H 103 18.96 23.77 58.51
C LEU H 103 19.85 23.98 59.72
N SER H 104 19.99 25.23 60.10
CA SER H 104 20.54 25.67 61.37
C SER H 104 19.44 25.77 62.42
N PRO H 105 19.73 25.51 63.69
CA PRO H 105 18.72 25.80 64.73
C PRO H 105 18.29 27.25 64.76
N GLU H 106 19.10 28.17 64.23
CA GLU H 106 18.76 29.58 64.20
C GLU H 106 18.03 30.01 62.93
N ASP H 107 17.73 29.08 62.02
CA ASP H 107 16.87 29.42 60.90
C ASP H 107 15.44 29.68 61.37
N SER H 108 14.73 30.49 60.61
CA SER H 108 13.32 30.73 60.89
C SER H 108 12.48 29.57 60.37
N VAL H 109 11.30 29.40 60.98
CA VAL H 109 10.35 28.43 60.47
C VAL H 109 9.99 28.76 59.03
N SER H 110 9.83 30.05 58.72
CA SER H 110 9.50 30.47 57.37
C SER H 110 10.54 29.99 56.37
N ASP H 111 11.83 30.19 56.67
CA ASP H 111 12.85 29.74 55.74
C ASP H 111 12.94 28.22 55.68
N ALA H 112 12.71 27.53 56.80
CA ALA H 112 12.68 26.07 56.80
C ALA H 112 11.59 25.54 55.88
N ASN H 113 10.38 26.10 55.99
CA ASN H 113 9.27 25.63 55.18
C ASN H 113 9.54 25.80 53.69
N ALA H 114 10.26 26.87 53.32
CA ALA H 114 10.57 27.08 51.90
C ALA H 114 11.65 26.11 51.42
N LEU H 115 12.69 25.89 52.24
CA LEU H 115 13.80 25.05 51.80
C LEU H 115 13.43 23.58 51.73
N LEU H 116 12.43 23.16 52.52
CA LEU H 116 12.04 21.76 52.60
C LEU H 116 11.78 21.15 51.23
N HIS H 117 11.16 21.92 50.34
CA HIS H 117 10.70 21.38 49.06
C HIS H 117 11.77 21.39 47.99
N LYS H 118 13.03 21.62 48.37
CA LYS H 118 14.14 21.45 47.44
C LYS H 118 14.51 19.98 47.25
N ARG H 119 14.05 19.10 48.14
CA ARG H 119 14.22 17.65 48.00
C ARG H 119 12.88 16.98 48.25
N ALA H 120 12.82 15.70 47.93
CA ALA H 120 11.59 14.90 48.05
C ALA H 120 11.52 14.10 49.33
N HIS H 121 12.37 14.40 50.31
CA HIS H 121 12.45 13.55 51.51
C HIS H 121 11.33 13.82 52.50
N GLY H 122 10.71 14.99 52.44
CA GLY H 122 9.69 15.31 53.42
C GLY H 122 10.22 15.74 54.76
N ALA H 123 11.53 15.90 54.92
CA ALA H 123 12.09 16.39 56.16
C ALA H 123 13.46 16.99 55.88
N ALA H 124 13.79 18.03 56.65
CA ALA H 124 15.12 18.62 56.65
C ALA H 124 15.86 18.16 57.90
N VAL H 125 17.19 18.13 57.82
CA VAL H 125 18.03 17.76 58.94
C VAL H 125 18.57 19.04 59.59
N VAL H 126 18.34 19.19 60.89
CA VAL H 126 18.97 20.27 61.64
C VAL H 126 20.37 19.85 62.01
N VAL H 127 21.35 20.69 61.69
CA VAL H 127 22.75 20.44 62.01
C VAL H 127 23.22 21.50 63.00
N PHE H 128 23.95 21.07 64.01
CA PHE H 128 24.36 21.96 65.10
C PHE H 128 25.67 21.45 65.67
N GLU H 129 26.63 22.37 65.85
CA GLU H 129 27.98 22.01 66.27
C GLU H 129 28.53 20.87 65.41
N GLY H 130 28.17 20.87 64.13
CA GLY H 130 28.72 19.95 63.16
C GLY H 130 27.98 18.63 62.95
N ARG H 131 26.86 18.39 63.63
CA ARG H 131 26.25 17.07 63.62
C ARG H 131 24.73 17.19 63.51
N PRO H 132 24.06 16.14 63.02
CA PRO H 132 22.59 16.17 62.98
C PRO H 132 21.98 16.05 64.37
N ILE H 133 21.08 16.97 64.70
CA ILE H 133 20.43 16.96 66.00
C ILE H 133 18.92 16.89 65.93
N GLY H 134 18.33 16.90 64.74
CA GLY H 134 16.87 16.84 64.68
C GLY H 134 16.36 16.84 63.25
N LEU H 135 15.06 16.62 63.12
CA LEU H 135 14.37 16.70 61.85
C LEU H 135 13.29 17.76 61.89
N VAL H 136 13.07 18.41 60.76
CA VAL H 136 12.01 19.39 60.57
C VAL H 136 11.12 18.91 59.43
N THR H 137 9.83 18.80 59.70
CA THR H 137 8.85 18.44 58.68
C THR H 137 7.90 19.61 58.43
N GLU H 138 7.13 19.49 57.35
CA GLU H 138 6.11 20.49 57.05
C GLU H 138 5.09 20.57 58.18
N ALA H 139 4.79 19.43 58.81
CA ALA H 139 3.86 19.42 59.94
C ALA H 139 4.43 20.17 61.14
N ASN H 140 5.75 20.08 61.37
CA ASN H 140 6.36 20.83 62.46
C ASN H 140 6.23 22.32 62.27
N CYS H 141 6.15 22.79 61.01
CA CYS H 141 6.09 24.21 60.73
C CYS H 141 4.68 24.78 60.85
N ALA H 142 3.66 23.93 60.79
CA ALA H 142 2.29 24.42 60.77
C ALA H 142 1.86 24.94 62.14
N GLY H 143 1.05 25.99 62.13
CA GLY H 143 0.47 26.52 63.36
C GLY H 143 1.42 27.20 64.31
N VAL H 144 2.67 27.46 63.91
CA VAL H 144 3.61 28.18 64.75
C VAL H 144 3.96 29.49 64.07
N ASP H 145 4.41 30.45 64.88
CA ASP H 145 4.89 31.73 64.36
C ASP H 145 5.95 31.50 63.29
N ARG H 146 5.74 32.11 62.12
CA ARG H 146 6.65 31.84 61.01
C ARG H 146 8.05 32.38 61.27
N PHE H 147 8.25 33.21 62.28
CA PHE H 147 9.58 33.69 62.63
C PHE H 147 10.12 33.04 63.89
N ALA H 148 9.44 32.03 64.41
CA ALA H 148 10.03 31.19 65.44
C ALA H 148 11.28 30.50 64.88
N ARG H 149 12.20 30.14 65.77
CA ARG H 149 13.40 29.45 65.36
C ARG H 149 13.15 27.97 65.15
N VAL H 150 13.90 27.38 64.22
CA VAL H 150 13.81 25.95 63.95
C VAL H 150 14.01 25.14 65.23
N ARG H 151 14.88 25.63 66.12
CA ARG H 151 15.11 24.96 67.40
C ARG H 151 13.81 24.62 68.11
N ASP H 152 12.80 25.50 68.02
CA ASP H 152 11.57 25.29 68.79
C ASP H 152 10.62 24.29 68.14
N ILE H 153 10.83 23.91 66.89
CA ILE H 153 9.94 22.97 66.21
C ILE H 153 10.63 21.66 65.86
N ALA H 154 11.95 21.59 65.95
CA ALA H 154 12.69 20.41 65.50
C ALA H 154 12.36 19.20 66.36
N LEU H 155 12.34 18.03 65.72
CA LEU H 155 12.15 16.76 66.41
C LEU H 155 13.52 16.17 66.75
N SER H 156 13.75 15.93 68.05
CA SER H 156 15.02 15.39 68.50
C SER H 156 15.13 13.87 68.33
N ASP H 157 14.01 13.18 68.11
CA ASP H 157 14.00 11.74 67.92
C ASP H 157 13.84 11.39 66.44
N PHE H 158 14.77 10.59 65.93
CA PHE H 158 14.77 10.19 64.53
C PHE H 158 15.66 8.95 64.37
N VAL H 159 15.38 8.14 63.35
CA VAL H 159 16.18 6.96 63.07
C VAL H 159 17.52 7.39 62.49
N THR H 160 18.59 6.74 62.96
CA THR H 160 19.92 7.04 62.47
C THR H 160 20.71 5.74 62.30
N ALA H 161 21.62 5.72 61.34
CA ALA H 161 22.41 4.52 61.09
C ALA H 161 23.74 4.91 60.46
N PRO H 162 24.80 4.13 60.67
CA PRO H 162 26.08 4.43 60.04
C PRO H 162 26.01 4.25 58.54
N VAL H 163 26.63 5.19 57.81
CA VAL H 163 26.72 5.01 56.37
C VAL H 163 27.40 3.68 56.08
N GLY H 164 26.94 3.00 55.04
CA GLY H 164 27.38 1.66 54.77
C GLY H 164 26.46 0.58 55.33
N THR H 165 25.52 0.93 56.20
CA THR H 165 24.48 0.00 56.59
C THR H 165 23.72 -0.46 55.35
N ASP H 166 23.49 -1.77 55.25
CA ASP H 166 22.78 -2.34 54.11
C ASP H 166 21.44 -1.64 53.92
N PRO H 167 21.10 -1.22 52.69
CA PRO H 167 19.79 -0.56 52.47
C PRO H 167 18.61 -1.39 52.94
N ARG H 168 18.70 -2.73 52.84
CA ARG H 168 17.62 -3.58 53.35
C ARG H 168 17.44 -3.39 54.87
N GLU H 169 18.55 -3.24 55.61
CA GLU H 169 18.41 -3.06 57.05
C GLU H 169 17.87 -1.66 57.38
N VAL H 170 18.30 -0.65 56.63
CA VAL H 170 17.75 0.70 56.84
C VAL H 170 16.25 0.68 56.57
N PHE H 171 15.84 0.03 55.49
CA PHE H 171 14.41 -0.12 55.18
C PHE H 171 13.68 -0.68 56.39
N ASP H 172 14.20 -1.76 56.98
CA ASP H 172 13.57 -2.38 58.14
C ASP H 172 13.60 -1.45 59.36
N LEU H 173 14.71 -0.73 59.57
CA LEU H 173 14.78 0.18 60.71
C LEU H 173 13.69 1.25 60.65
N LEU H 174 13.20 1.57 59.45
CA LEU H 174 12.22 2.62 59.28
C LEU H 174 10.77 2.11 59.27
N GLU H 175 10.56 0.80 59.41
CA GLU H 175 9.21 0.27 59.21
C GLU H 175 8.19 0.91 60.16
N HIS H 176 8.56 1.09 61.43
CA HIS H 176 7.66 1.67 62.42
C HIS H 176 8.12 3.04 62.88
N ALA H 177 8.89 3.74 62.06
CA ALA H 177 9.32 5.09 62.37
C ALA H 177 8.26 6.09 61.93
N PRO H 178 7.91 7.05 62.78
CA PRO H 178 6.92 8.06 62.37
C PRO H 178 7.36 8.88 61.17
N ILE H 179 8.66 9.16 61.05
CA ILE H 179 9.22 9.90 59.92
C ILE H 179 10.02 8.92 59.07
N ASP H 180 9.68 8.83 57.78
CA ASP H 180 10.30 7.88 56.86
C ASP H 180 11.60 8.46 56.27
N VAL H 181 12.55 8.72 57.18
CA VAL H 181 13.85 9.31 56.87
C VAL H 181 14.85 8.75 57.86
N ALA H 182 15.89 8.09 57.36
CA ALA H 182 17.00 7.66 58.20
C ALA H 182 18.17 8.60 58.01
N VAL H 183 18.68 9.15 59.10
CA VAL H 183 19.84 10.04 59.06
C VAL H 183 21.11 9.18 59.09
N MET H 184 21.88 9.22 58.01
CA MET H 184 23.08 8.40 57.89
C MET H 184 24.30 9.21 58.33
N THR H 185 25.21 8.56 59.08
CA THR H 185 26.28 9.26 59.77
C THR H 185 27.64 8.67 59.43
N ALA H 186 28.65 9.54 59.38
CA ALA H 186 30.04 9.14 59.31
C ALA H 186 30.50 8.62 60.68
N PRO H 187 31.67 7.98 60.76
CA PRO H 187 32.14 7.46 62.05
C PRO H 187 32.24 8.49 63.16
N ASP H 188 32.59 9.74 62.85
CA ASP H 188 32.61 10.76 63.90
C ASP H 188 31.21 11.30 64.24
N GLY H 189 30.16 10.73 63.63
CA GLY H 189 28.80 11.17 63.87
C GLY H 189 28.32 12.33 63.02
N THR H 190 29.14 12.84 62.10
CA THR H 190 28.68 13.92 61.24
C THR H 190 27.76 13.36 60.14
N LEU H 191 26.98 14.27 59.56
CA LEU H 191 25.97 13.89 58.58
C LEU H 191 26.62 13.39 57.31
N ALA H 192 26.22 12.19 56.88
CA ALA H 192 26.64 11.69 55.57
C ALA H 192 25.53 11.77 54.54
N GLY H 193 24.27 11.83 54.97
CA GLY H 193 23.14 11.97 54.08
C GLY H 193 21.91 11.36 54.71
N VAL H 194 20.90 11.08 53.87
CA VAL H 194 19.67 10.46 54.35
C VAL H 194 19.28 9.34 53.40
N LEU H 195 18.44 8.44 53.93
CA LEU H 195 17.89 7.34 53.13
C LEU H 195 16.48 7.09 53.59
N THR H 196 15.53 7.16 52.67
CA THR H 196 14.13 6.84 52.95
C THR H 196 13.87 5.38 52.57
N ARG H 197 12.71 4.87 53.01
CA ARG H 197 12.33 3.52 52.62
C ARG H 197 12.29 3.38 51.10
N THR H 198 11.73 4.37 50.41
CA THR H 198 11.68 4.30 48.95
C THR H 198 13.07 4.45 48.35
N GLY H 199 13.91 5.29 48.93
CA GLY H 199 15.30 5.37 48.46
C GLY H 199 16.04 4.06 48.65
N ALA H 200 15.77 3.35 49.75
CA ALA H 200 16.38 2.04 49.93
C ALA H 200 15.94 1.07 48.84
N ILE H 201 14.66 1.08 48.49
CA ILE H 201 14.12 0.21 47.45
C ILE H 201 14.76 0.56 46.10
N ARG H 202 14.88 1.86 45.81
CA ARG H 202 15.42 2.28 44.51
C ARG H 202 16.89 1.90 44.36
N ALA H 203 17.65 1.82 45.47
CA ALA H 203 19.03 1.38 45.37
C ALA H 203 19.14 -0.03 44.78
N GLY H 204 18.11 -0.86 44.97
CA GLY H 204 18.05 -2.21 44.44
C GLY H 204 17.41 -2.34 43.08
N ILE H 205 16.91 -1.25 42.50
CA ILE H 205 16.29 -1.26 41.18
C ILE H 205 17.15 -0.54 40.16
N TYR H 206 17.73 0.59 40.54
CA TYR H 206 18.49 1.45 39.64
C TYR H 206 19.97 1.30 39.93
N THR H 207 20.76 1.12 38.87
CA THR H 207 22.21 1.15 38.98
C THR H 207 22.71 2.56 38.76
N PRO H 208 23.47 3.14 39.69
CA PRO H 208 23.99 4.49 39.47
C PRO H 208 24.85 4.55 38.21
N ALA H 209 24.72 5.66 37.49
CA ALA H 209 25.61 5.95 36.37
C ALA H 209 26.89 6.56 36.91
N VAL H 210 28.01 5.87 36.73
CA VAL H 210 29.26 6.23 37.38
C VAL H 210 30.39 6.25 36.36
N ASP H 211 31.42 7.06 36.65
CA ASP H 211 32.64 7.08 35.85
C ASP H 211 33.57 5.95 36.28
N ALA H 212 34.77 5.93 35.68
CA ALA H 212 35.73 4.87 35.97
C ALA H 212 36.22 4.89 37.41
N LYS H 213 36.10 6.03 38.09
CA LYS H 213 36.47 6.13 39.50
C LYS H 213 35.30 5.88 40.44
N GLY H 214 34.15 5.46 39.92
CA GLY H 214 33.03 5.14 40.77
C GLY H 214 32.22 6.32 41.26
N ARG H 215 32.35 7.49 40.63
CA ARG H 215 31.62 8.69 41.01
C ARG H 215 30.52 8.97 40.00
N LEU H 216 29.46 9.64 40.46
CA LEU H 216 28.30 9.90 39.60
C LEU H 216 28.69 10.68 38.35
N ARG H 217 28.12 10.26 37.23
CA ARG H 217 28.40 10.87 35.94
C ARG H 217 27.65 12.19 35.78
N ILE H 218 28.19 13.06 34.93
CA ILE H 218 27.59 14.35 34.65
C ILE H 218 28.09 14.79 33.28
N ALA H 219 27.26 15.52 32.55
CA ALA H 219 27.64 15.98 31.22
C ALA H 219 27.56 17.50 31.17
N ALA H 220 28.03 18.09 30.07
CA ALA H 220 28.02 19.54 29.96
C ALA H 220 27.88 19.94 28.50
N ALA H 221 27.14 21.01 28.26
CA ALA H 221 26.87 21.48 26.92
C ALA H 221 27.72 22.70 26.59
N VAL H 222 27.90 22.91 25.28
CA VAL H 222 28.58 24.09 24.75
C VAL H 222 27.88 24.50 23.45
N GLY H 223 27.69 25.80 23.27
CA GLY H 223 27.15 26.32 22.02
C GLY H 223 28.26 26.60 21.03
N ILE H 224 27.87 26.92 19.79
CA ILE H 224 28.88 26.95 18.72
C ILE H 224 29.42 28.36 18.48
N ASN H 225 29.15 29.30 19.37
CA ASN H 225 29.78 30.61 19.27
C ASN H 225 31.11 30.60 20.00
N GLY H 226 32.00 31.51 19.58
CA GLY H 226 33.26 31.68 20.28
C GLY H 226 34.23 30.54 20.01
N ASP H 227 35.12 30.33 20.98
CA ASP H 227 36.18 29.32 20.88
C ASP H 227 35.65 28.00 21.42
N VAL H 228 35.03 27.20 20.56
CA VAL H 228 34.34 26.00 21.01
C VAL H 228 35.34 24.96 21.52
N GLY H 229 36.49 24.85 20.85
CA GLY H 229 37.50 23.91 21.31
C GLY H 229 38.01 24.24 22.70
N ALA H 230 38.29 25.52 22.95
CA ALA H 230 38.79 25.91 24.27
C ALA H 230 37.73 25.69 25.34
N LYS H 231 36.47 26.04 25.06
CA LYS H 231 35.40 25.76 26.02
C LYS H 231 35.27 24.26 26.27
N ALA H 232 35.23 23.46 25.20
CA ALA H 232 35.12 22.01 25.37
C ALA H 232 36.29 21.45 26.17
N GLN H 233 37.49 21.97 25.94
CA GLN H 233 38.66 21.50 26.67
C GLN H 233 38.53 21.82 28.16
N ALA H 234 38.01 23.00 28.48
CA ALA H 234 37.86 23.37 29.88
C ALA H 234 36.78 22.53 30.56
N LEU H 235 35.73 22.17 29.82
CA LEU H 235 34.68 21.34 30.41
C LEU H 235 35.18 19.93 30.71
N ALA H 236 35.97 19.37 29.80
CA ALA H 236 36.57 18.06 30.06
C ALA H 236 37.52 18.12 31.25
N GLU H 237 38.29 19.20 31.37
CA GLU H 237 39.22 19.33 32.48
C GLU H 237 38.48 19.53 33.80
N ALA H 238 37.30 20.15 33.76
CA ALA H 238 36.47 20.27 34.95
C ALA H 238 35.85 18.94 35.38
N GLY H 239 35.87 17.91 34.52
CA GLY H 239 35.42 16.60 34.90
C GLY H 239 34.19 16.06 34.18
N ALA H 240 33.68 16.77 33.17
CA ALA H 240 32.53 16.26 32.42
C ALA H 240 32.81 14.89 31.83
N ASP H 241 31.84 14.00 31.94
CA ASP H 241 31.95 12.67 31.36
C ASP H 241 31.47 12.60 29.91
N LEU H 242 30.81 13.65 29.42
CA LEU H 242 30.23 13.65 28.10
C LEU H 242 30.01 15.10 27.70
N LEU H 243 30.27 15.43 26.43
CA LEU H 243 30.09 16.79 25.93
C LEU H 243 28.95 16.84 24.93
N VAL H 244 28.16 17.92 24.99
CA VAL H 244 27.05 18.17 24.08
C VAL H 244 27.32 19.48 23.36
N ILE H 245 27.47 19.42 22.04
CA ILE H 245 27.59 20.62 21.20
C ILE H 245 26.20 20.93 20.69
N ASP H 246 25.64 22.06 21.11
CA ASP H 246 24.21 22.27 21.00
C ASP H 246 23.89 23.56 20.25
N THR H 247 23.01 23.46 19.25
CA THR H 247 22.50 24.64 18.55
C THR H 247 21.14 24.32 17.96
N ALA H 248 20.34 25.37 17.73
CA ALA H 248 18.99 25.18 17.21
C ALA H 248 19.01 24.50 15.84
N HIS H 249 19.85 24.99 14.94
CA HIS H 249 19.97 24.44 13.59
C HIS H 249 21.32 23.75 13.45
N GLY H 250 21.34 22.46 13.78
CA GLY H 250 22.59 21.71 13.75
C GLY H 250 23.19 21.54 12.36
N HIS H 251 22.36 21.60 11.32
CA HIS H 251 22.84 21.28 9.97
C HIS H 251 23.38 22.52 9.26
N GLN H 252 24.45 23.07 9.81
CA GLN H 252 25.04 24.27 9.25
C GLN H 252 26.55 24.23 9.41
N ALA H 253 27.23 25.00 8.56
CA ALA H 253 28.69 24.94 8.49
C ALA H 253 29.35 25.22 9.82
N LYS H 254 28.79 26.17 10.59
CA LYS H 254 29.42 26.53 11.86
C LYS H 254 29.40 25.37 12.84
N MET H 255 28.35 24.54 12.81
CA MET H 255 28.33 23.36 13.65
C MET H 255 29.36 22.32 13.22
N LEU H 256 29.46 22.08 11.90
CA LEU H 256 30.47 21.13 11.42
C LEU H 256 31.87 21.56 11.85
N ASP H 257 32.16 22.86 11.76
CA ASP H 257 33.46 23.36 12.22
C ASP H 257 33.64 23.17 13.72
N ALA H 258 32.60 23.46 14.49
CA ALA H 258 32.67 23.29 15.95
C ALA H 258 32.97 21.84 16.31
N ILE H 259 32.28 20.89 15.67
CA ILE H 259 32.53 19.48 15.95
C ILE H 259 33.95 19.10 15.60
N LYS H 260 34.41 19.48 14.40
CA LYS H 260 35.78 19.17 14.00
C LYS H 260 36.79 19.72 15.00
N ALA H 261 36.54 20.93 15.50
CA ALA H 261 37.46 21.53 16.47
C ALA H 261 37.48 20.75 17.78
N VAL H 262 36.32 20.31 18.26
CA VAL H 262 36.31 19.53 19.50
C VAL H 262 36.92 18.16 19.27
N ALA H 263 36.54 17.49 18.17
CA ALA H 263 37.07 16.16 17.92
C ALA H 263 38.60 16.17 17.79
N SER H 264 39.16 17.23 17.21
CA SER H 264 40.60 17.27 16.98
C SER H 264 41.40 17.31 18.28
N LEU H 265 40.79 17.73 19.39
CA LEU H 265 41.49 17.77 20.67
C LEU H 265 41.65 16.40 21.30
N ASP H 266 40.97 15.38 20.79
CA ASP H 266 41.08 14.01 21.31
C ASP H 266 40.90 14.01 22.82
N LEU H 267 39.76 14.55 23.26
CA LEU H 267 39.47 14.65 24.68
C LEU H 267 39.12 13.31 25.31
N GLY H 268 38.82 12.30 24.51
CA GLY H 268 38.50 10.97 25.03
C GLY H 268 37.11 10.82 25.59
N LEU H 269 36.17 11.71 25.24
CA LEU H 269 34.82 11.72 25.77
C LEU H 269 33.81 11.49 24.66
N PRO H 270 32.69 10.83 24.96
CA PRO H 270 31.60 10.77 23.97
C PRO H 270 31.16 12.18 23.59
N LEU H 271 30.92 12.39 22.31
CA LEU H 271 30.64 13.71 21.76
C LEU H 271 29.26 13.69 21.11
N VAL H 272 28.33 14.47 21.69
CA VAL H 272 26.98 14.65 21.18
C VAL H 272 26.94 15.96 20.40
N ALA H 273 26.25 15.97 19.26
CA ALA H 273 26.04 17.21 18.52
C ALA H 273 24.64 17.22 17.95
N GLY H 274 24.02 18.40 17.97
CA GLY H 274 22.68 18.56 17.39
C GLY H 274 22.29 20.02 17.42
N ASN H 275 21.10 20.32 16.89
CA ASN H 275 20.06 19.34 16.52
C ASN H 275 19.72 19.29 15.03
N VAL H 276 19.43 18.09 14.54
CA VAL H 276 19.00 17.87 13.16
C VAL H 276 17.75 16.99 13.17
N VAL H 277 17.10 16.91 12.01
CA VAL H 277 15.95 16.01 11.86
C VAL H 277 15.99 15.22 10.55
N SER H 278 17.12 15.23 9.86
CA SER H 278 17.22 14.54 8.59
C SER H 278 18.40 13.58 8.57
N ALA H 279 18.30 12.57 7.69
CA ALA H 279 19.40 11.63 7.50
C ALA H 279 20.66 12.34 7.02
N GLU H 280 20.52 13.30 6.09
CA GLU H 280 21.69 14.04 5.63
C GLU H 280 22.36 14.78 6.79
N GLY H 281 21.57 15.46 7.62
CA GLY H 281 22.15 16.15 8.77
C GLY H 281 22.84 15.19 9.72
N THR H 282 22.25 14.02 9.93
CA THR H 282 22.83 13.02 10.81
C THR H 282 24.17 12.52 10.26
N ARG H 283 24.22 12.23 8.96
CA ARG H 283 25.47 11.80 8.35
C ARG H 283 26.54 12.89 8.49
N ASP H 284 26.17 14.14 8.22
CA ASP H 284 27.14 15.22 8.20
C ASP H 284 27.74 15.46 9.58
N LEU H 285 26.94 15.34 10.63
CA LEU H 285 27.46 15.59 11.97
C LEU H 285 28.37 14.45 12.42
N ILE H 286 28.01 13.21 12.08
CA ILE H 286 28.87 12.08 12.44
C ILE H 286 30.19 12.17 11.69
N GLU H 287 30.14 12.48 10.39
CA GLU H 287 31.38 12.55 9.63
C GLU H 287 32.26 13.70 10.10
N ALA H 288 31.66 14.74 10.69
CA ALA H 288 32.46 15.81 11.26
C ALA H 288 33.12 15.43 12.58
N GLY H 289 32.66 14.36 13.24
CA GLY H 289 33.35 13.85 14.41
C GLY H 289 32.47 13.48 15.59
N ALA H 290 31.16 13.66 15.46
CA ALA H 290 30.26 13.33 16.56
C ALA H 290 29.99 11.84 16.60
N SER H 291 29.87 11.28 17.81
CA SER H 291 29.46 9.89 17.93
C SER H 291 27.97 9.74 18.20
N ILE H 292 27.33 10.79 18.70
CA ILE H 292 25.91 10.80 19.03
C ILE H 292 25.30 12.04 18.39
N VAL H 293 24.17 11.87 17.71
CA VAL H 293 23.47 12.98 17.07
C VAL H 293 22.18 13.26 17.84
N LYS H 294 22.00 14.51 18.26
CA LYS H 294 20.81 14.91 19.01
C LYS H 294 19.74 15.37 18.02
N VAL H 295 18.57 14.73 18.09
CA VAL H 295 17.52 14.87 17.07
C VAL H 295 16.33 15.64 17.62
N GLY H 296 15.92 16.68 16.91
CA GLY H 296 14.71 17.40 17.25
C GLY H 296 14.73 18.85 16.86
N VAL H 297 13.79 19.27 16.01
CA VAL H 297 13.67 20.65 15.59
C VAL H 297 12.19 20.92 15.43
N GLY H 298 11.67 21.88 16.21
CA GLY H 298 10.26 22.22 16.22
C GLY H 298 9.34 21.02 16.12
N PRO H 299 9.46 20.07 17.05
CA PRO H 299 8.60 18.88 16.98
C PRO H 299 7.13 19.18 17.21
N GLY H 300 6.82 20.25 17.95
CA GLY H 300 5.45 20.59 18.26
C GLY H 300 4.86 21.58 17.28
N ALA H 301 3.79 21.16 16.59
CA ALA H 301 3.20 21.98 15.53
C ALA H 301 2.69 23.32 16.04
N MET H 302 2.34 23.41 17.32
CA MET H 302 1.79 24.64 17.88
C MET H 302 2.79 25.39 18.74
N CYS H 303 4.06 25.02 18.71
CA CYS H 303 5.05 25.64 19.58
C CYS H 303 5.81 26.73 18.83
N THR H 304 6.65 27.45 19.59
CA THR H 304 7.19 28.74 19.14
C THR H 304 7.94 28.63 17.82
N THR H 305 8.86 27.67 17.71
CA THR H 305 9.67 27.56 16.50
C THR H 305 8.79 27.34 15.27
N ARG H 306 7.83 26.42 15.37
CA ARG H 306 6.98 26.13 14.21
C ARG H 306 6.07 27.31 13.88
N MET H 307 5.56 27.99 14.91
CA MET H 307 4.65 29.11 14.64
C MET H 307 5.37 30.35 14.15
N MET H 308 6.67 30.48 14.44
CA MET H 308 7.45 31.62 13.94
C MET H 308 7.98 31.40 12.54
N THR H 309 8.29 30.15 12.19
CA THR H 309 9.08 29.86 11.00
C THR H 309 8.48 28.82 10.08
N GLY H 310 7.54 28.00 10.54
CA GLY H 310 7.10 26.87 9.76
C GLY H 310 8.06 25.68 9.79
N VAL H 311 9.20 25.81 10.45
CA VAL H 311 10.26 24.81 10.38
C VAL H 311 10.11 23.80 11.51
N GLY H 312 10.22 22.52 11.16
CA GLY H 312 10.32 21.47 12.16
C GLY H 312 10.07 20.12 11.51
N ARG H 313 9.91 19.10 12.36
CA ARG H 313 9.54 17.80 11.83
C ARG H 313 8.85 16.99 12.91
N PRO H 314 7.77 16.29 12.57
CA PRO H 314 7.20 15.32 13.52
C PRO H 314 8.27 14.38 14.05
N GLN H 315 8.30 14.24 15.38
CA GLN H 315 9.49 13.72 16.03
C GLN H 315 9.66 12.22 15.86
N PHE H 316 8.56 11.44 15.76
CA PHE H 316 8.75 10.01 15.59
C PHE H 316 9.40 9.72 14.26
N SER H 317 8.91 10.37 13.20
CA SER H 317 9.51 10.18 11.88
C SER H 317 10.94 10.69 11.86
N ALA H 318 11.21 11.80 12.55
CA ALA H 318 12.57 12.32 12.61
C ALA H 318 13.52 11.33 13.29
N VAL H 319 13.09 10.75 14.41
CA VAL H 319 13.98 9.81 15.10
C VAL H 319 14.17 8.55 14.27
N VAL H 320 13.12 8.03 13.66
CA VAL H 320 13.26 6.83 12.83
C VAL H 320 14.32 7.07 11.76
N GLU H 321 14.17 8.16 11.01
CA GLU H 321 15.07 8.40 9.88
C GLU H 321 16.50 8.65 10.35
N CYS H 322 16.67 9.45 11.41
CA CYS H 322 18.01 9.80 11.84
C CYS H 322 18.69 8.62 12.52
N ALA H 323 17.96 7.86 13.33
CA ALA H 323 18.55 6.69 13.98
C ALA H 323 19.08 5.71 12.96
N ALA H 324 18.32 5.48 11.89
CA ALA H 324 18.76 4.55 10.85
C ALA H 324 20.02 5.05 10.15
N ALA H 325 20.06 6.34 9.83
CA ALA H 325 21.26 6.91 9.22
C ALA H 325 22.46 6.78 10.15
N ALA H 326 22.27 7.05 11.43
CA ALA H 326 23.38 7.00 12.36
C ALA H 326 23.88 5.57 12.54
N ARG H 327 22.95 4.61 12.55
CA ARG H 327 23.31 3.21 12.74
C ARG H 327 24.24 2.73 11.64
N GLN H 328 23.99 3.16 10.40
CA GLN H 328 24.86 2.81 9.28
C GLN H 328 26.31 3.24 9.52
N LEU H 329 26.50 4.32 10.25
CA LEU H 329 27.83 4.88 10.49
C LEU H 329 28.39 4.49 11.84
N GLY H 330 27.75 3.56 12.55
CA GLY H 330 28.20 3.17 13.87
C GLY H 330 27.91 4.18 14.95
N GLY H 331 27.01 5.14 14.70
CA GLY H 331 26.65 6.15 15.66
C GLY H 331 25.29 5.93 16.28
N HIS H 332 24.87 6.93 17.06
CA HIS H 332 23.66 6.82 17.88
C HIS H 332 22.89 8.13 17.81
N VAL H 333 21.62 8.05 18.22
CA VAL H 333 20.72 9.19 18.17
C VAL H 333 20.07 9.39 19.54
N TRP H 334 20.04 10.64 20.00
CA TRP H 334 19.24 11.03 21.16
C TRP H 334 17.97 11.72 20.69
N ALA H 335 16.82 11.26 21.19
CA ALA H 335 15.53 11.87 20.85
C ALA H 335 15.27 13.03 21.80
N ASP H 336 15.35 14.26 21.29
CA ASP H 336 15.36 15.47 22.12
C ASP H 336 14.11 16.30 21.84
N GLY H 337 13.17 16.29 22.77
CA GLY H 337 12.06 17.23 22.72
C GLY H 337 10.69 16.59 22.72
N GLY H 338 9.72 17.25 23.34
CA GLY H 338 8.33 16.83 23.27
C GLY H 338 7.93 15.71 24.19
N VAL H 339 8.81 15.24 25.07
CA VAL H 339 8.49 14.09 25.90
C VAL H 339 7.63 14.55 27.07
N ARG H 340 6.44 13.98 27.19
CA ARG H 340 5.50 14.33 28.24
C ARG H 340 4.94 13.12 28.99
N HIS H 341 5.11 11.91 28.48
CA HIS H 341 4.55 10.69 29.03
C HIS H 341 5.53 9.55 28.84
N PRO H 342 5.42 8.50 29.65
CA PRO H 342 6.29 7.33 29.42
C PRO H 342 6.14 6.75 28.02
N ARG H 343 4.95 6.84 27.44
CA ARG H 343 4.74 6.44 26.04
C ARG H 343 5.77 7.05 25.11
N ASP H 344 6.11 8.34 25.32
CA ASP H 344 7.00 9.04 24.38
C ASP H 344 8.42 8.51 24.48
N VAL H 345 8.88 8.20 25.69
CA VAL H 345 10.19 7.57 25.86
C VAL H 345 10.22 6.23 25.15
N ALA H 346 9.20 5.39 25.40
CA ALA H 346 9.16 4.06 24.79
C ALA H 346 9.16 4.15 23.27
N LEU H 347 8.39 5.08 22.70
CA LEU H 347 8.31 5.18 21.25
C LEU H 347 9.61 5.68 20.64
N ALA H 348 10.26 6.66 21.29
CA ALA H 348 11.57 7.11 20.80
C ALA H 348 12.56 5.96 20.75
N LEU H 349 12.56 5.11 21.79
CA LEU H 349 13.47 3.97 21.82
C LEU H 349 13.09 2.93 20.75
N ALA H 350 11.79 2.68 20.58
CA ALA H 350 11.36 1.77 19.52
C ALA H 350 11.78 2.28 18.16
N ALA H 351 11.77 3.61 17.97
CA ALA H 351 12.18 4.23 16.72
C ALA H 351 13.67 4.08 16.46
N GLY H 352 14.46 3.80 17.49
CA GLY H 352 15.88 3.55 17.35
C GLY H 352 16.79 4.50 18.11
N ALA H 353 16.28 5.47 18.87
CA ALA H 353 17.15 6.31 19.67
C ALA H 353 17.83 5.47 20.74
N SER H 354 19.04 5.88 21.12
CA SER H 354 19.77 5.21 22.20
C SER H 354 19.42 5.78 23.56
N ASN H 355 18.87 7.00 23.60
CA ASN H 355 18.63 7.73 24.82
C ASN H 355 17.60 8.78 24.50
N VAL H 356 16.89 9.24 25.53
CA VAL H 356 15.81 10.20 25.36
C VAL H 356 16.08 11.38 26.26
N MET H 357 16.09 12.59 25.68
CA MET H 357 16.38 13.80 26.43
C MET H 357 15.07 14.46 26.82
N ILE H 358 14.93 14.77 28.11
CA ILE H 358 13.71 15.31 28.69
C ILE H 358 14.03 16.66 29.32
N GLY H 359 13.26 17.68 28.96
CA GLY H 359 13.45 18.99 29.53
C GLY H 359 12.31 19.45 30.42
N SER H 360 11.33 20.12 29.83
N SER H 360 11.32 20.12 29.82
CA SER H 360 10.33 20.84 30.61
CA SER H 360 10.30 20.83 30.58
C SER H 360 9.56 19.92 31.57
N TRP H 361 9.30 18.67 31.17
CA TRP H 361 8.59 17.77 32.08
C TRP H 361 9.23 17.73 33.46
N PHE H 362 10.55 17.69 33.51
CA PHE H 362 11.28 17.57 34.78
C PHE H 362 11.43 18.90 35.50
N ALA H 363 11.03 20.03 34.90
CA ALA H 363 10.95 21.26 35.66
C ALA H 363 9.92 21.13 36.78
N GLY H 364 8.87 20.36 36.56
CA GLY H 364 7.81 20.21 37.54
C GLY H 364 8.14 19.13 38.56
N THR H 365 9.28 19.30 39.22
CA THR H 365 9.73 18.40 40.28
C THR H 365 10.38 19.21 41.39
N TYR H 366 10.48 18.60 42.57
CA TYR H 366 11.16 19.26 43.67
C TYR H 366 12.59 19.61 43.34
N GLU H 367 13.28 18.75 42.58
CA GLU H 367 14.73 18.85 42.44
C GLU H 367 15.17 19.82 41.35
N SER H 368 14.26 20.35 40.54
CA SER H 368 14.67 21.34 39.54
C SER H 368 15.03 22.66 40.22
N PRO H 369 15.81 23.50 39.55
CA PRO H 369 16.38 24.67 40.26
C PRO H 369 15.38 25.74 40.63
N GLY H 370 14.27 25.86 39.91
CA GLY H 370 13.36 26.97 40.12
C GLY H 370 12.57 26.84 41.41
N ASP H 371 11.93 27.93 41.79
CA ASP H 371 11.12 27.96 43.01
C ASP H 371 9.78 27.27 42.82
N LEU H 372 9.34 26.57 43.86
CA LEU H 372 8.01 25.95 43.84
C LEU H 372 6.93 27.02 43.95
N LEU H 373 6.00 27.02 43.01
CA LEU H 373 4.91 27.97 42.96
C LEU H 373 3.56 27.26 43.08
N PHE H 374 2.51 28.02 43.34
CA PHE H 374 1.16 27.50 43.45
C PHE H 374 0.21 28.36 42.63
N ASP H 375 -0.70 27.72 41.90
CA ASP H 375 -1.55 28.40 40.94
C ASP H 375 -2.80 28.94 41.64
N ARG H 376 -3.83 29.31 40.86
CA ARG H 376 -5.04 29.88 41.45
C ARG H 376 -5.79 28.87 42.31
N ASP H 377 -5.65 27.58 42.01
CA ASP H 377 -6.27 26.51 42.79
C ASP H 377 -5.32 25.93 43.83
N ASP H 378 -4.21 26.62 44.12
CA ASP H 378 -3.21 26.21 45.08
C ASP H 378 -2.57 24.87 44.72
N ARG H 379 -2.57 24.52 43.42
CA ARG H 379 -1.85 23.35 42.93
C ARG H 379 -0.39 23.70 42.70
N PRO H 380 0.54 22.82 43.09
CA PRO H 380 1.96 23.16 42.95
C PRO H 380 2.43 23.07 41.50
N TYR H 381 3.28 24.02 41.12
CA TYR H 381 3.90 23.97 39.80
C TYR H 381 5.23 24.71 39.84
N LYS H 382 6.01 24.54 38.76
CA LYS H 382 7.20 25.33 38.51
C LYS H 382 7.19 25.76 37.05
N GLU H 383 7.93 26.81 36.77
CA GLU H 383 7.98 27.33 35.41
C GLU H 383 9.15 26.70 34.66
N SER H 384 8.86 26.16 33.48
CA SER H 384 9.92 25.87 32.52
C SER H 384 10.07 27.07 31.60
N TYR H 385 11.27 27.22 31.06
CA TYR H 385 11.49 28.30 30.11
C TYR H 385 12.66 27.92 29.23
N GLY H 386 12.69 28.47 28.04
CA GLY H 386 13.66 28.01 27.06
C GLY H 386 15.01 28.66 27.23
N MET H 387 16.00 28.05 26.55
CA MET H 387 17.35 28.60 26.53
C MET H 387 17.51 29.70 25.49
N ALA H 388 16.58 29.81 24.54
CA ALA H 388 16.49 30.94 23.61
C ALA H 388 17.81 31.21 22.89
N SER H 389 18.36 32.42 23.03
CA SER H 389 19.55 32.78 22.26
C SER H 389 20.77 31.97 22.66
N LYS H 390 20.76 31.30 23.81
CA LYS H 390 21.88 30.41 24.14
C LYS H 390 21.96 29.20 23.22
N ARG H 391 20.92 28.93 22.41
CA ARG H 391 21.00 27.92 21.36
C ARG H 391 21.21 28.51 19.97
N ALA H 392 21.36 29.82 19.84
CA ALA H 392 21.44 30.45 18.54
C ALA H 392 22.86 30.85 18.19
N VAL H 393 23.10 31.01 16.89
CA VAL H 393 24.35 31.59 16.40
C VAL H 393 24.28 33.10 16.58
N ALA H 394 25.32 33.69 17.16
CA ALA H 394 25.27 35.09 17.55
C ALA H 394 25.42 36.02 16.34
N SER H 401 28.65 48.93 17.97
CA SER H 401 28.17 49.95 18.91
C SER H 401 26.94 49.48 19.68
N SER H 402 26.53 50.28 20.66
CA SER H 402 25.29 50.00 21.38
C SER H 402 24.10 49.98 20.43
N PHE H 403 24.11 50.86 19.43
CA PHE H 403 23.08 50.82 18.39
C PHE H 403 23.05 49.46 17.71
N ASP H 404 24.22 48.96 17.31
CA ASP H 404 24.26 47.66 16.63
C ASP H 404 23.81 46.53 17.54
N ARG H 405 24.15 46.61 18.83
CA ARG H 405 23.73 45.58 19.77
C ARG H 405 22.21 45.58 19.94
N ALA H 406 21.62 46.76 20.14
CA ALA H 406 20.17 46.85 20.23
C ALA H 406 19.51 46.44 18.92
N ARG H 407 20.15 46.75 17.79
CA ARG H 407 19.61 46.38 16.49
C ARG H 407 19.49 44.86 16.34
N LYS H 408 20.58 44.14 16.60
CA LYS H 408 20.55 42.70 16.49
C LYS H 408 19.69 42.07 17.60
N GLY H 409 19.65 42.69 18.77
CA GLY H 409 18.83 42.18 19.86
C GLY H 409 17.34 42.27 19.60
N LEU H 410 16.91 43.13 18.67
CA LEU H 410 15.48 43.30 18.41
C LEU H 410 14.85 42.05 17.83
N PHE H 411 15.62 41.25 17.09
CA PHE H 411 15.10 40.05 16.44
C PHE H 411 15.45 38.76 17.16
N GLU H 412 16.12 38.83 18.31
CA GLU H 412 16.55 37.58 18.93
C GLU H 412 15.37 36.91 19.63
N GLU H 413 15.49 35.59 19.80
CA GLU H 413 14.38 34.81 20.34
C GLU H 413 14.13 35.16 21.80
N GLY H 414 12.88 35.45 22.12
CA GLY H 414 12.49 35.69 23.50
C GLY H 414 12.38 34.39 24.28
N ILE H 415 12.33 34.53 25.60
CA ILE H 415 12.22 33.38 26.49
C ILE H 415 10.74 33.09 26.71
N SER H 416 10.28 31.95 26.21
CA SER H 416 8.92 31.49 26.47
C SER H 416 8.88 30.74 27.80
N THR H 417 7.77 30.91 28.52
CA THR H 417 7.59 30.33 29.85
C THR H 417 6.33 29.48 29.86
N SER H 418 6.40 28.31 30.51
CA SER H 418 5.26 27.42 30.61
C SER H 418 5.17 26.84 32.01
N ARG H 419 3.94 26.53 32.44
CA ARG H 419 3.69 26.04 33.79
C ARG H 419 3.70 24.52 33.78
N MET H 420 4.61 23.93 34.56
CA MET H 420 4.71 22.48 34.67
C MET H 420 4.20 22.09 36.06
N SER H 421 3.00 21.51 36.10
CA SER H 421 2.40 21.12 37.37
C SER H 421 3.23 20.01 38.02
N LEU H 422 3.39 20.09 39.33
CA LEU H 422 3.93 18.97 40.09
C LEU H 422 2.82 17.98 40.36
N ASP H 423 3.09 16.72 40.09
CA ASP H 423 2.11 15.69 40.41
C ASP H 423 2.10 15.49 41.92
N PRO H 424 0.98 15.73 42.61
CA PRO H 424 0.95 15.49 44.06
C PRO H 424 1.28 14.06 44.45
N ALA H 425 1.31 13.13 43.51
CA ALA H 425 1.76 11.76 43.75
C ALA H 425 3.16 11.49 43.23
N ARG H 426 3.66 12.32 42.31
CA ARG H 426 4.96 12.10 41.66
C ARG H 426 5.81 13.37 41.72
N GLY H 427 5.85 13.98 42.91
CA GLY H 427 6.49 15.29 43.05
C GLY H 427 7.98 15.29 42.80
N GLY H 428 8.67 14.21 43.18
CA GLY H 428 10.10 14.10 42.94
C GLY H 428 10.43 13.59 41.55
N VAL H 429 11.61 13.98 41.06
CA VAL H 429 12.04 13.47 39.75
C VAL H 429 12.18 11.95 39.78
N GLU H 430 12.48 11.37 40.94
CA GLU H 430 12.62 9.92 40.98
C GLU H 430 11.28 9.22 40.81
N ASP H 431 10.19 9.86 41.25
CA ASP H 431 8.86 9.31 40.98
C ASP H 431 8.57 9.32 39.48
N LEU H 432 9.02 10.36 38.78
CA LEU H 432 8.89 10.38 37.33
C LEU H 432 9.77 9.31 36.69
N LEU H 433 10.98 9.08 37.22
CA LEU H 433 11.80 8.01 36.66
C LEU H 433 11.15 6.65 36.88
N ASP H 434 10.53 6.44 38.04
CA ASP H 434 9.77 5.21 38.27
C ASP H 434 8.68 5.06 37.22
N HIS H 435 7.91 6.13 37.01
CA HIS H 435 6.84 6.16 36.02
C HIS H 435 7.37 5.84 34.62
N ILE H 436 8.43 6.54 34.21
CA ILE H 436 9.01 6.35 32.88
C ILE H 436 9.52 4.93 32.70
N THR H 437 10.37 4.47 33.61
CA THR H 437 11.01 3.17 33.38
C THR H 437 10.06 2.01 33.63
N SER H 438 9.06 2.18 34.51
CA SER H 438 8.00 1.19 34.60
C SER H 438 7.34 0.98 33.24
N GLY H 439 6.96 2.09 32.59
CA GLY H 439 6.32 1.99 31.29
C GLY H 439 7.21 1.36 30.24
N VAL H 440 8.47 1.81 30.16
CA VAL H 440 9.37 1.29 29.14
C VAL H 440 9.67 -0.18 29.36
N ARG H 441 9.82 -0.60 30.62
CA ARG H 441 9.97 -2.02 30.89
C ARG H 441 8.75 -2.78 30.40
N SER H 442 7.56 -2.23 30.63
N SER H 442 7.56 -2.23 30.63
CA SER H 442 6.33 -2.88 30.17
CA SER H 442 6.34 -2.88 30.18
C SER H 442 6.29 -2.96 28.65
N THR H 443 6.70 -1.88 27.97
CA THR H 443 6.76 -1.93 26.51
C THR H 443 7.62 -3.10 26.06
N CYS H 444 8.79 -3.25 26.67
CA CYS H 444 9.69 -4.33 26.28
C CYS H 444 9.04 -5.70 26.48
N THR H 445 8.35 -5.90 27.62
CA THR H 445 7.68 -7.17 27.86
C THR H 445 6.60 -7.43 26.82
N TYR H 446 5.87 -6.39 26.41
CA TYR H 446 4.86 -6.54 25.37
C TYR H 446 5.48 -6.89 24.02
N VAL H 447 6.65 -6.30 23.72
CA VAL H 447 7.31 -6.54 22.44
C VAL H 447 8.03 -7.88 22.41
N GLY H 448 8.40 -8.40 23.57
CA GLY H 448 9.26 -9.58 23.64
C GLY H 448 10.73 -9.25 23.71
N ALA H 449 11.09 -8.02 24.08
CA ALA H 449 12.47 -7.58 24.10
C ALA H 449 13.04 -7.63 25.51
N ALA H 450 14.26 -8.17 25.63
CA ALA H 450 14.96 -8.24 26.90
C ALA H 450 15.86 -7.03 27.16
N ASN H 451 16.02 -6.14 26.18
CA ASN H 451 16.90 -4.99 26.32
C ASN H 451 16.52 -3.99 25.23
N LEU H 452 17.20 -2.85 25.23
CA LEU H 452 16.84 -1.75 24.33
C LEU H 452 17.16 -2.08 22.87
N PRO H 453 18.32 -2.67 22.55
CA PRO H 453 18.52 -3.11 21.15
C PRO H 453 17.45 -4.05 20.64
N GLU H 454 17.02 -5.02 21.46
CA GLU H 454 15.94 -5.91 21.05
C GLU H 454 14.63 -5.18 20.88
N LEU H 455 14.38 -4.14 21.70
CA LEU H 455 13.16 -3.36 21.53
C LEU H 455 13.09 -2.78 20.12
N HIS H 456 14.17 -2.14 19.68
CA HIS H 456 14.18 -1.57 18.34
C HIS H 456 14.17 -2.65 17.27
N GLU H 457 14.85 -3.77 17.51
CA GLU H 457 14.93 -4.81 16.49
C GLU H 457 13.61 -5.55 16.29
N LYS H 458 12.82 -5.72 17.36
CA LYS H 458 11.65 -6.58 17.33
C LYS H 458 10.33 -5.82 17.16
N VAL H 459 10.33 -4.50 17.36
CA VAL H 459 9.07 -3.78 17.48
C VAL H 459 8.30 -3.81 16.15
N VAL H 460 6.98 -3.88 16.26
CA VAL H 460 6.08 -3.71 15.12
C VAL H 460 5.16 -2.54 15.45
N LEU H 461 5.07 -1.59 14.52
CA LEU H 461 4.34 -0.34 14.77
C LEU H 461 3.12 -0.26 13.86
N GLY H 462 2.15 0.53 14.30
CA GLY H 462 1.00 0.86 13.48
C GLY H 462 0.71 2.35 13.56
N VAL H 463 -0.09 2.80 12.61
CA VAL H 463 -0.56 4.18 12.55
C VAL H 463 -2.04 4.19 12.89
N GLN H 464 -2.46 5.19 13.66
CA GLN H 464 -3.88 5.36 13.94
C GLN H 464 -4.36 6.69 13.38
N SER H 465 -5.68 6.78 13.22
CA SER H 465 -6.30 8.01 12.76
C SER H 465 -6.51 8.98 13.93
N ALA H 466 -7.08 10.14 13.61
CA ALA H 466 -7.47 11.16 14.59
C ALA H 466 -8.63 10.72 15.49
N ALA H 467 -9.10 9.48 15.42
CA ALA H 467 -10.16 8.98 16.30
C ALA H 467 -9.82 9.17 17.78
N MET I 1 27.93 -2.95 7.82
CA MET I 1 26.48 -3.09 7.79
C MET I 1 25.93 -2.67 6.42
N VAL I 2 25.18 -3.57 5.78
CA VAL I 2 24.64 -3.26 4.46
C VAL I 2 23.48 -2.28 4.58
N ARG I 3 23.31 -1.46 3.56
CA ARG I 3 22.09 -0.67 3.40
C ARG I 3 21.43 -1.08 2.10
N PHE I 4 20.13 -1.30 2.15
CA PHE I 4 19.30 -1.45 0.96
C PHE I 4 18.54 -0.15 0.70
N LEU I 5 18.25 0.09 -0.59
CA LEU I 5 17.42 1.22 -0.99
C LEU I 5 16.11 1.24 -0.20
N ASP I 6 15.57 2.45 0.00
CA ASP I 6 14.32 2.58 0.75
C ASP I 6 13.23 1.69 0.14
N GLY I 7 12.58 0.92 1.00
CA GLY I 7 11.47 0.07 0.60
C GLY I 7 11.85 -1.27 0.03
N HIS I 8 13.13 -1.54 -0.22
CA HIS I 8 13.58 -2.82 -0.74
C HIS I 8 13.69 -3.82 0.40
N THR I 9 12.53 -4.24 0.90
CA THR I 9 12.39 -5.20 1.99
C THR I 9 11.53 -6.36 1.50
N PRO I 10 12.07 -7.23 0.66
CA PRO I 10 11.26 -8.28 0.04
C PRO I 10 10.79 -9.31 1.06
N ALA I 11 9.67 -9.96 0.73
CA ALA I 11 9.10 -11.02 1.54
C ALA I 11 9.71 -12.38 1.20
N TYR I 12 11.00 -12.39 0.87
CA TYR I 12 11.71 -13.59 0.49
C TYR I 12 13.19 -13.35 0.68
N ASP I 13 13.95 -14.44 0.68
CA ASP I 13 15.40 -14.31 0.83
C ASP I 13 16.05 -14.23 -0.55
N LEU I 14 17.29 -13.75 -0.57
CA LEU I 14 17.94 -13.26 -1.77
C LEU I 14 19.09 -14.17 -2.19
N THR I 15 19.11 -14.52 -3.47
CA THR I 15 20.26 -15.12 -4.14
C THR I 15 21.14 -14.02 -4.75
N TYR I 16 22.31 -14.43 -5.24
CA TYR I 16 23.18 -13.51 -5.97
C TYR I 16 22.49 -12.88 -7.18
N ASN I 17 21.46 -13.53 -7.71
CA ASN I 17 20.75 -13.00 -8.88
C ASN I 17 19.71 -11.95 -8.52
N ASP I 18 19.33 -11.81 -7.25
CA ASP I 18 18.25 -10.92 -6.84
C ASP I 18 18.68 -9.48 -6.57
N VAL I 19 19.99 -9.19 -6.52
CA VAL I 19 20.46 -7.92 -5.97
C VAL I 19 21.46 -7.25 -6.91
N PHE I 20 21.59 -5.94 -6.71
CA PHE I 20 22.53 -5.12 -7.47
C PHE I 20 23.14 -4.09 -6.54
N VAL I 21 24.29 -3.58 -6.94
CA VAL I 21 25.06 -2.59 -6.18
C VAL I 21 24.86 -1.23 -6.82
N VAL I 22 24.37 -0.26 -6.06
CA VAL I 22 24.19 1.10 -6.58
C VAL I 22 25.54 1.82 -6.51
N PRO I 23 26.00 2.42 -7.60
CA PRO I 23 27.20 3.27 -7.52
C PRO I 23 27.07 4.33 -6.43
N GLY I 24 28.18 4.64 -5.77
CA GLY I 24 28.25 5.71 -4.80
C GLY I 24 29.33 6.70 -5.21
N ARG I 25 29.40 7.80 -4.46
CA ARG I 25 30.40 8.81 -4.73
C ARG I 25 31.79 8.28 -4.40
N SER I 26 32.69 8.34 -5.37
CA SER I 26 33.99 7.68 -5.23
C SER I 26 35.13 8.64 -5.49
N ASP I 27 36.22 8.43 -4.76
CA ASP I 27 37.51 9.03 -5.12
C ASP I 27 38.58 7.96 -5.28
N VAL I 28 38.17 6.71 -5.54
CA VAL I 28 39.09 5.61 -5.80
C VAL I 28 39.19 5.51 -7.32
N ALA I 29 40.20 6.15 -7.89
CA ALA I 29 40.31 6.27 -9.34
C ALA I 29 40.67 4.95 -9.99
N SER I 30 41.78 4.35 -9.56
CA SER I 30 42.35 3.18 -10.22
C SER I 30 41.95 1.89 -9.51
N ARG I 31 41.69 0.85 -10.31
CA ARG I 31 41.54 -0.49 -9.75
C ARG I 31 42.72 -0.86 -8.86
N PHE I 32 43.92 -0.37 -9.19
CA PHE I 32 45.11 -0.72 -8.44
C PHE I 32 45.23 0.02 -7.12
N ASP I 33 44.43 1.05 -6.89
CA ASP I 33 44.40 1.70 -5.59
C ASP I 33 43.66 0.88 -4.54
N VAL I 34 42.94 -0.15 -4.95
CA VAL I 34 42.17 -0.99 -4.03
C VAL I 34 43.09 -2.03 -3.41
N ASP I 35 42.92 -2.26 -2.11
CA ASP I 35 43.65 -3.27 -1.36
C ASP I 35 42.72 -4.46 -1.16
N LEU I 36 42.99 -5.56 -1.85
CA LEU I 36 42.14 -6.75 -1.80
C LEU I 36 42.53 -7.73 -0.69
N SER I 37 43.45 -7.35 0.19
N SER I 37 43.45 -7.35 0.18
CA SER I 37 43.88 -8.27 1.24
CA SER I 37 43.89 -8.25 1.26
C SER I 37 42.73 -8.54 2.22
N THR I 38 42.73 -9.74 2.78
CA THR I 38 41.70 -10.12 3.73
C THR I 38 42.18 -9.87 5.16
N VAL I 39 41.21 -9.88 6.08
CA VAL I 39 41.43 -9.52 7.48
C VAL I 39 41.01 -10.63 8.43
N ASP I 40 40.75 -11.83 7.92
CA ASP I 40 40.24 -12.93 8.72
C ASP I 40 41.33 -13.86 9.23
N GLY I 41 42.60 -13.50 9.08
CA GLY I 41 43.68 -14.35 9.52
C GLY I 41 44.06 -15.47 8.58
N SER I 42 43.34 -15.62 7.45
CA SER I 42 43.71 -16.63 6.47
C SER I 42 45.04 -16.31 5.81
N GLY I 43 45.38 -15.02 5.71
CA GLY I 43 46.59 -14.61 5.01
C GLY I 43 46.46 -14.48 3.51
N THR I 44 45.27 -14.64 2.94
CA THR I 44 45.12 -14.39 1.51
C THR I 44 45.22 -12.90 1.24
N THR I 45 45.87 -12.55 0.13
CA THR I 45 45.95 -11.17 -0.34
C THR I 45 44.92 -10.86 -1.41
N ILE I 46 44.17 -11.86 -1.87
CA ILE I 46 42.96 -11.67 -2.66
C ILE I 46 41.88 -12.50 -1.97
N PRO I 47 40.60 -12.12 -2.08
CA PRO I 47 39.54 -12.81 -1.32
C PRO I 47 39.05 -14.11 -1.96
N VAL I 48 40.00 -14.98 -2.32
CA VAL I 48 39.65 -16.23 -3.00
C VAL I 48 40.21 -17.43 -2.25
N VAL I 49 39.35 -18.40 -1.95
CA VAL I 49 39.71 -19.65 -1.32
C VAL I 49 39.21 -20.77 -2.22
N VAL I 50 40.08 -21.74 -2.51
CA VAL I 50 39.66 -22.87 -3.35
C VAL I 50 39.08 -23.97 -2.46
N ALA I 51 37.92 -24.47 -2.86
CA ALA I 51 37.15 -25.41 -2.04
C ALA I 51 37.90 -26.72 -1.81
N ASN I 52 37.70 -27.29 -0.62
CA ASN I 52 38.22 -28.60 -0.27
C ASN I 52 37.52 -29.72 -1.05
N MET I 53 37.77 -29.78 -2.36
CA MET I 53 37.19 -30.78 -3.23
C MET I 53 38.29 -31.50 -3.99
N THR I 54 38.15 -32.83 -4.11
CA THR I 54 39.11 -33.60 -4.87
C THR I 54 39.12 -33.22 -6.34
N ALA I 55 38.01 -32.67 -6.85
CA ALA I 55 37.96 -32.28 -8.25
C ALA I 55 38.76 -31.03 -8.55
N VAL I 56 39.17 -30.26 -7.53
CA VAL I 56 39.74 -28.95 -7.77
C VAL I 56 41.06 -28.75 -7.02
N ALA I 57 41.15 -29.29 -5.81
CA ALA I 57 42.17 -28.86 -4.85
C ALA I 57 43.38 -29.80 -4.85
N GLY I 58 44.11 -29.79 -5.97
CA GLY I 58 45.34 -30.56 -6.10
C GLY I 58 46.58 -29.71 -5.92
N ARG I 59 47.74 -30.38 -6.06
CA ARG I 59 49.01 -29.68 -5.81
C ARG I 59 49.25 -28.58 -6.83
N ARG I 60 48.96 -28.83 -8.11
CA ARG I 60 49.14 -27.80 -9.13
C ARG I 60 48.24 -26.60 -8.83
N MET I 61 47.01 -26.85 -8.39
CA MET I 61 46.11 -25.76 -8.03
C MET I 61 46.61 -25.01 -6.81
N ALA I 62 47.14 -25.74 -5.82
CA ALA I 62 47.54 -25.11 -4.57
C ALA I 62 48.75 -24.20 -4.77
N GLU I 63 49.73 -24.65 -5.55
CA GLU I 63 50.86 -23.78 -5.90
C GLU I 63 50.40 -22.56 -6.68
N THR I 64 49.61 -22.78 -7.74
CA THR I 64 49.30 -21.70 -8.67
C THR I 64 48.47 -20.60 -7.99
N VAL I 65 47.53 -20.99 -7.15
CA VAL I 65 46.61 -20.02 -6.54
C VAL I 65 47.29 -19.28 -5.40
N ALA I 66 48.05 -20.00 -4.56
CA ALA I 66 48.74 -19.35 -3.45
C ALA I 66 49.75 -18.33 -3.94
N ARG I 67 50.38 -18.56 -5.09
CA ARG I 67 51.33 -17.59 -5.62
C ARG I 67 50.63 -16.28 -5.99
N ARG I 68 49.37 -16.35 -6.39
CA ARG I 68 48.61 -15.14 -6.73
C ARG I 68 47.80 -14.61 -5.56
N GLY I 69 48.00 -15.17 -4.36
CA GLY I 69 47.46 -14.59 -3.14
C GLY I 69 46.27 -15.31 -2.57
N GLY I 70 45.73 -16.30 -3.27
CA GLY I 70 44.67 -17.11 -2.71
C GLY I 70 45.22 -18.21 -1.81
N ILE I 71 44.34 -19.12 -1.43
CA ILE I 71 44.75 -20.29 -0.66
C ILE I 71 43.84 -21.45 -1.06
N VAL I 72 44.38 -22.66 -1.04
CA VAL I 72 43.65 -23.86 -1.42
C VAL I 72 43.50 -24.76 -0.20
N VAL I 73 42.28 -25.21 0.06
CA VAL I 73 42.00 -26.11 1.16
C VAL I 73 42.06 -27.53 0.62
N LEU I 74 43.03 -28.31 1.10
CA LEU I 74 43.15 -29.69 0.65
C LEU I 74 41.93 -30.49 1.11
N PRO I 75 41.44 -31.42 0.29
CA PRO I 75 40.23 -32.16 0.66
C PRO I 75 40.42 -32.99 1.92
N GLN I 76 39.34 -33.12 2.70
CA GLN I 76 39.39 -34.01 3.85
C GLN I 76 39.63 -35.45 3.39
N ASP I 77 40.17 -36.26 4.31
CA ASP I 77 40.44 -37.68 4.12
C ASP I 77 41.54 -37.94 3.10
N LEU I 78 42.24 -36.91 2.64
CA LEU I 78 43.49 -37.11 1.93
C LEU I 78 44.50 -37.74 2.88
N PRO I 79 45.11 -38.88 2.53
CA PRO I 79 46.03 -39.54 3.46
C PRO I 79 47.12 -38.60 3.93
N ILE I 80 47.49 -38.73 5.21
CA ILE I 80 48.40 -37.78 5.84
C ILE I 80 49.75 -37.78 5.14
N THR I 81 50.17 -38.92 4.59
CA THR I 81 51.41 -38.95 3.83
C THR I 81 51.31 -38.13 2.55
N ALA I 82 50.13 -38.16 1.89
CA ALA I 82 49.93 -37.33 0.71
C ALA I 82 49.78 -35.86 1.07
N VAL I 83 49.17 -35.56 2.22
CA VAL I 83 49.13 -34.19 2.70
C VAL I 83 50.53 -33.63 2.85
N SER I 84 51.42 -34.39 3.49
CA SER I 84 52.79 -33.92 3.72
C SER I 84 53.53 -33.71 2.42
N GLU I 85 53.35 -34.60 1.45
CA GLU I 85 54.01 -34.42 0.16
C GLU I 85 53.51 -33.16 -0.54
N THR I 86 52.21 -32.91 -0.48
CA THR I 86 51.64 -31.73 -1.13
C THR I 86 52.14 -30.45 -0.49
N VAL I 87 52.09 -30.39 0.85
CA VAL I 87 52.60 -29.21 1.56
C VAL I 87 54.06 -28.97 1.21
N ASP I 88 54.87 -30.03 1.24
CA ASP I 88 56.29 -29.89 0.93
C ASP I 88 56.50 -29.40 -0.49
N PHE I 89 55.73 -29.93 -1.45
CA PHE I 89 55.82 -29.42 -2.81
C PHE I 89 55.46 -27.94 -2.86
N VAL I 90 54.30 -27.57 -2.29
CA VAL I 90 53.83 -26.20 -2.37
C VAL I 90 54.82 -25.25 -1.70
N LYS I 91 55.33 -25.63 -0.54
CA LYS I 91 56.22 -24.75 0.20
C LYS I 91 57.66 -24.79 -0.30
N SER I 92 57.96 -25.58 -1.34
CA SER I 92 59.24 -25.51 -2.01
C SER I 92 59.17 -24.73 -3.31
N ARG I 93 57.99 -24.26 -3.69
CA ARG I 93 57.84 -23.53 -4.94
C ARG I 93 58.40 -22.11 -4.80
N ASP I 94 58.87 -21.60 -5.93
CA ASP I 94 59.33 -20.22 -5.99
C ASP I 94 58.15 -19.26 -5.95
N LEU I 95 58.37 -18.07 -5.38
CA LEU I 95 57.30 -17.10 -5.25
C LEU I 95 56.97 -16.39 -6.56
N VAL I 96 57.88 -16.41 -7.54
CA VAL I 96 57.69 -15.75 -8.82
C VAL I 96 57.67 -16.75 -9.96
N VAL I 97 58.64 -17.65 -10.00
CA VAL I 97 58.84 -18.57 -11.11
C VAL I 97 57.97 -19.80 -10.89
N ASP I 98 57.31 -20.24 -11.95
CA ASP I 98 56.31 -21.32 -11.89
C ASP I 98 56.95 -22.66 -12.24
N THR I 99 56.28 -23.73 -11.82
CA THR I 99 56.73 -25.07 -12.17
C THR I 99 56.20 -25.44 -13.55
N PRO I 100 57.05 -25.74 -14.52
CA PRO I 100 56.57 -26.16 -15.84
C PRO I 100 56.26 -27.65 -15.87
N VAL I 101 55.56 -28.06 -16.93
CA VAL I 101 55.57 -29.46 -17.33
C VAL I 101 56.96 -29.80 -17.87
N THR I 102 57.49 -30.94 -17.46
CA THR I 102 58.80 -31.38 -17.93
C THR I 102 58.67 -32.68 -18.69
N LEU I 103 59.53 -32.84 -19.70
CA LEU I 103 59.54 -34.02 -20.54
C LEU I 103 60.93 -34.61 -20.59
N SER I 104 60.99 -35.90 -20.84
CA SER I 104 62.24 -36.62 -21.12
C SER I 104 62.46 -36.70 -22.62
N PRO I 105 63.71 -36.76 -23.07
CA PRO I 105 63.96 -36.99 -24.51
C PRO I 105 63.32 -38.26 -25.03
N GLU I 106 63.08 -39.25 -24.17
CA GLU I 106 62.54 -40.54 -24.58
C GLU I 106 61.02 -40.61 -24.46
N ASP I 107 60.37 -39.57 -23.95
CA ASP I 107 58.91 -39.54 -23.92
C ASP I 107 58.36 -39.51 -25.34
N SER I 108 57.18 -40.12 -25.51
CA SER I 108 56.52 -40.10 -26.80
C SER I 108 55.89 -38.73 -27.04
N VAL I 109 55.69 -38.40 -28.32
CA VAL I 109 54.93 -37.21 -28.66
C VAL I 109 53.53 -37.28 -28.06
N SER I 110 52.92 -38.47 -28.06
CA SER I 110 51.57 -38.63 -27.54
C SER I 110 51.51 -38.28 -26.06
N ASP I 111 52.43 -38.82 -25.26
CA ASP I 111 52.45 -38.48 -23.84
C ASP I 111 52.74 -37.00 -23.64
N ALA I 112 53.62 -36.43 -24.47
CA ALA I 112 53.94 -35.01 -24.38
C ALA I 112 52.70 -34.15 -24.59
N ASN I 113 51.98 -34.39 -25.68
CA ASN I 113 50.79 -33.60 -25.98
C ASN I 113 49.77 -33.67 -24.86
N ALA I 114 49.67 -34.80 -24.16
CA ALA I 114 48.76 -34.92 -23.04
C ALA I 114 49.21 -34.06 -21.86
N LEU I 115 50.49 -34.17 -21.50
CA LEU I 115 50.98 -33.47 -20.31
C LEU I 115 51.02 -31.96 -20.48
N LEU I 116 51.09 -31.47 -21.72
CA LEU I 116 51.17 -30.02 -21.97
C LEU I 116 50.06 -29.26 -21.25
N HIS I 117 48.87 -29.84 -21.16
CA HIS I 117 47.70 -29.13 -20.66
C HIS I 117 47.53 -29.22 -19.15
N LYS I 118 48.53 -29.76 -18.44
CA LYS I 118 48.53 -29.67 -16.99
C LYS I 118 48.95 -28.29 -16.48
N ARG I 119 49.49 -27.43 -17.35
CA ARG I 119 49.84 -26.06 -17.00
C ARG I 119 49.37 -25.14 -18.12
N ALA I 120 49.42 -23.84 -17.85
CA ALA I 120 48.91 -22.83 -18.79
C ALA I 120 50.00 -22.18 -19.62
N HIS I 121 51.23 -22.71 -19.59
CA HIS I 121 52.37 -22.08 -20.24
C HIS I 121 52.39 -22.30 -21.75
N GLY I 122 51.71 -23.33 -22.25
CA GLY I 122 51.74 -23.61 -23.67
C GLY I 122 53.04 -24.21 -24.15
N ALA I 123 53.89 -24.66 -23.24
CA ALA I 123 55.15 -25.31 -23.60
C ALA I 123 55.60 -26.16 -22.43
N ALA I 124 56.25 -27.27 -22.74
CA ALA I 124 56.92 -28.09 -21.76
C ALA I 124 58.42 -27.99 -21.95
N VAL I 125 59.17 -28.18 -20.86
CA VAL I 125 60.62 -28.10 -20.88
C VAL I 125 61.17 -29.50 -21.02
N VAL I 126 61.98 -29.74 -22.05
CA VAL I 126 62.69 -31.00 -22.18
C VAL I 126 63.91 -30.96 -21.26
N VAL I 127 64.04 -31.98 -20.42
CA VAL I 127 65.06 -32.01 -19.38
C VAL I 127 65.91 -33.25 -19.57
N PHE I 128 67.23 -33.06 -19.59
CA PHE I 128 68.20 -34.16 -19.64
C PHE I 128 69.22 -33.90 -18.55
N GLU I 129 69.21 -34.73 -17.51
CA GLU I 129 70.11 -34.60 -16.35
C GLU I 129 69.89 -33.28 -15.60
N GLY I 130 68.62 -32.90 -15.46
CA GLY I 130 68.26 -31.69 -14.75
C GLY I 130 68.45 -30.40 -15.51
N ARG I 131 69.01 -30.45 -16.72
CA ARG I 131 69.30 -29.28 -17.53
C ARG I 131 68.23 -29.11 -18.62
N PRO I 132 67.82 -27.87 -18.89
CA PRO I 132 66.84 -27.64 -19.97
C PRO I 132 67.52 -27.63 -21.34
N ILE I 133 67.08 -28.53 -22.22
CA ILE I 133 67.70 -28.67 -23.53
C ILE I 133 66.76 -28.29 -24.67
N GLY I 134 65.48 -28.08 -24.40
CA GLY I 134 64.57 -27.70 -25.46
C GLY I 134 63.17 -27.49 -24.92
N LEU I 135 62.29 -27.03 -25.80
CA LEU I 135 60.88 -26.79 -25.48
C LEU I 135 60.00 -27.56 -26.44
N VAL I 136 58.91 -28.10 -25.92
CA VAL I 136 57.89 -28.78 -26.71
C VAL I 136 56.60 -27.97 -26.64
N THR I 137 56.06 -27.64 -27.80
CA THR I 137 54.79 -26.94 -27.92
C THR I 137 53.78 -27.80 -28.65
N GLU I 138 52.52 -27.40 -28.58
CA GLU I 138 51.48 -28.14 -29.29
C GLU I 138 51.70 -28.11 -30.79
N ALA I 139 52.22 -26.99 -31.32
CA ALA I 139 52.53 -26.92 -32.75
C ALA I 139 53.63 -27.90 -33.14
N ASN I 140 54.57 -28.19 -32.24
CA ASN I 140 55.62 -29.15 -32.51
C ASN I 140 55.08 -30.58 -32.57
N CYS I 141 53.93 -30.84 -31.96
CA CYS I 141 53.34 -32.17 -31.94
C CYS I 141 52.42 -32.43 -33.12
N ALA I 142 52.10 -31.42 -33.92
CA ALA I 142 51.22 -31.59 -35.07
C ALA I 142 51.98 -32.16 -36.25
N GLY I 143 51.33 -33.06 -37.00
CA GLY I 143 51.91 -33.66 -38.18
C GLY I 143 53.00 -34.68 -37.92
N VAL I 144 53.22 -35.06 -36.67
CA VAL I 144 54.29 -35.97 -36.27
C VAL I 144 53.68 -37.28 -35.80
N ASP I 145 54.32 -38.40 -36.15
CA ASP I 145 53.93 -39.70 -35.61
C ASP I 145 53.82 -39.60 -34.09
N ARG I 146 52.66 -39.96 -33.57
CA ARG I 146 52.40 -39.79 -32.14
C ARG I 146 53.27 -40.67 -31.27
N PHE I 147 53.99 -41.64 -31.84
CA PHE I 147 54.90 -42.46 -31.07
C PHE I 147 56.36 -42.13 -31.35
N ALA I 148 56.63 -41.12 -32.18
CA ALA I 148 57.96 -40.56 -32.24
C ALA I 148 58.37 -40.03 -30.87
N ARG I 149 59.68 -39.89 -30.68
CA ARG I 149 60.22 -39.42 -29.41
C ARG I 149 60.25 -37.90 -29.36
N VAL I 150 60.13 -37.37 -28.14
CA VAL I 150 60.20 -35.92 -27.91
C VAL I 150 61.45 -35.32 -28.55
N ARG I 151 62.55 -36.07 -28.53
CA ARG I 151 63.81 -35.61 -29.11
C ARG I 151 63.64 -35.09 -30.53
N ASP I 152 62.75 -35.71 -31.31
CA ASP I 152 62.63 -35.40 -32.73
C ASP I 152 61.86 -34.12 -33.01
N ILE I 153 61.15 -33.57 -32.02
CA ILE I 153 60.34 -32.37 -32.22
C ILE I 153 60.77 -31.21 -31.34
N ALA I 154 61.63 -31.44 -30.37
CA ALA I 154 61.97 -30.39 -29.41
C ALA I 154 62.67 -29.22 -30.08
N LEU I 155 62.36 -28.01 -29.63
CA LEU I 155 62.99 -26.79 -30.12
C LEU I 155 64.15 -26.45 -29.20
N SER I 156 65.38 -26.59 -29.73
CA SER I 156 66.57 -26.41 -28.89
C SER I 156 66.80 -24.96 -28.50
N ASP I 157 66.18 -24.00 -29.19
CA ASP I 157 66.40 -22.58 -28.95
C ASP I 157 65.24 -22.00 -28.16
N PHE I 158 65.57 -21.31 -27.06
CA PHE I 158 64.59 -20.73 -26.17
C PHE I 158 65.24 -19.64 -25.35
N VAL I 159 64.44 -18.66 -24.93
CA VAL I 159 64.91 -17.62 -24.03
C VAL I 159 65.23 -18.25 -22.68
N THR I 160 66.38 -17.89 -22.12
CA THR I 160 66.76 -18.33 -20.79
C THR I 160 67.31 -17.15 -19.99
N ALA I 161 67.20 -17.26 -18.67
CA ALA I 161 67.62 -16.19 -17.77
C ALA I 161 67.77 -16.78 -16.37
N PRO I 162 68.73 -16.33 -15.58
CA PRO I 162 68.91 -16.90 -14.25
C PRO I 162 67.79 -16.49 -13.31
N VAL I 163 67.53 -17.36 -12.33
CA VAL I 163 66.61 -17.01 -11.25
C VAL I 163 67.16 -15.81 -10.49
N GLY I 164 66.25 -14.99 -9.97
CA GLY I 164 66.60 -13.73 -9.38
C GLY I 164 66.61 -12.57 -10.35
N THR I 165 66.52 -12.84 -11.65
CA THR I 165 66.36 -11.78 -12.63
C THR I 165 65.03 -11.09 -12.42
N ASP I 166 65.03 -9.77 -12.54
CA ASP I 166 63.81 -9.00 -12.32
C ASP I 166 62.74 -9.43 -13.31
N PRO I 167 61.50 -9.62 -12.87
CA PRO I 167 60.42 -9.96 -13.81
C PRO I 167 60.28 -8.98 -14.96
N ARG I 168 60.57 -7.70 -14.74
CA ARG I 168 60.51 -6.73 -15.82
C ARG I 168 61.58 -6.99 -16.88
N GLU I 169 62.75 -7.49 -16.46
CA GLU I 169 63.79 -7.86 -17.42
C GLU I 169 63.36 -9.05 -18.25
N VAL I 170 62.85 -10.10 -17.61
CA VAL I 170 62.37 -11.27 -18.33
C VAL I 170 61.28 -10.88 -19.32
N PHE I 171 60.37 -10.00 -18.88
CA PHE I 171 59.31 -9.52 -19.77
C PHE I 171 59.88 -8.94 -21.05
N ASP I 172 60.97 -8.18 -20.94
CA ASP I 172 61.56 -7.56 -22.12
C ASP I 172 62.31 -8.58 -22.96
N LEU I 173 62.99 -9.53 -22.31
CA LEU I 173 63.70 -10.57 -23.05
C LEU I 173 62.77 -11.39 -23.92
N LEU I 174 61.52 -11.55 -23.52
CA LEU I 174 60.55 -12.36 -24.25
C LEU I 174 59.80 -11.57 -25.32
N GLU I 175 60.06 -10.27 -25.45
CA GLU I 175 59.23 -9.44 -26.32
C GLU I 175 59.25 -9.90 -27.77
N HIS I 176 60.41 -10.30 -28.27
CA HIS I 176 60.53 -10.76 -29.65
C HIS I 176 60.88 -12.24 -29.74
N ALA I 177 60.57 -13.01 -28.70
CA ALA I 177 60.76 -14.46 -28.75
C ALA I 177 59.55 -15.14 -29.40
N PRO I 178 59.79 -16.14 -30.24
CA PRO I 178 58.67 -16.87 -30.85
C PRO I 178 57.83 -17.62 -29.83
N ILE I 179 58.44 -18.13 -28.77
CA ILE I 179 57.75 -18.80 -27.68
C ILE I 179 57.74 -17.88 -26.47
N ASP I 180 56.55 -17.65 -25.91
CA ASP I 180 56.37 -16.75 -24.77
C ASP I 180 56.60 -17.49 -23.45
N VAL I 181 57.80 -18.08 -23.34
CA VAL I 181 58.21 -18.82 -22.17
C VAL I 181 59.71 -18.62 -21.96
N ALA I 182 60.09 -18.11 -20.80
CA ALA I 182 61.49 -17.98 -20.43
C ALA I 182 61.85 -19.11 -19.47
N VAL I 183 62.91 -19.85 -19.80
CA VAL I 183 63.38 -20.95 -18.96
C VAL I 183 64.30 -20.38 -17.90
N MET I 184 63.90 -20.52 -16.63
CA MET I 184 64.64 -19.96 -15.51
C MET I 184 65.59 -21.00 -14.95
N THR I 185 66.85 -20.62 -14.80
CA THR I 185 67.93 -21.55 -14.47
C THR I 185 68.52 -21.23 -13.11
N ALA I 186 68.85 -22.29 -12.37
CA ALA I 186 69.59 -22.20 -11.12
C ALA I 186 71.03 -21.79 -11.43
N PRO I 187 71.84 -21.49 -10.40
CA PRO I 187 73.25 -21.14 -10.68
C PRO I 187 74.01 -22.23 -11.44
N ASP I 188 73.79 -23.50 -11.10
CA ASP I 188 74.46 -24.59 -11.82
C ASP I 188 73.94 -24.80 -13.23
N GLY I 189 72.97 -23.99 -13.66
CA GLY I 189 72.38 -24.12 -14.99
C GLY I 189 71.23 -25.10 -15.10
N THR I 190 70.84 -25.75 -14.02
CA THR I 190 69.71 -26.67 -14.08
C THR I 190 68.39 -25.91 -14.10
N LEU I 191 67.32 -26.65 -14.36
CA LEU I 191 66.00 -26.05 -14.45
C LEU I 191 65.49 -25.66 -13.07
N ALA I 192 65.04 -24.41 -12.94
CA ALA I 192 64.36 -23.95 -11.74
C ALA I 192 62.90 -23.60 -11.99
N GLY I 193 62.53 -23.29 -13.22
CA GLY I 193 61.13 -23.13 -13.57
C GLY I 193 61.00 -22.32 -14.86
N VAL I 194 59.81 -21.73 -15.03
CA VAL I 194 59.49 -20.95 -16.22
C VAL I 194 58.81 -19.65 -15.80
N LEU I 195 58.87 -18.67 -16.68
CA LEU I 195 58.19 -17.40 -16.49
C LEU I 195 57.75 -16.89 -17.85
N THR I 196 56.46 -16.61 -17.98
CA THR I 196 55.90 -16.03 -19.18
C THR I 196 55.78 -14.52 -19.01
N ARG I 197 55.54 -13.83 -20.12
CA ARG I 197 55.32 -12.39 -20.05
C ARG I 197 54.14 -12.07 -19.13
N THR I 198 53.07 -12.86 -19.23
CA THR I 198 51.93 -12.64 -18.35
C THR I 198 52.26 -13.00 -16.92
N GLY I 199 53.01 -14.09 -16.72
CA GLY I 199 53.47 -14.43 -15.38
C GLY I 199 54.35 -13.36 -14.77
N ALA I 200 55.15 -12.69 -15.60
CA ALA I 200 55.96 -11.58 -15.10
C ALA I 200 55.10 -10.41 -14.68
N ILE I 201 54.06 -10.09 -15.47
CA ILE I 201 53.15 -9.01 -15.14
C ILE I 201 52.41 -9.30 -13.84
N ARG I 202 51.92 -10.53 -13.68
CA ARG I 202 51.16 -10.88 -12.49
C ARG I 202 52.02 -10.80 -11.23
N ALA I 203 53.33 -11.01 -11.34
CA ALA I 203 54.20 -10.86 -10.18
C ALA I 203 54.19 -9.45 -9.63
N GLY I 204 53.81 -8.46 -10.44
CA GLY I 204 53.67 -7.09 -10.00
C GLY I 204 52.27 -6.68 -9.60
N ILE I 205 51.29 -7.58 -9.73
CA ILE I 205 49.91 -7.28 -9.40
C ILE I 205 49.45 -8.06 -8.18
N TYR I 206 49.86 -9.32 -8.06
CA TYR I 206 49.42 -10.22 -7.00
C TYR I 206 50.54 -10.42 -6.00
N THR I 207 50.21 -10.24 -4.72
CA THR I 207 51.14 -10.54 -3.65
C THR I 207 50.97 -11.99 -3.23
N PRO I 208 52.02 -12.82 -3.29
CA PRO I 208 51.88 -14.22 -2.86
C PRO I 208 51.43 -14.31 -1.41
N ALA I 209 50.51 -15.23 -1.15
CA ALA I 209 50.12 -15.54 0.21
C ALA I 209 51.14 -16.49 0.80
N VAL I 210 51.86 -16.05 1.84
CA VAL I 210 52.99 -16.79 2.36
C VAL I 210 52.86 -16.92 3.87
N ASP I 211 53.61 -17.88 4.43
CA ASP I 211 53.67 -18.06 5.87
C ASP I 211 54.82 -17.23 6.44
N ALA I 212 54.99 -17.31 7.76
CA ALA I 212 56.00 -16.47 8.43
C ALA I 212 57.41 -16.74 7.93
N LYS I 213 57.63 -17.87 7.27
CA LYS I 213 58.94 -18.22 6.71
C LYS I 213 59.05 -17.85 5.23
N GLY I 214 58.02 -17.27 4.64
CA GLY I 214 58.07 -16.88 3.25
C GLY I 214 57.70 -17.97 2.27
N ARG I 215 57.02 -19.02 2.71
CA ARG I 215 56.61 -20.13 1.86
C ARG I 215 55.13 -20.04 1.56
N LEU I 216 54.75 -20.41 0.34
CA LEU I 216 53.35 -20.37 -0.09
C LEU I 216 52.44 -21.05 0.92
N ARG I 217 51.31 -20.40 1.21
CA ARG I 217 50.35 -20.91 2.18
C ARG I 217 49.52 -22.03 1.59
N ILE I 218 48.99 -22.88 2.49
CA ILE I 218 48.11 -23.97 2.10
C ILE I 218 47.26 -24.33 3.32
N ALA I 219 46.05 -24.81 3.07
CA ALA I 219 45.12 -25.20 4.12
C ALA I 219 44.68 -26.65 3.91
N ALA I 220 43.98 -27.19 4.90
CA ALA I 220 43.57 -28.59 4.86
C ALA I 220 42.26 -28.76 5.61
N ALA I 221 41.39 -29.60 5.07
CA ALA I 221 40.08 -29.86 5.65
C ALA I 221 40.07 -31.17 6.43
N VAL I 222 39.13 -31.25 7.37
CA VAL I 222 38.90 -32.44 8.16
C VAL I 222 37.40 -32.55 8.40
N GLY I 223 36.86 -33.76 8.27
CA GLY I 223 35.47 -34.03 8.59
C GLY I 223 35.30 -34.31 10.07
N ILE I 224 34.04 -34.51 10.47
CA ILE I 224 33.70 -34.59 11.88
C ILE I 224 33.44 -36.03 12.33
N ASN I 225 33.86 -37.02 11.55
CA ASN I 225 33.84 -38.40 12.00
C ASN I 225 35.21 -38.80 12.52
N GLY I 226 35.25 -39.87 13.31
CA GLY I 226 36.51 -40.35 13.82
C GLY I 226 37.08 -39.46 14.91
N ASP I 227 38.41 -39.42 14.98
CA ASP I 227 39.14 -38.67 16.00
C ASP I 227 39.54 -37.33 15.40
N VAL I 228 38.66 -36.34 15.54
CA VAL I 228 38.87 -35.06 14.86
C VAL I 228 40.12 -34.37 15.36
N GLY I 229 40.36 -34.42 16.68
CA GLY I 229 41.54 -33.76 17.22
C GLY I 229 42.83 -34.35 16.71
N ALA I 230 42.93 -35.68 16.68
CA ALA I 230 44.13 -36.33 16.17
C ALA I 230 44.35 -35.99 14.71
N LYS I 231 43.30 -36.07 13.89
CA LYS I 231 43.42 -35.71 12.49
C LYS I 231 43.87 -34.26 12.34
N ALA I 232 43.28 -33.35 13.13
CA ALA I 232 43.67 -31.95 13.05
C ALA I 232 45.11 -31.75 13.48
N GLN I 233 45.53 -32.39 14.58
CA GLN I 233 46.91 -32.27 15.03
C GLN I 233 47.88 -32.74 13.96
N ALA I 234 47.56 -33.86 13.30
CA ALA I 234 48.42 -34.37 12.24
C ALA I 234 48.54 -33.37 11.08
N LEU I 235 47.42 -32.77 10.69
CA LEU I 235 47.45 -31.77 9.62
C LEU I 235 48.28 -30.56 10.02
N ALA I 236 48.16 -30.12 11.28
CA ALA I 236 48.99 -29.02 11.75
C ALA I 236 50.47 -29.39 11.70
N GLU I 237 50.81 -30.60 12.14
CA GLU I 237 52.20 -31.04 12.11
C GLU I 237 52.72 -31.29 10.70
N ALA I 238 51.82 -31.59 9.75
CA ALA I 238 52.24 -31.66 8.35
C ALA I 238 52.45 -30.27 7.74
N GLY I 239 52.07 -29.21 8.45
CA GLY I 239 52.39 -27.87 8.03
C GLY I 239 51.27 -27.05 7.41
N ALA I 240 50.02 -27.47 7.59
CA ALA I 240 48.90 -26.66 7.12
C ALA I 240 48.86 -25.32 7.84
N ASP I 241 48.56 -24.26 7.10
CA ASP I 241 48.50 -22.92 7.68
C ASP I 241 47.12 -22.57 8.21
N LEU I 242 46.11 -23.39 7.93
CA LEU I 242 44.75 -23.11 8.33
C LEU I 242 43.97 -24.42 8.27
N LEU I 243 43.07 -24.63 9.22
CA LEU I 243 42.28 -25.85 9.28
C LEU I 243 40.81 -25.55 9.02
N VAL I 244 40.17 -26.43 8.25
CA VAL I 244 38.74 -26.32 7.94
C VAL I 244 38.05 -27.58 8.47
N ILE I 245 37.16 -27.41 9.44
CA ILE I 245 36.31 -28.49 9.93
C ILE I 245 35.01 -28.43 9.14
N ASP I 246 34.78 -29.44 8.30
CA ASP I 246 33.78 -29.35 7.24
C ASP I 246 32.74 -30.44 7.39
N THR I 247 31.46 -30.04 7.37
CA THR I 247 30.37 -31.01 7.31
C THR I 247 29.18 -30.35 6.60
N ALA I 248 28.30 -31.19 6.06
CA ALA I 248 27.15 -30.68 5.32
C ALA I 248 26.24 -29.86 6.22
N HIS I 249 25.92 -30.39 7.40
CA HIS I 249 25.03 -29.74 8.37
C HIS I 249 25.87 -29.32 9.57
N GLY I 250 26.47 -28.14 9.49
CA GLY I 250 27.35 -27.66 10.55
C GLY I 250 26.67 -27.37 11.87
N HIS I 251 25.36 -27.16 11.89
CA HIS I 251 24.67 -26.76 13.12
C HIS I 251 24.17 -27.99 13.89
N GLN I 252 25.11 -28.81 14.34
CA GLN I 252 24.74 -30.03 15.03
C GLN I 252 25.77 -30.35 16.10
N ALA I 253 25.36 -31.21 17.04
CA ALA I 253 26.16 -31.43 18.24
C ALA I 253 27.53 -32.02 17.90
N LYS I 254 27.58 -32.94 16.94
CA LYS I 254 28.87 -33.54 16.59
C LYS I 254 29.86 -32.51 16.05
N MET I 255 29.36 -31.47 15.37
CA MET I 255 30.27 -30.42 14.93
C MET I 255 30.74 -29.57 16.10
N LEU I 256 29.82 -29.19 17.00
CA LEU I 256 30.21 -28.44 18.19
C LEU I 256 31.26 -29.20 19.00
N ASP I 257 31.07 -30.52 19.14
CA ASP I 257 32.09 -31.33 19.83
C ASP I 257 33.42 -31.28 19.09
N ALA I 258 33.38 -31.44 17.76
CA ALA I 258 34.61 -31.50 16.98
C ALA I 258 35.37 -30.19 17.06
N ILE I 259 34.67 -29.06 17.06
CA ILE I 259 35.34 -27.76 17.15
C ILE I 259 36.01 -27.61 18.50
N LYS I 260 35.28 -27.95 19.58
CA LYS I 260 35.86 -27.90 20.91
C LYS I 260 37.11 -28.77 21.02
N ALA I 261 37.07 -29.97 20.43
CA ALA I 261 38.21 -30.87 20.50
C ALA I 261 39.42 -30.30 19.77
N VAL I 262 39.21 -29.73 18.58
CA VAL I 262 40.33 -29.15 17.85
C VAL I 262 40.84 -27.90 18.54
N ALA I 263 39.94 -27.08 19.08
CA ALA I 263 40.36 -25.82 19.70
C ALA I 263 41.12 -26.08 20.99
N SER I 264 40.73 -27.10 21.76
CA SER I 264 41.39 -27.38 23.03
C SER I 264 42.85 -27.80 22.84
N LEU I 265 43.25 -28.16 21.62
CA LEU I 265 44.63 -28.55 21.35
C LEU I 265 45.56 -27.36 21.14
N ASP I 266 45.01 -26.15 20.99
CA ASP I 266 45.81 -24.92 20.93
C ASP I 266 46.85 -24.98 19.82
N LEU I 267 46.43 -25.44 18.64
CA LEU I 267 47.37 -25.62 17.54
C LEU I 267 47.89 -24.31 16.99
N GLY I 268 47.29 -23.18 17.34
CA GLY I 268 47.78 -21.89 16.89
C GLY I 268 47.51 -21.59 15.44
N LEU I 269 46.43 -22.14 14.88
CA LEU I 269 46.05 -21.93 13.50
C LEU I 269 44.62 -21.39 13.44
N PRO I 270 44.29 -20.59 12.43
CA PRO I 270 42.89 -20.20 12.24
C PRO I 270 42.01 -21.42 12.01
N LEU I 271 40.85 -21.45 12.67
CA LEU I 271 39.92 -22.56 12.59
C LEU I 271 38.66 -22.11 11.86
N VAL I 272 38.44 -22.67 10.67
CA VAL I 272 37.20 -22.50 9.92
C VAL I 272 36.31 -23.69 10.21
N ALA I 273 35.03 -23.44 10.43
CA ALA I 273 34.06 -24.53 10.56
C ALA I 273 32.76 -24.17 9.85
N GLY I 274 32.14 -25.16 9.24
CA GLY I 274 30.86 -25.00 8.56
C GLY I 274 30.36 -26.35 8.12
N ASN I 275 29.17 -26.36 7.51
CA ASN I 275 28.49 -25.15 7.04
C ASN I 275 27.16 -24.86 7.72
N VAL I 276 26.86 -23.57 7.90
CA VAL I 276 25.58 -23.11 8.44
C VAL I 276 25.06 -22.00 7.53
N VAL I 277 23.81 -21.60 7.76
CA VAL I 277 23.19 -20.50 7.02
C VAL I 277 22.39 -19.59 7.95
N SER I 278 22.53 -19.75 9.26
CA SER I 278 21.71 -19.00 10.20
C SER I 278 22.58 -18.26 11.21
N ALA I 279 22.01 -17.16 11.75
CA ALA I 279 22.68 -16.41 12.80
C ALA I 279 22.95 -17.28 14.03
N GLU I 280 21.99 -18.13 14.39
CA GLU I 280 22.18 -19.01 15.56
C GLU I 280 23.32 -19.98 15.33
N GLY I 281 23.36 -20.61 14.14
CA GLY I 281 24.44 -21.54 13.85
C GLY I 281 25.81 -20.88 13.84
N THR I 282 25.86 -19.64 13.33
CA THR I 282 27.12 -18.89 13.32
C THR I 282 27.61 -18.60 14.73
N ARG I 283 26.71 -18.12 15.60
CA ARG I 283 27.05 -17.90 17.00
C ARG I 283 27.56 -19.19 17.66
N ASP I 284 26.86 -20.31 17.43
CA ASP I 284 27.21 -21.55 18.11
C ASP I 284 28.56 -22.08 17.65
N LEU I 285 28.90 -21.91 16.37
CA LEU I 285 30.21 -22.40 15.92
C LEU I 285 31.33 -21.52 16.46
N ILE I 286 31.10 -20.21 16.58
CA ILE I 286 32.12 -19.33 17.14
C ILE I 286 32.30 -19.60 18.63
N GLU I 287 31.19 -19.75 19.37
CA GLU I 287 31.28 -20.04 20.79
C GLU I 287 32.00 -21.36 21.05
N ALA I 288 31.86 -22.33 20.13
CA ALA I 288 32.52 -23.62 20.29
C ALA I 288 34.02 -23.53 20.06
N GLY I 289 34.51 -22.46 19.42
CA GLY I 289 35.94 -22.29 19.23
C GLY I 289 36.39 -21.90 17.84
N ALA I 290 35.46 -21.79 16.89
CA ALA I 290 35.84 -21.39 15.54
C ALA I 290 35.99 -19.88 15.44
N SER I 291 36.94 -19.45 14.61
CA SER I 291 37.14 -18.03 14.33
C SER I 291 36.53 -17.61 13.01
N ILE I 292 36.37 -18.54 12.08
CA ILE I 292 35.75 -18.31 10.79
C ILE I 292 34.62 -19.32 10.62
N VAL I 293 33.46 -18.85 10.17
CA VAL I 293 32.31 -19.71 9.92
C VAL I 293 32.11 -19.79 8.41
N LYS I 294 32.04 -21.01 7.89
CA LYS I 294 31.80 -21.24 6.48
C LYS I 294 30.30 -21.34 6.23
N VAL I 295 29.79 -20.52 5.33
CA VAL I 295 28.35 -20.32 5.16
C VAL I 295 27.93 -20.88 3.81
N GLY I 296 26.86 -21.67 3.80
CA GLY I 296 26.34 -22.23 2.57
C GLY I 296 25.74 -23.61 2.74
N VAL I 297 24.42 -23.71 2.60
CA VAL I 297 23.71 -24.98 2.60
C VAL I 297 22.68 -24.92 1.49
N GLY I 298 22.79 -25.81 0.52
CA GLY I 298 21.89 -25.86 -0.61
C GLY I 298 21.48 -24.51 -1.17
N PRO I 299 22.45 -23.66 -1.56
CA PRO I 299 22.08 -22.34 -2.09
C PRO I 299 21.34 -22.36 -3.41
N GLY I 300 21.50 -23.43 -4.21
CA GLY I 300 20.82 -23.51 -5.49
C GLY I 300 19.49 -24.24 -5.39
N ALA I 301 18.40 -23.55 -5.75
CA ALA I 301 17.07 -24.13 -5.64
C ALA I 301 16.89 -25.41 -6.46
N MET I 302 17.71 -25.61 -7.49
CA MET I 302 17.55 -26.74 -8.40
C MET I 302 18.62 -27.80 -8.21
N CYS I 303 19.52 -27.64 -7.25
CA CYS I 303 20.62 -28.56 -7.08
C CYS I 303 20.25 -29.69 -6.12
N THR I 304 21.19 -30.62 -5.90
CA THR I 304 20.87 -31.92 -5.34
C THR I 304 20.30 -31.82 -3.92
N THR I 305 20.96 -31.06 -3.05
CA THR I 305 20.52 -30.95 -1.66
C THR I 305 19.09 -30.44 -1.57
N ARG I 306 18.78 -29.35 -2.29
CA ARG I 306 17.45 -28.78 -2.19
C ARG I 306 16.39 -29.69 -2.80
N MET I 307 16.73 -30.37 -3.89
CA MET I 307 15.76 -31.27 -4.51
C MET I 307 15.57 -32.57 -3.75
N MET I 308 16.54 -32.97 -2.92
CA MET I 308 16.40 -34.18 -2.11
C MET I 308 15.66 -33.90 -0.82
N THR I 309 15.82 -32.71 -0.25
CA THR I 309 15.42 -32.46 1.13
C THR I 309 14.57 -31.22 1.31
N GLY I 310 14.56 -30.29 0.35
CA GLY I 310 13.95 -29.02 0.57
C GLY I 310 14.76 -28.05 1.42
N VAL I 311 15.94 -28.47 1.89
CA VAL I 311 16.72 -27.69 2.85
C VAL I 311 17.72 -26.82 2.11
N GLY I 312 17.81 -25.55 2.52
CA GLY I 312 18.82 -24.65 2.01
C GLY I 312 18.51 -23.22 2.40
N ARG I 313 19.25 -22.30 1.80
CA ARG I 313 18.92 -20.89 1.94
C ARG I 313 19.56 -20.09 0.82
N PRO I 314 18.82 -19.18 0.18
CA PRO I 314 19.43 -18.27 -0.79
C PRO I 314 20.69 -17.63 -0.22
N GLN I 315 21.77 -17.67 -0.99
CA GLN I 315 23.11 -17.49 -0.42
C GLN I 315 23.42 -16.04 -0.06
N PHE I 316 22.85 -15.06 -0.78
CA PHE I 316 23.14 -13.68 -0.40
C PHE I 316 22.54 -13.37 0.97
N SER I 317 21.27 -13.71 1.17
CA SER I 317 20.64 -13.51 2.48
C SER I 317 21.39 -14.28 3.57
N ALA I 318 21.83 -15.50 3.25
CA ALA I 318 22.54 -16.30 4.24
C ALA I 318 23.84 -15.61 4.66
N VAL I 319 24.61 -15.12 3.68
CA VAL I 319 25.86 -14.45 4.02
C VAL I 319 25.61 -13.17 4.81
N VAL I 320 24.61 -12.37 4.41
CA VAL I 320 24.30 -11.15 5.14
C VAL I 320 24.04 -11.46 6.61
N GLU I 321 23.15 -12.43 6.87
CA GLU I 321 22.77 -12.71 8.25
C GLU I 321 23.94 -13.31 9.04
N CYS I 322 24.66 -14.26 8.45
CA CYS I 322 25.74 -14.90 9.19
C CYS I 322 26.92 -13.97 9.39
N ALA I 323 27.26 -13.15 8.38
CA ALA I 323 28.38 -12.24 8.52
C ALA I 323 28.14 -11.24 9.65
N ALA I 324 26.90 -10.77 9.80
CA ALA I 324 26.58 -9.83 10.86
C ALA I 324 26.66 -10.51 12.22
N ALA I 325 26.20 -11.76 12.31
CA ALA I 325 26.30 -12.50 13.56
C ALA I 325 27.75 -12.73 13.96
N ALA I 326 28.59 -13.14 13.01
CA ALA I 326 30.00 -13.34 13.29
C ALA I 326 30.68 -12.04 13.70
N ARG I 327 30.28 -10.93 13.08
CA ARG I 327 30.93 -9.66 13.33
C ARG I 327 30.74 -9.21 14.77
N GLN I 328 29.53 -9.43 15.32
CA GLN I 328 29.26 -9.09 16.71
C GLN I 328 30.19 -9.84 17.67
N LEU I 329 30.72 -10.98 17.25
CA LEU I 329 31.56 -11.82 18.10
C LEU I 329 33.04 -11.73 17.72
N GLY I 330 33.41 -10.79 16.86
CA GLY I 330 34.79 -10.66 16.42
C GLY I 330 35.21 -11.69 15.40
N GLY I 331 34.27 -12.46 14.85
CA GLY I 331 34.58 -13.48 13.89
C GLY I 331 34.32 -13.05 12.45
N HIS I 332 34.50 -14.01 11.56
CA HIS I 332 34.43 -13.77 10.12
C HIS I 332 33.64 -14.89 9.46
N VAL I 333 33.16 -14.66 8.24
CA VAL I 333 32.47 -15.71 7.50
C VAL I 333 33.09 -15.86 6.12
N TRP I 334 33.06 -17.10 5.63
CA TRP I 334 33.43 -17.45 4.26
C TRP I 334 32.15 -17.80 3.51
N ALA I 335 31.96 -17.19 2.34
CA ALA I 335 30.81 -17.50 1.48
C ALA I 335 31.15 -18.71 0.61
N ASP I 336 30.53 -19.85 0.88
CA ASP I 336 30.90 -21.12 0.26
C ASP I 336 29.76 -21.62 -0.61
N GLY I 337 29.94 -21.56 -1.93
CA GLY I 337 29.04 -22.24 -2.84
C GLY I 337 28.36 -21.34 -3.84
N GLY I 338 28.12 -21.84 -5.05
CA GLY I 338 27.33 -21.14 -6.03
C GLY I 338 28.02 -20.02 -6.77
N VAL I 339 29.33 -19.86 -6.61
CA VAL I 339 30.05 -18.78 -7.27
C VAL I 339 30.34 -19.20 -8.71
N ARG I 340 29.85 -18.41 -9.67
CA ARG I 340 30.08 -18.68 -11.08
C ARG I 340 30.57 -17.47 -11.87
N HIS I 341 30.58 -16.29 -11.28
CA HIS I 341 30.89 -15.04 -11.98
C HIS I 341 31.60 -14.12 -11.01
N PRO I 342 32.42 -13.19 -11.49
CA PRO I 342 32.99 -12.18 -10.57
C PRO I 342 31.94 -11.42 -9.79
N ARG I 343 30.77 -11.20 -10.38
CA ARG I 343 29.64 -10.62 -9.65
C ARG I 343 29.40 -11.32 -8.32
N ASP I 344 29.43 -12.66 -8.32
CA ASP I 344 29.11 -13.41 -7.11
C ASP I 344 30.14 -13.16 -6.03
N VAL I 345 31.43 -13.12 -6.41
CA VAL I 345 32.48 -12.82 -5.44
C VAL I 345 32.26 -11.43 -4.85
N ALA I 346 32.02 -10.44 -5.70
CA ALA I 346 31.83 -9.07 -5.23
C ALA I 346 30.62 -8.97 -4.30
N LEU I 347 29.51 -9.62 -4.67
CA LEU I 347 28.32 -9.57 -3.84
C LEU I 347 28.53 -10.25 -2.49
N ALA I 348 29.25 -11.39 -2.48
CA ALA I 348 29.57 -12.04 -1.22
C ALA I 348 30.33 -11.11 -0.28
N LEU I 349 31.30 -10.38 -0.83
CA LEU I 349 32.10 -9.47 0.00
C LEU I 349 31.27 -8.26 0.42
N ALA I 350 30.45 -7.74 -0.49
CA ALA I 350 29.52 -6.67 -0.11
C ALA I 350 28.61 -7.10 1.03
N ALA I 351 28.16 -8.35 1.02
CA ALA I 351 27.29 -8.87 2.07
C ALA I 351 27.99 -8.99 3.41
N GLY I 352 29.32 -8.94 3.44
CA GLY I 352 30.07 -9.03 4.68
C GLY I 352 31.01 -10.21 4.80
N ALA I 353 31.07 -11.12 3.82
CA ALA I 353 32.03 -12.21 3.92
C ALA I 353 33.46 -11.67 3.89
N SER I 354 34.35 -12.34 4.61
CA SER I 354 35.76 -11.99 4.57
C SER I 354 36.50 -12.64 3.42
N ASN I 355 35.93 -13.70 2.85
CA ASN I 355 36.61 -14.53 1.87
C ASN I 355 35.53 -15.31 1.13
N VAL I 356 35.83 -15.71 -0.10
CA VAL I 356 34.88 -16.43 -0.94
C VAL I 356 35.51 -17.75 -1.35
N MET I 357 34.82 -18.85 -1.07
CA MET I 357 35.28 -20.18 -1.44
C MET I 357 34.66 -20.59 -2.77
N ILE I 358 35.50 -21.03 -3.70
CA ILE I 358 35.09 -21.35 -5.07
C ILE I 358 35.46 -22.81 -5.34
N GLY I 359 34.50 -23.57 -5.87
CA GLY I 359 34.73 -24.96 -6.19
C GLY I 359 34.64 -25.33 -7.65
N SER I 360 33.45 -25.71 -8.11
N SER I 360 33.44 -25.71 -8.10
CA SER I 360 33.30 -26.30 -9.43
CA SER I 360 33.28 -26.29 -9.44
C SER I 360 33.81 -25.38 -10.53
N TRP I 361 33.61 -24.07 -10.40
CA TRP I 361 34.11 -23.13 -11.40
C TRP I 361 35.58 -23.40 -11.72
N PHE I 362 36.40 -23.61 -10.70
CA PHE I 362 37.83 -23.78 -10.92
C PHE I 362 38.19 -25.17 -11.44
N ALA I 363 37.24 -26.10 -11.49
CA ALA I 363 37.52 -27.39 -12.14
C ALA I 363 37.82 -27.20 -13.61
N GLY I 364 37.12 -26.27 -14.26
CA GLY I 364 37.35 -26.01 -15.67
C GLY I 364 38.57 -25.15 -15.91
N THR I 365 39.73 -25.65 -15.46
CA THR I 365 41.00 -24.98 -15.66
C THR I 365 42.07 -26.04 -15.94
N TYR I 366 43.18 -25.60 -16.53
CA TYR I 366 44.32 -26.50 -16.78
C TYR I 366 44.85 -27.08 -15.48
N GLU I 367 44.86 -26.30 -14.40
CA GLU I 367 45.56 -26.70 -13.18
C GLU I 367 44.75 -27.62 -12.27
N SER I 368 43.46 -27.81 -12.52
CA SER I 368 42.70 -28.73 -11.67
C SER I 368 43.19 -30.15 -11.92
N PRO I 369 43.00 -31.06 -10.94
CA PRO I 369 43.61 -32.39 -11.07
C PRO I 369 43.02 -33.24 -12.19
N GLY I 370 41.76 -33.05 -12.54
CA GLY I 370 41.12 -33.92 -13.51
C GLY I 370 41.76 -33.83 -14.89
N ASP I 371 41.37 -34.77 -15.75
CA ASP I 371 41.88 -34.80 -17.11
C ASP I 371 41.09 -33.85 -18.00
N LEU I 372 41.81 -33.21 -18.93
CA LEU I 372 41.16 -32.32 -19.89
C LEU I 372 40.36 -33.13 -20.90
N LEU I 373 39.10 -32.75 -21.09
CA LEU I 373 38.17 -33.46 -21.96
C LEU I 373 37.62 -32.52 -23.02
N PHE I 374 37.04 -33.10 -24.06
CA PHE I 374 36.48 -32.36 -25.18
C PHE I 374 35.11 -32.93 -25.52
N ASP I 375 34.16 -32.05 -25.85
CA ASP I 375 32.81 -32.47 -26.14
C ASP I 375 32.64 -32.70 -27.65
N ARG I 376 31.40 -32.66 -28.14
CA ARG I 376 31.17 -32.90 -29.56
C ARG I 376 31.78 -31.81 -30.42
N ASP I 377 31.73 -30.55 -29.96
CA ASP I 377 32.31 -29.43 -30.67
C ASP I 377 33.80 -29.27 -30.40
N ASP I 378 34.43 -30.27 -29.78
CA ASP I 378 35.82 -30.20 -29.31
C ASP I 378 36.06 -29.04 -28.36
N ARG I 379 34.99 -28.47 -27.79
CA ARG I 379 35.16 -27.46 -26.76
C ARG I 379 35.74 -28.12 -25.51
N PRO I 380 36.85 -27.62 -24.97
CA PRO I 380 37.46 -28.27 -23.82
C PRO I 380 36.62 -28.10 -22.57
N TYR I 381 36.69 -29.10 -21.69
CA TYR I 381 36.02 -29.03 -20.40
C TYR I 381 36.66 -30.04 -19.46
N LYS I 382 36.33 -29.90 -18.18
CA LYS I 382 36.65 -30.91 -17.18
C LYS I 382 35.40 -31.16 -16.33
N GLU I 383 35.33 -32.33 -15.75
CA GLU I 383 34.23 -32.69 -14.87
C GLU I 383 34.54 -32.25 -13.45
N SER I 384 33.59 -31.53 -12.85
CA SER I 384 33.58 -31.37 -11.41
C SER I 384 32.64 -32.41 -10.81
N TYR I 385 32.88 -32.73 -9.55
CA TYR I 385 32.02 -33.67 -8.87
C TYR I 385 32.09 -33.41 -7.38
N GLY I 386 31.05 -33.83 -6.68
CA GLY I 386 30.92 -33.50 -5.28
C GLY I 386 31.74 -34.40 -4.39
N MET I 387 31.94 -33.93 -3.15
CA MET I 387 32.61 -34.72 -2.13
C MET I 387 31.68 -35.70 -1.44
N ALA I 388 30.36 -35.56 -1.66
CA ALA I 388 29.34 -36.52 -1.24
C ALA I 388 29.48 -36.94 0.23
N SER I 389 29.66 -38.23 0.49
CA SER I 389 29.66 -38.72 1.87
C SER I 389 30.89 -38.28 2.65
N LYS I 390 31.91 -37.72 1.98
CA LYS I 390 33.03 -37.16 2.72
C LYS I 390 32.65 -35.90 3.49
N ARG I 391 31.45 -35.35 3.25
CA ARG I 391 30.92 -34.23 4.02
C ARG I 391 29.81 -34.63 4.98
N ALA I 392 29.50 -35.92 5.09
CA ALA I 392 28.39 -36.38 5.91
C ALA I 392 28.89 -37.05 7.18
N VAL I 393 28.00 -37.17 8.16
CA VAL I 393 28.30 -37.90 9.40
C VAL I 393 28.03 -39.38 9.18
N ALA I 394 28.78 -40.22 9.88
CA ALA I 394 28.65 -41.67 9.73
C ALA I 394 28.78 -42.39 11.07
N SER I 401 29.89 -55.67 9.44
CA SER I 401 29.88 -56.71 8.42
C SER I 401 29.60 -56.11 7.03
N SER I 402 29.80 -56.93 6.00
CA SER I 402 29.48 -56.48 4.64
C SER I 402 28.01 -56.13 4.50
N PHE I 403 27.14 -56.81 5.26
CA PHE I 403 25.73 -56.45 5.30
C PHE I 403 25.52 -55.05 5.85
N ASP I 404 26.17 -54.74 6.98
CA ASP I 404 26.05 -53.41 7.56
C ASP I 404 26.62 -52.34 6.64
N ARG I 405 27.66 -52.67 5.87
CA ARG I 405 28.25 -51.69 4.95
C ARG I 405 27.26 -51.30 3.86
N ALA I 406 26.64 -52.28 3.21
CA ALA I 406 25.66 -51.99 2.17
C ALA I 406 24.39 -51.38 2.75
N ARG I 407 24.05 -51.72 4.00
CA ARG I 407 22.87 -51.15 4.64
C ARG I 407 22.99 -49.63 4.77
N LYS I 408 24.11 -49.16 5.35
CA LYS I 408 24.31 -47.73 5.49
C LYS I 408 24.60 -47.07 4.15
N GLY I 409 25.22 -47.80 3.21
CA GLY I 409 25.58 -47.23 1.93
C GLY I 409 24.42 -47.02 0.99
N LEU I 410 23.29 -47.69 1.23
CA LEU I 410 22.16 -47.60 0.31
C LEU I 410 21.59 -46.20 0.23
N PHE I 411 21.54 -45.50 1.37
CA PHE I 411 20.97 -44.17 1.43
C PHE I 411 21.97 -43.06 1.16
N GLU I 412 23.27 -43.33 1.25
CA GLU I 412 24.25 -42.26 1.22
C GLU I 412 24.27 -41.56 -0.14
N GLU I 413 24.70 -40.30 -0.12
CA GLU I 413 24.60 -39.42 -1.28
C GLU I 413 25.49 -39.93 -2.42
N GLY I 414 24.93 -39.92 -3.64
CA GLY I 414 25.69 -40.22 -4.82
C GLY I 414 26.58 -39.07 -5.23
N ILE I 415 27.54 -39.37 -6.11
CA ILE I 415 28.49 -38.39 -6.60
C ILE I 415 27.88 -37.72 -7.83
N SER I 416 27.39 -36.49 -7.66
CA SER I 416 26.91 -35.71 -8.77
C SER I 416 28.08 -35.15 -9.57
N THR I 417 27.90 -35.05 -10.89
CA THR I 417 28.96 -34.65 -11.80
C THR I 417 28.45 -33.57 -12.73
N SER I 418 29.30 -32.58 -13.01
CA SER I 418 28.95 -31.48 -13.90
C SER I 418 30.12 -31.19 -14.83
N ARG I 419 29.79 -30.74 -16.05
CA ARG I 419 30.79 -30.40 -17.05
C ARG I 419 31.11 -28.92 -16.95
N MET I 420 32.38 -28.62 -16.64
CA MET I 420 32.83 -27.24 -16.47
C MET I 420 33.73 -26.89 -17.65
N SER I 421 33.21 -26.10 -18.57
CA SER I 421 33.93 -25.80 -19.80
C SER I 421 35.14 -24.90 -19.52
N LEU I 422 36.22 -25.14 -20.24
CA LEU I 422 37.38 -24.26 -20.18
C LEU I 422 37.18 -23.12 -21.16
N ASP I 423 37.36 -21.90 -20.68
CA ASP I 423 37.34 -20.75 -21.57
C ASP I 423 38.47 -20.88 -22.58
N PRO I 424 38.20 -20.73 -23.88
CA PRO I 424 39.29 -20.76 -24.85
C PRO I 424 40.15 -19.51 -24.81
N ALA I 425 39.90 -18.64 -23.82
CA ALA I 425 40.75 -17.48 -23.58
C ALA I 425 41.04 -17.26 -22.09
N ARG I 426 40.54 -18.11 -21.21
CA ARG I 426 40.85 -18.07 -19.78
C ARG I 426 41.09 -19.48 -19.27
N GLY I 427 41.86 -20.26 -20.03
CA GLY I 427 42.03 -21.67 -19.72
C GLY I 427 42.67 -21.92 -18.36
N GLY I 428 43.54 -21.03 -17.91
CA GLY I 428 44.23 -21.20 -16.66
C GLY I 428 43.48 -20.55 -15.50
N VAL I 429 43.68 -21.11 -14.31
CA VAL I 429 43.02 -20.56 -13.13
C VAL I 429 43.43 -19.11 -12.90
N GLU I 430 44.67 -18.74 -13.28
CA GLU I 430 45.12 -17.38 -13.09
C GLU I 430 44.35 -16.41 -13.99
N ASP I 431 43.91 -16.86 -15.16
CA ASP I 431 43.05 -16.04 -15.98
C ASP I 431 41.71 -15.79 -15.30
N LEU I 432 41.17 -16.81 -14.62
CA LEU I 432 39.97 -16.61 -13.82
C LEU I 432 40.24 -15.66 -12.66
N LEU I 433 41.41 -15.75 -12.03
CA LEU I 433 41.74 -14.83 -10.95
C LEU I 433 41.85 -13.39 -11.46
N ASP I 434 42.42 -13.20 -12.66
CA ASP I 434 42.39 -11.88 -13.29
C ASP I 434 40.94 -11.42 -13.47
N HIS I 435 40.08 -12.33 -13.94
CA HIS I 435 38.68 -12.02 -14.17
C HIS I 435 37.99 -11.63 -12.87
N ILE I 436 38.16 -12.45 -11.83
CA ILE I 436 37.51 -12.21 -10.53
C ILE I 436 38.02 -10.91 -9.92
N THR I 437 39.33 -10.75 -9.79
CA THR I 437 39.85 -9.60 -9.04
C THR I 437 39.69 -8.31 -9.83
N SER I 438 39.75 -8.36 -11.17
CA SER I 438 39.42 -7.18 -11.95
C SER I 438 38.01 -6.71 -11.64
N GLY I 439 37.05 -7.64 -11.57
CA GLY I 439 35.68 -7.26 -11.26
C GLY I 439 35.53 -6.69 -9.87
N VAL I 440 36.08 -7.38 -8.87
CA VAL I 440 35.93 -6.92 -7.49
C VAL I 440 36.59 -5.57 -7.30
N ARG I 441 37.76 -5.34 -7.92
CA ARG I 441 38.37 -4.02 -7.86
C ARG I 441 37.44 -2.97 -8.47
N SER I 442 36.81 -3.29 -9.60
N SER I 442 36.81 -3.29 -9.59
CA SER I 442 35.87 -2.37 -10.21
CA SER I 442 35.87 -2.36 -10.21
C SER I 442 34.68 -2.09 -9.29
N THR I 443 34.13 -3.14 -8.66
CA THR I 443 33.05 -2.95 -7.69
C THR I 443 33.46 -1.92 -6.63
N CYS I 444 34.67 -2.07 -6.09
CA CYS I 444 35.15 -1.14 -5.08
C CYS I 444 35.21 0.29 -5.60
N THR I 445 35.69 0.48 -6.84
CA THR I 445 35.77 1.84 -7.38
C THR I 445 34.38 2.44 -7.58
N TYR I 446 33.40 1.61 -7.97
CA TYR I 446 32.02 2.08 -8.09
C TYR I 446 31.44 2.44 -6.72
N VAL I 447 31.77 1.65 -5.69
CA VAL I 447 31.22 1.87 -4.36
C VAL I 447 31.93 3.04 -3.68
N GLY I 448 33.17 3.31 -4.06
CA GLY I 448 33.98 4.28 -3.34
C GLY I 448 34.82 3.68 -2.24
N ALA I 449 35.14 2.39 -2.33
CA ALA I 449 35.86 1.66 -1.29
C ALA I 449 37.30 1.42 -1.73
N ALA I 450 38.23 1.69 -0.82
CA ALA I 450 39.65 1.44 -1.03
C ALA I 450 40.11 0.08 -0.55
N ASN I 451 39.23 -0.70 0.07
CA ASN I 451 39.60 -2.02 0.57
C ASN I 451 38.32 -2.79 0.88
N LEU I 452 38.47 -4.05 1.29
CA LEU I 452 37.32 -4.94 1.47
C LEU I 452 36.45 -4.54 2.66
N PRO I 453 37.00 -4.19 3.83
CA PRO I 453 36.13 -3.67 4.89
C PRO I 453 35.32 -2.45 4.45
N GLU I 454 35.94 -1.53 3.70
CA GLU I 454 35.19 -0.38 3.21
C GLU I 454 34.11 -0.78 2.20
N LEU I 455 34.36 -1.82 1.40
CA LEU I 455 33.32 -2.30 0.49
C LEU I 455 32.06 -2.66 1.27
N HIS I 456 32.21 -3.42 2.35
CA HIS I 456 31.04 -3.82 3.12
C HIS I 456 30.41 -2.62 3.83
N GLU I 457 31.24 -1.70 4.33
CA GLU I 457 30.72 -0.59 5.10
C GLU I 457 29.95 0.39 4.22
N LYS I 458 30.40 0.57 2.97
CA LYS I 458 29.87 1.64 2.13
C LYS I 458 28.82 1.18 1.12
N VAL I 459 28.70 -0.13 0.86
CA VAL I 459 27.86 -0.59 -0.24
C VAL I 459 26.40 -0.20 0.00
N VAL I 460 25.73 0.17 -1.09
CA VAL I 460 24.29 0.36 -1.12
C VAL I 460 23.74 -0.65 -2.12
N LEU I 461 22.74 -1.41 -1.70
CA LEU I 461 22.21 -2.51 -2.49
C LEU I 461 20.74 -2.28 -2.82
N GLY I 462 20.29 -2.88 -3.93
CA GLY I 462 18.89 -2.90 -4.26
C GLY I 462 18.47 -4.28 -4.71
N VAL I 463 17.16 -4.48 -4.75
CA VAL I 463 16.56 -5.72 -5.23
C VAL I 463 15.97 -5.47 -6.61
N GLN I 464 16.06 -6.47 -7.49
CA GLN I 464 15.45 -6.41 -8.80
C GLN I 464 14.47 -7.57 -8.96
N SER I 465 13.53 -7.40 -9.89
CA SER I 465 12.51 -8.39 -10.15
C SER I 465 13.03 -9.44 -11.13
N ALA I 466 12.15 -10.40 -11.47
CA ALA I 466 12.46 -11.40 -12.48
C ALA I 466 12.70 -10.81 -13.86
N ALA I 467 12.42 -9.52 -14.07
CA ALA I 467 12.65 -8.88 -15.36
C ALA I 467 14.11 -8.98 -15.79
N MET J 1 5.85 14.87 -12.31
CA MET J 1 6.04 13.77 -11.36
C MET J 1 5.17 12.57 -11.72
N VAL J 2 5.80 11.40 -11.80
CA VAL J 2 5.07 10.19 -12.19
C VAL J 2 4.15 9.77 -11.04
N ARG J 3 3.01 9.22 -11.41
CA ARG J 3 2.10 8.64 -10.44
C ARG J 3 1.92 7.17 -10.80
N PHE J 4 1.98 6.32 -9.79
CA PHE J 4 1.69 4.91 -9.98
C PHE J 4 0.29 4.60 -9.48
N LEU J 5 -0.33 3.58 -10.05
CA LEU J 5 -1.60 3.08 -9.54
C LEU J 5 -1.50 2.84 -8.03
N ASP J 6 -2.62 3.05 -7.34
CA ASP J 6 -2.68 2.79 -5.91
C ASP J 6 -2.15 1.41 -5.57
N GLY J 7 -1.22 1.36 -4.62
CA GLY J 7 -0.66 0.12 -4.13
C GLY J 7 0.48 -0.46 -4.92
N HIS J 8 0.83 0.14 -6.07
CA HIS J 8 1.93 -0.36 -6.88
C HIS J 8 3.25 0.23 -6.37
N THR J 9 3.65 -0.23 -5.18
CA THR J 9 4.90 0.18 -4.54
C THR J 9 5.72 -1.07 -4.25
N PRO J 10 6.38 -1.62 -5.26
CA PRO J 10 7.10 -2.88 -5.06
C PRO J 10 8.37 -2.70 -4.23
N ALA J 11 8.79 -3.82 -3.62
CA ALA J 11 10.05 -3.88 -2.88
C ALA J 11 11.23 -4.15 -3.78
N TYR J 12 11.25 -3.54 -4.96
CA TYR J 12 12.36 -3.68 -5.90
C TYR J 12 12.31 -2.53 -6.89
N ASP J 13 13.42 -2.32 -7.59
CA ASP J 13 13.51 -1.29 -8.62
C ASP J 13 13.10 -1.87 -9.98
N LEU J 14 12.76 -0.96 -10.90
CA LEU J 14 12.00 -1.30 -12.10
C LEU J 14 12.82 -1.13 -13.37
N THR J 15 12.76 -2.14 -14.24
CA THR J 15 13.29 -2.04 -15.59
C THR J 15 12.19 -1.59 -16.54
N TYR J 16 12.54 -1.42 -17.83
CA TYR J 16 11.53 -1.11 -18.83
C TYR J 16 10.50 -2.22 -18.95
N ASN J 17 10.86 -3.46 -18.60
CA ASN J 17 9.96 -4.60 -18.69
C ASN J 17 8.97 -4.68 -17.53
N ASP J 18 9.18 -3.94 -16.45
CA ASP J 18 8.38 -4.06 -15.23
C ASP J 18 7.13 -3.22 -15.23
N VAL J 19 7.00 -2.24 -16.14
CA VAL J 19 5.98 -1.21 -16.00
C VAL J 19 5.14 -1.08 -17.27
N PHE J 20 3.97 -0.47 -17.10
CA PHE J 20 3.08 -0.15 -18.20
C PHE J 20 2.42 1.19 -17.95
N VAL J 21 1.97 1.82 -19.04
CA VAL J 21 1.28 3.11 -19.01
C VAL J 21 -0.22 2.85 -19.09
N VAL J 22 -0.97 3.44 -18.16
CA VAL J 22 -2.43 3.34 -18.18
C VAL J 22 -2.98 4.43 -19.07
N PRO J 23 -3.84 4.10 -20.04
CA PRO J 23 -4.49 5.15 -20.84
C PRO J 23 -5.22 6.16 -19.94
N GLY J 24 -5.21 7.42 -20.37
CA GLY J 24 -5.93 8.48 -19.69
C GLY J 24 -6.93 9.13 -20.63
N ARG J 25 -7.78 9.98 -20.05
CA ARG J 25 -8.74 10.71 -20.88
C ARG J 25 -7.99 11.66 -21.80
N SER J 26 -8.30 11.60 -23.09
CA SER J 26 -7.50 12.30 -24.08
C SER J 26 -8.37 13.09 -25.04
N ASP J 27 -7.91 14.28 -25.42
CA ASP J 27 -8.43 14.94 -26.60
C ASP J 27 -7.33 15.18 -27.64
N VAL J 28 -6.24 14.41 -27.57
CA VAL J 28 -5.19 14.45 -28.59
C VAL J 28 -5.51 13.29 -29.54
N ALA J 29 -6.21 13.62 -30.63
CA ALA J 29 -6.75 12.59 -31.51
C ALA J 29 -5.69 11.99 -32.43
N SER J 30 -4.85 12.83 -33.02
CA SER J 30 -3.92 12.39 -34.06
C SER J 30 -2.48 12.39 -33.56
N ARG J 31 -1.74 11.35 -33.94
CA ARG J 31 -0.30 11.33 -33.69
C ARG J 31 0.38 12.63 -34.12
N PHE J 32 -0.12 13.27 -35.17
CA PHE J 32 0.53 14.45 -35.74
C PHE J 32 0.31 15.70 -34.91
N ASP J 33 -0.67 15.71 -34.00
CA ASP J 33 -0.86 16.87 -33.15
C ASP J 33 0.10 16.91 -31.97
N VAL J 34 0.92 15.87 -31.81
CA VAL J 34 1.91 15.85 -30.75
C VAL J 34 3.16 16.58 -31.20
N ASP J 35 3.71 17.38 -30.31
CA ASP J 35 4.98 18.07 -30.51
C ASP J 35 6.08 17.26 -29.79
N LEU J 36 6.96 16.63 -30.57
CA LEU J 36 8.04 15.81 -30.00
C LEU J 36 9.32 16.58 -29.72
N SER J 37 9.32 17.90 -29.85
N SER J 37 9.33 17.90 -29.87
CA SER J 37 10.56 18.63 -29.67
CA SER J 37 10.54 18.68 -29.65
C SER J 37 10.98 18.59 -28.20
N THR J 38 12.29 18.61 -27.98
CA THR J 38 12.85 18.55 -26.64
C THR J 38 13.13 19.95 -26.11
N VAL J 39 13.32 20.03 -24.80
CA VAL J 39 13.41 21.27 -24.05
C VAL J 39 14.72 21.40 -23.29
N ASP J 40 15.71 20.56 -23.59
CA ASP J 40 16.92 20.50 -22.79
C ASP J 40 18.09 21.28 -23.40
N GLY J 41 17.85 22.06 -24.46
CA GLY J 41 18.89 22.79 -25.13
C GLY J 41 19.71 22.00 -26.13
N SER J 42 19.42 20.70 -26.30
CA SER J 42 20.13 19.93 -27.32
C SER J 42 19.77 20.40 -28.72
N GLY J 43 18.58 20.96 -28.89
CA GLY J 43 18.07 21.32 -30.20
C GLY J 43 17.44 20.18 -30.98
N THR J 44 17.29 19.00 -30.39
CA THR J 44 16.63 17.92 -31.13
C THR J 44 15.14 18.18 -31.23
N THR J 45 14.55 17.85 -32.39
CA THR J 45 13.13 18.01 -32.59
C THR J 45 12.38 16.70 -32.40
N ILE J 46 13.11 15.61 -32.18
CA ILE J 46 12.57 14.34 -31.70
C ILE J 46 13.49 13.89 -30.58
N PRO J 47 13.01 13.11 -29.63
CA PRO J 47 13.80 12.75 -28.44
C PRO J 47 14.78 11.59 -28.65
N VAL J 48 15.57 11.66 -29.71
CA VAL J 48 16.52 10.60 -30.03
C VAL J 48 17.92 11.19 -30.14
N VAL J 49 18.85 10.60 -29.38
CA VAL J 49 20.27 10.90 -29.46
C VAL J 49 21.00 9.59 -29.76
N VAL J 50 21.95 9.64 -30.69
CA VAL J 50 22.72 8.44 -31.03
C VAL J 50 23.98 8.40 -30.18
N ALA J 51 24.23 7.23 -29.58
CA ALA J 51 25.31 7.04 -28.61
C ALA J 51 26.69 7.31 -29.21
N ASN J 52 27.56 7.86 -28.37
CA ASN J 52 28.96 8.10 -28.72
C ASN J 52 29.71 6.77 -28.75
N MET J 53 29.46 5.97 -29.79
CA MET J 53 30.05 4.65 -29.95
C MET J 53 30.59 4.56 -31.36
N THR J 54 31.81 4.04 -31.50
CA THR J 54 32.40 3.89 -32.83
C THR J 54 31.58 2.97 -33.73
N ALA J 55 30.82 2.05 -33.15
CA ALA J 55 30.02 1.13 -33.96
C ALA J 55 28.80 1.81 -34.58
N VAL J 56 28.47 3.02 -34.15
CA VAL J 56 27.20 3.63 -34.56
C VAL J 56 27.39 5.04 -35.12
N ALA J 57 28.28 5.83 -34.50
CA ALA J 57 28.26 7.28 -34.67
C ALA J 57 29.28 7.73 -35.71
N GLY J 58 29.00 7.39 -36.97
CA GLY J 58 29.80 7.82 -38.09
C GLY J 58 29.15 8.98 -38.84
N ARG J 59 29.81 9.40 -39.93
CA ARG J 59 29.34 10.59 -40.62
C ARG J 59 28.01 10.35 -41.33
N ARG J 60 27.82 9.16 -41.93
CA ARG J 60 26.54 8.87 -42.55
C ARG J 60 25.42 8.88 -41.51
N MET J 61 25.66 8.30 -40.34
CA MET J 61 24.64 8.33 -39.29
C MET J 61 24.39 9.76 -38.81
N ALA J 62 25.44 10.56 -38.64
CA ALA J 62 25.28 11.92 -38.15
C ALA J 62 24.44 12.77 -39.10
N GLU J 63 24.68 12.65 -40.40
CA GLU J 63 23.89 13.39 -41.36
C GLU J 63 22.44 12.93 -41.35
N THR J 64 22.23 11.61 -41.38
CA THR J 64 20.88 11.09 -41.59
C THR J 64 19.99 11.37 -40.40
N VAL J 65 20.49 11.16 -39.20
CA VAL J 65 19.67 11.36 -38.01
C VAL J 65 19.39 12.84 -37.77
N ALA J 66 20.40 13.71 -37.93
CA ALA J 66 20.16 15.13 -37.69
C ALA J 66 19.14 15.70 -38.67
N ARG J 67 19.14 15.23 -39.92
CA ARG J 67 18.15 15.73 -40.87
C ARG J 67 16.72 15.43 -40.40
N ARG J 68 16.53 14.33 -39.67
CA ARG J 68 15.21 13.97 -39.15
C ARG J 68 14.99 14.43 -37.71
N GLY J 69 15.88 15.26 -37.16
CA GLY J 69 15.62 15.92 -35.90
C GLY J 69 16.36 15.37 -34.69
N GLY J 70 17.08 14.26 -34.84
CA GLY J 70 17.93 13.75 -33.77
C GLY J 70 19.28 14.44 -33.77
N ILE J 71 20.19 13.92 -32.94
CA ILE J 71 21.57 14.35 -32.95
C ILE J 71 22.46 13.16 -32.65
N VAL J 72 23.63 13.13 -33.30
CA VAL J 72 24.60 12.06 -33.11
C VAL J 72 25.79 12.61 -32.34
N VAL J 73 26.22 11.88 -31.31
CA VAL J 73 27.37 12.26 -30.49
C VAL J 73 28.58 11.51 -31.03
N LEU J 74 29.56 12.24 -31.58
CA LEU J 74 30.77 11.59 -32.08
C LEU J 74 31.52 10.91 -30.94
N PRO J 75 32.13 9.75 -31.18
CA PRO J 75 32.81 9.03 -30.11
C PRO J 75 34.00 9.82 -29.57
N GLN J 76 34.20 9.74 -28.26
CA GLN J 76 35.41 10.33 -27.68
C GLN J 76 36.64 9.67 -28.28
N ASP J 77 37.73 10.45 -28.33
CA ASP J 77 39.04 10.06 -28.84
C ASP J 77 39.07 9.95 -30.36
N LEU J 78 38.01 10.35 -31.05
CA LEU J 78 38.13 10.58 -32.49
C LEU J 78 39.13 11.72 -32.71
N PRO J 79 40.17 11.54 -33.52
CA PRO J 79 41.19 12.59 -33.66
C PRO J 79 40.56 13.89 -34.14
N ILE J 80 41.11 15.02 -33.65
CA ILE J 80 40.46 16.31 -33.87
C ILE J 80 40.37 16.64 -35.37
N THR J 81 41.34 16.21 -36.17
CA THR J 81 41.21 16.48 -37.60
C THR J 81 40.04 15.70 -38.20
N ALA J 82 39.84 14.46 -37.75
CA ALA J 82 38.68 13.69 -38.19
C ALA J 82 37.38 14.26 -37.65
N VAL J 83 37.40 14.83 -36.44
CA VAL J 83 36.24 15.55 -35.94
C VAL J 83 35.88 16.69 -36.89
N SER J 84 36.88 17.51 -37.23
CA SER J 84 36.64 18.66 -38.09
C SER J 84 36.10 18.23 -39.45
N GLU J 85 36.67 17.16 -40.02
CA GLU J 85 36.20 16.69 -41.32
C GLU J 85 34.77 16.20 -41.23
N THR J 86 34.43 15.51 -40.14
CA THR J 86 33.08 14.99 -39.97
C THR J 86 32.08 16.12 -39.77
N VAL J 87 32.42 17.09 -38.92
CA VAL J 87 31.56 18.25 -38.71
C VAL J 87 31.36 18.98 -40.04
N ASP J 88 32.46 19.21 -40.79
CA ASP J 88 32.33 19.95 -42.05
C ASP J 88 31.45 19.21 -43.04
N PHE J 89 31.56 17.87 -43.09
CA PHE J 89 30.68 17.10 -43.95
C PHE J 89 29.22 17.26 -43.52
N VAL J 90 28.94 17.05 -42.23
CA VAL J 90 27.55 17.08 -41.76
C VAL J 90 26.94 18.45 -41.96
N LYS J 91 27.70 19.50 -41.70
CA LYS J 91 27.16 20.86 -41.79
C LYS J 91 27.13 21.41 -43.21
N SER J 92 27.64 20.68 -44.20
CA SER J 92 27.44 21.04 -45.61
C SER J 92 26.34 20.22 -46.27
N ARG J 93 25.63 19.38 -45.53
CA ARG J 93 24.56 18.59 -46.12
C ARG J 93 23.30 19.42 -46.31
N ASP J 94 22.52 19.06 -47.32
CA ASP J 94 21.24 19.70 -47.58
C ASP J 94 20.21 19.19 -46.57
N LEU J 95 19.28 20.08 -46.19
CA LEU J 95 18.30 19.72 -45.16
C LEU J 95 17.17 18.85 -45.69
N VAL J 96 17.02 18.73 -47.01
CA VAL J 96 15.94 17.95 -47.62
C VAL J 96 16.51 16.81 -48.44
N VAL J 97 17.49 17.10 -49.28
CA VAL J 97 18.02 16.16 -50.24
C VAL J 97 19.19 15.40 -49.59
N ASP J 98 19.20 14.08 -49.78
CA ASP J 98 20.18 13.22 -49.11
C ASP J 98 21.42 13.04 -49.97
N THR J 99 22.50 12.60 -49.31
CA THR J 99 23.75 12.28 -49.98
C THR J 99 23.70 10.83 -50.45
N PRO J 100 23.79 10.56 -51.75
CA PRO J 100 23.78 9.17 -52.23
C PRO J 100 25.17 8.56 -52.23
N VAL J 101 25.20 7.24 -52.35
CA VAL J 101 26.40 6.55 -52.81
C VAL J 101 26.66 6.93 -54.26
N THR J 102 27.90 7.31 -54.57
CA THR J 102 28.26 7.63 -55.95
C THR J 102 29.28 6.62 -56.47
N LEU J 103 29.33 6.51 -57.80
CA LEU J 103 30.21 5.58 -58.47
C LEU J 103 30.86 6.25 -59.68
N SER J 104 32.02 5.77 -60.01
CA SER J 104 32.67 6.07 -61.28
C SER J 104 32.25 5.05 -62.34
N PRO J 105 32.15 5.48 -63.61
CA PRO J 105 31.92 4.50 -64.68
C PRO J 105 32.95 3.40 -64.71
N GLU J 106 34.14 3.63 -64.14
CA GLU J 106 35.23 2.67 -64.14
C GLU J 106 35.29 1.84 -62.86
N ASP J 107 34.37 2.05 -61.92
CA ASP J 107 34.27 1.15 -60.79
C ASP J 107 33.80 -0.23 -61.26
N SER J 108 34.19 -1.27 -60.53
CA SER J 108 33.73 -2.61 -60.85
C SER J 108 32.34 -2.85 -60.27
N VAL J 109 31.64 -3.81 -60.87
CA VAL J 109 30.33 -4.23 -60.35
C VAL J 109 30.48 -4.71 -58.91
N SER J 110 31.55 -5.45 -58.61
CA SER J 110 31.75 -5.95 -57.26
C SER J 110 31.87 -4.83 -56.25
N ASP J 111 32.61 -3.77 -56.60
CA ASP J 111 32.71 -2.61 -55.72
C ASP J 111 31.35 -1.92 -55.58
N ALA J 112 30.64 -1.74 -56.70
CA ALA J 112 29.35 -1.07 -56.66
C ALA J 112 28.34 -1.82 -55.80
N ASN J 113 28.33 -3.16 -55.92
CA ASN J 113 27.44 -3.95 -55.08
C ASN J 113 27.73 -3.72 -53.60
N ALA J 114 29.01 -3.63 -53.24
CA ALA J 114 29.37 -3.48 -51.84
C ALA J 114 29.04 -2.08 -51.31
N LEU J 115 29.14 -1.06 -52.15
CA LEU J 115 28.89 0.31 -51.69
C LEU J 115 27.41 0.63 -51.59
N LEU J 116 26.57 -0.05 -52.38
CA LEU J 116 25.15 0.28 -52.46
C LEU J 116 24.51 0.37 -51.09
N HIS J 117 24.90 -0.52 -50.19
CA HIS J 117 24.23 -0.67 -48.90
C HIS J 117 24.78 0.29 -47.85
N LYS J 118 25.60 1.26 -48.23
CA LYS J 118 25.98 2.32 -47.30
C LYS J 118 24.87 3.33 -47.08
N ARG J 119 23.84 3.31 -47.91
CA ARG J 119 22.66 4.15 -47.74
C ARG J 119 21.42 3.30 -47.97
N ALA J 120 20.25 3.91 -47.70
CA ALA J 120 18.97 3.20 -47.81
C ALA J 120 18.25 3.47 -49.12
N HIS J 121 18.91 4.10 -50.09
CA HIS J 121 18.21 4.52 -51.30
C HIS J 121 17.93 3.37 -52.26
N GLY J 122 18.73 2.31 -52.20
CA GLY J 122 18.58 1.24 -53.16
C GLY J 122 19.18 1.50 -54.52
N ALA J 123 19.95 2.57 -54.66
CA ALA J 123 20.55 2.90 -55.95
C ALA J 123 21.72 3.85 -55.72
N ALA J 124 22.79 3.64 -56.47
CA ALA J 124 23.93 4.53 -56.46
C ALA J 124 23.91 5.37 -57.74
N VAL J 125 24.46 6.58 -57.66
CA VAL J 125 24.51 7.50 -58.78
C VAL J 125 25.88 7.39 -59.43
N VAL J 126 25.90 7.08 -60.73
CA VAL J 126 27.14 7.12 -61.50
C VAL J 126 27.41 8.56 -61.91
N VAL J 127 28.62 9.04 -61.63
CA VAL J 127 29.00 10.43 -61.86
C VAL J 127 30.15 10.47 -62.84
N PHE J 128 30.11 11.46 -63.73
CA PHE J 128 31.19 11.72 -64.67
C PHE J 128 31.22 13.23 -64.85
N GLU J 129 32.29 13.87 -64.35
CA GLU J 129 32.44 15.32 -64.38
C GLU J 129 31.39 15.98 -63.48
N GLY J 130 31.28 15.47 -62.25
CA GLY J 130 30.34 15.99 -61.28
C GLY J 130 28.89 15.86 -61.70
N ARG J 131 28.65 15.26 -62.87
CA ARG J 131 27.35 15.20 -63.50
C ARG J 131 26.78 13.79 -63.43
N PRO J 132 25.51 13.63 -63.04
CA PRO J 132 24.93 12.29 -62.94
C PRO J 132 24.60 11.73 -64.32
N ILE J 133 25.11 10.53 -64.60
CA ILE J 133 24.88 9.89 -65.90
C ILE J 133 24.09 8.60 -65.81
N GLY J 134 23.91 8.02 -64.61
CA GLY J 134 23.13 6.81 -64.53
C GLY J 134 22.92 6.39 -63.09
N LEU J 135 22.10 5.34 -62.94
CA LEU J 135 21.83 4.73 -61.65
C LEU J 135 22.24 3.26 -61.67
N VAL J 136 22.75 2.78 -60.55
CA VAL J 136 23.12 1.38 -60.37
C VAL J 136 22.33 0.82 -59.21
N THR J 137 21.63 -0.29 -59.43
CA THR J 137 20.83 -0.96 -58.40
C THR J 137 21.37 -2.37 -58.20
N GLU J 138 20.85 -3.04 -57.17
CA GLU J 138 21.19 -4.45 -56.97
C GLU J 138 20.76 -5.29 -58.17
N ALA J 139 19.59 -4.98 -58.75
CA ALA J 139 19.11 -5.68 -59.93
C ALA J 139 20.10 -5.58 -61.09
N ASN J 140 20.66 -4.39 -61.31
CA ASN J 140 21.61 -4.20 -62.41
C ASN J 140 22.91 -4.96 -62.19
N CYS J 141 23.20 -5.38 -60.95
CA CYS J 141 24.43 -6.09 -60.67
C CYS J 141 24.28 -7.61 -60.76
N ALA J 142 23.05 -8.11 -60.73
CA ALA J 142 22.84 -9.55 -60.78
C ALA J 142 23.08 -10.10 -62.19
N GLY J 143 23.63 -11.30 -62.26
CA GLY J 143 23.85 -11.96 -63.54
C GLY J 143 24.95 -11.38 -64.39
N VAL J 144 25.74 -10.46 -63.85
CA VAL J 144 26.81 -9.81 -64.58
C VAL J 144 28.15 -10.29 -64.02
N ASP J 145 29.16 -10.33 -64.87
CA ASP J 145 30.52 -10.54 -64.40
C ASP J 145 30.84 -9.50 -63.32
N ARG J 146 31.30 -9.98 -62.17
CA ARG J 146 31.53 -9.06 -61.06
C ARG J 146 32.72 -8.13 -61.28
N PHE J 147 33.46 -8.28 -62.38
CA PHE J 147 34.52 -7.34 -62.72
C PHE J 147 34.21 -6.56 -63.98
N ALA J 148 32.99 -6.68 -64.50
CA ALA J 148 32.51 -5.72 -65.48
C ALA J 148 32.51 -4.32 -64.87
N ARG J 149 32.64 -3.32 -65.74
CA ARG J 149 32.62 -1.93 -65.30
C ARG J 149 31.19 -1.46 -65.09
N VAL J 150 31.02 -0.58 -64.10
CA VAL J 150 29.72 0.02 -63.82
C VAL J 150 29.11 0.62 -65.07
N ARG J 151 29.94 1.22 -65.94
CA ARG J 151 29.45 1.81 -67.17
C ARG J 151 28.54 0.88 -67.97
N ASP J 152 28.82 -0.42 -67.93
CA ASP J 152 28.13 -1.39 -68.77
C ASP J 152 26.82 -1.91 -68.17
N ILE J 153 26.44 -1.46 -66.97
CA ILE J 153 25.22 -1.97 -66.35
C ILE J 153 24.35 -0.82 -65.84
N ALA J 154 24.90 0.38 -65.83
CA ALA J 154 24.18 1.54 -65.30
C ALA J 154 22.98 1.90 -66.16
N LEU J 155 21.89 2.29 -65.50
CA LEU J 155 20.66 2.72 -66.16
C LEU J 155 20.76 4.21 -66.48
N SER J 156 20.81 4.55 -67.77
CA SER J 156 20.94 5.95 -68.16
C SER J 156 19.63 6.72 -67.99
N ASP J 157 18.50 6.04 -67.76
CA ASP J 157 17.22 6.69 -67.57
C ASP J 157 16.86 6.72 -66.09
N PHE J 158 16.52 7.90 -65.58
CA PHE J 158 16.20 8.10 -64.17
C PHE J 158 15.50 9.43 -64.01
N VAL J 159 14.69 9.53 -62.95
CA VAL J 159 14.00 10.78 -62.66
C VAL J 159 15.00 11.80 -62.13
N THR J 160 14.97 13.00 -62.69
CA THR J 160 15.85 14.07 -62.25
C THR J 160 15.04 15.35 -62.11
N ALA J 161 15.47 16.20 -61.19
CA ALA J 161 14.78 17.46 -60.94
C ALA J 161 15.76 18.41 -60.28
N PRO J 162 15.60 19.72 -60.45
CA PRO J 162 16.55 20.66 -59.84
C PRO J 162 16.25 20.83 -58.36
N VAL J 163 17.30 21.06 -57.58
CA VAL J 163 17.14 21.43 -56.19
C VAL J 163 16.20 22.62 -56.09
N GLY J 164 15.38 22.64 -55.04
CA GLY J 164 14.33 23.63 -54.92
C GLY J 164 13.01 23.21 -55.51
N THR J 165 12.95 22.04 -56.14
CA THR J 165 11.67 21.48 -56.53
C THR J 165 10.93 21.01 -55.27
N ASP J 166 9.67 21.40 -55.17
CA ASP J 166 8.83 21.06 -54.03
C ASP J 166 8.89 19.55 -53.77
N PRO J 167 9.13 19.12 -52.53
CA PRO J 167 9.06 17.67 -52.23
C PRO J 167 7.80 17.01 -52.75
N ARG J 168 6.66 17.69 -52.67
CA ARG J 168 5.42 17.15 -53.21
C ARG J 168 5.55 16.84 -54.70
N GLU J 169 6.20 17.72 -55.46
CA GLU J 169 6.33 17.47 -56.89
C GLU J 169 7.31 16.34 -57.18
N VAL J 170 8.40 16.26 -56.42
CA VAL J 170 9.32 15.13 -56.57
C VAL J 170 8.60 13.82 -56.28
N PHE J 171 7.81 13.79 -55.21
CA PHE J 171 7.02 12.61 -54.88
C PHE J 171 6.19 12.16 -56.07
N ASP J 172 5.46 13.09 -56.69
CA ASP J 172 4.61 12.75 -57.83
C ASP J 172 5.45 12.33 -59.04
N LEU J 173 6.58 13.00 -59.28
CA LEU J 173 7.43 12.63 -60.40
C LEU J 173 7.89 11.19 -60.31
N LEU J 174 7.98 10.64 -59.09
CA LEU J 174 8.44 9.28 -58.88
C LEU J 174 7.32 8.26 -58.85
N GLU J 175 6.06 8.70 -58.96
CA GLU J 175 4.94 7.78 -58.73
C GLU J 175 4.99 6.61 -59.70
N HIS J 176 5.33 6.87 -60.96
CA HIS J 176 5.38 5.84 -61.99
C HIS J 176 6.81 5.54 -62.42
N ALA J 177 7.78 5.89 -61.60
CA ALA J 177 9.13 5.55 -62.02
C ALA J 177 9.51 4.15 -61.54
N PRO J 178 10.26 3.41 -62.37
CA PRO J 178 10.71 2.08 -61.93
C PRO J 178 11.63 2.12 -60.73
N ILE J 179 12.44 3.17 -60.60
CA ILE J 179 13.37 3.30 -59.47
C ILE J 179 12.92 4.48 -58.64
N ASP J 180 12.70 4.24 -57.34
CA ASP J 180 12.18 5.26 -56.42
C ASP J 180 13.32 6.12 -55.88
N VAL J 181 14.03 6.76 -56.82
CA VAL J 181 15.12 7.69 -56.49
C VAL J 181 15.11 8.81 -57.51
N ALA J 182 14.93 10.05 -57.06
CA ALA J 182 15.07 11.21 -57.93
C ALA J 182 16.45 11.80 -57.75
N VAL J 183 17.16 12.00 -58.86
CA VAL J 183 18.49 12.60 -58.85
C VAL J 183 18.31 14.12 -58.89
N MET J 184 18.75 14.79 -57.83
CA MET J 184 18.56 16.22 -57.72
C MET J 184 19.82 16.94 -58.18
N THR J 185 19.65 18.00 -58.95
CA THR J 185 20.76 18.66 -59.62
C THR J 185 20.87 20.12 -59.20
N ALA J 186 22.12 20.58 -59.12
CA ALA J 186 22.40 22.00 -58.96
C ALA J 186 22.02 22.74 -60.23
N PRO J 187 21.85 24.07 -60.17
CA PRO J 187 21.40 24.80 -61.37
C PRO J 187 22.27 24.58 -62.60
N ASP J 188 23.56 24.30 -62.43
CA ASP J 188 24.41 24.01 -63.58
C ASP J 188 24.30 22.56 -64.05
N GLY J 189 23.60 21.70 -63.30
CA GLY J 189 23.44 20.32 -63.68
C GLY J 189 24.30 19.32 -62.93
N THR J 190 25.19 19.78 -62.05
CA THR J 190 25.95 18.81 -61.27
C THR J 190 25.07 18.17 -60.22
N LEU J 191 25.51 17.02 -59.72
CA LEU J 191 24.73 16.27 -58.75
C LEU J 191 24.68 17.01 -57.41
N ALA J 192 23.47 17.22 -56.90
CA ALA J 192 23.31 17.80 -55.57
C ALA J 192 22.89 16.79 -54.52
N GLY J 193 22.38 15.63 -54.92
CA GLY J 193 21.94 14.62 -53.97
C GLY J 193 20.78 13.84 -54.55
N VAL J 194 20.06 13.13 -53.67
CA VAL J 194 18.92 12.34 -54.10
C VAL J 194 17.75 12.53 -53.13
N LEU J 195 16.56 12.20 -53.62
CA LEU J 195 15.34 12.23 -52.82
C LEU J 195 14.45 11.07 -53.26
N THR J 196 14.04 10.23 -52.33
CA THR J 196 13.08 9.17 -52.60
C THR J 196 11.68 9.65 -52.22
N ARG J 197 10.66 8.87 -52.60
CA ARG J 197 9.29 9.21 -52.23
C ARG J 197 9.15 9.29 -50.72
N THR J 198 9.74 8.34 -49.99
CA THR J 198 9.64 8.36 -48.55
C THR J 198 10.46 9.51 -47.96
N GLY J 199 11.62 9.79 -48.55
CA GLY J 199 12.37 10.97 -48.14
C GLY J 199 11.58 12.25 -48.33
N ALA J 200 10.77 12.30 -49.39
CA ALA J 200 9.93 13.49 -49.64
C ALA J 200 8.86 13.62 -48.56
N ILE J 201 8.22 12.51 -48.19
CA ILE J 201 7.23 12.52 -47.12
C ILE J 201 7.85 12.94 -45.79
N ARG J 202 9.04 12.40 -45.49
CA ARG J 202 9.67 12.70 -44.21
C ARG J 202 10.04 14.17 -44.08
N ALA J 203 10.30 14.85 -45.21
CA ALA J 203 10.59 16.27 -45.15
C ALA J 203 9.43 17.06 -44.54
N GLY J 204 8.20 16.57 -44.67
CA GLY J 204 7.05 17.22 -44.10
C GLY J 204 6.61 16.70 -42.75
N ILE J 205 7.36 15.78 -42.15
CA ILE J 205 7.03 15.21 -40.85
C ILE J 205 8.09 15.52 -39.81
N TYR J 206 9.36 15.51 -40.21
CA TYR J 206 10.48 15.69 -39.30
C TYR J 206 11.10 17.06 -39.55
N THR J 207 11.35 17.80 -38.47
CA THR J 207 12.06 19.07 -38.56
C THR J 207 13.55 18.84 -38.36
N PRO J 208 14.40 19.17 -39.34
CA PRO J 208 15.84 19.03 -39.14
C PRO J 208 16.32 19.74 -37.87
N ALA J 209 17.22 19.08 -37.14
CA ALA J 209 17.91 19.71 -36.02
C ALA J 209 19.07 20.51 -36.58
N VAL J 210 19.06 21.83 -36.34
CA VAL J 210 20.03 22.73 -36.97
C VAL J 210 20.58 23.74 -35.98
N ASP J 211 21.77 24.25 -36.28
CA ASP J 211 22.39 25.31 -35.49
C ASP J 211 21.85 26.66 -35.94
N ALA J 212 22.39 27.74 -35.35
CA ALA J 212 21.89 29.08 -35.59
C ALA J 212 22.19 29.57 -37.00
N LYS J 213 23.05 28.85 -37.74
CA LYS J 213 23.31 29.15 -39.15
C LYS J 213 22.49 28.26 -40.08
N GLY J 214 21.61 27.42 -39.55
CA GLY J 214 20.78 26.57 -40.38
C GLY J 214 21.44 25.31 -40.86
N ARG J 215 22.54 24.88 -40.24
CA ARG J 215 23.25 23.68 -40.64
C ARG J 215 22.95 22.54 -39.67
N LEU J 216 23.02 21.31 -40.17
CA LEU J 216 22.66 20.15 -39.34
C LEU J 216 23.48 20.11 -38.06
N ARG J 217 22.80 19.75 -36.96
CA ARG J 217 23.45 19.69 -35.65
C ARG J 217 24.27 18.43 -35.50
N ILE J 218 25.31 18.53 -34.67
CA ILE J 218 26.16 17.40 -34.34
C ILE J 218 26.78 17.64 -32.97
N ALA J 219 27.05 16.57 -32.24
CA ALA J 219 27.62 16.62 -30.90
C ALA J 219 28.92 15.83 -30.88
N ALA J 220 29.66 15.96 -29.77
CA ALA J 220 30.95 15.28 -29.64
C ALA J 220 31.19 14.94 -28.18
N ALA J 221 31.80 13.77 -27.94
CA ALA J 221 32.09 13.29 -26.59
C ALA J 221 33.57 13.44 -26.26
N VAL J 222 33.85 13.51 -24.96
CA VAL J 222 35.20 13.55 -24.41
C VAL J 222 35.22 12.73 -23.12
N GLY J 223 36.27 11.90 -22.95
CA GLY J 223 36.48 11.22 -21.69
C GLY J 223 37.19 12.11 -20.69
N ILE J 224 37.31 11.60 -19.45
CA ILE J 224 37.81 12.42 -18.34
C ILE J 224 39.29 12.23 -18.08
N ASN J 225 40.01 11.56 -18.98
CA ASN J 225 41.47 11.47 -18.87
C ASN J 225 42.14 12.57 -19.66
N GLY J 226 43.39 12.86 -19.30
CA GLY J 226 44.17 13.89 -19.97
C GLY J 226 43.65 15.30 -19.70
N ASP J 227 43.79 16.16 -20.70
CA ASP J 227 43.45 17.57 -20.59
C ASP J 227 42.02 17.76 -21.11
N VAL J 228 41.05 17.53 -20.22
CA VAL J 228 39.65 17.54 -20.63
C VAL J 228 39.26 18.92 -21.16
N GLY J 229 39.73 19.99 -20.51
CA GLY J 229 39.39 21.32 -20.97
C GLY J 229 39.95 21.64 -22.34
N ALA J 230 41.22 21.26 -22.58
CA ALA J 230 41.81 21.48 -23.89
C ALA J 230 41.06 20.70 -24.95
N LYS J 231 40.73 19.43 -24.67
CA LYS J 231 39.96 18.63 -25.63
C LYS J 231 38.61 19.26 -25.91
N ALA J 232 37.91 19.69 -24.85
CA ALA J 232 36.59 20.29 -25.02
C ALA J 232 36.66 21.57 -25.85
N GLN J 233 37.65 22.42 -25.58
CA GLN J 233 37.79 23.65 -26.36
C GLN J 233 37.99 23.33 -27.83
N ALA J 234 38.79 22.31 -28.13
CA ALA J 234 39.04 21.96 -29.53
C ALA J 234 37.78 21.42 -30.20
N LEU J 235 36.99 20.63 -29.48
CA LEU J 235 35.72 20.15 -30.04
C LEU J 235 34.78 21.32 -30.33
N ALA J 236 34.72 22.30 -29.42
CA ALA J 236 33.87 23.46 -29.65
C ALA J 236 34.35 24.26 -30.85
N GLU J 237 35.67 24.44 -30.97
CA GLU J 237 36.19 25.19 -32.11
C GLU J 237 35.99 24.43 -33.42
N ALA J 238 35.93 23.09 -33.36
CA ALA J 238 35.67 22.31 -34.55
C ALA J 238 34.22 22.39 -35.01
N GLY J 239 33.31 22.91 -34.18
CA GLY J 239 31.95 23.17 -34.57
C GLY J 239 30.89 22.34 -33.86
N ALA J 240 31.25 21.53 -32.87
CA ALA J 240 30.26 20.75 -32.15
C ALA J 240 29.22 21.65 -31.50
N ASP J 241 27.97 21.21 -31.52
CA ASP J 241 26.87 21.97 -30.95
C ASP J 241 26.55 21.59 -29.52
N LEU J 242 27.14 20.50 -29.04
CA LEU J 242 26.87 20.01 -27.70
C LEU J 242 28.03 19.12 -27.32
N LEU J 243 28.43 19.17 -26.04
CA LEU J 243 29.55 18.38 -25.55
C LEU J 243 29.05 17.36 -24.54
N VAL J 244 29.56 16.13 -24.64
CA VAL J 244 29.24 15.05 -23.71
C VAL J 244 30.52 14.65 -22.99
N ILE J 245 30.56 14.86 -21.68
CA ILE J 245 31.66 14.36 -20.85
C ILE J 245 31.23 12.99 -20.34
N ASP J 246 31.94 11.94 -20.78
CA ASP J 246 31.44 10.58 -20.69
C ASP J 246 32.43 9.68 -19.95
N THR J 247 31.92 8.96 -18.96
CA THR J 247 32.72 7.96 -18.27
C THR J 247 31.79 6.91 -17.68
N ALA J 248 32.33 5.72 -17.45
CA ALA J 248 31.53 4.61 -16.94
C ALA J 248 30.96 4.91 -15.56
N HIS J 249 31.77 5.50 -14.68
CA HIS J 249 31.34 5.82 -13.31
C HIS J 249 31.39 7.34 -13.17
N GLY J 250 30.28 7.99 -13.47
CA GLY J 250 30.24 9.45 -13.44
C GLY J 250 30.35 10.05 -12.05
N HIS J 251 29.96 9.30 -11.01
CA HIS J 251 29.88 9.87 -9.67
C HIS J 251 31.25 9.72 -8.97
N GLN J 252 32.24 10.42 -9.51
CA GLN J 252 33.56 10.36 -8.92
C GLN J 252 34.27 11.71 -9.08
N ALA J 253 35.29 11.89 -8.23
CA ALA J 253 35.99 13.17 -8.15
C ALA J 253 36.57 13.60 -9.50
N LYS J 254 37.14 12.65 -10.26
CA LYS J 254 37.78 13.02 -11.52
C LYS J 254 36.76 13.57 -12.51
N MET J 255 35.52 13.08 -12.48
CA MET J 255 34.48 13.62 -13.35
C MET J 255 34.04 15.00 -12.89
N LEU J 256 33.85 15.17 -11.58
CA LEU J 256 33.51 16.49 -11.05
C LEU J 256 34.56 17.52 -11.44
N ASP J 257 35.85 17.15 -11.33
CA ASP J 257 36.93 18.02 -11.79
C ASP J 257 36.81 18.31 -13.27
N ALA J 258 36.50 17.29 -14.09
CA ALA J 258 36.43 17.48 -15.53
C ALA J 258 35.32 18.45 -15.90
N ILE J 259 34.14 18.33 -15.25
CA ILE J 259 33.02 19.23 -15.55
C ILE J 259 33.36 20.66 -15.19
N LYS J 260 33.96 20.87 -14.02
CA LYS J 260 34.37 22.23 -13.63
C LYS J 260 35.36 22.81 -14.62
N ALA J 261 36.31 22.01 -15.10
CA ALA J 261 37.28 22.49 -16.08
C ALA J 261 36.59 22.94 -17.36
N VAL J 262 35.66 22.15 -17.87
CA VAL J 262 34.98 22.51 -19.11
C VAL J 262 34.07 23.70 -18.90
N ALA J 263 33.29 23.69 -17.81
CA ALA J 263 32.36 24.78 -17.57
C ALA J 263 33.08 26.10 -17.41
N SER J 264 34.27 26.09 -16.80
CA SER J 264 34.98 27.34 -16.57
C SER J 264 35.45 27.99 -17.87
N LEU J 265 35.55 27.22 -18.95
CA LEU J 265 35.96 27.78 -20.24
C LEU J 265 34.86 28.57 -20.92
N ASP J 266 33.64 28.54 -20.41
CA ASP J 266 32.53 29.33 -20.94
C ASP J 266 32.41 29.17 -22.45
N LEU J 267 32.23 27.92 -22.87
CA LEU J 267 32.21 27.61 -24.30
C LEU J 267 30.87 27.96 -24.96
N GLY J 268 29.83 28.20 -24.18
CA GLY J 268 28.52 28.55 -24.72
C GLY J 268 27.70 27.38 -25.20
N LEU J 269 28.11 26.14 -24.90
CA LEU J 269 27.44 24.94 -25.41
C LEU J 269 26.75 24.17 -24.28
N PRO J 270 25.63 23.51 -24.59
CA PRO J 270 25.06 22.56 -23.61
C PRO J 270 26.09 21.52 -23.22
N LEU J 271 26.15 21.22 -21.92
CA LEU J 271 27.13 20.29 -21.38
C LEU J 271 26.39 19.12 -20.75
N VAL J 272 26.57 17.94 -21.32
CA VAL J 272 26.09 16.67 -20.77
C VAL J 272 27.23 16.01 -20.02
N ALA J 273 26.93 15.41 -18.88
CA ALA J 273 27.91 14.56 -18.20
C ALA J 273 27.23 13.31 -17.66
N GLY J 274 27.95 12.21 -17.66
CA GLY J 274 27.45 10.95 -17.12
C GLY J 274 28.56 9.93 -17.08
N ASN J 275 28.24 8.75 -16.54
CA ASN J 275 26.88 8.34 -16.22
C ASN J 275 26.67 8.09 -14.74
N VAL J 276 25.50 8.45 -14.22
CA VAL J 276 25.10 8.15 -12.85
C VAL J 276 23.73 7.48 -12.87
N VAL J 277 23.33 6.94 -11.72
CA VAL J 277 22.00 6.35 -11.59
C VAL J 277 21.33 6.79 -10.29
N SER J 278 21.89 7.78 -9.60
CA SER J 278 21.37 8.16 -8.29
C SER J 278 21.05 9.65 -8.25
N ALA J 279 20.12 10.01 -7.36
CA ALA J 279 19.80 11.41 -7.13
C ALA J 279 21.04 12.19 -6.70
N GLU J 280 21.82 11.63 -5.78
CA GLU J 280 23.03 12.30 -5.30
C GLU J 280 24.02 12.52 -6.45
N GLY J 281 24.21 11.50 -7.28
CA GLY J 281 25.09 11.67 -8.43
C GLY J 281 24.58 12.74 -9.38
N THR J 282 23.26 12.78 -9.59
CA THR J 282 22.67 13.76 -10.48
C THR J 282 22.89 15.18 -9.96
N ARG J 283 22.65 15.38 -8.66
CA ARG J 283 22.87 16.70 -8.07
C ARG J 283 24.34 17.12 -8.17
N ASP J 284 25.26 16.19 -7.88
CA ASP J 284 26.68 16.55 -7.88
C ASP J 284 27.16 16.95 -9.28
N LEU J 285 26.70 16.26 -10.32
CA LEU J 285 27.17 16.60 -11.65
C LEU J 285 26.62 17.94 -12.11
N ILE J 286 25.37 18.24 -11.78
CA ILE J 286 24.79 19.54 -12.12
C ILE J 286 25.51 20.65 -11.37
N GLU J 287 25.71 20.46 -10.06
CA GLU J 287 26.39 21.50 -9.28
C GLU J 287 27.83 21.69 -9.72
N ALA J 288 28.45 20.67 -10.33
CA ALA J 288 29.77 20.84 -10.92
C ALA J 288 29.75 21.65 -12.21
N GLY J 289 28.58 21.77 -12.86
CA GLY J 289 28.48 22.61 -14.04
C GLY J 289 27.76 22.02 -15.23
N ALA J 290 27.30 20.76 -15.15
CA ALA J 290 26.55 20.18 -16.25
C ALA J 290 25.11 20.68 -16.24
N SER J 291 24.54 20.83 -17.43
CA SER J 291 23.11 21.12 -17.54
C SER J 291 22.28 19.89 -17.83
N ILE J 292 22.90 18.84 -18.39
CA ILE J 292 22.23 17.57 -18.69
C ILE J 292 23.04 16.45 -18.06
N VAL J 293 22.37 15.53 -17.39
CA VAL J 293 23.01 14.38 -16.74
C VAL J 293 22.65 13.12 -17.52
N LYS J 294 23.65 12.34 -17.93
CA LYS J 294 23.39 11.11 -18.67
C LYS J 294 23.26 9.95 -17.68
N VAL J 295 22.14 9.23 -17.76
CA VAL J 295 21.75 8.27 -16.73
C VAL J 295 21.80 6.86 -17.28
N GLY J 296 22.55 5.98 -16.61
CA GLY J 296 22.59 4.58 -16.97
C GLY J 296 23.90 3.89 -16.61
N VAL J 297 23.83 2.93 -15.70
CA VAL J 297 24.98 2.10 -15.32
C VAL J 297 24.49 0.67 -15.17
N GLY J 298 25.13 -0.26 -15.86
CA GLY J 298 24.71 -1.65 -15.90
C GLY J 298 23.21 -1.88 -15.83
N PRO J 299 22.44 -1.30 -16.77
CA PRO J 299 20.98 -1.48 -16.71
C PRO J 299 20.53 -2.92 -16.91
N GLY J 300 21.30 -3.72 -17.64
CA GLY J 300 20.92 -5.07 -17.95
C GLY J 300 21.53 -6.05 -16.96
N ALA J 301 20.66 -6.82 -16.29
CA ALA J 301 21.10 -7.70 -15.21
C ALA J 301 22.07 -8.77 -15.68
N MET J 302 22.04 -9.13 -16.96
CA MET J 302 22.90 -10.17 -17.51
C MET J 302 23.99 -9.61 -18.41
N CYS J 303 24.17 -8.30 -18.46
CA CYS J 303 25.18 -7.73 -19.33
C CYS J 303 26.53 -7.65 -18.61
N THR J 304 27.56 -7.20 -19.33
CA THR J 304 28.94 -7.36 -18.88
C THR J 304 29.20 -6.68 -17.55
N THR J 305 28.82 -5.40 -17.43
CA THR J 305 29.11 -4.66 -16.20
C THR J 305 28.51 -5.35 -14.98
N ARG J 306 27.23 -5.71 -15.06
CA ARG J 306 26.58 -6.37 -13.93
C ARG J 306 27.22 -7.73 -13.62
N MET J 307 27.59 -8.50 -14.66
CA MET J 307 28.13 -9.82 -14.40
C MET J 307 29.57 -9.79 -13.91
N MET J 308 30.30 -8.70 -14.19
CA MET J 308 31.66 -8.55 -13.69
C MET J 308 31.70 -7.98 -12.28
N THR J 309 30.75 -7.09 -11.94
CA THR J 309 30.86 -6.29 -10.73
C THR J 309 29.65 -6.34 -9.83
N GLY J 310 28.49 -6.80 -10.29
CA GLY J 310 27.27 -6.65 -9.53
C GLY J 310 26.68 -5.25 -9.54
N VAL J 311 27.35 -4.29 -10.17
CA VAL J 311 26.97 -2.88 -10.11
C VAL J 311 26.01 -2.55 -11.23
N GLY J 312 24.97 -1.81 -10.90
CA GLY J 312 24.03 -1.32 -11.89
C GLY J 312 22.79 -0.79 -11.22
N ARG J 313 21.79 -0.47 -12.04
CA ARG J 313 20.49 -0.12 -11.48
C ARG J 313 19.45 -0.31 -12.57
N PRO J 314 18.32 -0.93 -12.26
CA PRO J 314 17.23 -1.03 -13.23
C PRO J 314 16.88 0.36 -13.77
N GLN J 315 16.76 0.46 -15.09
CA GLN J 315 16.89 1.75 -15.74
C GLN J 315 15.65 2.62 -15.58
N PHE J 316 14.45 2.04 -15.50
CA PHE J 316 13.28 2.89 -15.32
C PHE J 316 13.31 3.59 -13.97
N SER J 317 13.66 2.86 -12.90
CA SER J 317 13.78 3.50 -11.59
C SER J 317 14.90 4.52 -11.58
N ALA J 318 16.01 4.22 -12.26
CA ALA J 318 17.13 5.14 -12.27
C ALA J 318 16.74 6.45 -12.95
N VAL J 319 16.04 6.36 -14.08
CA VAL J 319 15.64 7.58 -14.78
C VAL J 319 14.62 8.37 -13.96
N VAL J 320 13.65 7.69 -13.36
CA VAL J 320 12.67 8.41 -12.54
C VAL J 320 13.38 9.21 -11.45
N GLU J 321 14.28 8.56 -10.72
CA GLU J 321 14.91 9.24 -9.58
C GLU J 321 15.82 10.37 -10.05
N CYS J 322 16.61 10.12 -11.09
CA CYS J 322 17.55 11.14 -11.54
C CYS J 322 16.83 12.31 -12.21
N ALA J 323 15.81 12.01 -13.03
CA ALA J 323 15.06 13.08 -13.68
C ALA J 323 14.40 13.99 -12.65
N ALA J 324 13.85 13.42 -11.58
CA ALA J 324 13.27 14.25 -10.52
C ALA J 324 14.33 15.13 -9.87
N ALA J 325 15.52 14.56 -9.59
CA ALA J 325 16.55 15.34 -8.92
C ALA J 325 17.10 16.43 -9.84
N ALA J 326 17.25 16.14 -11.14
CA ALA J 326 17.70 17.15 -12.07
C ALA J 326 16.68 18.27 -12.22
N ARG J 327 15.39 17.91 -12.27
CA ARG J 327 14.33 18.91 -12.47
C ARG J 327 14.33 19.93 -11.33
N GLN J 328 14.61 19.49 -10.11
CA GLN J 328 14.67 20.42 -8.98
C GLN J 328 15.73 21.49 -9.18
N LEU J 329 16.79 21.19 -9.93
CA LEU J 329 17.91 22.09 -10.12
C LEU J 329 17.89 22.78 -11.47
N GLY J 330 16.78 22.66 -12.21
CA GLY J 330 16.66 23.26 -13.53
C GLY J 330 17.36 22.51 -14.63
N GLY J 331 17.79 21.27 -14.40
CA GLY J 331 18.50 20.48 -15.38
C GLY J 331 17.63 19.39 -15.98
N HIS J 332 18.28 18.53 -16.76
CA HIS J 332 17.58 17.52 -17.54
C HIS J 332 18.39 16.23 -17.50
N VAL J 333 17.75 15.12 -17.88
CA VAL J 333 18.47 13.86 -17.94
C VAL J 333 18.25 13.19 -19.28
N TRP J 334 19.29 12.51 -19.74
CA TRP J 334 19.25 11.64 -20.90
C TRP J 334 19.22 10.21 -20.42
N ALA J 335 18.27 9.41 -20.91
CA ALA J 335 18.19 7.99 -20.58
C ALA J 335 19.08 7.22 -21.53
N ASP J 336 20.20 6.70 -21.02
CA ASP J 336 21.28 6.12 -21.82
C ASP J 336 21.37 4.62 -21.56
N GLY J 337 20.96 3.81 -22.53
CA GLY J 337 21.20 2.38 -22.46
C GLY J 337 19.99 1.48 -22.44
N GLY J 338 20.12 0.30 -23.06
CA GLY J 338 19.08 -0.72 -23.00
C GLY J 338 17.89 -0.52 -23.90
N VAL J 339 17.92 0.46 -24.79
CA VAL J 339 16.76 0.76 -25.62
C VAL J 339 16.73 -0.22 -26.80
N ARG J 340 15.66 -0.99 -26.91
CA ARG J 340 15.50 -1.93 -28.00
C ARG J 340 14.17 -1.84 -28.72
N HIS J 341 13.20 -1.10 -28.19
CA HIS J 341 11.87 -1.03 -28.74
C HIS J 341 11.34 0.38 -28.54
N PRO J 342 10.37 0.80 -29.35
CA PRO J 342 9.76 2.12 -29.13
C PRO J 342 9.20 2.27 -27.73
N ARG J 343 8.67 1.19 -27.14
CA ARG J 343 8.22 1.23 -25.75
C ARG J 343 9.27 1.81 -24.81
N ASP J 344 10.54 1.42 -25.01
CA ASP J 344 11.61 1.86 -24.11
C ASP J 344 11.81 3.36 -24.20
N VAL J 345 11.80 3.90 -25.43
CA VAL J 345 11.87 5.35 -25.61
C VAL J 345 10.71 6.03 -24.90
N ALA J 346 9.49 5.51 -25.10
CA ALA J 346 8.32 6.12 -24.50
C ALA J 346 8.38 6.09 -22.98
N LEU J 347 8.81 4.95 -22.41
CA LEU J 347 8.87 4.84 -20.95
C LEU J 347 9.94 5.75 -20.37
N ALA J 348 11.08 5.86 -21.04
CA ALA J 348 12.11 6.80 -20.59
C ALA J 348 11.55 8.22 -20.53
N LEU J 349 10.80 8.63 -21.54
CA LEU J 349 10.23 9.98 -21.55
C LEU J 349 9.14 10.12 -20.50
N ALA J 350 8.30 9.10 -20.33
CA ALA J 350 7.32 9.14 -19.26
C ALA J 350 7.98 9.27 -17.89
N ALA J 351 9.13 8.61 -17.70
CA ALA J 351 9.87 8.68 -16.45
C ALA J 351 10.45 10.06 -16.19
N GLY J 352 10.57 10.89 -17.22
CA GLY J 352 11.04 12.25 -17.04
C GLY J 352 12.30 12.60 -17.80
N ALA J 353 12.90 11.69 -18.58
CA ALA J 353 14.04 12.04 -19.41
C ALA J 353 13.62 13.07 -20.45
N SER J 354 14.55 13.94 -20.81
CA SER J 354 14.32 14.90 -21.90
C SER J 354 14.69 14.34 -23.26
N ASN J 355 15.52 13.30 -23.29
CA ASN J 355 16.09 12.75 -24.51
C ASN J 355 16.50 11.33 -24.19
N VAL J 356 16.53 10.48 -25.22
CA VAL J 356 16.86 9.07 -25.07
C VAL J 356 18.03 8.75 -25.97
N MET J 357 19.09 8.18 -25.39
CA MET J 357 20.30 7.84 -26.13
C MET J 357 20.27 6.38 -26.54
N ILE J 358 20.50 6.12 -27.83
CA ILE J 358 20.36 4.80 -28.43
C ILE J 358 21.68 4.42 -29.05
N GLY J 359 22.20 3.26 -28.66
CA GLY J 359 23.43 2.75 -29.22
C GLY J 359 23.26 1.56 -30.12
N SER J 360 23.35 0.35 -29.55
N SER J 360 23.34 0.35 -29.55
CA SER J 360 23.54 -0.84 -30.37
CA SER J 360 23.52 -0.86 -30.34
C SER J 360 22.38 -1.09 -31.32
N TRP J 361 21.15 -0.73 -30.94
CA TRP J 361 20.02 -0.92 -31.85
C TRP J 361 20.30 -0.32 -33.21
N PHE J 362 20.91 0.88 -33.25
CA PHE J 362 21.14 1.57 -34.50
C PHE J 362 22.37 1.06 -35.24
N ALA J 363 23.14 0.15 -34.65
CA ALA J 363 24.20 -0.49 -35.42
C ALA J 363 23.62 -1.33 -36.53
N GLY J 364 22.43 -1.90 -36.31
CA GLY J 364 21.77 -2.71 -37.31
C GLY J 364 21.00 -1.87 -38.30
N THR J 365 21.69 -0.96 -38.99
CA THR J 365 21.12 -0.12 -40.04
C THR J 365 22.15 0.04 -41.15
N TYR J 366 21.66 0.48 -42.33
CA TYR J 366 22.57 0.74 -43.45
C TYR J 366 23.57 1.83 -43.12
N GLU J 367 23.16 2.83 -42.34
CA GLU J 367 23.96 4.05 -42.17
C GLU J 367 25.01 3.95 -41.09
N SER J 368 25.01 2.89 -40.27
CA SER J 368 26.06 2.76 -39.26
C SER J 368 27.40 2.41 -39.93
N PRO J 369 28.52 2.71 -39.27
CA PRO J 369 29.81 2.66 -39.97
C PRO J 369 30.26 1.27 -40.38
N GLY J 370 29.82 0.22 -39.68
CA GLY J 370 30.37 -1.10 -39.91
C GLY J 370 29.90 -1.71 -41.23
N ASP J 371 30.52 -2.82 -41.59
CA ASP J 371 30.16 -3.51 -42.81
C ASP J 371 28.91 -4.36 -42.61
N LEU J 372 28.12 -4.48 -43.67
CA LEU J 372 26.91 -5.30 -43.64
C LEU J 372 27.27 -6.78 -43.78
N LEU J 373 26.82 -7.58 -42.83
CA LEU J 373 27.12 -9.01 -42.79
C LEU J 373 25.82 -9.82 -42.88
N PHE J 374 25.99 -11.13 -43.10
CA PHE J 374 24.86 -12.05 -43.23
C PHE J 374 25.13 -13.31 -42.42
N ASP J 375 24.10 -13.79 -41.71
CA ASP J 375 24.23 -14.91 -40.80
C ASP J 375 24.01 -16.23 -41.55
N ARG J 376 23.86 -17.32 -40.78
CA ARG J 376 23.69 -18.65 -41.38
C ARG J 376 22.41 -18.73 -42.21
N ASP J 377 21.40 -17.93 -41.89
CA ASP J 377 20.16 -17.89 -42.66
C ASP J 377 20.17 -16.81 -43.73
N ASP J 378 21.34 -16.22 -44.02
CA ASP J 378 21.47 -15.11 -44.97
C ASP J 378 20.66 -13.89 -44.54
N ARG J 379 20.41 -13.76 -43.25
CA ARG J 379 19.77 -12.57 -42.70
C ARG J 379 20.80 -11.46 -42.52
N PRO J 380 20.53 -10.23 -42.97
CA PRO J 380 21.52 -9.17 -42.81
C PRO J 380 21.64 -8.70 -41.37
N TYR J 381 22.86 -8.38 -40.96
CA TYR J 381 23.13 -7.88 -39.62
C TYR J 381 24.43 -7.10 -39.64
N LYS J 382 24.65 -6.35 -38.57
CA LYS J 382 25.92 -5.68 -38.32
C LYS J 382 26.28 -5.91 -36.86
N GLU J 383 27.59 -5.86 -36.58
CA GLU J 383 28.08 -6.09 -35.24
C GLU J 383 28.15 -4.76 -34.50
N SER J 384 27.48 -4.69 -33.36
CA SER J 384 27.74 -3.62 -32.41
C SER J 384 28.82 -4.08 -31.44
N TYR J 385 29.56 -3.12 -30.89
CA TYR J 385 30.59 -3.45 -29.94
C TYR J 385 30.84 -2.23 -29.06
N GLY J 386 31.38 -2.49 -27.86
CA GLY J 386 31.48 -1.45 -26.86
C GLY J 386 32.70 -0.57 -27.02
N MET J 387 32.63 0.60 -26.37
CA MET J 387 33.75 1.52 -26.30
C MET J 387 34.77 1.13 -25.22
N ALA J 388 34.41 0.24 -24.31
CA ALA J 388 35.34 -0.37 -23.36
C ALA J 388 36.16 0.67 -22.60
N SER J 389 37.49 0.57 -22.72
CA SER J 389 38.38 1.41 -21.93
C SER J 389 38.30 2.88 -22.32
N LYS J 390 37.72 3.21 -23.47
CA LYS J 390 37.50 4.62 -23.79
C LYS J 390 36.50 5.27 -22.86
N ARG J 391 35.80 4.50 -22.02
CA ARG J 391 34.90 5.04 -21.01
C ARG J 391 35.48 4.94 -19.60
N ALA J 392 36.73 4.49 -19.46
CA ALA J 392 37.31 4.20 -18.15
C ALA J 392 38.34 5.26 -17.75
N VAL J 393 38.56 5.37 -16.45
CA VAL J 393 39.65 6.19 -15.94
C VAL J 393 40.97 5.47 -16.15
N ALA J 394 41.98 6.20 -16.62
CA ALA J 394 43.32 5.64 -16.76
C ALA J 394 44.36 6.62 -16.20
N SER J 401 56.83 2.30 -19.26
CA SER J 401 57.51 1.26 -20.02
C SER J 401 56.50 0.28 -20.63
N SER J 402 56.98 -0.59 -21.52
CA SER J 402 56.10 -1.59 -22.11
C SER J 402 55.63 -2.60 -21.07
N PHE J 403 56.43 -2.85 -20.03
CA PHE J 403 55.98 -3.66 -18.91
C PHE J 403 54.77 -3.02 -18.23
N ASP J 404 54.84 -1.70 -17.98
CA ASP J 404 53.75 -1.03 -17.29
C ASP J 404 52.50 -0.93 -18.15
N ARG J 405 52.67 -0.84 -19.47
CA ARG J 405 51.51 -0.81 -20.37
C ARG J 405 50.76 -2.14 -20.34
N ALA J 406 51.48 -3.27 -20.37
CA ALA J 406 50.82 -4.56 -20.35
C ALA J 406 50.20 -4.85 -18.99
N ARG J 407 50.78 -4.31 -17.92
CA ARG J 407 50.19 -4.49 -16.59
C ARG J 407 48.84 -3.78 -16.50
N LYS J 408 48.80 -2.50 -16.88
CA LYS J 408 47.54 -1.77 -16.87
C LYS J 408 46.53 -2.40 -17.82
N GLY J 409 46.99 -2.97 -18.93
CA GLY J 409 46.09 -3.55 -19.90
C GLY J 409 45.47 -4.87 -19.48
N LEU J 410 46.04 -5.53 -18.46
CA LEU J 410 45.62 -6.88 -18.13
C LEU J 410 44.21 -6.92 -17.53
N PHE J 411 43.82 -5.88 -16.78
CA PHE J 411 42.50 -5.84 -16.17
C PHE J 411 41.49 -5.06 -16.99
N GLU J 412 41.91 -4.42 -18.08
CA GLU J 412 41.02 -3.56 -18.85
C GLU J 412 39.83 -4.35 -19.40
N GLU J 413 38.70 -3.64 -19.56
CA GLU J 413 37.52 -4.25 -20.15
C GLU J 413 37.80 -4.61 -21.61
N GLY J 414 37.52 -5.87 -21.97
CA GLY J 414 37.57 -6.26 -23.36
C GLY J 414 36.42 -5.67 -24.15
N ILE J 415 36.52 -5.77 -25.47
CA ILE J 415 35.47 -5.30 -26.36
C ILE J 415 34.49 -6.44 -26.57
N SER J 416 33.28 -6.30 -26.04
CA SER J 416 32.22 -7.25 -26.29
C SER J 416 31.54 -6.92 -27.61
N THR J 417 31.00 -7.96 -28.26
CA THR J 417 30.38 -7.81 -29.56
C THR J 417 29.00 -8.47 -29.56
N SER J 418 28.09 -7.90 -30.33
CA SER J 418 26.72 -8.38 -30.44
C SER J 418 26.24 -8.23 -31.87
N ARG J 419 25.47 -9.20 -32.35
CA ARG J 419 24.93 -9.16 -33.71
C ARG J 419 23.59 -8.44 -33.69
N MET J 420 23.50 -7.33 -34.40
CA MET J 420 22.27 -6.54 -34.49
C MET J 420 21.67 -6.75 -35.87
N SER J 421 20.59 -7.53 -35.93
CA SER J 421 19.98 -7.83 -37.22
C SER J 421 19.34 -6.58 -37.81
N LEU J 422 19.48 -6.42 -39.13
CA LEU J 422 18.72 -5.40 -39.84
C LEU J 422 17.33 -5.94 -40.13
N ASP J 423 16.32 -5.14 -39.83
CA ASP J 423 14.96 -5.46 -40.20
C ASP J 423 14.83 -5.39 -41.71
N PRO J 424 14.42 -6.46 -42.39
CA PRO J 424 14.17 -6.36 -43.84
C PRO J 424 13.11 -5.34 -44.18
N ALA J 425 12.26 -4.93 -43.23
CA ALA J 425 11.31 -3.86 -43.45
C ALA J 425 11.83 -2.49 -43.01
N ARG J 426 12.85 -2.46 -42.15
CA ARG J 426 13.29 -1.22 -41.51
C ARG J 426 14.82 -1.13 -41.51
N GLY J 427 15.42 -1.38 -42.67
CA GLY J 427 16.88 -1.45 -42.73
C GLY J 427 17.58 -0.12 -42.54
N GLY J 428 16.92 0.98 -42.87
CA GLY J 428 17.50 2.28 -42.68
C GLY J 428 17.22 2.83 -41.30
N VAL J 429 18.13 3.66 -40.80
CA VAL J 429 17.91 4.24 -39.47
C VAL J 429 16.66 5.10 -39.47
N GLU J 430 16.30 5.70 -40.62
CA GLU J 430 15.09 6.51 -40.67
C GLU J 430 13.84 5.66 -40.52
N ASP J 431 13.88 4.40 -40.96
CA ASP J 431 12.77 3.50 -40.69
C ASP J 431 12.65 3.25 -39.19
N LEU J 432 13.77 3.15 -38.49
CA LEU J 432 13.69 2.97 -37.03
C LEU J 432 13.14 4.23 -36.37
N LEU J 433 13.50 5.41 -36.89
CA LEU J 433 12.96 6.66 -36.34
C LEU J 433 11.45 6.75 -36.56
N ASP J 434 10.97 6.31 -37.74
CA ASP J 434 9.53 6.24 -37.96
C ASP J 434 8.88 5.33 -36.93
N HIS J 435 9.49 4.16 -36.71
CA HIS J 435 8.97 3.19 -35.75
C HIS J 435 8.95 3.77 -34.34
N ILE J 436 10.07 4.36 -33.92
CA ILE J 436 10.18 4.94 -32.59
C ILE J 436 9.19 6.10 -32.41
N THR J 437 9.19 7.05 -33.34
CA THR J 437 8.36 8.24 -33.13
C THR J 437 6.87 7.92 -33.34
N SER J 438 6.54 6.98 -34.21
CA SER J 438 5.16 6.51 -34.28
C SER J 438 4.70 6.01 -32.91
N GLY J 439 5.53 5.19 -32.27
CA GLY J 439 5.18 4.67 -30.96
C GLY J 439 5.04 5.77 -29.92
N VAL J 440 6.00 6.68 -29.84
CA VAL J 440 5.98 7.70 -28.80
C VAL J 440 4.80 8.63 -29.01
N ARG J 441 4.53 9.02 -30.26
CA ARG J 441 3.34 9.82 -30.54
C ARG J 441 2.07 9.10 -30.10
N SER J 442 2.03 7.79 -30.31
N SER J 442 2.03 7.79 -30.31
CA SER J 442 0.86 7.03 -29.86
CA SER J 442 0.87 7.02 -29.86
C SER J 442 0.76 7.02 -28.33
N THR J 443 1.88 6.79 -27.64
CA THR J 443 1.85 6.87 -26.17
C THR J 443 1.24 8.20 -25.72
N CYS J 444 1.64 9.29 -26.37
CA CYS J 444 1.14 10.60 -25.99
C CYS J 444 -0.37 10.70 -26.17
N THR J 445 -0.89 10.17 -27.29
CA THR J 445 -2.33 10.22 -27.51
C THR J 445 -3.08 9.35 -26.49
N TYR J 446 -2.49 8.21 -26.11
CA TYR J 446 -3.11 7.38 -25.06
C TYR J 446 -3.12 8.09 -23.72
N VAL J 447 -2.09 8.88 -23.42
CA VAL J 447 -1.99 9.56 -22.13
C VAL J 447 -2.81 10.84 -22.10
N GLY J 448 -3.10 11.43 -23.26
CA GLY J 448 -3.70 12.74 -23.35
C GLY J 448 -2.70 13.87 -23.40
N ALA J 449 -1.46 13.58 -23.79
CA ALA J 449 -0.37 14.55 -23.79
C ALA J 449 -0.16 15.10 -25.20
N ALA J 450 -0.05 16.41 -25.30
CA ALA J 450 0.23 17.06 -26.58
C ALA J 450 1.71 17.34 -26.80
N ASN J 451 2.57 17.02 -25.85
CA ASN J 451 4.00 17.27 -25.97
C ASN J 451 4.71 16.47 -24.88
N LEU J 452 6.04 16.51 -24.89
CA LEU J 452 6.83 15.67 -24.01
C LEU J 452 6.70 16.10 -22.54
N PRO J 453 6.72 17.39 -22.21
CA PRO J 453 6.43 17.77 -20.82
C PRO J 453 5.09 17.27 -20.31
N GLU J 454 4.04 17.33 -21.14
CA GLU J 454 2.74 16.83 -20.72
C GLU J 454 2.75 15.32 -20.54
N LEU J 455 3.53 14.61 -21.35
CA LEU J 455 3.65 13.16 -21.19
C LEU J 455 4.10 12.83 -19.78
N HIS J 456 5.20 13.44 -19.34
CA HIS J 456 5.71 13.16 -18.00
C HIS J 456 4.74 13.66 -16.93
N GLU J 457 4.06 14.78 -17.18
CA GLU J 457 3.19 15.37 -16.17
C GLU J 457 1.90 14.58 -15.99
N LYS J 458 1.39 13.97 -17.05
CA LYS J 458 0.07 13.33 -17.01
C LYS J 458 0.12 11.82 -16.87
N VAL J 459 1.27 11.18 -17.07
CA VAL J 459 1.31 9.72 -17.18
C VAL J 459 0.96 9.07 -15.86
N VAL J 460 0.19 8.00 -15.93
CA VAL J 460 -0.08 7.09 -14.81
C VAL J 460 0.52 5.74 -15.16
N LEU J 461 1.28 5.17 -14.23
CA LEU J 461 1.99 3.93 -14.49
C LEU J 461 1.51 2.80 -13.58
N GLY J 462 1.73 1.57 -14.05
CA GLY J 462 1.50 0.41 -13.23
C GLY J 462 2.68 -0.54 -13.30
N VAL J 463 2.73 -1.45 -12.32
CA VAL J 463 3.72 -2.53 -12.28
C VAL J 463 3.02 -3.83 -12.66
N GLN J 464 3.73 -4.68 -13.39
CA GLN J 464 3.21 -6.00 -13.72
C GLN J 464 4.14 -7.09 -13.19
N SER J 465 3.59 -8.28 -13.02
CA SER J 465 4.40 -9.40 -12.54
C SER J 465 5.15 -10.04 -13.70
N ALA J 466 5.94 -11.07 -13.37
CA ALA J 466 6.62 -11.89 -14.36
C ALA J 466 5.66 -12.69 -15.25
N ALA J 467 4.36 -12.51 -15.07
CA ALA J 467 3.36 -13.09 -15.96
C ALA J 467 3.59 -12.66 -17.42
N VAL K 2 -15.08 -8.74 -6.08
CA VAL K 2 -14.47 -10.05 -5.89
C VAL K 2 -13.70 -10.09 -4.57
N ARG K 3 -13.84 -11.19 -3.84
CA ARG K 3 -13.05 -11.42 -2.64
C ARG K 3 -11.75 -12.09 -3.01
N PHE K 4 -10.65 -11.60 -2.43
CA PHE K 4 -9.36 -12.28 -2.47
C PHE K 4 -9.03 -12.86 -1.10
N LEU K 5 -8.22 -13.91 -1.10
CA LEU K 5 -7.72 -14.47 0.14
C LEU K 5 -7.01 -13.40 0.96
N ASP K 6 -7.09 -13.53 2.28
CA ASP K 6 -6.48 -12.53 3.14
C ASP K 6 -4.98 -12.41 2.85
N GLY K 7 -4.50 -11.17 2.73
CA GLY K 7 -3.11 -10.90 2.46
C GLY K 7 -2.75 -10.89 0.99
N HIS K 8 -3.65 -11.32 0.11
CA HIS K 8 -3.33 -11.38 -1.32
C HIS K 8 -3.62 -10.02 -1.97
N THR K 9 -2.80 -9.04 -1.58
CA THR K 9 -2.89 -7.67 -2.07
C THR K 9 -1.55 -7.31 -2.68
N PRO K 10 -1.28 -7.79 -3.89
CA PRO K 10 0.04 -7.58 -4.51
C PRO K 10 0.26 -6.13 -4.90
N ALA K 11 1.53 -5.76 -5.03
CA ALA K 11 1.93 -4.45 -5.52
C ALA K 11 2.07 -4.42 -7.03
N TYR K 12 1.18 -5.09 -7.75
CA TYR K 12 1.17 -5.09 -9.21
C TYR K 12 -0.24 -5.47 -9.66
N ASP K 13 -0.51 -5.25 -10.94
CA ASP K 13 -1.79 -5.68 -11.52
C ASP K 13 -1.67 -7.08 -12.10
N LEU K 14 -2.84 -7.71 -12.30
CA LEU K 14 -2.95 -9.14 -12.53
C LEU K 14 -3.39 -9.47 -13.95
N THR K 15 -2.67 -10.38 -14.60
CA THR K 15 -3.12 -11.04 -15.82
C THR K 15 -3.95 -12.26 -15.47
N TYR K 16 -4.49 -12.94 -16.49
CA TYR K 16 -5.18 -14.21 -16.25
C TYR K 16 -4.24 -15.27 -15.69
N ASN K 17 -2.93 -15.13 -15.91
CA ASN K 17 -1.95 -16.08 -15.39
C ASN K 17 -1.64 -15.89 -13.91
N ASP K 18 -2.03 -14.78 -13.31
CA ASP K 18 -1.64 -14.46 -11.95
C ASP K 18 -2.59 -14.99 -10.88
N VAL K 19 -3.79 -15.45 -11.24
CA VAL K 19 -4.82 -15.70 -10.24
C VAL K 19 -5.35 -17.13 -10.36
N PHE K 20 -6.00 -17.57 -9.27
CA PHE K 20 -6.71 -18.85 -9.24
C PHE K 20 -7.99 -18.67 -8.43
N VAL K 21 -8.94 -19.57 -8.66
CA VAL K 21 -10.21 -19.60 -7.95
C VAL K 21 -10.15 -20.70 -6.88
N VAL K 22 -10.47 -20.34 -5.64
CA VAL K 22 -10.50 -21.30 -4.55
C VAL K 22 -11.87 -21.97 -4.56
N PRO K 23 -11.96 -23.30 -4.52
CA PRO K 23 -13.27 -23.96 -4.46
C PRO K 23 -14.02 -23.51 -3.22
N GLY K 24 -15.35 -23.42 -3.35
CA GLY K 24 -16.21 -23.11 -2.23
C GLY K 24 -17.17 -24.26 -1.96
N ARG K 25 -17.91 -24.16 -0.87
CA ARG K 25 -18.92 -25.17 -0.58
C ARG K 25 -20.05 -25.08 -1.60
N SER K 26 -20.36 -26.21 -2.25
CA SER K 26 -21.27 -26.21 -3.38
C SER K 26 -22.39 -27.23 -3.18
N ASP K 27 -23.60 -26.85 -3.58
CA ASP K 27 -24.66 -27.83 -3.84
C ASP K 27 -25.08 -27.83 -5.30
N VAL K 28 -24.22 -27.33 -6.19
CA VAL K 28 -24.45 -27.37 -7.63
C VAL K 28 -23.64 -28.55 -8.14
N ALA K 29 -24.30 -29.72 -8.23
CA ALA K 29 -23.58 -30.95 -8.52
C ALA K 29 -23.23 -31.09 -9.99
N SER K 30 -24.16 -30.76 -10.87
CA SER K 30 -24.00 -31.02 -12.30
C SER K 30 -23.63 -29.76 -13.06
N ARG K 31 -22.76 -29.92 -14.06
CA ARG K 31 -22.48 -28.83 -14.99
C ARG K 31 -23.77 -28.33 -15.65
N PHE K 32 -24.70 -29.24 -15.91
CA PHE K 32 -25.93 -28.89 -16.61
C PHE K 32 -26.91 -28.12 -15.73
N ASP K 33 -26.69 -28.08 -14.42
CA ASP K 33 -27.55 -27.28 -13.54
C ASP K 33 -27.21 -25.80 -13.59
N VAL K 34 -26.09 -25.42 -14.18
CA VAL K 34 -25.67 -24.04 -14.27
C VAL K 34 -26.37 -23.36 -15.45
N ASP K 35 -26.84 -22.14 -15.22
CA ASP K 35 -27.43 -21.31 -16.27
C ASP K 35 -26.33 -20.35 -16.77
N LEU K 36 -25.97 -20.48 -18.04
CA LEU K 36 -24.90 -19.66 -18.61
C LEU K 36 -25.40 -18.41 -19.33
N SER K 37 -26.71 -18.13 -19.27
N SER K 37 -26.71 -18.14 -19.28
CA SER K 37 -27.22 -16.99 -19.99
CA SER K 37 -27.26 -16.98 -19.96
C SER K 37 -26.68 -15.69 -19.40
N THR K 38 -26.55 -14.68 -20.25
CA THR K 38 -26.02 -13.40 -19.83
C THR K 38 -27.13 -12.42 -19.50
N VAL K 39 -26.77 -11.37 -18.77
CA VAL K 39 -27.75 -10.42 -18.25
C VAL K 39 -27.48 -9.00 -18.72
N ASP K 40 -26.69 -8.83 -19.80
CA ASP K 40 -26.28 -7.51 -20.24
C ASP K 40 -27.11 -6.99 -21.41
N GLY K 41 -28.18 -7.68 -21.78
CA GLY K 41 -28.99 -7.27 -22.91
C GLY K 41 -28.50 -7.73 -24.26
N SER K 42 -27.37 -8.42 -24.31
CA SER K 42 -26.87 -8.92 -25.59
C SER K 42 -27.76 -10.03 -26.13
N GLY K 43 -28.46 -10.75 -25.27
CA GLY K 43 -29.23 -11.89 -25.72
C GLY K 43 -28.46 -13.19 -25.85
N THR K 44 -27.18 -13.22 -25.51
CA THR K 44 -26.44 -14.48 -25.57
C THR K 44 -26.86 -15.41 -24.44
N THR K 45 -26.95 -16.70 -24.75
CA THR K 45 -27.26 -17.71 -23.76
C THR K 45 -26.02 -18.42 -23.24
N ILE K 46 -24.85 -18.13 -23.82
CA ILE K 46 -23.55 -18.46 -23.26
C ILE K 46 -22.72 -17.19 -23.32
N PRO K 47 -21.72 -17.04 -22.46
CA PRO K 47 -20.95 -15.79 -22.36
C PRO K 47 -19.82 -15.63 -23.37
N VAL K 48 -20.13 -15.83 -24.65
CA VAL K 48 -19.13 -15.80 -25.71
C VAL K 48 -19.58 -14.84 -26.80
N VAL K 49 -18.73 -13.85 -27.10
CA VAL K 49 -18.90 -12.95 -28.23
C VAL K 49 -17.69 -13.11 -29.14
N VAL K 50 -17.92 -13.21 -30.44
CA VAL K 50 -16.82 -13.29 -31.41
C VAL K 50 -16.43 -11.88 -31.82
N ALA K 51 -15.13 -11.60 -31.79
CA ALA K 51 -14.62 -10.25 -32.00
C ALA K 51 -14.90 -9.74 -33.42
N ASN K 52 -15.14 -8.43 -33.51
CA ASN K 52 -15.31 -7.72 -34.78
C ASN K 52 -13.99 -7.67 -35.55
N MET K 53 -13.55 -8.82 -36.06
CA MET K 53 -12.32 -8.97 -36.82
C MET K 53 -12.61 -9.69 -38.13
N THR K 54 -12.08 -9.13 -39.23
CA THR K 54 -12.26 -9.77 -40.53
C THR K 54 -11.70 -11.19 -40.58
N ALA K 55 -10.71 -11.50 -39.73
CA ALA K 55 -10.14 -12.84 -39.73
C ALA K 55 -11.06 -13.88 -39.11
N VAL K 56 -12.11 -13.46 -38.41
CA VAL K 56 -12.94 -14.40 -37.67
C VAL K 56 -14.44 -14.22 -37.96
N ALA K 57 -14.88 -12.98 -38.15
CA ALA K 57 -16.31 -12.67 -38.09
C ALA K 57 -16.97 -12.64 -39.47
N GLY K 58 -17.07 -13.82 -40.08
CA GLY K 58 -17.78 -13.96 -41.34
C GLY K 58 -19.15 -14.62 -41.16
N ARG K 59 -19.82 -14.84 -42.31
CA ARG K 59 -21.20 -15.31 -42.29
C ARG K 59 -21.30 -16.74 -41.73
N ARG K 60 -20.33 -17.60 -42.02
CA ARG K 60 -20.37 -18.95 -41.46
C ARG K 60 -20.19 -18.93 -39.94
N MET K 61 -19.27 -18.09 -39.46
CA MET K 61 -19.08 -17.97 -38.02
C MET K 61 -20.31 -17.40 -37.34
N ALA K 62 -20.94 -16.39 -37.95
CA ALA K 62 -22.09 -15.75 -37.32
C ALA K 62 -23.26 -16.70 -37.16
N GLU K 63 -23.54 -17.50 -38.21
CA GLU K 63 -24.58 -18.52 -38.11
C GLU K 63 -24.24 -19.55 -37.05
N THR K 64 -23.02 -20.08 -37.10
CA THR K 64 -22.67 -21.24 -36.26
C THR K 64 -22.69 -20.87 -34.79
N VAL K 65 -22.12 -19.72 -34.44
CA VAL K 65 -21.99 -19.35 -33.03
C VAL K 65 -23.33 -18.90 -32.46
N ALA K 66 -24.13 -18.17 -33.25
CA ALA K 66 -25.42 -17.73 -32.72
C ALA K 66 -26.34 -18.91 -32.47
N ARG K 67 -26.29 -19.94 -33.34
CA ARG K 67 -27.12 -21.11 -33.11
C ARG K 67 -26.81 -21.78 -31.78
N ARG K 68 -25.57 -21.67 -31.30
CA ARG K 68 -25.20 -22.21 -30.00
C ARG K 68 -25.26 -21.18 -28.87
N GLY K 69 -25.84 -20.00 -29.13
CA GLY K 69 -26.13 -19.06 -28.06
C GLY K 69 -25.17 -17.88 -27.93
N GLY K 70 -24.10 -17.85 -28.71
CA GLY K 70 -23.21 -16.70 -28.73
C GLY K 70 -23.70 -15.64 -29.70
N ILE K 71 -22.87 -14.63 -29.91
CA ILE K 71 -23.16 -13.64 -30.95
C ILE K 71 -21.85 -13.23 -31.61
N VAL K 72 -21.94 -12.90 -32.90
CA VAL K 72 -20.79 -12.47 -33.67
C VAL K 72 -20.96 -11.00 -34.03
N VAL K 73 -19.91 -10.20 -33.81
CA VAL K 73 -19.92 -8.79 -34.17
C VAL K 73 -19.25 -8.64 -35.53
N LEU K 74 -20.01 -8.18 -36.52
CA LEU K 74 -19.43 -7.99 -37.85
C LEU K 74 -18.39 -6.88 -37.79
N PRO K 75 -17.32 -7.00 -38.55
CA PRO K 75 -16.25 -6.00 -38.49
C PRO K 75 -16.72 -4.64 -38.98
N GLN K 76 -16.19 -3.59 -38.36
CA GLN K 76 -16.47 -2.24 -38.85
C GLN K 76 -15.97 -2.09 -40.28
N ASP K 77 -16.65 -1.23 -41.02
CA ASP K 77 -16.33 -0.87 -42.41
C ASP K 77 -16.65 -1.98 -43.41
N LEU K 78 -17.33 -3.03 -42.98
CA LEU K 78 -17.98 -3.90 -43.95
C LEU K 78 -19.03 -3.10 -44.69
N PRO K 79 -19.00 -3.05 -46.02
CA PRO K 79 -19.97 -2.22 -46.76
C PRO K 79 -21.41 -2.60 -46.41
N ILE K 80 -22.29 -1.59 -46.40
CA ILE K 80 -23.64 -1.81 -45.85
C ILE K 80 -24.40 -2.87 -46.63
N THR K 81 -24.17 -2.95 -47.95
CA THR K 81 -24.83 -4.00 -48.73
C THR K 81 -24.36 -5.38 -48.30
N ALA K 82 -23.08 -5.50 -47.96
CA ALA K 82 -22.56 -6.78 -47.46
C ALA K 82 -23.10 -7.08 -46.07
N VAL K 83 -23.26 -6.05 -45.22
CA VAL K 83 -23.89 -6.25 -43.92
C VAL K 83 -25.30 -6.83 -44.11
N SER K 84 -26.10 -6.19 -44.96
CA SER K 84 -27.48 -6.63 -45.19
C SER K 84 -27.52 -8.07 -45.69
N GLU K 85 -26.65 -8.42 -46.64
CA GLU K 85 -26.64 -9.79 -47.14
C GLU K 85 -26.24 -10.76 -46.04
N THR K 86 -25.28 -10.37 -45.20
CA THR K 86 -24.87 -11.25 -44.11
C THR K 86 -25.96 -11.40 -43.07
N VAL K 87 -26.59 -10.28 -42.67
CA VAL K 87 -27.71 -10.36 -41.72
C VAL K 87 -28.83 -11.21 -42.31
N ASP K 88 -29.18 -10.98 -43.57
CA ASP K 88 -30.24 -11.76 -44.20
C ASP K 88 -29.90 -13.24 -44.24
N PHE K 89 -28.64 -13.58 -44.47
CA PHE K 89 -28.24 -14.99 -44.44
C PHE K 89 -28.43 -15.57 -43.04
N VAL K 90 -27.85 -14.93 -42.03
CA VAL K 90 -27.93 -15.45 -40.66
C VAL K 90 -29.38 -15.55 -40.21
N LYS K 91 -30.19 -14.54 -40.54
CA LYS K 91 -31.55 -14.55 -40.01
C LYS K 91 -32.51 -15.42 -40.81
N SER K 92 -32.06 -16.08 -41.89
CA SER K 92 -32.85 -17.10 -42.55
C SER K 92 -32.36 -18.51 -42.25
N ARG K 93 -31.41 -18.66 -41.33
CA ARG K 93 -30.91 -19.97 -40.95
C ARG K 93 -31.84 -20.68 -39.98
N ASP K 94 -31.86 -22.01 -40.07
CA ASP K 94 -32.65 -22.83 -39.16
C ASP K 94 -32.00 -22.83 -37.78
N LEU K 95 -32.84 -22.90 -36.74
CA LEU K 95 -32.30 -22.85 -35.38
C LEU K 95 -31.64 -24.15 -34.94
N VAL K 96 -31.87 -25.26 -35.66
CA VAL K 96 -31.32 -26.55 -35.30
C VAL K 96 -30.47 -27.13 -36.43
N VAL K 97 -30.96 -27.02 -37.65
CA VAL K 97 -30.33 -27.63 -38.81
C VAL K 97 -29.31 -26.66 -39.39
N ASP K 98 -28.11 -27.15 -39.66
CA ASP K 98 -26.99 -26.34 -40.12
C ASP K 98 -26.96 -26.24 -41.65
N THR K 99 -26.27 -25.20 -42.14
CA THR K 99 -26.07 -25.02 -43.58
C THR K 99 -24.83 -25.81 -44.02
N PRO K 100 -24.95 -26.75 -44.94
CA PRO K 100 -23.80 -27.54 -45.36
C PRO K 100 -23.06 -26.90 -46.53
N VAL K 101 -21.86 -27.42 -46.79
CA VAL K 101 -21.22 -27.24 -48.08
C VAL K 101 -22.04 -27.97 -49.14
N THR K 102 -22.35 -27.28 -50.23
CA THR K 102 -23.07 -27.89 -51.35
C THR K 102 -22.18 -27.92 -52.58
N LEU K 103 -22.43 -28.92 -53.43
CA LEU K 103 -21.65 -29.13 -54.64
C LEU K 103 -22.59 -29.42 -55.80
N SER K 104 -22.19 -28.99 -56.97
CA SER K 104 -22.79 -29.39 -58.23
C SER K 104 -22.15 -30.69 -58.72
N PRO K 105 -22.92 -31.55 -59.40
CA PRO K 105 -22.31 -32.77 -59.97
C PRO K 105 -21.15 -32.46 -60.89
N GLU K 106 -21.14 -31.29 -61.52
CA GLU K 106 -20.10 -30.88 -62.47
C GLU K 106 -18.92 -30.19 -61.81
N ASP K 107 -18.93 -30.03 -60.48
CA ASP K 107 -17.75 -29.54 -59.81
C ASP K 107 -16.63 -30.58 -59.88
N SER K 108 -15.39 -30.10 -59.76
CA SER K 108 -14.24 -30.99 -59.77
C SER K 108 -13.97 -31.54 -58.38
N VAL K 109 -13.30 -32.69 -58.33
CA VAL K 109 -12.92 -33.27 -57.05
C VAL K 109 -11.97 -32.33 -56.31
N SER K 110 -11.05 -31.69 -57.03
CA SER K 110 -10.16 -30.70 -56.42
C SER K 110 -10.96 -29.63 -55.69
N ASP K 111 -11.97 -29.07 -56.36
CA ASP K 111 -12.76 -28.00 -55.75
C ASP K 111 -13.58 -28.51 -54.57
N ALA K 112 -14.17 -29.70 -54.71
CA ALA K 112 -14.89 -30.31 -53.59
C ALA K 112 -13.96 -30.45 -52.39
N ASN K 113 -12.76 -30.98 -52.61
CA ASN K 113 -11.81 -31.17 -51.51
C ASN K 113 -11.54 -29.86 -50.78
N ALA K 114 -11.40 -28.76 -51.52
CA ALA K 114 -11.14 -27.47 -50.89
C ALA K 114 -12.34 -27.00 -50.08
N LEU K 115 -13.54 -27.10 -50.66
CA LEU K 115 -14.72 -26.55 -50.02
C LEU K 115 -15.15 -27.33 -48.78
N LEU K 116 -14.77 -28.62 -48.70
CA LEU K 116 -15.23 -29.47 -47.60
C LEU K 116 -14.93 -28.85 -46.24
N HIS K 117 -13.75 -28.25 -46.10
CA HIS K 117 -13.28 -27.75 -44.81
C HIS K 117 -13.87 -26.41 -44.42
N LYS K 118 -14.82 -25.87 -45.20
CA LYS K 118 -15.50 -24.66 -44.79
C LYS K 118 -16.52 -24.91 -43.68
N ARG K 119 -16.89 -26.17 -43.43
CA ARG K 119 -17.77 -26.55 -42.34
C ARG K 119 -17.15 -27.75 -41.61
N ALA K 120 -17.72 -28.08 -40.46
CA ALA K 120 -17.20 -29.15 -39.62
C ALA K 120 -17.94 -30.49 -39.84
N HIS K 121 -18.78 -30.57 -40.86
CA HIS K 121 -19.64 -31.74 -41.01
C HIS K 121 -18.91 -32.97 -41.55
N GLY K 122 -17.78 -32.79 -42.21
CA GLY K 122 -17.09 -33.91 -42.82
C GLY K 122 -17.72 -34.44 -44.09
N ALA K 123 -18.71 -33.75 -44.64
CA ALA K 123 -19.37 -34.17 -45.87
C ALA K 123 -20.04 -32.96 -46.50
N ALA K 124 -20.00 -32.90 -47.84
CA ALA K 124 -20.74 -31.93 -48.62
C ALA K 124 -21.94 -32.60 -49.28
N VAL K 125 -22.99 -31.82 -49.50
CA VAL K 125 -24.22 -32.34 -50.12
C VAL K 125 -24.20 -31.98 -51.60
N VAL K 126 -24.25 -32.99 -52.46
CA VAL K 126 -24.40 -32.75 -53.88
C VAL K 126 -25.85 -32.37 -54.16
N VAL K 127 -26.06 -31.24 -54.81
CA VAL K 127 -27.39 -30.73 -55.09
C VAL K 127 -27.58 -30.64 -56.60
N PHE K 128 -28.76 -31.04 -57.07
CA PHE K 128 -29.17 -30.85 -58.44
C PHE K 128 -30.58 -30.29 -58.42
N GLU K 129 -30.75 -29.06 -58.92
CA GLU K 129 -32.03 -28.37 -58.95
C GLU K 129 -32.65 -28.29 -57.56
N GLY K 130 -31.85 -27.84 -56.59
CA GLY K 130 -32.29 -27.66 -55.23
C GLY K 130 -32.46 -28.93 -54.42
N ARG K 131 -32.38 -30.10 -55.05
CA ARG K 131 -32.64 -31.39 -54.43
C ARG K 131 -31.34 -32.11 -54.10
N PRO K 132 -31.19 -32.64 -52.89
CA PRO K 132 -29.96 -33.39 -52.56
C PRO K 132 -29.94 -34.73 -53.28
N ILE K 133 -28.82 -35.01 -53.95
CA ILE K 133 -28.66 -36.25 -54.69
C ILE K 133 -27.52 -37.12 -54.19
N GLY K 134 -26.62 -36.60 -53.36
CA GLY K 134 -25.54 -37.42 -52.85
C GLY K 134 -24.72 -36.70 -51.81
N LEU K 135 -23.80 -37.45 -51.20
CA LEU K 135 -22.84 -36.93 -50.24
C LEU K 135 -21.43 -37.12 -50.75
N VAL K 136 -20.56 -36.17 -50.45
CA VAL K 136 -19.13 -36.23 -50.77
C VAL K 136 -18.33 -36.07 -49.48
N THR K 137 -17.45 -37.03 -49.21
CA THR K 137 -16.55 -36.95 -48.07
C THR K 137 -15.11 -36.87 -48.55
N GLU K 138 -14.22 -36.55 -47.61
CA GLU K 138 -12.80 -36.51 -47.93
C GLU K 138 -12.30 -37.88 -48.40
N ALA K 139 -12.85 -38.95 -47.82
CA ALA K 139 -12.44 -40.30 -48.24
C ALA K 139 -12.83 -40.57 -49.68
N ASN K 140 -13.96 -40.03 -50.15
CA ASN K 140 -14.36 -40.20 -51.54
C ASN K 140 -13.45 -39.44 -52.51
N CYS K 141 -12.63 -38.52 -52.02
CA CYS K 141 -11.79 -37.71 -52.89
C CYS K 141 -10.36 -38.25 -53.02
N ALA K 142 -9.94 -39.13 -52.12
CA ALA K 142 -8.59 -39.67 -52.18
C ALA K 142 -8.47 -40.73 -53.27
N GLY K 143 -7.30 -40.77 -53.92
CA GLY K 143 -7.04 -41.78 -54.93
C GLY K 143 -7.82 -41.62 -56.20
N VAL K 144 -8.35 -40.44 -56.48
CA VAL K 144 -9.11 -40.15 -57.69
C VAL K 144 -8.45 -38.98 -58.39
N ASP K 145 -8.48 -39.00 -59.72
CA ASP K 145 -8.00 -37.86 -60.49
C ASP K 145 -8.66 -36.59 -59.99
N ARG K 146 -7.84 -35.62 -59.60
CA ARG K 146 -8.38 -34.42 -58.96
C ARG K 146 -9.25 -33.59 -59.89
N PHE K 147 -9.21 -33.85 -61.20
CA PHE K 147 -10.13 -33.19 -62.11
C PHE K 147 -11.27 -34.10 -62.54
N ALA K 148 -11.45 -35.23 -61.88
CA ALA K 148 -12.69 -35.97 -62.05
C ALA K 148 -13.85 -35.12 -61.54
N ARG K 149 -15.05 -35.43 -62.04
CA ARG K 149 -16.24 -34.74 -61.60
C ARG K 149 -16.78 -35.35 -60.31
N VAL K 150 -17.44 -34.51 -59.51
CA VAL K 150 -18.07 -34.97 -58.27
C VAL K 150 -19.10 -36.05 -58.56
N ARG K 151 -19.76 -35.97 -59.73
CA ARG K 151 -20.73 -36.97 -60.12
C ARG K 151 -20.19 -38.39 -59.97
N ASP K 152 -18.90 -38.59 -60.23
CA ASP K 152 -18.31 -39.92 -60.28
C ASP K 152 -17.72 -40.37 -58.95
N ILE K 153 -17.90 -39.62 -57.86
CA ILE K 153 -17.38 -40.03 -56.56
C ILE K 153 -18.46 -39.95 -55.50
N ALA K 154 -19.58 -39.31 -55.83
CA ALA K 154 -20.61 -39.04 -54.84
C ALA K 154 -21.31 -40.32 -54.40
N LEU K 155 -21.67 -40.38 -53.12
CA LEU K 155 -22.44 -41.48 -52.57
C LEU K 155 -23.92 -41.17 -52.74
N SER K 156 -24.63 -42.04 -53.46
CA SER K 156 -26.07 -41.86 -53.65
C SER K 156 -26.88 -42.20 -52.41
N ASP K 157 -26.31 -42.98 -51.49
CA ASP K 157 -27.01 -43.45 -50.30
C ASP K 157 -26.66 -42.57 -49.10
N PHE K 158 -27.67 -42.01 -48.46
CA PHE K 158 -27.47 -41.21 -47.26
C PHE K 158 -28.77 -41.16 -46.48
N VAL K 159 -28.65 -40.91 -45.18
CA VAL K 159 -29.81 -40.75 -44.31
C VAL K 159 -30.44 -39.40 -44.56
N THR K 160 -31.78 -39.37 -44.62
CA THR K 160 -32.51 -38.13 -44.85
C THR K 160 -33.74 -38.10 -43.95
N ALA K 161 -34.13 -36.89 -43.54
CA ALA K 161 -35.26 -36.70 -42.64
C ALA K 161 -35.81 -35.29 -42.83
N PRO K 162 -37.11 -35.09 -42.65
CA PRO K 162 -37.68 -33.75 -42.83
C PRO K 162 -37.37 -32.83 -41.66
N VAL K 163 -37.25 -31.54 -41.97
CA VAL K 163 -37.14 -30.53 -40.92
C VAL K 163 -38.33 -30.65 -39.99
N GLY K 164 -38.07 -30.53 -38.69
CA GLY K 164 -39.07 -30.75 -37.68
C GLY K 164 -38.94 -32.08 -36.98
N THR K 165 -38.14 -32.99 -37.51
CA THR K 165 -37.84 -34.24 -36.80
C THR K 165 -37.12 -33.91 -35.50
N ASP K 166 -37.57 -34.53 -34.41
CA ASP K 166 -36.93 -34.31 -33.12
C ASP K 166 -35.45 -34.65 -33.22
N PRO K 167 -34.57 -33.84 -32.63
CA PRO K 167 -33.13 -34.13 -32.73
C PRO K 167 -32.77 -35.52 -32.23
N ARG K 168 -33.39 -35.95 -31.12
CA ARG K 168 -33.22 -37.32 -30.64
C ARG K 168 -33.48 -38.34 -31.74
N GLU K 169 -34.52 -38.11 -32.55
CA GLU K 169 -34.85 -39.10 -33.58
C GLU K 169 -33.82 -39.09 -34.71
N VAL K 170 -33.35 -37.91 -35.12
CA VAL K 170 -32.29 -37.86 -36.12
C VAL K 170 -31.05 -38.59 -35.61
N PHE K 171 -30.68 -38.34 -34.34
CA PHE K 171 -29.55 -39.01 -33.72
C PHE K 171 -29.65 -40.53 -33.87
N ASP K 172 -30.83 -41.09 -33.57
CA ASP K 172 -30.99 -42.54 -33.67
C ASP K 172 -30.99 -43.01 -35.12
N LEU K 173 -31.54 -42.20 -36.04
CA LEU K 173 -31.50 -42.55 -37.45
C LEU K 173 -30.07 -42.63 -37.99
N LEU K 174 -29.12 -41.97 -37.33
CA LEU K 174 -27.73 -41.95 -37.76
C LEU K 174 -26.85 -42.97 -37.05
N GLU K 175 -27.40 -43.75 -36.11
CA GLU K 175 -26.57 -44.58 -35.25
C GLU K 175 -25.75 -45.58 -36.05
N HIS K 176 -26.33 -46.16 -37.10
CA HIS K 176 -25.64 -47.15 -37.91
C HIS K 176 -25.39 -46.67 -39.32
N ALA K 177 -25.37 -45.36 -39.53
CA ALA K 177 -25.02 -44.84 -40.83
C ALA K 177 -23.49 -44.84 -40.97
N PRO K 178 -22.97 -45.16 -42.16
CA PRO K 178 -21.54 -45.01 -42.38
C PRO K 178 -21.09 -43.56 -42.33
N ILE K 179 -21.96 -42.62 -42.69
CA ILE K 179 -21.64 -41.20 -42.71
C ILE K 179 -22.51 -40.48 -41.68
N ASP K 180 -21.87 -39.77 -40.75
CA ASP K 180 -22.56 -39.14 -39.63
C ASP K 180 -23.13 -37.77 -40.04
N VAL K 181 -24.00 -37.79 -41.04
CA VAL K 181 -24.65 -36.60 -41.57
C VAL K 181 -26.05 -36.97 -42.04
N ALA K 182 -27.06 -36.33 -41.47
CA ALA K 182 -28.44 -36.47 -41.94
C ALA K 182 -28.78 -35.28 -42.84
N VAL K 183 -29.27 -35.57 -44.04
CA VAL K 183 -29.66 -34.55 -44.99
C VAL K 183 -31.11 -34.15 -44.68
N MET K 184 -31.30 -32.90 -44.26
CA MET K 184 -32.59 -32.42 -43.79
C MET K 184 -33.33 -31.72 -44.92
N THR K 185 -34.59 -32.11 -45.14
CA THR K 185 -35.36 -31.66 -46.28
C THR K 185 -36.55 -30.79 -45.85
N ALA K 186 -36.82 -29.77 -46.66
CA ALA K 186 -38.02 -28.97 -46.53
C ALA K 186 -39.22 -29.81 -46.96
N PRO K 187 -40.46 -29.34 -46.71
CA PRO K 187 -41.63 -30.14 -47.09
C PRO K 187 -41.63 -30.60 -48.55
N ASP K 188 -41.20 -29.76 -49.50
CA ASP K 188 -41.21 -30.16 -50.90
C ASP K 188 -40.03 -31.05 -51.28
N GLY K 189 -39.21 -31.46 -50.32
CA GLY K 189 -38.09 -32.34 -50.58
C GLY K 189 -36.79 -31.67 -50.97
N THR K 190 -36.78 -30.34 -51.11
CA THR K 190 -35.52 -29.65 -51.40
C THR K 190 -34.65 -29.61 -50.14
N LEU K 191 -33.35 -29.40 -50.37
CA LEU K 191 -32.40 -29.37 -49.26
C LEU K 191 -32.70 -28.19 -48.33
N ALA K 192 -32.83 -28.50 -47.04
CA ALA K 192 -32.94 -27.46 -46.01
C ALA K 192 -31.70 -27.35 -45.15
N GLY K 193 -30.91 -28.40 -45.05
CA GLY K 193 -29.64 -28.35 -44.33
C GLY K 193 -29.21 -29.75 -43.93
N VAL K 194 -28.38 -29.79 -42.89
CA VAL K 194 -27.82 -31.04 -42.39
C VAL K 194 -27.82 -31.01 -40.87
N LEU K 195 -27.87 -32.20 -40.27
CA LEU K 195 -27.72 -32.38 -38.84
C LEU K 195 -26.87 -33.62 -38.62
N THR K 196 -25.81 -33.48 -37.83
CA THR K 196 -24.97 -34.60 -37.42
C THR K 196 -25.43 -35.10 -36.05
N ARG K 197 -24.87 -36.23 -35.62
CA ARG K 197 -25.21 -36.74 -34.29
C ARG K 197 -24.78 -35.75 -33.20
N THR K 198 -23.61 -35.14 -33.35
CA THR K 198 -23.17 -34.16 -32.36
C THR K 198 -24.01 -32.89 -32.45
N GLY K 199 -24.37 -32.49 -33.67
CA GLY K 199 -25.28 -31.36 -33.82
C GLY K 199 -26.63 -31.62 -33.17
N ALA K 200 -27.10 -32.87 -33.22
CA ALA K 200 -28.36 -33.20 -32.56
C ALA K 200 -28.22 -33.12 -31.04
N ILE K 201 -27.10 -33.59 -30.49
CA ILE K 201 -26.86 -33.44 -29.05
C ILE K 201 -26.79 -31.97 -28.67
N ARG K 202 -26.12 -31.15 -29.48
CA ARG K 202 -25.94 -29.76 -29.12
C ARG K 202 -27.26 -28.99 -29.11
N ALA K 203 -28.24 -29.44 -29.91
CA ALA K 203 -29.53 -28.77 -29.93
C ALA K 203 -30.21 -28.83 -28.57
N GLY K 204 -29.96 -29.89 -27.81
CA GLY K 204 -30.52 -30.04 -26.49
C GLY K 204 -29.70 -29.46 -25.36
N ILE K 205 -28.53 -28.91 -25.66
CA ILE K 205 -27.63 -28.36 -24.66
C ILE K 205 -27.50 -26.85 -24.76
N TYR K 206 -27.48 -26.32 -25.98
CA TYR K 206 -27.31 -24.89 -26.23
C TYR K 206 -28.63 -24.29 -26.67
N THR K 207 -29.00 -23.16 -26.07
CA THR K 207 -30.17 -22.41 -26.50
C THR K 207 -29.75 -21.40 -27.57
N PRO K 208 -30.33 -21.46 -28.77
CA PRO K 208 -29.97 -20.46 -29.79
C PRO K 208 -30.23 -19.04 -29.30
N ALA K 209 -29.36 -18.13 -29.72
CA ALA K 209 -29.53 -16.71 -29.44
C ALA K 209 -30.36 -16.10 -30.56
N VAL K 210 -31.55 -15.60 -30.22
CA VAL K 210 -32.53 -15.19 -31.22
C VAL K 210 -33.10 -13.83 -30.86
N ASP K 211 -33.56 -13.12 -31.90
CA ASP K 211 -34.26 -11.85 -31.73
C ASP K 211 -35.72 -12.11 -31.39
N ALA K 212 -36.52 -11.05 -31.32
CA ALA K 212 -37.93 -11.20 -30.94
C ALA K 212 -38.73 -12.00 -31.96
N LYS K 213 -38.30 -12.02 -33.23
CA LYS K 213 -38.96 -12.80 -34.27
C LYS K 213 -38.45 -14.23 -34.37
N GLY K 214 -37.61 -14.66 -33.43
CA GLY K 214 -37.12 -16.03 -33.45
C GLY K 214 -36.01 -16.31 -34.43
N ARG K 215 -35.32 -15.28 -34.91
CA ARG K 215 -34.22 -15.42 -35.85
C ARG K 215 -32.89 -15.22 -35.14
N LEU K 216 -31.85 -15.89 -35.65
CA LEU K 216 -30.55 -15.85 -35.01
C LEU K 216 -30.03 -14.43 -34.90
N ARG K 217 -29.41 -14.13 -33.76
CA ARG K 217 -28.89 -12.80 -33.46
C ARG K 217 -27.56 -12.55 -34.15
N ILE K 218 -27.29 -11.28 -34.43
CA ILE K 218 -26.05 -10.83 -35.04
C ILE K 218 -25.81 -9.39 -34.63
N ALA K 219 -24.54 -9.01 -34.49
CA ALA K 219 -24.16 -7.67 -34.08
C ALA K 219 -23.24 -7.06 -35.13
N ALA K 220 -22.94 -5.78 -34.97
CA ALA K 220 -22.12 -5.10 -35.98
C ALA K 220 -21.38 -3.96 -35.33
N ALA K 221 -20.16 -3.73 -35.81
CA ALA K 221 -19.25 -2.74 -35.25
C ALA K 221 -19.18 -1.51 -36.14
N VAL K 222 -18.92 -0.35 -35.51
CA VAL K 222 -18.64 0.88 -36.22
C VAL K 222 -17.47 1.57 -35.52
N GLY K 223 -16.56 2.13 -36.32
CA GLY K 223 -15.48 2.96 -35.79
C GLY K 223 -15.95 4.39 -35.61
N ILE K 224 -15.07 5.22 -35.05
CA ILE K 224 -15.50 6.56 -34.65
C ILE K 224 -15.10 7.64 -35.67
N ASN K 225 -14.59 7.24 -36.83
CA ASN K 225 -14.38 8.22 -37.89
C ASN K 225 -15.65 8.39 -38.73
N GLY K 226 -15.73 9.52 -39.43
CA GLY K 226 -16.85 9.76 -40.32
C GLY K 226 -18.14 10.06 -39.58
N ASP K 227 -19.26 9.73 -40.21
CA ASP K 227 -20.58 10.02 -39.65
C ASP K 227 -21.04 8.78 -38.88
N VAL K 228 -20.66 8.72 -37.61
CA VAL K 228 -20.90 7.53 -36.80
C VAL K 228 -22.39 7.29 -36.64
N GLY K 229 -23.16 8.36 -36.42
CA GLY K 229 -24.60 8.21 -36.27
C GLY K 229 -25.26 7.67 -37.52
N ALA K 230 -24.87 8.18 -38.70
CA ALA K 230 -25.41 7.67 -39.94
C ALA K 230 -25.06 6.20 -40.15
N LYS K 231 -23.80 5.84 -39.88
CA LYS K 231 -23.39 4.45 -40.03
C LYS K 231 -24.15 3.54 -39.07
N ALA K 232 -24.32 3.99 -37.82
CA ALA K 232 -25.04 3.19 -36.83
C ALA K 232 -26.51 3.02 -37.20
N GLN K 233 -27.16 4.08 -37.66
CA GLN K 233 -28.55 3.97 -38.11
C GLN K 233 -28.70 2.96 -39.23
N ALA K 234 -27.75 2.95 -40.17
CA ALA K 234 -27.83 2.02 -41.29
C ALA K 234 -27.65 0.57 -40.83
N LEU K 235 -26.72 0.35 -39.88
CA LEU K 235 -26.55 -1.00 -39.33
C LEU K 235 -27.80 -1.46 -38.60
N ALA K 236 -28.46 -0.55 -37.88
CA ALA K 236 -29.71 -0.90 -37.23
C ALA K 236 -30.78 -1.23 -38.27
N GLU K 237 -30.92 -0.39 -39.30
CA GLU K 237 -31.90 -0.65 -40.34
C GLU K 237 -31.61 -1.95 -41.08
N ALA K 238 -30.34 -2.33 -41.19
CA ALA K 238 -29.99 -3.61 -41.81
C ALA K 238 -30.35 -4.81 -40.93
N GLY K 239 -30.66 -4.59 -39.66
CA GLY K 239 -31.14 -5.66 -38.80
C GLY K 239 -30.21 -6.09 -37.69
N ALA K 240 -29.12 -5.37 -37.43
CA ALA K 240 -28.23 -5.72 -36.34
C ALA K 240 -28.98 -5.67 -35.01
N ASP K 241 -28.69 -6.64 -34.15
CA ASP K 241 -29.36 -6.71 -32.85
C ASP K 241 -28.61 -5.97 -31.76
N LEU K 242 -27.40 -5.49 -32.05
CA LEU K 242 -26.54 -4.87 -31.06
C LEU K 242 -25.46 -4.11 -31.84
N LEU K 243 -25.07 -2.97 -31.32
CA LEU K 243 -24.09 -2.13 -31.98
C LEU K 243 -22.85 -2.01 -31.10
N VAL K 244 -21.68 -2.12 -31.73
CA VAL K 244 -20.40 -1.98 -31.04
C VAL K 244 -19.67 -0.79 -31.64
N ILE K 245 -19.45 0.23 -30.83
CA ILE K 245 -18.64 1.38 -31.21
C ILE K 245 -17.22 1.09 -30.75
N ASP K 246 -16.29 0.96 -31.69
CA ASP K 246 -15.00 0.33 -31.42
C ASP K 246 -13.85 1.24 -31.82
N THR K 247 -12.93 1.46 -30.90
CA THR K 247 -11.69 2.17 -31.21
C THR K 247 -10.61 1.71 -30.24
N ALA K 248 -9.36 1.88 -30.65
CA ALA K 248 -8.22 1.41 -29.86
C ALA K 248 -8.18 2.10 -28.50
N HIS K 249 -8.36 3.42 -28.49
CA HIS K 249 -8.30 4.22 -27.26
C HIS K 249 -9.70 4.79 -27.02
N GLY K 250 -10.52 4.03 -26.28
CA GLY K 250 -11.89 4.44 -26.05
C GLY K 250 -12.04 5.67 -25.17
N HIS K 251 -11.04 5.99 -24.36
CA HIS K 251 -11.18 7.08 -23.39
C HIS K 251 -10.71 8.41 -24.01
N GLN K 252 -11.46 8.84 -25.04
CA GLN K 252 -11.09 10.07 -25.71
C GLN K 252 -12.33 10.80 -26.20
N ALA K 253 -12.17 12.11 -26.38
CA ALA K 253 -13.29 12.99 -26.74
C ALA K 253 -14.05 12.50 -27.96
N LYS K 254 -13.34 12.01 -28.98
CA LYS K 254 -14.02 11.60 -30.20
C LYS K 254 -14.92 10.39 -29.98
N MET K 255 -14.56 9.51 -29.03
CA MET K 255 -15.43 8.40 -28.70
C MET K 255 -16.67 8.86 -27.93
N LEU K 256 -16.50 9.76 -26.97
CA LEU K 256 -17.63 10.28 -26.23
C LEU K 256 -18.62 10.98 -27.15
N ASP K 257 -18.11 11.76 -28.12
CA ASP K 257 -18.99 12.37 -29.10
C ASP K 257 -19.72 11.31 -29.91
N ALA K 258 -19.00 10.26 -30.33
CA ALA K 258 -19.60 9.22 -31.16
C ALA K 258 -20.72 8.50 -30.42
N ILE K 259 -20.49 8.19 -29.14
CA ILE K 259 -21.52 7.53 -28.34
C ILE K 259 -22.76 8.42 -28.21
N LYS K 260 -22.54 9.70 -27.86
CA LYS K 260 -23.67 10.63 -27.75
C LYS K 260 -24.45 10.71 -29.06
N ALA K 261 -23.74 10.77 -30.19
CA ALA K 261 -24.41 10.79 -31.49
C ALA K 261 -25.29 9.56 -31.68
N VAL K 262 -24.74 8.37 -31.42
CA VAL K 262 -25.50 7.15 -31.66
C VAL K 262 -26.65 7.05 -30.66
N ALA K 263 -26.41 7.43 -29.40
CA ALA K 263 -27.46 7.32 -28.40
C ALA K 263 -28.61 8.26 -28.69
N SER K 264 -28.32 9.45 -29.24
CA SER K 264 -29.36 10.44 -29.52
C SER K 264 -30.32 10.00 -30.61
N LEU K 265 -29.94 9.00 -31.42
CA LEU K 265 -30.83 8.47 -32.43
C LEU K 265 -31.86 7.51 -31.86
N ASP K 266 -31.68 7.07 -30.61
CA ASP K 266 -32.62 6.21 -29.91
C ASP K 266 -33.02 5.00 -30.74
N LEU K 267 -32.00 4.24 -31.16
CA LEU K 267 -32.23 3.10 -32.05
C LEU K 267 -32.83 1.90 -31.34
N GLY K 268 -32.87 1.88 -30.00
CA GLY K 268 -33.47 0.78 -29.28
C GLY K 268 -32.64 -0.47 -29.20
N LEU K 269 -31.33 -0.39 -29.45
CA LEU K 269 -30.44 -1.53 -29.39
C LEU K 269 -29.42 -1.37 -28.27
N PRO K 270 -28.94 -2.47 -27.69
CA PRO K 270 -27.81 -2.39 -26.76
C PRO K 270 -26.61 -1.74 -27.44
N LEU K 271 -25.96 -0.83 -26.71
CA LEU K 271 -24.84 -0.05 -27.25
C LEU K 271 -23.56 -0.43 -26.48
N VAL K 272 -22.64 -1.09 -27.17
CA VAL K 272 -21.31 -1.42 -26.65
C VAL K 272 -20.35 -0.35 -27.12
N ALA K 273 -19.46 0.09 -26.23
CA ALA K 273 -18.38 1.01 -26.61
C ALA K 273 -17.09 0.65 -25.88
N GLY K 274 -15.98 0.76 -26.59
CA GLY K 274 -14.67 0.43 -26.03
C GLY K 274 -13.59 0.90 -26.99
N ASN K 275 -12.34 0.73 -26.57
CA ASN K 275 -11.97 0.00 -25.35
C ASN K 275 -11.30 0.89 -24.31
N VAL K 276 -11.56 0.60 -23.03
CA VAL K 276 -10.91 1.27 -21.91
C VAL K 276 -10.41 0.20 -20.95
N VAL K 277 -9.60 0.63 -19.98
CA VAL K 277 -9.10 -0.29 -18.96
C VAL K 277 -9.15 0.35 -17.58
N SER K 278 -9.86 1.48 -17.45
CA SER K 278 -9.90 2.21 -16.19
C SER K 278 -11.33 2.45 -15.73
N ALA K 279 -11.48 2.60 -14.41
CA ALA K 279 -12.78 2.96 -13.86
C ALA K 279 -13.29 4.27 -14.44
N GLU K 280 -12.41 5.27 -14.57
CA GLU K 280 -12.84 6.56 -15.09
C GLU K 280 -13.31 6.44 -16.54
N GLY K 281 -12.56 5.71 -17.36
CA GLY K 281 -13.00 5.48 -18.73
C GLY K 281 -14.34 4.79 -18.79
N THR K 282 -14.56 3.80 -17.91
CA THR K 282 -15.82 3.07 -17.90
C THR K 282 -16.99 3.99 -17.56
N ARG K 283 -16.83 4.81 -16.52
CA ARG K 283 -17.87 5.76 -16.15
C ARG K 283 -18.17 6.72 -17.28
N ASP K 284 -17.12 7.25 -17.92
CA ASP K 284 -17.31 8.25 -18.95
C ASP K 284 -18.07 7.68 -20.15
N LEU K 285 -17.73 6.46 -20.56
CA LEU K 285 -18.42 5.87 -21.71
C LEU K 285 -19.89 5.58 -21.39
N ILE K 286 -20.19 5.13 -20.17
CA ILE K 286 -21.58 4.87 -19.79
C ILE K 286 -22.36 6.17 -19.69
N GLU K 287 -21.80 7.17 -19.00
CA GLU K 287 -22.47 8.47 -18.91
C GLU K 287 -22.75 9.05 -20.29
N ALA K 288 -21.89 8.76 -21.27
CA ALA K 288 -22.12 9.24 -22.63
C ALA K 288 -23.24 8.49 -23.35
N GLY K 289 -23.63 7.31 -22.85
CA GLY K 289 -24.74 6.60 -23.45
C GLY K 289 -24.52 5.14 -23.78
N ALA K 290 -23.35 4.58 -23.49
CA ALA K 290 -23.13 3.15 -23.69
C ALA K 290 -23.81 2.35 -22.59
N SER K 291 -24.41 1.21 -22.96
CA SER K 291 -24.94 0.30 -21.97
C SER K 291 -23.92 -0.75 -21.55
N ILE K 292 -22.91 -1.00 -22.37
CA ILE K 292 -21.89 -2.01 -22.15
C ILE K 292 -20.56 -1.39 -22.51
N VAL K 293 -19.55 -1.62 -21.68
CA VAL K 293 -18.20 -1.11 -21.92
C VAL K 293 -17.28 -2.27 -22.27
N LYS K 294 -16.58 -2.16 -23.40
CA LYS K 294 -15.63 -3.19 -23.82
C LYS K 294 -14.25 -2.85 -23.26
N VAL K 295 -13.63 -3.81 -22.58
CA VAL K 295 -12.45 -3.57 -21.76
C VAL K 295 -11.28 -4.33 -22.35
N GLY K 296 -10.17 -3.63 -22.56
CA GLY K 296 -8.98 -4.31 -23.05
C GLY K 296 -8.12 -3.39 -23.89
N VAL K 297 -6.97 -3.03 -23.36
CA VAL K 297 -5.98 -2.25 -24.11
C VAL K 297 -4.62 -2.87 -23.80
N GLY K 298 -3.91 -3.30 -24.84
CA GLY K 298 -2.60 -3.90 -24.69
C GLY K 298 -2.46 -4.86 -23.51
N PRO K 299 -3.33 -5.86 -23.45
CA PRO K 299 -3.28 -6.79 -22.30
C PRO K 299 -2.04 -7.70 -22.32
N GLY K 300 -1.44 -7.93 -23.49
CA GLY K 300 -0.26 -8.76 -23.58
C GLY K 300 1.01 -7.93 -23.49
N ALA K 301 1.84 -8.22 -22.48
CA ALA K 301 3.05 -7.43 -22.27
C ALA K 301 4.00 -7.49 -23.46
N MET K 302 3.94 -8.57 -24.24
CA MET K 302 4.85 -8.77 -25.37
C MET K 302 4.20 -8.54 -26.71
N CYS K 303 2.95 -8.07 -26.74
CA CYS K 303 2.27 -7.89 -28.01
C CYS K 303 2.49 -6.46 -28.55
N THR K 304 1.92 -6.20 -29.72
CA THR K 304 2.35 -5.06 -30.54
C THR K 304 2.11 -3.73 -29.85
N THR K 305 0.91 -3.54 -29.29
CA THR K 305 0.58 -2.25 -28.69
C THR K 305 1.52 -1.91 -27.54
N ARG K 306 1.77 -2.88 -26.65
CA ARG K 306 2.66 -2.65 -25.52
C ARG K 306 4.10 -2.42 -25.96
N MET K 307 4.56 -3.14 -26.99
CA MET K 307 5.95 -2.99 -27.42
C MET K 307 6.17 -1.73 -28.23
N MET K 308 5.11 -1.16 -28.81
CA MET K 308 5.23 0.11 -29.52
C MET K 308 5.12 1.31 -28.60
N THR K 309 4.31 1.22 -27.55
CA THR K 309 3.94 2.39 -26.77
C THR K 309 4.15 2.27 -25.27
N GLY K 310 4.34 1.07 -24.74
CA GLY K 310 4.29 0.86 -23.29
C GLY K 310 2.91 0.91 -22.69
N VAL K 311 1.86 1.08 -23.50
CA VAL K 311 0.52 1.34 -22.99
C VAL K 311 -0.26 0.04 -22.91
N GLY K 312 -0.96 -0.16 -21.80
CA GLY K 312 -1.86 -1.28 -21.66
C GLY K 312 -2.17 -1.52 -20.19
N ARG K 313 -2.82 -2.65 -19.94
CA ARG K 313 -3.08 -3.02 -18.54
C ARG K 313 -3.30 -4.52 -18.46
N PRO K 314 -2.71 -5.20 -17.46
CA PRO K 314 -3.06 -6.61 -17.23
C PRO K 314 -4.57 -6.79 -17.13
N GLN K 315 -5.08 -7.79 -17.85
CA GLN K 315 -6.49 -7.82 -18.19
C GLN K 315 -7.38 -8.21 -17.00
N PHE K 316 -6.91 -9.08 -16.12
CA PHE K 316 -7.77 -9.43 -14.98
C PHE K 316 -8.03 -8.22 -14.09
N SER K 317 -6.98 -7.46 -13.75
CA SER K 317 -7.19 -6.24 -12.98
C SER K 317 -8.04 -5.22 -13.73
N ALA K 318 -7.83 -5.08 -15.04
CA ALA K 318 -8.65 -4.15 -15.82
C ALA K 318 -10.12 -4.54 -15.75
N VAL K 319 -10.44 -5.83 -15.92
CA VAL K 319 -11.84 -6.26 -15.88
C VAL K 319 -12.42 -6.06 -14.49
N VAL K 320 -11.70 -6.45 -13.44
CA VAL K 320 -12.18 -6.23 -12.07
C VAL K 320 -12.56 -4.78 -11.86
N GLU K 321 -11.61 -3.87 -12.15
CA GLU K 321 -11.85 -2.46 -11.87
C GLU K 321 -12.98 -1.90 -12.72
N CYS K 322 -12.99 -2.24 -14.01
CA CYS K 322 -14.02 -1.70 -14.88
C CYS K 322 -15.39 -2.30 -14.58
N ALA K 323 -15.45 -3.59 -14.28
CA ALA K 323 -16.74 -4.20 -13.96
C ALA K 323 -17.36 -3.57 -12.73
N ALA K 324 -16.54 -3.26 -11.73
CA ALA K 324 -17.06 -2.67 -10.50
C ALA K 324 -17.55 -1.25 -10.76
N ALA K 325 -16.84 -0.48 -11.58
CA ALA K 325 -17.31 0.86 -11.91
C ALA K 325 -18.61 0.81 -12.70
N ALA K 326 -18.72 -0.12 -13.66
CA ALA K 326 -19.93 -0.23 -14.47
C ALA K 326 -21.13 -0.62 -13.61
N ARG K 327 -20.92 -1.50 -12.63
CA ARG K 327 -22.03 -1.95 -11.78
C ARG K 327 -22.63 -0.80 -10.99
N GLN K 328 -21.82 0.20 -10.59
CA GLN K 328 -22.35 1.34 -9.86
C GLN K 328 -23.28 2.18 -10.74
N LEU K 329 -23.17 2.04 -12.06
CA LEU K 329 -24.01 2.75 -13.01
C LEU K 329 -25.00 1.82 -13.72
N GLY K 330 -25.23 0.63 -13.18
CA GLY K 330 -26.19 -0.28 -13.78
C GLY K 330 -25.76 -0.87 -15.09
N GLY K 331 -24.47 -0.78 -15.43
CA GLY K 331 -23.96 -1.25 -16.70
C GLY K 331 -23.16 -2.53 -16.59
N HIS K 332 -22.52 -2.88 -17.70
CA HIS K 332 -21.90 -4.17 -17.90
C HIS K 332 -20.57 -3.98 -18.63
N VAL K 333 -19.67 -4.96 -18.51
CA VAL K 333 -18.40 -4.92 -19.25
C VAL K 333 -18.17 -6.22 -20.01
N TRP K 334 -17.62 -6.09 -21.21
CA TRP K 334 -17.13 -7.21 -22.00
C TRP K 334 -15.61 -7.30 -21.87
N ALA K 335 -15.11 -8.47 -21.54
CA ALA K 335 -13.66 -8.69 -21.43
C ALA K 335 -13.15 -9.05 -22.82
N ASP K 336 -12.38 -8.16 -23.42
CA ASP K 336 -12.00 -8.25 -24.83
C ASP K 336 -10.48 -8.36 -24.93
N GLY K 337 -10.01 -9.56 -25.28
CA GLY K 337 -8.61 -9.72 -25.64
C GLY K 337 -7.88 -10.73 -24.78
N GLY K 338 -6.96 -11.47 -25.41
CA GLY K 338 -6.06 -12.37 -24.73
C GLY K 338 -6.63 -13.71 -24.34
N VAL K 339 -7.84 -14.05 -24.77
CA VAL K 339 -8.47 -15.30 -24.37
C VAL K 339 -7.90 -16.43 -25.21
N ARG K 340 -7.29 -17.40 -24.55
CA ARG K 340 -6.71 -18.56 -25.23
C ARG K 340 -7.16 -19.90 -24.65
N HIS K 341 -7.75 -19.93 -23.46
CA HIS K 341 -8.14 -21.15 -22.79
C HIS K 341 -9.48 -20.92 -22.09
N PRO K 342 -10.19 -22.00 -21.75
CA PRO K 342 -11.43 -21.81 -20.97
C PRO K 342 -11.21 -21.13 -19.64
N ARG K 343 -10.08 -21.39 -18.98
CA ARG K 343 -9.71 -20.65 -17.76
C ARG K 343 -9.89 -19.15 -17.95
N ASP K 344 -9.44 -18.62 -19.09
CA ASP K 344 -9.51 -17.18 -19.31
C ASP K 344 -10.96 -16.70 -19.33
N VAL K 345 -11.85 -17.46 -19.97
CA VAL K 345 -13.25 -17.10 -19.98
C VAL K 345 -13.81 -17.12 -18.56
N ALA K 346 -13.49 -18.17 -17.81
CA ALA K 346 -13.97 -18.30 -16.44
C ALA K 346 -13.45 -17.17 -15.56
N LEU K 347 -12.18 -16.81 -15.72
CA LEU K 347 -11.61 -15.76 -14.86
C LEU K 347 -12.20 -14.39 -15.19
N ALA K 348 -12.41 -14.09 -16.48
CA ALA K 348 -13.07 -12.85 -16.87
C ALA K 348 -14.46 -12.74 -16.26
N LEU K 349 -15.22 -13.86 -16.26
CA LEU K 349 -16.56 -13.84 -15.68
C LEU K 349 -16.51 -13.70 -14.16
N ALA K 350 -15.59 -14.40 -13.51
CA ALA K 350 -15.42 -14.25 -12.07
C ALA K 350 -15.05 -12.82 -11.71
N ALA K 351 -14.23 -12.18 -12.55
CA ALA K 351 -13.83 -10.80 -12.32
C ALA K 351 -14.99 -9.82 -12.44
N GLY K 352 -16.11 -10.24 -13.03
CA GLY K 352 -17.29 -9.40 -13.16
C GLY K 352 -17.73 -9.11 -14.58
N ALA K 353 -17.03 -9.58 -15.61
CA ALA K 353 -17.50 -9.37 -16.97
C ALA K 353 -18.84 -10.07 -17.16
N SER K 354 -19.71 -9.45 -17.97
CA SER K 354 -20.96 -10.10 -18.37
C SER K 354 -20.80 -11.00 -19.57
N ASN K 355 -19.75 -10.79 -20.37
CA ASN K 355 -19.54 -11.49 -21.63
C ASN K 355 -18.06 -11.43 -21.94
N VAL K 356 -17.59 -12.40 -22.73
CA VAL K 356 -16.17 -12.49 -23.05
C VAL K 356 -16.03 -12.46 -24.56
N MET K 357 -15.23 -11.53 -25.08
CA MET K 357 -15.01 -11.41 -26.52
C MET K 357 -13.75 -12.16 -26.91
N ILE K 358 -13.86 -13.00 -27.94
CA ILE K 358 -12.80 -13.90 -28.36
C ILE K 358 -12.50 -13.62 -29.84
N GLY K 359 -11.23 -13.36 -30.13
CA GLY K 359 -10.83 -13.10 -31.50
C GLY K 359 -9.97 -14.21 -32.09
N SER K 360 -8.65 -14.08 -31.95
N SER K 360 -8.65 -14.08 -31.95
CA SER K 360 -7.75 -14.89 -32.75
CA SER K 360 -7.71 -14.89 -32.72
C SER K 360 -7.92 -16.38 -32.48
N TRP K 361 -8.23 -16.78 -31.24
CA TRP K 361 -8.44 -18.19 -30.96
C TRP K 361 -9.41 -18.83 -31.95
N PHE K 362 -10.48 -18.12 -32.30
CA PHE K 362 -11.50 -18.69 -33.17
C PHE K 362 -11.11 -18.63 -34.65
N ALA K 363 -10.02 -17.93 -35.01
CA ALA K 363 -9.55 -18.01 -36.38
C ALA K 363 -9.12 -19.42 -36.74
N GLY K 364 -8.60 -20.17 -35.77
CA GLY K 364 -8.17 -21.54 -36.01
C GLY K 364 -9.31 -22.53 -35.95
N THR K 365 -10.34 -22.31 -36.75
CA THR K 365 -11.48 -23.20 -36.84
C THR K 365 -11.88 -23.34 -38.32
N TYR K 366 -12.66 -24.38 -38.62
CA TYR K 366 -13.16 -24.52 -39.99
C TYR K 366 -14.02 -23.33 -40.40
N GLU K 367 -14.78 -22.76 -39.45
CA GLU K 367 -15.81 -21.80 -39.82
C GLU K 367 -15.30 -20.38 -40.01
N SER K 368 -14.04 -20.09 -39.70
CA SER K 368 -13.55 -18.73 -39.85
C SER K 368 -13.33 -18.45 -41.34
N PRO K 369 -13.34 -17.17 -41.75
CA PRO K 369 -13.35 -16.85 -43.19
C PRO K 369 -12.08 -17.23 -43.93
N GLY K 370 -10.94 -17.33 -43.26
CA GLY K 370 -9.68 -17.56 -43.95
C GLY K 370 -9.55 -18.97 -44.48
N ASP K 371 -8.60 -19.15 -45.39
CA ASP K 371 -8.35 -20.46 -45.97
C ASP K 371 -7.60 -21.35 -45.00
N LEU K 372 -7.89 -22.64 -45.06
CA LEU K 372 -7.20 -23.60 -44.22
C LEU K 372 -5.80 -23.87 -44.78
N LEU K 373 -4.79 -23.72 -43.93
CA LEU K 373 -3.40 -23.89 -44.32
C LEU K 373 -2.76 -25.01 -43.51
N PHE K 374 -1.57 -25.43 -43.95
CA PHE K 374 -0.82 -26.50 -43.29
C PHE K 374 0.64 -26.09 -43.19
N ASP K 375 1.23 -26.33 -42.01
CA ASP K 375 2.55 -25.83 -41.70
C ASP K 375 3.62 -26.81 -42.18
N ARG K 376 4.85 -26.67 -41.68
CA ARG K 376 5.96 -27.52 -42.10
C ARG K 376 5.77 -28.97 -41.70
N ASP K 377 4.99 -29.25 -40.66
CA ASP K 377 4.72 -30.61 -40.21
C ASP K 377 3.38 -31.13 -40.72
N ASP K 378 2.79 -30.46 -41.71
CA ASP K 378 1.47 -30.80 -42.25
C ASP K 378 0.37 -30.65 -41.21
N ARG K 379 0.53 -29.70 -40.28
CA ARG K 379 -0.48 -29.46 -39.25
C ARG K 379 -1.41 -28.33 -39.68
N PRO K 380 -2.71 -28.48 -39.43
CA PRO K 380 -3.67 -27.46 -39.90
C PRO K 380 -3.59 -26.20 -39.06
N TYR K 381 -3.71 -25.06 -39.73
CA TYR K 381 -3.78 -23.77 -39.04
C TYR K 381 -4.47 -22.77 -39.96
N LYS K 382 -4.87 -21.65 -39.38
CA LYS K 382 -5.29 -20.49 -40.13
C LYS K 382 -4.60 -19.27 -39.55
N GLU K 383 -4.48 -18.24 -40.37
CA GLU K 383 -3.86 -16.99 -39.95
C GLU K 383 -4.92 -16.07 -39.35
N SER K 384 -4.66 -15.61 -38.14
CA SER K 384 -5.36 -14.45 -37.61
C SER K 384 -4.53 -13.21 -37.90
N TYR K 385 -5.22 -12.08 -38.03
CA TYR K 385 -4.54 -10.82 -38.26
C TYR K 385 -5.41 -9.70 -37.72
N GLY K 386 -4.76 -8.60 -37.33
CA GLY K 386 -5.46 -7.52 -36.67
C GLY K 386 -6.26 -6.66 -37.61
N MET K 387 -7.15 -5.87 -37.01
CA MET K 387 -7.89 -4.86 -37.74
C MET K 387 -7.10 -3.58 -37.96
N ALA K 388 -5.98 -3.39 -37.25
CA ALA K 388 -5.06 -2.26 -37.40
C ALA K 388 -5.78 -0.91 -37.47
N SER K 389 -5.59 -0.18 -38.58
CA SER K 389 -6.11 1.19 -38.66
C SER K 389 -7.63 1.26 -38.66
N LYS K 390 -8.32 0.15 -38.91
CA LYS K 390 -9.77 0.19 -38.77
C LYS K 390 -10.21 0.42 -37.33
N ARG K 391 -9.31 0.27 -36.36
CA ARG K 391 -9.57 0.61 -34.97
C ARG K 391 -8.99 1.97 -34.57
N ALA K 392 -8.39 2.71 -35.50
CA ALA K 392 -7.69 3.93 -35.15
C ALA K 392 -8.46 5.16 -35.60
N VAL K 393 -8.12 6.29 -35.00
CA VAL K 393 -8.67 7.58 -35.38
C VAL K 393 -7.92 8.11 -36.58
N ALA K 394 -8.65 8.66 -37.55
CA ALA K 394 -8.05 9.20 -38.76
C ALA K 394 -8.73 10.52 -39.12
N SER K 401 -4.65 14.16 -51.52
CA SER K 401 -3.74 13.74 -52.58
C SER K 401 -2.94 12.50 -52.18
N SER K 402 -2.30 11.87 -53.16
CA SER K 402 -1.49 10.68 -52.88
C SER K 402 -0.35 10.99 -51.92
N PHE K 403 0.19 12.21 -51.98
CA PHE K 403 1.23 12.62 -51.04
C PHE K 403 0.68 12.66 -49.61
N ASP K 404 -0.45 13.34 -49.43
CA ASP K 404 -1.06 13.43 -48.10
C ASP K 404 -1.48 12.05 -47.58
N ARG K 405 -1.88 11.16 -48.49
CA ARG K 405 -2.23 9.79 -48.08
C ARG K 405 -1.00 9.03 -47.59
N ALA K 406 0.11 9.13 -48.32
CA ALA K 406 1.32 8.43 -47.91
C ALA K 406 1.90 9.03 -46.64
N ARG K 407 1.69 10.34 -46.42
CA ARG K 407 2.12 10.98 -45.18
C ARG K 407 1.44 10.34 -43.98
N LYS K 408 0.11 10.19 -44.05
CA LYS K 408 -0.63 9.58 -42.94
C LYS K 408 -0.30 8.10 -42.81
N GLY K 409 -0.08 7.41 -43.92
CA GLY K 409 0.20 5.99 -43.87
C GLY K 409 1.58 5.63 -43.37
N LEU K 410 2.44 6.61 -43.14
CA LEU K 410 3.81 6.31 -42.72
C LEU K 410 3.88 5.83 -41.28
N PHE K 411 3.09 6.44 -40.39
CA PHE K 411 3.06 6.05 -38.99
C PHE K 411 2.03 4.97 -38.68
N GLU K 412 1.23 4.56 -39.67
CA GLU K 412 0.15 3.61 -39.43
C GLU K 412 0.66 2.30 -38.85
N GLU K 413 -0.11 1.76 -37.91
CA GLU K 413 0.12 0.40 -37.45
C GLU K 413 -0.03 -0.57 -38.62
N GLY K 414 0.96 -1.42 -38.81
CA GLY K 414 0.85 -2.47 -39.79
C GLY K 414 -0.05 -3.61 -39.32
N ILE K 415 -0.42 -4.45 -40.27
CA ILE K 415 -1.24 -5.62 -39.96
C ILE K 415 -0.33 -6.74 -39.47
N SER K 416 -0.57 -7.19 -38.24
CA SER K 416 0.20 -8.29 -37.66
C SER K 416 -0.51 -9.61 -37.93
N THR K 417 0.28 -10.67 -38.09
CA THR K 417 -0.22 -12.00 -38.44
C THR K 417 0.24 -13.01 -37.40
N SER K 418 -0.66 -13.94 -37.04
CA SER K 418 -0.36 -15.03 -36.12
C SER K 418 -0.96 -16.30 -36.68
N ARG K 419 -0.25 -17.42 -36.54
CA ARG K 419 -0.76 -18.71 -36.97
C ARG K 419 -1.55 -19.34 -35.82
N MET K 420 -2.80 -19.68 -36.07
CA MET K 420 -3.67 -20.27 -35.06
C MET K 420 -3.95 -21.71 -35.48
N SER K 421 -3.37 -22.66 -34.76
CA SER K 421 -3.51 -24.06 -35.13
C SER K 421 -4.93 -24.54 -34.91
N LEU K 422 -5.43 -25.33 -35.86
CA LEU K 422 -6.65 -26.08 -35.63
C LEU K 422 -6.35 -27.29 -34.78
N ASP K 423 -7.23 -27.58 -33.84
CA ASP K 423 -7.13 -28.85 -33.12
C ASP K 423 -7.65 -29.96 -34.03
N PRO K 424 -6.86 -31.02 -34.25
CA PRO K 424 -7.36 -32.15 -35.05
C PRO K 424 -8.53 -32.88 -34.38
N ALA K 425 -8.90 -32.47 -33.17
CA ALA K 425 -10.09 -32.96 -32.49
C ALA K 425 -11.11 -31.88 -32.16
N ARG K 426 -10.72 -30.61 -32.13
CA ARG K 426 -11.63 -29.50 -31.89
C ARG K 426 -11.60 -28.50 -33.04
N GLY K 427 -11.58 -29.03 -34.27
CA GLY K 427 -11.40 -28.18 -35.45
C GLY K 427 -12.56 -27.24 -35.71
N GLY K 428 -13.76 -27.59 -35.27
CA GLY K 428 -14.90 -26.71 -35.44
C GLY K 428 -15.03 -25.75 -34.27
N VAL K 429 -15.61 -24.58 -34.54
CA VAL K 429 -15.78 -23.60 -33.47
C VAL K 429 -16.72 -24.14 -32.41
N GLU K 430 -17.65 -25.01 -32.80
CA GLU K 430 -18.55 -25.60 -31.81
C GLU K 430 -17.81 -26.53 -30.86
N ASP K 431 -16.71 -27.13 -31.31
CA ASP K 431 -15.89 -27.91 -30.37
C ASP K 431 -15.20 -26.99 -29.37
N LEU K 432 -14.76 -25.82 -29.82
CA LEU K 432 -14.20 -24.86 -28.88
C LEU K 432 -15.27 -24.36 -27.91
N LEU K 433 -16.51 -24.20 -28.37
CA LEU K 433 -17.57 -23.77 -27.47
C LEU K 433 -17.87 -24.85 -26.43
N ASP K 434 -17.85 -26.13 -26.82
CA ASP K 434 -17.99 -27.20 -25.84
C ASP K 434 -16.87 -27.14 -24.81
N HIS K 435 -15.64 -26.95 -25.28
CA HIS K 435 -14.48 -26.83 -24.40
C HIS K 435 -14.64 -25.66 -23.43
N ILE K 436 -15.01 -24.49 -23.96
CA ILE K 436 -15.15 -23.29 -23.13
C ILE K 436 -16.27 -23.46 -22.11
N THR K 437 -17.45 -23.86 -22.58
CA THR K 437 -18.61 -23.89 -21.67
C THR K 437 -18.53 -25.06 -20.70
N SER K 438 -17.89 -26.17 -21.09
CA SER K 438 -17.60 -27.22 -20.11
C SER K 438 -16.77 -26.66 -18.96
N GLY K 439 -15.69 -25.94 -19.29
CA GLY K 439 -14.84 -25.40 -18.24
C GLY K 439 -15.56 -24.38 -17.37
N VAL K 440 -16.29 -23.45 -17.98
CA VAL K 440 -16.98 -22.41 -17.20
C VAL K 440 -18.04 -23.04 -16.30
N ARG K 441 -18.79 -24.02 -16.81
CA ARG K 441 -19.77 -24.72 -15.98
C ARG K 441 -19.08 -25.41 -14.81
N SER K 442 -17.90 -25.99 -15.04
N SER K 442 -17.90 -25.98 -15.04
CA SER K 442 -17.15 -26.60 -13.95
CA SER K 442 -17.15 -26.60 -13.95
C SER K 442 -16.70 -25.56 -12.94
N THR K 443 -16.23 -24.39 -13.40
CA THR K 443 -15.89 -23.32 -12.47
C THR K 443 -17.06 -23.01 -11.56
N CYS K 444 -18.26 -22.89 -12.13
CA CYS K 444 -19.44 -22.56 -11.34
C CYS K 444 -19.74 -23.64 -10.30
N THR K 445 -19.60 -24.92 -10.67
CA THR K 445 -19.83 -25.98 -9.69
C THR K 445 -18.77 -25.97 -8.60
N TYR K 446 -17.52 -25.60 -8.92
CA TYR K 446 -16.49 -25.53 -7.89
C TYR K 446 -16.77 -24.39 -6.92
N VAL K 447 -17.26 -23.26 -7.44
CA VAL K 447 -17.54 -22.08 -6.62
C VAL K 447 -18.84 -22.22 -5.83
N GLY K 448 -19.77 -23.05 -6.30
CA GLY K 448 -21.09 -23.10 -5.72
C GLY K 448 -22.09 -22.18 -6.38
N ALA K 449 -21.83 -21.74 -7.61
CA ALA K 449 -22.69 -20.80 -8.31
C ALA K 449 -23.58 -21.53 -9.31
N ALA K 450 -24.86 -21.18 -9.34
CA ALA K 450 -25.82 -21.75 -10.27
C ALA K 450 -25.97 -20.93 -11.54
N ASN K 451 -25.36 -19.75 -11.62
CA ASN K 451 -25.45 -18.88 -12.78
C ASN K 451 -24.29 -17.89 -12.73
N LEU K 452 -24.19 -17.05 -13.76
CA LEU K 452 -23.06 -16.14 -13.87
C LEU K 452 -23.06 -15.05 -12.80
N PRO K 453 -24.20 -14.42 -12.49
CA PRO K 453 -24.20 -13.49 -11.35
C PRO K 453 -23.69 -14.11 -10.05
N GLU K 454 -24.12 -15.34 -9.73
CA GLU K 454 -23.64 -16.00 -8.52
C GLU K 454 -22.15 -16.30 -8.61
N LEU K 455 -21.63 -16.59 -9.80
CA LEU K 455 -20.20 -16.82 -9.95
C LEU K 455 -19.41 -15.61 -9.47
N HIS K 456 -19.75 -14.42 -9.97
CA HIS K 456 -19.06 -13.22 -9.56
C HIS K 456 -19.35 -12.88 -8.10
N GLU K 457 -20.57 -13.16 -7.64
CA GLU K 457 -20.92 -12.85 -6.25
C GLU K 457 -20.19 -13.75 -5.26
N LYS K 458 -19.93 -15.00 -5.62
CA LYS K 458 -19.48 -15.99 -4.65
C LYS K 458 -17.98 -16.29 -4.74
N VAL K 459 -17.31 -15.89 -5.82
CA VAL K 459 -15.97 -16.40 -6.06
C VAL K 459 -15.00 -15.84 -5.04
N VAL K 460 -14.06 -16.69 -4.61
CA VAL K 460 -12.90 -16.30 -3.83
C VAL K 460 -11.66 -16.59 -4.67
N LEU K 461 -10.82 -15.58 -4.83
CA LEU K 461 -9.64 -15.67 -5.69
C LEU K 461 -8.36 -15.58 -4.87
N GLY K 462 -7.29 -16.15 -5.41
CA GLY K 462 -5.98 -16.00 -4.83
C GLY K 462 -4.98 -15.64 -5.90
N VAL K 463 -3.81 -15.17 -5.46
CA VAL K 463 -2.70 -14.81 -6.33
C VAL K 463 -1.63 -15.89 -6.16
N GLN K 464 -0.97 -16.22 -7.26
CA GLN K 464 0.14 -17.16 -7.27
C GLN K 464 1.39 -16.51 -7.83
N SER K 465 2.55 -17.04 -7.42
CA SER K 465 3.81 -16.54 -7.93
C SER K 465 4.11 -17.12 -9.31
N ALA K 466 5.18 -16.64 -9.91
CA ALA K 466 5.68 -17.16 -11.17
C ALA K 466 6.25 -18.59 -11.06
N ALA K 467 6.15 -19.28 -9.92
CA ALA K 467 6.60 -20.67 -9.80
C ALA K 467 5.91 -21.57 -10.81
N MET L 1 3.29 -26.77 14.29
CA MET L 1 2.85 -25.59 13.57
C MET L 1 4.02 -24.94 12.84
N VAL L 2 3.80 -24.51 11.59
CA VAL L 2 4.88 -24.01 10.75
C VAL L 2 5.26 -22.59 11.16
N ARG L 3 6.54 -22.28 11.05
CA ARG L 3 7.10 -20.96 11.27
C ARG L 3 7.87 -20.53 10.04
N PHE L 4 7.70 -19.28 9.63
CA PHE L 4 8.45 -18.70 8.53
C PHE L 4 9.45 -17.68 9.05
N LEU L 5 10.55 -17.52 8.31
CA LEU L 5 11.53 -16.49 8.61
C LEU L 5 10.85 -15.13 8.72
N ASP L 6 11.40 -14.29 9.60
CA ASP L 6 10.91 -12.93 9.79
C ASP L 6 10.80 -12.21 8.44
N GLY L 7 9.63 -11.60 8.20
CA GLY L 7 9.38 -10.83 7.00
C GLY L 7 8.87 -11.64 5.81
N HIS L 8 8.89 -12.96 5.88
CA HIS L 8 8.51 -13.80 4.75
C HIS L 8 6.99 -14.03 4.75
N THR L 9 6.27 -12.98 4.37
CA THR L 9 4.81 -12.97 4.36
C THR L 9 4.33 -12.53 2.98
N PRO L 10 4.49 -13.37 1.96
CA PRO L 10 4.16 -12.96 0.60
C PRO L 10 2.66 -12.68 0.41
N ALA L 11 2.37 -11.87 -0.59
CA ALA L 11 1.00 -11.58 -1.01
C ALA L 11 0.49 -12.59 -2.04
N TYR L 12 0.82 -13.87 -1.84
CA TYR L 12 0.40 -14.92 -2.75
C TYR L 12 0.54 -16.25 -2.02
N ASP L 13 -0.12 -17.27 -2.55
CA ASP L 13 -0.01 -18.62 -1.99
C ASP L 13 1.17 -19.36 -2.61
N LEU L 14 1.58 -20.44 -1.95
CA LEU L 14 2.88 -21.05 -2.16
C LEU L 14 2.76 -22.47 -2.73
N THR L 15 3.56 -22.75 -3.76
CA THR L 15 3.79 -24.09 -4.28
C THR L 15 5.02 -24.70 -3.62
N TYR L 16 5.24 -26.00 -3.88
CA TYR L 16 6.46 -26.64 -3.39
C TYR L 16 7.73 -25.97 -3.91
N ASN L 17 7.67 -25.25 -5.04
CA ASN L 17 8.84 -24.54 -5.56
C ASN L 17 9.10 -23.20 -4.86
N ASP L 18 8.13 -22.68 -4.11
CA ASP L 18 8.28 -21.34 -3.54
C ASP L 18 9.05 -21.31 -2.22
N VAL L 19 9.26 -22.45 -1.56
CA VAL L 19 9.72 -22.43 -0.18
C VAL L 19 10.95 -23.31 0.01
N PHE L 20 11.68 -23.03 1.10
CA PHE L 20 12.84 -23.80 1.49
C PHE L 20 12.83 -24.00 2.99
N VAL L 21 13.55 -25.01 3.44
CA VAL L 21 13.66 -25.33 4.87
C VAL L 21 15.02 -24.84 5.38
N VAL L 22 14.99 -24.08 6.47
CA VAL L 22 16.21 -23.53 7.07
C VAL L 22 16.77 -24.55 8.06
N PRO L 23 18.05 -24.92 7.95
CA PRO L 23 18.62 -25.85 8.94
C PRO L 23 18.44 -25.31 10.35
N GLY L 24 18.20 -26.22 11.30
CA GLY L 24 18.14 -25.88 12.70
C GLY L 24 19.19 -26.65 13.49
N ARG L 25 19.34 -26.27 14.76
CA ARG L 25 20.29 -26.98 15.61
C ARG L 25 19.82 -28.40 15.83
N SER L 26 20.71 -29.37 15.60
CA SER L 26 20.31 -30.77 15.60
C SER L 26 21.25 -31.61 16.44
N ASP L 27 20.69 -32.62 17.11
CA ASP L 27 21.49 -33.73 17.64
C ASP L 27 21.00 -35.06 17.10
N VAL L 28 20.30 -35.05 15.96
CA VAL L 28 19.90 -36.28 15.27
C VAL L 28 21.01 -36.57 14.27
N ALA L 29 21.97 -37.41 14.68
CA ALA L 29 23.14 -37.67 13.87
C ALA L 29 22.80 -38.48 12.62
N SER L 30 22.28 -39.68 12.81
CA SER L 30 22.08 -40.62 11.72
C SER L 30 20.67 -40.53 11.15
N ARG L 31 20.58 -40.58 9.82
CA ARG L 31 19.28 -40.69 9.17
C ARG L 31 18.49 -41.89 9.67
N PHE L 32 19.18 -42.93 10.14
CA PHE L 32 18.50 -44.11 10.66
C PHE L 32 17.89 -43.88 12.03
N ASP L 33 18.28 -42.81 12.74
CA ASP L 33 17.66 -42.48 14.02
C ASP L 33 16.27 -41.86 13.87
N VAL L 34 15.88 -41.45 12.67
CA VAL L 34 14.57 -40.85 12.44
C VAL L 34 13.52 -41.95 12.32
N ASP L 35 12.38 -41.75 12.99
CA ASP L 35 11.22 -42.62 12.89
C ASP L 35 10.24 -42.01 11.90
N LEU L 36 10.07 -42.66 10.75
CA LEU L 36 9.18 -42.18 9.69
C LEU L 36 7.76 -42.69 9.81
N SER L 37 7.41 -43.40 10.88
N SER L 37 7.41 -43.40 10.88
CA SER L 37 6.07 -43.94 10.99
CA SER L 37 6.06 -43.93 11.02
C SER L 37 5.05 -42.80 11.11
N THR L 38 3.85 -43.06 10.60
CA THR L 38 2.80 -42.06 10.59
C THR L 38 1.86 -42.26 11.78
N VAL L 39 1.09 -41.22 12.09
CA VAL L 39 0.24 -41.20 13.26
C VAL L 39 -1.25 -41.05 12.92
N ASP L 40 -1.62 -41.21 11.65
CA ASP L 40 -2.96 -40.90 11.21
C ASP L 40 -3.88 -42.12 11.15
N GLY L 41 -3.42 -43.28 11.61
CA GLY L 41 -4.23 -44.49 11.59
C GLY L 41 -4.15 -45.29 10.31
N SER L 42 -3.43 -44.81 9.29
CA SER L 42 -3.30 -45.57 8.06
C SER L 42 -2.48 -46.83 8.25
N GLY L 43 -1.55 -46.81 9.19
CA GLY L 43 -0.65 -47.92 9.40
C GLY L 43 0.63 -47.87 8.60
N THR L 44 0.86 -46.82 7.81
CA THR L 44 2.11 -46.75 7.07
C THR L 44 3.26 -46.48 8.01
N THR L 45 4.40 -47.11 7.73
CA THR L 45 5.64 -46.88 8.48
C THR L 45 6.59 -45.94 7.76
N ILE L 46 6.26 -45.56 6.53
CA ILE L 46 6.88 -44.44 5.83
C ILE L 46 5.71 -43.59 5.32
N PRO L 47 5.89 -42.30 5.15
CA PRO L 47 4.79 -41.42 4.77
C PRO L 47 4.46 -41.39 3.28
N VAL L 48 4.23 -42.57 2.71
CA VAL L 48 3.98 -42.71 1.27
C VAL L 48 2.71 -43.51 1.06
N VAL L 49 1.75 -42.92 0.34
CA VAL L 49 0.54 -43.59 -0.12
C VAL L 49 0.53 -43.51 -1.63
N VAL L 50 0.17 -44.61 -2.29
CA VAL L 50 0.08 -44.62 -3.76
C VAL L 50 -1.35 -44.28 -4.16
N ALA L 51 -1.47 -43.34 -5.09
CA ALA L 51 -2.78 -42.80 -5.49
C ALA L 51 -3.68 -43.88 -6.08
N ASN L 52 -4.99 -43.70 -5.85
CA ASN L 52 -6.02 -44.53 -6.45
C ASN L 52 -6.17 -44.22 -7.94
N MET L 53 -5.19 -44.65 -8.73
CA MET L 53 -5.19 -44.45 -10.17
C MET L 53 -4.92 -45.77 -10.86
N THR L 54 -5.72 -46.09 -11.88
CA THR L 54 -5.52 -47.34 -12.61
C THR L 54 -4.14 -47.43 -13.25
N ALA L 55 -3.50 -46.29 -13.50
CA ALA L 55 -2.18 -46.31 -14.11
C ALA L 55 -1.08 -46.72 -13.15
N VAL L 56 -1.37 -46.78 -11.84
CA VAL L 56 -0.33 -46.99 -10.84
C VAL L 56 -0.68 -48.12 -9.87
N ALA L 57 -1.94 -48.22 -9.48
CA ALA L 57 -2.32 -48.97 -8.28
C ALA L 57 -2.82 -50.37 -8.65
N GLY L 58 -1.88 -51.20 -9.11
CA GLY L 58 -2.16 -52.60 -9.39
C GLY L 58 -1.65 -53.52 -8.28
N ARG L 59 -1.83 -54.84 -8.51
CA ARG L 59 -1.46 -55.83 -7.50
C ARG L 59 0.04 -55.78 -7.21
N ARG L 60 0.87 -55.74 -8.26
CA ARG L 60 2.32 -55.72 -8.04
C ARG L 60 2.73 -54.49 -7.22
N MET L 61 2.13 -53.33 -7.54
CA MET L 61 2.45 -52.12 -6.78
C MET L 61 1.98 -52.23 -5.35
N ALA L 62 0.81 -52.86 -5.12
CA ALA L 62 0.26 -52.93 -3.77
C ALA L 62 1.10 -53.82 -2.88
N GLU L 63 1.59 -54.94 -3.41
CA GLU L 63 2.49 -55.81 -2.65
C GLU L 63 3.81 -55.11 -2.37
N THR L 64 4.44 -54.59 -3.43
CA THR L 64 5.80 -54.07 -3.29
C THR L 64 5.85 -52.89 -2.32
N VAL L 65 4.87 -52.00 -2.38
CA VAL L 65 4.93 -50.79 -1.55
C VAL L 65 4.56 -51.11 -0.10
N ALA L 66 3.55 -51.95 0.11
CA ALA L 66 3.17 -52.29 1.48
C ALA L 66 4.29 -53.01 2.21
N ARG L 67 5.05 -53.85 1.49
CA ARG L 67 6.16 -54.53 2.15
C ARG L 67 7.20 -53.55 2.66
N ARG L 68 7.34 -52.39 2.01
CA ARG L 68 8.31 -51.39 2.42
C ARG L 68 7.69 -50.30 3.30
N GLY L 69 6.42 -50.44 3.67
CA GLY L 69 5.82 -49.59 4.69
C GLY L 69 4.80 -48.61 4.18
N GLY L 70 4.64 -48.45 2.87
CA GLY L 70 3.60 -47.60 2.33
C GLY L 70 2.28 -48.34 2.24
N ILE L 71 1.32 -47.72 1.57
CA ILE L 71 0.04 -48.37 1.30
C ILE L 71 -0.45 -47.90 -0.05
N VAL L 72 -1.15 -48.80 -0.75
CA VAL L 72 -1.69 -48.51 -2.06
C VAL L 72 -3.21 -48.46 -1.96
N VAL L 73 -3.80 -47.44 -2.56
CA VAL L 73 -5.25 -47.28 -2.61
C VAL L 73 -5.72 -47.84 -3.95
N LEU L 74 -6.52 -48.89 -3.92
CA LEU L 74 -7.05 -49.44 -5.15
C LEU L 74 -7.99 -48.44 -5.82
N PRO L 75 -7.98 -48.34 -7.15
CA PRO L 75 -8.81 -47.35 -7.82
C PRO L 75 -10.30 -47.61 -7.63
N GLN L 76 -11.07 -46.53 -7.53
CA GLN L 76 -12.52 -46.66 -7.45
C GLN L 76 -13.07 -47.31 -8.71
N ASP L 77 -14.17 -48.04 -8.54
CA ASP L 77 -14.90 -48.76 -9.58
C ASP L 77 -14.16 -49.99 -10.07
N LEU L 78 -13.10 -50.40 -9.41
CA LEU L 78 -12.56 -51.73 -9.61
C LEU L 78 -13.62 -52.74 -9.20
N PRO L 79 -14.04 -53.65 -10.10
CA PRO L 79 -15.12 -54.57 -9.74
C PRO L 79 -14.82 -55.32 -8.46
N ILE L 80 -15.88 -55.56 -7.66
CA ILE L 80 -15.68 -56.07 -6.31
C ILE L 80 -14.97 -57.41 -6.31
N THR L 81 -15.21 -58.24 -7.33
CA THR L 81 -14.51 -59.52 -7.39
C THR L 81 -13.02 -59.31 -7.66
N ALA L 82 -12.67 -58.30 -8.45
CA ALA L 82 -11.25 -58.00 -8.66
C ALA L 82 -10.63 -57.43 -7.40
N VAL L 83 -11.37 -56.62 -6.65
CA VAL L 83 -10.91 -56.15 -5.35
C VAL L 83 -10.53 -57.33 -4.46
N SER L 84 -11.45 -58.30 -4.34
CA SER L 84 -11.21 -59.45 -3.48
C SER L 84 -9.96 -60.21 -3.91
N GLU L 85 -9.81 -60.45 -5.22
CA GLU L 85 -8.64 -61.15 -5.72
C GLU L 85 -7.35 -60.38 -5.41
N THR L 86 -7.38 -59.05 -5.59
CA THR L 86 -6.20 -58.24 -5.30
C THR L 86 -5.87 -58.28 -3.81
N VAL L 87 -6.88 -58.08 -2.96
CA VAL L 87 -6.66 -58.12 -1.52
C VAL L 87 -6.12 -59.48 -1.10
N ASP L 88 -6.74 -60.55 -1.59
CA ASP L 88 -6.27 -61.90 -1.24
C ASP L 88 -4.85 -62.13 -1.71
N PHE L 89 -4.50 -61.61 -2.90
CA PHE L 89 -3.12 -61.73 -3.36
C PHE L 89 -2.17 -61.01 -2.43
N VAL L 90 -2.46 -59.74 -2.12
CA VAL L 90 -1.54 -58.93 -1.31
C VAL L 90 -1.39 -59.51 0.08
N LYS L 91 -2.49 -59.99 0.67
CA LYS L 91 -2.42 -60.45 2.05
C LYS L 91 -1.94 -61.89 2.20
N SER L 92 -1.60 -62.56 1.09
CA SER L 92 -0.91 -63.83 1.17
C SER L 92 0.57 -63.71 0.85
N ARG L 93 1.05 -62.51 0.53
CA ARG L 93 2.46 -62.30 0.25
C ARG L 93 3.31 -62.43 1.50
N ASP L 94 4.55 -62.84 1.31
CA ASP L 94 5.52 -62.90 2.38
C ASP L 94 6.01 -61.51 2.74
N LEU L 95 6.31 -61.30 4.03
CA LEU L 95 6.73 -59.98 4.50
C LEU L 95 8.16 -59.64 4.14
N VAL L 96 8.97 -60.63 3.74
CA VAL L 96 10.36 -60.39 3.38
C VAL L 96 10.65 -60.82 1.95
N VAL L 97 10.13 -61.96 1.53
CA VAL L 97 10.44 -62.55 0.23
C VAL L 97 9.44 -62.03 -0.80
N ASP L 98 9.94 -61.62 -1.96
CA ASP L 98 9.12 -60.99 -2.98
C ASP L 98 8.60 -62.02 -3.97
N THR L 99 7.53 -61.66 -4.68
CA THR L 99 6.96 -62.51 -5.72
C THR L 99 7.68 -62.26 -7.03
N PRO L 100 8.31 -63.26 -7.64
CA PRO L 100 9.02 -63.06 -8.90
C PRO L 100 8.10 -63.27 -10.10
N VAL L 101 8.61 -62.85 -11.26
CA VAL L 101 8.05 -63.32 -12.53
C VAL L 101 8.36 -64.81 -12.66
N THR L 102 7.37 -65.58 -13.05
CA THR L 102 7.57 -67.01 -13.29
C THR L 102 7.32 -67.33 -14.76
N LEU L 103 8.03 -68.36 -15.23
CA LEU L 103 7.94 -68.80 -16.62
C LEU L 103 7.76 -70.31 -16.67
N SER L 104 7.11 -70.75 -17.72
CA SER L 104 7.04 -72.18 -18.04
C SER L 104 8.19 -72.56 -18.98
N PRO L 105 8.69 -73.79 -18.88
CA PRO L 105 9.72 -74.23 -19.83
C PRO L 105 9.27 -74.16 -21.28
N GLU L 106 7.97 -74.16 -21.53
CA GLU L 106 7.42 -74.11 -22.87
C GLU L 106 7.08 -72.69 -23.34
N ASP L 107 7.28 -71.68 -22.49
CA ASP L 107 7.09 -70.31 -22.93
C ASP L 107 8.15 -69.93 -23.97
N SER L 108 7.79 -68.98 -24.82
CA SER L 108 8.72 -68.48 -25.82
C SER L 108 9.68 -67.47 -25.20
N VAL L 109 10.88 -67.40 -25.78
CA VAL L 109 11.84 -66.38 -25.38
C VAL L 109 11.22 -65.00 -25.47
N SER L 110 10.45 -64.76 -26.54
CA SER L 110 9.80 -63.46 -26.72
C SER L 110 8.90 -63.11 -25.54
N ASP L 111 8.02 -64.04 -25.16
CA ASP L 111 7.13 -63.79 -24.02
C ASP L 111 7.93 -63.61 -22.74
N ALA L 112 8.99 -64.41 -22.57
CA ALA L 112 9.82 -64.29 -21.38
C ALA L 112 10.43 -62.90 -21.27
N ASN L 113 10.95 -62.39 -22.39
CA ASN L 113 11.59 -61.07 -22.36
C ASN L 113 10.59 -59.98 -22.02
N ALA L 114 9.35 -60.11 -22.50
CA ALA L 114 8.33 -59.10 -22.23
C ALA L 114 7.88 -59.13 -20.78
N LEU L 115 7.81 -60.32 -20.19
CA LEU L 115 7.33 -60.46 -18.82
C LEU L 115 8.40 -60.11 -17.78
N LEU L 116 9.67 -60.13 -18.18
CA LEU L 116 10.77 -59.93 -17.23
C LEU L 116 10.67 -58.59 -16.51
N HIS L 117 10.20 -57.56 -17.21
CA HIS L 117 10.20 -56.21 -16.68
C HIS L 117 9.01 -55.92 -15.77
N LYS L 118 8.19 -56.92 -15.46
CA LYS L 118 7.10 -56.72 -14.51
C LYS L 118 7.60 -56.64 -13.06
N ARG L 119 8.83 -57.07 -12.80
CA ARG L 119 9.47 -56.93 -11.50
C ARG L 119 10.87 -56.35 -11.70
N ALA L 120 11.50 -55.96 -10.58
CA ALA L 120 12.80 -55.30 -10.61
C ALA L 120 13.95 -56.25 -10.35
N HIS L 121 13.70 -57.56 -10.29
CA HIS L 121 14.72 -58.52 -9.88
C HIS L 121 15.74 -58.81 -10.97
N GLY L 122 15.42 -58.54 -12.23
CA GLY L 122 16.33 -58.87 -13.31
C GLY L 122 16.41 -60.34 -13.64
N ALA L 123 15.48 -61.15 -13.13
CA ALA L 123 15.45 -62.58 -13.45
C ALA L 123 14.05 -63.10 -13.20
N ALA L 124 13.62 -64.04 -14.05
CA ALA L 124 12.40 -64.79 -13.83
C ALA L 124 12.75 -66.21 -13.42
N VAL L 125 11.87 -66.84 -12.67
CA VAL L 125 12.07 -68.20 -12.20
C VAL L 125 11.29 -69.14 -13.10
N VAL L 126 11.97 -70.12 -13.67
CA VAL L 126 11.30 -71.17 -14.44
C VAL L 126 10.78 -72.22 -13.45
N VAL L 127 9.50 -72.56 -13.58
CA VAL L 127 8.85 -73.47 -12.65
C VAL L 127 8.25 -74.64 -13.43
N PHE L 128 8.30 -75.82 -12.82
CA PHE L 128 7.58 -76.99 -13.31
C PHE L 128 7.00 -77.71 -12.11
N GLU L 129 5.67 -77.86 -12.10
CA GLU L 129 4.95 -78.43 -10.97
C GLU L 129 5.26 -77.68 -9.68
N GLY L 130 5.29 -76.35 -9.78
CA GLY L 130 5.53 -75.50 -8.63
C GLY L 130 6.95 -75.49 -8.10
N ARG L 131 7.88 -76.22 -8.72
CA ARG L 131 9.24 -76.24 -8.22
C ARG L 131 10.15 -75.42 -9.14
N PRO L 132 11.07 -74.64 -8.57
CA PRO L 132 11.98 -73.85 -9.41
C PRO L 132 13.03 -74.74 -10.06
N ILE L 133 13.20 -74.58 -11.38
CA ILE L 133 14.16 -75.40 -12.11
C ILE L 133 15.14 -74.54 -12.91
N GLY L 134 15.12 -73.23 -12.70
CA GLY L 134 16.10 -72.39 -13.37
C GLY L 134 15.71 -70.94 -13.38
N LEU L 135 16.65 -70.11 -13.82
CA LEU L 135 16.45 -68.67 -13.95
C LEU L 135 16.65 -68.23 -15.39
N VAL L 136 15.86 -67.24 -15.81
CA VAL L 136 16.01 -66.58 -17.09
C VAL L 136 16.33 -65.11 -16.84
N THR L 137 17.34 -64.60 -17.53
CA THR L 137 17.71 -63.19 -17.47
C THR L 137 17.61 -62.58 -18.86
N GLU L 138 17.78 -61.25 -18.92
CA GLU L 138 17.75 -60.57 -20.21
C GLU L 138 18.90 -61.02 -21.10
N ALA L 139 20.08 -61.25 -20.50
CA ALA L 139 21.21 -61.74 -21.28
C ALA L 139 20.96 -63.13 -21.85
N ASN L 140 20.16 -63.95 -21.16
CA ASN L 140 19.81 -65.25 -21.70
C ASN L 140 18.96 -65.13 -22.96
N CYS L 141 18.20 -64.05 -23.11
CA CYS L 141 17.28 -63.88 -24.21
C CYS L 141 17.90 -63.20 -25.42
N ALA L 142 19.19 -62.86 -25.37
CA ALA L 142 19.85 -62.15 -26.46
C ALA L 142 20.49 -63.12 -27.43
N GLY L 143 20.45 -62.77 -28.72
CA GLY L 143 21.09 -63.55 -29.75
C GLY L 143 20.45 -64.89 -30.03
N VAL L 144 19.25 -65.15 -29.51
CA VAL L 144 18.56 -66.41 -29.72
C VAL L 144 17.29 -66.13 -30.51
N ASP L 145 16.80 -67.16 -31.20
CA ASP L 145 15.55 -67.04 -31.93
C ASP L 145 14.42 -66.72 -30.95
N ARG L 146 13.69 -65.64 -31.22
CA ARG L 146 12.71 -65.17 -30.26
C ARG L 146 11.57 -66.16 -30.05
N PHE L 147 11.46 -67.20 -30.89
CA PHE L 147 10.45 -68.23 -30.68
C PHE L 147 11.06 -69.53 -30.17
N ALA L 148 12.34 -69.54 -29.82
CA ALA L 148 12.89 -70.64 -29.05
C ALA L 148 12.17 -70.74 -27.71
N ARG L 149 12.28 -71.90 -27.09
CA ARG L 149 11.63 -72.13 -25.81
C ARG L 149 12.54 -71.72 -24.66
N VAL L 150 11.91 -71.34 -23.54
CA VAL L 150 12.65 -70.91 -22.36
C VAL L 150 13.59 -72.02 -21.89
N ARG L 151 13.16 -73.27 -22.03
CA ARG L 151 13.97 -74.42 -21.61
C ARG L 151 15.37 -74.40 -22.22
N ASP L 152 15.50 -73.90 -23.45
CA ASP L 152 16.78 -73.89 -24.15
C ASP L 152 17.72 -72.80 -23.66
N ILE L 153 17.23 -71.80 -22.92
CA ILE L 153 18.07 -70.69 -22.48
C ILE L 153 18.18 -70.59 -20.97
N ALA L 154 17.32 -71.27 -20.21
CA ALA L 154 17.30 -71.13 -18.76
C ALA L 154 18.58 -71.66 -18.13
N LEU L 155 18.95 -71.07 -16.99
CA LEU L 155 20.13 -71.45 -16.24
C LEU L 155 19.71 -72.31 -15.05
N SER L 156 20.19 -73.56 -15.03
CA SER L 156 19.81 -74.50 -13.98
C SER L 156 20.54 -74.25 -12.66
N ASP L 157 21.56 -73.41 -12.64
CA ASP L 157 22.33 -73.14 -11.43
C ASP L 157 21.91 -71.79 -10.85
N PHE L 158 21.55 -71.80 -9.56
CA PHE L 158 21.12 -70.59 -8.87
C PHE L 158 21.25 -70.82 -7.37
N VAL L 159 21.38 -69.70 -6.63
CA VAL L 159 21.39 -69.77 -5.17
C VAL L 159 19.97 -70.03 -4.68
N THR L 160 19.85 -70.88 -3.66
CA THR L 160 18.55 -71.21 -3.10
C THR L 160 18.68 -71.34 -1.59
N ALA L 161 17.59 -71.06 -0.87
CA ALA L 161 17.62 -71.06 0.58
C ALA L 161 16.20 -71.24 1.09
N PRO L 162 16.03 -71.85 2.27
CA PRO L 162 14.69 -71.98 2.85
C PRO L 162 14.13 -70.62 3.19
N VAL L 163 12.84 -70.42 2.90
CA VAL L 163 12.15 -69.24 3.40
C VAL L 163 12.28 -69.22 4.92
N GLY L 164 12.51 -68.03 5.47
CA GLY L 164 12.82 -67.91 6.88
C GLY L 164 14.29 -67.80 7.21
N THR L 165 15.16 -68.12 6.26
CA THR L 165 16.60 -67.88 6.45
C THR L 165 16.83 -66.40 6.74
N ASP L 166 17.77 -66.12 7.64
CA ASP L 166 18.12 -64.77 8.00
C ASP L 166 18.48 -63.96 6.75
N PRO L 167 17.82 -62.81 6.51
CA PRO L 167 18.21 -61.98 5.35
C PRO L 167 19.69 -61.66 5.30
N ARG L 168 20.35 -61.53 6.45
CA ARG L 168 21.79 -61.32 6.44
C ARG L 168 22.52 -62.52 5.85
N GLU L 169 22.04 -63.73 6.16
CA GLU L 169 22.66 -64.92 5.59
C GLU L 169 22.40 -65.02 4.09
N VAL L 170 21.16 -64.77 3.67
CA VAL L 170 20.87 -64.76 2.23
C VAL L 170 21.71 -63.71 1.52
N PHE L 171 21.90 -62.55 2.15
CA PHE L 171 22.76 -61.52 1.57
C PHE L 171 24.16 -62.06 1.30
N ASP L 172 24.73 -62.78 2.28
CA ASP L 172 26.08 -63.30 2.11
C ASP L 172 26.12 -64.46 1.12
N LEU L 173 25.06 -65.27 1.07
CA LEU L 173 25.00 -66.36 0.10
C LEU L 173 25.05 -65.86 -1.33
N LEU L 174 24.68 -64.60 -1.58
CA LEU L 174 24.65 -64.05 -2.92
C LEU L 174 25.91 -63.26 -3.27
N GLU L 175 26.87 -63.13 -2.34
CA GLU L 175 27.97 -62.20 -2.56
C GLU L 175 28.77 -62.56 -3.81
N HIS L 176 29.02 -63.85 -4.04
CA HIS L 176 29.81 -64.28 -5.18
C HIS L 176 28.97 -65.02 -6.21
N ALA L 177 27.66 -64.79 -6.21
CA ALA L 177 26.76 -65.43 -7.17
C ALA L 177 26.72 -64.60 -8.45
N PRO L 178 26.83 -65.22 -9.62
CA PRO L 178 26.72 -64.44 -10.86
C PRO L 178 25.40 -63.70 -11.01
N ILE L 179 24.32 -64.26 -10.46
CA ILE L 179 22.98 -63.67 -10.54
C ILE L 179 22.54 -63.28 -9.14
N ASP L 180 22.20 -62.00 -8.96
CA ASP L 180 21.83 -61.47 -7.65
C ASP L 180 20.35 -61.73 -7.35
N VAL L 181 20.02 -63.02 -7.25
CA VAL L 181 18.67 -63.48 -6.93
C VAL L 181 18.77 -64.80 -6.19
N ALA L 182 18.24 -64.85 -4.97
CA ALA L 182 18.15 -66.10 -4.22
C ALA L 182 16.74 -66.65 -4.35
N VAL L 183 16.62 -67.88 -4.87
CA VAL L 183 15.32 -68.54 -4.96
C VAL L 183 14.96 -69.09 -3.59
N MET L 184 13.86 -68.60 -3.03
CA MET L 184 13.43 -68.98 -1.68
C MET L 184 12.38 -70.07 -1.77
N THR L 185 12.53 -71.10 -0.93
CA THR L 185 11.71 -72.30 -1.03
C THR L 185 10.93 -72.55 0.26
N ALA L 186 9.72 -73.09 0.10
CA ALA L 186 8.94 -73.61 1.20
C ALA L 186 9.54 -74.94 1.67
N PRO L 187 9.13 -75.45 2.83
CA PRO L 187 9.70 -76.73 3.31
C PRO L 187 9.54 -77.89 2.33
N ASP L 188 8.47 -77.95 1.55
CA ASP L 188 8.31 -79.03 0.59
C ASP L 188 9.14 -78.85 -0.67
N GLY L 189 9.86 -77.72 -0.79
CA GLY L 189 10.74 -77.49 -1.91
C GLY L 189 10.16 -76.62 -3.02
N THR L 190 8.87 -76.31 -2.96
CA THR L 190 8.26 -75.48 -4.00
C THR L 190 8.67 -74.02 -3.82
N LEU L 191 8.38 -73.23 -4.85
CA LEU L 191 8.79 -71.82 -4.89
C LEU L 191 7.98 -71.00 -3.88
N ALA L 192 8.68 -70.33 -2.97
CA ALA L 192 8.05 -69.34 -2.10
C ALA L 192 8.24 -67.91 -2.59
N GLY L 193 9.35 -67.64 -3.27
CA GLY L 193 9.60 -66.31 -3.81
C GLY L 193 11.10 -66.12 -4.03
N VAL L 194 11.49 -64.85 -4.14
CA VAL L 194 12.88 -64.48 -4.39
C VAL L 194 13.32 -63.40 -3.41
N LEU L 195 14.64 -63.29 -3.25
CA LEU L 195 15.21 -62.25 -2.41
C LEU L 195 16.57 -61.88 -2.98
N THR L 196 16.76 -60.60 -3.29
CA THR L 196 18.04 -60.09 -3.77
C THR L 196 18.85 -59.54 -2.60
N ARG L 197 20.12 -59.23 -2.87
CA ARG L 197 20.94 -58.58 -1.85
C ARG L 197 20.34 -57.26 -1.41
N THR L 198 19.81 -56.49 -2.36
CA THR L 198 19.16 -55.22 -2.01
C THR L 198 17.86 -55.47 -1.26
N GLY L 199 17.06 -56.45 -1.71
CA GLY L 199 15.86 -56.81 -0.96
C GLY L 199 16.18 -57.25 0.46
N ALA L 200 17.32 -57.94 0.65
CA ALA L 200 17.73 -58.33 1.99
C ALA L 200 18.09 -57.11 2.83
N ILE L 201 18.75 -56.13 2.23
CA ILE L 201 19.09 -54.89 2.94
C ILE L 201 17.81 -54.16 3.35
N ARG L 202 16.85 -54.04 2.43
CA ARG L 202 15.65 -53.27 2.69
C ARG L 202 14.81 -53.89 3.80
N ALA L 203 14.88 -55.21 3.99
CA ALA L 203 14.14 -55.83 5.09
C ALA L 203 14.62 -55.32 6.44
N GLY L 204 15.88 -54.90 6.54
CA GLY L 204 16.40 -54.32 7.76
C GLY L 204 16.30 -52.81 7.84
N ILE L 205 15.67 -52.18 6.86
CA ILE L 205 15.48 -50.74 6.83
C ILE L 205 14.00 -50.37 6.91
N TYR L 206 13.16 -51.07 6.15
CA TYR L 206 11.74 -50.77 6.04
C TYR L 206 10.94 -51.76 6.87
N THR L 207 10.03 -51.24 7.70
CA THR L 207 9.11 -52.08 8.44
C THR L 207 7.86 -52.30 7.61
N PRO L 208 7.47 -53.54 7.30
CA PRO L 208 6.25 -53.79 6.53
C PRO L 208 5.02 -53.19 7.22
N ALA L 209 4.13 -52.64 6.39
CA ALA L 209 2.84 -52.15 6.85
C ALA L 209 1.85 -53.31 6.86
N VAL L 210 1.39 -53.69 8.06
CA VAL L 210 0.64 -54.92 8.24
C VAL L 210 -0.63 -54.67 9.05
N ASP L 211 -1.65 -55.48 8.79
CA ASP L 211 -2.88 -55.45 9.57
C ASP L 211 -2.69 -56.21 10.88
N ALA L 212 -3.78 -56.34 11.65
CA ALA L 212 -3.69 -56.98 12.96
C ALA L 212 -3.23 -58.43 12.85
N LYS L 213 -3.45 -59.07 11.70
CA LYS L 213 -3.05 -60.46 11.49
C LYS L 213 -1.68 -60.61 10.84
N GLY L 214 -0.87 -59.54 10.82
CA GLY L 214 0.45 -59.63 10.24
C GLY L 214 0.48 -59.74 8.72
N ARG L 215 -0.57 -59.33 8.03
CA ARG L 215 -0.64 -59.37 6.57
C ARG L 215 -0.50 -57.96 6.01
N LEU L 216 0.07 -57.86 4.81
CA LEU L 216 0.31 -56.56 4.19
C LEU L 216 -0.98 -55.75 4.06
N ARG L 217 -0.88 -54.45 4.34
CA ARG L 217 -2.03 -53.56 4.29
C ARG L 217 -2.36 -53.16 2.86
N ILE L 218 -3.62 -52.78 2.66
CA ILE L 218 -4.12 -52.33 1.36
C ILE L 218 -5.34 -51.45 1.62
N ALA L 219 -5.54 -50.47 0.76
CA ALA L 219 -6.70 -49.60 0.87
C ALA L 219 -7.49 -49.66 -0.43
N ALA L 220 -8.66 -49.04 -0.43
CA ALA L 220 -9.50 -49.00 -1.62
C ALA L 220 -10.30 -47.71 -1.63
N ALA L 221 -10.52 -47.19 -2.83
CA ALA L 221 -11.21 -45.93 -3.02
C ALA L 221 -12.63 -46.16 -3.53
N VAL L 222 -13.50 -45.22 -3.24
CA VAL L 222 -14.88 -45.25 -3.70
C VAL L 222 -15.27 -43.83 -4.11
N GLY L 223 -15.99 -43.72 -5.23
CA GLY L 223 -16.54 -42.44 -5.65
C GLY L 223 -17.91 -42.19 -5.02
N ILE L 224 -18.45 -40.99 -5.26
CA ILE L 224 -19.65 -40.58 -4.54
C ILE L 224 -20.91 -40.71 -5.39
N ASN L 225 -20.82 -41.34 -6.56
CA ASN L 225 -22.01 -41.71 -7.30
C ASN L 225 -22.55 -43.05 -6.80
N GLY L 226 -23.84 -43.27 -7.03
CA GLY L 226 -24.43 -44.56 -6.69
C GLY L 226 -24.65 -44.73 -5.19
N ASP L 227 -24.61 -45.98 -4.75
CA ASP L 227 -24.88 -46.35 -3.36
C ASP L 227 -23.53 -46.44 -2.66
N VAL L 228 -23.07 -45.31 -2.11
CA VAL L 228 -21.72 -45.25 -1.58
C VAL L 228 -21.58 -46.12 -0.34
N GLY L 229 -22.59 -46.10 0.54
CA GLY L 229 -22.54 -46.94 1.72
C GLY L 229 -22.38 -48.41 1.36
N ALA L 230 -23.18 -48.89 0.40
CA ALA L 230 -23.10 -50.29 -0.01
C ALA L 230 -21.74 -50.61 -0.62
N LYS L 231 -21.24 -49.75 -1.51
CA LYS L 231 -19.92 -49.97 -2.08
C LYS L 231 -18.84 -49.98 -1.00
N ALA L 232 -18.94 -49.07 -0.03
CA ALA L 232 -17.98 -49.04 1.07
C ALA L 232 -18.07 -50.30 1.91
N GLN L 233 -19.29 -50.79 2.16
CA GLN L 233 -19.46 -52.02 2.94
C GLN L 233 -18.82 -53.19 2.22
N ALA L 234 -19.04 -53.30 0.91
CA ALA L 234 -18.42 -54.39 0.15
C ALA L 234 -16.91 -54.30 0.21
N LEU L 235 -16.35 -53.09 0.13
CA LEU L 235 -14.89 -52.94 0.19
C LEU L 235 -14.34 -53.36 1.55
N ALA L 236 -15.02 -52.99 2.64
CA ALA L 236 -14.60 -53.46 3.96
C ALA L 236 -14.68 -54.98 4.06
N GLU L 237 -15.81 -55.54 3.62
CA GLU L 237 -15.96 -57.00 3.70
C GLU L 237 -14.94 -57.72 2.83
N ALA L 238 -14.46 -57.09 1.76
CA ALA L 238 -13.43 -57.69 0.94
C ALA L 238 -12.05 -57.65 1.57
N GLY L 239 -11.87 -56.92 2.68
CA GLY L 239 -10.63 -56.90 3.40
C GLY L 239 -9.84 -55.60 3.38
N ALA L 240 -10.39 -54.53 2.81
CA ALA L 240 -9.67 -53.26 2.78
C ALA L 240 -9.38 -52.77 4.19
N ASP L 241 -8.14 -52.28 4.39
CA ASP L 241 -7.72 -51.76 5.69
C ASP L 241 -8.05 -50.28 5.87
N LEU L 242 -8.46 -49.59 4.81
CA LEU L 242 -8.71 -48.15 4.85
C LEU L 242 -9.54 -47.79 3.64
N LEU L 243 -10.49 -46.86 3.81
CA LEU L 243 -11.37 -46.44 2.73
C LEU L 243 -11.10 -44.99 2.35
N VAL L 244 -11.11 -44.72 1.06
CA VAL L 244 -10.90 -43.37 0.51
C VAL L 244 -12.16 -43.00 -0.26
N ILE L 245 -12.90 -42.01 0.23
CA ILE L 245 -14.03 -41.45 -0.50
C ILE L 245 -13.49 -40.29 -1.34
N ASP L 246 -13.50 -40.46 -2.66
CA ASP L 246 -12.70 -39.63 -3.55
C ASP L 246 -13.58 -38.93 -4.58
N THR L 247 -13.38 -37.62 -4.73
CA THR L 247 -14.05 -36.87 -5.77
C THR L 247 -13.24 -35.60 -6.06
N ALA L 248 -13.44 -35.06 -7.27
CA ALA L 248 -12.66 -33.91 -7.70
C ALA L 248 -12.90 -32.70 -6.79
N HIS L 249 -14.17 -32.38 -6.54
CA HIS L 249 -14.57 -31.25 -5.70
C HIS L 249 -15.18 -31.80 -4.42
N GLY L 250 -14.33 -32.05 -3.41
CA GLY L 250 -14.81 -32.65 -2.18
C GLY L 250 -15.78 -31.77 -1.40
N HIS L 251 -15.71 -30.46 -1.59
CA HIS L 251 -16.47 -29.55 -0.73
C HIS L 251 -17.87 -29.31 -1.30
N GLN L 252 -18.65 -30.39 -1.31
CA GLN L 252 -19.99 -30.30 -1.88
C GLN L 252 -20.91 -31.25 -1.13
N ALA L 253 -22.22 -30.95 -1.25
CA ALA L 253 -23.23 -31.63 -0.46
C ALA L 253 -23.20 -33.14 -0.68
N LYS L 254 -22.99 -33.57 -1.94
CA LYS L 254 -23.00 -35.00 -2.23
C LYS L 254 -21.87 -35.73 -1.53
N MET L 255 -20.73 -35.06 -1.33
CA MET L 255 -19.63 -35.69 -0.60
C MET L 255 -19.95 -35.80 0.89
N LEU L 256 -20.45 -34.71 1.47
CA LEU L 256 -20.89 -34.74 2.86
C LEU L 256 -21.89 -35.87 3.08
N ASP L 257 -22.91 -35.96 2.23
CA ASP L 257 -23.88 -37.06 2.32
C ASP L 257 -23.19 -38.41 2.20
N ALA L 258 -22.22 -38.52 1.31
CA ALA L 258 -21.53 -39.80 1.12
C ALA L 258 -20.73 -40.18 2.36
N ILE L 259 -20.00 -39.23 2.94
CA ILE L 259 -19.23 -39.51 4.15
C ILE L 259 -20.15 -39.96 5.27
N LYS L 260 -21.25 -39.23 5.48
CA LYS L 260 -22.18 -39.56 6.56
C LYS L 260 -22.77 -40.96 6.36
N ALA L 261 -23.06 -41.32 5.11
CA ALA L 261 -23.58 -42.67 4.83
C ALA L 261 -22.57 -43.74 5.22
N VAL L 262 -21.31 -43.55 4.84
CA VAL L 262 -20.28 -44.55 5.16
C VAL L 262 -20.03 -44.58 6.66
N ALA L 263 -19.91 -43.42 7.29
CA ALA L 263 -19.61 -43.38 8.71
C ALA L 263 -20.70 -44.07 9.54
N SER L 264 -21.96 -43.91 9.13
CA SER L 264 -23.06 -44.50 9.90
C SER L 264 -23.08 -46.02 9.83
N LEU L 265 -22.30 -46.63 8.94
CA LEU L 265 -22.21 -48.08 8.89
C LEU L 265 -21.25 -48.65 9.92
N ASP L 266 -20.48 -47.81 10.60
CA ASP L 266 -19.56 -48.23 11.65
C ASP L 266 -18.65 -49.38 11.17
N LEU L 267 -17.99 -49.16 10.03
CA LEU L 267 -17.20 -50.22 9.43
C LEU L 267 -15.90 -50.49 10.16
N GLY L 268 -15.49 -49.61 11.08
CA GLY L 268 -14.29 -49.82 11.85
C GLY L 268 -12.99 -49.51 11.14
N LEU L 269 -13.02 -48.81 10.02
CA LEU L 269 -11.80 -48.51 9.29
C LEU L 269 -11.55 -47.00 9.23
N PRO L 270 -10.29 -46.58 9.20
CA PRO L 270 -10.01 -45.17 8.91
C PRO L 270 -10.68 -44.73 7.61
N LEU L 271 -11.31 -43.56 7.66
CA LEU L 271 -12.04 -43.00 6.55
C LEU L 271 -11.31 -41.76 6.03
N VAL L 272 -10.84 -41.82 4.78
CA VAL L 272 -10.26 -40.68 4.08
C VAL L 272 -11.31 -40.08 3.16
N ALA L 273 -11.35 -38.74 3.10
CA ALA L 273 -12.25 -38.05 2.18
C ALA L 273 -11.53 -36.85 1.57
N GLY L 274 -11.76 -36.66 0.26
CA GLY L 274 -11.21 -35.50 -0.44
C GLY L 274 -11.81 -35.43 -1.84
N ASN L 275 -11.43 -34.39 -2.57
CA ASN L 275 -10.38 -33.44 -2.18
C ASN L 275 -10.87 -32.03 -1.93
N VAL L 276 -10.20 -31.35 -1.00
CA VAL L 276 -10.44 -29.94 -0.70
C VAL L 276 -9.10 -29.24 -0.57
N VAL L 277 -9.14 -27.90 -0.54
CA VAL L 277 -7.93 -27.11 -0.35
C VAL L 277 -8.14 -25.97 0.65
N SER L 278 -9.26 -25.98 1.38
CA SER L 278 -9.55 -24.90 2.32
C SER L 278 -9.80 -25.44 3.73
N ALA L 279 -9.64 -24.54 4.71
CA ALA L 279 -9.94 -24.88 6.10
C ALA L 279 -11.41 -25.25 6.27
N GLU L 280 -12.32 -24.49 5.64
CA GLU L 280 -13.74 -24.79 5.73
C GLU L 280 -14.06 -26.17 5.14
N GLY L 281 -13.46 -26.50 3.99
CA GLY L 281 -13.69 -27.82 3.43
C GLY L 281 -13.16 -28.91 4.34
N THR L 282 -12.00 -28.67 4.95
CA THR L 282 -11.43 -29.62 5.90
C THR L 282 -12.35 -29.83 7.09
N ARG L 283 -12.84 -28.73 7.69
CA ARG L 283 -13.77 -28.86 8.81
C ARG L 283 -15.01 -29.64 8.42
N ASP L 284 -15.61 -29.29 7.28
CA ASP L 284 -16.86 -29.91 6.88
C ASP L 284 -16.69 -31.41 6.64
N LEU L 285 -15.58 -31.82 6.03
CA LEU L 285 -15.37 -33.24 5.77
C LEU L 285 -15.20 -34.02 7.08
N ILE L 286 -14.46 -33.46 8.04
CA ILE L 286 -14.27 -34.16 9.30
C ILE L 286 -15.57 -34.23 10.08
N GLU L 287 -16.33 -33.13 10.12
CA GLU L 287 -17.58 -33.13 10.85
C GLU L 287 -18.60 -34.08 10.23
N ALA L 288 -18.47 -34.36 8.94
CA ALA L 288 -19.34 -35.34 8.30
C ALA L 288 -18.96 -36.77 8.66
N GLY L 289 -17.74 -36.99 9.17
CA GLY L 289 -17.33 -38.32 9.59
C GLY L 289 -15.96 -38.80 9.14
N ALA L 290 -15.22 -37.99 8.37
CA ALA L 290 -13.90 -38.41 7.94
C ALA L 290 -12.88 -38.18 9.05
N SER L 291 -11.91 -39.10 9.14
CA SER L 291 -10.79 -38.93 10.07
C SER L 291 -9.57 -38.32 9.40
N ILE L 292 -9.48 -38.45 8.08
CA ILE L 292 -8.37 -37.96 7.28
C ILE L 292 -8.96 -37.21 6.10
N VAL L 293 -8.42 -36.04 5.80
CA VAL L 293 -8.90 -35.21 4.70
C VAL L 293 -7.82 -35.19 3.63
N LYS L 294 -8.19 -35.52 2.40
CA LYS L 294 -7.26 -35.53 1.29
C LYS L 294 -7.26 -34.17 0.61
N VAL L 295 -6.06 -33.58 0.48
CA VAL L 295 -5.90 -32.17 0.08
C VAL L 295 -5.25 -32.09 -1.30
N GLY L 296 -5.86 -31.32 -2.19
CA GLY L 296 -5.29 -31.14 -3.51
C GLY L 296 -6.35 -30.92 -4.58
N VAL L 297 -6.40 -29.71 -5.13
CA VAL L 297 -7.29 -29.39 -6.25
C VAL L 297 -6.48 -28.53 -7.20
N GLY L 298 -6.29 -29.01 -8.43
CA GLY L 298 -5.52 -28.31 -9.43
C GLY L 298 -4.32 -27.55 -8.89
N PRO L 299 -3.37 -28.24 -8.26
CA PRO L 299 -2.21 -27.54 -7.69
C PRO L 299 -1.23 -27.04 -8.72
N GLY L 300 -1.29 -27.54 -9.96
CA GLY L 300 -0.39 -27.11 -11.01
C GLY L 300 -1.03 -26.05 -11.88
N ALA L 301 -0.33 -24.90 -11.98
CA ALA L 301 -0.90 -23.74 -12.67
C ALA L 301 -1.24 -24.04 -14.12
N MET L 302 -0.52 -24.96 -14.77
CA MET L 302 -0.78 -25.22 -16.19
C MET L 302 -1.22 -26.64 -16.46
N CYS L 303 -1.77 -27.34 -15.48
CA CYS L 303 -2.35 -28.65 -15.72
C CYS L 303 -3.84 -28.50 -16.05
N THR L 304 -4.50 -29.64 -16.30
CA THR L 304 -5.80 -29.64 -16.98
C THR L 304 -6.86 -28.88 -16.18
N THR L 305 -7.02 -29.19 -14.90
CA THR L 305 -8.06 -28.55 -14.11
C THR L 305 -7.91 -27.03 -14.13
N ARG L 306 -6.70 -26.54 -13.88
CA ARG L 306 -6.49 -25.10 -13.82
C ARG L 306 -6.72 -24.45 -15.18
N MET L 307 -6.30 -25.11 -16.27
CA MET L 307 -6.44 -24.48 -17.58
C MET L 307 -7.87 -24.55 -18.12
N MET L 308 -8.69 -25.48 -17.60
CA MET L 308 -10.09 -25.56 -17.97
C MET L 308 -10.98 -24.62 -17.17
N THR L 309 -10.65 -24.39 -15.89
CA THR L 309 -11.57 -23.75 -14.96
C THR L 309 -11.00 -22.57 -14.20
N GLY L 310 -9.67 -22.40 -14.16
CA GLY L 310 -9.07 -21.45 -13.26
C GLY L 310 -9.06 -21.87 -11.81
N VAL L 311 -9.62 -23.03 -11.48
CA VAL L 311 -9.82 -23.44 -10.10
C VAL L 311 -8.61 -24.26 -9.63
N GLY L 312 -8.14 -23.96 -8.44
CA GLY L 312 -7.07 -24.74 -7.83
C GLY L 312 -6.51 -23.99 -6.63
N ARG L 313 -5.43 -24.55 -6.07
CA ARG L 313 -4.73 -23.78 -5.07
C ARG L 313 -3.29 -24.25 -5.00
N PRO L 314 -2.31 -23.36 -4.88
CA PRO L 314 -0.93 -23.78 -4.69
C PRO L 314 -0.81 -24.71 -3.49
N GLN L 315 -0.13 -25.84 -3.70
CA GLN L 315 -0.32 -27.00 -2.83
C GLN L 315 0.31 -26.81 -1.44
N PHE L 316 1.42 -26.08 -1.33
CA PHE L 316 2.01 -25.92 0.00
C PHE L 316 1.09 -25.12 0.92
N SER L 317 0.55 -24.00 0.42
CA SER L 317 -0.41 -23.22 1.22
C SER L 317 -1.65 -24.03 1.53
N ALA L 318 -2.14 -24.80 0.55
CA ALA L 318 -3.33 -25.63 0.77
C ALA L 318 -3.09 -26.63 1.90
N VAL L 319 -1.93 -27.28 1.91
CA VAL L 319 -1.67 -28.27 2.96
C VAL L 319 -1.51 -27.60 4.31
N VAL L 320 -0.77 -26.49 4.37
CA VAL L 320 -0.59 -25.78 5.64
C VAL L 320 -1.94 -25.43 6.27
N GLU L 321 -2.82 -24.78 5.49
CA GLU L 321 -4.10 -24.33 6.03
C GLU L 321 -4.98 -25.52 6.39
N CYS L 322 -5.02 -26.55 5.54
CA CYS L 322 -5.91 -27.66 5.83
C CYS L 322 -5.38 -28.50 6.99
N ALA L 323 -4.06 -28.68 7.08
CA ALA L 323 -3.49 -29.46 8.17
C ALA L 323 -3.78 -28.80 9.51
N ALA L 324 -3.66 -27.48 9.56
CA ALA L 324 -3.88 -26.76 10.81
C ALA L 324 -5.36 -26.82 11.21
N ALA L 325 -6.26 -26.76 10.23
CA ALA L 325 -7.68 -26.87 10.56
C ALA L 325 -8.03 -28.28 11.02
N ALA L 326 -7.43 -29.31 10.40
CA ALA L 326 -7.71 -30.69 10.79
C ALA L 326 -7.17 -30.99 12.18
N ARG L 327 -5.99 -30.44 12.51
CA ARG L 327 -5.39 -30.65 13.83
C ARG L 327 -6.33 -30.22 14.94
N GLN L 328 -7.06 -29.12 14.73
CA GLN L 328 -7.97 -28.63 15.76
C GLN L 328 -9.12 -29.59 16.04
N LEU L 329 -9.47 -30.44 15.09
CA LEU L 329 -10.53 -31.42 15.28
C LEU L 329 -9.99 -32.83 15.54
N GLY L 330 -8.69 -32.96 15.77
CA GLY L 330 -8.09 -34.26 15.96
C GLY L 330 -7.95 -35.08 14.70
N GLY L 331 -8.00 -34.44 13.53
CA GLY L 331 -7.89 -35.13 12.26
C GLY L 331 -6.53 -34.95 11.61
N HIS L 332 -6.40 -35.51 10.41
CA HIS L 332 -5.14 -35.46 9.68
C HIS L 332 -5.43 -35.15 8.23
N VAL L 333 -4.38 -34.76 7.49
CA VAL L 333 -4.50 -34.45 6.07
C VAL L 333 -3.47 -35.24 5.30
N TRP L 334 -3.86 -35.67 4.10
CA TRP L 334 -2.96 -36.27 3.12
C TRP L 334 -2.73 -35.26 2.01
N ALA L 335 -1.45 -35.03 1.67
CA ALA L 335 -1.08 -34.11 0.61
C ALA L 335 -1.11 -34.87 -0.71
N ASP L 336 -2.07 -34.55 -1.58
CA ASP L 336 -2.36 -35.34 -2.77
C ASP L 336 -2.13 -34.50 -4.02
N GLY L 337 -1.07 -34.80 -4.76
CA GLY L 337 -0.90 -34.22 -6.07
C GLY L 337 0.39 -33.46 -6.25
N GLY L 338 0.97 -33.52 -7.45
CA GLY L 338 2.12 -32.71 -7.76
C GLY L 338 3.46 -33.18 -7.23
N VAL L 339 3.53 -34.35 -6.59
CA VAL L 339 4.78 -34.83 -6.04
C VAL L 339 5.65 -35.38 -7.17
N ARG L 340 6.85 -34.81 -7.32
CA ARG L 340 7.80 -35.25 -8.33
C ARG L 340 9.21 -35.49 -7.79
N HIS L 341 9.53 -35.03 -6.60
CA HIS L 341 10.86 -35.11 -6.02
C HIS L 341 10.74 -35.37 -4.53
N PRO L 342 11.78 -35.93 -3.91
CA PRO L 342 11.74 -36.11 -2.45
C PRO L 342 11.51 -34.82 -1.70
N ARG L 343 12.04 -33.69 -2.20
CA ARG L 343 11.73 -32.38 -1.63
C ARG L 343 10.23 -32.18 -1.45
N ASP L 344 9.43 -32.61 -2.44
CA ASP L 344 7.99 -32.41 -2.37
C ASP L 344 7.38 -33.18 -1.21
N VAL L 345 7.90 -34.38 -0.94
CA VAL L 345 7.41 -35.17 0.18
C VAL L 345 7.82 -34.53 1.49
N ALA L 346 9.07 -34.08 1.59
CA ALA L 346 9.53 -33.44 2.82
C ALA L 346 8.76 -32.16 3.11
N LEU L 347 8.50 -31.35 2.07
CA LEU L 347 7.78 -30.09 2.30
C LEU L 347 6.33 -30.32 2.71
N ALA L 348 5.67 -31.30 2.10
CA ALA L 348 4.29 -31.60 2.48
C ALA L 348 4.20 -32.03 3.94
N LEU L 349 5.18 -32.81 4.40
CA LEU L 349 5.20 -33.22 5.79
C LEU L 349 5.56 -32.05 6.71
N ALA L 350 6.51 -31.22 6.28
CA ALA L 350 6.80 -30.00 7.03
C ALA L 350 5.56 -29.14 7.17
N ALA L 351 4.72 -29.11 6.13
CA ALA L 351 3.51 -28.31 6.13
C ALA L 351 2.45 -28.86 7.07
N GLY L 352 2.58 -30.09 7.53
CA GLY L 352 1.65 -30.68 8.48
C GLY L 352 0.90 -31.90 7.98
N ALA L 353 1.13 -32.35 6.75
CA ALA L 353 0.47 -33.56 6.29
C ALA L 353 0.99 -34.75 7.09
N SER L 354 0.10 -35.72 7.32
CA SER L 354 0.47 -36.95 7.99
C SER L 354 1.01 -37.98 7.00
N ASN L 355 0.66 -37.87 5.73
CA ASN L 355 1.01 -38.81 4.69
C ASN L 355 0.97 -38.07 3.36
N VAL L 356 1.66 -38.63 2.36
CA VAL L 356 1.78 -37.97 1.07
C VAL L 356 1.33 -38.95 -0.01
N MET L 357 0.37 -38.54 -0.83
CA MET L 357 -0.14 -39.39 -1.90
C MET L 357 0.60 -39.09 -3.19
N ILE L 358 1.10 -40.15 -3.84
CA ILE L 358 1.94 -40.05 -5.02
C ILE L 358 1.28 -40.84 -6.15
N GLY L 359 1.15 -40.22 -7.31
CA GLY L 359 0.51 -40.86 -8.44
C GLY L 359 1.43 -41.07 -9.63
N SER L 360 1.44 -40.09 -10.54
N SER L 360 1.42 -40.10 -10.55
CA SER L 360 2.05 -40.33 -11.84
CA SER L 360 2.05 -40.29 -11.86
C SER L 360 3.54 -40.64 -11.73
N TRP L 361 4.23 -40.11 -10.71
CA TRP L 361 5.65 -40.41 -10.56
C TRP L 361 5.89 -41.91 -10.53
N PHE L 362 5.03 -42.66 -9.86
CA PHE L 362 5.24 -44.10 -9.69
C PHE L 362 4.79 -44.90 -10.90
N ALA L 363 4.10 -44.27 -11.87
CA ALA L 363 3.81 -44.95 -13.12
C ALA L 363 5.09 -45.35 -13.83
N GLY L 364 6.15 -44.54 -13.67
CA GLY L 364 7.43 -44.83 -14.31
C GLY L 364 8.28 -45.80 -13.51
N THR L 365 7.73 -46.99 -13.24
CA THR L 365 8.42 -48.05 -12.52
C THR L 365 8.05 -49.39 -13.12
N TYR L 366 8.88 -50.40 -12.86
CA TYR L 366 8.57 -51.76 -13.33
C TYR L 366 7.25 -52.26 -12.77
N GLU L 367 6.93 -51.89 -11.52
CA GLU L 367 5.82 -52.53 -10.83
C GLU L 367 4.45 -51.91 -11.15
N SER L 368 4.41 -50.76 -11.84
CA SER L 368 3.12 -50.21 -12.23
C SER L 368 2.47 -51.09 -13.30
N PRO L 369 1.14 -51.02 -13.46
CA PRO L 369 0.44 -52.02 -14.29
C PRO L 369 0.60 -51.87 -15.79
N GLY L 370 0.97 -50.69 -16.28
CA GLY L 370 1.06 -50.48 -17.72
C GLY L 370 2.29 -51.12 -18.33
N ASP L 371 2.26 -51.26 -19.65
CA ASP L 371 3.37 -51.90 -20.35
C ASP L 371 4.57 -50.96 -20.44
N LEU L 372 5.76 -51.55 -20.41
CA LEU L 372 6.99 -50.77 -20.51
C LEU L 372 7.23 -50.36 -21.96
N LEU L 373 7.48 -49.06 -22.17
CA LEU L 373 7.67 -48.50 -23.50
C LEU L 373 9.05 -47.85 -23.60
N PHE L 374 9.44 -47.56 -24.85
CA PHE L 374 10.71 -46.91 -25.15
C PHE L 374 10.48 -45.80 -26.17
N ASP L 375 11.13 -44.66 -25.95
CA ASP L 375 10.83 -43.45 -26.71
C ASP L 375 11.74 -43.36 -27.93
N ARG L 376 11.87 -42.15 -28.51
CA ARG L 376 12.68 -41.97 -29.70
C ARG L 376 14.16 -42.26 -29.44
N ASP L 377 14.62 -42.07 -28.21
CA ASP L 377 16.01 -42.30 -27.84
C ASP L 377 16.22 -43.65 -27.15
N ASP L 378 15.25 -44.57 -27.28
CA ASP L 378 15.25 -45.87 -26.62
C ASP L 378 15.27 -45.76 -25.09
N ARG L 379 14.93 -44.59 -24.56
CA ARG L 379 14.83 -44.43 -23.11
C ARG L 379 13.52 -45.05 -22.61
N PRO L 380 13.55 -45.79 -21.51
CA PRO L 380 12.35 -46.47 -21.05
C PRO L 380 11.41 -45.53 -20.30
N TYR L 381 10.11 -45.78 -20.47
CA TYR L 381 9.07 -44.97 -19.86
C TYR L 381 7.77 -45.75 -19.83
N LYS L 382 6.82 -45.27 -19.03
CA LYS L 382 5.45 -45.74 -19.04
C LYS L 382 4.51 -44.54 -19.09
N GLU L 383 3.29 -44.79 -19.53
CA GLU L 383 2.30 -43.73 -19.64
C GLU L 383 1.47 -43.66 -18.37
N SER L 384 1.45 -42.47 -17.76
CA SER L 384 0.47 -42.20 -16.72
C SER L 384 -0.75 -41.55 -17.35
N TYR L 385 -1.90 -41.73 -16.72
CA TYR L 385 -3.12 -41.14 -17.24
C TYR L 385 -4.11 -40.97 -16.10
N GLY L 386 -5.02 -40.02 -16.28
CA GLY L 386 -5.90 -39.64 -15.19
C GLY L 386 -7.11 -40.55 -15.06
N MET L 387 -7.72 -40.48 -13.87
CA MET L 387 -8.96 -41.19 -13.61
C MET L 387 -10.18 -40.49 -14.20
N ALA L 388 -10.03 -39.22 -14.59
CA ALA L 388 -11.04 -38.47 -15.33
C ALA L 388 -12.43 -38.57 -14.70
N SER L 389 -13.41 -39.05 -15.45
CA SER L 389 -14.79 -39.03 -14.97
C SER L 389 -15.02 -39.94 -13.77
N LYS L 390 -14.09 -40.85 -13.46
CA LYS L 390 -14.21 -41.63 -12.25
C LYS L 390 -14.02 -40.80 -10.99
N ARG L 391 -13.55 -39.56 -11.10
CA ARG L 391 -13.49 -38.64 -9.96
C ARG L 391 -14.60 -37.59 -9.99
N ALA L 392 -15.51 -37.66 -10.95
CA ALA L 392 -16.53 -36.64 -11.12
C ALA L 392 -17.91 -37.15 -10.72
N VAL L 393 -18.78 -36.22 -10.37
CA VAL L 393 -20.19 -36.51 -10.15
C VAL L 393 -20.86 -36.68 -11.51
N ALA L 394 -21.67 -37.73 -11.63
CA ALA L 394 -22.31 -38.00 -12.93
C ALA L 394 -23.81 -37.71 -12.86
N SER L 401 -29.13 -45.03 -22.85
CA SER L 401 -29.14 -45.16 -24.31
C SER L 401 -27.92 -44.48 -24.93
N SER L 402 -27.75 -44.70 -26.24
CA SER L 402 -26.65 -44.05 -26.96
C SER L 402 -26.75 -42.54 -26.86
N PHE L 403 -27.95 -41.99 -27.05
CA PHE L 403 -28.16 -40.55 -26.95
C PHE L 403 -27.75 -40.03 -25.59
N ASP L 404 -28.15 -40.73 -24.52
CA ASP L 404 -27.83 -40.26 -23.18
C ASP L 404 -26.33 -40.35 -22.90
N ARG L 405 -25.67 -41.39 -23.40
CA ARG L 405 -24.22 -41.48 -23.26
C ARG L 405 -23.52 -40.37 -24.02
N ALA L 406 -24.01 -40.04 -25.23
CA ALA L 406 -23.39 -38.98 -26.03
C ALA L 406 -23.59 -37.62 -25.39
N ARG L 407 -24.76 -37.38 -24.80
CA ARG L 407 -25.05 -36.09 -24.18
C ARG L 407 -24.17 -35.87 -22.94
N LYS L 408 -23.99 -36.92 -22.12
CA LYS L 408 -23.15 -36.78 -20.95
C LYS L 408 -21.68 -36.68 -21.31
N GLY L 409 -21.26 -37.31 -22.40
CA GLY L 409 -19.88 -37.29 -22.81
C GLY L 409 -19.43 -36.03 -23.53
N LEU L 410 -20.32 -35.07 -23.79
CA LEU L 410 -19.94 -33.91 -24.57
C LEU L 410 -19.09 -32.94 -23.76
N PHE L 411 -19.32 -32.84 -22.46
CA PHE L 411 -18.52 -31.97 -21.60
C PHE L 411 -17.51 -32.71 -20.74
N GLU L 412 -17.61 -34.04 -20.65
CA GLU L 412 -16.81 -34.78 -19.68
C GLU L 412 -15.32 -34.64 -19.97
N GLU L 413 -14.53 -34.80 -18.91
CA GLU L 413 -13.08 -34.68 -19.02
C GLU L 413 -12.50 -35.84 -19.81
N GLY L 414 -11.71 -35.53 -20.83
CA GLY L 414 -10.92 -36.56 -21.49
C GLY L 414 -9.81 -37.08 -20.59
N ILE L 415 -9.26 -38.23 -20.96
CA ILE L 415 -8.13 -38.80 -20.25
C ILE L 415 -6.84 -38.20 -20.77
N SER L 416 -6.12 -37.50 -19.90
CA SER L 416 -4.82 -36.92 -20.25
C SER L 416 -3.71 -37.92 -19.98
N THR L 417 -2.73 -37.97 -20.87
CA THR L 417 -1.64 -38.92 -20.79
C THR L 417 -0.30 -38.18 -20.74
N SER L 418 0.62 -38.68 -19.91
CA SER L 418 1.97 -38.14 -19.80
C SER L 418 2.96 -39.29 -19.79
N ARG L 419 4.15 -39.03 -20.32
CA ARG L 419 5.22 -40.03 -20.32
C ARG L 419 6.07 -39.85 -19.07
N MET L 420 6.10 -40.88 -18.22
CA MET L 420 6.93 -40.89 -17.02
C MET L 420 8.14 -41.78 -17.30
N SER L 421 9.31 -41.16 -17.41
CA SER L 421 10.51 -41.91 -17.73
C SER L 421 10.93 -42.77 -16.54
N LEU L 422 11.35 -44.00 -16.84
CA LEU L 422 12.00 -44.83 -15.83
C LEU L 422 13.44 -44.39 -15.66
N ASP L 423 13.91 -44.43 -14.43
CA ASP L 423 15.32 -44.23 -14.17
C ASP L 423 16.06 -45.53 -14.43
N PRO L 424 17.09 -45.54 -15.29
CA PRO L 424 17.92 -46.75 -15.42
C PRO L 424 18.66 -47.10 -14.14
N ALA L 425 18.76 -46.17 -13.19
CA ALA L 425 19.29 -46.46 -11.86
C ALA L 425 18.21 -46.73 -10.82
N ARG L 426 16.99 -46.26 -11.05
CA ARG L 426 15.89 -46.36 -10.08
C ARG L 426 14.63 -46.86 -10.75
N GLY L 427 14.75 -47.94 -11.54
CA GLY L 427 13.63 -48.42 -12.32
C GLY L 427 12.52 -49.05 -11.49
N GLY L 428 12.86 -49.58 -10.32
CA GLY L 428 11.87 -50.16 -9.43
C GLY L 428 11.32 -49.12 -8.48
N VAL L 429 10.05 -49.31 -8.06
CA VAL L 429 9.44 -48.36 -7.14
C VAL L 429 10.21 -48.32 -5.81
N GLU L 430 10.82 -49.44 -5.41
CA GLU L 430 11.59 -49.45 -4.16
C GLU L 430 12.81 -48.55 -4.24
N ASP L 431 13.38 -48.40 -5.44
CA ASP L 431 14.45 -47.43 -5.63
C ASP L 431 13.94 -46.01 -5.41
N LEU L 432 12.70 -45.73 -5.83
CA LEU L 432 12.12 -44.41 -5.56
C LEU L 432 11.79 -44.24 -4.08
N LEU L 433 11.37 -45.31 -3.40
CA LEU L 433 11.17 -45.22 -1.95
C LEU L 433 12.49 -44.94 -1.23
N ASP L 434 13.57 -45.59 -1.65
CA ASP L 434 14.88 -45.27 -1.13
C ASP L 434 15.20 -43.79 -1.31
N HIS L 435 14.93 -43.28 -2.51
CA HIS L 435 15.21 -41.89 -2.83
C HIS L 435 14.36 -40.95 -1.96
N ILE L 436 13.06 -41.22 -1.89
CA ILE L 436 12.16 -40.37 -1.11
C ILE L 436 12.52 -40.41 0.37
N THR L 437 12.67 -41.60 0.94
CA THR L 437 12.87 -41.66 2.39
C THR L 437 14.28 -41.28 2.80
N SER L 438 15.28 -41.50 1.93
CA SER L 438 16.60 -40.90 2.17
C SER L 438 16.50 -39.39 2.30
N GLY L 439 15.79 -38.76 1.35
CA GLY L 439 15.62 -37.32 1.42
C GLY L 439 14.91 -36.86 2.69
N VAL L 440 13.76 -37.48 2.99
CA VAL L 440 12.97 -37.06 4.15
C VAL L 440 13.77 -37.26 5.44
N ARG L 441 14.48 -38.38 5.56
CA ARG L 441 15.32 -38.57 6.75
C ARG L 441 16.37 -37.48 6.84
N SER L 442 16.97 -37.09 5.71
N SER L 442 16.96 -37.09 5.72
CA SER L 442 17.93 -35.98 5.72
CA SER L 442 17.92 -36.00 5.74
C SER L 442 17.27 -34.68 6.14
N THR L 443 16.05 -34.42 5.62
CA THR L 443 15.32 -33.23 6.05
C THR L 443 15.22 -33.19 7.57
N CYS L 444 14.77 -34.28 8.17
CA CYS L 444 14.61 -34.31 9.63
C CYS L 444 15.93 -34.04 10.34
N THR L 445 17.03 -34.63 9.85
CA THR L 445 18.33 -34.40 10.49
C THR L 445 18.75 -32.94 10.39
N TYR L 446 18.45 -32.29 9.26
CA TYR L 446 18.75 -30.87 9.11
C TYR L 446 17.93 -30.02 10.06
N VAL L 447 16.69 -30.43 10.32
CA VAL L 447 15.77 -29.67 11.18
C VAL L 447 16.02 -29.94 12.65
N GLY L 448 16.56 -31.11 12.98
CA GLY L 448 16.66 -31.53 14.37
C GLY L 448 15.49 -32.36 14.85
N ALA L 449 14.76 -32.98 13.94
CA ALA L 449 13.56 -33.74 14.27
C ALA L 449 13.87 -35.24 14.23
N ALA L 450 13.34 -35.97 15.21
CA ALA L 450 13.55 -37.40 15.29
C ALA L 450 12.38 -38.19 14.73
N ASN L 451 11.29 -37.53 14.36
CA ASN L 451 10.10 -38.18 13.85
C ASN L 451 9.28 -37.15 13.08
N LEU L 452 8.15 -37.59 12.53
CA LEU L 452 7.36 -36.74 11.65
C LEU L 452 6.62 -35.64 12.40
N PRO L 453 6.02 -35.93 13.57
CA PRO L 453 5.48 -34.81 14.38
C PRO L 453 6.52 -33.76 14.71
N GLU L 454 7.72 -34.16 15.11
CA GLU L 454 8.76 -33.18 15.44
C GLU L 454 9.18 -32.36 14.21
N LEU L 455 9.17 -32.96 13.03
CA LEU L 455 9.51 -32.20 11.83
C LEU L 455 8.53 -31.03 11.65
N HIS L 456 7.24 -31.31 11.79
CA HIS L 456 6.24 -30.24 11.66
C HIS L 456 6.34 -29.23 12.80
N GLU L 457 6.68 -29.69 14.00
CA GLU L 457 6.73 -28.80 15.15
C GLU L 457 7.95 -27.88 15.12
N LYS L 458 9.06 -28.35 14.55
CA LYS L 458 10.34 -27.64 14.66
C LYS L 458 10.74 -26.91 13.39
N VAL L 459 10.08 -27.17 12.25
CA VAL L 459 10.60 -26.68 10.98
C VAL L 459 10.50 -25.16 10.93
N VAL L 460 11.53 -24.53 10.35
CA VAL L 460 11.50 -23.12 9.99
C VAL L 460 11.64 -23.04 8.47
N LEU L 461 10.75 -22.28 7.83
CA LEU L 461 10.69 -22.18 6.38
C LEU L 461 10.97 -20.76 5.91
N GLY L 462 11.45 -20.65 4.67
CA GLY L 462 11.59 -19.38 4.01
C GLY L 462 10.97 -19.41 2.63
N VAL L 463 10.77 -18.22 2.07
CA VAL L 463 10.28 -18.03 0.72
C VAL L 463 11.45 -17.56 -0.16
N GLN L 464 11.48 -18.05 -1.39
CA GLN L 464 12.47 -17.61 -2.36
C GLN L 464 11.77 -17.03 -3.58
N SER L 465 12.50 -16.22 -4.34
CA SER L 465 11.95 -15.58 -5.52
C SER L 465 12.12 -16.49 -6.73
N ALA L 466 11.72 -15.96 -7.90
CA ALA L 466 11.84 -16.72 -9.14
C ALA L 466 13.30 -16.90 -9.58
N ALA L 467 14.20 -16.03 -9.15
CA ALA L 467 15.61 -16.10 -9.54
C ALA L 467 16.27 -17.39 -9.07
N MET M 1 12.95 -70.78 -72.52
CA MET M 1 14.30 -70.25 -72.65
C MET M 1 14.27 -68.74 -72.85
N VAL M 2 14.99 -68.01 -71.98
CA VAL M 2 15.05 -66.56 -72.10
C VAL M 2 15.80 -66.18 -73.37
N ARG M 3 15.34 -65.13 -74.04
CA ARG M 3 16.08 -64.49 -75.11
C ARG M 3 16.53 -63.12 -74.63
N PHE M 4 17.79 -62.80 -74.85
CA PHE M 4 18.31 -61.47 -74.61
C PHE M 4 18.46 -60.72 -75.92
N LEU M 5 18.25 -59.41 -75.86
CA LEU M 5 18.45 -58.55 -77.02
C LEU M 5 19.83 -58.80 -77.63
N ASP M 6 19.94 -58.60 -78.94
CA ASP M 6 21.21 -58.79 -79.63
C ASP M 6 22.31 -57.95 -78.98
N GLY M 7 23.42 -58.60 -78.66
CA GLY M 7 24.57 -57.93 -78.09
C GLY M 7 24.58 -57.83 -76.57
N HIS M 8 23.50 -58.18 -75.90
CA HIS M 8 23.42 -58.05 -74.45
C HIS M 8 23.99 -59.30 -73.78
N THR M 9 25.31 -59.42 -73.88
CA THR M 9 26.05 -60.51 -73.26
C THR M 9 27.14 -59.89 -72.39
N PRO M 10 26.76 -59.38 -71.22
CA PRO M 10 27.74 -58.66 -70.39
C PRO M 10 28.76 -59.63 -69.82
N ALA M 11 29.93 -59.07 -69.50
CA ALA M 11 31.00 -59.85 -68.85
C ALA M 11 30.83 -59.88 -67.34
N TYR M 12 29.60 -60.16 -66.88
CA TYR M 12 29.28 -60.25 -65.47
C TYR M 12 27.91 -60.90 -65.31
N ASP M 13 27.62 -61.34 -64.10
CA ASP M 13 26.31 -61.93 -63.82
C ASP M 13 25.34 -60.87 -63.31
N LEU M 14 24.05 -61.20 -63.41
CA LEU M 14 22.97 -60.21 -63.34
C LEU M 14 22.13 -60.40 -62.10
N THR M 15 21.88 -59.29 -61.40
CA THR M 15 20.91 -59.25 -60.31
C THR M 15 19.55 -58.85 -60.87
N TYR M 16 18.54 -58.84 -60.00
CA TYR M 16 17.23 -58.38 -60.44
C TYR M 16 17.25 -56.92 -60.89
N ASN M 17 18.22 -56.14 -60.43
CA ASN M 17 18.36 -54.74 -60.85
C ASN M 17 18.98 -54.59 -62.23
N ASP M 18 19.60 -55.63 -62.77
CA ASP M 18 20.39 -55.50 -64.00
C ASP M 18 19.59 -55.64 -65.28
N VAL M 19 18.34 -56.11 -65.21
CA VAL M 19 17.64 -56.57 -66.41
C VAL M 19 16.25 -55.95 -66.50
N PHE M 20 15.72 -55.96 -67.73
CA PHE M 20 14.37 -55.49 -68.01
C PHE M 20 13.73 -56.40 -69.05
N VAL M 21 12.40 -56.37 -69.11
CA VAL M 21 11.61 -57.16 -70.06
C VAL M 21 11.14 -56.24 -71.17
N VAL M 22 11.43 -56.61 -72.41
CA VAL M 22 10.92 -55.85 -73.56
C VAL M 22 9.51 -56.33 -73.86
N PRO M 23 8.54 -55.44 -74.01
CA PRO M 23 7.18 -55.88 -74.38
C PRO M 23 7.21 -56.62 -75.70
N GLY M 24 6.30 -57.59 -75.83
CA GLY M 24 6.11 -58.31 -77.07
C GLY M 24 4.73 -58.07 -77.65
N ARG M 25 4.50 -58.64 -78.83
CA ARG M 25 3.19 -58.58 -79.43
C ARG M 25 2.24 -59.46 -78.61
N SER M 26 1.08 -58.93 -78.27
CA SER M 26 0.22 -59.56 -77.28
C SER M 26 -1.24 -59.53 -77.71
N ASP M 27 -1.96 -60.61 -77.43
CA ASP M 27 -3.42 -60.59 -77.49
C ASP M 27 -4.04 -61.04 -76.18
N VAL M 28 -3.24 -61.05 -75.11
CA VAL M 28 -3.76 -61.28 -73.75
C VAL M 28 -4.13 -59.91 -73.21
N ALA M 29 -5.39 -59.52 -73.43
CA ALA M 29 -5.80 -58.15 -73.11
C ALA M 29 -5.94 -57.95 -71.61
N SER M 30 -6.61 -58.87 -70.92
CA SER M 30 -6.97 -58.69 -69.52
C SER M 30 -6.00 -59.44 -68.61
N ARG M 31 -5.61 -58.77 -67.52
CA ARG M 31 -4.80 -59.42 -66.50
C ARG M 31 -5.47 -60.66 -65.94
N PHE M 32 -6.81 -60.69 -65.92
CA PHE M 32 -7.54 -61.83 -65.40
C PHE M 32 -7.54 -63.02 -66.35
N ASP M 33 -7.17 -62.82 -67.61
CA ASP M 33 -7.05 -63.93 -68.55
C ASP M 33 -5.79 -64.75 -68.33
N VAL M 34 -4.85 -64.24 -67.54
CA VAL M 34 -3.60 -64.95 -67.28
C VAL M 34 -3.86 -66.05 -66.25
N ASP M 35 -3.27 -67.21 -66.48
CA ASP M 35 -3.31 -68.32 -65.54
C ASP M 35 -2.00 -68.31 -64.76
N LEU M 36 -2.08 -68.03 -63.46
CA LEU M 36 -0.90 -67.98 -62.60
C LEU M 36 -0.56 -69.30 -61.93
N SER M 37 -1.28 -70.38 -62.21
N SER M 37 -1.30 -70.38 -62.22
CA SER M 37 -1.01 -71.65 -61.55
CA SER M 37 -1.03 -71.67 -61.58
C SER M 37 0.37 -72.17 -61.95
N THR M 38 0.99 -72.87 -61.02
CA THR M 38 2.32 -73.45 -61.24
C THR M 38 2.21 -74.90 -61.69
N VAL M 39 3.31 -75.40 -62.25
CA VAL M 39 3.34 -76.72 -62.87
C VAL M 39 4.35 -77.64 -62.20
N ASP M 40 4.83 -77.29 -61.00
CA ASP M 40 5.92 -78.02 -60.36
C ASP M 40 5.47 -79.01 -59.30
N GLY M 41 4.17 -79.32 -59.23
CA GLY M 41 3.66 -80.25 -58.25
C GLY M 41 3.41 -79.69 -56.86
N SER M 42 3.76 -78.43 -56.61
CA SER M 42 3.53 -77.85 -55.28
C SER M 42 2.04 -77.63 -55.03
N GLY M 43 1.25 -77.45 -56.08
CA GLY M 43 -0.15 -77.17 -55.95
C GLY M 43 -0.51 -75.70 -55.80
N THR M 44 0.45 -74.79 -55.82
CA THR M 44 0.12 -73.38 -55.68
C THR M 44 -0.57 -72.89 -56.95
N THR M 45 -1.57 -72.02 -56.76
CA THR M 45 -2.27 -71.43 -57.89
C THR M 45 -1.76 -70.03 -58.20
N ILE M 46 -0.89 -69.49 -57.36
CA ILE M 46 -0.08 -68.30 -57.67
C ILE M 46 1.35 -68.66 -57.36
N PRO M 47 2.35 -68.08 -58.04
CA PRO M 47 3.74 -68.50 -57.89
C PRO M 47 4.45 -67.94 -56.65
N VAL M 48 3.82 -68.11 -55.49
CA VAL M 48 4.34 -67.55 -54.24
C VAL M 48 4.49 -68.66 -53.22
N VAL M 49 5.70 -68.80 -52.68
CA VAL M 49 5.99 -69.68 -51.55
C VAL M 49 6.55 -68.81 -50.44
N VAL M 50 6.12 -69.05 -49.21
CA VAL M 50 6.63 -68.31 -48.07
C VAL M 50 7.81 -69.06 -47.46
N ALA M 51 8.92 -68.34 -47.24
CA ALA M 51 10.16 -68.96 -46.81
C ALA M 51 10.02 -69.66 -45.46
N ASN M 52 10.82 -70.70 -45.28
CA ASN M 52 10.83 -71.49 -44.04
C ASN M 52 11.66 -70.76 -42.98
N MET M 53 11.07 -69.69 -42.45
CA MET M 53 11.73 -68.81 -41.48
C MET M 53 10.79 -68.57 -40.31
N THR M 54 11.31 -68.70 -39.09
CA THR M 54 10.48 -68.49 -37.91
C THR M 54 9.89 -67.10 -37.86
N ALA M 55 10.55 -66.13 -38.49
CA ALA M 55 10.06 -64.75 -38.49
C ALA M 55 8.84 -64.56 -39.40
N VAL M 56 8.51 -65.54 -40.24
CA VAL M 56 7.45 -65.35 -41.22
C VAL M 56 6.45 -66.50 -41.21
N ALA M 57 6.94 -67.73 -41.08
CA ALA M 57 6.15 -68.92 -41.39
C ALA M 57 5.40 -69.44 -40.16
N GLY M 58 4.41 -68.65 -39.75
CA GLY M 58 3.55 -69.03 -38.64
C GLY M 58 2.21 -69.58 -39.11
N ARG M 59 1.39 -69.97 -38.14
CA ARG M 59 0.10 -70.57 -38.45
C ARG M 59 -0.86 -69.56 -39.08
N ARG M 60 -0.84 -68.31 -38.61
CA ARG M 60 -1.67 -67.28 -39.24
C ARG M 60 -1.24 -67.06 -40.68
N MET M 61 0.07 -67.07 -40.93
CA MET M 61 0.58 -66.87 -42.28
C MET M 61 0.22 -68.04 -43.19
N ALA M 62 0.32 -69.26 -42.66
CA ALA M 62 0.09 -70.45 -43.47
C ALA M 62 -1.34 -70.54 -43.96
N GLU M 63 -2.30 -70.24 -43.06
CA GLU M 63 -3.71 -70.18 -43.44
C GLU M 63 -3.95 -69.09 -44.49
N THR M 64 -3.48 -67.87 -44.21
CA THR M 64 -3.84 -66.73 -45.03
C THR M 64 -3.31 -66.89 -46.45
N VAL M 65 -2.05 -67.30 -46.58
CA VAL M 65 -1.43 -67.38 -47.91
C VAL M 65 -2.01 -68.56 -48.70
N ALA M 66 -2.28 -69.68 -48.02
CA ALA M 66 -2.81 -70.85 -48.72
C ALA M 66 -4.20 -70.59 -49.27
N ARG M 67 -5.02 -69.85 -48.52
CA ARG M 67 -6.36 -69.55 -49.02
C ARG M 67 -6.32 -68.76 -50.32
N ARG M 68 -5.27 -67.95 -50.52
CA ARG M 68 -5.12 -67.18 -51.75
C ARG M 68 -4.23 -67.87 -52.77
N GLY M 69 -3.84 -69.12 -52.52
CA GLY M 69 -3.23 -69.94 -53.55
C GLY M 69 -1.74 -70.14 -53.42
N GLY M 70 -1.11 -69.60 -52.39
CA GLY M 70 0.29 -69.84 -52.14
C GLY M 70 0.49 -71.02 -51.21
N ILE M 71 1.74 -71.18 -50.75
CA ILE M 71 2.06 -72.19 -49.76
C ILE M 71 3.16 -71.66 -48.84
N VAL M 72 3.07 -72.06 -47.58
CA VAL M 72 4.03 -71.67 -46.55
C VAL M 72 4.80 -72.91 -46.14
N VAL M 73 6.13 -72.79 -46.10
CA VAL M 73 6.99 -73.87 -45.62
C VAL M 73 7.28 -73.63 -44.15
N LEU M 74 6.76 -74.51 -43.29
CA LEU M 74 7.05 -74.38 -41.87
C LEU M 74 8.56 -74.49 -41.64
N PRO M 75 9.08 -73.75 -40.67
CA PRO M 75 10.53 -73.75 -40.45
C PRO M 75 11.03 -75.09 -39.95
N GLN M 76 12.26 -75.43 -40.35
CA GLN M 76 12.90 -76.64 -39.85
C GLN M 76 13.12 -76.54 -38.35
N ASP M 77 13.13 -77.70 -37.70
CA ASP M 77 13.33 -77.89 -36.26
C ASP M 77 12.14 -77.42 -35.42
N LEU M 78 11.04 -77.00 -36.05
CA LEU M 78 9.80 -76.84 -35.30
C LEU M 78 9.42 -78.19 -34.73
N PRO M 79 9.20 -78.32 -33.41
CA PRO M 79 8.91 -79.62 -32.82
C PRO M 79 7.70 -80.28 -33.48
N ILE M 80 7.72 -81.62 -33.52
CA ILE M 80 6.75 -82.35 -34.32
C ILE M 80 5.33 -82.16 -33.78
N THR M 81 5.18 -82.00 -32.46
CA THR M 81 3.85 -81.73 -31.92
C THR M 81 3.35 -80.37 -32.40
N ALA M 82 4.24 -79.38 -32.51
CA ALA M 82 3.84 -78.09 -33.05
C ALA M 82 3.49 -78.19 -34.52
N VAL M 83 4.24 -79.00 -35.28
CA VAL M 83 3.91 -79.23 -36.68
C VAL M 83 2.50 -79.78 -36.81
N SER M 84 2.19 -80.85 -36.06
CA SER M 84 0.86 -81.45 -36.11
C SER M 84 -0.23 -80.43 -35.78
N GLU M 85 -0.01 -79.65 -34.72
CA GLU M 85 -0.99 -78.62 -34.35
C GLU M 85 -1.20 -77.62 -35.48
N THR M 86 -0.10 -77.14 -36.05
CA THR M 86 -0.20 -76.14 -37.12
C THR M 86 -0.89 -76.71 -38.35
N VAL M 87 -0.53 -77.93 -38.74
CA VAL M 87 -1.17 -78.55 -39.91
C VAL M 87 -2.66 -78.73 -39.66
N ASP M 88 -3.03 -79.17 -38.45
CA ASP M 88 -4.44 -79.41 -38.16
C ASP M 88 -5.23 -78.10 -38.14
N PHE M 89 -4.62 -77.02 -37.67
CA PHE M 89 -5.27 -75.71 -37.73
C PHE M 89 -5.50 -75.28 -39.17
N VAL M 90 -4.45 -75.33 -39.99
CA VAL M 90 -4.56 -74.87 -41.37
C VAL M 90 -5.57 -75.70 -42.15
N LYS M 91 -5.52 -77.02 -42.01
CA LYS M 91 -6.38 -77.89 -42.79
C LYS M 91 -7.81 -77.97 -42.28
N SER M 92 -8.11 -77.31 -41.15
CA SER M 92 -9.49 -77.14 -40.69
C SER M 92 -10.05 -75.76 -41.05
N ARG M 93 -9.26 -74.89 -41.66
CA ARG M 93 -9.74 -73.56 -42.02
C ARG M 93 -10.70 -73.61 -43.21
N ASP M 94 -11.68 -72.71 -43.18
CA ASP M 94 -12.59 -72.56 -44.30
C ASP M 94 -11.85 -71.98 -45.50
N LEU M 95 -12.33 -72.31 -46.70
CA LEU M 95 -11.68 -71.90 -47.94
C LEU M 95 -12.03 -70.48 -48.34
N VAL M 96 -13.02 -69.84 -47.70
CA VAL M 96 -13.45 -68.51 -48.08
C VAL M 96 -13.47 -67.63 -46.83
N VAL M 97 -14.04 -68.16 -45.75
CA VAL M 97 -14.22 -67.42 -44.51
C VAL M 97 -12.95 -67.50 -43.69
N ASP M 98 -12.49 -66.36 -43.17
CA ASP M 98 -11.23 -66.24 -42.47
C ASP M 98 -11.42 -66.39 -40.96
N THR M 99 -10.30 -66.64 -40.26
CA THR M 99 -10.30 -66.78 -38.81
C THR M 99 -10.00 -65.44 -38.15
N PRO M 100 -10.92 -64.87 -37.36
CA PRO M 100 -10.69 -63.56 -36.77
C PRO M 100 -9.91 -63.64 -35.47
N VAL M 101 -9.47 -62.47 -35.01
CA VAL M 101 -9.10 -62.30 -33.61
C VAL M 101 -10.37 -62.40 -32.77
N THR M 102 -10.31 -63.15 -31.68
CA THR M 102 -11.45 -63.28 -30.78
C THR M 102 -11.10 -62.74 -29.40
N LEU M 103 -12.12 -62.21 -28.73
CA LEU M 103 -11.96 -61.61 -27.42
C LEU M 103 -13.05 -62.09 -26.49
N SER M 104 -12.73 -62.16 -25.22
CA SER M 104 -13.68 -62.33 -24.14
C SER M 104 -14.13 -60.97 -23.64
N PRO M 105 -15.39 -60.84 -23.21
CA PRO M 105 -15.84 -59.57 -22.62
C PRO M 105 -15.04 -59.15 -21.40
N GLU M 106 -14.30 -60.07 -20.78
CA GLU M 106 -13.46 -59.78 -19.63
C GLU M 106 -12.03 -59.43 -20.00
N ASP M 107 -11.67 -59.49 -21.29
CA ASP M 107 -10.37 -59.01 -21.70
C ASP M 107 -10.26 -57.51 -21.44
N SER M 108 -9.03 -57.04 -21.29
CA SER M 108 -8.78 -55.61 -21.12
C SER M 108 -8.71 -54.92 -22.48
N VAL M 109 -9.05 -53.64 -22.49
CA VAL M 109 -8.94 -52.85 -23.71
C VAL M 109 -7.50 -52.83 -24.20
N SER M 110 -6.54 -52.83 -23.28
CA SER M 110 -5.13 -52.87 -23.65
C SER M 110 -4.78 -54.16 -24.39
N ASP M 111 -5.22 -55.31 -23.84
CA ASP M 111 -4.95 -56.57 -24.52
C ASP M 111 -5.66 -56.63 -25.86
N ALA M 112 -6.89 -56.14 -25.93
CA ALA M 112 -7.63 -56.15 -27.20
C ALA M 112 -6.94 -55.28 -28.24
N ASN M 113 -6.44 -54.11 -27.84
CA ASN M 113 -5.73 -53.25 -28.79
C ASN M 113 -4.51 -53.94 -29.38
N ALA M 114 -3.77 -54.69 -28.55
CA ALA M 114 -2.59 -55.38 -29.05
C ALA M 114 -2.96 -56.56 -29.97
N LEU M 115 -3.97 -57.34 -29.58
CA LEU M 115 -4.33 -58.53 -30.36
C LEU M 115 -4.97 -58.19 -31.70
N LEU M 116 -5.57 -57.00 -31.82
CA LEU M 116 -6.27 -56.62 -33.05
C LEU M 116 -5.39 -56.75 -34.28
N HIS M 117 -4.11 -56.42 -34.15
CA HIS M 117 -3.22 -56.36 -35.30
C HIS M 117 -2.62 -57.71 -35.67
N LYS M 118 -3.10 -58.80 -35.07
CA LYS M 118 -2.68 -60.13 -35.51
C LYS M 118 -3.35 -60.54 -36.83
N ARG M 119 -4.41 -59.84 -37.22
CA ARG M 119 -5.08 -60.03 -38.50
C ARG M 119 -5.28 -58.67 -39.15
N ALA M 120 -5.75 -58.68 -40.39
CA ALA M 120 -5.97 -57.47 -41.17
C ALA M 120 -7.45 -57.12 -41.29
N HIS M 121 -8.31 -57.68 -40.43
CA HIS M 121 -9.74 -57.43 -40.55
C HIS M 121 -10.16 -56.09 -39.94
N GLY M 122 -9.34 -55.49 -39.08
CA GLY M 122 -9.67 -54.23 -38.45
C GLY M 122 -10.70 -54.32 -37.36
N ALA M 123 -11.16 -55.53 -37.02
CA ALA M 123 -12.10 -55.72 -35.93
C ALA M 123 -11.83 -57.09 -35.32
N ALA M 124 -12.09 -57.20 -34.02
CA ALA M 124 -12.06 -58.48 -33.34
C ALA M 124 -13.49 -58.85 -32.93
N VAL M 125 -13.76 -60.14 -32.83
CA VAL M 125 -15.09 -60.64 -32.51
C VAL M 125 -15.12 -61.03 -31.03
N VAL M 126 -16.02 -60.40 -30.28
CA VAL M 126 -16.22 -60.80 -28.90
C VAL M 126 -17.09 -62.05 -28.87
N VAL M 127 -16.66 -63.05 -28.12
CA VAL M 127 -17.36 -64.32 -28.04
C VAL M 127 -17.63 -64.66 -26.59
N PHE M 128 -18.81 -65.21 -26.33
CA PHE M 128 -19.16 -65.78 -25.04
C PHE M 128 -19.79 -67.15 -25.29
N GLU M 129 -19.10 -68.20 -24.84
CA GLU M 129 -19.56 -69.58 -25.05
C GLU M 129 -19.66 -69.91 -26.53
N GLY M 130 -18.67 -69.48 -27.30
CA GLY M 130 -18.62 -69.71 -28.73
C GLY M 130 -19.55 -68.88 -29.57
N ARG M 131 -20.46 -68.11 -28.96
CA ARG M 131 -21.37 -67.32 -29.78
C ARG M 131 -20.86 -65.90 -29.92
N PRO M 132 -20.88 -65.33 -31.12
CA PRO M 132 -20.41 -63.94 -31.29
C PRO M 132 -21.44 -62.96 -30.75
N ILE M 133 -20.98 -62.03 -29.91
CA ILE M 133 -21.87 -61.05 -29.31
C ILE M 133 -21.49 -59.62 -29.65
N GLY M 134 -20.30 -59.35 -30.16
CA GLY M 134 -19.94 -57.98 -30.53
C GLY M 134 -18.66 -57.92 -31.30
N LEU M 135 -18.36 -56.71 -31.79
CA LEU M 135 -17.12 -56.39 -32.48
C LEU M 135 -16.37 -55.31 -31.70
N VAL M 136 -15.04 -55.41 -31.71
CA VAL M 136 -14.17 -54.39 -31.16
C VAL M 136 -13.27 -53.87 -32.26
N THR M 137 -13.26 -52.55 -32.45
CA THR M 137 -12.35 -51.90 -33.39
C THR M 137 -11.34 -51.05 -32.63
N GLU M 138 -10.27 -50.67 -33.35
CA GLU M 138 -9.26 -49.79 -32.78
C GLU M 138 -9.88 -48.47 -32.32
N ALA M 139 -10.88 -47.98 -33.06
CA ALA M 139 -11.58 -46.77 -32.66
C ALA M 139 -12.27 -46.94 -31.30
N ASN M 140 -12.85 -48.11 -31.05
CA ASN M 140 -13.52 -48.36 -29.78
C ASN M 140 -12.55 -48.42 -28.61
N CYS M 141 -11.26 -48.64 -28.88
CA CYS M 141 -10.26 -48.71 -27.82
C CYS M 141 -9.66 -47.35 -27.48
N ALA M 142 -9.85 -46.35 -28.33
CA ALA M 142 -9.27 -45.04 -28.10
C ALA M 142 -10.08 -44.24 -27.08
N GLY M 143 -9.37 -43.52 -26.23
CA GLY M 143 -10.00 -42.61 -25.28
C GLY M 143 -10.60 -43.25 -24.04
N VAL M 144 -10.50 -44.57 -23.89
CA VAL M 144 -11.01 -45.25 -22.72
C VAL M 144 -9.83 -45.65 -21.83
N ASP M 145 -10.15 -45.92 -20.56
CA ASP M 145 -9.15 -46.46 -19.65
C ASP M 145 -8.63 -47.79 -20.19
N ARG M 146 -7.31 -47.88 -20.38
CA ARG M 146 -6.74 -49.05 -21.04
C ARG M 146 -7.01 -50.34 -20.27
N PHE M 147 -7.39 -50.25 -19.00
CA PHE M 147 -7.73 -51.42 -18.22
C PHE M 147 -9.22 -51.64 -18.06
N ALA M 148 -10.04 -50.87 -18.77
CA ALA M 148 -11.45 -51.19 -18.87
C ALA M 148 -11.65 -52.55 -19.54
N ARG M 149 -12.80 -53.15 -19.30
CA ARG M 149 -13.12 -54.44 -19.90
C ARG M 149 -13.69 -54.25 -21.30
N VAL M 150 -13.47 -55.26 -22.14
CA VAL M 150 -13.96 -55.23 -23.53
C VAL M 150 -15.47 -55.06 -23.56
N ARG M 151 -16.17 -55.58 -22.55
CA ARG M 151 -17.62 -55.44 -22.48
C ARG M 151 -18.06 -53.99 -22.55
N ASP M 152 -17.27 -53.08 -21.96
CA ASP M 152 -17.65 -51.67 -21.90
C ASP M 152 -17.52 -50.94 -23.24
N ILE M 153 -16.83 -51.52 -24.21
CA ILE M 153 -16.56 -50.83 -25.47
C ILE M 153 -17.08 -51.57 -26.69
N ALA M 154 -17.45 -52.84 -26.56
CA ALA M 154 -17.82 -53.65 -27.71
C ALA M 154 -19.12 -53.13 -28.34
N LEU M 155 -19.20 -53.29 -29.66
CA LEU M 155 -20.38 -52.91 -30.43
C LEU M 155 -21.25 -54.15 -30.66
N SER M 156 -22.47 -54.13 -30.14
CA SER M 156 -23.36 -55.28 -30.26
C SER M 156 -24.01 -55.39 -31.64
N ASP M 157 -23.98 -54.33 -32.44
CA ASP M 157 -24.59 -54.33 -33.76
C ASP M 157 -23.52 -54.63 -34.80
N PHE M 158 -23.75 -55.66 -35.61
CA PHE M 158 -22.81 -56.05 -36.64
C PHE M 158 -23.54 -56.91 -37.68
N VAL M 159 -23.00 -56.94 -38.89
CA VAL M 159 -23.55 -57.75 -39.96
C VAL M 159 -23.18 -59.21 -39.75
N THR M 160 -24.13 -60.11 -39.93
CA THR M 160 -23.89 -61.53 -39.77
C THR M 160 -24.60 -62.30 -40.88
N ALA M 161 -24.04 -63.45 -41.25
CA ALA M 161 -24.61 -64.27 -42.32
C ALA M 161 -24.15 -65.70 -42.12
N PRO M 162 -24.94 -66.69 -42.54
CA PRO M 162 -24.52 -68.08 -42.39
C PRO M 162 -23.38 -68.42 -43.33
N VAL M 163 -22.46 -69.27 -42.85
CA VAL M 163 -21.46 -69.87 -43.73
C VAL M 163 -22.16 -70.55 -44.89
N GLY M 164 -21.59 -70.38 -46.09
CA GLY M 164 -22.20 -70.83 -47.32
C GLY M 164 -22.87 -69.74 -48.11
N THR M 165 -23.14 -68.60 -47.48
CA THR M 165 -23.68 -67.45 -48.20
C THR M 165 -22.72 -67.06 -49.32
N ASP M 166 -23.27 -66.88 -50.53
CA ASP M 166 -22.50 -66.45 -51.68
C ASP M 166 -21.65 -65.24 -51.31
N PRO M 167 -20.34 -65.26 -51.59
CA PRO M 167 -19.52 -64.06 -51.31
C PRO M 167 -20.09 -62.77 -51.88
N ARG M 168 -20.71 -62.83 -53.07
CA ARG M 168 -21.30 -61.64 -53.65
C ARG M 168 -22.40 -61.07 -52.76
N GLU M 169 -23.18 -61.95 -52.11
CA GLU M 169 -24.24 -61.47 -51.23
C GLU M 169 -23.68 -60.92 -49.93
N VAL M 170 -22.64 -61.57 -49.38
CA VAL M 170 -21.96 -61.00 -48.22
C VAL M 170 -21.41 -59.62 -48.55
N PHE M 171 -20.82 -59.48 -49.74
CA PHE M 171 -20.32 -58.18 -50.19
C PHE M 171 -21.42 -57.14 -50.21
N ASP M 172 -22.61 -57.50 -50.71
CA ASP M 172 -23.69 -56.52 -50.81
C ASP M 172 -24.28 -56.21 -49.44
N LEU M 173 -24.28 -57.17 -48.52
CA LEU M 173 -24.78 -56.90 -47.17
C LEU M 173 -23.90 -55.90 -46.44
N LEU M 174 -22.63 -55.81 -46.81
CA LEU M 174 -21.67 -54.95 -46.13
C LEU M 174 -21.56 -53.56 -46.75
N GLU M 175 -22.28 -53.29 -47.84
CA GLU M 175 -22.07 -52.06 -48.59
C GLU M 175 -22.30 -50.82 -47.72
N HIS M 176 -23.31 -50.86 -46.86
CA HIS M 176 -23.67 -49.72 -46.02
C HIS M 176 -23.45 -50.00 -44.53
N ALA M 177 -22.63 -50.99 -44.20
CA ALA M 177 -22.37 -51.23 -42.80
C ALA M 177 -21.21 -50.35 -42.31
N PRO M 178 -21.34 -49.78 -41.11
CA PRO M 178 -20.22 -48.98 -40.58
C PRO M 178 -18.90 -49.74 -40.50
N ILE M 179 -18.95 -51.01 -40.11
CA ILE M 179 -17.75 -51.85 -39.98
C ILE M 179 -17.74 -52.85 -41.12
N ASP M 180 -16.64 -52.89 -41.87
CA ASP M 180 -16.52 -53.75 -43.05
C ASP M 180 -16.08 -55.16 -42.64
N VAL M 181 -16.88 -55.78 -41.79
CA VAL M 181 -16.67 -57.16 -41.35
C VAL M 181 -18.03 -57.84 -41.24
N ALA M 182 -18.20 -58.95 -41.94
CA ALA M 182 -19.38 -59.79 -41.78
C ALA M 182 -19.02 -60.96 -40.87
N VAL M 183 -19.85 -61.18 -39.85
CA VAL M 183 -19.65 -62.26 -38.89
C VAL M 183 -20.34 -63.51 -39.43
N MET M 184 -19.56 -64.55 -39.71
CA MET M 184 -20.07 -65.76 -40.33
C MET M 184 -20.27 -66.83 -39.26
N THR M 185 -21.40 -67.52 -39.31
CA THR M 185 -21.84 -68.36 -38.21
C THR M 185 -22.11 -69.79 -38.68
N ALA M 186 -21.81 -70.74 -37.80
CA ALA M 186 -22.17 -72.13 -38.00
C ALA M 186 -23.69 -72.28 -38.00
N PRO M 187 -24.22 -73.42 -38.46
CA PRO M 187 -25.68 -73.61 -38.44
C PRO M 187 -26.30 -73.43 -37.06
N ASP M 188 -25.61 -73.81 -35.99
CA ASP M 188 -26.12 -73.61 -34.64
C ASP M 188 -25.90 -72.18 -34.12
N GLY M 189 -25.38 -71.28 -34.95
CA GLY M 189 -25.18 -69.90 -34.54
C GLY M 189 -23.84 -69.58 -33.92
N THR M 190 -22.98 -70.57 -33.71
CA THR M 190 -21.65 -70.29 -33.18
C THR M 190 -20.76 -69.67 -34.26
N LEU M 191 -19.70 -69.01 -33.80
CA LEU M 191 -18.82 -68.27 -34.69
C LEU M 191 -18.06 -69.24 -35.60
N ALA M 192 -18.18 -69.04 -36.91
CA ALA M 192 -17.40 -69.79 -37.88
C ALA M 192 -16.26 -69.00 -38.51
N GLY M 193 -16.34 -67.68 -38.48
CA GLY M 193 -15.25 -66.83 -38.95
C GLY M 193 -15.81 -65.50 -39.44
N VAL M 194 -14.98 -64.79 -40.21
CA VAL M 194 -15.33 -63.46 -40.69
C VAL M 194 -15.08 -63.37 -42.19
N LEU M 195 -15.80 -62.46 -42.84
CA LEU M 195 -15.57 -62.14 -44.24
C LEU M 195 -15.73 -60.64 -44.44
N THR M 196 -14.73 -60.01 -45.03
CA THR M 196 -14.80 -58.59 -45.41
C THR M 196 -15.17 -58.46 -46.87
N ARG M 197 -15.52 -57.24 -47.26
CA ARG M 197 -15.81 -56.96 -48.66
C ARG M 197 -14.63 -57.33 -49.56
N THR M 198 -13.43 -56.94 -49.15
CA THR M 198 -12.25 -57.26 -49.95
C THR M 198 -11.97 -58.76 -49.92
N GLY M 199 -12.19 -59.41 -48.77
CA GLY M 199 -12.07 -60.85 -48.73
C GLY M 199 -13.06 -61.54 -49.65
N ALA M 200 -14.28 -61.00 -49.74
CA ALA M 200 -15.26 -61.53 -50.68
C ALA M 200 -14.77 -61.38 -52.12
N ILE M 201 -14.20 -60.22 -52.46
CA ILE M 201 -13.63 -60.02 -53.79
C ILE M 201 -12.52 -61.03 -54.05
N ARG M 202 -11.66 -61.27 -53.06
CA ARG M 202 -10.51 -62.12 -53.27
C ARG M 202 -10.91 -63.57 -53.51
N ALA M 203 -12.01 -64.01 -52.89
CA ALA M 203 -12.52 -65.36 -53.14
C ALA M 203 -12.85 -65.56 -54.61
N GLY M 204 -13.20 -64.49 -55.32
CA GLY M 204 -13.45 -64.54 -56.75
C GLY M 204 -12.24 -64.35 -57.64
N ILE M 205 -11.07 -64.08 -57.06
CA ILE M 205 -9.87 -63.79 -57.81
C ILE M 205 -8.81 -64.88 -57.61
N TYR M 206 -8.67 -65.37 -56.39
CA TYR M 206 -7.65 -66.35 -56.02
C TYR M 206 -8.28 -67.72 -55.80
N THR M 207 -7.62 -68.76 -56.34
CA THR M 207 -8.06 -70.13 -56.13
C THR M 207 -7.29 -70.73 -54.96
N PRO M 208 -7.95 -71.15 -53.88
CA PRO M 208 -7.21 -71.73 -52.75
C PRO M 208 -6.38 -72.93 -53.18
N ALA M 209 -5.18 -73.02 -52.63
CA ALA M 209 -4.30 -74.16 -52.85
C ALA M 209 -4.70 -75.26 -51.88
N VAL M 210 -5.19 -76.38 -52.40
CA VAL M 210 -5.80 -77.43 -51.57
C VAL M 210 -5.22 -78.79 -51.93
N ASP M 211 -5.20 -79.68 -50.93
CA ASP M 211 -4.80 -81.07 -51.15
C ASP M 211 -5.93 -81.82 -51.86
N ALA M 212 -5.75 -83.14 -52.02
CA ALA M 212 -6.77 -83.94 -52.70
C ALA M 212 -8.08 -83.95 -51.92
N LYS M 213 -8.00 -83.83 -50.59
CA LYS M 213 -9.17 -83.75 -49.73
C LYS M 213 -9.83 -82.37 -49.72
N GLY M 214 -9.34 -81.43 -50.54
CA GLY M 214 -9.90 -80.10 -50.55
C GLY M 214 -9.57 -79.26 -49.34
N ARG M 215 -8.46 -79.55 -48.66
CA ARG M 215 -8.01 -78.79 -47.50
C ARG M 215 -6.79 -77.96 -47.85
N LEU M 216 -6.63 -76.82 -47.16
CA LEU M 216 -5.56 -75.89 -47.46
C LEU M 216 -4.19 -76.56 -47.36
N ARG M 217 -3.35 -76.33 -48.38
CA ARG M 217 -2.02 -76.92 -48.45
C ARG M 217 -1.03 -76.25 -47.50
N ILE M 218 0.02 -76.99 -47.18
CA ILE M 218 1.06 -76.51 -46.27
C ILE M 218 2.28 -77.39 -46.48
N ALA M 219 3.47 -76.82 -46.29
CA ALA M 219 4.71 -77.54 -46.43
C ALA M 219 5.51 -77.46 -45.14
N ALA M 220 6.63 -78.21 -45.11
CA ALA M 220 7.47 -78.26 -43.92
C ALA M 220 8.90 -78.50 -44.34
N ALA M 221 9.84 -77.87 -43.65
CA ALA M 221 11.25 -77.94 -43.98
C ALA M 221 11.98 -78.85 -43.00
N VAL M 222 13.11 -79.38 -43.45
CA VAL M 222 13.99 -80.20 -42.62
C VAL M 222 15.43 -79.88 -42.97
N GLY M 223 16.28 -79.75 -41.93
CA GLY M 223 17.69 -79.61 -42.14
C GLY M 223 18.37 -80.94 -42.35
N ILE M 224 19.65 -80.90 -42.69
CA ILE M 224 20.38 -82.10 -43.08
C ILE M 224 21.23 -82.66 -41.95
N ASN M 225 21.05 -82.17 -40.73
CA ASN M 225 21.67 -82.79 -39.57
C ASN M 225 20.74 -83.84 -38.99
N GLY M 226 21.33 -84.76 -38.22
CA GLY M 226 20.55 -85.78 -37.56
C GLY M 226 20.02 -86.82 -38.53
N ASP M 227 18.91 -87.46 -38.12
CA ASP M 227 18.26 -88.50 -38.91
C ASP M 227 17.27 -87.81 -39.84
N VAL M 228 17.75 -87.45 -41.03
CA VAL M 228 16.93 -86.69 -41.97
C VAL M 228 15.72 -87.50 -42.42
N GLY M 229 15.94 -88.80 -42.71
CA GLY M 229 14.83 -89.64 -43.15
C GLY M 229 13.71 -89.73 -42.13
N ALA M 230 14.06 -89.95 -40.87
CA ALA M 230 13.03 -90.11 -39.84
C ALA M 230 12.29 -88.80 -39.61
N LYS M 231 13.00 -87.67 -39.69
CA LYS M 231 12.35 -86.38 -39.53
C LYS M 231 11.38 -86.12 -40.69
N ALA M 232 11.82 -86.38 -41.91
CA ALA M 232 10.94 -86.21 -43.07
C ALA M 232 9.74 -87.15 -43.00
N GLN M 233 9.97 -88.40 -42.58
CA GLN M 233 8.87 -89.34 -42.40
C GLN M 233 7.83 -88.80 -41.41
N ALA M 234 8.29 -88.20 -40.32
CA ALA M 234 7.36 -87.66 -39.33
C ALA M 234 6.60 -86.46 -39.89
N LEU M 235 7.27 -85.56 -40.61
CA LEU M 235 6.60 -84.41 -41.20
C LEU M 235 5.54 -84.84 -42.22
N ALA M 236 5.85 -85.88 -43.00
CA ALA M 236 4.86 -86.38 -43.95
C ALA M 236 3.66 -86.99 -43.24
N GLU M 237 3.91 -87.72 -42.14
CA GLU M 237 2.82 -88.30 -41.37
C GLU M 237 2.01 -87.22 -40.64
N ALA M 238 2.62 -86.07 -40.35
CA ALA M 238 1.88 -84.97 -39.75
C ALA M 238 0.95 -84.29 -40.73
N GLY M 239 1.11 -84.55 -42.03
CA GLY M 239 0.23 -84.00 -43.03
C GLY M 239 0.84 -82.99 -43.99
N ALA M 240 2.16 -82.82 -43.97
CA ALA M 240 2.81 -81.92 -44.92
C ALA M 240 2.54 -82.37 -46.34
N ASP M 241 2.16 -81.41 -47.19
CA ASP M 241 1.92 -81.69 -48.61
C ASP M 241 3.19 -81.66 -49.43
N LEU M 242 4.26 -81.04 -48.91
CA LEU M 242 5.51 -80.93 -49.63
C LEU M 242 6.64 -80.80 -48.61
N LEU M 243 7.80 -81.36 -48.95
CA LEU M 243 8.94 -81.37 -48.04
C LEU M 243 10.09 -80.57 -48.65
N VAL M 244 10.73 -79.76 -47.81
CA VAL M 244 11.87 -78.93 -48.22
C VAL M 244 13.09 -79.37 -47.41
N ILE M 245 14.09 -79.89 -48.09
CA ILE M 245 15.37 -80.22 -47.48
C ILE M 245 16.28 -79.00 -47.67
N ASP M 246 16.64 -78.34 -46.57
CA ASP M 246 17.15 -76.98 -46.62
C ASP M 246 18.50 -76.87 -45.93
N THR M 247 19.49 -76.32 -46.65
CA THR M 247 20.79 -76.05 -46.06
C THR M 247 21.44 -74.90 -46.83
N ALA M 248 22.38 -74.23 -46.16
CA ALA M 248 23.01 -73.05 -46.77
C ALA M 248 23.86 -73.43 -47.98
N HIS M 249 24.64 -74.51 -47.88
CA HIS M 249 25.48 -74.98 -48.98
C HIS M 249 24.89 -76.28 -49.49
N GLY M 250 23.97 -76.18 -50.45
CA GLY M 250 23.27 -77.36 -50.93
C GLY M 250 24.14 -78.31 -51.73
N HIS M 251 25.25 -77.84 -52.31
CA HIS M 251 26.06 -78.65 -53.21
C HIS M 251 27.17 -79.35 -52.43
N GLN M 252 26.77 -80.24 -51.54
CA GLN M 252 27.74 -80.93 -50.70
C GLN M 252 27.25 -82.34 -50.40
N ALA M 253 28.22 -83.19 -50.02
CA ALA M 253 27.95 -84.62 -49.87
C ALA M 253 26.82 -84.90 -48.90
N LYS M 254 26.76 -84.16 -47.78
CA LYS M 254 25.76 -84.43 -46.76
C LYS M 254 24.35 -84.12 -47.26
N MET M 255 24.20 -83.14 -48.15
CA MET M 255 22.89 -82.88 -48.73
C MET M 255 22.48 -83.99 -49.70
N LEU M 256 23.42 -84.44 -50.53
CA LEU M 256 23.10 -85.53 -51.46
C LEU M 256 22.66 -86.78 -50.71
N ASP M 257 23.33 -87.10 -49.61
CA ASP M 257 22.94 -88.25 -48.80
C ASP M 257 21.55 -88.04 -48.19
N ALA M 258 21.26 -86.81 -47.75
CA ALA M 258 19.96 -86.54 -47.14
C ALA M 258 18.82 -86.68 -48.15
N ILE M 259 19.03 -86.18 -49.37
CA ILE M 259 18.01 -86.36 -50.42
C ILE M 259 17.76 -87.84 -50.67
N LYS M 260 18.84 -88.61 -50.88
CA LYS M 260 18.69 -90.05 -51.10
C LYS M 260 17.96 -90.70 -49.93
N ALA M 261 18.27 -90.30 -48.70
CA ALA M 261 17.62 -90.89 -47.54
C ALA M 261 16.13 -90.57 -47.51
N VAL M 262 15.74 -89.35 -47.91
CA VAL M 262 14.33 -89.01 -47.93
C VAL M 262 13.63 -89.64 -49.14
N ALA M 263 14.28 -89.62 -50.30
CA ALA M 263 13.67 -90.19 -51.49
C ALA M 263 13.43 -91.70 -51.34
N SER M 264 14.31 -92.41 -50.65
CA SER M 264 14.17 -93.85 -50.49
C SER M 264 12.95 -94.23 -49.65
N LEU M 265 12.36 -93.28 -48.94
CA LEU M 265 11.18 -93.55 -48.12
C LEU M 265 9.89 -93.64 -48.94
N ASP M 266 9.91 -93.24 -50.22
CA ASP M 266 8.75 -93.32 -51.10
C ASP M 266 7.52 -92.67 -50.47
N LEU M 267 7.72 -91.47 -49.90
CA LEU M 267 6.64 -90.77 -49.21
C LEU M 267 5.58 -90.24 -50.17
N GLY M 268 5.86 -90.19 -51.47
CA GLY M 268 4.89 -89.73 -52.44
C GLY M 268 4.68 -88.24 -52.49
N LEU M 269 5.57 -87.45 -51.87
CA LEU M 269 5.39 -86.02 -51.78
C LEU M 269 6.43 -85.29 -52.63
N PRO M 270 6.09 -84.12 -53.16
CA PRO M 270 7.09 -83.31 -53.86
C PRO M 270 8.28 -83.03 -52.95
N LEU M 271 9.48 -83.15 -53.49
CA LEU M 271 10.72 -82.99 -52.74
C LEU M 271 11.49 -81.79 -53.28
N VAL M 272 11.63 -80.76 -52.44
CA VAL M 272 12.46 -79.59 -52.72
C VAL M 272 13.78 -79.74 -51.98
N ALA M 273 14.89 -79.36 -52.62
CA ALA M 273 16.17 -79.33 -51.94
C ALA M 273 16.98 -78.13 -52.40
N GLY M 274 17.75 -77.54 -51.48
CA GLY M 274 18.56 -76.38 -51.76
C GLY M 274 19.43 -76.03 -50.58
N ASN M 275 20.31 -75.03 -50.79
CA ASN M 275 20.33 -74.19 -51.97
C ASN M 275 21.60 -74.31 -52.80
N VAL M 276 21.45 -74.14 -54.13
CA VAL M 276 22.58 -74.08 -55.06
C VAL M 276 22.38 -72.88 -55.97
N VAL M 277 23.43 -72.55 -56.73
CA VAL M 277 23.36 -71.46 -57.70
C VAL M 277 24.04 -71.85 -59.00
N SER M 278 24.30 -73.14 -59.20
CA SER M 278 25.04 -73.60 -60.38
C SER M 278 24.30 -74.72 -61.09
N ALA M 279 24.51 -74.79 -62.41
CA ALA M 279 23.94 -75.90 -63.19
C ALA M 279 24.40 -77.24 -62.64
N GLU M 280 25.69 -77.37 -62.30
CA GLU M 280 26.20 -78.62 -61.75
C GLU M 280 25.50 -78.97 -60.44
N GLY M 281 25.31 -77.99 -59.56
CA GLY M 281 24.63 -78.26 -58.31
C GLY M 281 23.18 -78.66 -58.53
N THR M 282 22.51 -78.01 -59.48
CA THR M 282 21.13 -78.35 -59.79
C THR M 282 21.01 -79.79 -60.28
N ARG M 283 21.88 -80.19 -61.21
CA ARG M 283 21.84 -81.56 -61.70
C ARG M 283 22.07 -82.56 -60.58
N ASP M 284 23.05 -82.30 -59.72
CA ASP M 284 23.38 -83.24 -58.66
C ASP M 284 22.23 -83.43 -57.68
N LEU M 285 21.53 -82.35 -57.31
CA LEU M 285 20.41 -82.48 -56.39
C LEU M 285 19.26 -83.26 -57.02
N ILE M 286 19.03 -83.08 -58.32
CA ILE M 286 17.94 -83.77 -59.00
C ILE M 286 18.25 -85.26 -59.15
N GLU M 287 19.48 -85.57 -59.59
CA GLU M 287 19.87 -86.97 -59.71
C GLU M 287 19.82 -87.68 -58.37
N ALA M 288 20.04 -86.95 -57.27
CA ALA M 288 19.95 -87.55 -55.94
C ALA M 288 18.51 -87.80 -55.50
N GLY M 289 17.52 -87.21 -56.17
CA GLY M 289 16.14 -87.54 -55.87
C GLY M 289 15.20 -86.35 -55.71
N ALA M 290 15.71 -85.14 -55.79
CA ALA M 290 14.87 -83.96 -55.66
C ALA M 290 14.10 -83.71 -56.95
N SER M 291 12.83 -83.32 -56.81
CA SER M 291 12.05 -82.88 -57.96
C SER M 291 12.16 -81.38 -58.18
N ILE M 292 12.39 -80.60 -57.12
CA ILE M 292 12.51 -79.16 -57.21
C ILE M 292 13.81 -78.73 -56.53
N VAL M 293 14.54 -77.82 -57.17
CA VAL M 293 15.81 -77.31 -56.66
C VAL M 293 15.58 -75.86 -56.23
N LYS M 294 15.88 -75.57 -54.97
CA LYS M 294 15.76 -74.22 -54.43
C LYS M 294 17.07 -73.47 -54.70
N VAL M 295 16.97 -72.33 -55.37
CA VAL M 295 18.13 -71.60 -55.87
C VAL M 295 18.30 -70.31 -55.09
N GLY M 296 19.52 -70.04 -54.66
CA GLY M 296 19.85 -68.80 -53.98
C GLY M 296 20.91 -68.99 -52.92
N VAL M 297 22.10 -68.41 -53.13
CA VAL M 297 23.16 -68.39 -52.15
C VAL M 297 23.77 -67.00 -52.18
N GLY M 298 23.76 -66.31 -51.04
CA GLY M 298 24.26 -64.95 -50.94
C GLY M 298 23.94 -64.07 -52.13
N PRO M 299 22.65 -63.89 -52.43
CA PRO M 299 22.29 -63.06 -53.59
C PRO M 299 22.64 -61.59 -53.43
N GLY M 300 22.67 -61.07 -52.22
CA GLY M 300 22.91 -59.66 -52.00
C GLY M 300 24.36 -59.34 -51.75
N ALA M 301 24.95 -58.49 -52.61
CA ALA M 301 26.37 -58.21 -52.58
C ALA M 301 26.85 -57.68 -51.23
N MET M 302 25.97 -57.07 -50.44
CA MET M 302 26.35 -56.49 -49.16
C MET M 302 25.69 -57.19 -47.98
N CYS M 303 25.10 -58.35 -48.19
CA CYS M 303 24.48 -59.10 -47.09
C CYS M 303 25.53 -59.97 -46.39
N THR M 304 25.09 -60.61 -45.30
CA THR M 304 26.02 -61.22 -44.36
C THR M 304 26.87 -62.30 -45.01
N THR M 305 26.24 -63.21 -45.77
CA THR M 305 26.98 -64.31 -46.37
C THR M 305 28.08 -63.78 -47.30
N ARG M 306 27.75 -62.80 -48.13
CA ARG M 306 28.74 -62.25 -49.05
C ARG M 306 29.86 -61.54 -48.31
N MET M 307 29.51 -60.75 -47.29
CA MET M 307 30.54 -59.98 -46.59
C MET M 307 31.39 -60.84 -45.68
N MET M 308 30.90 -62.01 -45.26
CA MET M 308 31.69 -62.92 -44.43
C MET M 308 32.60 -63.81 -45.26
N THR M 309 32.18 -64.18 -46.47
CA THR M 309 32.86 -65.24 -47.23
C THR M 309 33.22 -64.87 -48.65
N GLY M 310 32.60 -63.83 -49.24
CA GLY M 310 32.72 -63.61 -50.66
C GLY M 310 31.89 -64.54 -51.51
N VAL M 311 31.15 -65.47 -50.91
CA VAL M 311 30.44 -66.50 -51.64
C VAL M 311 29.03 -66.04 -51.98
N GLY M 312 28.62 -66.27 -53.22
CA GLY M 312 27.28 -65.92 -53.66
C GLY M 312 27.22 -65.91 -55.17
N ARG M 313 26.07 -65.49 -55.69
CA ARG M 313 25.90 -65.29 -57.12
C ARG M 313 24.72 -64.37 -57.35
N PRO M 314 24.84 -63.39 -58.25
CA PRO M 314 23.68 -62.55 -58.60
C PRO M 314 22.49 -63.41 -59.01
N GLN M 315 21.33 -63.11 -58.42
CA GLN M 315 20.25 -64.09 -58.38
C GLN M 315 19.60 -64.32 -59.74
N PHE M 316 19.57 -63.32 -60.61
CA PHE M 316 18.92 -63.54 -61.91
C PHE M 316 19.73 -64.50 -62.76
N SER M 317 21.04 -64.29 -62.86
CA SER M 317 21.88 -65.24 -63.59
C SER M 317 21.81 -66.63 -62.96
N ALA M 318 21.73 -66.68 -61.62
CA ALA M 318 21.66 -67.98 -60.95
C ALA M 318 20.38 -68.73 -61.32
N VAL M 319 19.24 -68.03 -61.35
CA VAL M 319 17.99 -68.69 -61.67
C VAL M 319 17.95 -69.11 -63.14
N VAL M 320 18.47 -68.26 -64.02
CA VAL M 320 18.50 -68.61 -65.45
C VAL M 320 19.26 -69.91 -65.66
N GLU M 321 20.49 -69.98 -65.16
CA GLU M 321 21.33 -71.15 -65.37
C GLU M 321 20.72 -72.40 -64.74
N CYS M 322 20.23 -72.28 -63.50
CA CYS M 322 19.71 -73.45 -62.79
C CYS M 322 18.36 -73.90 -63.32
N ALA M 323 17.50 -72.98 -63.73
CA ALA M 323 16.20 -73.36 -64.27
C ALA M 323 16.35 -74.10 -65.59
N ALA M 324 17.26 -73.65 -66.45
CA ALA M 324 17.50 -74.31 -67.72
C ALA M 324 18.06 -75.71 -67.51
N ALA M 325 18.97 -75.87 -66.55
CA ALA M 325 19.52 -77.18 -66.25
C ALA M 325 18.45 -78.12 -65.69
N ALA M 326 17.62 -77.62 -64.77
CA ALA M 326 16.57 -78.47 -64.20
C ALA M 326 15.54 -78.85 -65.27
N ARG M 327 15.23 -77.93 -66.18
CA ARG M 327 14.24 -78.20 -67.23
C ARG M 327 14.72 -79.32 -68.15
N GLN M 328 16.03 -79.36 -68.42
CA GLN M 328 16.60 -80.44 -69.22
C GLN M 328 16.51 -81.80 -68.54
N LEU M 329 16.36 -81.83 -67.21
CA LEU M 329 16.32 -83.07 -66.45
C LEU M 329 14.93 -83.36 -65.89
N GLY M 330 13.90 -82.67 -66.38
CA GLY M 330 12.55 -82.90 -65.89
C GLY M 330 12.24 -82.29 -64.55
N GLY M 331 13.10 -81.41 -64.05
CA GLY M 331 12.92 -80.80 -62.75
C GLY M 331 12.44 -79.36 -62.84
N HIS M 332 12.37 -78.73 -61.66
CA HIS M 332 11.89 -77.37 -61.51
C HIS M 332 12.83 -76.62 -60.56
N VAL M 333 12.70 -75.29 -60.55
CA VAL M 333 13.56 -74.43 -59.75
C VAL M 333 12.69 -73.41 -59.01
N TRP M 334 12.97 -73.23 -57.73
CA TRP M 334 12.40 -72.15 -56.93
C TRP M 334 13.44 -71.05 -56.73
N ALA M 335 13.06 -69.81 -57.01
CA ALA M 335 13.94 -68.66 -56.82
C ALA M 335 13.81 -68.21 -55.36
N ASP M 336 14.84 -68.45 -54.56
CA ASP M 336 14.80 -68.22 -53.12
C ASP M 336 15.74 -67.07 -52.76
N GLY M 337 15.17 -65.91 -52.44
CA GLY M 337 15.97 -64.86 -51.84
C GLY M 337 15.99 -63.54 -52.57
N GLY M 338 15.99 -62.44 -51.82
CA GLY M 338 16.18 -61.13 -52.39
C GLY M 338 14.95 -60.47 -52.94
N VAL M 339 13.78 -61.09 -52.79
CA VAL M 339 12.55 -60.56 -53.38
C VAL M 339 12.05 -59.41 -52.52
N ARG M 340 11.90 -58.22 -53.12
CA ARG M 340 11.38 -57.07 -52.41
C ARG M 340 10.29 -56.33 -53.16
N HIS M 341 10.10 -56.58 -54.44
CA HIS M 341 9.15 -55.88 -55.29
C HIS M 341 8.50 -56.90 -56.20
N PRO M 342 7.30 -56.61 -56.70
CA PRO M 342 6.68 -57.52 -57.68
C PRO M 342 7.56 -57.75 -58.89
N ARG M 343 8.36 -56.76 -59.28
CA ARG M 343 9.32 -56.94 -60.36
C ARG M 343 10.21 -58.16 -60.15
N ASP M 344 10.64 -58.38 -58.91
CA ASP M 344 11.53 -59.50 -58.64
C ASP M 344 10.84 -60.85 -58.86
N VAL M 345 9.57 -60.95 -58.44
CA VAL M 345 8.79 -62.17 -58.70
C VAL M 345 8.66 -62.40 -60.20
N ALA M 346 8.27 -61.35 -60.94
CA ALA M 346 8.09 -61.51 -62.38
C ALA M 346 9.40 -61.89 -63.06
N LEU M 347 10.52 -61.28 -62.66
CA LEU M 347 11.80 -61.57 -63.30
C LEU M 347 12.26 -62.99 -62.98
N ALA M 348 12.02 -63.47 -61.77
CA ALA M 348 12.38 -64.84 -61.44
C ALA M 348 11.58 -65.81 -62.29
N LEU M 349 10.29 -65.52 -62.49
CA LEU M 349 9.46 -66.36 -63.34
C LEU M 349 9.90 -66.27 -64.79
N ALA M 350 10.24 -65.07 -65.26
CA ALA M 350 10.75 -64.92 -66.61
C ALA M 350 12.04 -65.71 -66.79
N ALA M 351 12.86 -65.76 -65.74
CA ALA M 351 14.11 -66.53 -65.77
C ALA M 351 13.87 -68.03 -65.77
N GLY M 352 12.65 -68.49 -65.49
CA GLY M 352 12.32 -69.90 -65.56
C GLY M 352 12.03 -70.57 -64.24
N ALA M 353 12.06 -69.84 -63.13
CA ALA M 353 11.59 -70.41 -61.87
C ALA M 353 10.13 -70.81 -61.99
N SER M 354 9.78 -71.91 -61.32
CA SER M 354 8.40 -72.34 -61.24
C SER M 354 7.64 -71.72 -60.08
N ASN M 355 8.36 -71.23 -59.08
CA ASN M 355 7.78 -70.64 -57.88
C ASN M 355 8.83 -69.69 -57.31
N VAL M 356 8.37 -68.71 -56.54
CA VAL M 356 9.25 -67.70 -55.96
C VAL M 356 9.07 -67.73 -54.45
N MET M 357 10.15 -67.97 -53.72
CA MET M 357 10.10 -68.02 -52.25
C MET M 357 10.41 -66.64 -51.67
N ILE M 358 9.52 -66.18 -50.79
CA ILE M 358 9.61 -64.84 -50.22
C ILE M 358 9.68 -64.97 -48.70
N GLY M 359 10.68 -64.33 -48.10
CA GLY M 359 10.82 -64.36 -46.67
C GLY M 359 10.63 -63.01 -45.99
N SER M 360 11.73 -62.25 -45.88
N SER M 360 11.74 -62.25 -45.88
CA SER M 360 11.73 -61.08 -45.01
CA SER M 360 11.75 -61.05 -45.04
C SER M 360 10.67 -60.05 -45.43
N TRP M 361 10.41 -59.91 -46.73
CA TRP M 361 9.37 -58.99 -47.17
C TRP M 361 8.05 -59.26 -46.44
N PHE M 362 7.70 -60.54 -46.27
CA PHE M 362 6.44 -60.88 -45.64
C PHE M 362 6.49 -60.78 -44.12
N ALA M 363 7.65 -60.53 -43.53
CA ALA M 363 7.69 -60.25 -42.10
C ALA M 363 6.92 -58.99 -41.77
N GLY M 364 6.99 -57.99 -42.64
CA GLY M 364 6.30 -56.73 -42.43
C GLY M 364 4.84 -56.78 -42.80
N THR M 365 4.11 -57.70 -42.17
CA THR M 365 2.67 -57.85 -42.34
C THR M 365 2.04 -58.16 -40.99
N TYR M 366 0.73 -57.95 -40.90
CA TYR M 366 0.00 -58.28 -39.67
C TYR M 366 0.08 -59.77 -39.36
N GLU M 367 0.10 -60.62 -40.40
CA GLU M 367 -0.05 -62.05 -40.19
C GLU M 367 1.25 -62.76 -39.80
N SER M 368 2.40 -62.11 -39.93
CA SER M 368 3.65 -62.74 -39.51
C SER M 368 3.66 -62.92 -38.00
N PRO M 369 4.47 -63.85 -37.49
CA PRO M 369 4.39 -64.19 -36.05
C PRO M 369 4.86 -63.10 -35.11
N GLY M 370 5.83 -62.28 -35.52
CA GLY M 370 6.42 -61.31 -34.62
C GLY M 370 5.45 -60.23 -34.20
N ASP M 371 5.82 -59.51 -33.14
CA ASP M 371 5.01 -58.42 -32.63
C ASP M 371 5.14 -57.19 -33.51
N LEU M 372 4.05 -56.42 -33.59
CA LEU M 372 4.07 -55.15 -34.29
C LEU M 372 4.79 -54.10 -33.46
N LEU M 373 5.61 -53.28 -34.12
CA LEU M 373 6.48 -52.31 -33.47
C LEU M 373 6.37 -50.97 -34.19
N PHE M 374 6.88 -49.92 -33.54
CA PHE M 374 6.83 -48.57 -34.08
C PHE M 374 8.18 -47.90 -33.85
N ASP M 375 8.71 -47.26 -34.88
CA ASP M 375 10.09 -46.78 -34.89
C ASP M 375 10.16 -45.37 -34.30
N ARG M 376 11.24 -44.63 -34.60
CA ARG M 376 11.45 -43.27 -34.13
C ARG M 376 10.57 -42.25 -34.83
N ASP M 377 9.66 -42.68 -35.71
CA ASP M 377 8.70 -41.78 -36.34
C ASP M 377 7.28 -42.34 -36.26
N ASP M 378 7.02 -43.25 -35.31
CA ASP M 378 5.73 -43.87 -35.09
C ASP M 378 5.25 -44.72 -36.27
N ARG M 379 6.16 -45.05 -37.20
CA ARG M 379 5.82 -45.88 -38.36
C ARG M 379 5.86 -47.36 -37.97
N PRO M 380 4.87 -48.14 -38.40
CA PRO M 380 4.81 -49.55 -37.99
C PRO M 380 5.79 -50.42 -38.77
N TYR M 381 6.34 -51.40 -38.08
CA TYR M 381 7.27 -52.33 -38.72
C TYR M 381 7.32 -53.62 -37.89
N LYS M 382 8.00 -54.61 -38.46
CA LYS M 382 8.33 -55.84 -37.73
C LYS M 382 9.75 -56.23 -38.08
N GLU M 383 10.38 -56.98 -37.18
CA GLU M 383 11.74 -57.42 -37.39
C GLU M 383 11.75 -58.78 -38.09
N SER M 384 12.49 -58.86 -39.18
CA SER M 384 12.85 -60.14 -39.77
C SER M 384 14.23 -60.54 -39.25
N TYR M 385 14.43 -61.84 -39.09
CA TYR M 385 15.74 -62.32 -38.67
C TYR M 385 15.98 -63.69 -39.31
N GLY M 386 17.27 -64.04 -39.41
CA GLY M 386 17.65 -65.23 -40.13
C GLY M 386 17.50 -66.50 -39.32
N MET M 387 17.47 -67.62 -40.03
CA MET M 387 17.45 -68.92 -39.39
C MET M 387 18.84 -69.35 -38.92
N ALA M 388 19.88 -68.69 -39.43
CA ALA M 388 21.25 -68.84 -38.91
C ALA M 388 21.70 -70.29 -38.89
N SER M 389 22.04 -70.80 -37.70
CA SER M 389 22.61 -72.15 -37.61
C SER M 389 21.60 -73.25 -37.97
N LYS M 390 20.30 -72.93 -38.03
CA LYS M 390 19.33 -73.92 -38.47
C LYS M 390 19.45 -74.26 -39.94
N ARG M 391 20.27 -73.51 -40.70
CA ARG M 391 20.57 -73.82 -42.10
C ARG M 391 21.99 -74.31 -42.29
N ALA M 392 22.71 -74.60 -41.22
CA ALA M 392 24.12 -74.97 -41.30
C ALA M 392 24.31 -76.43 -40.88
N VAL M 393 25.39 -77.02 -41.40
CA VAL M 393 25.77 -78.38 -41.00
C VAL M 393 26.36 -78.34 -39.61
N ALA M 394 26.04 -79.35 -38.80
CA ALA M 394 26.60 -79.45 -37.46
C ALA M 394 27.26 -80.81 -37.24
N SER M 401 30.79 -82.17 -24.36
CA SER M 401 30.85 -81.40 -23.12
C SER M 401 30.44 -79.95 -23.36
N SER M 402 30.35 -79.17 -22.27
CA SER M 402 30.02 -77.76 -22.40
C SER M 402 31.19 -76.96 -22.96
N PHE M 403 32.42 -77.41 -22.73
CA PHE M 403 33.58 -76.82 -23.39
C PHE M 403 33.47 -76.97 -24.91
N ASP M 404 33.20 -78.20 -25.38
CA ASP M 404 33.02 -78.43 -26.81
C ASP M 404 31.83 -77.67 -27.35
N ARG M 405 30.78 -77.50 -26.54
CA ARG M 405 29.63 -76.71 -26.96
C ARG M 405 30.03 -75.27 -27.26
N ALA M 406 30.74 -74.62 -26.33
CA ALA M 406 31.16 -73.25 -26.53
C ALA M 406 32.18 -73.14 -27.65
N ARG M 407 33.00 -74.18 -27.86
CA ARG M 407 33.98 -74.15 -28.94
C ARG M 407 33.30 -74.08 -30.30
N LYS M 408 32.38 -75.01 -30.57
CA LYS M 408 31.67 -75.01 -31.84
C LYS M 408 30.77 -73.78 -31.98
N GLY M 409 30.29 -73.23 -30.87
CA GLY M 409 29.45 -72.06 -30.92
C GLY M 409 30.16 -70.75 -31.17
N LEU M 410 31.48 -70.71 -31.02
CA LEU M 410 32.21 -69.46 -31.14
C LEU M 410 32.18 -68.91 -32.57
N PHE M 411 32.19 -69.79 -33.57
CA PHE M 411 32.31 -69.37 -34.96
C PHE M 411 30.98 -69.29 -35.69
N GLU M 412 29.90 -69.82 -35.11
CA GLU M 412 28.66 -69.99 -35.86
C GLU M 412 28.06 -68.62 -36.23
N GLU M 413 27.18 -68.66 -37.23
CA GLU M 413 26.54 -67.45 -37.72
C GLU M 413 25.64 -66.85 -36.65
N GLY M 414 25.81 -65.56 -36.40
CA GLY M 414 24.89 -64.84 -35.55
C GLY M 414 23.58 -64.52 -36.27
N ILE M 415 22.53 -64.34 -35.48
CA ILE M 415 21.22 -64.01 -36.03
C ILE M 415 21.21 -62.53 -36.40
N SER M 416 21.10 -62.25 -37.69
CA SER M 416 20.99 -60.89 -38.19
C SER M 416 19.53 -60.46 -38.15
N THR M 417 19.29 -59.21 -37.74
CA THR M 417 17.94 -58.67 -37.60
C THR M 417 17.76 -57.48 -38.52
N SER M 418 16.60 -57.40 -39.17
CA SER M 418 16.32 -56.35 -40.15
C SER M 418 14.92 -55.80 -39.92
N ARG M 419 14.75 -54.51 -40.16
CA ARG M 419 13.46 -53.84 -39.97
C ARG M 419 12.67 -53.88 -41.25
N MET M 420 11.49 -54.47 -41.21
CA MET M 420 10.59 -54.54 -42.35
C MET M 420 9.36 -53.70 -42.04
N SER M 421 9.25 -52.56 -42.70
CA SER M 421 8.15 -51.65 -42.45
C SER M 421 6.85 -52.21 -43.02
N LEU M 422 5.77 -52.06 -42.27
CA LEU M 422 4.44 -52.34 -42.80
C LEU M 422 3.96 -51.18 -43.65
N ASP M 423 3.29 -51.52 -44.73
CA ASP M 423 2.64 -50.50 -45.54
C ASP M 423 1.36 -50.04 -44.84
N PRO M 424 1.14 -48.74 -44.70
CA PRO M 424 -0.18 -48.28 -44.23
C PRO M 424 -1.31 -48.68 -45.18
N ALA M 425 -1.02 -48.87 -46.46
CA ALA M 425 -2.02 -49.27 -47.45
C ALA M 425 -1.97 -50.75 -47.79
N ARG M 426 -0.94 -51.47 -47.37
CA ARG M 426 -0.77 -52.89 -47.68
C ARG M 426 -0.28 -53.63 -46.44
N GLY M 427 -0.91 -53.36 -45.29
CA GLY M 427 -0.44 -53.93 -44.05
C GLY M 427 -0.62 -55.44 -43.96
N GLY M 428 -1.60 -55.98 -44.68
CA GLY M 428 -1.83 -57.42 -44.68
C GLY M 428 -1.07 -58.11 -45.80
N VAL M 429 -0.73 -59.38 -45.57
CA VAL M 429 0.00 -60.14 -46.59
C VAL M 429 -0.84 -60.29 -47.85
N GLU M 430 -2.18 -60.30 -47.72
CA GLU M 430 -3.03 -60.41 -48.90
C GLU M 430 -2.93 -59.17 -49.78
N ASP M 431 -2.67 -58.01 -49.18
CA ASP M 431 -2.40 -56.82 -49.98
C ASP M 431 -1.09 -56.96 -50.74
N LEU M 432 -0.09 -57.57 -50.12
CA LEU M 432 1.17 -57.82 -50.84
C LEU M 432 0.95 -58.83 -51.95
N LEU M 433 0.10 -59.83 -51.72
CA LEU M 433 -0.22 -60.77 -52.80
C LEU M 433 -0.93 -60.08 -53.95
N ASP M 434 -1.87 -59.17 -53.64
CA ASP M 434 -2.49 -58.38 -54.70
C ASP M 434 -1.44 -57.60 -55.49
N HIS M 435 -0.53 -56.95 -54.76
CA HIS M 435 0.55 -56.18 -55.37
C HIS M 435 1.40 -57.07 -56.29
N ILE M 436 1.83 -58.22 -55.77
CA ILE M 436 2.71 -59.13 -56.52
C ILE M 436 1.98 -59.68 -57.74
N THR M 437 0.79 -60.24 -57.54
CA THR M 437 0.13 -60.91 -58.65
C THR M 437 -0.41 -59.92 -59.68
N SER M 438 -0.87 -58.75 -59.24
CA SER M 438 -1.18 -57.70 -60.21
C SER M 438 0.02 -57.41 -61.10
N GLY M 439 1.20 -57.35 -60.52
CA GLY M 439 2.39 -57.07 -61.30
C GLY M 439 2.74 -58.20 -62.25
N VAL M 440 2.69 -59.44 -61.76
CA VAL M 440 3.04 -60.59 -62.61
C VAL M 440 2.04 -60.74 -63.75
N ARG M 441 0.74 -60.57 -63.46
CA ARG M 441 -0.26 -60.61 -64.53
C ARG M 441 0.02 -59.54 -65.57
N SER M 442 0.42 -58.34 -65.12
N SER M 442 0.43 -58.35 -65.12
CA SER M 442 0.77 -57.27 -66.06
CA SER M 442 0.75 -57.30 -66.07
C SER M 442 1.98 -57.67 -66.89
N THR M 443 3.02 -58.22 -66.26
CA THR M 443 4.17 -58.69 -67.02
C THR M 443 3.75 -59.64 -68.12
N CYS M 444 2.85 -60.58 -67.81
CA CYS M 444 2.41 -61.55 -68.81
C CYS M 444 1.69 -60.88 -69.97
N THR M 445 0.81 -59.91 -69.69
CA THR M 445 0.14 -59.22 -70.79
C THR M 445 1.12 -58.43 -71.64
N TYR M 446 2.17 -57.86 -71.02
CA TYR M 446 3.19 -57.16 -71.79
C TYR M 446 3.99 -58.12 -72.67
N VAL M 447 4.24 -59.34 -72.18
CA VAL M 447 5.03 -60.30 -72.94
C VAL M 447 4.20 -61.00 -74.00
N GLY M 448 2.89 -61.04 -73.84
CA GLY M 448 2.04 -61.84 -74.71
C GLY M 448 1.81 -63.25 -74.21
N ALA M 449 1.96 -63.48 -72.91
CA ALA M 449 1.90 -64.81 -72.32
C ALA M 449 0.59 -64.98 -71.57
N ALA M 450 -0.10 -66.08 -71.83
CA ALA M 450 -1.35 -66.40 -71.15
C ALA M 450 -1.15 -67.20 -69.88
N ASN M 451 0.07 -67.64 -69.59
CA ASN M 451 0.36 -68.43 -68.41
C ASN M 451 1.86 -68.39 -68.16
N LEU M 452 2.27 -68.99 -67.05
CA LEU M 452 3.66 -68.94 -66.61
C LEU M 452 4.60 -69.66 -67.57
N PRO M 453 4.28 -70.86 -68.08
CA PRO M 453 5.16 -71.45 -69.11
C PRO M 453 5.33 -70.57 -70.33
N GLU M 454 4.26 -69.91 -70.78
CA GLU M 454 4.41 -69.01 -71.92
C GLU M 454 5.24 -67.78 -71.57
N LEU M 455 5.23 -67.35 -70.30
CA LEU M 455 6.05 -66.21 -69.91
C LEU M 455 7.54 -66.52 -70.11
N HIS M 456 7.96 -67.70 -69.66
CA HIS M 456 9.35 -68.10 -69.85
C HIS M 456 9.66 -68.42 -71.30
N GLU M 457 8.67 -68.90 -72.06
CA GLU M 457 8.92 -69.26 -73.44
C GLU M 457 9.12 -68.01 -74.30
N LYS M 458 8.34 -66.97 -74.05
CA LYS M 458 8.26 -65.83 -74.96
C LYS M 458 9.05 -64.62 -74.51
N VAL M 459 9.61 -64.62 -73.31
CA VAL M 459 10.17 -63.39 -72.76
C VAL M 459 11.43 -62.99 -73.52
N VAL M 460 11.55 -61.70 -73.80
CA VAL M 460 12.76 -61.08 -74.32
C VAL M 460 13.26 -60.10 -73.26
N LEU M 461 14.53 -60.23 -72.90
CA LEU M 461 15.12 -59.42 -71.86
C LEU M 461 16.25 -58.57 -72.42
N GLY M 462 16.60 -57.52 -71.67
CA GLY M 462 17.76 -56.72 -71.99
C GLY M 462 18.50 -56.37 -70.72
N VAL M 463 19.69 -55.79 -70.90
CA VAL M 463 20.56 -55.40 -69.80
C VAL M 463 20.65 -53.88 -69.78
N GLN M 464 20.70 -53.30 -68.58
CA GLN M 464 20.83 -51.87 -68.42
C GLN M 464 22.04 -51.56 -67.55
N SER M 465 22.60 -50.37 -67.73
CA SER M 465 23.72 -49.92 -66.91
C SER M 465 23.19 -49.38 -65.58
N ALA M 466 24.12 -48.93 -64.74
CA ALA M 466 23.78 -48.29 -63.47
C ALA M 466 23.04 -46.97 -63.64
N ALA M 467 22.73 -46.56 -64.87
CA ALA M 467 21.96 -45.35 -65.13
C ALA M 467 20.63 -45.35 -64.38
N VAL N 2 22.19 -43.53 -86.65
CA VAL N 2 23.13 -42.71 -85.90
C VAL N 2 24.50 -43.35 -85.87
N ARG N 3 25.53 -42.52 -85.74
CA ARG N 3 26.91 -42.98 -85.65
C ARG N 3 27.38 -42.90 -84.21
N PHE N 4 27.96 -43.99 -83.71
CA PHE N 4 28.64 -44.01 -82.43
C PHE N 4 30.14 -44.05 -82.64
N LEU N 5 30.87 -43.43 -81.71
CA LEU N 5 32.33 -43.51 -81.70
C LEU N 5 32.79 -44.95 -81.88
N ASP N 6 33.94 -45.11 -82.52
CA ASP N 6 34.47 -46.44 -82.79
C ASP N 6 34.67 -47.20 -81.48
N GLY N 7 34.10 -48.40 -81.41
CA GLY N 7 34.25 -49.26 -80.26
C GLY N 7 33.19 -49.09 -79.18
N HIS N 8 32.34 -48.08 -79.30
CA HIS N 8 31.28 -47.83 -78.31
C HIS N 8 30.09 -48.71 -78.67
N THR N 9 30.22 -49.99 -78.32
CA THR N 9 29.19 -51.01 -78.57
C THR N 9 28.92 -51.72 -77.25
N PRO N 10 28.21 -51.06 -76.33
CA PRO N 10 28.01 -51.65 -75.00
C PRO N 10 27.12 -52.88 -75.06
N ALA N 11 27.33 -53.77 -74.08
CA ALA N 11 26.47 -54.95 -73.89
C ALA N 11 25.26 -54.62 -73.04
N TYR N 12 24.63 -53.48 -73.29
CA TYR N 12 23.43 -53.07 -72.57
C TYR N 12 22.76 -51.95 -73.36
N ASP N 13 21.52 -51.64 -72.98
CA ASP N 13 20.79 -50.56 -73.63
C ASP N 13 20.94 -49.27 -72.86
N LEU N 14 20.68 -48.16 -73.57
CA LEU N 14 21.16 -46.84 -73.18
C LEU N 14 20.00 -45.93 -72.78
N THR N 15 20.14 -45.30 -71.62
CA THR N 15 19.29 -44.20 -71.19
C THR N 15 19.86 -42.87 -71.68
N TYR N 16 19.11 -41.79 -71.44
CA TYR N 16 19.62 -40.46 -71.75
C TYR N 16 20.89 -40.14 -70.98
N ASN N 17 21.08 -40.73 -69.79
CA ASN N 17 22.28 -40.51 -69.00
C ASN N 17 23.50 -41.24 -69.55
N ASP N 18 23.32 -42.22 -70.43
CA ASP N 18 24.43 -43.07 -70.84
C ASP N 18 25.26 -42.48 -71.97
N VAL N 19 24.79 -41.44 -72.66
CA VAL N 19 25.38 -41.04 -73.92
C VAL N 19 25.70 -39.55 -73.93
N PHE N 20 26.60 -39.18 -74.84
CA PHE N 20 26.95 -37.78 -75.09
C PHE N 20 27.07 -37.57 -76.59
N VAL N 21 27.04 -36.30 -77.00
CA VAL N 21 27.18 -35.90 -78.39
C VAL N 21 28.57 -35.33 -78.60
N VAL N 22 29.29 -35.87 -79.56
CA VAL N 22 30.64 -35.38 -79.88
C VAL N 22 30.52 -34.18 -80.82
N PRO N 23 31.15 -33.06 -80.51
CA PRO N 23 31.13 -31.91 -81.44
C PRO N 23 31.66 -32.32 -82.81
N GLY N 24 31.04 -31.77 -83.85
CA GLY N 24 31.48 -31.96 -85.20
C GLY N 24 31.88 -30.63 -85.84
N ARG N 25 32.45 -30.73 -87.04
CA ARG N 25 32.84 -29.53 -87.75
C ARG N 25 31.60 -28.76 -88.21
N SER N 26 31.52 -27.48 -87.85
CA SER N 26 30.29 -26.73 -88.00
C SER N 26 30.53 -25.40 -88.70
N ASP N 27 29.56 -25.00 -89.55
CA ASP N 27 29.49 -23.64 -90.07
C ASP N 27 28.14 -22.99 -89.73
N VAL N 28 27.47 -23.48 -88.70
CA VAL N 28 26.24 -22.88 -88.20
C VAL N 28 26.65 -21.95 -87.06
N ALA N 29 26.81 -20.66 -87.37
CA ALA N 29 27.38 -19.74 -86.40
C ALA N 29 26.39 -19.42 -85.29
N SER N 30 25.18 -18.99 -85.65
CA SER N 30 24.20 -18.51 -84.70
C SER N 30 23.22 -19.61 -84.30
N ARG N 31 22.75 -19.53 -83.06
CA ARG N 31 21.67 -20.42 -82.64
C ARG N 31 20.39 -20.12 -83.39
N PHE N 32 20.23 -18.88 -83.87
CA PHE N 32 19.03 -18.50 -84.60
C PHE N 32 19.08 -18.91 -86.07
N ASP N 33 20.22 -19.39 -86.55
CA ASP N 33 20.27 -19.97 -87.89
C ASP N 33 19.65 -21.35 -87.95
N VAL N 34 19.34 -21.95 -86.81
CA VAL N 34 18.83 -23.32 -86.77
C VAL N 34 17.32 -23.29 -86.98
N ASP N 35 16.83 -24.20 -87.82
CA ASP N 35 15.40 -24.39 -88.07
C ASP N 35 14.94 -25.53 -87.17
N LEU N 36 14.07 -25.21 -86.20
CA LEU N 36 13.57 -26.21 -85.27
C LEU N 36 12.24 -26.83 -85.69
N SER N 37 11.73 -26.50 -86.87
N SER N 37 11.73 -26.50 -86.88
CA SER N 37 10.44 -27.03 -87.28
CA SER N 37 10.44 -27.02 -87.31
C SER N 37 10.51 -28.53 -87.52
N THR N 38 9.39 -29.20 -87.28
CA THR N 38 9.30 -30.65 -87.40
C THR N 38 8.72 -31.04 -88.76
N VAL N 39 8.93 -32.31 -89.11
CA VAL N 39 8.56 -32.81 -90.42
C VAL N 39 7.62 -34.01 -90.33
N ASP N 40 6.98 -34.22 -89.18
CA ASP N 40 6.10 -35.38 -88.99
C ASP N 40 4.63 -35.08 -89.28
N GLY N 41 4.30 -33.88 -89.73
CA GLY N 41 2.93 -33.52 -89.99
C GLY N 41 2.18 -33.00 -88.77
N SER N 42 2.85 -32.89 -87.62
CA SER N 42 2.17 -32.37 -86.42
C SER N 42 1.88 -30.89 -86.56
N GLY N 43 2.69 -30.17 -87.32
CA GLY N 43 2.58 -28.73 -87.41
C GLY N 43 3.37 -27.96 -86.38
N THR N 44 4.10 -28.63 -85.49
CA THR N 44 4.86 -27.89 -84.48
C THR N 44 6.06 -27.22 -85.12
N THR N 45 6.37 -26.00 -84.66
CA THR N 45 7.54 -25.28 -85.15
C THR N 45 8.74 -25.46 -84.23
N ILE N 46 8.54 -26.06 -83.06
CA ILE N 46 9.60 -26.49 -82.16
C ILE N 46 9.27 -27.94 -81.82
N PRO N 47 10.25 -28.78 -81.49
CA PRO N 47 9.99 -30.21 -81.28
C PRO N 47 9.48 -30.56 -79.87
N VAL N 48 8.45 -29.86 -79.43
CA VAL N 48 7.91 -30.08 -78.08
C VAL N 48 6.42 -30.38 -78.17
N VAL N 49 6.03 -31.51 -77.59
CA VAL N 49 4.63 -31.91 -77.46
C VAL N 49 4.35 -32.10 -75.98
N VAL N 50 3.24 -31.53 -75.50
CA VAL N 50 2.84 -31.69 -74.11
C VAL N 50 1.97 -32.93 -73.97
N ALA N 51 2.31 -33.78 -73.00
CA ALA N 51 1.69 -35.08 -72.84
C ALA N 51 0.20 -34.97 -72.51
N ASN N 52 -0.55 -35.97 -72.96
CA ASN N 52 -1.99 -36.08 -72.67
C ASN N 52 -2.16 -36.55 -71.23
N MET N 53 -2.00 -35.61 -70.30
CA MET N 53 -2.11 -35.87 -68.87
C MET N 53 -2.94 -34.76 -68.25
N THR N 54 -3.90 -35.15 -67.41
CA THR N 54 -4.74 -34.15 -66.75
C THR N 54 -3.93 -33.20 -65.90
N ALA N 55 -2.77 -33.65 -65.44
CA ALA N 55 -1.92 -32.82 -64.59
C ALA N 55 -1.25 -31.67 -65.34
N VAL N 56 -1.27 -31.69 -66.67
CA VAL N 56 -0.47 -30.74 -67.44
C VAL N 56 -1.28 -30.12 -68.57
N ALA N 57 -2.13 -30.91 -69.24
CA ALA N 57 -2.68 -30.53 -70.53
C ALA N 57 -4.04 -29.85 -70.37
N GLY N 58 -4.02 -28.67 -69.73
CA GLY N 58 -5.20 -27.84 -69.61
C GLY N 58 -5.25 -26.76 -70.68
N ARG N 59 -6.29 -25.90 -70.58
CA ARG N 59 -6.49 -24.92 -71.64
C ARG N 59 -5.46 -23.79 -71.59
N ARG N 60 -5.01 -23.40 -70.39
CA ARG N 60 -3.95 -22.41 -70.30
C ARG N 60 -2.65 -22.93 -70.89
N MET N 61 -2.35 -24.21 -70.64
CA MET N 61 -1.18 -24.83 -71.24
C MET N 61 -1.31 -24.92 -72.75
N ALA N 62 -2.49 -25.32 -73.24
CA ALA N 62 -2.67 -25.52 -74.68
C ALA N 62 -2.48 -24.21 -75.44
N GLU N 63 -3.03 -23.12 -74.91
CA GLU N 63 -2.83 -21.81 -75.52
C GLU N 63 -1.37 -21.41 -75.50
N THR N 64 -0.73 -21.50 -74.34
CA THR N 64 0.60 -20.93 -74.15
C THR N 64 1.64 -21.67 -74.99
N VAL N 65 1.57 -23.00 -75.01
CA VAL N 65 2.58 -23.77 -75.74
C VAL N 65 2.37 -23.65 -77.25
N ALA N 66 1.12 -23.68 -77.70
CA ALA N 66 0.87 -23.58 -79.14
C ALA N 66 1.35 -22.24 -79.69
N ARG N 67 1.17 -21.16 -78.92
CA ARG N 67 1.62 -19.85 -79.39
C ARG N 67 3.13 -19.86 -79.65
N ARG N 68 3.88 -20.65 -78.90
CA ARG N 68 5.32 -20.72 -79.05
C ARG N 68 5.77 -21.85 -79.97
N GLY N 69 4.82 -22.52 -80.64
CA GLY N 69 5.14 -23.47 -81.68
C GLY N 69 5.04 -24.94 -81.32
N GLY N 70 4.76 -25.26 -80.06
CA GLY N 70 4.49 -26.63 -79.67
C GLY N 70 3.04 -26.99 -79.88
N ILE N 71 2.66 -28.16 -79.37
CA ILE N 71 1.28 -28.60 -79.39
C ILE N 71 0.98 -29.38 -78.12
N VAL N 72 -0.25 -29.25 -77.64
CA VAL N 72 -0.70 -29.91 -76.43
C VAL N 72 -1.75 -30.95 -76.81
N VAL N 73 -1.62 -32.16 -76.26
CA VAL N 73 -2.56 -33.24 -76.51
C VAL N 73 -3.52 -33.29 -75.33
N LEU N 74 -4.79 -32.98 -75.57
CA LEU N 74 -5.76 -33.05 -74.49
C LEU N 74 -5.87 -34.50 -73.99
N PRO N 75 -6.03 -34.69 -72.68
CA PRO N 75 -6.07 -36.06 -72.14
C PRO N 75 -7.28 -36.82 -72.64
N GLN N 76 -7.10 -38.12 -72.82
CA GLN N 76 -8.21 -38.98 -73.20
C GLN N 76 -9.28 -38.97 -72.11
N ASP N 77 -10.53 -39.20 -72.52
CA ASP N 77 -11.72 -39.26 -71.68
C ASP N 77 -12.15 -37.90 -71.15
N LEU N 78 -11.54 -36.81 -71.63
CA LEU N 78 -12.12 -35.50 -71.44
C LEU N 78 -13.48 -35.47 -72.14
N PRO N 79 -14.56 -35.10 -71.45
CA PRO N 79 -15.88 -35.11 -72.10
C PRO N 79 -15.91 -34.24 -73.34
N ILE N 80 -16.65 -34.69 -74.34
CA ILE N 80 -16.61 -34.06 -75.66
C ILE N 80 -17.04 -32.60 -75.59
N THR N 81 -17.98 -32.26 -74.71
CA THR N 81 -18.35 -30.86 -74.54
C THR N 81 -17.17 -30.06 -73.97
N ALA N 82 -16.43 -30.65 -73.03
CA ALA N 82 -15.23 -29.99 -72.51
C ALA N 82 -14.13 -29.92 -73.56
N VAL N 83 -14.03 -30.92 -74.43
CA VAL N 83 -13.10 -30.85 -75.56
C VAL N 83 -13.45 -29.66 -76.45
N SER N 84 -14.73 -29.57 -76.84
CA SER N 84 -15.17 -28.48 -77.71
C SER N 84 -14.92 -27.11 -77.07
N GLU N 85 -15.21 -26.98 -75.78
CA GLU N 85 -14.95 -25.71 -75.10
C GLU N 85 -13.48 -25.37 -75.12
N THR N 86 -12.62 -26.39 -74.93
CA THR N 86 -11.19 -26.14 -74.87
C THR N 86 -10.63 -25.77 -76.24
N VAL N 87 -11.06 -26.48 -77.29
CA VAL N 87 -10.61 -26.14 -78.64
C VAL N 87 -11.08 -24.75 -79.02
N ASP N 88 -12.34 -24.43 -78.72
CA ASP N 88 -12.88 -23.12 -79.10
C ASP N 88 -12.11 -21.99 -78.41
N PHE N 89 -11.78 -22.17 -77.13
CA PHE N 89 -10.95 -21.20 -76.44
C PHE N 89 -9.61 -21.04 -77.13
N VAL N 90 -8.90 -22.15 -77.34
CA VAL N 90 -7.53 -22.09 -77.89
C VAL N 90 -7.54 -21.49 -79.28
N LYS N 91 -8.52 -21.85 -80.11
CA LYS N 91 -8.53 -21.36 -81.47
C LYS N 91 -9.11 -19.95 -81.60
N SER N 92 -9.59 -19.35 -80.51
CA SER N 92 -9.97 -17.95 -80.51
C SER N 92 -8.88 -17.06 -79.91
N ARG N 93 -7.73 -17.63 -79.56
CA ARG N 93 -6.65 -16.86 -78.97
C ARG N 93 -5.88 -16.09 -80.03
N ASP N 94 -5.30 -14.97 -79.61
CA ASP N 94 -4.45 -14.17 -80.48
C ASP N 94 -3.09 -14.83 -80.61
N LEU N 95 -2.48 -14.67 -81.80
CA LEU N 95 -1.19 -15.30 -82.06
C LEU N 95 -0.02 -14.62 -81.38
N VAL N 96 -0.21 -13.41 -80.83
CA VAL N 96 0.88 -12.66 -80.22
C VAL N 96 0.54 -12.29 -78.79
N VAL N 97 -0.66 -11.77 -78.60
CA VAL N 97 -1.09 -11.21 -77.32
C VAL N 97 -1.67 -12.34 -76.46
N ASP N 98 -1.26 -12.39 -75.20
CA ASP N 98 -1.62 -13.49 -74.31
C ASP N 98 -2.91 -13.20 -73.55
N THR N 99 -3.48 -14.24 -72.94
CA THR N 99 -4.68 -14.11 -72.13
C THR N 99 -4.30 -13.87 -70.68
N PRO N 100 -4.63 -12.73 -70.09
CA PRO N 100 -4.26 -12.48 -68.70
C PRO N 100 -5.25 -13.10 -67.73
N VAL N 101 -4.84 -13.17 -66.46
CA VAL N 101 -5.80 -13.28 -65.37
C VAL N 101 -6.59 -11.99 -65.29
N THR N 102 -7.90 -12.11 -65.12
CA THR N 102 -8.75 -10.92 -64.97
C THR N 102 -9.47 -10.98 -63.63
N LEU N 103 -9.80 -9.80 -63.12
CA LEU N 103 -10.39 -9.64 -61.81
C LEU N 103 -11.55 -8.66 -61.89
N SER N 104 -12.53 -8.88 -61.06
CA SER N 104 -13.56 -7.89 -60.83
C SER N 104 -13.14 -6.94 -59.73
N PRO N 105 -13.57 -5.67 -59.79
CA PRO N 105 -13.29 -4.76 -58.67
C PRO N 105 -13.81 -5.26 -57.34
N GLU N 106 -14.83 -6.12 -57.35
CA GLU N 106 -15.44 -6.65 -56.14
C GLU N 106 -14.79 -7.94 -55.66
N ASP N 107 -13.81 -8.47 -56.38
CA ASP N 107 -13.09 -9.63 -55.88
C ASP N 107 -12.29 -9.26 -54.64
N SER N 108 -12.03 -10.26 -53.81
CA SER N 108 -11.20 -10.04 -52.63
C SER N 108 -9.72 -10.07 -53.00
N VAL N 109 -8.92 -9.38 -52.19
CA VAL N 109 -7.46 -9.45 -52.35
C VAL N 109 -6.99 -10.89 -52.23
N SER N 110 -7.61 -11.67 -51.35
CA SER N 110 -7.24 -13.07 -51.20
C SER N 110 -7.42 -13.84 -52.51
N ASP N 111 -8.57 -13.66 -53.16
CA ASP N 111 -8.83 -14.36 -54.42
C ASP N 111 -7.92 -13.86 -55.52
N ALA N 112 -7.67 -12.56 -55.57
CA ALA N 112 -6.75 -12.00 -56.55
C ALA N 112 -5.38 -12.63 -56.43
N ASN N 113 -4.87 -12.73 -55.20
CA ASN N 113 -3.52 -13.27 -54.99
C ASN N 113 -3.42 -14.71 -55.47
N ALA N 114 -4.46 -15.51 -55.22
CA ALA N 114 -4.42 -16.91 -55.63
C ALA N 114 -4.52 -17.04 -57.16
N LEU N 115 -5.33 -16.19 -57.80
CA LEU N 115 -5.51 -16.27 -59.25
C LEU N 115 -4.31 -15.75 -60.02
N LEU N 116 -3.48 -14.90 -59.41
CA LEU N 116 -2.36 -14.30 -60.12
C LEU N 116 -1.43 -15.34 -60.70
N HIS N 117 -1.22 -16.44 -59.98
CA HIS N 117 -0.23 -17.44 -60.35
C HIS N 117 -0.73 -18.43 -61.41
N LYS N 118 -1.93 -18.22 -61.95
CA LYS N 118 -2.39 -19.02 -63.07
C LYS N 118 -1.73 -18.61 -64.39
N ARG N 119 -1.09 -17.45 -64.44
CA ARG N 119 -0.30 -17.03 -65.60
C ARG N 119 1.06 -16.51 -65.11
N ALA N 120 1.96 -16.28 -66.06
CA ALA N 120 3.33 -15.89 -65.76
C ALA N 120 3.54 -14.38 -65.84
N HIS N 121 2.47 -13.60 -65.99
CA HIS N 121 2.61 -12.17 -66.28
C HIS N 121 2.97 -11.34 -65.06
N GLY N 122 2.76 -11.85 -63.85
CA GLY N 122 3.01 -11.05 -62.67
C GLY N 122 1.99 -9.96 -62.42
N ALA N 123 0.90 -9.92 -63.18
CA ALA N 123 -0.13 -8.92 -62.97
C ALA N 123 -1.45 -9.44 -63.55
N ALA N 124 -2.54 -9.12 -62.87
CA ALA N 124 -3.89 -9.39 -63.35
C ALA N 124 -4.53 -8.08 -63.77
N VAL N 125 -5.43 -8.15 -64.76
CA VAL N 125 -6.12 -6.97 -65.28
C VAL N 125 -7.47 -6.85 -64.61
N VAL N 126 -7.71 -5.72 -63.95
CA VAL N 126 -9.02 -5.41 -63.42
C VAL N 126 -9.92 -4.98 -64.57
N VAL N 127 -11.08 -5.62 -64.68
CA VAL N 127 -12.01 -5.37 -65.77
C VAL N 127 -13.34 -4.91 -65.19
N PHE N 128 -13.97 -3.96 -65.87
CA PHE N 128 -15.36 -3.62 -65.61
C PHE N 128 -16.07 -3.41 -66.93
N GLU N 129 -17.11 -4.22 -67.18
CA GLU N 129 -17.89 -4.14 -68.41
C GLU N 129 -16.98 -4.31 -69.63
N GLY N 130 -16.10 -5.30 -69.56
CA GLY N 130 -15.20 -5.62 -70.65
C GLY N 130 -14.01 -4.69 -70.80
N ARG N 131 -13.93 -3.61 -70.01
CA ARG N 131 -12.86 -2.65 -70.21
C ARG N 131 -11.82 -2.72 -69.11
N PRO N 132 -10.53 -2.61 -69.46
CA PRO N 132 -9.48 -2.62 -68.43
C PRO N 132 -9.44 -1.30 -67.66
N ILE N 133 -9.43 -1.40 -66.33
CA ILE N 133 -9.42 -0.22 -65.47
C ILE N 133 -8.26 -0.22 -64.47
N GLY N 134 -7.47 -1.28 -64.42
CA GLY N 134 -6.35 -1.29 -63.48
C GLY N 134 -5.57 -2.58 -63.57
N LEU N 135 -4.43 -2.58 -62.89
CA LEU N 135 -3.59 -3.77 -62.75
C LEU N 135 -3.46 -4.14 -61.28
N VAL N 136 -3.42 -5.44 -61.00
CA VAL N 136 -3.18 -5.97 -59.66
C VAL N 136 -1.90 -6.81 -59.69
N THR N 137 -0.95 -6.46 -58.83
CA THR N 137 0.27 -7.23 -58.67
C THR N 137 0.33 -7.88 -57.30
N GLU N 138 1.28 -8.81 -57.15
CA GLU N 138 1.51 -9.42 -55.85
C GLU N 138 1.93 -8.38 -54.81
N ALA N 139 2.67 -7.35 -55.25
CA ALA N 139 3.09 -6.30 -54.32
C ALA N 139 1.91 -5.45 -53.86
N ASN N 140 0.89 -5.28 -54.71
CA ASN N 140 -0.32 -4.58 -54.30
C ASN N 140 -1.12 -5.35 -53.26
N CYS N 141 -0.95 -6.67 -53.19
CA CYS N 141 -1.72 -7.51 -52.27
C CYS N 141 -1.05 -7.71 -50.92
N ALA N 142 0.16 -7.20 -50.73
CA ALA N 142 0.89 -7.39 -49.49
C ALA N 142 0.53 -6.32 -48.47
N GLY N 143 0.46 -6.72 -47.21
CA GLY N 143 0.19 -5.79 -46.14
C GLY N 143 -1.21 -5.23 -46.09
N VAL N 144 -2.12 -5.76 -46.90
CA VAL N 144 -3.50 -5.28 -46.95
C VAL N 144 -4.40 -6.38 -46.35
N ASP N 145 -5.53 -5.96 -45.80
CA ASP N 145 -6.52 -6.92 -45.30
C ASP N 145 -6.88 -7.90 -46.42
N ARG N 146 -6.75 -9.18 -46.09
CA ARG N 146 -7.06 -10.29 -46.99
C ARG N 146 -8.39 -10.11 -47.69
N PHE N 147 -9.35 -9.44 -47.06
CA PHE N 147 -10.71 -9.35 -47.58
C PHE N 147 -11.07 -7.94 -48.04
N ALA N 148 -10.09 -7.06 -48.16
CA ALA N 148 -10.31 -5.82 -48.89
C ALA N 148 -10.64 -6.13 -50.34
N ARG N 149 -11.34 -5.21 -51.00
CA ARG N 149 -11.70 -5.41 -52.40
C ARG N 149 -10.53 -5.05 -53.30
N VAL N 150 -10.48 -5.71 -54.47
CA VAL N 150 -9.47 -5.40 -55.47
C VAL N 150 -9.50 -3.93 -55.85
N ARG N 151 -10.69 -3.32 -55.83
CA ARG N 151 -10.84 -1.90 -56.17
C ARG N 151 -9.91 -1.01 -55.34
N ASP N 152 -9.61 -1.41 -54.10
CA ASP N 152 -8.82 -0.59 -53.19
C ASP N 152 -7.31 -0.75 -53.35
N ILE N 153 -6.86 -1.76 -54.08
CA ILE N 153 -5.43 -1.98 -54.26
C ILE N 153 -5.00 -1.89 -55.72
N ALA N 154 -5.94 -1.80 -56.66
CA ALA N 154 -5.58 -1.78 -58.07
C ALA N 154 -4.87 -0.48 -58.43
N LEU N 155 -3.95 -0.59 -59.38
CA LEU N 155 -3.26 0.57 -59.94
C LEU N 155 -3.98 0.99 -61.21
N SER N 156 -4.47 2.24 -61.24
CA SER N 156 -5.24 2.70 -62.38
C SER N 156 -4.37 3.08 -63.58
N ASP N 157 -3.05 3.12 -63.41
CA ASP N 157 -2.13 3.54 -64.45
C ASP N 157 -1.34 2.34 -64.96
N PHE N 158 -1.26 2.22 -66.28
CA PHE N 158 -0.63 1.05 -66.91
C PHE N 158 -0.44 1.37 -68.39
N VAL N 159 0.58 0.74 -68.98
CA VAL N 159 0.83 0.90 -70.41
C VAL N 159 -0.25 0.17 -71.20
N THR N 160 -0.77 0.83 -72.23
CA THR N 160 -1.81 0.25 -73.07
C THR N 160 -1.50 0.56 -74.54
N ALA N 161 -1.95 -0.34 -75.41
CA ALA N 161 -1.72 -0.21 -76.84
C ALA N 161 -2.79 -0.99 -77.58
N PRO N 162 -3.18 -0.56 -78.78
CA PRO N 162 -4.14 -1.34 -79.56
C PRO N 162 -3.53 -2.66 -80.03
N VAL N 163 -4.38 -3.68 -80.09
CA VAL N 163 -4.01 -4.92 -80.77
C VAL N 163 -3.59 -4.59 -82.20
N GLY N 164 -2.48 -5.18 -82.63
CA GLY N 164 -1.90 -4.88 -83.93
C GLY N 164 -0.69 -3.98 -83.88
N THR N 165 -0.39 -3.39 -82.73
CA THR N 165 0.84 -2.63 -82.58
C THR N 165 2.04 -3.58 -82.68
N ASP N 166 3.06 -3.11 -83.40
CA ASP N 166 4.28 -3.90 -83.57
C ASP N 166 4.82 -4.34 -82.22
N PRO N 167 5.14 -5.62 -82.04
CA PRO N 167 5.76 -6.06 -80.77
C PRO N 167 7.00 -5.28 -80.39
N ARG N 168 7.76 -4.78 -81.37
CA ARG N 168 8.91 -3.94 -81.07
C ARG N 168 8.49 -2.65 -80.38
N GLU N 169 7.39 -2.05 -80.84
CA GLU N 169 6.94 -0.80 -80.24
C GLU N 169 6.39 -1.04 -78.83
N VAL N 170 5.65 -2.14 -78.63
CA VAL N 170 5.18 -2.49 -77.30
C VAL N 170 6.37 -2.70 -76.37
N PHE N 171 7.38 -3.45 -76.85
CA PHE N 171 8.60 -3.62 -76.08
C PHE N 171 9.18 -2.28 -75.63
N ASP N 172 9.25 -1.31 -76.54
CA ASP N 172 9.82 0.00 -76.19
C ASP N 172 8.89 0.76 -75.26
N LEU N 173 7.57 0.67 -75.48
CA LEU N 173 6.63 1.37 -74.61
C LEU N 173 6.72 0.91 -73.17
N LEU N 174 7.30 -0.27 -72.94
CA LEU N 174 7.42 -0.86 -71.61
C LEU N 174 8.78 -0.65 -70.96
N GLU N 175 9.73 -0.06 -71.69
CA GLU N 175 11.12 -0.01 -71.21
C GLU N 175 11.21 0.68 -69.85
N HIS N 176 10.44 1.74 -69.64
CA HIS N 176 10.49 2.51 -68.40
C HIS N 176 9.21 2.39 -67.59
N ALA N 177 8.39 1.36 -67.89
CA ALA N 177 7.18 1.13 -67.11
C ALA N 177 7.51 0.35 -65.84
N PRO N 178 6.96 0.75 -64.70
CA PRO N 178 7.24 0.01 -63.46
C PRO N 178 6.70 -1.42 -63.48
N ILE N 179 5.64 -1.68 -64.25
CA ILE N 179 5.06 -3.00 -64.38
C ILE N 179 5.25 -3.45 -65.82
N ASP N 180 5.96 -4.56 -66.01
CA ASP N 180 6.32 -5.08 -67.34
C ASP N 180 5.13 -5.81 -67.97
N VAL N 181 4.03 -5.06 -68.14
CA VAL N 181 2.82 -5.62 -68.75
C VAL N 181 2.13 -4.53 -69.56
N ALA N 182 1.93 -4.77 -70.85
CA ALA N 182 1.13 -3.87 -71.68
C ALA N 182 -0.27 -4.46 -71.84
N VAL N 183 -1.28 -3.65 -71.56
CA VAL N 183 -2.68 -4.05 -71.69
C VAL N 183 -3.11 -3.73 -73.11
N MET N 184 -3.40 -4.77 -73.90
CA MET N 184 -3.73 -4.60 -75.31
C MET N 184 -5.25 -4.53 -75.48
N THR N 185 -5.70 -3.62 -76.33
CA THR N 185 -7.12 -3.30 -76.46
C THR N 185 -7.64 -3.59 -77.86
N ALA N 186 -8.89 -4.06 -77.92
CA ALA N 186 -9.63 -4.16 -79.16
C ALA N 186 -9.95 -2.75 -79.66
N PRO N 187 -10.36 -2.59 -80.93
CA PRO N 187 -10.71 -1.25 -81.42
C PRO N 187 -11.69 -0.50 -80.56
N ASP N 188 -12.71 -1.18 -80.01
CA ASP N 188 -13.70 -0.50 -79.18
C ASP N 188 -13.17 -0.13 -77.79
N GLY N 189 -11.93 -0.52 -77.45
CA GLY N 189 -11.36 -0.24 -76.16
C GLY N 189 -11.44 -1.38 -75.15
N THR N 190 -12.19 -2.45 -75.48
CA THR N 190 -12.29 -3.58 -74.57
C THR N 190 -10.98 -4.37 -74.51
N LEU N 191 -10.81 -5.10 -73.42
CA LEU N 191 -9.59 -5.88 -73.23
C LEU N 191 -9.46 -6.96 -74.28
N ALA N 192 -8.29 -7.01 -74.93
CA ALA N 192 -7.98 -8.09 -75.86
C ALA N 192 -6.92 -9.03 -75.33
N GLY N 193 -6.04 -8.56 -74.45
CA GLY N 193 -5.05 -9.42 -73.84
C GLY N 193 -3.93 -8.57 -73.27
N VAL N 194 -2.79 -9.23 -73.04
CA VAL N 194 -1.61 -8.56 -72.50
C VAL N 194 -0.38 -9.00 -73.29
N LEU N 195 0.67 -8.18 -73.17
CA LEU N 195 1.95 -8.49 -73.80
C LEU N 195 3.04 -7.91 -72.92
N THR N 196 3.96 -8.76 -72.47
CA THR N 196 5.12 -8.33 -71.70
C THR N 196 6.29 -8.08 -72.63
N ARG N 197 7.35 -7.47 -72.08
CA ARG N 197 8.57 -7.30 -72.88
C ARG N 197 9.13 -8.65 -73.32
N THR N 198 9.09 -9.65 -72.43
CA THR N 198 9.60 -10.96 -72.84
C THR N 198 8.65 -11.62 -73.84
N GLY N 199 7.33 -11.44 -73.66
CA GLY N 199 6.38 -11.91 -74.66
C GLY N 199 6.57 -11.25 -76.01
N ALA N 200 6.96 -9.97 -76.03
CA ALA N 200 7.24 -9.31 -77.30
C ALA N 200 8.47 -9.91 -77.97
N ILE N 201 9.52 -10.15 -77.20
CA ILE N 201 10.73 -10.80 -77.73
C ILE N 201 10.40 -12.18 -78.28
N ARG N 202 9.57 -12.94 -77.55
CA ARG N 202 9.25 -14.30 -77.96
C ARG N 202 8.49 -14.34 -79.28
N ALA N 203 7.68 -13.31 -79.57
CA ALA N 203 7.01 -13.27 -80.86
C ALA N 203 7.99 -13.23 -82.03
N GLY N 204 9.21 -12.75 -81.80
CA GLY N 204 10.23 -12.75 -82.83
C GLY N 204 11.10 -13.98 -82.88
N ILE N 205 11.01 -14.85 -81.88
CA ILE N 205 11.80 -16.08 -81.83
C ILE N 205 10.96 -17.30 -82.22
N TYR N 206 9.73 -17.40 -81.70
CA TYR N 206 8.90 -18.59 -81.89
C TYR N 206 7.81 -18.34 -82.92
N THR N 207 7.61 -19.32 -83.81
CA THR N 207 6.53 -19.25 -84.77
C THR N 207 5.31 -19.99 -84.23
N PRO N 208 4.14 -19.35 -84.14
CA PRO N 208 2.96 -20.05 -83.63
C PRO N 208 2.64 -21.28 -84.48
N ALA N 209 2.27 -22.36 -83.81
CA ALA N 209 1.77 -23.56 -84.48
C ALA N 209 0.29 -23.33 -84.78
N VAL N 210 -0.05 -23.21 -86.06
CA VAL N 210 -1.41 -22.83 -86.46
C VAL N 210 -1.95 -23.80 -87.48
N ASP N 211 -3.28 -23.89 -87.54
CA ASP N 211 -3.97 -24.72 -88.52
C ASP N 211 -4.12 -23.94 -89.82
N ALA N 212 -4.87 -24.51 -90.77
CA ALA N 212 -5.02 -23.89 -92.09
C ALA N 212 -5.68 -22.52 -92.01
N LYS N 213 -6.54 -22.30 -91.01
CA LYS N 213 -7.23 -21.03 -90.85
C LYS N 213 -6.44 -20.03 -90.00
N GLY N 214 -5.19 -20.32 -89.66
CA GLY N 214 -4.38 -19.41 -88.88
C GLY N 214 -4.65 -19.44 -87.39
N ARG N 215 -5.34 -20.45 -86.88
CA ARG N 215 -5.67 -20.56 -85.47
C ARG N 215 -4.73 -21.55 -84.78
N LEU N 216 -4.50 -21.32 -83.48
CA LEU N 216 -3.55 -22.14 -82.73
C LEU N 216 -3.93 -23.62 -82.80
N ARG N 217 -2.92 -24.47 -82.97
CA ARG N 217 -3.11 -25.91 -83.08
C ARG N 217 -3.34 -26.55 -81.71
N ILE N 218 -4.05 -27.68 -81.73
CA ILE N 218 -4.31 -28.45 -80.52
C ILE N 218 -4.57 -29.89 -80.96
N ALA N 219 -4.19 -30.83 -80.09
CA ALA N 219 -4.37 -32.25 -80.36
C ALA N 219 -5.25 -32.86 -79.27
N ALA N 220 -5.68 -34.10 -79.51
CA ALA N 220 -6.54 -34.78 -78.54
C ALA N 220 -6.22 -36.28 -78.55
N ALA N 221 -6.33 -36.89 -77.36
CA ALA N 221 -6.01 -38.30 -77.18
C ALA N 221 -7.27 -39.13 -77.00
N VAL N 222 -7.14 -40.41 -77.34
CA VAL N 222 -8.21 -41.40 -77.19
C VAL N 222 -7.58 -42.71 -76.72
N GLY N 223 -8.20 -43.34 -75.72
CA GLY N 223 -7.83 -44.68 -75.33
C GLY N 223 -8.52 -45.72 -76.18
N ILE N 224 -8.13 -46.98 -76.00
CA ILE N 224 -8.54 -48.04 -76.94
C ILE N 224 -9.70 -48.86 -76.42
N ASN N 225 -10.33 -48.45 -75.32
CA ASN N 225 -11.57 -49.09 -74.90
C ASN N 225 -12.77 -48.40 -75.57
N GLY N 226 -13.91 -49.09 -75.52
CA GLY N 226 -15.13 -48.52 -76.08
C GLY N 226 -15.07 -48.40 -77.59
N ASP N 227 -15.90 -47.50 -78.12
CA ASP N 227 -15.97 -47.26 -79.56
C ASP N 227 -14.90 -46.24 -79.92
N VAL N 228 -13.72 -46.74 -80.28
CA VAL N 228 -12.60 -45.85 -80.57
C VAL N 228 -12.88 -45.01 -81.80
N GLY N 229 -13.54 -45.58 -82.81
CA GLY N 229 -13.80 -44.83 -84.03
C GLY N 229 -14.78 -43.68 -83.80
N ALA N 230 -15.87 -43.94 -83.07
CA ALA N 230 -16.81 -42.89 -82.76
C ALA N 230 -16.17 -41.77 -81.95
N LYS N 231 -15.33 -42.15 -80.97
CA LYS N 231 -14.66 -41.13 -80.16
C LYS N 231 -13.71 -40.29 -81.01
N ALA N 232 -12.91 -40.95 -81.84
CA ALA N 232 -11.98 -40.22 -82.71
C ALA N 232 -12.73 -39.29 -83.67
N GLN N 233 -13.85 -39.77 -84.24
CA GLN N 233 -14.66 -38.92 -85.10
C GLN N 233 -15.15 -37.68 -84.36
N ALA N 234 -15.62 -37.84 -83.13
CA ALA N 234 -16.11 -36.70 -82.37
C ALA N 234 -14.98 -35.71 -82.09
N LEU N 235 -13.79 -36.22 -81.74
CA LEU N 235 -12.64 -35.35 -81.50
C LEU N 235 -12.28 -34.56 -82.75
N ALA N 236 -12.31 -35.21 -83.91
CA ALA N 236 -12.00 -34.52 -85.16
C ALA N 236 -13.05 -33.45 -85.46
N GLU N 237 -14.34 -33.79 -85.29
CA GLU N 237 -15.39 -32.81 -85.52
C GLU N 237 -15.37 -31.69 -84.49
N ALA N 238 -14.81 -31.93 -83.30
CA ALA N 238 -14.66 -30.86 -82.31
C ALA N 238 -13.51 -29.91 -82.63
N GLY N 239 -12.69 -30.22 -83.63
CA GLY N 239 -11.66 -29.31 -84.10
C GLY N 239 -10.23 -29.75 -83.87
N ALA N 240 -10.00 -30.95 -83.34
CA ALA N 240 -8.64 -31.41 -83.08
C ALA N 240 -7.83 -31.48 -84.37
N ASP N 241 -6.57 -31.04 -84.29
CA ASP N 241 -5.69 -31.03 -85.44
C ASP N 241 -4.85 -32.29 -85.57
N LEU N 242 -4.90 -33.18 -84.57
CA LEU N 242 -4.07 -34.36 -84.51
C LEU N 242 -4.65 -35.27 -83.43
N LEU N 243 -4.68 -36.56 -83.70
CA LEU N 243 -5.24 -37.54 -82.80
C LEU N 243 -4.14 -38.47 -82.29
N VAL N 244 -4.19 -38.78 -81.00
CA VAL N 244 -3.26 -39.70 -80.37
C VAL N 244 -4.05 -40.86 -79.80
N ILE N 245 -3.80 -42.06 -80.31
CA ILE N 245 -4.37 -43.28 -79.77
C ILE N 245 -3.37 -43.83 -78.75
N ASP N 246 -3.75 -43.85 -77.49
CA ASP N 246 -2.80 -44.02 -76.39
C ASP N 246 -3.20 -45.16 -75.48
N THR N 247 -2.24 -46.05 -75.21
CA THR N 247 -2.41 -47.11 -74.24
C THR N 247 -1.02 -47.48 -73.70
N ALA N 248 -1.01 -48.15 -72.54
CA ALA N 248 0.24 -48.48 -71.89
C ALA N 248 1.05 -49.47 -72.72
N HIS N 249 0.40 -50.51 -73.23
CA HIS N 249 1.07 -51.55 -74.03
C HIS N 249 0.51 -51.45 -75.45
N GLY N 250 1.16 -50.62 -76.26
CA GLY N 250 0.68 -50.38 -77.61
C GLY N 250 0.79 -51.57 -78.54
N HIS N 251 1.64 -52.53 -78.23
CA HIS N 251 1.90 -53.64 -79.16
C HIS N 251 0.95 -54.79 -78.85
N GLN N 252 -0.33 -54.54 -79.10
CA GLN N 252 -1.33 -55.56 -78.81
C GLN N 252 -2.48 -55.45 -79.78
N ALA N 253 -3.22 -56.55 -79.90
CA ALA N 253 -4.25 -56.66 -80.93
C ALA N 253 -5.30 -55.56 -80.81
N LYS N 254 -5.72 -55.26 -79.57
CA LYS N 254 -6.75 -54.24 -79.40
C LYS N 254 -6.27 -52.87 -79.88
N MET N 255 -4.97 -52.60 -79.80
CA MET N 255 -4.46 -51.34 -80.35
C MET N 255 -4.43 -51.37 -81.86
N LEU N 256 -3.99 -52.49 -82.44
CA LEU N 256 -4.01 -52.63 -83.90
C LEU N 256 -5.43 -52.47 -84.44
N ASP N 257 -6.41 -53.04 -83.74
CA ASP N 257 -7.80 -52.88 -84.16
C ASP N 257 -8.25 -51.43 -84.09
N ALA N 258 -7.86 -50.72 -83.03
CA ALA N 258 -8.29 -49.34 -82.87
C ALA N 258 -7.69 -48.44 -83.95
N ILE N 259 -6.42 -48.67 -84.30
CA ILE N 259 -5.79 -47.84 -85.34
C ILE N 259 -6.47 -48.06 -86.68
N LYS N 260 -6.72 -49.33 -87.03
CA LYS N 260 -7.41 -49.60 -88.29
C LYS N 260 -8.79 -48.96 -88.31
N ALA N 261 -9.51 -49.02 -87.17
CA ALA N 261 -10.85 -48.45 -87.12
C ALA N 261 -10.81 -46.94 -87.32
N VAL N 262 -9.90 -46.24 -86.64
CA VAL N 262 -9.80 -44.79 -86.81
C VAL N 262 -9.36 -44.46 -88.23
N ALA N 263 -8.35 -45.18 -88.73
CA ALA N 263 -7.79 -44.85 -90.04
C ALA N 263 -8.80 -45.08 -91.16
N SER N 264 -9.68 -46.07 -91.02
CA SER N 264 -10.68 -46.31 -92.06
C SER N 264 -11.76 -45.24 -92.09
N LEU N 265 -11.88 -44.44 -91.03
CA LEU N 265 -12.84 -43.34 -91.06
C LEU N 265 -12.36 -42.17 -91.92
N ASP N 266 -11.09 -42.17 -92.34
CA ASP N 266 -10.53 -41.14 -93.22
C ASP N 266 -10.86 -39.74 -92.72
N LEU N 267 -10.40 -39.46 -91.49
CA LEU N 267 -10.65 -38.17 -90.87
C LEU N 267 -9.73 -37.07 -91.40
N GLY N 268 -8.68 -37.42 -92.15
CA GLY N 268 -7.80 -36.42 -92.71
C GLY N 268 -6.81 -35.82 -91.75
N LEU N 269 -6.62 -36.41 -90.57
CA LEU N 269 -5.74 -35.88 -89.54
C LEU N 269 -4.51 -36.77 -89.34
N PRO N 270 -3.38 -36.20 -88.97
CA PRO N 270 -2.24 -37.02 -88.53
C PRO N 270 -2.65 -37.90 -87.35
N LEU N 271 -2.14 -39.13 -87.36
CA LEU N 271 -2.57 -40.16 -86.43
C LEU N 271 -1.36 -40.71 -85.69
N VAL N 272 -1.31 -40.46 -84.38
CA VAL N 272 -0.28 -40.99 -83.49
C VAL N 272 -0.83 -42.21 -82.77
N ALA N 273 0.01 -43.23 -82.57
CA ALA N 273 -0.37 -44.37 -81.75
C ALA N 273 0.83 -44.85 -80.93
N GLY N 274 0.57 -45.24 -79.69
CA GLY N 274 1.62 -45.73 -78.82
C GLY N 274 1.00 -46.33 -77.58
N ASN N 275 1.84 -46.91 -76.72
CA ASN N 275 3.30 -46.82 -76.81
C ASN N 275 3.99 -48.17 -77.01
N VAL N 276 5.06 -48.17 -77.82
CA VAL N 276 5.90 -49.33 -78.05
C VAL N 276 7.36 -48.92 -77.82
N VAL N 277 8.24 -49.92 -77.71
CA VAL N 277 9.67 -49.66 -77.57
C VAL N 277 10.49 -50.58 -78.46
N SER N 278 9.84 -51.26 -79.41
CA SER N 278 10.53 -52.21 -80.28
C SER N 278 10.29 -51.88 -81.74
N ALA N 279 11.24 -52.30 -82.58
CA ALA N 279 11.08 -52.11 -84.03
C ALA N 279 9.85 -52.86 -84.54
N GLU N 280 9.60 -54.07 -84.03
CA GLU N 280 8.43 -54.82 -84.46
C GLU N 280 7.15 -54.09 -84.10
N GLY N 281 7.07 -53.55 -82.89
CA GLY N 281 5.90 -52.77 -82.50
C GLY N 281 5.72 -51.53 -83.35
N THR N 282 6.81 -50.85 -83.68
CA THR N 282 6.73 -49.68 -84.55
C THR N 282 6.22 -50.08 -85.93
N ARG N 283 6.73 -51.19 -86.48
CA ARG N 283 6.27 -51.64 -87.79
C ARG N 283 4.78 -51.96 -87.77
N ASP N 284 4.32 -52.66 -86.73
CA ASP N 284 2.93 -53.11 -86.69
C ASP N 284 1.96 -51.93 -86.56
N LEU N 285 2.30 -50.93 -85.74
CA LEU N 285 1.36 -49.81 -85.56
C LEU N 285 1.28 -48.96 -86.83
N ILE N 286 2.40 -48.79 -87.53
CA ILE N 286 2.38 -48.06 -88.80
C ILE N 286 1.57 -48.82 -89.84
N GLU N 287 1.81 -50.14 -89.94
CA GLU N 287 1.08 -50.96 -90.91
C GLU N 287 -0.41 -50.96 -90.60
N ALA N 288 -0.79 -50.83 -89.33
CA ALA N 288 -2.19 -50.71 -88.96
C ALA N 288 -2.79 -49.37 -89.39
N GLY N 289 -1.97 -48.35 -89.63
CA GLY N 289 -2.49 -47.11 -90.15
C GLY N 289 -2.00 -45.84 -89.48
N ALA N 290 -1.08 -45.97 -88.52
CA ALA N 290 -0.54 -44.80 -87.85
C ALA N 290 0.62 -44.23 -88.68
N SER N 291 0.70 -42.91 -88.73
CA SER N 291 1.83 -42.24 -89.37
C SER N 291 2.94 -41.88 -88.39
N ILE N 292 2.61 -41.81 -87.10
CA ILE N 292 3.56 -41.45 -86.06
C ILE N 292 3.42 -42.47 -84.94
N VAL N 293 4.54 -43.00 -84.47
CA VAL N 293 4.54 -43.97 -83.38
C VAL N 293 5.08 -43.28 -82.13
N LYS N 294 4.35 -43.41 -81.02
CA LYS N 294 4.80 -42.84 -79.74
C LYS N 294 5.58 -43.91 -78.99
N VAL N 295 6.81 -43.57 -78.59
CA VAL N 295 7.77 -44.53 -78.06
C VAL N 295 8.01 -44.25 -76.59
N GLY N 296 7.90 -45.29 -75.77
CA GLY N 296 8.21 -45.17 -74.34
C GLY N 296 7.39 -46.09 -73.46
N VAL N 297 8.07 -47.05 -72.83
CA VAL N 297 7.43 -47.96 -71.88
C VAL N 297 8.41 -48.16 -70.74
N GLY N 298 7.99 -47.80 -69.52
CA GLY N 298 8.80 -47.93 -68.33
C GLY N 298 10.26 -47.53 -68.52
N PRO N 299 10.50 -46.30 -68.99
CA PRO N 299 11.89 -45.90 -69.26
C PRO N 299 12.74 -45.72 -68.01
N GLY N 300 12.12 -45.44 -66.86
CA GLY N 300 12.86 -45.27 -65.62
C GLY N 300 12.95 -46.55 -64.80
N ALA N 301 14.18 -46.97 -64.48
CA ALA N 301 14.40 -48.26 -63.84
C ALA N 301 13.78 -48.35 -62.46
N MET N 302 13.50 -47.22 -61.82
CA MET N 302 12.92 -47.23 -60.48
C MET N 302 11.51 -46.66 -60.44
N CYS N 303 10.89 -46.41 -61.60
CA CYS N 303 9.53 -45.89 -61.61
C CYS N 303 8.53 -47.05 -61.49
N THR N 304 7.24 -46.70 -61.50
CA THR N 304 6.19 -47.63 -61.08
C THR N 304 6.08 -48.84 -62.00
N THR N 305 6.05 -48.61 -63.32
CA THR N 305 5.88 -49.73 -64.24
C THR N 305 7.00 -50.75 -64.09
N ARG N 306 8.25 -50.28 -64.04
CA ARG N 306 9.38 -51.19 -63.95
C ARG N 306 9.38 -51.93 -62.62
N MET N 307 9.10 -51.24 -61.52
CA MET N 307 9.13 -51.89 -60.21
C MET N 307 7.96 -52.85 -60.01
N MET N 308 6.86 -52.68 -60.75
CA MET N 308 5.73 -53.58 -60.64
C MET N 308 5.85 -54.81 -61.53
N THR N 309 6.48 -54.66 -62.70
CA THR N 309 6.41 -55.68 -63.75
C THR N 309 7.77 -56.10 -64.30
N GLY N 310 8.83 -55.33 -64.07
CA GLY N 310 10.08 -55.54 -64.77
C GLY N 310 10.08 -55.11 -66.23
N VAL N 311 8.96 -54.60 -66.74
CA VAL N 311 8.81 -54.27 -68.14
C VAL N 311 9.27 -52.85 -68.41
N GLY N 312 10.01 -52.67 -69.49
CA GLY N 312 10.43 -51.35 -69.89
C GLY N 312 11.68 -51.43 -70.74
N ARG N 313 12.16 -50.26 -71.14
CA ARG N 313 13.36 -50.23 -71.95
C ARG N 313 14.04 -48.87 -71.85
N PRO N 314 15.36 -48.83 -71.66
CA PRO N 314 16.07 -47.56 -71.66
C PRO N 314 15.71 -46.73 -72.90
N GLN N 315 15.33 -45.47 -72.65
CA GLN N 315 14.59 -44.70 -73.65
C GLN N 315 15.46 -44.32 -74.85
N PHE N 316 16.75 -44.06 -74.66
CA PHE N 316 17.58 -43.68 -75.81
C PHE N 316 17.67 -44.83 -76.83
N SER N 317 17.97 -46.04 -76.36
CA SER N 317 18.00 -47.19 -77.27
C SER N 317 16.64 -47.48 -77.85
N ALA N 318 15.58 -47.30 -77.06
CA ALA N 318 14.22 -47.48 -77.57
C ALA N 318 13.95 -46.53 -78.73
N VAL N 319 14.29 -45.25 -78.57
CA VAL N 319 14.00 -44.27 -79.61
C VAL N 319 14.86 -44.55 -80.86
N VAL N 320 16.13 -44.92 -80.66
CA VAL N 320 17.00 -45.20 -81.81
C VAL N 320 16.40 -46.32 -82.65
N GLU N 321 16.11 -47.45 -82.02
CA GLU N 321 15.60 -48.62 -82.76
C GLU N 321 14.26 -48.31 -83.41
N CYS N 322 13.35 -47.65 -82.68
CA CYS N 322 12.01 -47.40 -83.21
C CYS N 322 12.03 -46.37 -84.33
N ALA N 323 12.83 -45.30 -84.18
CA ALA N 323 12.87 -44.27 -85.21
C ALA N 323 13.42 -44.82 -86.52
N ALA N 324 14.43 -45.68 -86.45
CA ALA N 324 14.99 -46.29 -87.65
C ALA N 324 13.96 -47.17 -88.34
N ALA N 325 13.21 -47.97 -87.57
CA ALA N 325 12.15 -48.78 -88.18
C ALA N 325 11.07 -47.91 -88.80
N ALA N 326 10.67 -46.84 -88.12
CA ALA N 326 9.64 -45.95 -88.65
C ALA N 326 10.10 -45.24 -89.91
N ARG N 327 11.37 -44.82 -89.95
CA ARG N 327 11.88 -44.13 -91.13
C ARG N 327 11.90 -45.02 -92.36
N GLN N 328 12.15 -46.32 -92.19
CA GLN N 328 12.11 -47.24 -93.32
C GLN N 328 10.71 -47.30 -93.94
N LEU N 329 9.66 -47.11 -93.15
CA LEU N 329 8.29 -47.12 -93.64
C LEU N 329 7.76 -45.73 -93.94
N GLY N 330 8.62 -44.71 -93.98
CA GLY N 330 8.19 -43.35 -94.21
C GLY N 330 7.47 -42.71 -93.04
N GLY N 331 7.55 -43.30 -91.85
CA GLY N 331 6.88 -42.78 -90.68
C GLY N 331 7.82 -42.01 -89.76
N HIS N 332 7.29 -41.68 -88.57
CA HIS N 332 7.98 -40.83 -87.61
C HIS N 332 7.73 -41.36 -86.20
N VAL N 333 8.54 -40.88 -85.26
CA VAL N 333 8.51 -41.37 -83.88
C VAL N 333 8.51 -40.17 -82.92
N TRP N 334 7.65 -40.23 -81.91
CA TRP N 334 7.66 -39.29 -80.79
C TRP N 334 8.30 -39.96 -79.58
N ALA N 335 9.28 -39.29 -78.97
CA ALA N 335 9.93 -39.78 -77.76
C ALA N 335 9.14 -39.33 -76.54
N ASP N 336 8.47 -40.27 -75.88
CA ASP N 336 7.50 -39.97 -74.83
C ASP N 336 8.01 -40.52 -73.50
N GLY N 337 8.39 -39.62 -72.59
CA GLY N 337 8.70 -40.04 -71.23
C GLY N 337 10.12 -39.77 -70.77
N GLY N 338 10.27 -39.37 -69.50
CA GLY N 338 11.58 -39.28 -68.89
C GLY N 338 12.33 -37.99 -69.10
N VAL N 339 11.74 -37.02 -69.80
CA VAL N 339 12.42 -35.77 -70.13
C VAL N 339 12.43 -34.86 -68.89
N ARG N 340 13.63 -34.50 -68.44
CA ARG N 340 13.79 -33.58 -67.32
C ARG N 340 14.72 -32.42 -67.60
N HIS N 341 15.47 -32.45 -68.69
CA HIS N 341 16.49 -31.46 -69.01
C HIS N 341 16.50 -31.22 -70.51
N PRO N 342 16.97 -30.05 -70.95
CA PRO N 342 17.13 -29.83 -72.39
C PRO N 342 17.98 -30.90 -73.05
N ARG N 343 18.99 -31.42 -72.34
CA ARG N 343 19.81 -32.52 -72.85
C ARG N 343 18.95 -33.68 -73.35
N ASP N 344 17.88 -34.00 -72.62
CA ASP N 344 17.05 -35.14 -72.98
C ASP N 344 16.31 -34.91 -74.29
N VAL N 345 15.84 -33.67 -74.51
CA VAL N 345 15.17 -33.33 -75.76
C VAL N 345 16.15 -33.42 -76.92
N ALA N 346 17.35 -32.87 -76.75
CA ALA N 346 18.36 -32.92 -77.80
C ALA N 346 18.76 -34.36 -78.11
N LEU N 347 18.91 -35.20 -77.09
CA LEU N 347 19.31 -36.59 -77.33
C LEU N 347 18.21 -37.36 -78.04
N ALA N 348 16.94 -37.13 -77.67
CA ALA N 348 15.84 -37.80 -78.34
C ALA N 348 15.78 -37.45 -79.82
N LEU N 349 16.05 -36.19 -80.15
CA LEU N 349 16.05 -35.77 -81.56
C LEU N 349 17.28 -36.32 -82.29
N ALA N 350 18.43 -36.35 -81.62
CA ALA N 350 19.61 -36.97 -82.20
C ALA N 350 19.36 -38.45 -82.49
N ALA N 351 18.62 -39.11 -81.60
CA ALA N 351 18.28 -40.52 -81.80
C ALA N 351 17.35 -40.73 -83.00
N GLY N 352 16.72 -39.67 -83.49
CA GLY N 352 15.85 -39.78 -84.66
C GLY N 352 14.39 -39.49 -84.41
N ALA N 353 13.98 -39.16 -83.18
CA ALA N 353 12.60 -38.75 -82.96
C ALA N 353 12.30 -37.46 -83.72
N SER N 354 11.06 -37.33 -84.18
CA SER N 354 10.60 -36.11 -84.85
C SER N 354 10.02 -35.10 -83.88
N ASN N 355 9.64 -35.54 -82.68
CA ASN N 355 9.05 -34.69 -81.67
C ASN N 355 9.31 -35.34 -80.33
N VAL N 356 9.33 -34.54 -79.28
CA VAL N 356 9.58 -35.03 -77.93
C VAL N 356 8.36 -34.69 -77.08
N MET N 357 7.82 -35.70 -76.39
CA MET N 357 6.65 -35.51 -75.53
C MET N 357 7.09 -35.35 -74.08
N ILE N 358 6.62 -34.27 -73.44
CA ILE N 358 7.02 -33.92 -72.08
C ILE N 358 5.77 -33.84 -71.22
N GLY N 359 5.79 -34.54 -70.09
CA GLY N 359 4.70 -34.50 -69.13
C GLY N 359 5.00 -33.81 -67.82
N SER N 360 5.50 -34.59 -66.85
N SER N 360 5.50 -34.59 -66.85
CA SER N 360 5.56 -34.11 -65.47
CA SER N 360 5.59 -34.14 -65.46
C SER N 360 6.43 -32.88 -65.33
N TRP N 361 7.49 -32.74 -66.13
CA TRP N 361 8.32 -31.55 -66.04
C TRP N 361 7.47 -30.29 -66.14
N PHE N 362 6.54 -30.28 -67.08
CA PHE N 362 5.71 -29.10 -67.31
C PHE N 362 4.59 -28.94 -66.28
N ALA N 363 4.38 -29.93 -65.40
CA ALA N 363 3.45 -29.72 -64.29
C ALA N 363 3.95 -28.62 -63.36
N GLY N 364 5.27 -28.52 -63.20
CA GLY N 364 5.86 -27.50 -62.36
C GLY N 364 5.95 -26.14 -63.02
N THR N 365 4.83 -25.59 -63.47
CA THR N 365 4.76 -24.30 -64.15
C THR N 365 3.48 -23.59 -63.73
N TYR N 366 3.46 -22.26 -63.89
CA TYR N 366 2.25 -21.51 -63.58
C TYR N 366 1.07 -21.99 -64.41
N GLU N 367 1.31 -22.35 -65.68
CA GLU N 367 0.23 -22.60 -66.62
C GLU N 367 -0.41 -23.98 -66.51
N SER N 368 0.18 -24.92 -65.76
CA SER N 368 -0.43 -26.24 -65.63
C SER N 368 -1.70 -26.16 -64.78
N PRO N 369 -2.62 -27.11 -64.94
CA PRO N 369 -3.96 -26.95 -64.35
C PRO N 369 -4.01 -27.01 -62.83
N GLY N 370 -3.06 -27.69 -62.18
CA GLY N 370 -3.14 -27.86 -60.75
C GLY N 370 -2.82 -26.59 -59.98
N ASP N 371 -3.13 -26.64 -58.68
CA ASP N 371 -2.92 -25.49 -57.80
C ASP N 371 -1.45 -25.36 -57.41
N LEU N 372 -0.98 -24.12 -57.31
CA LEU N 372 0.38 -23.88 -56.86
C LEU N 372 0.50 -24.14 -55.37
N LEU N 373 1.50 -24.92 -54.99
CA LEU N 373 1.73 -25.33 -53.60
C LEU N 373 3.09 -24.83 -53.14
N PHE N 374 3.34 -24.97 -51.84
CA PHE N 374 4.61 -24.59 -51.25
C PHE N 374 5.02 -25.65 -50.23
N ASP N 375 6.30 -26.05 -50.28
CA ASP N 375 6.78 -27.19 -49.51
C ASP N 375 7.18 -26.74 -48.11
N ARG N 376 7.90 -27.63 -47.41
CA ARG N 376 8.33 -27.34 -46.04
C ARG N 376 9.21 -26.10 -45.94
N ASP N 377 9.89 -25.72 -47.03
CA ASP N 377 10.75 -24.55 -47.05
C ASP N 377 10.14 -23.39 -47.83
N ASP N 378 8.83 -23.41 -48.03
CA ASP N 378 8.09 -22.36 -48.74
C ASP N 378 8.54 -22.23 -50.21
N ARG N 379 9.18 -23.25 -50.76
CA ARG N 379 9.50 -23.21 -52.19
C ARG N 379 8.31 -23.72 -53.01
N PRO N 380 8.01 -23.08 -54.13
CA PRO N 380 6.80 -23.45 -54.88
C PRO N 380 6.96 -24.72 -55.67
N TYR N 381 5.85 -25.44 -55.83
CA TYR N 381 5.81 -26.67 -56.60
C TYR N 381 4.37 -26.96 -56.99
N LYS N 382 4.21 -27.93 -57.90
CA LYS N 382 2.92 -28.52 -58.19
C LYS N 382 3.06 -30.04 -58.26
N GLU N 383 1.94 -30.72 -58.03
CA GLU N 383 1.91 -32.17 -58.10
C GLU N 383 1.66 -32.61 -59.54
N SER N 384 2.55 -33.44 -60.06
CA SER N 384 2.21 -34.24 -61.21
C SER N 384 1.65 -35.57 -60.75
N TYR N 385 0.85 -36.20 -61.62
CA TYR N 385 0.29 -37.50 -61.28
C TYR N 385 -0.09 -38.21 -62.57
N GLY N 386 -0.12 -39.53 -62.50
CA GLY N 386 -0.30 -40.33 -63.69
C GLY N 386 -1.75 -40.45 -64.14
N MET N 387 -1.90 -40.84 -65.41
CA MET N 387 -3.21 -41.12 -65.98
C MET N 387 -3.73 -42.51 -65.62
N ALA N 388 -2.87 -43.38 -65.11
CA ALA N 388 -3.23 -44.66 -64.47
C ALA N 388 -4.15 -45.46 -65.41
N SER N 389 -5.33 -45.90 -64.95
CA SER N 389 -6.14 -46.79 -65.76
C SER N 389 -6.72 -46.11 -67.00
N LYS N 390 -6.60 -44.79 -67.14
CA LYS N 390 -6.99 -44.18 -68.41
C LYS N 390 -6.05 -44.55 -69.54
N ARG N 391 -4.92 -45.20 -69.24
CA ARG N 391 -4.04 -45.73 -70.27
C ARG N 391 -4.12 -47.25 -70.38
N ALA N 392 -5.00 -47.90 -69.63
CA ALA N 392 -5.05 -49.35 -69.59
C ALA N 392 -6.25 -49.89 -70.36
N VAL N 393 -6.12 -51.14 -70.81
CA VAL N 393 -7.25 -51.86 -71.40
C VAL N 393 -8.21 -52.26 -70.28
N ALA N 394 -9.50 -52.14 -70.55
CA ALA N 394 -10.51 -52.47 -69.55
C ALA N 394 -11.50 -53.50 -70.07
N SER N 401 -22.23 -54.81 -61.66
CA SER N 401 -22.44 -54.67 -60.22
C SER N 401 -21.25 -54.02 -59.55
N SER N 402 -21.45 -53.47 -58.35
CA SER N 402 -20.32 -52.96 -57.57
C SER N 402 -19.32 -54.06 -57.24
N PHE N 403 -19.79 -55.31 -57.17
CA PHE N 403 -18.89 -56.43 -56.91
C PHE N 403 -17.91 -56.62 -58.06
N ASP N 404 -18.43 -56.85 -59.27
CA ASP N 404 -17.58 -56.96 -60.45
C ASP N 404 -16.75 -55.68 -60.66
N ARG N 405 -17.29 -54.53 -60.27
CA ARG N 405 -16.53 -53.28 -60.38
C ARG N 405 -15.35 -53.27 -59.42
N ALA N 406 -15.61 -53.56 -58.13
CA ALA N 406 -14.52 -53.61 -57.17
C ALA N 406 -13.58 -54.78 -57.45
N ARG N 407 -14.08 -55.83 -58.10
CA ARG N 407 -13.23 -56.95 -58.48
C ARG N 407 -12.16 -56.51 -59.47
N LYS N 408 -12.56 -55.80 -60.52
CA LYS N 408 -11.59 -55.28 -61.48
C LYS N 408 -10.74 -54.18 -60.87
N GLY N 409 -11.34 -53.34 -60.03
CA GLY N 409 -10.60 -52.23 -59.44
C GLY N 409 -9.49 -52.63 -58.49
N LEU N 410 -9.58 -53.84 -57.91
CA LEU N 410 -8.61 -54.24 -56.89
C LEU N 410 -7.20 -54.34 -57.46
N PHE N 411 -7.06 -54.63 -58.75
CA PHE N 411 -5.76 -54.78 -59.38
C PHE N 411 -5.27 -53.54 -60.10
N GLU N 412 -6.13 -52.54 -60.32
CA GLU N 412 -5.78 -51.44 -61.22
C GLU N 412 -4.63 -50.62 -60.65
N GLU N 413 -3.90 -49.97 -61.56
CA GLU N 413 -2.80 -49.10 -61.18
C GLU N 413 -3.31 -47.93 -60.35
N GLY N 414 -2.71 -47.73 -59.18
CA GLY N 414 -2.99 -46.54 -58.40
C GLY N 414 -2.41 -45.29 -59.03
N ILE N 415 -3.01 -44.15 -58.70
CA ILE N 415 -2.52 -42.86 -59.17
C ILE N 415 -1.32 -42.47 -58.32
N SER N 416 -0.15 -42.38 -58.94
CA SER N 416 1.07 -41.98 -58.25
C SER N 416 1.30 -40.48 -58.44
N THR N 417 1.90 -39.85 -57.45
CA THR N 417 2.10 -38.41 -57.41
C THR N 417 3.57 -38.07 -57.19
N SER N 418 4.04 -37.01 -57.84
CA SER N 418 5.39 -36.52 -57.65
C SER N 418 5.37 -35.01 -57.53
N ARG N 419 6.32 -34.46 -56.77
CA ARG N 419 6.42 -33.02 -56.57
C ARG N 419 7.36 -32.44 -57.60
N MET N 420 6.84 -31.54 -58.42
CA MET N 420 7.62 -30.87 -59.46
C MET N 420 7.80 -29.41 -59.03
N SER N 421 8.97 -29.08 -58.53
CA SER N 421 9.22 -27.73 -58.03
C SER N 421 9.26 -26.73 -59.18
N LEU N 422 8.62 -25.58 -58.97
CA LEU N 422 8.73 -24.48 -59.92
C LEU N 422 10.09 -23.80 -59.76
N ASP N 423 10.75 -23.56 -60.87
CA ASP N 423 11.96 -22.76 -60.85
C ASP N 423 11.60 -21.32 -60.58
N PRO N 424 12.13 -20.69 -59.52
CA PRO N 424 11.87 -19.25 -59.31
C PRO N 424 12.38 -18.38 -60.45
N ALA N 425 13.26 -18.90 -61.30
CA ALA N 425 13.72 -18.18 -62.49
C ALA N 425 13.05 -18.63 -63.77
N ARG N 426 12.46 -19.83 -63.80
CA ARG N 426 11.79 -20.36 -64.98
C ARG N 426 10.38 -20.82 -64.62
N GLY N 427 9.63 -19.95 -63.93
CA GLY N 427 8.34 -20.34 -63.39
C GLY N 427 7.31 -20.69 -64.45
N GLY N 428 7.34 -19.99 -65.58
CA GLY N 428 6.38 -20.23 -66.64
C GLY N 428 6.88 -21.28 -67.62
N VAL N 429 5.93 -21.94 -68.29
CA VAL N 429 6.31 -22.98 -69.24
C VAL N 429 7.14 -22.39 -70.39
N GLU N 430 6.89 -21.12 -70.75
CA GLU N 430 7.67 -20.49 -71.81
C GLU N 430 9.13 -20.30 -71.40
N ASP N 431 9.40 -20.17 -70.11
CA ASP N 431 10.78 -20.14 -69.64
C ASP N 431 11.44 -21.50 -69.81
N LEU N 432 10.68 -22.58 -69.61
CA LEU N 432 11.21 -23.90 -69.90
C LEU N 432 11.40 -24.10 -71.40
N LEU N 433 10.52 -23.52 -72.21
CA LEU N 433 10.68 -23.61 -73.68
C LEU N 433 11.92 -22.86 -74.13
N ASP N 434 12.19 -21.69 -73.53
CA ASP N 434 13.44 -20.99 -73.78
C ASP N 434 14.63 -21.86 -73.42
N HIS N 435 14.57 -22.50 -72.25
CA HIS N 435 15.63 -23.38 -71.78
C HIS N 435 15.83 -24.55 -72.74
N ILE N 436 14.72 -25.19 -73.16
CA ILE N 436 14.82 -26.37 -74.02
C ILE N 436 15.35 -26.00 -75.40
N THR N 437 14.74 -25.01 -76.04
CA THR N 437 15.11 -24.72 -77.42
C THR N 437 16.46 -24.01 -77.51
N SER N 438 16.85 -23.25 -76.47
CA SER N 438 18.22 -22.74 -76.42
C SER N 438 19.22 -23.88 -76.41
N GLY N 439 18.94 -24.92 -75.62
CA GLY N 439 19.84 -26.06 -75.57
C GLY N 439 19.87 -26.85 -76.86
N VAL N 440 18.69 -27.06 -77.46
CA VAL N 440 18.65 -27.82 -78.71
C VAL N 440 19.33 -27.05 -79.85
N ARG N 441 19.09 -25.73 -79.92
CA ARG N 441 19.79 -24.93 -80.92
C ARG N 441 21.30 -25.01 -80.74
N SER N 442 21.77 -25.04 -79.48
N SER N 442 21.77 -25.05 -79.49
CA SER N 442 23.20 -25.20 -79.23
CA SER N 442 23.20 -25.19 -79.25
C SER N 442 23.69 -26.56 -79.70
N THR N 443 22.94 -27.62 -79.39
CA THR N 443 23.31 -28.95 -79.86
C THR N 443 23.52 -28.94 -81.35
N CYS N 444 22.59 -28.32 -82.08
CA CYS N 444 22.70 -28.27 -83.54
C CYS N 444 23.97 -27.52 -83.96
N THR N 445 24.27 -26.38 -83.32
CA THR N 445 25.46 -25.64 -83.70
C THR N 445 26.73 -26.44 -83.40
N TYR N 446 26.75 -27.17 -82.29
CA TYR N 446 27.88 -28.06 -81.99
C TYR N 446 28.03 -29.16 -83.03
N VAL N 447 26.91 -29.71 -83.51
CA VAL N 447 26.96 -30.83 -84.44
C VAL N 447 27.26 -30.36 -85.86
N GLY N 448 26.92 -29.11 -86.18
CA GLY N 448 26.97 -28.63 -87.54
C GLY N 448 25.67 -28.77 -88.30
N ALA N 449 24.54 -28.82 -87.60
CA ALA N 449 23.24 -29.07 -88.19
C ALA N 449 22.43 -27.78 -88.24
N ALA N 450 21.82 -27.50 -89.39
CA ALA N 450 20.99 -26.33 -89.57
C ALA N 450 19.51 -26.60 -89.31
N ASN N 451 19.14 -27.86 -89.08
CA ASN N 451 17.75 -28.24 -88.84
C ASN N 451 17.75 -29.60 -88.17
N LEU N 452 16.56 -30.07 -87.81
CA LEU N 452 16.42 -31.33 -87.09
C LEU N 452 16.79 -32.55 -87.94
N PRO N 453 16.38 -32.63 -89.21
CA PRO N 453 16.89 -33.74 -90.04
C PRO N 453 18.41 -33.78 -90.06
N GLU N 454 19.07 -32.63 -90.27
CA GLU N 454 20.53 -32.61 -90.28
C GLU N 454 21.11 -33.01 -88.93
N LEU N 455 20.43 -32.69 -87.82
CA LEU N 455 20.90 -33.14 -86.52
C LEU N 455 20.98 -34.66 -86.46
N HIS N 456 19.92 -35.35 -86.91
CA HIS N 456 19.91 -36.80 -86.85
C HIS N 456 20.87 -37.41 -87.87
N GLU N 457 21.06 -36.76 -89.01
CA GLU N 457 21.93 -37.32 -90.04
C GLU N 457 23.41 -37.11 -89.71
N LYS N 458 23.76 -36.05 -88.98
CA LYS N 458 25.16 -35.70 -88.77
C LYS N 458 25.71 -36.09 -87.40
N VAL N 459 24.86 -36.36 -86.40
CA VAL N 459 25.35 -36.49 -85.04
C VAL N 459 26.26 -37.71 -84.89
N VAL N 460 27.30 -37.55 -84.06
CA VAL N 460 28.14 -38.63 -83.58
C VAL N 460 27.98 -38.73 -82.08
N LEU N 461 27.72 -39.93 -81.58
CA LEU N 461 27.45 -40.16 -80.17
C LEU N 461 28.51 -41.04 -79.53
N GLY N 462 28.66 -40.88 -78.21
CA GLY N 462 29.52 -41.74 -77.44
C GLY N 462 28.79 -42.25 -76.21
N VAL N 463 29.37 -43.30 -75.61
CA VAL N 463 28.87 -43.86 -74.36
C VAL N 463 29.88 -43.52 -73.26
N GLN N 464 29.36 -43.22 -72.08
CA GLN N 464 30.20 -42.90 -70.93
C GLN N 464 29.89 -43.84 -69.77
N SER N 465 30.86 -43.98 -68.87
CA SER N 465 30.70 -44.84 -67.71
C SER N 465 29.92 -44.11 -66.62
N ALA N 466 29.68 -44.82 -65.51
CA ALA N 466 29.04 -44.25 -64.33
C ALA N 466 29.88 -43.18 -63.65
N ALA N 467 31.11 -42.93 -64.12
CA ALA N 467 31.97 -41.90 -63.55
C ALA N 467 31.34 -40.51 -63.70
N MET O 1 52.04 -42.50 -77.77
CA MET O 1 50.79 -43.16 -77.42
C MET O 1 50.93 -43.83 -76.05
N VAL O 2 49.80 -43.96 -75.35
CA VAL O 2 49.76 -44.66 -74.08
C VAL O 2 49.56 -46.14 -74.33
N ARG O 3 49.94 -46.94 -73.34
CA ARG O 3 49.58 -48.35 -73.29
C ARG O 3 48.53 -48.55 -72.22
N PHE O 4 47.55 -49.40 -72.52
CA PHE O 4 46.63 -49.91 -71.52
C PHE O 4 46.96 -51.36 -71.22
N LEU O 5 46.60 -51.80 -70.02
CA LEU O 5 46.68 -53.22 -69.68
C LEU O 5 45.93 -54.05 -70.71
N ASP O 6 46.42 -55.27 -70.95
CA ASP O 6 45.78 -56.16 -71.90
C ASP O 6 44.31 -56.36 -71.53
N GLY O 7 43.43 -56.17 -72.51
CA GLY O 7 42.01 -56.35 -72.32
C GLY O 7 41.26 -55.12 -71.88
N HIS O 8 41.96 -54.04 -71.52
CA HIS O 8 41.30 -52.83 -71.04
C HIS O 8 40.95 -51.92 -72.22
N THR O 9 39.99 -52.39 -73.02
CA THR O 9 39.46 -51.66 -74.16
C THR O 9 37.95 -51.56 -73.97
N PRO O 10 37.49 -50.65 -73.11
CA PRO O 10 36.06 -50.61 -72.78
C PRO O 10 35.24 -49.98 -73.90
N ALA O 11 33.95 -50.31 -73.88
CA ALA O 11 33.02 -49.78 -74.87
C ALA O 11 32.48 -48.40 -74.47
N TYR O 12 33.34 -47.55 -73.92
CA TYR O 12 32.93 -46.20 -73.51
C TYR O 12 34.18 -45.35 -73.38
N ASP O 13 33.98 -44.03 -73.38
CA ASP O 13 35.07 -43.08 -73.21
C ASP O 13 35.28 -42.78 -71.72
N LEU O 14 36.47 -42.28 -71.40
CA LEU O 14 37.02 -42.32 -70.05
C LEU O 14 37.21 -40.92 -69.49
N THR O 15 36.74 -40.73 -68.25
CA THR O 15 37.06 -39.57 -67.44
C THR O 15 38.30 -39.84 -66.59
N TYR O 16 38.75 -38.80 -65.87
CA TYR O 16 39.87 -38.98 -64.96
C TYR O 16 39.57 -40.00 -63.88
N ASN O 17 38.29 -40.16 -63.50
CA ASN O 17 37.92 -41.14 -62.48
C ASN O 17 37.99 -42.57 -62.97
N ASP O 18 38.04 -42.79 -64.29
CA ASP O 18 37.94 -44.13 -64.85
C ASP O 18 39.26 -44.88 -64.91
N VAL O 19 40.40 -44.21 -64.69
CA VAL O 19 41.69 -44.79 -65.05
C VAL O 19 42.66 -44.69 -63.88
N PHE O 20 43.66 -45.57 -63.92
CA PHE O 20 44.76 -45.56 -62.96
C PHE O 20 46.07 -45.82 -63.70
N VAL O 21 47.17 -45.45 -63.05
CA VAL O 21 48.51 -45.64 -63.61
C VAL O 21 49.16 -46.81 -62.89
N VAL O 22 49.60 -47.81 -63.65
CA VAL O 22 50.34 -48.93 -63.08
C VAL O 22 51.79 -48.52 -62.90
N PRO O 23 52.41 -48.79 -61.75
CA PRO O 23 53.83 -48.47 -61.58
C PRO O 23 54.69 -49.28 -62.54
N GLY O 24 55.84 -48.70 -62.89
CA GLY O 24 56.82 -49.37 -63.73
C GLY O 24 58.16 -49.47 -63.02
N ARG O 25 59.09 -50.14 -63.70
CA ARG O 25 60.45 -50.20 -63.18
C ARG O 25 61.08 -48.83 -63.27
N SER O 26 61.60 -48.34 -62.16
CA SER O 26 62.07 -46.97 -62.10
C SER O 26 63.49 -46.93 -61.57
N ASP O 27 64.30 -46.02 -62.11
CA ASP O 27 65.53 -45.60 -61.47
C ASP O 27 65.53 -44.10 -61.18
N VAL O 28 64.34 -43.50 -61.11
CA VAL O 28 64.20 -42.10 -60.71
C VAL O 28 63.94 -42.09 -59.20
N ALA O 29 64.98 -41.83 -58.43
CA ALA O 29 64.90 -41.95 -56.97
C ALA O 29 64.12 -40.78 -56.36
N SER O 30 64.62 -39.56 -56.52
CA SER O 30 64.04 -38.40 -55.87
C SER O 30 62.99 -37.75 -56.74
N ARG O 31 61.99 -37.14 -56.07
CA ARG O 31 61.06 -36.24 -56.76
C ARG O 31 61.79 -35.12 -57.47
N PHE O 32 62.90 -34.65 -56.88
CA PHE O 32 63.64 -33.53 -57.44
C PHE O 32 64.48 -33.91 -58.66
N ASP O 33 64.68 -35.20 -58.90
CA ASP O 33 65.36 -35.61 -60.13
C ASP O 33 64.48 -35.42 -61.36
N VAL O 34 63.18 -35.25 -61.18
CA VAL O 34 62.26 -35.10 -62.29
C VAL O 34 62.31 -33.67 -62.80
N ASP O 35 62.38 -33.52 -64.12
CA ASP O 35 62.30 -32.22 -64.79
C ASP O 35 60.86 -32.03 -65.26
N LEU O 36 60.18 -31.04 -64.68
CA LEU O 36 58.78 -30.76 -65.00
C LEU O 36 58.62 -29.72 -66.11
N SER O 37 59.70 -29.32 -66.77
CA SER O 37 59.61 -28.32 -67.84
C SER O 37 58.77 -28.85 -68.99
N THR O 38 58.03 -27.94 -69.64
CA THR O 38 57.22 -28.30 -70.78
C THR O 38 57.96 -28.01 -72.08
N VAL O 39 57.50 -28.65 -73.15
CA VAL O 39 58.18 -28.62 -74.44
C VAL O 39 57.31 -28.01 -75.54
N ASP O 40 56.22 -27.33 -75.18
CA ASP O 40 55.27 -26.85 -76.16
C ASP O 40 55.48 -25.39 -76.55
N GLY O 41 56.54 -24.75 -76.07
CA GLY O 41 56.79 -23.36 -76.42
C GLY O 41 56.10 -22.35 -75.54
N SER O 42 55.32 -22.79 -74.55
CA SER O 42 54.74 -21.86 -73.60
C SER O 42 55.81 -21.24 -72.71
N GLY O 43 56.87 -21.98 -72.42
CA GLY O 43 57.90 -21.52 -71.52
C GLY O 43 57.64 -21.83 -70.06
N THR O 44 56.65 -22.66 -69.74
CA THR O 44 56.40 -22.98 -68.35
C THR O 44 57.39 -24.05 -67.90
N THR O 45 57.87 -23.91 -66.66
CA THR O 45 58.77 -24.89 -66.09
C THR O 45 58.04 -25.91 -65.23
N ILE O 46 56.76 -25.70 -64.98
CA ILE O 46 55.86 -26.73 -64.46
C ILE O 46 54.65 -26.79 -65.38
N PRO O 47 53.96 -27.92 -65.42
CA PRO O 47 52.87 -28.09 -66.39
C PRO O 47 51.52 -27.52 -65.95
N VAL O 48 51.53 -26.25 -65.54
CA VAL O 48 50.33 -25.61 -64.99
C VAL O 48 50.07 -24.29 -65.73
N VAL O 49 48.88 -24.17 -66.31
CA VAL O 49 48.41 -22.93 -66.93
C VAL O 49 47.12 -22.52 -66.22
N VAL O 50 47.03 -21.24 -65.85
CA VAL O 50 45.82 -20.74 -65.21
C VAL O 50 44.85 -20.26 -66.28
N ALA O 51 43.58 -20.67 -66.15
CA ALA O 51 42.57 -20.46 -67.18
C ALA O 51 42.24 -18.98 -67.35
N ASN O 52 41.89 -18.63 -68.58
CA ASN O 52 41.46 -17.28 -68.92
C ASN O 52 40.04 -17.02 -68.39
N MET O 53 39.92 -16.87 -67.09
CA MET O 53 38.64 -16.59 -66.45
C MET O 53 38.80 -15.39 -65.52
N THR O 54 37.82 -14.48 -65.55
CA THR O 54 37.87 -13.31 -64.68
C THR O 54 37.87 -13.67 -63.21
N ALA O 55 37.35 -14.85 -62.85
CA ALA O 55 37.34 -15.25 -61.46
C ALA O 55 38.70 -15.69 -60.94
N VAL O 56 39.68 -15.90 -61.83
CA VAL O 56 40.94 -16.49 -61.41
C VAL O 56 42.15 -15.67 -61.87
N ALA O 57 42.08 -15.11 -63.08
CA ALA O 57 43.28 -14.64 -63.78
C ALA O 57 43.46 -13.13 -63.64
N GLY O 58 43.76 -12.71 -62.40
CA GLY O 58 44.09 -11.34 -62.11
C GLY O 58 45.59 -11.14 -61.97
N ARG O 59 45.98 -9.88 -61.69
CA ARG O 59 47.41 -9.56 -61.69
C ARG O 59 48.14 -10.26 -60.55
N ARG O 60 47.51 -10.39 -59.38
CA ARG O 60 48.17 -11.09 -58.28
C ARG O 60 48.44 -12.55 -58.63
N MET O 61 47.47 -13.20 -59.29
CA MET O 61 47.65 -14.59 -59.71
C MET O 61 48.75 -14.71 -60.76
N ALA O 62 48.78 -13.77 -61.72
CA ALA O 62 49.76 -13.87 -62.81
C ALA O 62 51.19 -13.72 -62.30
N GLU O 63 51.41 -12.76 -61.39
CA GLU O 63 52.71 -12.64 -60.74
C GLU O 63 53.08 -13.92 -59.99
N THR O 64 52.18 -14.38 -59.11
CA THR O 64 52.52 -15.47 -58.20
C THR O 64 52.80 -16.76 -58.94
N VAL O 65 51.99 -17.09 -59.95
CA VAL O 65 52.13 -18.37 -60.61
C VAL O 65 53.33 -18.37 -61.54
N ALA O 66 53.52 -17.30 -62.31
CA ALA O 66 54.66 -17.23 -63.21
C ALA O 66 55.98 -17.35 -62.46
N ARG O 67 56.05 -16.78 -61.25
CA ARG O 67 57.28 -16.88 -60.47
C ARG O 67 57.59 -18.33 -60.09
N ARG O 68 56.57 -19.17 -59.95
CA ARG O 68 56.81 -20.58 -59.66
C ARG O 68 56.81 -21.45 -60.91
N GLY O 69 56.81 -20.83 -62.10
CA GLY O 69 57.03 -21.57 -63.33
C GLY O 69 55.80 -21.85 -64.16
N GLY O 70 54.62 -21.45 -63.71
CA GLY O 70 53.42 -21.54 -64.52
C GLY O 70 53.24 -20.29 -65.35
N ILE O 71 52.09 -20.23 -66.02
CA ILE O 71 51.69 -19.03 -66.74
C ILE O 71 50.19 -18.83 -66.58
N VAL O 72 49.78 -17.57 -66.55
CA VAL O 72 48.37 -17.20 -66.45
C VAL O 72 47.94 -16.59 -67.78
N VAL O 73 46.80 -17.03 -68.29
CA VAL O 73 46.20 -16.45 -69.48
C VAL O 73 45.19 -15.40 -69.04
N LEU O 74 45.44 -14.15 -69.40
CA LEU O 74 44.50 -13.09 -69.06
C LEU O 74 43.18 -13.30 -69.79
N PRO O 75 42.05 -12.99 -69.17
CA PRO O 75 40.76 -13.27 -69.81
C PRO O 75 40.53 -12.42 -71.04
N GLN O 76 39.84 -13.00 -72.01
CA GLN O 76 39.47 -12.25 -73.21
C GLN O 76 38.56 -11.08 -72.85
N ASP O 77 38.64 -10.03 -73.65
CA ASP O 77 37.86 -8.79 -73.54
C ASP O 77 38.30 -7.91 -72.37
N LEU O 78 39.38 -8.26 -71.68
CA LEU O 78 40.04 -7.31 -70.81
C LEU O 78 40.46 -6.11 -71.64
N PRO O 79 40.06 -4.88 -71.28
CA PRO O 79 40.46 -3.71 -72.07
C PRO O 79 41.97 -3.65 -72.24
N ILE O 80 42.40 -3.22 -73.43
CA ILE O 80 43.82 -3.29 -73.77
C ILE O 80 44.65 -2.44 -72.84
N THR O 81 44.12 -1.31 -72.37
CA THR O 81 44.86 -0.50 -71.39
C THR O 81 45.07 -1.28 -70.10
N ALA O 82 44.09 -2.09 -69.72
CA ALA O 82 44.26 -2.92 -68.52
C ALA O 82 45.19 -4.09 -68.79
N VAL O 83 45.19 -4.63 -70.01
CA VAL O 83 46.19 -5.64 -70.37
C VAL O 83 47.59 -5.08 -70.20
N SER O 84 47.84 -3.90 -70.76
N SER O 84 47.84 -3.89 -70.75
CA SER O 84 49.17 -3.29 -70.69
CA SER O 84 49.17 -3.30 -70.69
C SER O 84 49.61 -3.09 -69.25
N GLU O 85 48.72 -2.56 -68.41
CA GLU O 85 49.07 -2.33 -67.01
C GLU O 85 49.38 -3.63 -66.30
N THR O 86 48.63 -4.69 -66.62
CA THR O 86 48.87 -5.99 -66.00
C THR O 86 50.21 -6.58 -66.46
N VAL O 87 50.50 -6.51 -67.76
CA VAL O 87 51.78 -6.99 -68.26
C VAL O 87 52.92 -6.24 -67.61
N ASP O 88 52.84 -4.90 -67.60
CA ASP O 88 53.92 -4.09 -67.02
C ASP O 88 54.13 -4.42 -65.54
N PHE O 89 53.05 -4.64 -64.80
CA PHE O 89 53.19 -5.03 -63.39
C PHE O 89 53.91 -6.36 -63.26
N VAL O 90 53.38 -7.40 -63.93
CA VAL O 90 53.96 -8.73 -63.82
C VAL O 90 55.43 -8.73 -64.23
N LYS O 91 55.75 -8.03 -65.32
CA LYS O 91 57.10 -8.09 -65.86
C LYS O 91 58.08 -7.17 -65.13
N SER O 92 57.62 -6.41 -64.14
CA SER O 92 58.51 -5.64 -63.27
C SER O 92 58.68 -6.30 -61.90
N ARG O 93 58.11 -7.50 -61.71
CA ARG O 93 58.23 -8.18 -60.44
C ARG O 93 59.59 -8.84 -60.30
N ASP O 94 60.08 -8.86 -59.07
CA ASP O 94 61.30 -9.61 -58.77
C ASP O 94 61.06 -11.11 -58.95
N LEU O 95 62.12 -11.82 -59.35
CA LEU O 95 62.00 -13.25 -59.62
C LEU O 95 62.00 -14.09 -58.36
N VAL O 96 62.41 -13.53 -57.23
CA VAL O 96 62.47 -14.25 -55.97
C VAL O 96 61.63 -13.58 -54.90
N VAL O 97 61.73 -12.26 -54.77
CA VAL O 97 61.01 -11.50 -53.74
C VAL O 97 59.60 -11.23 -54.23
N ASP O 98 58.62 -11.47 -53.36
CA ASP O 98 57.20 -11.31 -53.68
C ASP O 98 56.68 -9.91 -53.33
N THR O 99 55.54 -9.55 -53.92
CA THR O 99 54.91 -8.27 -53.66
C THR O 99 53.95 -8.40 -52.48
N PRO O 100 54.11 -7.61 -51.42
CA PRO O 100 53.24 -7.73 -50.25
C PRO O 100 52.02 -6.82 -50.33
N VAL O 101 51.08 -7.06 -49.42
CA VAL O 101 50.06 -6.08 -49.13
C VAL O 101 50.69 -4.95 -48.34
N THR O 102 50.41 -3.71 -48.74
CA THR O 102 50.93 -2.55 -48.05
C THR O 102 49.78 -1.77 -47.43
N LEU O 103 50.08 -1.11 -46.31
CA LEU O 103 49.10 -0.31 -45.58
C LEU O 103 49.68 1.06 -45.28
N SER O 104 48.79 2.04 -45.18
CA SER O 104 49.14 3.35 -44.66
C SER O 104 48.92 3.36 -43.15
N PRO O 105 49.71 4.13 -42.40
CA PRO O 105 49.45 4.27 -40.97
C PRO O 105 48.07 4.80 -40.67
N GLU O 106 47.42 5.47 -41.62
CA GLU O 106 46.10 6.06 -41.44
C GLU O 106 44.97 5.11 -41.84
N ASP O 107 45.28 3.94 -42.37
CA ASP O 107 44.25 2.97 -42.68
C ASP O 107 43.60 2.47 -41.39
N SER O 108 42.36 2.00 -41.52
CA SER O 108 41.70 1.43 -40.35
C SER O 108 42.13 -0.01 -40.15
N VAL O 109 41.96 -0.49 -38.92
CA VAL O 109 42.17 -1.91 -38.63
C VAL O 109 41.21 -2.76 -39.45
N SER O 110 39.99 -2.26 -39.67
CA SER O 110 39.02 -2.99 -40.48
C SER O 110 39.54 -3.20 -41.90
N ASP O 111 40.00 -2.13 -42.55
CA ASP O 111 40.51 -2.27 -43.90
C ASP O 111 41.77 -3.13 -43.93
N ALA O 112 42.62 -3.00 -42.92
CA ALA O 112 43.83 -3.83 -42.87
C ALA O 112 43.47 -5.31 -42.82
N ASN O 113 42.45 -5.67 -42.04
CA ASN O 113 42.06 -7.07 -41.93
C ASN O 113 41.59 -7.64 -43.25
N ALA O 114 40.80 -6.87 -44.01
CA ALA O 114 40.35 -7.33 -45.32
C ALA O 114 41.52 -7.42 -46.31
N LEU O 115 42.41 -6.43 -46.30
CA LEU O 115 43.48 -6.38 -47.29
C LEU O 115 44.52 -7.47 -47.09
N LEU O 116 44.68 -7.94 -45.84
CA LEU O 116 45.69 -8.95 -45.51
C LEU O 116 45.55 -10.19 -46.39
N HIS O 117 44.32 -10.63 -46.64
CA HIS O 117 44.06 -11.90 -47.30
C HIS O 117 44.22 -11.84 -48.80
N LYS O 118 44.70 -10.73 -49.36
CA LYS O 118 45.00 -10.70 -50.78
C LYS O 118 46.33 -11.36 -51.11
N ARG O 119 47.14 -11.68 -50.11
CA ARG O 119 48.37 -12.45 -50.27
C ARG O 119 48.42 -13.50 -49.17
N ALA O 120 49.35 -14.45 -49.32
CA ALA O 120 49.49 -15.57 -48.40
C ALA O 120 50.59 -15.35 -47.37
N HIS O 121 51.10 -14.12 -47.24
CA HIS O 121 52.22 -13.88 -46.33
C HIS O 121 51.80 -13.84 -44.86
N GLY O 122 50.51 -13.61 -44.58
CA GLY O 122 50.09 -13.49 -43.20
C GLY O 122 50.51 -12.21 -42.54
N ALA O 123 50.96 -11.22 -43.30
CA ALA O 123 51.40 -9.95 -42.76
C ALA O 123 51.38 -8.92 -43.87
N ALA O 124 50.94 -7.71 -43.55
CA ALA O 124 51.04 -6.58 -44.44
C ALA O 124 52.15 -5.65 -43.94
N VAL O 125 52.77 -4.93 -44.86
CA VAL O 125 53.85 -4.01 -44.55
C VAL O 125 53.27 -2.61 -44.45
N VAL O 126 53.49 -1.95 -43.32
CA VAL O 126 53.11 -0.55 -43.17
C VAL O 126 54.19 0.32 -43.80
N VAL O 127 53.79 1.23 -44.68
CA VAL O 127 54.70 2.04 -45.47
C VAL O 127 54.39 3.52 -45.22
N PHE O 128 55.44 4.30 -45.01
CA PHE O 128 55.35 5.77 -44.97
C PHE O 128 56.46 6.32 -45.86
N GLU O 129 56.07 7.03 -46.93
CA GLU O 129 57.01 7.59 -47.90
C GLU O 129 57.88 6.49 -48.52
N GLY O 130 57.22 5.43 -49.00
CA GLY O 130 57.91 4.33 -49.64
C GLY O 130 58.73 3.45 -48.73
N ARG O 131 58.93 3.84 -47.46
CA ARG O 131 59.77 3.10 -46.53
C ARG O 131 58.94 2.23 -45.60
N PRO O 132 59.38 1.00 -45.35
CA PRO O 132 58.64 0.13 -44.43
C PRO O 132 58.89 0.54 -42.99
N ILE O 133 57.80 0.70 -42.23
CA ILE O 133 57.89 1.11 -40.83
C ILE O 133 57.26 0.12 -39.86
N GLY O 134 56.58 -0.91 -40.34
CA GLY O 134 56.00 -1.90 -39.45
C GLY O 134 55.28 -3.01 -40.19
N LEU O 135 54.89 -4.01 -39.42
CA LEU O 135 54.11 -5.15 -39.93
C LEU O 135 52.79 -5.24 -39.19
N VAL O 136 51.74 -5.60 -39.92
CA VAL O 136 50.42 -5.84 -39.34
C VAL O 136 50.04 -7.30 -39.60
N THR O 137 49.70 -8.01 -38.54
CA THR O 137 49.20 -9.38 -38.64
C THR O 137 47.74 -9.43 -38.21
N GLU O 138 47.07 -10.52 -38.59
CA GLU O 138 45.70 -10.74 -38.13
C GLU O 138 45.61 -10.69 -36.61
N ALA O 139 46.62 -11.22 -35.93
CA ALA O 139 46.64 -11.18 -34.46
C ALA O 139 46.67 -9.76 -33.92
N ASN O 140 47.35 -8.84 -34.61
CA ASN O 140 47.36 -7.45 -34.17
C ASN O 140 46.01 -6.77 -34.36
N CYS O 141 45.14 -7.33 -35.19
CA CYS O 141 43.83 -6.76 -35.46
C CYS O 141 42.74 -7.30 -34.54
N ALA O 142 43.01 -8.36 -33.79
CA ALA O 142 42.01 -8.93 -32.90
C ALA O 142 41.93 -8.14 -31.60
N GLY O 143 40.73 -8.04 -31.05
CA GLY O 143 40.50 -7.37 -29.79
C GLY O 143 40.68 -5.87 -29.80
N VAL O 144 40.82 -5.27 -30.98
CA VAL O 144 41.00 -3.83 -31.14
C VAL O 144 39.75 -3.26 -31.79
N ASP O 145 39.44 -2.01 -31.47
CA ASP O 145 38.38 -1.29 -32.17
C ASP O 145 38.62 -1.34 -33.67
N ARG O 146 37.60 -1.80 -34.42
CA ARG O 146 37.73 -1.93 -35.88
C ARG O 146 38.23 -0.67 -36.55
N PHE O 147 37.96 0.49 -35.95
CA PHE O 147 38.26 1.76 -36.58
C PHE O 147 39.46 2.45 -35.96
N ALA O 148 40.21 1.76 -35.11
CA ALA O 148 41.51 2.26 -34.72
C ALA O 148 42.40 2.33 -35.96
N ARG O 149 43.42 3.17 -35.88
CA ARG O 149 44.35 3.34 -36.99
C ARG O 149 45.43 2.26 -36.96
N VAL O 150 45.96 1.95 -38.15
CA VAL O 150 47.02 0.95 -38.26
C VAL O 150 48.21 1.31 -37.39
N ARG O 151 48.50 2.61 -37.24
CA ARG O 151 49.63 3.06 -36.43
C ARG O 151 49.55 2.57 -34.99
N ASP O 152 48.34 2.24 -34.49
CA ASP O 152 48.20 1.80 -33.11
C ASP O 152 48.46 0.32 -32.92
N ILE O 153 48.43 -0.47 -33.99
CA ILE O 153 48.63 -1.92 -33.89
C ILE O 153 49.88 -2.39 -34.61
N ALA O 154 50.52 -1.55 -35.41
CA ALA O 154 51.68 -1.97 -36.20
C ALA O 154 52.85 -2.35 -35.30
N LEU O 155 53.52 -3.44 -35.66
CA LEU O 155 54.75 -3.84 -34.99
C LEU O 155 55.95 -3.23 -35.72
N SER O 156 56.71 -2.39 -35.02
CA SER O 156 57.84 -1.71 -35.62
C SER O 156 59.09 -2.58 -35.71
N ASP O 157 59.08 -3.76 -35.08
CA ASP O 157 60.22 -4.68 -35.11
C ASP O 157 59.91 -5.81 -36.08
N PHE O 158 60.80 -5.99 -37.07
CA PHE O 158 60.65 -7.02 -38.09
C PHE O 158 62.01 -7.30 -38.69
N VAL O 159 62.16 -8.50 -39.25
CA VAL O 159 63.39 -8.84 -39.95
C VAL O 159 63.43 -8.11 -41.27
N THR O 160 64.60 -7.56 -41.62
CA THR O 160 64.78 -6.87 -42.89
C THR O 160 66.12 -7.25 -43.49
N ALA O 161 66.19 -7.21 -44.81
CA ALA O 161 67.38 -7.59 -45.56
C ALA O 161 67.36 -6.88 -46.90
N PRO O 162 68.52 -6.59 -47.48
CA PRO O 162 68.54 -6.00 -48.82
C PRO O 162 68.17 -7.02 -49.89
N VAL O 163 67.42 -6.56 -50.90
CA VAL O 163 67.18 -7.38 -52.07
C VAL O 163 68.52 -7.81 -52.67
N GLY O 164 68.61 -9.08 -53.04
CA GLY O 164 69.87 -9.67 -53.44
C GLY O 164 70.53 -10.52 -52.38
N THR O 165 70.03 -10.48 -51.15
CA THR O 165 70.51 -11.39 -50.11
C THR O 165 70.14 -12.82 -50.50
N ASP O 166 71.08 -13.73 -50.29
CA ASP O 166 70.85 -15.14 -50.60
C ASP O 166 69.57 -15.62 -49.92
N PRO O 167 68.64 -16.25 -50.65
CA PRO O 167 67.43 -16.77 -50.00
C PRO O 167 67.72 -17.74 -48.87
N ARG O 168 68.84 -18.49 -48.95
CA ARG O 168 69.25 -19.30 -47.83
C ARG O 168 69.57 -18.44 -46.61
N GLU O 169 70.18 -17.28 -46.83
CA GLU O 169 70.51 -16.40 -45.72
C GLU O 169 69.25 -15.77 -45.14
N VAL O 170 68.29 -15.39 -46.00
CA VAL O 170 67.01 -14.88 -45.50
C VAL O 170 66.29 -15.95 -44.69
N PHE O 171 66.34 -17.20 -45.17
CA PHE O 171 65.72 -18.31 -44.45
C PHE O 171 66.29 -18.43 -43.04
N ASP O 172 67.61 -18.32 -42.90
CA ASP O 172 68.23 -18.43 -41.57
C ASP O 172 67.89 -17.22 -40.71
N LEU O 173 67.87 -16.03 -41.30
CA LEU O 173 67.50 -14.82 -40.56
C LEU O 173 66.13 -14.96 -39.91
N LEU O 174 65.20 -15.67 -40.55
CA LEU O 174 63.83 -15.79 -40.09
C LEU O 174 63.61 -16.95 -39.13
N GLU O 175 64.66 -17.70 -38.77
CA GLU O 175 64.47 -18.92 -38.01
C GLU O 175 63.84 -18.65 -36.65
N HIS O 176 64.31 -17.63 -35.93
CA HIS O 176 63.79 -17.29 -34.61
C HIS O 176 62.96 -16.01 -34.63
N ALA O 177 62.43 -15.63 -35.79
CA ALA O 177 61.61 -14.44 -35.89
C ALA O 177 60.17 -14.78 -35.52
N PRO O 178 59.51 -13.96 -34.69
CA PRO O 178 58.09 -14.22 -34.38
C PRO O 178 57.19 -14.18 -35.61
N ILE O 179 57.54 -13.38 -36.60
CA ILE O 179 56.77 -13.26 -37.84
C ILE O 179 57.62 -13.81 -38.97
N ASP O 180 57.09 -14.80 -39.67
CA ASP O 180 57.81 -15.48 -40.76
C ASP O 180 57.76 -14.65 -42.04
N VAL O 181 58.25 -13.41 -41.95
CA VAL O 181 58.23 -12.46 -43.06
C VAL O 181 59.47 -11.58 -42.99
N ALA O 182 60.28 -11.58 -44.05
CA ALA O 182 61.43 -10.69 -44.15
C ALA O 182 61.08 -9.55 -45.10
N VAL O 183 61.18 -8.33 -44.62
CA VAL O 183 60.95 -7.15 -45.46
C VAL O 183 62.23 -6.87 -46.24
N MET O 184 62.14 -6.96 -47.56
CA MET O 184 63.29 -6.77 -48.43
C MET O 184 63.31 -5.34 -48.94
N THR O 185 64.48 -4.70 -48.87
CA THR O 185 64.62 -3.28 -49.14
C THR O 185 65.47 -3.04 -50.39
N ALA O 186 65.07 -2.06 -51.19
CA ALA O 186 65.89 -1.57 -52.27
C ALA O 186 67.13 -0.89 -51.69
N PRO O 187 68.16 -0.63 -52.50
CA PRO O 187 69.39 0.00 -51.96
C PRO O 187 69.14 1.27 -51.16
N ASP O 188 68.17 2.09 -51.55
CA ASP O 188 67.89 3.33 -50.83
C ASP O 188 67.08 3.12 -49.55
N GLY O 189 66.73 1.87 -49.22
CA GLY O 189 65.98 1.59 -48.01
C GLY O 189 64.47 1.50 -48.19
N THR O 190 63.95 1.86 -49.36
CA THR O 190 62.52 1.73 -49.62
C THR O 190 62.12 0.26 -49.79
N LEU O 191 60.81 0.03 -49.76
CA LEU O 191 60.27 -1.33 -49.79
C LEU O 191 60.46 -1.95 -51.17
N ALA O 192 61.14 -3.10 -51.24
CA ALA O 192 61.28 -3.86 -52.47
C ALA O 192 60.30 -5.03 -52.56
N GLY O 193 59.91 -5.59 -51.43
CA GLY O 193 59.02 -6.73 -51.40
C GLY O 193 59.18 -7.48 -50.09
N VAL O 194 58.73 -8.74 -50.09
CA VAL O 194 58.83 -9.60 -48.92
C VAL O 194 59.27 -11.00 -49.34
N LEU O 195 59.87 -11.71 -48.38
CA LEU O 195 60.25 -13.10 -48.56
C LEU O 195 60.02 -13.84 -47.26
N THR O 196 59.27 -14.94 -47.32
CA THR O 196 59.04 -15.83 -46.20
C THR O 196 60.02 -16.99 -46.24
N ARG O 197 60.06 -17.76 -45.16
CA ARG O 197 60.89 -18.97 -45.15
C ARG O 197 60.45 -19.94 -46.23
N THR O 198 59.15 -20.13 -46.40
CA THR O 198 58.67 -21.02 -47.46
C THR O 198 58.91 -20.41 -48.84
N GLY O 199 58.77 -19.09 -48.95
CA GLY O 199 59.11 -18.44 -50.22
C GLY O 199 60.58 -18.61 -50.58
N ALA O 200 61.46 -18.58 -49.58
CA ALA O 200 62.87 -18.79 -49.84
C ALA O 200 63.14 -20.24 -50.22
N ILE O 201 62.42 -21.18 -49.63
CA ILE O 201 62.53 -22.58 -50.01
C ILE O 201 62.05 -22.77 -51.45
N ARG O 202 60.97 -22.08 -51.84
CA ARG O 202 60.40 -22.28 -53.16
C ARG O 202 61.31 -21.74 -54.25
N ALA O 203 62.10 -20.71 -53.95
CA ALA O 203 63.05 -20.19 -54.92
C ALA O 203 64.07 -21.26 -55.34
N GLY O 204 64.31 -22.23 -54.47
CA GLY O 204 65.20 -23.34 -54.78
C GLY O 204 64.53 -24.53 -55.44
N ILE O 205 63.20 -24.54 -55.49
CA ILE O 205 62.43 -25.65 -56.03
C ILE O 205 61.84 -25.30 -57.39
N TYR O 206 61.34 -24.08 -57.57
CA TYR O 206 60.64 -23.68 -58.77
C TYR O 206 61.51 -22.73 -59.60
N THR O 207 61.63 -23.02 -60.89
CA THR O 207 62.28 -22.09 -61.80
C THR O 207 61.26 -21.12 -62.37
N PRO O 208 61.44 -19.81 -62.18
CA PRO O 208 60.48 -18.85 -62.75
C PRO O 208 60.35 -19.02 -64.26
N ALA O 209 59.13 -18.83 -64.76
CA ALA O 209 58.88 -18.81 -66.20
C ALA O 209 59.09 -17.38 -66.70
N VAL O 210 60.10 -17.20 -67.55
CA VAL O 210 60.53 -15.87 -67.95
C VAL O 210 60.61 -15.80 -69.46
N ASP O 211 60.38 -14.60 -70.00
CA ASP O 211 60.59 -14.39 -71.42
C ASP O 211 62.08 -14.32 -71.72
N ALA O 212 62.42 -14.06 -72.99
CA ALA O 212 63.82 -14.02 -73.39
C ALA O 212 64.58 -12.91 -72.67
N LYS O 213 63.89 -11.85 -72.24
CA LYS O 213 64.52 -10.74 -71.55
C LYS O 213 64.72 -10.98 -70.06
N GLY O 214 64.21 -12.10 -69.53
CA GLY O 214 64.35 -12.41 -68.12
C GLY O 214 63.21 -11.98 -67.23
N ARG O 215 62.07 -11.57 -67.80
CA ARG O 215 60.94 -11.08 -67.05
C ARG O 215 59.83 -12.12 -67.03
N LEU O 216 59.04 -12.12 -65.95
CA LEU O 216 58.00 -13.14 -65.77
C LEU O 216 57.07 -13.21 -66.99
N ARG O 217 56.72 -14.44 -67.37
CA ARG O 217 55.87 -14.69 -68.52
C ARG O 217 54.40 -14.45 -68.20
N ILE O 218 53.64 -14.07 -69.23
CA ILE O 218 52.20 -13.87 -69.13
C ILE O 218 51.59 -14.10 -70.51
N ALA O 219 50.37 -14.64 -70.52
CA ALA O 219 49.64 -14.89 -71.75
C ALA O 219 48.34 -14.10 -71.76
N ALA O 220 47.65 -14.11 -72.90
CA ALA O 220 46.42 -13.35 -73.04
C ALA O 220 45.50 -14.06 -74.02
N ALA O 221 44.19 -14.01 -73.74
CA ALA O 221 43.19 -14.70 -74.56
C ALA O 221 42.40 -13.71 -75.40
N VAL O 222 41.87 -14.21 -76.52
CA VAL O 222 41.03 -13.43 -77.41
C VAL O 222 39.92 -14.34 -77.91
N GLY O 223 38.69 -13.79 -77.97
CA GLY O 223 37.58 -14.49 -78.57
C GLY O 223 37.55 -14.28 -80.07
N ILE O 224 36.61 -14.96 -80.74
CA ILE O 224 36.61 -14.99 -82.20
C ILE O 224 35.54 -14.08 -82.81
N ASN O 225 34.92 -13.21 -82.01
CA ASN O 225 34.08 -12.17 -82.56
C ASN O 225 34.91 -10.92 -82.84
N GLY O 226 34.39 -10.06 -83.71
CA GLY O 226 35.07 -8.81 -83.98
C GLY O 226 36.30 -8.99 -84.85
N ASP O 227 37.25 -8.09 -84.67
CA ASP O 227 38.50 -8.09 -85.44
C ASP O 227 39.54 -8.87 -84.67
N VAL O 228 39.56 -10.19 -84.87
CA VAL O 228 40.43 -11.08 -84.10
C VAL O 228 41.90 -10.76 -84.38
N GLY O 229 42.24 -10.47 -85.63
CA GLY O 229 43.61 -10.14 -85.94
C GLY O 229 44.08 -8.86 -85.25
N ALA O 230 43.24 -7.82 -85.28
CA ALA O 230 43.62 -6.56 -84.64
C ALA O 230 43.76 -6.71 -83.13
N LYS O 231 42.84 -7.44 -82.49
CA LYS O 231 42.95 -7.67 -81.06
C LYS O 231 44.19 -8.48 -80.72
N ALA O 232 44.51 -9.48 -81.55
CA ALA O 232 45.70 -10.30 -81.31
C ALA O 232 46.98 -9.49 -81.45
N GLN O 233 47.04 -8.62 -82.47
CA GLN O 233 48.23 -7.80 -82.65
C GLN O 233 48.41 -6.85 -81.47
N ALA O 234 47.31 -6.24 -81.00
CA ALA O 234 47.39 -5.34 -79.86
C ALA O 234 47.84 -6.08 -78.60
N LEU O 235 47.37 -7.32 -78.42
CA LEU O 235 47.84 -8.11 -77.27
C LEU O 235 49.33 -8.40 -77.37
N ALA O 236 49.81 -8.72 -78.58
CA ALA O 236 51.25 -8.92 -78.77
C ALA O 236 52.02 -7.64 -78.49
N GLU O 237 51.53 -6.50 -79.00
CA GLU O 237 52.20 -5.23 -78.75
C GLU O 237 52.20 -4.87 -77.27
N ALA O 238 51.22 -5.34 -76.52
CA ALA O 238 51.19 -5.11 -75.09
C ALA O 238 52.19 -5.97 -74.32
N GLY O 239 52.73 -7.00 -74.95
CA GLY O 239 53.78 -7.80 -74.36
C GLY O 239 53.39 -9.22 -73.98
N ALA O 240 52.25 -9.71 -74.44
CA ALA O 240 51.88 -11.09 -74.14
C ALA O 240 52.92 -12.04 -74.71
N ASP O 241 53.24 -13.09 -73.97
CA ASP O 241 54.20 -14.08 -74.43
C ASP O 241 53.55 -15.24 -75.18
N LEU O 242 52.23 -15.33 -75.13
CA LEU O 242 51.49 -16.41 -75.76
C LEU O 242 50.06 -15.92 -75.95
N LEU O 243 49.44 -16.31 -77.06
CA LEU O 243 48.07 -15.93 -77.37
C LEU O 243 47.17 -17.16 -77.34
N VAL O 244 45.99 -17.01 -76.74
CA VAL O 244 44.97 -18.06 -76.71
C VAL O 244 43.76 -17.56 -77.47
N ILE O 245 43.44 -18.21 -78.58
CA ILE O 245 42.19 -17.98 -79.30
C ILE O 245 41.18 -18.98 -78.76
N ASP O 246 40.13 -18.46 -78.11
CA ASP O 246 39.29 -19.27 -77.24
C ASP O 246 37.82 -19.13 -77.61
N THR O 247 37.15 -20.26 -77.83
CA THR O 247 35.71 -20.27 -78.04
C THR O 247 35.17 -21.61 -77.52
N ALA O 248 33.87 -21.65 -77.27
CA ALA O 248 33.29 -22.86 -76.69
C ALA O 248 33.33 -24.02 -77.68
N HIS O 249 32.97 -23.76 -78.93
CA HIS O 249 33.01 -24.75 -80.00
C HIS O 249 34.13 -24.36 -80.95
N GLY O 250 35.33 -24.86 -80.67
CA GLY O 250 36.48 -24.52 -81.50
C GLY O 250 36.44 -25.09 -82.89
N HIS O 251 35.66 -26.16 -83.12
CA HIS O 251 35.68 -26.84 -84.42
C HIS O 251 34.62 -26.24 -85.34
N GLN O 252 34.83 -24.97 -85.69
CA GLN O 252 33.88 -24.28 -86.55
C GLN O 252 34.59 -23.28 -87.43
N ALA O 253 33.89 -22.87 -88.50
CA ALA O 253 34.50 -22.05 -89.54
C ALA O 253 35.03 -20.74 -88.97
N LYS O 254 34.28 -20.11 -88.07
CA LYS O 254 34.70 -18.81 -87.56
C LYS O 254 35.99 -18.90 -86.77
N MET O 255 36.24 -20.03 -86.11
CA MET O 255 37.52 -20.22 -85.43
C MET O 255 38.66 -20.43 -86.44
N LEU O 256 38.44 -21.30 -87.42
CA LEU O 256 39.45 -21.52 -88.44
C LEU O 256 39.83 -20.22 -89.13
N ASP O 257 38.85 -19.36 -89.41
CA ASP O 257 39.16 -18.04 -89.98
C ASP O 257 39.96 -17.20 -89.00
N ALA O 258 39.55 -17.20 -87.73
CA ALA O 258 40.27 -16.44 -86.70
C ALA O 258 41.72 -16.88 -86.60
N ILE O 259 41.96 -18.20 -86.64
CA ILE O 259 43.34 -18.70 -86.54
C ILE O 259 44.16 -18.22 -87.74
N LYS O 260 43.59 -18.38 -88.95
CA LYS O 260 44.26 -17.92 -90.17
C LYS O 260 44.61 -16.44 -90.10
N ALA O 261 43.68 -15.61 -89.62
CA ALA O 261 43.94 -14.18 -89.56
C ALA O 261 45.04 -13.85 -88.57
N VAL O 262 45.08 -14.55 -87.43
CA VAL O 262 46.13 -14.29 -86.45
C VAL O 262 47.46 -14.84 -86.92
N ALA O 263 47.45 -16.02 -87.53
CA ALA O 263 48.69 -16.61 -88.02
C ALA O 263 49.30 -15.78 -89.13
N SER O 264 48.47 -15.23 -90.02
CA SER O 264 48.97 -14.45 -91.14
C SER O 264 49.67 -13.16 -90.70
N LEU O 265 49.41 -12.69 -89.48
CA LEU O 265 50.09 -11.49 -89.00
C LEU O 265 51.51 -11.75 -88.54
N ASP O 266 51.91 -13.01 -88.38
CA ASP O 266 53.30 -13.40 -88.08
C ASP O 266 53.82 -12.68 -86.83
N LEU O 267 53.07 -12.81 -85.73
CA LEU O 267 53.43 -12.12 -84.49
C LEU O 267 54.59 -12.76 -83.76
N GLY O 268 54.96 -13.99 -84.11
CA GLY O 268 56.09 -14.64 -83.46
C GLY O 268 55.81 -15.22 -82.10
N LEU O 269 54.55 -15.44 -81.75
CA LEU O 269 54.18 -15.96 -80.45
C LEU O 269 53.53 -17.33 -80.58
N PRO O 270 53.71 -18.21 -79.59
CA PRO O 270 52.94 -19.45 -79.57
C PRO O 270 51.45 -19.17 -79.64
N LEU O 271 50.75 -19.90 -80.50
CA LEU O 271 49.34 -19.68 -80.76
C LEU O 271 48.56 -20.90 -80.27
N VAL O 272 47.74 -20.70 -79.22
CA VAL O 272 46.82 -21.72 -78.71
C VAL O 272 45.45 -21.46 -79.31
N ALA O 273 44.72 -22.51 -79.65
CA ALA O 273 43.35 -22.37 -80.10
C ALA O 273 42.52 -23.52 -79.54
N GLY O 274 41.27 -23.22 -79.16
CA GLY O 274 40.38 -24.22 -78.60
C GLY O 274 38.99 -23.65 -78.42
N ASN O 275 38.06 -24.53 -78.05
CA ASN O 275 38.32 -25.91 -77.66
C ASN O 275 37.67 -26.94 -78.57
N VAL O 276 38.32 -28.10 -78.68
CA VAL O 276 37.79 -29.25 -79.42
C VAL O 276 38.03 -30.49 -78.57
N VAL O 277 37.43 -31.60 -78.98
CA VAL O 277 37.64 -32.88 -78.29
C VAL O 277 37.85 -34.02 -79.28
N SER O 278 38.13 -33.72 -80.55
CA SER O 278 38.25 -34.77 -81.56
C SER O 278 39.56 -34.64 -82.33
N ALA O 279 40.00 -35.77 -82.87
CA ALA O 279 41.17 -35.77 -83.75
C ALA O 279 40.97 -34.83 -84.93
N GLU O 280 39.83 -34.94 -85.61
CA GLU O 280 39.54 -34.05 -86.73
C GLU O 280 39.61 -32.58 -86.32
N GLY O 281 39.04 -32.25 -85.15
CA GLY O 281 39.14 -30.87 -84.69
C GLY O 281 40.57 -30.44 -84.42
N THR O 282 41.37 -31.33 -83.82
CA THR O 282 42.78 -31.03 -83.57
C THR O 282 43.54 -30.78 -84.87
N ARG O 283 43.35 -31.65 -85.86
CA ARG O 283 44.02 -31.47 -87.15
C ARG O 283 43.63 -30.15 -87.80
N ASP O 284 42.33 -29.85 -87.81
CA ASP O 284 41.86 -28.64 -88.47
C ASP O 284 42.40 -27.37 -87.81
N LEU O 285 42.45 -27.34 -86.48
CA LEU O 285 42.97 -26.15 -85.81
C LEU O 285 44.47 -25.97 -86.05
N ILE O 286 45.22 -27.08 -86.07
CA ILE O 286 46.65 -26.98 -86.36
C ILE O 286 46.88 -26.60 -87.84
N GLU O 287 46.09 -27.17 -88.75
CA GLU O 287 46.23 -26.81 -90.16
C GLU O 287 45.92 -25.34 -90.40
N ALA O 288 45.03 -24.77 -89.60
CA ALA O 288 44.68 -23.35 -89.75
C ALA O 288 45.77 -22.41 -89.24
N GLY O 289 46.69 -22.89 -88.41
CA GLY O 289 47.75 -22.03 -87.91
C GLY O 289 48.08 -22.12 -86.43
N ALA O 290 47.36 -22.96 -85.69
CA ALA O 290 47.66 -23.13 -84.27
C ALA O 290 48.81 -24.09 -84.05
N SER O 291 49.66 -23.77 -83.07
CA SER O 291 50.70 -24.71 -82.64
C SER O 291 50.29 -25.52 -81.42
N ILE O 292 49.29 -25.05 -80.67
CA ILE O 292 48.78 -25.73 -79.49
C ILE O 292 47.27 -25.76 -79.57
N VAL O 293 46.67 -26.92 -79.29
CA VAL O 293 45.23 -27.11 -79.34
C VAL O 293 44.72 -27.31 -77.92
N LYS O 294 43.76 -26.48 -77.52
CA LYS O 294 43.20 -26.57 -76.17
C LYS O 294 42.00 -27.51 -76.20
N VAL O 295 42.01 -28.52 -75.33
CA VAL O 295 41.09 -29.66 -75.38
C VAL O 295 40.15 -29.60 -74.18
N GLY O 296 38.85 -29.75 -74.44
CA GLY O 296 37.86 -29.78 -73.38
C GLY O 296 36.54 -29.16 -73.78
N VAL O 297 35.49 -29.99 -73.92
CA VAL O 297 34.13 -29.52 -74.16
C VAL O 297 33.22 -30.36 -73.27
N GLY O 298 32.49 -29.69 -72.38
CA GLY O 298 31.60 -30.36 -71.44
C GLY O 298 32.14 -31.66 -70.87
N PRO O 299 33.29 -31.61 -70.21
CA PRO O 299 33.90 -32.86 -69.71
C PRO O 299 33.13 -33.48 -68.54
N GLY O 300 32.31 -32.71 -67.82
CA GLY O 300 31.57 -33.22 -66.70
C GLY O 300 30.13 -33.52 -67.09
N ALA O 301 29.71 -34.75 -66.81
CA ALA O 301 28.40 -35.23 -67.23
C ALA O 301 27.25 -34.40 -66.65
N MET O 302 27.47 -33.75 -65.51
CA MET O 302 26.39 -33.07 -64.81
C MET O 302 26.54 -31.55 -64.80
N CYS O 303 27.48 -31.00 -65.57
CA CYS O 303 27.67 -29.57 -65.64
C CYS O 303 26.79 -28.97 -66.74
N THR O 304 26.85 -27.64 -66.86
CA THR O 304 25.85 -26.89 -67.61
C THR O 304 25.82 -27.30 -69.09
N THR O 305 26.98 -27.30 -69.75
CA THR O 305 27.01 -27.62 -71.17
C THR O 305 26.38 -28.98 -71.45
N ARG O 306 26.79 -30.01 -70.69
CA ARG O 306 26.24 -31.34 -70.94
C ARG O 306 24.75 -31.40 -70.63
N MET O 307 24.32 -30.73 -69.56
CA MET O 307 22.91 -30.79 -69.19
C MET O 307 22.03 -29.94 -70.09
N MET O 308 22.58 -28.94 -70.77
CA MET O 308 21.80 -28.12 -71.70
C MET O 308 21.69 -28.73 -73.10
N THR O 309 22.72 -29.45 -73.54
CA THR O 309 22.87 -29.80 -74.94
C THR O 309 23.19 -31.26 -75.21
N GLY O 310 23.61 -32.02 -74.19
CA GLY O 310 24.10 -33.37 -74.40
C GLY O 310 25.51 -33.44 -74.94
N VAL O 311 26.13 -32.31 -75.25
CA VAL O 311 27.41 -32.24 -75.96
C VAL O 311 28.56 -32.27 -74.98
N GLY O 312 29.58 -33.07 -75.29
CA GLY O 312 30.77 -33.13 -74.48
C GLY O 312 31.56 -34.37 -74.83
N ARG O 313 32.61 -34.61 -74.04
CA ARG O 313 33.35 -35.86 -74.17
C ARG O 313 34.11 -36.08 -72.88
N PRO O 314 34.12 -37.30 -72.33
CA PRO O 314 34.97 -37.60 -71.18
C PRO O 314 36.41 -37.18 -71.45
N GLN O 315 37.01 -36.48 -70.47
CA GLN O 315 38.18 -35.65 -70.76
C GLN O 315 39.44 -36.47 -70.99
N PHE O 316 39.60 -37.61 -70.32
CA PHE O 316 40.81 -38.39 -70.53
C PHE O 316 40.86 -38.96 -71.94
N SER O 317 39.77 -39.57 -72.40
CA SER O 317 39.72 -40.05 -73.79
C SER O 317 39.90 -38.89 -74.77
N ALA O 318 39.30 -37.74 -74.47
CA ALA O 318 39.46 -36.59 -75.36
C ALA O 318 40.92 -36.18 -75.49
N VAL O 319 41.65 -36.17 -74.39
CA VAL O 319 43.04 -35.74 -74.42
C VAL O 319 43.91 -36.79 -75.14
N VAL O 320 43.70 -38.07 -74.82
CA VAL O 320 44.47 -39.13 -75.49
C VAL O 320 44.34 -39.01 -77.01
N GLU O 321 43.11 -38.90 -77.50
CA GLU O 321 42.90 -38.85 -78.95
C GLU O 321 43.40 -37.55 -79.54
N CYS O 322 43.19 -36.43 -78.86
CA CYS O 322 43.65 -35.16 -79.42
C CYS O 322 45.16 -35.04 -79.36
N ALA O 323 45.80 -35.57 -78.33
CA ALA O 323 47.25 -35.51 -78.23
C ALA O 323 47.91 -36.34 -79.32
N ALA O 324 47.33 -37.51 -79.63
CA ALA O 324 47.86 -38.35 -80.70
C ALA O 324 47.75 -37.65 -82.04
N ALA O 325 46.61 -37.00 -82.30
CA ALA O 325 46.44 -36.25 -83.53
C ALA O 325 47.44 -35.09 -83.62
N ALA O 326 47.61 -34.36 -82.53
CA ALA O 326 48.54 -33.22 -82.54
C ALA O 326 49.98 -33.69 -82.72
N ARG O 327 50.33 -34.80 -82.10
CA ARG O 327 51.67 -35.38 -82.20
C ARG O 327 52.08 -35.60 -83.66
N GLN O 328 51.16 -36.15 -84.47
CA GLN O 328 51.49 -36.44 -85.87
C GLN O 328 51.82 -35.16 -86.65
N LEU O 329 51.25 -34.04 -86.26
CA LEU O 329 51.49 -32.76 -86.92
C LEU O 329 52.58 -31.95 -86.22
N GLY O 330 53.27 -32.53 -85.25
CA GLY O 330 54.28 -31.78 -84.52
C GLY O 330 53.71 -30.79 -83.54
N GLY O 331 52.43 -30.93 -83.19
CA GLY O 331 51.77 -29.99 -82.31
C GLY O 331 51.60 -30.53 -80.89
N HIS O 332 50.89 -29.75 -80.08
CA HIS O 332 50.71 -30.02 -78.66
C HIS O 332 49.27 -29.77 -78.27
N VAL O 333 48.85 -30.35 -77.15
CA VAL O 333 47.52 -30.10 -76.62
C VAL O 333 47.60 -29.65 -75.18
N TRP O 334 46.70 -28.75 -74.81
CA TRP O 334 46.44 -28.40 -73.42
C TRP O 334 45.17 -29.09 -72.96
N ALA O 335 45.22 -29.72 -71.79
CA ALA O 335 44.04 -30.31 -71.16
C ALA O 335 43.35 -29.23 -70.32
N ASP O 336 42.17 -28.80 -70.77
CA ASP O 336 41.48 -27.65 -70.19
C ASP O 336 40.14 -28.11 -69.60
N GLY O 337 40.05 -28.14 -68.28
CA GLY O 337 38.77 -28.36 -67.64
C GLY O 337 38.70 -29.57 -66.72
N GLY O 338 37.99 -29.43 -65.60
CA GLY O 338 37.71 -30.56 -64.74
C GLY O 338 38.78 -30.90 -63.74
N VAL O 339 39.85 -30.11 -63.65
CA VAL O 339 40.95 -30.44 -62.76
C VAL O 339 40.57 -30.05 -61.33
N ARG O 340 40.63 -31.02 -60.42
CA ARG O 340 40.33 -30.79 -59.01
C ARG O 340 41.37 -31.39 -58.07
N HIS O 341 42.23 -32.27 -58.55
CA HIS O 341 43.18 -32.99 -57.72
C HIS O 341 44.48 -33.12 -58.49
N PRO O 342 45.60 -33.29 -57.79
CA PRO O 342 46.87 -33.56 -58.50
C PRO O 342 46.76 -34.73 -59.47
N ARG O 343 46.01 -35.77 -59.09
CA ARG O 343 45.74 -36.90 -59.98
C ARG O 343 45.33 -36.45 -61.37
N ASP O 344 44.48 -35.43 -61.46
CA ASP O 344 43.94 -35.01 -62.76
C ASP O 344 45.03 -34.42 -63.63
N VAL O 345 45.92 -33.62 -63.05
CA VAL O 345 47.05 -33.06 -63.79
C VAL O 345 47.93 -34.19 -64.32
N ALA O 346 48.26 -35.15 -63.45
CA ALA O 346 49.14 -36.24 -63.82
C ALA O 346 48.53 -37.13 -64.90
N LEU O 347 47.24 -37.46 -64.77
CA LEU O 347 46.59 -38.26 -65.80
C LEU O 347 46.51 -37.51 -67.12
N ALA O 348 46.27 -36.20 -67.06
CA ALA O 348 46.26 -35.40 -68.29
C ALA O 348 47.61 -35.45 -68.99
N LEU O 349 48.71 -35.38 -68.24
CA LEU O 349 50.04 -35.46 -68.83
C LEU O 349 50.32 -36.87 -69.35
N ALA O 350 49.98 -37.89 -68.57
CA ALA O 350 50.11 -39.27 -69.03
C ALA O 350 49.33 -39.49 -70.33
N ALA O 351 48.16 -38.87 -70.45
CA ALA O 351 47.41 -38.93 -71.70
C ALA O 351 48.17 -38.31 -72.87
N GLY O 352 49.15 -37.46 -72.61
CA GLY O 352 49.92 -36.84 -73.66
C GLY O 352 49.76 -35.34 -73.80
N ALA O 353 49.05 -34.69 -72.89
CA ALA O 353 48.98 -33.23 -72.92
C ALA O 353 50.33 -32.64 -72.54
N SER O 354 50.63 -31.48 -73.11
CA SER O 354 51.88 -30.78 -72.79
C SER O 354 51.73 -29.84 -71.60
N ASN O 355 50.52 -29.39 -71.32
CA ASN O 355 50.24 -28.46 -70.24
C ASN O 355 48.81 -28.73 -69.79
N VAL O 356 48.52 -28.36 -68.54
CA VAL O 356 47.20 -28.56 -67.96
C VAL O 356 46.67 -27.19 -67.53
N MET O 357 45.46 -26.86 -67.97
CA MET O 357 44.85 -25.58 -67.66
C MET O 357 43.85 -25.75 -66.52
N ILE O 358 43.98 -24.90 -65.50
CA ILE O 358 43.20 -25.01 -64.26
C ILE O 358 42.45 -23.70 -64.03
N GLY O 359 41.13 -23.80 -63.83
CA GLY O 359 40.32 -22.64 -63.56
C GLY O 359 39.74 -22.57 -62.15
N SER O 360 38.57 -23.16 -61.95
N SER O 360 38.56 -23.16 -61.95
CA SER O 360 37.83 -22.89 -60.73
CA SER O 360 37.79 -22.95 -60.73
C SER O 360 38.58 -23.32 -59.48
N TRP O 361 39.39 -24.38 -59.56
CA TRP O 361 40.17 -24.82 -58.39
C TRP O 361 40.98 -23.66 -57.80
N PHE O 362 41.60 -22.85 -58.65
CA PHE O 362 42.47 -21.78 -58.18
C PHE O 362 41.70 -20.54 -57.74
N ALA O 363 40.38 -20.50 -57.96
CA ALA O 363 39.59 -19.40 -57.41
C ALA O 363 39.59 -19.41 -55.89
N GLY O 364 39.69 -20.60 -55.29
CA GLY O 364 39.71 -20.75 -53.85
C GLY O 364 41.10 -20.58 -53.26
N THR O 365 41.74 -19.46 -53.58
CA THR O 365 43.04 -19.10 -53.05
C THR O 365 43.05 -17.62 -52.69
N TYR O 366 44.03 -17.22 -51.87
CA TYR O 366 44.14 -15.82 -51.49
C TYR O 366 44.34 -14.92 -52.70
N GLU O 367 45.12 -15.40 -53.68
CA GLU O 367 45.60 -14.55 -54.77
C GLU O 367 44.60 -14.36 -55.90
N SER O 368 43.49 -15.10 -55.91
CA SER O 368 42.49 -14.90 -56.94
C SER O 368 41.78 -13.56 -56.74
N PRO O 369 41.16 -13.02 -57.79
CA PRO O 369 40.66 -11.63 -57.71
C PRO O 369 39.48 -11.43 -56.78
N GLY O 370 38.60 -12.42 -56.64
CA GLY O 370 37.40 -12.24 -55.85
C GLY O 370 37.68 -12.02 -54.38
N ASP O 371 36.66 -11.52 -53.69
CA ASP O 371 36.77 -11.27 -52.26
C ASP O 371 36.70 -12.58 -51.49
N LEU O 372 37.44 -12.63 -50.38
CA LEU O 372 37.41 -13.81 -49.51
C LEU O 372 36.11 -13.82 -48.72
N LEU O 373 35.33 -14.88 -48.86
CA LEU O 373 34.03 -15.01 -48.21
C LEU O 373 34.09 -16.11 -47.15
N PHE O 374 33.02 -16.22 -46.38
CA PHE O 374 32.92 -17.21 -45.31
C PHE O 374 31.51 -17.76 -45.28
N ASP O 375 31.39 -19.08 -45.18
CA ASP O 375 30.08 -19.73 -45.24
C ASP O 375 29.43 -19.70 -43.87
N ARG O 376 28.34 -20.46 -43.71
CA ARG O 376 27.60 -20.47 -42.45
C ARG O 376 28.40 -21.12 -41.32
N ASP O 377 29.46 -21.85 -41.64
CA ASP O 377 30.31 -22.49 -40.65
C ASP O 377 31.64 -21.77 -40.47
N ASP O 378 31.76 -20.55 -40.98
CA ASP O 378 32.96 -19.72 -40.87
C ASP O 378 34.15 -20.33 -41.63
N ARG O 379 33.88 -21.25 -42.56
CA ARG O 379 34.93 -21.78 -43.42
C ARG O 379 35.14 -20.83 -44.60
N PRO O 380 36.38 -20.45 -44.91
CA PRO O 380 36.61 -19.49 -45.99
C PRO O 380 36.39 -20.14 -47.35
N TYR O 381 35.91 -19.32 -48.29
CA TYR O 381 35.72 -19.77 -49.67
C TYR O 381 35.73 -18.55 -50.57
N LYS O 382 35.84 -18.80 -51.87
CA LYS O 382 35.62 -17.79 -52.88
C LYS O 382 34.75 -18.38 -53.97
N GLU O 383 34.07 -17.50 -54.70
CA GLU O 383 33.16 -17.92 -55.74
C GLU O 383 33.89 -17.96 -57.08
N SER O 384 33.86 -19.11 -57.73
CA SER O 384 34.23 -19.19 -59.14
C SER O 384 32.97 -19.03 -59.99
N TYR O 385 33.16 -18.49 -61.18
CA TYR O 385 32.04 -18.32 -62.09
C TYR O 385 32.56 -18.36 -63.53
N GLY O 386 31.66 -18.73 -64.44
CA GLY O 386 32.04 -18.92 -65.82
C GLY O 386 32.20 -17.63 -66.60
N MET O 387 32.87 -17.75 -67.73
CA MET O 387 32.99 -16.64 -68.66
C MET O 387 31.80 -16.52 -69.59
N ALA O 388 30.94 -17.55 -69.64
CA ALA O 388 29.66 -17.50 -70.34
C ALA O 388 29.77 -16.98 -71.77
N SER O 389 29.05 -15.91 -72.08
CA SER O 389 28.98 -15.43 -73.46
C SER O 389 30.30 -14.88 -73.98
N LYS O 390 31.29 -14.65 -73.12
CA LYS O 390 32.60 -14.26 -73.64
C LYS O 390 33.31 -15.40 -74.35
N ARG O 391 32.80 -16.63 -74.25
CA ARG O 391 33.31 -17.76 -75.01
C ARG O 391 32.44 -18.11 -76.21
N ALA O 392 31.39 -17.35 -76.47
CA ALA O 392 30.40 -17.70 -77.48
C ALA O 392 30.51 -16.80 -78.70
N VAL O 393 30.12 -17.34 -79.86
CA VAL O 393 29.97 -16.54 -81.05
C VAL O 393 28.74 -15.64 -80.92
N ALA O 394 28.85 -14.42 -81.42
CA ALA O 394 27.74 -13.47 -81.30
C ALA O 394 27.20 -13.05 -82.68
N SER O 401 19.14 -2.40 -82.38
CA SER O 401 18.22 -1.78 -81.44
C SER O 401 18.21 -2.53 -80.11
N SER O 402 17.55 -1.93 -79.11
CA SER O 402 17.46 -2.56 -77.80
C SER O 402 16.56 -3.79 -77.83
N PHE O 403 15.60 -3.83 -78.76
CA PHE O 403 14.81 -5.03 -78.98
C PHE O 403 15.68 -6.19 -79.46
N ASP O 404 16.49 -5.94 -80.50
CA ASP O 404 17.41 -6.95 -81.00
C ASP O 404 18.39 -7.41 -79.92
N ARG O 405 18.79 -6.50 -79.02
CA ARG O 405 19.74 -6.88 -77.97
C ARG O 405 19.13 -7.88 -77.01
N ALA O 406 17.94 -7.57 -76.48
CA ALA O 406 17.30 -8.48 -75.52
C ALA O 406 16.86 -9.78 -76.20
N ARG O 407 16.58 -9.72 -77.50
CA ARG O 407 16.29 -10.94 -78.26
C ARG O 407 17.48 -11.89 -78.24
N LYS O 408 18.62 -11.42 -78.75
CA LYS O 408 19.84 -12.24 -78.74
C LYS O 408 20.24 -12.63 -77.32
N GLY O 409 19.97 -11.78 -76.34
CA GLY O 409 20.33 -12.08 -74.96
C GLY O 409 19.42 -13.06 -74.25
N LEU O 410 18.27 -13.42 -74.85
CA LEU O 410 17.34 -14.32 -74.17
C LEU O 410 17.88 -15.74 -74.09
N PHE O 411 18.62 -16.19 -75.11
CA PHE O 411 19.10 -17.55 -75.18
C PHE O 411 20.54 -17.71 -74.72
N GLU O 412 21.22 -16.62 -74.40
CA GLU O 412 22.65 -16.72 -74.08
C GLU O 412 22.86 -17.44 -72.75
N GLU O 413 24.04 -18.05 -72.62
CA GLU O 413 24.39 -18.77 -71.41
C GLU O 413 24.42 -17.81 -70.21
N GLY O 414 23.81 -18.24 -69.10
CA GLY O 414 23.93 -17.50 -67.87
C GLY O 414 25.23 -17.78 -67.15
N ILE O 415 25.59 -16.88 -66.24
CA ILE O 415 26.78 -17.05 -65.42
C ILE O 415 26.44 -17.95 -64.24
N SER O 416 27.02 -19.15 -64.22
CA SER O 416 26.86 -20.06 -63.10
C SER O 416 27.97 -19.84 -62.08
N THR O 417 27.62 -20.00 -60.80
CA THR O 417 28.53 -19.75 -59.70
C THR O 417 28.71 -21.02 -58.87
N SER O 418 29.93 -21.25 -58.39
CA SER O 418 30.24 -22.37 -57.51
C SER O 418 31.16 -21.92 -56.40
N ARG O 419 30.97 -22.50 -55.22
CA ARG O 419 31.75 -22.18 -54.04
C ARG O 419 33.01 -23.04 -53.99
N MET O 420 34.17 -22.39 -53.99
CA MET O 420 35.46 -23.07 -53.90
C MET O 420 36.07 -22.70 -52.56
N SER O 421 36.12 -23.65 -51.64
CA SER O 421 36.64 -23.37 -50.31
C SER O 421 38.16 -23.32 -50.33
N LEU O 422 38.72 -22.43 -49.52
CA LEU O 422 40.16 -22.40 -49.30
C LEU O 422 40.54 -23.46 -48.28
N ASP O 423 41.63 -24.15 -48.54
CA ASP O 423 42.18 -25.03 -47.53
C ASP O 423 42.84 -24.20 -46.43
N PRO O 424 42.48 -24.39 -45.17
CA PRO O 424 43.21 -23.70 -44.09
C PRO O 424 44.69 -24.07 -44.05
N ALA O 425 45.08 -25.18 -44.67
CA ALA O 425 46.49 -25.54 -44.80
C ALA O 425 47.09 -25.16 -46.15
N ARG O 426 46.27 -24.99 -47.18
CA ARG O 426 46.74 -24.72 -48.54
C ARG O 426 46.00 -23.54 -49.13
N GLY O 427 45.97 -22.43 -48.37
CA GLY O 427 45.15 -21.28 -48.77
C GLY O 427 45.71 -20.45 -49.89
N GLY O 428 47.03 -20.47 -50.10
CA GLY O 428 47.62 -19.77 -51.22
C GLY O 428 47.77 -20.65 -52.44
N VAL O 429 47.83 -20.02 -53.62
CA VAL O 429 47.96 -20.79 -54.85
C VAL O 429 49.27 -21.56 -54.88
N GLU O 430 50.30 -21.06 -54.18
CA GLU O 430 51.59 -21.74 -54.14
C GLU O 430 51.52 -23.02 -53.33
N ASP O 431 50.64 -23.09 -52.33
CA ASP O 431 50.43 -24.36 -51.64
C ASP O 431 49.76 -25.38 -52.56
N LEU O 432 48.87 -24.91 -53.43
CA LEU O 432 48.29 -25.81 -54.43
C LEU O 432 49.32 -26.25 -55.46
N LEU O 433 50.22 -25.34 -55.85
CA LEU O 433 51.28 -25.74 -56.78
C LEU O 433 52.22 -26.74 -56.14
N ASP O 434 52.51 -26.58 -54.85
CA ASP O 434 53.24 -27.61 -54.11
C ASP O 434 52.51 -28.94 -54.15
N HIS O 435 51.21 -28.91 -53.84
CA HIS O 435 50.40 -30.13 -53.84
C HIS O 435 50.37 -30.76 -55.24
N ILE O 436 50.13 -29.93 -56.27
CA ILE O 436 50.05 -30.45 -57.63
C ILE O 436 51.38 -31.05 -58.07
N THR O 437 52.49 -30.31 -57.87
CA THR O 437 53.75 -30.78 -58.43
C THR O 437 54.37 -31.88 -57.59
N SER O 438 54.14 -31.89 -56.27
CA SER O 438 54.54 -33.05 -55.47
C SER O 438 53.93 -34.33 -56.04
N GLY O 439 52.65 -34.27 -56.39
CA GLY O 439 51.98 -35.45 -56.93
C GLY O 439 52.51 -35.86 -58.29
N VAL O 440 52.64 -34.89 -59.21
CA VAL O 440 53.10 -35.19 -60.57
C VAL O 440 54.53 -35.73 -60.54
N ARG O 441 55.40 -35.13 -59.72
CA ARG O 441 56.73 -35.69 -59.54
C ARG O 441 56.67 -37.12 -59.05
N SER O 442 55.78 -37.40 -58.09
N SER O 442 55.78 -37.39 -58.09
CA SER O 442 55.64 -38.77 -57.60
CA SER O 442 55.63 -38.76 -57.60
C SER O 442 55.10 -39.68 -58.69
N THR O 443 54.15 -39.21 -59.50
CA THR O 443 53.68 -40.03 -60.62
C THR O 443 54.84 -40.41 -61.52
N CYS O 444 55.76 -39.47 -61.77
CA CYS O 444 56.89 -39.77 -62.65
C CYS O 444 57.82 -40.79 -62.02
N THR O 445 58.08 -40.69 -60.71
CA THR O 445 58.93 -41.67 -60.05
C THR O 445 58.30 -43.05 -60.05
N TYR O 446 56.97 -43.13 -59.94
CA TYR O 446 56.28 -44.42 -60.05
C TYR O 446 56.41 -45.00 -61.46
N VAL O 447 56.30 -44.14 -62.48
CA VAL O 447 56.35 -44.60 -63.86
C VAL O 447 57.77 -44.91 -64.29
N GLY O 448 58.77 -44.32 -63.63
CA GLY O 448 60.13 -44.40 -64.10
C GLY O 448 60.49 -43.33 -65.10
N ALA O 449 59.78 -42.20 -65.10
CA ALA O 449 60.01 -41.12 -66.04
C ALA O 449 60.83 -40.03 -65.37
N ALA O 450 61.86 -39.55 -66.05
CA ALA O 450 62.67 -38.44 -65.56
C ALA O 450 62.16 -37.09 -66.05
N ASN O 451 61.18 -37.07 -66.94
CA ASN O 451 60.62 -35.84 -67.46
C ASN O 451 59.25 -36.16 -68.06
N LEU O 452 58.56 -35.10 -68.49
CA LEU O 452 57.19 -35.23 -68.97
C LEU O 452 57.10 -36.01 -70.29
N PRO O 453 58.00 -35.80 -71.26
CA PRO O 453 58.00 -36.70 -72.42
C PRO O 453 58.08 -38.17 -72.03
N GLU O 454 59.03 -38.52 -71.14
CA GLU O 454 59.15 -39.90 -70.69
C GLU O 454 57.89 -40.38 -69.99
N LEU O 455 57.17 -39.49 -69.31
CA LEU O 455 55.93 -39.89 -68.66
C LEU O 455 54.93 -40.44 -69.67
N HIS O 456 54.65 -39.68 -70.74
CA HIS O 456 53.69 -40.14 -71.72
C HIS O 456 54.18 -41.38 -72.45
N GLU O 457 55.48 -41.44 -72.74
CA GLU O 457 56.03 -42.53 -73.52
C GLU O 457 56.19 -43.83 -72.71
N LYS O 458 56.20 -43.74 -71.38
CA LYS O 458 56.41 -44.93 -70.55
C LYS O 458 55.19 -45.36 -69.76
N VAL O 459 54.12 -44.56 -69.72
CA VAL O 459 53.02 -44.83 -68.80
C VAL O 459 52.23 -46.05 -69.25
N VAL O 460 51.77 -46.84 -68.28
CA VAL O 460 50.86 -47.95 -68.52
C VAL O 460 49.61 -47.70 -67.71
N LEU O 461 48.46 -47.66 -68.38
CA LEU O 461 47.20 -47.31 -67.75
C LEU O 461 46.28 -48.51 -67.67
N GLY O 462 45.35 -48.44 -66.73
CA GLY O 462 44.29 -49.43 -66.62
C GLY O 462 42.97 -48.75 -66.36
N VAL O 463 41.90 -49.51 -66.56
CA VAL O 463 40.53 -49.05 -66.35
C VAL O 463 39.98 -49.75 -65.13
N GLN O 464 39.15 -49.03 -64.35
CA GLN O 464 38.51 -49.59 -63.18
C GLN O 464 37.00 -49.38 -63.29
N SER O 465 36.25 -50.18 -62.54
CA SER O 465 34.81 -50.10 -62.54
C SER O 465 34.34 -49.05 -61.54
N ALA O 466 33.02 -48.87 -61.45
CA ALA O 466 32.45 -47.90 -60.52
C ALA O 466 32.60 -48.33 -59.06
N ALA O 467 32.75 -49.63 -58.80
CA ALA O 467 32.86 -50.14 -57.43
C ALA O 467 34.10 -49.63 -56.72
N VAL P 2 43.49 -68.68 -61.56
CA VAL P 2 42.09 -68.66 -61.11
C VAL P 2 41.15 -68.87 -62.28
N ARG P 3 40.03 -69.55 -62.02
CA ARG P 3 39.01 -69.79 -63.02
C ARG P 3 37.86 -68.82 -62.81
N PHE P 4 37.49 -68.10 -63.86
CA PHE P 4 36.30 -67.27 -63.88
C PHE P 4 35.19 -67.95 -64.66
N LEU P 5 33.95 -67.61 -64.33
CA LEU P 5 32.81 -68.06 -65.11
C LEU P 5 32.95 -67.64 -66.58
N ASP P 6 32.43 -68.49 -67.47
CA ASP P 6 32.52 -68.24 -68.90
C ASP P 6 31.97 -66.87 -69.25
N GLY P 7 32.74 -66.12 -70.04
CA GLY P 7 32.34 -64.78 -70.46
C GLY P 7 32.68 -63.67 -69.49
N HIS P 8 33.08 -64.00 -68.26
CA HIS P 8 33.41 -62.99 -67.25
C HIS P 8 34.85 -62.51 -67.45
N THR P 9 35.03 -61.75 -68.53
CA THR P 9 36.33 -61.19 -68.89
C THR P 9 36.17 -59.68 -69.08
N PRO P 10 36.02 -58.93 -67.98
CA PRO P 10 35.73 -57.51 -68.10
C PRO P 10 36.90 -56.72 -68.66
N ALA P 11 36.58 -55.57 -69.23
CA ALA P 11 37.58 -54.64 -69.77
C ALA P 11 38.06 -53.67 -68.70
N TYR P 12 38.40 -54.20 -67.52
CA TYR P 12 38.88 -53.40 -66.39
C TYR P 12 39.39 -54.35 -65.32
N ASP P 13 40.15 -53.79 -64.38
CA ASP P 13 40.68 -54.56 -63.26
C ASP P 13 39.71 -54.50 -62.09
N LEU P 14 39.88 -55.45 -61.17
CA LEU P 14 38.85 -55.80 -60.21
C LEU P 14 39.29 -55.47 -58.79
N THR P 15 38.40 -54.83 -58.03
CA THR P 15 38.57 -54.65 -56.60
C THR P 15 37.92 -55.82 -55.86
N TYR P 16 38.09 -55.85 -54.53
CA TYR P 16 37.39 -56.84 -53.72
C TYR P 16 35.87 -56.75 -53.87
N ASN P 17 35.37 -55.55 -54.22
CA ASN P 17 33.94 -55.36 -54.40
C ASN P 17 33.42 -55.90 -55.72
N ASP P 18 34.29 -56.23 -56.67
CA ASP P 18 33.87 -56.57 -58.02
C ASP P 18 33.55 -58.05 -58.22
N VAL P 19 33.95 -58.93 -57.31
CA VAL P 19 33.95 -60.35 -57.60
C VAL P 19 33.21 -61.12 -56.51
N PHE P 20 32.77 -62.32 -56.88
CA PHE P 20 32.14 -63.25 -55.93
C PHE P 20 32.70 -64.65 -56.17
N VAL P 21 32.54 -65.50 -55.17
CA VAL P 21 32.97 -66.89 -55.24
C VAL P 21 31.75 -67.78 -55.46
N VAL P 22 31.80 -68.61 -56.50
CA VAL P 22 30.69 -69.50 -56.80
C VAL P 22 30.87 -70.77 -55.99
N PRO P 23 29.86 -71.22 -55.24
CA PRO P 23 29.99 -72.49 -54.51
C PRO P 23 30.31 -73.63 -55.46
N GLY P 24 31.13 -74.57 -54.98
CA GLY P 24 31.44 -75.79 -55.70
C GLY P 24 30.97 -77.00 -54.92
N ARG P 25 31.08 -78.16 -55.56
CA ARG P 25 30.75 -79.41 -54.87
C ARG P 25 31.76 -79.65 -53.76
N SER P 26 31.26 -79.92 -52.55
CA SER P 26 32.12 -79.99 -51.37
C SER P 26 31.84 -81.24 -50.58
N ASP P 27 32.90 -81.85 -50.04
CA ASP P 27 32.78 -82.86 -49.01
C ASP P 27 33.44 -82.41 -47.70
N VAL P 28 33.80 -81.13 -47.61
CA VAL P 28 34.34 -80.55 -46.38
C VAL P 28 33.17 -80.06 -45.56
N ALA P 29 32.75 -80.86 -44.58
CA ALA P 29 31.50 -80.61 -43.86
C ALA P 29 31.65 -79.54 -42.77
N SER P 30 32.76 -79.56 -42.04
CA SER P 30 32.92 -78.73 -40.85
C SER P 30 33.92 -77.60 -41.10
N ARG P 31 33.65 -76.45 -40.48
CA ARG P 31 34.61 -75.35 -40.50
C ARG P 31 35.96 -75.78 -39.95
N PHE P 32 35.95 -76.66 -38.94
CA PHE P 32 37.17 -77.07 -38.25
C PHE P 32 37.95 -78.12 -39.03
N ASP P 33 37.38 -78.70 -40.08
CA ASP P 33 38.13 -79.61 -40.94
C ASP P 33 39.13 -78.86 -41.81
N VAL P 34 38.96 -77.55 -41.96
CA VAL P 34 39.83 -76.75 -42.81
C VAL P 34 41.17 -76.53 -42.10
N ASP P 35 42.25 -76.63 -42.87
CA ASP P 35 43.58 -76.28 -42.40
C ASP P 35 43.92 -74.88 -42.89
N LEU P 36 44.09 -73.94 -41.96
CA LEU P 36 44.36 -72.55 -42.30
C LEU P 36 45.85 -72.20 -42.29
N SER P 37 46.73 -73.17 -42.03
N SER P 37 46.73 -73.17 -42.03
CA SER P 37 48.15 -72.88 -41.98
CA SER P 37 48.16 -72.91 -41.99
C SER P 37 48.65 -72.44 -43.36
N THR P 38 49.62 -71.53 -43.35
CA THR P 38 50.19 -71.00 -44.58
C THR P 38 51.43 -71.80 -44.98
N VAL P 39 51.82 -71.63 -46.23
CA VAL P 39 52.90 -72.41 -46.82
C VAL P 39 54.04 -71.52 -47.33
N ASP P 40 54.11 -70.27 -46.88
CA ASP P 40 55.10 -69.34 -47.39
C ASP P 40 56.34 -69.23 -46.49
N GLY P 41 56.43 -70.02 -45.44
CA GLY P 41 57.55 -69.96 -44.55
C GLY P 41 57.48 -68.88 -43.48
N SER P 42 56.38 -68.12 -43.43
CA SER P 42 56.20 -67.16 -42.35
C SER P 42 56.00 -67.86 -41.01
N GLY P 43 55.42 -69.05 -41.03
CA GLY P 43 55.12 -69.77 -39.81
C GLY P 43 53.75 -69.51 -39.22
N THR P 44 52.92 -68.70 -39.89
CA THR P 44 51.59 -68.44 -39.37
C THR P 44 50.69 -69.65 -39.57
N THR P 45 49.83 -69.90 -38.58
CA THR P 45 48.85 -70.97 -38.67
C THR P 45 47.47 -70.47 -39.10
N ILE P 46 47.30 -69.15 -39.21
CA ILE P 46 46.17 -68.54 -39.89
C ILE P 46 46.74 -67.50 -40.85
N PRO P 47 46.02 -67.18 -41.92
CA PRO P 47 46.57 -66.32 -42.97
C PRO P 47 46.48 -64.81 -42.69
N VAL P 48 46.89 -64.41 -41.49
CA VAL P 48 46.77 -63.02 -41.05
C VAL P 48 48.14 -62.50 -40.62
N VAL P 49 48.55 -61.38 -41.22
CA VAL P 49 49.77 -60.66 -40.85
C VAL P 49 49.36 -59.22 -40.52
N VAL P 50 49.88 -58.70 -39.41
CA VAL P 50 49.55 -57.35 -38.99
C VAL P 50 50.57 -56.39 -39.60
N ALA P 51 50.08 -55.35 -40.26
CA ALA P 51 50.91 -54.41 -40.99
C ALA P 51 51.97 -53.76 -40.10
N ASN P 52 53.11 -53.46 -40.71
CA ASN P 52 54.20 -52.72 -40.07
C ASN P 52 53.80 -51.25 -40.01
N MET P 53 52.92 -50.94 -39.06
CA MET P 53 52.43 -49.58 -38.85
C MET P 53 52.47 -49.24 -37.37
N THR P 54 52.95 -48.03 -37.06
CA THR P 54 53.05 -47.63 -35.66
C THR P 54 51.69 -47.58 -34.97
N ALA P 55 50.62 -47.32 -35.73
CA ALA P 55 49.27 -47.30 -35.17
C ALA P 55 48.76 -48.69 -34.80
N VAL P 56 49.42 -49.76 -35.23
CA VAL P 56 48.86 -51.10 -35.08
C VAL P 56 49.83 -52.04 -34.38
N ALA P 57 51.11 -52.01 -34.77
CA ALA P 57 52.05 -53.08 -34.46
C ALA P 57 52.87 -52.75 -33.20
N GLY P 58 52.20 -52.84 -32.06
CA GLY P 58 52.86 -52.73 -30.77
C GLY P 58 53.01 -54.07 -30.08
N ARG P 59 53.62 -54.03 -28.88
CA ARG P 59 53.96 -55.27 -28.20
C ARG P 59 52.70 -56.04 -27.80
N ARG P 60 51.65 -55.35 -27.35
CA ARG P 60 50.42 -56.03 -26.99
C ARG P 60 49.79 -56.69 -28.21
N MET P 61 49.81 -56.02 -29.36
CA MET P 61 49.31 -56.62 -30.59
C MET P 61 50.17 -57.82 -31.00
N ALA P 62 51.49 -57.71 -30.84
CA ALA P 62 52.39 -58.76 -31.29
C ALA P 62 52.19 -60.04 -30.50
N GLU P 63 52.14 -59.92 -29.17
CA GLU P 63 51.83 -61.07 -28.32
C GLU P 63 50.48 -61.68 -28.68
N THR P 64 49.43 -60.85 -28.72
CA THR P 64 48.07 -61.38 -28.83
C THR P 64 47.85 -62.10 -30.15
N VAL P 65 48.35 -61.54 -31.25
CA VAL P 65 48.08 -62.09 -32.57
C VAL P 65 48.91 -63.36 -32.78
N ALA P 66 50.18 -63.36 -32.37
CA ALA P 66 51.01 -64.54 -32.54
C ALA P 66 50.46 -65.73 -31.77
N ARG P 67 49.88 -65.49 -30.59
CA ARG P 67 49.33 -66.59 -29.80
C ARG P 67 48.19 -67.27 -30.53
N ARG P 68 47.47 -66.54 -31.39
CA ARG P 68 46.37 -67.08 -32.15
C ARG P 68 46.77 -67.48 -33.57
N GLY P 69 48.07 -67.53 -33.86
CA GLY P 69 48.56 -68.08 -35.11
C GLY P 69 48.98 -67.07 -36.15
N GLY P 70 48.70 -65.79 -35.95
CA GLY P 70 49.16 -64.76 -36.85
C GLY P 70 50.60 -64.36 -36.55
N ILE P 71 51.02 -63.26 -37.18
CA ILE P 71 52.32 -62.68 -36.90
C ILE P 71 52.22 -61.18 -37.15
N VAL P 72 52.99 -60.42 -36.37
CA VAL P 72 52.97 -58.95 -36.41
C VAL P 72 54.33 -58.48 -36.88
N VAL P 73 54.34 -57.54 -37.82
CA VAL P 73 55.57 -56.96 -38.35
C VAL P 73 55.84 -55.65 -37.62
N LEU P 74 56.95 -55.59 -36.89
CA LEU P 74 57.30 -54.37 -36.19
C LEU P 74 57.57 -53.25 -37.20
N PRO P 75 57.16 -52.02 -36.92
CA PRO P 75 57.37 -50.93 -37.87
C PRO P 75 58.85 -50.65 -38.13
N GLN P 76 59.15 -50.25 -39.35
CA GLN P 76 60.52 -49.86 -39.66
C GLN P 76 60.88 -48.58 -38.90
N ASP P 77 62.17 -48.46 -38.60
CA ASP P 77 62.78 -47.35 -37.86
C ASP P 77 62.44 -47.36 -36.38
N LEU P 78 61.78 -48.40 -35.88
CA LEU P 78 61.76 -48.62 -34.45
C LEU P 78 63.20 -48.80 -33.96
N PRO P 79 63.65 -48.02 -32.97
CA PRO P 79 65.04 -48.13 -32.52
C PRO P 79 65.37 -49.55 -32.07
N ILE P 80 66.61 -49.97 -32.32
CA ILE P 80 66.98 -51.37 -32.16
C ILE P 80 66.86 -51.80 -30.70
N THR P 81 67.10 -50.89 -29.77
CA THR P 81 66.86 -51.20 -28.36
C THR P 81 65.40 -51.56 -28.12
N ALA P 82 64.48 -50.82 -28.74
CA ALA P 82 63.06 -51.10 -28.58
C ALA P 82 62.67 -52.41 -29.26
N VAL P 83 63.23 -52.68 -30.43
CA VAL P 83 62.99 -53.96 -31.09
C VAL P 83 63.35 -55.11 -30.15
N SER P 84 64.55 -55.06 -29.56
CA SER P 84 64.99 -56.13 -28.67
C SER P 84 64.07 -56.25 -27.46
N GLU P 85 63.70 -55.11 -26.87
CA GLU P 85 62.77 -55.12 -25.75
C GLU P 85 61.44 -55.75 -26.16
N THR P 86 60.97 -55.44 -27.37
CA THR P 86 59.69 -55.98 -27.83
C THR P 86 59.79 -57.46 -28.13
N VAL P 87 60.84 -57.89 -28.81
CA VAL P 87 61.04 -59.31 -29.08
C VAL P 87 61.10 -60.11 -27.78
N ASP P 88 61.96 -59.68 -26.86
CA ASP P 88 62.12 -60.41 -25.60
C ASP P 88 60.80 -60.50 -24.84
N PHE P 89 60.00 -59.44 -24.87
CA PHE P 89 58.68 -59.49 -24.26
C PHE P 89 57.81 -60.54 -24.95
N VAL P 90 57.69 -60.45 -26.27
CA VAL P 90 56.84 -61.39 -27.01
C VAL P 90 57.32 -62.82 -26.80
N LYS P 91 58.62 -63.04 -26.85
CA LYS P 91 59.14 -64.41 -26.79
C LYS P 91 59.24 -64.95 -25.36
N SER P 92 58.82 -64.19 -24.35
CA SER P 92 58.69 -64.72 -23.00
C SER P 92 57.24 -64.86 -22.57
N ARG P 93 56.29 -64.68 -23.49
CA ARG P 93 54.88 -64.85 -23.17
C ARG P 93 54.50 -66.32 -23.17
N ASP P 94 53.52 -66.66 -22.35
CA ASP P 94 52.98 -68.01 -22.34
C ASP P 94 52.13 -68.24 -23.58
N LEU P 95 52.13 -69.49 -24.07
CA LEU P 95 51.42 -69.84 -25.29
C LEU P 95 49.92 -69.94 -25.10
N VAL P 96 49.43 -70.02 -23.86
CA VAL P 96 48.01 -70.18 -23.57
C VAL P 96 47.50 -69.04 -22.69
N VAL P 97 48.23 -68.72 -21.63
CA VAL P 97 47.82 -67.72 -20.65
C VAL P 97 48.25 -66.34 -21.15
N ASP P 98 47.32 -65.38 -21.11
CA ASP P 98 47.57 -64.03 -21.60
C ASP P 98 48.17 -63.13 -20.52
N THR P 99 48.72 -62.00 -20.96
CA THR P 99 49.30 -61.01 -20.07
C THR P 99 48.23 -59.99 -19.69
N PRO P 100 47.88 -59.84 -18.42
CA PRO P 100 46.83 -58.91 -18.03
C PRO P 100 47.36 -57.49 -17.84
N VAL P 101 46.43 -56.54 -17.79
CA VAL P 101 46.72 -55.25 -17.18
C VAL P 101 46.89 -55.48 -15.68
N THR P 102 47.93 -54.87 -15.10
CA THR P 102 48.19 -54.99 -13.68
C THR P 102 48.16 -53.61 -13.04
N LEU P 103 47.80 -53.57 -11.75
CA LEU P 103 47.63 -52.33 -11.03
C LEU P 103 48.25 -52.43 -9.65
N SER P 104 48.86 -51.34 -9.20
CA SER P 104 49.30 -51.20 -7.83
C SER P 104 48.11 -50.87 -6.93
N PRO P 105 48.13 -51.30 -5.67
CA PRO P 105 47.10 -50.85 -4.72
C PRO P 105 47.05 -49.34 -4.59
N GLU P 106 48.15 -48.64 -4.86
CA GLU P 106 48.22 -47.18 -4.72
C GLU P 106 47.88 -46.43 -6.00
N ASP P 107 47.59 -47.13 -7.09
CA ASP P 107 47.12 -46.44 -8.28
C ASP P 107 45.76 -45.80 -8.01
N SER P 108 45.45 -44.76 -8.77
CA SER P 108 44.15 -44.11 -8.66
C SER P 108 43.12 -44.87 -9.50
N VAL P 109 41.86 -44.73 -9.08
CA VAL P 109 40.76 -45.31 -9.86
C VAL P 109 40.76 -44.74 -11.28
N SER P 110 41.10 -43.45 -11.41
CA SER P 110 41.13 -42.82 -12.73
C SER P 110 42.13 -43.50 -13.65
N ASP P 111 43.33 -43.77 -13.14
CA ASP P 111 44.33 -44.44 -13.97
C ASP P 111 43.96 -45.90 -14.21
N ALA P 112 43.38 -46.55 -13.21
CA ALA P 112 42.91 -47.91 -13.39
C ALA P 112 41.96 -48.02 -14.57
N ASN P 113 40.89 -47.22 -14.55
CA ASN P 113 39.87 -47.31 -15.60
C ASN P 113 40.44 -47.01 -16.98
N ALA P 114 41.49 -46.18 -17.06
CA ALA P 114 42.13 -45.93 -18.35
C ALA P 114 42.97 -47.13 -18.80
N LEU P 115 43.65 -47.78 -17.85
CA LEU P 115 44.51 -48.91 -18.21
C LEU P 115 43.70 -50.15 -18.57
N LEU P 116 42.50 -50.28 -17.98
CA LEU P 116 41.64 -51.46 -18.20
C LEU P 116 41.51 -51.79 -19.67
N HIS P 117 41.34 -50.78 -20.52
CA HIS P 117 41.03 -50.97 -21.93
C HIS P 117 42.26 -51.31 -22.77
N LYS P 118 43.41 -51.57 -22.15
CA LYS P 118 44.59 -51.99 -22.91
C LYS P 118 44.56 -53.48 -23.24
N ARG P 119 43.66 -54.23 -22.63
CA ARG P 119 43.43 -55.63 -22.96
C ARG P 119 41.93 -55.86 -23.02
N ALA P 120 41.53 -57.04 -23.50
CA ALA P 120 40.13 -57.36 -23.68
C ALA P 120 39.56 -58.21 -22.55
N HIS P 121 40.30 -58.39 -21.46
CA HIS P 121 39.86 -59.28 -20.40
C HIS P 121 38.74 -58.69 -19.54
N GLY P 122 38.54 -57.38 -19.59
CA GLY P 122 37.52 -56.77 -18.77
C GLY P 122 37.84 -56.70 -17.29
N ALA P 123 39.07 -57.03 -16.90
CA ALA P 123 39.49 -56.90 -15.52
C ALA P 123 41.01 -56.72 -15.48
N ALA P 124 41.48 -55.95 -14.50
CA ALA P 124 42.90 -55.82 -14.24
C ALA P 124 43.24 -56.56 -12.95
N VAL P 125 44.49 -57.02 -12.85
CA VAL P 125 44.95 -57.78 -11.68
C VAL P 125 45.69 -56.84 -10.74
N VAL P 126 45.27 -56.79 -9.49
CA VAL P 126 45.96 -55.99 -8.48
C VAL P 126 47.11 -56.80 -7.92
N VAL P 127 48.32 -56.23 -7.97
CA VAL P 127 49.54 -56.96 -7.64
C VAL P 127 50.26 -56.25 -6.51
N PHE P 128 50.62 -57.03 -5.49
CA PHE P 128 51.46 -56.58 -4.37
C PHE P 128 52.63 -57.54 -4.31
N GLU P 129 53.85 -56.99 -4.37
CA GLU P 129 55.11 -57.74 -4.39
C GLU P 129 55.02 -58.96 -5.31
N GLY P 130 54.70 -58.69 -6.57
CA GLY P 130 54.58 -59.71 -7.59
C GLY P 130 53.41 -60.66 -7.44
N ARG P 131 52.67 -60.60 -6.36
CA ARG P 131 51.61 -61.57 -6.10
C ARG P 131 50.23 -60.95 -6.36
N PRO P 132 49.31 -61.71 -6.94
CA PRO P 132 47.97 -61.19 -7.20
C PRO P 132 47.13 -61.18 -5.92
N ILE P 133 46.47 -60.06 -5.66
CA ILE P 133 45.64 -59.91 -4.47
C ILE P 133 44.22 -59.48 -4.76
N GLY P 134 43.87 -59.19 -6.01
CA GLY P 134 42.51 -58.81 -6.31
C GLY P 134 42.33 -58.50 -7.78
N LEU P 135 41.09 -58.15 -8.12
CA LEU P 135 40.71 -57.78 -9.48
C LEU P 135 39.95 -56.46 -9.46
N VAL P 136 40.16 -55.65 -10.50
CA VAL P 136 39.43 -54.41 -10.70
C VAL P 136 38.71 -54.49 -12.05
N THR P 137 37.40 -54.26 -12.03
CA THR P 137 36.59 -54.19 -13.23
C THR P 137 36.12 -52.76 -13.46
N GLU P 138 35.57 -52.51 -14.65
CA GLU P 138 35.00 -51.20 -14.94
C GLU P 138 33.88 -50.88 -13.96
N ALA P 139 33.09 -51.89 -13.58
CA ALA P 139 31.99 -51.67 -12.66
C ALA P 139 32.47 -51.31 -11.26
N ASN P 140 33.65 -51.82 -10.86
CA ASN P 140 34.20 -51.47 -9.55
C ASN P 140 34.57 -49.99 -9.47
N CYS P 141 34.94 -49.39 -10.60
CA CYS P 141 35.36 -48.00 -10.63
C CYS P 141 34.19 -47.03 -10.71
N ALA P 142 32.99 -47.50 -11.02
CA ALA P 142 31.86 -46.60 -11.26
C ALA P 142 31.34 -46.02 -9.94
N GLY P 143 30.99 -44.74 -9.99
CA GLY P 143 30.37 -44.08 -8.86
C GLY P 143 31.29 -43.74 -7.71
N VAL P 144 32.58 -44.04 -7.80
CA VAL P 144 33.53 -43.73 -6.74
C VAL P 144 34.34 -42.51 -7.15
N ASP P 145 34.98 -41.89 -6.16
CA ASP P 145 35.84 -40.74 -6.43
C ASP P 145 36.98 -41.17 -7.34
N ARG P 146 37.15 -40.45 -8.45
CA ARG P 146 38.14 -40.87 -9.45
C ARG P 146 39.56 -40.82 -8.92
N PHE P 147 39.79 -40.22 -7.75
CA PHE P 147 41.10 -40.20 -7.14
C PHE P 147 41.19 -41.07 -5.90
N ALA P 148 40.18 -41.89 -5.65
CA ALA P 148 40.31 -42.94 -4.65
C ALA P 148 41.42 -43.91 -5.07
N ARG P 149 41.92 -44.67 -4.10
CA ARG P 149 42.94 -45.66 -4.39
C ARG P 149 42.30 -46.97 -4.83
N VAL P 150 43.02 -47.70 -5.69
CA VAL P 150 42.54 -48.99 -6.18
C VAL P 150 42.26 -49.95 -5.03
N ARG P 151 43.01 -49.82 -3.93
CA ARG P 151 42.84 -50.69 -2.76
C ARG P 151 41.40 -50.72 -2.27
N ASP P 152 40.65 -49.63 -2.46
CA ASP P 152 39.32 -49.53 -1.89
C ASP P 152 38.22 -50.08 -2.79
N ILE P 153 38.50 -50.28 -4.08
CA ILE P 153 37.51 -50.86 -4.99
C ILE P 153 37.88 -52.27 -5.43
N ALA P 154 39.07 -52.75 -5.10
CA ALA P 154 39.52 -54.06 -5.57
C ALA P 154 38.74 -55.18 -4.91
N LEU P 155 38.37 -56.19 -5.71
CA LEU P 155 37.68 -57.37 -5.21
C LEU P 155 38.70 -58.41 -4.78
N SER P 156 38.60 -58.87 -3.53
CA SER P 156 39.57 -59.83 -3.00
C SER P 156 39.30 -61.26 -3.46
N ASP P 157 38.13 -61.54 -4.03
CA ASP P 157 37.76 -62.90 -4.41
C ASP P 157 37.81 -63.05 -5.92
N PHE P 158 38.48 -64.10 -6.38
CA PHE P 158 38.64 -64.37 -7.80
C PHE P 158 39.10 -65.81 -7.99
N VAL P 159 38.76 -66.38 -9.14
CA VAL P 159 39.22 -67.73 -9.47
C VAL P 159 40.71 -67.71 -9.76
N THR P 160 41.42 -68.72 -9.27
CA THR P 160 42.86 -68.83 -9.50
C THR P 160 43.20 -70.29 -9.77
N ALA P 161 44.28 -70.50 -10.53
CA ALA P 161 44.74 -71.84 -10.87
C ALA P 161 46.21 -71.78 -11.20
N PRO P 162 46.95 -72.86 -11.02
CA PRO P 162 48.36 -72.87 -11.44
C PRO P 162 48.46 -72.85 -12.95
N VAL P 163 49.55 -72.27 -13.44
CA VAL P 163 49.81 -72.34 -14.87
C VAL P 163 50.04 -73.80 -15.25
N GLY P 164 49.63 -74.16 -16.46
CA GLY P 164 49.66 -75.54 -16.88
C GLY P 164 48.39 -76.31 -16.58
N THR P 165 47.46 -75.73 -15.84
CA THR P 165 46.15 -76.34 -15.69
C THR P 165 45.49 -76.46 -17.06
N ASP P 166 44.78 -77.57 -17.28
CA ASP P 166 44.13 -77.79 -18.56
C ASP P 166 43.15 -76.65 -18.84
N PRO P 167 43.20 -76.04 -20.04
CA PRO P 167 42.23 -74.99 -20.36
C PRO P 167 40.78 -75.44 -20.22
N ARG P 168 40.47 -76.71 -20.49
CA ARG P 168 39.12 -77.20 -20.26
C ARG P 168 38.75 -77.13 -18.79
N GLU P 169 39.72 -77.41 -17.90
CA GLU P 169 39.45 -77.31 -16.48
C GLU P 169 39.29 -75.86 -16.04
N VAL P 170 40.13 -74.96 -16.55
CA VAL P 170 39.98 -73.54 -16.23
C VAL P 170 38.64 -73.03 -16.73
N PHE P 171 38.23 -73.46 -17.92
CA PHE P 171 36.91 -73.14 -18.45
C PHE P 171 35.81 -73.52 -17.47
N ASP P 172 35.89 -74.74 -16.91
CA ASP P 172 34.85 -75.19 -15.99
C ASP P 172 34.93 -74.48 -14.64
N LEU P 173 36.13 -74.09 -14.20
CA LEU P 173 36.26 -73.35 -12.96
C LEU P 173 35.55 -72.01 -13.04
N LEU P 174 35.60 -71.37 -14.20
CA LEU P 174 35.01 -70.05 -14.41
C LEU P 174 33.52 -70.09 -14.67
N GLU P 175 32.90 -71.27 -14.71
CA GLU P 175 31.52 -71.36 -15.21
C GLU P 175 30.56 -70.55 -14.36
N HIS P 176 30.72 -70.60 -13.03
CA HIS P 176 29.85 -69.86 -12.13
C HIS P 176 30.60 -68.73 -11.42
N ALA P 177 31.68 -68.26 -11.99
CA ALA P 177 32.40 -67.12 -11.43
C ALA P 177 31.72 -65.82 -11.86
N PRO P 178 31.59 -64.84 -10.95
CA PRO P 178 31.04 -63.54 -11.37
C PRO P 178 31.93 -62.81 -12.36
N ILE P 179 33.24 -62.96 -12.25
CA ILE P 179 34.19 -62.38 -13.19
C ILE P 179 34.76 -63.51 -14.03
N ASP P 180 34.63 -63.40 -15.35
CA ASP P 180 35.10 -64.42 -16.29
C ASP P 180 36.60 -64.23 -16.56
N VAL P 181 37.37 -64.28 -15.47
CA VAL P 181 38.82 -64.10 -15.53
C VAL P 181 39.44 -65.02 -14.48
N ALA P 182 40.32 -65.92 -14.92
CA ALA P 182 41.07 -66.79 -14.02
C ALA P 182 42.49 -66.26 -13.88
N VAL P 183 42.92 -66.02 -12.65
CA VAL P 183 44.26 -65.56 -12.35
C VAL P 183 45.17 -66.78 -12.27
N MET P 184 46.06 -66.91 -13.26
CA MET P 184 46.96 -68.05 -13.34
C MET P 184 48.25 -67.75 -12.58
N THR P 185 48.69 -68.69 -11.76
CA THR P 185 49.81 -68.49 -10.86
C THR P 185 50.98 -69.40 -11.23
N ALA P 186 52.19 -68.84 -11.14
CA ALA P 186 53.40 -69.62 -11.23
C ALA P 186 53.53 -70.51 -9.99
N PRO P 187 54.43 -71.49 -10.01
CA PRO P 187 54.57 -72.39 -8.84
C PRO P 187 54.70 -71.68 -7.51
N ASP P 188 55.45 -70.58 -7.44
CA ASP P 188 55.67 -69.87 -6.18
C ASP P 188 54.51 -68.95 -5.80
N GLY P 189 53.40 -68.99 -6.53
CA GLY P 189 52.24 -68.18 -6.21
C GLY P 189 52.23 -66.80 -6.83
N THR P 190 53.28 -66.40 -7.52
CA THR P 190 53.27 -65.10 -8.16
C THR P 190 52.44 -65.14 -9.44
N LEU P 191 52.14 -63.96 -9.96
CA LEU P 191 51.26 -63.84 -11.12
C LEU P 191 51.95 -64.37 -12.38
N ALA P 192 51.28 -65.30 -13.06
CA ALA P 192 51.74 -65.80 -14.34
C ALA P 192 50.95 -65.22 -15.51
N GLY P 193 49.69 -64.90 -15.31
CA GLY P 193 48.86 -64.30 -16.34
C GLY P 193 47.39 -64.56 -16.05
N VAL P 194 46.56 -64.39 -17.09
CA VAL P 194 45.12 -64.63 -16.97
C VAL P 194 44.63 -65.50 -18.11
N LEU P 195 43.52 -66.18 -17.86
CA LEU P 195 42.83 -66.98 -18.87
C LEU P 195 41.33 -66.80 -18.69
N THR P 196 40.64 -66.36 -19.74
CA THR P 196 39.19 -66.28 -19.73
C THR P 196 38.58 -67.55 -20.32
N ARG P 197 37.27 -67.71 -20.11
CA ARG P 197 36.56 -68.80 -20.76
C ARG P 197 36.77 -68.77 -22.26
N THR P 198 36.66 -67.59 -22.88
CA THR P 198 36.86 -67.50 -24.32
C THR P 198 38.32 -67.76 -24.69
N GLY P 199 39.27 -67.26 -23.89
CA GLY P 199 40.67 -67.58 -24.11
C GLY P 199 40.97 -69.06 -23.99
N ALA P 200 40.28 -69.76 -23.09
CA ALA P 200 40.45 -71.21 -22.99
C ALA P 200 39.93 -71.91 -24.23
N ILE P 201 38.78 -71.47 -24.75
CA ILE P 201 38.25 -72.01 -25.99
C ILE P 201 39.21 -71.79 -27.14
N ARG P 202 39.79 -70.59 -27.22
CA ARG P 202 40.64 -70.26 -28.35
C ARG P 202 41.92 -71.09 -28.36
N ALA P 203 42.39 -71.55 -27.19
CA ALA P 203 43.58 -72.40 -27.15
C ALA P 203 43.36 -73.73 -27.85
N GLY P 204 42.10 -74.16 -28.00
CA GLY P 204 41.77 -75.36 -28.74
C GLY P 204 41.42 -75.15 -30.19
N ILE P 205 41.23 -73.90 -30.60
CA ILE P 205 40.91 -73.56 -31.99
C ILE P 205 42.15 -73.06 -32.73
N TYR P 206 42.99 -72.26 -32.07
CA TYR P 206 44.10 -71.59 -32.71
C TYR P 206 45.41 -72.22 -32.26
N THR P 207 46.29 -72.51 -33.23
CA THR P 207 47.64 -72.98 -32.94
C THR P 207 48.59 -71.80 -32.85
N PRO P 208 49.28 -71.58 -31.73
CA PRO P 208 50.24 -70.48 -31.66
C PRO P 208 51.29 -70.57 -32.76
N ALA P 209 51.63 -69.42 -33.32
CA ALA P 209 52.75 -69.33 -34.26
C ALA P 209 54.04 -69.19 -33.46
N VAL P 210 54.93 -70.18 -33.58
CA VAL P 210 56.09 -70.28 -32.72
C VAL P 210 57.34 -70.55 -33.55
N ASP P 211 58.49 -70.16 -33.00
CA ASP P 211 59.78 -70.46 -33.60
C ASP P 211 60.25 -71.85 -33.17
N ALA P 212 61.44 -72.23 -33.62
CA ALA P 212 61.97 -73.56 -33.31
C ALA P 212 62.10 -73.79 -31.81
N LYS P 213 62.28 -72.72 -31.03
CA LYS P 213 62.40 -72.82 -29.59
C LYS P 213 61.05 -72.79 -28.87
N GLY P 214 59.94 -72.82 -29.60
CA GLY P 214 58.63 -72.80 -28.97
C GLY P 214 58.18 -71.45 -28.48
N ARG P 215 58.76 -70.38 -28.97
CA ARG P 215 58.45 -69.02 -28.56
C ARG P 215 57.67 -68.30 -29.66
N LEU P 216 56.75 -67.41 -29.25
CA LEU P 216 55.87 -66.72 -30.18
C LEU P 216 56.67 -66.01 -31.26
N ARG P 217 56.19 -66.09 -32.50
CA ARG P 217 56.87 -65.50 -33.65
C ARG P 217 56.63 -64.00 -33.73
N ILE P 218 57.57 -63.31 -34.37
CA ILE P 218 57.50 -61.87 -34.54
C ILE P 218 58.36 -61.49 -35.74
N ALA P 219 57.92 -60.49 -36.49
CA ALA P 219 58.64 -60.00 -37.65
C ALA P 219 59.03 -58.55 -37.46
N ALA P 220 59.82 -58.03 -38.38
CA ALA P 220 60.25 -56.64 -38.31
C ALA P 220 60.50 -56.10 -39.71
N ALA P 221 60.17 -54.84 -39.91
CA ALA P 221 60.32 -54.19 -41.20
C ALA P 221 61.55 -53.29 -41.23
N VAL P 222 62.03 -53.03 -42.44
CA VAL P 222 63.14 -52.12 -42.68
C VAL P 222 62.85 -51.36 -43.97
N GLY P 223 63.21 -50.07 -43.98
CA GLY P 223 63.12 -49.28 -45.19
C GLY P 223 64.41 -49.30 -45.98
N ILE P 224 64.35 -48.80 -47.21
CA ILE P 224 65.46 -48.98 -48.14
C ILE P 224 66.40 -47.78 -48.13
N ASN P 225 66.28 -46.92 -47.13
CA ASN P 225 67.26 -45.86 -46.95
C ASN P 225 68.35 -46.30 -45.98
N GLY P 226 69.51 -45.64 -46.06
CA GLY P 226 70.58 -45.95 -45.14
C GLY P 226 71.24 -47.29 -45.45
N ASP P 227 71.75 -47.93 -44.40
CA ASP P 227 72.49 -49.18 -44.51
C ASP P 227 71.52 -50.33 -44.27
N VAL P 228 70.87 -50.78 -45.36
CA VAL P 228 69.80 -51.77 -45.23
C VAL P 228 70.35 -53.08 -44.69
N GLY P 229 71.53 -53.49 -45.17
CA GLY P 229 72.11 -54.73 -44.69
C GLY P 229 72.40 -54.71 -43.20
N ALA P 230 73.06 -53.64 -42.73
CA ALA P 230 73.38 -53.53 -41.32
C ALA P 230 72.11 -53.53 -40.47
N LYS P 231 71.07 -52.81 -40.91
CA LYS P 231 69.82 -52.79 -40.17
C LYS P 231 69.15 -54.17 -40.18
N ALA P 232 69.12 -54.83 -41.35
CA ALA P 232 68.55 -56.17 -41.40
C ALA P 232 69.32 -57.14 -40.52
N GLN P 233 70.64 -57.02 -40.51
CA GLN P 233 71.46 -57.88 -39.66
C GLN P 233 71.12 -57.70 -38.20
N ALA P 234 70.97 -56.44 -37.76
CA ALA P 234 70.64 -56.18 -36.36
C ALA P 234 69.25 -56.66 -35.99
N LEU P 235 68.30 -56.60 -36.93
CA LEU P 235 66.96 -57.12 -36.64
C LEU P 235 66.99 -58.63 -36.46
N ALA P 236 67.78 -59.32 -37.29
CA ALA P 236 67.93 -60.77 -37.14
C ALA P 236 68.58 -61.10 -35.80
N GLU P 237 69.62 -60.36 -35.42
CA GLU P 237 70.30 -60.63 -34.16
C GLU P 237 69.43 -60.27 -32.96
N ALA P 238 68.48 -59.33 -33.13
CA ALA P 238 67.52 -59.05 -32.07
C ALA P 238 66.51 -60.18 -31.91
N GLY P 239 66.32 -61.02 -32.93
CA GLY P 239 65.50 -62.20 -32.79
C GLY P 239 64.29 -62.27 -33.70
N ALA P 240 64.23 -61.39 -34.70
CA ALA P 240 63.10 -61.41 -35.63
C ALA P 240 63.07 -62.72 -36.42
N ASP P 241 61.88 -63.28 -36.59
CA ASP P 241 61.69 -64.53 -37.32
C ASP P 241 61.44 -64.32 -38.81
N LEU P 242 61.24 -63.08 -39.24
CA LEU P 242 61.00 -62.76 -40.64
C LEU P 242 61.30 -61.28 -40.82
N LEU P 243 61.84 -60.94 -41.99
CA LEU P 243 62.20 -59.56 -42.31
C LEU P 243 61.33 -59.06 -43.45
N VAL P 244 60.88 -57.82 -43.34
CA VAL P 244 60.09 -57.17 -44.38
C VAL P 244 60.86 -55.95 -44.86
N ILE P 245 61.23 -55.96 -46.14
CA ILE P 245 61.86 -54.81 -46.78
C ILE P 245 60.75 -54.04 -47.48
N ASP P 246 60.46 -52.83 -46.99
CA ASP P 246 59.20 -52.16 -47.30
C ASP P 246 59.44 -50.77 -47.85
N THR P 247 58.77 -50.45 -48.95
CA THR P 247 58.80 -49.12 -49.54
C THR P 247 57.54 -48.93 -50.37
N ALA P 248 57.18 -47.67 -50.60
CA ALA P 248 55.96 -47.37 -51.34
C ALA P 248 56.02 -47.92 -52.76
N HIS P 249 57.12 -47.67 -53.46
CA HIS P 249 57.32 -48.11 -54.84
C HIS P 249 58.43 -49.18 -54.85
N GLY P 250 58.02 -50.44 -54.66
CA GLY P 250 58.98 -51.53 -54.59
C GLY P 250 59.70 -51.83 -55.89
N HIS P 251 59.14 -51.42 -57.02
CA HIS P 251 59.71 -51.79 -58.33
C HIS P 251 60.65 -50.68 -58.79
N GLN P 252 61.75 -50.53 -58.05
CA GLN P 252 62.75 -49.53 -58.39
C GLN P 252 64.13 -50.03 -57.99
N ALA P 253 65.15 -49.42 -58.62
CA ALA P 253 66.53 -49.89 -58.47
C ALA P 253 66.94 -49.94 -57.00
N LYS P 254 66.58 -48.92 -56.21
CA LYS P 254 67.02 -48.87 -54.83
C LYS P 254 66.48 -50.04 -54.01
N MET P 255 65.28 -50.52 -54.33
CA MET P 255 64.77 -51.71 -53.66
C MET P 255 65.51 -52.96 -54.13
N LEU P 256 65.78 -53.08 -55.43
CA LEU P 256 66.54 -54.21 -55.94
C LEU P 256 67.89 -54.31 -55.23
N ASP P 257 68.60 -53.18 -55.10
CA ASP P 257 69.87 -53.16 -54.38
C ASP P 257 69.70 -53.60 -52.94
N ALA P 258 68.65 -53.13 -52.28
CA ALA P 258 68.44 -53.47 -50.88
C ALA P 258 68.18 -54.95 -50.69
N ILE P 259 67.33 -55.54 -51.54
CA ILE P 259 67.08 -56.97 -51.46
C ILE P 259 68.39 -57.75 -51.64
N LYS P 260 69.17 -57.37 -52.65
CA LYS P 260 70.44 -58.04 -52.89
C LYS P 260 71.35 -57.94 -51.67
N ALA P 261 71.46 -56.75 -51.09
CA ALA P 261 72.34 -56.57 -49.94
C ALA P 261 71.89 -57.40 -48.74
N VAL P 262 70.58 -57.49 -48.52
CA VAL P 262 70.09 -58.31 -47.41
C VAL P 262 70.25 -59.79 -47.73
N ALA P 263 69.93 -60.20 -48.95
CA ALA P 263 70.03 -61.60 -49.33
C ALA P 263 71.47 -62.10 -49.21
N SER P 264 72.44 -61.26 -49.58
CA SER P 264 73.83 -61.68 -49.56
C SER P 264 74.34 -61.94 -48.15
N LEU P 265 73.67 -61.39 -47.12
CA LEU P 265 74.09 -61.62 -45.75
C LEU P 265 73.77 -63.03 -45.26
N ASP P 266 72.95 -63.78 -46.00
CA ASP P 266 72.56 -65.14 -45.65
C ASP P 266 72.10 -65.25 -44.20
N LEU P 267 71.14 -64.39 -43.83
CA LEU P 267 70.66 -64.34 -42.47
C LEU P 267 69.79 -65.54 -42.09
N GLY P 268 69.33 -66.31 -43.07
CA GLY P 268 68.54 -67.50 -42.77
C GLY P 268 67.09 -67.27 -42.44
N LEU P 269 66.52 -66.12 -42.84
CA LEU P 269 65.16 -65.78 -42.49
C LEU P 269 64.33 -65.54 -43.73
N PRO P 270 63.03 -65.86 -43.70
CA PRO P 270 62.17 -65.50 -44.83
C PRO P 270 62.23 -64.00 -45.10
N LEU P 271 62.31 -63.65 -46.38
CA LEU P 271 62.56 -62.28 -46.80
C LEU P 271 61.37 -61.79 -47.64
N VAL P 272 60.57 -60.88 -47.05
CA VAL P 272 59.47 -60.22 -47.73
C VAL P 272 59.96 -58.89 -48.29
N ALA P 273 59.54 -58.55 -49.50
CA ALA P 273 59.85 -57.26 -50.09
C ALA P 273 58.64 -56.73 -50.84
N GLY P 274 58.45 -55.41 -50.80
CA GLY P 274 57.31 -54.79 -51.45
C GLY P 274 57.39 -53.27 -51.34
N ASN P 275 56.45 -52.59 -51.99
CA ASN P 275 55.28 -53.21 -52.63
C ASN P 275 55.26 -53.02 -54.15
N VAL P 276 54.64 -53.98 -54.85
CA VAL P 276 54.45 -53.92 -56.30
C VAL P 276 53.03 -54.35 -56.62
N VAL P 277 52.61 -54.09 -57.86
CA VAL P 277 51.30 -54.56 -58.30
C VAL P 277 51.38 -55.21 -59.68
N SER P 278 52.59 -55.46 -60.18
CA SER P 278 52.74 -56.01 -61.52
C SER P 278 53.48 -57.34 -61.48
N ALA P 279 53.19 -58.18 -62.49
CA ALA P 279 53.95 -59.41 -62.67
C ALA P 279 55.44 -59.13 -62.83
N GLU P 280 55.79 -58.12 -63.62
CA GLU P 280 57.20 -57.77 -63.81
C GLU P 280 57.84 -57.33 -62.50
N GLY P 281 57.16 -56.48 -61.74
CA GLY P 281 57.66 -56.10 -60.43
C GLY P 281 57.86 -57.31 -59.52
N THR P 282 56.90 -58.23 -59.52
CA THR P 282 57.01 -59.43 -58.68
C THR P 282 58.21 -60.26 -59.08
N ARG P 283 58.36 -60.53 -60.37
CA ARG P 283 59.51 -61.31 -60.84
C ARG P 283 60.83 -60.62 -60.46
N ASP P 284 60.91 -59.31 -60.64
CA ASP P 284 62.16 -58.60 -60.37
C ASP P 284 62.55 -58.70 -58.89
N LEU P 285 61.58 -58.62 -57.99
CA LEU P 285 61.93 -58.69 -56.56
C LEU P 285 62.38 -60.09 -56.17
N ILE P 286 61.72 -61.12 -56.72
CA ILE P 286 62.14 -62.49 -56.44
C ILE P 286 63.52 -62.75 -57.04
N GLU P 287 63.77 -62.26 -58.24
CA GLU P 287 65.09 -62.39 -58.86
C GLU P 287 66.17 -61.76 -57.97
N ALA P 288 65.85 -60.62 -57.34
CA ALA P 288 66.81 -59.92 -56.50
C ALA P 288 67.10 -60.64 -55.19
N GLY P 289 66.22 -61.53 -54.74
CA GLY P 289 66.51 -62.30 -53.53
C GLY P 289 65.37 -62.50 -52.55
N ALA P 290 64.19 -61.93 -52.82
CA ALA P 290 63.06 -62.10 -51.91
C ALA P 290 62.32 -63.40 -52.18
N SER P 291 61.83 -64.04 -51.11
CA SER P 291 60.99 -65.22 -51.26
C SER P 291 59.49 -64.88 -51.23
N ILE P 292 59.13 -63.72 -50.68
CA ILE P 292 57.75 -63.27 -50.60
C ILE P 292 57.69 -61.85 -51.14
N VAL P 293 56.71 -61.57 -51.99
CA VAL P 293 56.50 -60.22 -52.52
C VAL P 293 55.22 -59.66 -51.91
N LYS P 294 55.31 -58.46 -51.35
CA LYS P 294 54.17 -57.78 -50.75
C LYS P 294 53.48 -56.95 -51.84
N VAL P 295 52.19 -57.17 -52.03
CA VAL P 295 51.46 -56.63 -53.18
C VAL P 295 50.44 -55.61 -52.70
N GLY P 296 50.46 -54.43 -53.31
CA GLY P 296 49.52 -53.39 -52.95
C GLY P 296 50.09 -52.00 -53.11
N VAL P 297 49.55 -51.24 -54.06
CA VAL P 297 49.92 -49.85 -54.29
C VAL P 297 48.64 -49.11 -54.62
N GLY P 298 48.29 -48.11 -53.81
CA GLY P 298 47.10 -47.33 -54.00
C GLY P 298 45.87 -48.13 -54.41
N PRO P 299 45.51 -49.15 -53.62
CA PRO P 299 44.37 -49.99 -54.01
C PRO P 299 43.04 -49.26 -53.94
N GLY P 300 42.92 -48.24 -53.09
CA GLY P 300 41.67 -47.50 -52.97
C GLY P 300 41.60 -46.31 -53.91
N ALA P 301 40.56 -46.29 -54.75
CA ALA P 301 40.45 -45.26 -55.79
C ALA P 301 40.39 -43.85 -55.22
N MET P 302 39.87 -43.69 -54.00
CA MET P 302 39.68 -42.37 -53.41
C MET P 302 40.67 -42.08 -52.29
N CYS P 303 41.70 -42.90 -52.14
CA CYS P 303 42.66 -42.70 -51.07
C CYS P 303 43.81 -41.81 -51.53
N THR P 304 44.70 -41.47 -50.59
CA THR P 304 45.63 -40.37 -50.79
C THR P 304 46.61 -40.65 -51.93
N THR P 305 47.17 -41.86 -51.99
CA THR P 305 48.09 -42.18 -53.08
C THR P 305 47.43 -41.96 -54.44
N ARG P 306 46.26 -42.55 -54.64
CA ARG P 306 45.58 -42.43 -55.92
C ARG P 306 45.20 -40.99 -56.24
N MET P 307 44.76 -40.23 -55.23
CA MET P 307 44.32 -38.87 -55.50
C MET P 307 45.48 -37.91 -55.73
N MET P 308 46.67 -38.23 -55.21
CA MET P 308 47.85 -37.39 -55.44
C MET P 308 48.52 -37.70 -56.78
N THR P 309 48.49 -38.94 -57.23
CA THR P 309 49.33 -39.37 -58.34
C THR P 309 48.59 -40.08 -59.46
N GLY P 310 47.39 -40.60 -59.23
CA GLY P 310 46.76 -41.49 -60.17
C GLY P 310 47.31 -42.90 -60.20
N VAL P 311 48.30 -43.19 -59.36
CA VAL P 311 49.01 -44.46 -59.39
C VAL P 311 48.35 -45.44 -58.44
N GLY P 312 48.13 -46.66 -58.90
CA GLY P 312 47.54 -47.69 -58.08
C GLY P 312 47.06 -48.83 -58.95
N ARG P 313 46.43 -49.80 -58.29
CA ARG P 313 45.78 -50.86 -59.05
C ARG P 313 44.71 -51.51 -58.21
N PRO P 314 43.54 -51.81 -58.77
CA PRO P 314 42.55 -52.60 -58.04
C PRO P 314 43.19 -53.86 -57.47
N GLN P 315 42.94 -54.09 -56.18
CA GLN P 315 43.78 -55.03 -55.44
C GLN P 315 43.53 -56.49 -55.82
N PHE P 316 42.30 -56.85 -56.18
CA PHE P 316 42.06 -58.25 -56.53
C PHE P 316 42.84 -58.65 -57.78
N SER P 317 42.73 -57.85 -58.84
CA SER P 317 43.52 -58.12 -60.05
C SER P 317 45.01 -58.09 -59.74
N ALA P 318 45.48 -57.13 -58.94
CA ALA P 318 46.90 -57.04 -58.61
C ALA P 318 47.38 -58.32 -57.93
N VAL P 319 46.62 -58.83 -56.96
CA VAL P 319 47.01 -60.06 -56.27
C VAL P 319 46.96 -61.25 -57.22
N VAL P 320 45.92 -61.33 -58.06
CA VAL P 320 45.81 -62.42 -59.03
C VAL P 320 47.05 -62.46 -59.91
N GLU P 321 47.40 -61.32 -60.51
CA GLU P 321 48.50 -61.29 -61.45
C GLU P 321 49.84 -61.56 -60.75
N CYS P 322 50.08 -60.91 -59.61
CA CYS P 322 51.37 -61.07 -58.93
C CYS P 322 51.52 -62.46 -58.34
N ALA P 323 50.44 -63.03 -57.77
CA ALA P 323 50.53 -64.37 -57.20
C ALA P 323 50.88 -65.39 -58.29
N ALA P 324 50.24 -65.28 -59.45
CA ALA P 324 50.55 -66.18 -60.56
C ALA P 324 52.01 -66.04 -60.98
N ALA P 325 52.49 -64.80 -61.12
CA ALA P 325 53.88 -64.58 -61.50
C ALA P 325 54.84 -65.12 -60.44
N ALA P 326 54.55 -64.86 -59.17
CA ALA P 326 55.42 -65.37 -58.11
C ALA P 326 55.42 -66.90 -58.09
N ARG P 327 54.26 -67.51 -58.34
CA ARG P 327 54.19 -68.96 -58.35
C ARG P 327 55.09 -69.57 -59.41
N GLN P 328 55.13 -68.96 -60.60
CA GLN P 328 56.00 -69.45 -61.67
C GLN P 328 57.45 -69.52 -61.22
N LEU P 329 57.86 -68.63 -60.31
CA LEU P 329 59.23 -68.57 -59.82
C LEU P 329 59.40 -69.23 -58.46
N GLY P 330 58.39 -69.96 -57.99
CA GLY P 330 58.49 -70.64 -56.71
C GLY P 330 58.31 -69.75 -55.50
N GLY P 331 57.83 -68.53 -55.66
CA GLY P 331 57.64 -67.60 -54.56
C GLY P 331 56.19 -67.45 -54.16
N HIS P 332 55.95 -66.50 -53.25
CA HIS P 332 54.65 -66.28 -52.66
C HIS P 332 54.36 -64.79 -52.60
N VAL P 333 53.09 -64.44 -52.41
CA VAL P 333 52.71 -63.03 -52.29
C VAL P 333 51.85 -62.82 -51.05
N TRP P 334 52.02 -61.65 -50.45
CA TRP P 334 51.17 -61.16 -49.39
C TRP P 334 50.25 -60.08 -49.95
N ALA P 335 48.95 -60.20 -49.68
CA ALA P 335 47.98 -59.18 -50.10
C ALA P 335 47.95 -58.10 -49.03
N ASP P 336 48.44 -56.90 -49.38
CA ASP P 336 48.69 -55.82 -48.42
C ASP P 336 47.80 -54.62 -48.74
N GLY P 337 46.78 -54.39 -47.91
CA GLY P 337 46.01 -53.16 -48.03
C GLY P 337 44.55 -53.33 -48.40
N GLY P 338 43.70 -52.46 -47.85
CA GLY P 338 42.29 -52.41 -48.23
C GLY P 338 41.41 -53.45 -47.58
N VAL P 339 41.93 -54.20 -46.61
CA VAL P 339 41.15 -55.24 -45.95
C VAL P 339 40.25 -54.61 -44.89
N ARG P 340 38.95 -54.89 -44.99
CA ARG P 340 37.96 -54.36 -44.05
C ARG P 340 36.92 -55.39 -43.63
N HIS P 341 36.82 -56.52 -44.33
CA HIS P 341 35.82 -57.54 -44.08
C HIS P 341 36.46 -58.91 -44.26
N PRO P 342 35.94 -59.93 -43.57
CA PRO P 342 36.44 -61.29 -43.81
C PRO P 342 36.38 -61.68 -45.28
N ARG P 343 35.42 -61.13 -46.04
CA ARG P 343 35.37 -61.33 -47.48
C ARG P 343 36.68 -60.95 -48.15
N ASP P 344 37.28 -59.84 -47.73
CA ASP P 344 38.51 -59.38 -48.37
C ASP P 344 39.64 -60.38 -48.15
N VAL P 345 39.69 -60.98 -46.96
CA VAL P 345 40.73 -61.97 -46.67
C VAL P 345 40.53 -63.21 -47.52
N ALA P 346 39.29 -63.73 -47.56
CA ALA P 346 39.00 -64.91 -48.37
C ALA P 346 39.29 -64.66 -49.84
N LEU P 347 38.90 -63.50 -50.35
CA LEU P 347 39.12 -63.23 -51.77
C LEU P 347 40.61 -63.12 -52.10
N ALA P 348 41.38 -62.48 -51.22
CA ALA P 348 42.83 -62.42 -51.42
C ALA P 348 43.44 -63.82 -51.49
N LEU P 349 43.03 -64.71 -50.60
CA LEU P 349 43.54 -66.08 -50.60
C LEU P 349 43.08 -66.81 -51.85
N ALA P 350 41.82 -66.63 -52.25
CA ALA P 350 41.33 -67.28 -53.46
C ALA P 350 42.07 -66.76 -54.69
N ALA P 351 42.55 -65.52 -54.64
CA ALA P 351 43.33 -64.95 -55.73
C ALA P 351 44.74 -65.54 -55.79
N GLY P 352 45.19 -66.23 -54.76
CA GLY P 352 46.51 -66.84 -54.76
C GLY P 352 47.47 -66.31 -53.72
N ALA P 353 47.12 -65.30 -52.93
CA ALA P 353 48.00 -64.84 -51.88
C ALA P 353 48.19 -65.94 -50.83
N SER P 354 49.40 -66.02 -50.29
CA SER P 354 49.72 -66.94 -49.21
C SER P 354 49.39 -66.37 -47.83
N ASN P 355 49.26 -65.05 -47.71
CA ASN P 355 49.00 -64.39 -46.45
C ASN P 355 48.35 -63.05 -46.79
N VAL P 356 47.67 -62.47 -45.79
CA VAL P 356 46.93 -61.24 -45.97
C VAL P 356 47.37 -60.26 -44.90
N MET P 357 47.93 -59.12 -45.31
CA MET P 357 48.37 -58.11 -44.35
C MET P 357 47.23 -57.14 -44.06
N ILE P 358 46.98 -56.93 -42.76
CA ILE P 358 45.87 -56.09 -42.30
C ILE P 358 46.45 -54.97 -41.45
N GLY P 359 46.04 -53.73 -41.73
CA GLY P 359 46.52 -52.59 -41.00
C GLY P 359 45.45 -51.84 -40.22
N SER P 360 44.84 -50.84 -40.86
N SER P 360 44.83 -50.83 -40.86
CA SER P 360 43.98 -49.90 -40.12
CA SER P 360 43.96 -49.90 -40.15
C SER P 360 42.79 -50.59 -39.48
N TRP P 361 42.28 -51.67 -40.06
CA TRP P 361 41.15 -52.37 -39.43
C TRP P 361 41.51 -52.81 -38.01
N PHE P 362 42.75 -53.22 -37.80
CA PHE P 362 43.16 -53.68 -36.47
C PHE P 362 43.53 -52.54 -35.53
N ALA P 363 43.59 -51.29 -36.01
CA ALA P 363 43.76 -50.17 -35.09
C ALA P 363 42.57 -50.05 -34.16
N GLY P 364 41.37 -50.36 -34.65
CA GLY P 364 40.17 -50.27 -33.84
C GLY P 364 39.98 -51.46 -32.92
N THR P 365 40.96 -51.72 -32.06
CA THR P 365 40.93 -52.83 -31.12
C THR P 365 41.56 -52.38 -29.81
N TYR P 366 41.23 -53.10 -28.73
CA TYR P 366 41.84 -52.79 -27.44
C TYR P 366 43.36 -52.91 -27.48
N GLU P 367 43.88 -53.85 -28.27
CA GLU P 367 45.29 -54.20 -28.18
C GLU P 367 46.20 -53.29 -29.02
N SER P 368 45.65 -52.43 -29.87
CA SER P 368 46.49 -51.54 -30.66
C SER P 368 47.08 -50.44 -29.76
N PRO P 369 48.23 -49.87 -30.15
CA PRO P 369 48.96 -48.98 -29.22
C PRO P 369 48.22 -47.70 -28.87
N GLY P 370 47.49 -47.10 -29.80
CA GLY P 370 46.88 -45.80 -29.58
C GLY P 370 45.90 -45.81 -28.41
N ASP P 371 45.53 -44.60 -27.98
CA ASP P 371 44.57 -44.46 -26.89
C ASP P 371 43.16 -44.67 -27.38
N LEU P 372 42.33 -45.26 -26.50
CA LEU P 372 40.93 -45.44 -26.81
C LEU P 372 40.18 -44.12 -26.70
N LEU P 373 39.45 -43.76 -27.75
CA LEU P 373 38.73 -42.50 -27.83
C LEU P 373 37.24 -42.77 -28.02
N PHE P 374 36.44 -41.72 -27.81
CA PHE P 374 35.00 -41.79 -27.97
C PHE P 374 34.52 -40.58 -28.75
N ASP P 375 33.62 -40.81 -29.71
CA ASP P 375 33.13 -39.75 -30.60
C ASP P 375 31.98 -39.01 -29.94
N ARG P 376 31.28 -38.19 -30.73
CA ARG P 376 30.17 -37.38 -30.20
C ARG P 376 29.05 -38.25 -29.65
N ASP P 377 28.91 -39.48 -30.15
CA ASP P 377 27.88 -40.40 -29.71
C ASP P 377 28.38 -41.39 -28.66
N ASP P 378 29.54 -41.11 -28.05
CA ASP P 378 30.14 -41.96 -27.03
C ASP P 378 30.45 -43.37 -27.55
N ARG P 379 30.70 -43.49 -28.87
CA ARG P 379 31.06 -44.77 -29.47
C ARG P 379 32.57 -44.91 -29.52
N PRO P 380 33.13 -46.01 -29.03
CA PRO P 380 34.60 -46.11 -28.93
C PRO P 380 35.25 -46.25 -30.30
N TYR P 381 36.40 -45.62 -30.46
CA TYR P 381 37.19 -45.74 -31.67
C TYR P 381 38.66 -45.48 -31.33
N LYS P 382 39.52 -45.75 -32.29
CA LYS P 382 40.91 -45.33 -32.24
C LYS P 382 41.29 -44.78 -33.61
N GLU P 383 42.35 -44.00 -33.65
CA GLU P 383 42.80 -43.39 -34.89
C GLU P 383 43.87 -44.28 -35.54
N SER P 384 43.65 -44.59 -36.81
CA SER P 384 44.73 -45.13 -37.62
C SER P 384 45.39 -43.99 -38.37
N TYR P 385 46.67 -44.17 -38.69
CA TYR P 385 47.40 -43.17 -39.45
C TYR P 385 48.54 -43.87 -40.17
N GLY P 386 48.93 -43.31 -41.32
CA GLY P 386 49.90 -43.96 -42.17
C GLY P 386 51.34 -43.76 -41.73
N MET P 387 52.22 -44.60 -42.30
CA MET P 387 53.65 -44.51 -42.03
C MET P 387 54.33 -43.39 -42.81
N ALA P 388 53.66 -42.87 -43.84
CA ALA P 388 54.04 -41.63 -44.54
C ALA P 388 55.48 -41.75 -45.04
N SER P 389 56.37 -40.83 -44.70
CA SER P 389 57.72 -40.80 -45.26
C SER P 389 58.60 -41.97 -44.81
N LYS P 390 58.16 -42.75 -43.83
CA LYS P 390 58.92 -43.95 -43.46
C LYS P 390 58.80 -45.06 -44.50
N ARG P 391 57.90 -44.92 -45.48
CA ARG P 391 57.85 -45.82 -46.63
C ARG P 391 58.45 -45.20 -47.89
N ALA P 392 58.99 -43.99 -47.79
CA ALA P 392 59.48 -43.28 -48.97
C ALA P 392 61.00 -43.30 -49.04
N VAL P 393 61.50 -43.10 -50.26
CA VAL P 393 62.94 -42.98 -50.49
C VAL P 393 63.38 -41.57 -50.11
N ALA P 394 64.53 -41.47 -49.45
CA ALA P 394 65.05 -40.16 -49.05
C ALA P 394 66.56 -40.06 -49.28
N SER P 401 71.86 -28.78 -44.51
CA SER P 401 71.57 -27.66 -43.62
C SER P 401 70.08 -27.56 -43.33
N SER P 402 69.70 -26.65 -42.43
CA SER P 402 68.30 -26.42 -42.12
C SER P 402 67.51 -26.04 -43.37
N PHE P 403 68.12 -25.26 -44.27
CA PHE P 403 67.49 -24.93 -45.54
C PHE P 403 67.20 -26.18 -46.36
N ASP P 404 68.21 -27.04 -46.52
CA ASP P 404 68.03 -28.25 -47.33
C ASP P 404 67.06 -29.21 -46.68
N ARG P 405 67.01 -29.24 -45.33
CA ARG P 405 66.05 -30.09 -44.65
C ARG P 405 64.61 -29.65 -44.94
N ALA P 406 64.34 -28.36 -44.82
CA ALA P 406 63.00 -27.85 -45.06
C ALA P 406 62.62 -27.94 -46.54
N ARG P 407 63.60 -27.87 -47.44
CA ARG P 407 63.31 -28.02 -48.87
C ARG P 407 62.80 -29.42 -49.18
N LYS P 408 63.50 -30.44 -48.67
CA LYS P 408 63.04 -31.81 -48.85
C LYS P 408 61.72 -32.06 -48.12
N GLY P 409 61.51 -31.44 -46.96
CA GLY P 409 60.27 -31.61 -46.23
C GLY P 409 59.07 -30.93 -46.85
N LEU P 410 59.26 -30.13 -47.90
CA LEU P 410 58.12 -29.39 -48.45
C LEU P 410 57.20 -30.29 -49.27
N PHE P 411 57.75 -31.32 -49.92
CA PHE P 411 56.97 -32.20 -50.77
C PHE P 411 56.69 -33.55 -50.14
N GLU P 412 57.15 -33.80 -48.91
CA GLU P 412 56.96 -35.10 -48.30
C GLU P 412 55.48 -35.32 -47.95
N GLU P 413 55.05 -36.57 -48.03
CA GLU P 413 53.66 -36.92 -47.77
C GLU P 413 53.29 -36.59 -46.33
N GLY P 414 52.15 -35.93 -46.15
CA GLY P 414 51.61 -35.73 -44.83
C GLY P 414 51.07 -37.02 -44.24
N ILE P 415 50.83 -36.99 -42.94
CA ILE P 415 50.28 -38.14 -42.23
C ILE P 415 48.77 -38.06 -42.26
N SER P 416 48.13 -39.03 -42.91
CA SER P 416 46.69 -39.10 -42.99
C SER P 416 46.13 -39.86 -41.79
N THR P 417 44.95 -39.46 -41.35
CA THR P 417 44.35 -39.99 -40.14
C THR P 417 42.90 -40.38 -40.41
N SER P 418 42.46 -41.49 -39.82
CA SER P 418 41.08 -41.92 -39.98
C SER P 418 40.64 -42.67 -38.73
N ARG P 419 39.35 -42.58 -38.44
CA ARG P 419 38.76 -43.14 -37.22
C ARG P 419 38.35 -44.58 -37.49
N MET P 420 38.87 -45.50 -36.68
CA MET P 420 38.52 -46.92 -36.76
C MET P 420 37.66 -47.25 -35.53
N SER P 421 36.36 -47.36 -35.74
CA SER P 421 35.44 -47.65 -34.64
C SER P 421 35.69 -49.05 -34.09
N LEU P 422 35.60 -49.18 -32.77
CA LEU P 422 35.60 -50.49 -32.15
C LEU P 422 34.19 -51.08 -32.19
N ASP P 423 34.10 -52.32 -32.63
CA ASP P 423 32.86 -53.07 -32.49
C ASP P 423 32.61 -53.31 -31.01
N PRO P 424 31.54 -52.78 -30.43
CA PRO P 424 31.30 -52.99 -28.99
C PRO P 424 31.09 -54.45 -28.61
N ALA P 425 30.89 -55.34 -29.59
CA ALA P 425 30.86 -56.78 -29.35
C ALA P 425 32.10 -57.50 -29.85
N ARG P 426 32.95 -56.82 -30.62
CA ARG P 426 34.19 -57.41 -31.13
C ARG P 426 35.35 -56.44 -30.92
N GLY P 427 35.46 -55.94 -29.69
CA GLY P 427 36.43 -54.89 -29.38
C GLY P 427 37.87 -55.36 -29.34
N GLY P 428 38.11 -56.64 -29.07
CA GLY P 428 39.46 -57.18 -29.04
C GLY P 428 39.86 -57.71 -30.41
N VAL P 429 41.17 -57.67 -30.68
CA VAL P 429 41.66 -58.14 -31.98
C VAL P 429 41.39 -59.64 -32.15
N GLU P 430 41.29 -60.38 -31.05
CA GLU P 430 40.95 -61.80 -31.17
C GLU P 430 39.52 -62.01 -31.61
N ASP P 431 38.61 -61.08 -31.26
CA ASP P 431 37.26 -61.15 -31.80
C ASP P 431 37.27 -60.95 -33.30
N LEU P 432 38.11 -60.04 -33.80
CA LEU P 432 38.24 -59.87 -35.24
C LEU P 432 38.86 -61.09 -35.90
N LEU P 433 39.81 -61.75 -35.22
CA LEU P 433 40.38 -62.98 -35.76
C LEU P 433 39.33 -64.09 -35.86
N ASP P 434 38.50 -64.24 -34.82
CA ASP P 434 37.38 -65.18 -34.91
C ASP P 434 36.51 -64.87 -36.11
N HIS P 435 36.22 -63.58 -36.31
CA HIS P 435 35.36 -63.14 -37.40
C HIS P 435 35.99 -63.45 -38.75
N ILE P 436 37.28 -63.16 -38.89
CA ILE P 436 37.98 -63.41 -40.15
C ILE P 436 38.07 -64.91 -40.43
N THR P 437 38.60 -65.68 -39.47
CA THR P 437 38.85 -67.08 -39.76
C THR P 437 37.54 -67.88 -39.86
N SER P 438 36.49 -67.46 -39.14
CA SER P 438 35.17 -68.05 -39.35
C SER P 438 34.74 -67.90 -40.80
N GLY P 439 34.91 -66.69 -41.36
CA GLY P 439 34.50 -66.47 -42.74
C GLY P 439 35.34 -67.25 -43.75
N VAL P 440 36.66 -67.26 -43.56
CA VAL P 440 37.54 -67.95 -44.50
C VAL P 440 37.30 -69.47 -44.46
N ARG P 441 37.14 -70.03 -43.26
CA ARG P 441 36.78 -71.44 -43.16
C ARG P 441 35.48 -71.73 -43.90
N SER P 442 34.51 -70.82 -43.81
N SER P 442 34.50 -70.83 -43.80
CA SER P 442 33.25 -71.03 -44.52
CA SER P 442 33.25 -71.02 -44.52
C SER P 442 33.45 -70.94 -46.03
N THR P 443 34.28 -70.00 -46.49
CA THR P 443 34.60 -69.92 -47.91
C THR P 443 35.18 -71.24 -48.40
N CYS P 444 36.09 -71.83 -47.62
CA CYS P 444 36.67 -73.11 -48.02
C CYS P 444 35.60 -74.20 -48.11
N THR P 445 34.70 -74.28 -47.13
CA THR P 445 33.65 -75.30 -47.20
C THR P 445 32.74 -75.07 -48.39
N TYR P 446 32.45 -73.80 -48.71
CA TYR P 446 31.65 -73.52 -49.91
C TYR P 446 32.37 -73.95 -51.18
N VAL P 447 33.70 -73.80 -51.21
CA VAL P 447 34.48 -74.12 -52.40
C VAL P 447 34.79 -75.61 -52.49
N GLY P 448 34.75 -76.33 -51.38
CA GLY P 448 35.21 -77.70 -51.33
C GLY P 448 36.67 -77.85 -50.99
N ALA P 449 37.29 -76.82 -50.41
CA ALA P 449 38.71 -76.81 -50.13
C ALA P 449 38.97 -77.19 -48.69
N ALA P 450 39.93 -78.08 -48.48
CA ALA P 450 40.35 -78.49 -47.14
C ALA P 450 41.51 -77.66 -46.59
N ASN P 451 42.11 -76.79 -47.39
CA ASN P 451 43.23 -75.97 -46.97
C ASN P 451 43.36 -74.80 -47.95
N LEU P 452 44.31 -73.93 -47.68
CA LEU P 452 44.46 -72.71 -48.45
C LEU P 452 44.97 -72.95 -49.88
N PRO P 453 45.94 -73.85 -50.11
CA PRO P 453 46.29 -74.16 -51.50
C PRO P 453 45.13 -74.69 -52.31
N GLU P 454 44.32 -75.56 -51.72
CA GLU P 454 43.14 -76.09 -52.42
C GLU P 454 42.14 -74.99 -52.72
N LEU P 455 41.98 -74.02 -51.80
CA LEU P 455 41.09 -72.89 -52.05
C LEU P 455 41.44 -72.20 -53.37
N HIS P 456 42.71 -71.82 -53.53
CA HIS P 456 43.12 -71.13 -54.75
C HIS P 456 42.96 -72.02 -55.98
N GLU P 457 43.19 -73.33 -55.83
CA GLU P 457 43.15 -74.23 -56.98
C GLU P 457 41.73 -74.55 -57.43
N LYS P 458 40.79 -74.63 -56.48
CA LYS P 458 39.43 -75.08 -56.77
C LYS P 458 38.44 -73.95 -56.98
N VAL P 459 38.81 -72.70 -56.68
CA VAL P 459 37.81 -71.64 -56.63
C VAL P 459 37.36 -71.29 -58.05
N VAL P 460 36.07 -71.02 -58.19
CA VAL P 460 35.49 -70.44 -59.40
C VAL P 460 34.98 -69.06 -59.01
N LEU P 461 35.39 -68.04 -59.76
CA LEU P 461 35.04 -66.67 -59.46
C LEU P 461 34.12 -66.09 -60.53
N GLY P 462 33.35 -65.09 -60.12
CA GLY P 462 32.52 -64.35 -61.03
C GLY P 462 32.68 -62.85 -60.82
N VAL P 463 32.20 -62.10 -61.80
CA VAL P 463 32.20 -60.65 -61.75
C VAL P 463 30.76 -60.17 -61.66
N GLN P 464 30.52 -59.16 -60.82
CA GLN P 464 29.21 -58.56 -60.68
C GLN P 464 29.25 -57.09 -61.08
N SER P 465 28.07 -56.53 -61.35
CA SER P 465 27.97 -55.13 -61.74
C SER P 465 27.78 -54.27 -60.49
N ALA P 466 27.59 -52.96 -60.72
CA ALA P 466 27.35 -52.03 -59.62
C ALA P 466 25.98 -52.23 -58.97
N ALA P 467 25.08 -52.97 -59.60
CA ALA P 467 23.76 -53.26 -59.01
C ALA P 467 23.89 -53.96 -57.67
P IMP Q . -4.99 45.29 64.43
O1P IMP Q . -4.27 46.60 64.21
O2P IMP Q . -4.37 44.12 63.70
O3P IMP Q . -6.49 45.40 64.21
O5' IMP Q . -4.87 44.95 65.99
C5' IMP Q . -3.60 44.78 66.57
C4' IMP Q . -3.71 44.41 68.02
O4' IMP Q . -4.39 43.15 68.17
C3' IMP Q . -2.41 44.20 68.76
O3' IMP Q . -1.73 45.42 69.04
C2' IMP Q . -2.87 43.43 69.99
O2' IMP Q . -3.52 44.29 70.91
C1' IMP Q . -3.96 42.53 69.38
N9 IMP Q . -3.48 41.16 69.08
C8 IMP Q . -2.25 40.78 68.65
N7 IMP Q . -2.15 39.45 68.48
C5 IMP Q . -3.41 38.97 68.82
C6 IMP Q . -3.93 37.63 68.81
O6 IMP Q . -3.33 36.60 68.52
N1 IMP Q . -5.25 37.60 69.21
C2 IMP Q . -5.98 38.70 69.57
N3 IMP Q . -5.53 39.92 69.59
C4 IMP Q . -4.23 40.02 69.19
PG ATP R . 14.88 41.26 56.75
PG ATP R . 15.19 41.68 56.90
O1G ATP R . 15.21 42.70 56.42
O1G ATP R . 15.68 42.85 56.07
O2G ATP R . 13.44 40.90 56.45
O2G ATP R . 14.08 40.90 56.25
O3G ATP R . 15.86 40.27 56.14
O3G ATP R . 16.32 40.79 57.37
PB ATP R . 15.86 40.29 59.40
PB ATP R . 13.06 42.63 58.70
O1B ATP R . 17.01 41.08 59.88
O1B ATP R . 12.77 44.08 58.59
O2B ATP R . 16.09 38.94 58.83
O2B ATP R . 12.17 41.67 57.97
O3B ATP R . 15.02 41.18 58.37
O3B ATP R . 14.56 42.34 58.26
PA ATP R . 13.88 41.22 61.37
PA ATP R . 13.90 41.17 61.12
O1A ATP R . 13.16 42.08 60.42
O1A ATP R . 14.68 41.88 62.15
O2A ATP R . 14.71 41.83 62.44
O2A ATP R . 14.59 40.23 60.20
O3A ATP R . 14.77 40.15 60.57
O3A ATP R . 13.08 42.24 60.25
O5' ATP R . 12.80 40.27 62.04
O5' ATP R . 12.73 40.38 61.87
C5' ATP R . 11.76 39.65 61.23
C5' ATP R . 11.71 39.66 61.12
C4' ATP R . 10.78 38.96 62.14
C4' ATP R . 10.79 38.98 62.09
O4' ATP R . 11.43 37.85 62.81
O4' ATP R . 11.46 37.88 62.75
C3' ATP R . 10.21 39.82 63.26
C3' ATP R . 10.23 39.86 63.22
O3' ATP R . 8.89 39.39 63.57
O3' ATP R . 8.91 39.44 63.54
C2' ATP R . 11.15 39.54 64.43
C2' ATP R . 11.19 39.57 64.37
O2' ATP R . 10.53 39.78 65.69
O2' ATP R . 10.58 39.80 65.63
C1' ATP R . 11.41 38.05 64.21
C1' ATP R . 11.44 38.08 64.15
N9 ATP R . 12.68 37.58 64.74
N9 ATP R . 12.70 37.58 64.69
C8 ATP R . 13.93 37.99 64.38
C8 ATP R . 13.97 37.99 64.35
N7 ATP R . 14.91 37.32 64.96
N7 ATP R . 14.92 37.33 64.95
C5 ATP R . 14.25 36.40 65.76
C5 ATP R . 14.25 36.41 65.75
C6 ATP R . 14.70 35.39 66.63
C6 ATP R . 14.68 35.40 66.63
N6 ATP R . 16.00 35.14 66.81
N6 ATP R . 15.98 35.14 66.83
N1 ATP R . 13.77 34.65 67.28
N1 ATP R . 13.74 34.66 67.26
C2 ATP R . 12.48 34.92 67.07
C2 ATP R . 12.45 34.93 67.02
N3 ATP R . 11.93 35.84 66.26
N3 ATP R . 11.92 35.85 66.21
C4 ATP R . 12.87 36.55 65.64
C4 ATP R . 12.87 36.57 65.60
P IMP S . -23.58 63.87 44.51
O1P IMP S . -24.82 64.54 43.96
O2P IMP S . -22.62 63.36 43.45
O3P IMP S . -23.90 62.82 45.56
O5' IMP S . -22.78 65.00 45.29
C5' IMP S . -22.29 66.14 44.61
C4' IMP S . -21.62 67.07 45.58
O4' IMP S . -20.44 66.45 46.14
C3' IMP S . -21.10 68.38 45.01
O3' IMP S . -22.13 69.32 44.76
C2' IMP S . -20.09 68.81 46.06
O2' IMP S . -20.74 69.37 47.19
C1' IMP S . -19.50 67.46 46.48
N9 IMP S . -18.22 67.16 45.81
C8 IMP S . -17.80 67.52 44.56
N7 IMP S . -16.56 67.07 44.28
C5 IMP S . -16.18 66.37 45.41
C6 IMP S . -14.96 65.67 45.73
O6 IMP S . -13.96 65.57 45.03
N1 IMP S . -15.01 65.12 46.99
C2 IMP S . -16.07 65.22 47.85
N3 IMP S . -17.18 65.85 47.59
C4 IMP S . -17.19 66.41 46.36
PG ATP T . -19.50 69.33 23.69
PG ATP T . -20.09 69.78 23.66
O1G ATP T . -20.92 69.83 23.48
O1G ATP T . -21.45 69.53 23.07
O2G ATP T . -19.45 67.98 24.38
O2G ATP T . -19.38 68.51 24.09
O3G ATP T . -18.66 69.38 22.44
O3G ATP T . -19.21 70.68 22.81
PB ATP T . -17.69 71.49 24.63
PB ATP T . -20.48 70.12 26.57
O1B ATP T . -18.23 72.69 23.95
O1B ATP T . -21.91 70.06 26.95
O2B ATP T . -16.47 70.85 24.09
O2B ATP T . -19.63 68.91 26.74
O3B ATP T . -18.85 70.40 24.74
O3B ATP T . -20.37 70.60 25.05
PA ATP T . -18.43 72.25 27.37
PA ATP T . -18.39 72.05 27.30
O1A ATP T . -19.67 71.46 27.31
O1A ATP T . -18.54 73.52 27.35
O2A ATP T . -18.51 73.73 27.39
O2A ATP T . -17.59 71.45 26.20
O3A ATP T . -17.46 71.81 26.18
O3A ATP T . -19.83 71.35 27.34
O5' ATP T . -17.61 71.76 28.65
O5' ATP T . -17.77 71.58 28.68
C5' ATP T . -17.25 70.38 28.83
C5' ATP T . -17.25 70.26 28.86
C4' ATP T . -16.46 70.25 30.11
C4' ATP T . -16.45 70.21 30.14
O4' ATP T . -15.16 70.84 29.94
O4' ATP T . -15.16 70.83 29.94
C3' ATP T . -17.08 70.93 31.34
C3' ATP T . -17.09 70.92 31.33
O3' ATP T . -16.74 70.18 32.51
O3' ATP T . -16.77 70.20 32.52
C2' ATP T . -16.37 72.28 31.34
C2' ATP T . -16.39 72.28 31.31
O2' ATP T . -16.36 72.89 32.63
O2' ATP T . -16.40 72.92 32.59
C1' ATP T . -14.97 71.88 30.88
C1' ATP T . -14.99 71.88 30.87
N9 ATP T . -14.22 72.95 30.23
N9 ATP T . -14.24 72.94 30.21
C8 ATP T . -14.56 73.61 29.08
C8 ATP T . -14.57 73.61 29.06
N7 ATP T . -13.65 74.46 28.67
N7 ATP T . -13.66 74.46 28.65
C5 ATP T . -12.63 74.35 29.60
C5 ATP T . -12.64 74.35 29.59
C6 ATP T . -11.38 74.99 29.74
C6 ATP T . -11.39 74.98 29.74
N6 ATP T . -10.94 75.88 28.86
N6 ATP T . -10.94 75.88 28.86
N1 ATP T . -10.62 74.64 30.80
N1 ATP T . -10.63 74.64 30.80
C2 ATP T . -11.08 73.73 31.66
C2 ATP T . -11.10 73.72 31.67
N3 ATP T . -12.24 73.06 31.65
N3 ATP T . -12.26 73.06 31.63
C4 ATP T . -12.98 73.42 30.58
C4 ATP T . -12.99 73.42 30.57
P IMP U . -48.49 42.81 48.03
O1P IMP U . -49.38 41.77 48.67
O2P IMP U . -48.14 42.56 46.57
O3P IMP U . -47.26 43.12 48.86
O5' IMP U . -49.27 44.19 48.01
C5' IMP U . -50.50 44.33 47.30
C4' IMP U . -51.08 45.72 47.45
O4' IMP U . -50.19 46.69 46.86
C3' IMP U . -52.42 45.99 46.79
O3' IMP U . -53.53 45.47 47.52
C2' IMP U . -52.42 47.51 46.69
O2' IMP U . -52.72 48.10 47.94
C1' IMP U . -50.95 47.80 46.39
N9 IMP U . -50.69 48.01 44.95
C8 IMP U . -51.30 47.40 43.89
N7 IMP U . -50.81 47.82 42.70
C5 IMP U . -49.85 48.75 43.04
C6 IMP U . -48.98 49.54 42.23
O6 IMP U . -48.93 49.55 40.99
N1 IMP U . -48.15 50.36 42.98
C2 IMP U . -48.14 50.39 44.34
N3 IMP U . -48.92 49.68 45.12
C4 IMP U . -49.75 48.87 44.42
PG ATP V . -58.56 31.44 32.25
PG ATP V . -59.62 31.51 32.72
O1G ATP V . -58.88 30.53 33.41
O1G ATP V . -60.44 30.27 32.94
O2G ATP V . -57.09 31.81 32.16
O2G ATP V . -58.14 31.24 32.58
O3G ATP V . -59.10 30.93 30.93
O3G ATP V . -60.15 32.40 31.62
PB ATP V . -60.33 33.76 31.70
PB ATP V . -58.75 33.18 34.97
O1B ATP V . -61.74 33.38 31.93
O1B ATP V . -58.72 32.59 36.32
O2B ATP V . -59.82 33.86 30.32
O2B ATP V . -57.48 33.30 34.20
O3B ATP V . -59.38 32.81 32.57
O3B ATP V . -59.80 32.35 34.09
PA ATP V . -60.27 35.65 33.94
PA ATP V . -60.15 35.58 33.96
O1A ATP V . -59.60 34.69 34.85
O1A ATP V . -61.55 35.85 34.35
O2A ATP V . -61.70 35.97 34.13
O2A ATP V . -59.85 35.09 32.60
O3A ATP V . -60.06 35.17 32.43
O3A ATP V . -59.47 34.60 35.03
O5' ATP V . -59.42 37.00 33.95
O5' ATP V . -59.31 36.92 34.18
C5' ATP V . -58.00 36.98 33.79
C5' ATP V . -57.92 36.98 33.82
C4' ATP V . -57.48 38.39 33.95
C4' ATP V . -57.47 38.41 33.97
O4' ATP V . -57.99 39.20 32.87
O4' ATP V . -57.99 39.20 32.87
C3' ATP V . -57.91 39.10 35.23
C3' ATP V . -57.90 39.12 35.24
O3' ATP V . -56.88 39.99 35.64
O3' ATP V . -56.89 40.01 35.66
C2' ATP V . -59.16 39.86 34.80
C2' ATP V . -59.17 39.87 34.79
O2' ATP V . -59.43 40.98 35.63
O2' ATP V . -59.43 41.00 35.61
C1' ATP V . -58.74 40.28 33.38
C1' ATP V . -58.74 40.27 33.38
N9 ATP V . -59.84 40.53 32.47
N9 ATP V . -59.85 40.54 32.46
C8 ATP V . -60.81 39.65 32.06
C8 ATP V . -60.81 39.65 32.05
N7 ATP V . -61.62 40.13 31.15
N7 ATP V . -61.63 40.13 31.14
C5 ATP V . -61.18 41.43 30.94
C5 ATP V . -61.18 41.43 30.94
C6 ATP V . -61.60 42.48 30.11
C6 ATP V . -61.61 42.48 30.11
N6 ATP V . -62.65 42.33 29.28
N6 ATP V . -62.66 42.35 29.29
N1 ATP V . -60.94 43.64 30.15
N1 ATP V . -60.93 43.65 30.15
C2 ATP V . -59.89 43.75 30.99
C2 ATP V . -59.88 43.75 30.98
N3 ATP V . -59.39 42.84 31.83
N3 ATP V . -59.38 42.83 31.82
C4 ATP V . -60.07 41.69 31.76
C4 ATP V . -60.07 41.69 31.76
P IMP W . -30.17 24.27 67.95
O1P IMP W . -29.09 23.93 68.95
O2P IMP W . -30.28 23.32 66.78
O3P IMP W . -30.16 25.73 67.54
O5' IMP W . -31.58 24.15 68.69
C5' IMP W . -32.01 22.90 69.22
C4' IMP W . -33.37 23.04 69.84
O4' IMP W . -34.36 23.40 68.84
C3' IMP W . -33.97 21.80 70.48
O3' IMP W . -33.38 21.50 71.74
C2' IMP W . -35.45 22.16 70.55
O2' IMP W . -35.68 23.09 71.60
C1' IMP W . -35.62 22.92 69.23
N9 IMP W . -36.17 22.07 68.16
C8 IMP W . -35.91 20.76 67.90
N7 IMP W . -36.56 20.29 66.82
C5 IMP W . -37.28 21.38 66.36
C6 IMP W . -38.16 21.52 65.24
O6 IMP W . -38.46 20.67 64.41
N1 IMP W . -38.66 22.81 65.15
C2 IMP W . -38.37 23.82 66.00
N3 IMP W . -37.57 23.73 67.04
C4 IMP W . -37.05 22.49 67.17
PG ATP X . -24.30 3.26 65.85
PG ATP X . -24.44 3.58 65.22
O1G ATP X . -22.84 3.29 66.26
O1G ATP X . -23.24 3.66 66.13
O2G ATP X . -24.54 3.87 64.49
O2G ATP X . -24.67 4.87 64.44
O3G ATP X . -24.92 1.88 65.99
O3G ATP X . -24.43 2.35 64.32
PB ATP X . -25.39 5.78 66.90
PB ATP X . -27.01 2.52 66.27
O1B ATP X . -24.45 6.49 67.78
O1B ATP X . -26.83 1.51 67.34
O2B ATP X . -25.49 6.19 65.47
O2B ATP X . -27.36 2.06 64.91
O3B ATP X . -25.06 4.21 66.93
O3B ATP X . -25.71 3.46 66.22
PA ATP X . -28.05 4.80 67.75
PA ATP X . -28.15 4.79 67.80
O1A ATP X . -28.21 4.52 69.19
O1A ATP X . -26.92 5.60 67.63
O2A ATP X . -27.87 3.68 66.79
O2A ATP X . -28.48 4.25 69.14
O3A ATP X . -26.84 5.83 67.56
O3A ATP X . -28.13 3.56 66.76
O5' ATP X . -29.28 5.69 67.27
O5' ATP X . -29.37 5.64 67.25
C5' ATP X . -29.19 6.45 66.05
C5' ATP X . -29.23 6.43 66.06
C4' ATP X . -30.48 7.22 65.86
C4' ATP X . -30.49 7.22 65.85
O4' ATP X . -31.57 6.31 65.64
O4' ATP X . -31.60 6.33 65.63
C3' ATP X . -30.89 8.09 67.05
C3' ATP X . -30.91 8.10 67.04
O3' ATP X . -31.58 9.25 66.59
O3' ATP X . -31.61 9.24 66.55
C2' ATP X . -31.86 7.18 67.80
C2' ATP X . -31.86 7.18 67.80
O2' ATP X . -32.76 7.93 68.59
O2' ATP X . -32.76 7.95 68.61
C1' ATP X . -32.56 6.52 66.63
C1' ATP X . -32.58 6.52 66.63
N9 ATP X . -33.17 5.23 66.94
N9 ATP X . -33.19 5.23 66.94
C8 ATP X . -32.55 4.09 67.35
C8 ATP X . -32.55 4.09 67.36
N7 ATP X . -33.34 3.04 67.45
N7 ATP X . -33.34 3.05 67.45
C5 ATP X . -34.59 3.54 67.07
C5 ATP X . -34.58 3.53 67.08
C6 ATP X . -35.85 2.94 66.95
C6 ATP X . -35.85 2.93 66.94
N6 ATP X . -36.07 1.65 67.23
N6 ATP X . -36.05 1.64 67.22
N1 ATP X . -36.88 3.72 66.54
N1 ATP X . -36.88 3.71 66.53
C2 ATP X . -36.65 5.01 66.26
C2 ATP X . -36.65 5.00 66.27
N3 ATP X . -35.49 5.68 66.34
N3 ATP X . -35.50 5.69 66.35
C4 ATP X . -34.48 4.89 66.75
C4 ATP X . -34.49 4.89 66.75
P IMP Y . -14.22 -1.31 29.33
O1P IMP Y . -15.46 -2.07 28.95
O2P IMP Y . -14.21 -0.78 30.74
O3P IMP Y . -13.85 -0.24 28.31
O5' IMP Y . -13.03 -2.35 29.26
C5' IMP Y . -13.01 -3.49 30.11
C4' IMP Y . -11.76 -4.30 29.89
O4' IMP Y . -10.59 -3.53 30.26
C3' IMP Y . -11.61 -5.56 30.71
O3' IMP Y . -12.44 -6.64 30.27
C2' IMP Y . -10.12 -5.83 30.62
O2' IMP Y . -9.79 -6.40 29.36
C1' IMP Y . -9.56 -4.41 30.65
N9 IMP Y . -9.07 -4.02 31.99
C8 IMP Y . -9.57 -4.40 33.21
N7 IMP Y . -8.89 -3.86 34.24
C5 IMP Y . -7.92 -3.08 33.63
C6 IMP Y . -6.89 -2.25 34.20
O6 IMP Y . -6.65 -2.05 35.39
N1 IMP Y . -6.12 -1.66 33.21
C2 IMP Y . -6.30 -1.82 31.88
N3 IMP Y . -7.23 -2.56 31.32
C4 IMP Y . -8.02 -3.18 32.24
PG ATP Z . -24.82 -7.87 47.40
PG ATP Z . -24.55 -6.91 47.68
O1G ATP Z . -26.27 -7.98 47.00
O1G ATP Z . -25.65 -7.34 46.74
O2G ATP Z . -24.33 -6.44 47.48
O2G ATP Z . -24.03 -5.51 47.40
O3G ATP Z . -24.49 -8.67 48.65
O3G ATP Z . -24.91 -7.11 49.14
PB ATP Z . -23.25 -7.85 44.95
PB ATP Z . -22.51 -9.04 48.17
O1B ATP Z . -24.10 -7.97 43.76
O1B ATP Z . -22.05 -8.48 49.46
O2B ATP Z . -22.79 -6.52 45.41
O2B ATP Z . -23.30 -10.30 48.17
O3B ATP Z . -23.99 -8.55 46.19
O3B ATP Z . -23.32 -7.93 47.36
PA ATP Z . -21.02 -9.55 45.79
PA ATP Z . -20.97 -9.72 45.74
O1A ATP Z . -21.03 -11.01 45.54
O1A ATP Z . -21.92 -9.07 44.80
O2A ATP Z . -21.29 -9.04 47.15
O2A ATP Z . -20.86 -11.19 45.75
O3A ATP Z . -21.99 -8.81 44.76
O3A ATP Z . -21.24 -9.21 47.23
O5' ATP Z . -19.60 -8.99 45.32
O5' ATP Z . -19.52 -9.10 45.48
C5' ATP Z . -19.30 -7.58 45.38
C5' ATP Z . -19.31 -7.68 45.40
C4' ATP Z . -17.86 -7.40 45.00
C4' ATP Z . -17.88 -7.44 45.01
O4' ATP Z . -17.00 -7.91 46.04
O4' ATP Z . -16.99 -7.93 46.04
C3' ATP Z . -17.42 -8.13 43.72
C3' ATP Z . -17.42 -8.14 43.72
O3' ATP Z . -16.41 -7.37 43.06
O3' ATP Z . -16.41 -7.36 43.08
C2' ATP Z . -16.84 -9.44 44.27
C2' ATP Z . -16.83 -9.45 44.26
O2' ATP Z . -15.92 -10.04 43.37
O2' ATP Z . -15.90 -10.04 43.36
C1' ATP Z . -16.15 -8.91 45.52
C1' ATP Z . -16.14 -8.92 45.52
N9 ATP Z . -15.94 -9.91 46.56
N9 ATP Z . -15.93 -9.92 46.55
C8 ATP Z . -16.89 -10.63 47.24
C8 ATP Z . -16.88 -10.64 47.24
N7 ATP Z . -16.42 -11.38 48.20
N7 ATP Z . -16.42 -11.39 48.21
C5 ATP Z . -15.05 -11.16 48.15
C5 ATP Z . -15.05 -11.16 48.16
C6 ATP Z . -13.97 -11.65 48.92
C6 ATP Z . -13.97 -11.65 48.92
N6 ATP Z . -14.15 -12.50 49.93
N6 ATP Z . -14.15 -12.49 49.95
N1 ATP Z . -12.73 -11.21 48.61
N1 ATP Z . -12.73 -11.21 48.62
C2 ATP Z . -12.59 -10.34 47.60
C2 ATP Z . -12.58 -10.35 47.60
N3 ATP Z . -13.53 -9.80 46.81
N3 ATP Z . -13.52 -9.81 46.81
C4 ATP Z . -14.74 -10.25 47.14
C4 ATP Z . -14.73 -10.26 47.14
P IMP AA . -32.47 17.34 9.31
O1P IMP AA . -32.80 18.34 8.23
O2P IMP AA . -33.20 17.55 10.63
O3P IMP AA . -30.99 17.15 9.50
O5' IMP AA . -32.94 15.91 8.82
C5' IMP AA . -34.29 15.63 8.54
C4' IMP AA . -34.45 14.19 8.12
O4' IMP AA . -34.10 13.30 9.21
C3' IMP AA . -35.85 13.74 7.73
O3' IMP AA . -36.24 14.22 6.46
C2' IMP AA . -35.73 12.22 7.84
O2' IMP AA . -35.01 11.69 6.74
C1' IMP AA . -34.83 12.09 9.07
N9 IMP AA . -35.59 11.85 10.33
C8 IMP AA . -36.79 12.39 10.70
N7 IMP AA . -37.19 11.97 11.91
C5 IMP AA . -36.18 11.13 12.33
C6 IMP AA . -36.01 10.39 13.56
O6 IMP AA . -36.77 10.37 14.54
N1 IMP AA . -34.83 9.68 13.57
C2 IMP AA . -33.93 9.67 12.57
N3 IMP AA . -34.04 10.33 11.44
C4 IMP AA . -35.18 11.04 11.36
PG ATP BA . -51.64 27.26 13.13
PG ATP BA . -51.34 27.30 13.77
O1G ATP BA . -51.37 28.64 12.59
O1G ATP BA . -51.09 28.24 12.62
O2G ATP BA . -50.86 26.94 14.39
O2G ATP BA . -50.11 27.04 14.62
O3G ATP BA . -53.12 26.94 13.27
O3G ATP BA . -52.54 27.68 14.60
PB ATP BA . -49.63 25.56 11.86
PB ATP BA . -52.80 24.74 13.22
O1B ATP BA . -48.85 26.27 10.83
O1B ATP BA . -53.83 24.88 12.16
O2B ATP BA . -49.08 25.42 13.22
O2B ATP BA . -53.21 24.69 14.63
O3B ATP BA . -51.07 26.25 11.98
O3B ATP BA . -51.71 25.89 13.02
PA ATP BA . -51.12 23.04 11.72
PA ATP BA . -51.06 22.96 11.64
O1A ATP BA . -51.85 22.59 10.51
O1A ATP BA . -50.07 24.00 11.29
O2A ATP BA . -51.90 23.59 12.86
O2A ATP BA . -52.01 22.48 10.59
O3A ATP BA . -50.03 24.12 11.29
O3A ATP BA . -51.91 23.44 12.90
O5' ATP BA . -50.21 21.82 12.18
O5' ATP BA . -50.29 21.71 12.22
C5' ATP BA . -49.46 21.85 13.42
C5' ATP BA . -49.45 21.78 13.38
C4' ATP BA . -48.84 20.49 13.62
C4' ATP BA . -48.81 20.43 13.61
O4' ATP BA . -49.83 19.56 14.13
O4' ATP BA . -49.80 19.51 14.11
C3' ATP BA . -48.25 19.84 12.38
C3' ATP BA . -48.22 19.77 12.37
O3' ATP BA . -47.11 19.07 12.73
O3' ATP BA . -47.11 18.97 12.74
C2' ATP BA . -49.39 18.93 11.90
C2' ATP BA . -49.37 18.87 11.88
O2' ATP BA . -48.90 17.83 11.14
O2' ATP BA . -48.89 17.77 11.12
C1' ATP BA . -49.95 18.46 13.24
C1' ATP BA . -49.93 18.41 13.22
N9 ATP BA . -51.35 18.07 13.20
N9 ATP BA . -51.35 18.03 13.19
C8 ATP BA . -52.42 18.83 12.84
C8 ATP BA . -52.40 18.81 12.83
N7 ATP BA . -53.58 18.24 12.97
N7 ATP BA . -53.57 18.23 12.98
C5 ATP BA . -53.26 16.99 13.48
C5 ATP BA . -53.26 16.98 13.48
C6 ATP BA . -54.04 15.88 13.85
C6 ATP BA . -54.06 15.88 13.86
N6 ATP BA . -55.38 15.89 13.80
N6 ATP BA . -55.39 15.92 13.82
N1 ATP BA . -53.39 14.78 14.32
N1 ATP BA . -53.42 14.78 14.32
C2 ATP BA . -52.05 14.81 14.40
C2 ATP BA . -52.08 14.79 14.39
N3 ATP BA . -51.22 15.80 14.07
N3 ATP BA . -51.23 15.76 14.06
C4 ATP BA . -51.88 16.86 13.62
C4 ATP BA . -51.88 16.84 13.60
P IMP CA . -7.29 38.24 6.05
O1P IMP CA . -5.86 38.74 6.03
O2P IMP CA . -8.28 39.15 6.74
O3P IMP CA . -7.41 36.80 6.49
O5' IMP CA . -7.78 38.22 4.53
C5' IMP CA . -7.94 39.45 3.82
C4' IMP CA . -8.48 39.20 2.44
O4' IMP CA . -9.84 38.72 2.53
C3' IMP CA . -8.59 40.42 1.54
O3' IMP CA . -7.35 40.82 0.98
C2' IMP CA . -9.61 39.95 0.50
O2' IMP CA . -9.00 39.06 -0.43
C1' IMP CA . -10.55 39.12 1.37
N9 IMP CA . -11.76 39.87 1.78
C8 IMP CA . -11.89 41.20 2.01
N7 IMP CA . -13.13 41.57 2.34
C5 IMP CA . -13.84 40.38 2.33
C6 IMP CA . -15.23 40.11 2.59
O6 IMP CA . -16.09 40.92 2.93
N1 IMP CA . -15.53 38.76 2.45
C2 IMP CA . -14.63 37.81 2.09
N3 IMP CA . -13.36 38.02 1.85
C4 IMP CA . -13.01 39.33 1.97
PG ATP DA . -6.37 59.71 10.55
PG ATP DA . -6.27 59.21 10.68
O1G ATP DA . -5.04 60.12 11.16
O1G ATP DA . -5.80 58.01 9.90
O2G ATP DA . -7.23 58.91 11.51
O2G ATP DA . -6.58 58.91 12.12
O3G ATP DA . -7.10 60.86 9.91
O3G ATP DA . -5.37 60.42 10.51
PB ATP DA . -6.21 57.14 9.10
PB ATP DA . -8.17 60.21 8.59
O1B ATP DA . -4.93 56.42 9.15
O1B ATP DA . -9.42 60.97 8.79
O2B ATP DA . -7.31 56.74 10.02
O2B ATP DA . -7.03 60.87 7.92
O3B ATP DA . -5.94 58.70 9.32
O3B ATP DA . -7.71 59.62 10.01
PA ATP DA . -7.79 57.93 6.70
PA ATP DA . -7.85 57.97 6.66
O1A ATP DA . -7.13 58.34 5.45
O1A ATP DA . -6.77 57.15 7.27
O2A ATP DA . -8.46 58.95 7.54
O2A ATP DA . -7.55 58.79 5.47
O3A ATP DA . -6.74 57.10 7.59
O3A ATP DA . -8.54 58.87 7.78
O5' ATP DA . -8.83 56.80 6.31
O5' ATP DA . -9.04 56.98 6.30
C5' ATP DA . -9.60 56.11 7.32
C5' ATP DA . -9.62 56.11 7.29
C4' ATP DA . -10.59 55.20 6.62
C4' ATP DA . -10.60 55.18 6.61
O4' ATP DA . -11.62 56.00 5.99
O4' ATP DA . -11.65 55.96 5.98
C3' ATP DA . -10.00 54.33 5.51
C3' ATP DA . -10.00 54.32 5.49
O3' ATP DA . -10.67 53.07 5.49
O3' ATP DA . -10.67 53.06 5.46
C2' ATP DA . -10.28 55.16 4.26
C2' ATP DA . -10.27 55.15 4.24
O2' ATP DA . -10.33 54.36 3.07
O2' ATP DA . -10.32 54.36 3.06
C1' ATP DA . -11.65 55.74 4.60
C1' ATP DA . -11.65 55.71 4.59
N9 ATP DA . -11.97 56.98 3.91
N9 ATP DA . -11.98 56.97 3.91
C8 ATP DA . -11.29 58.17 3.97
C8 ATP DA . -11.30 58.16 3.97
N7 ATP DA . -11.87 59.15 3.31
N7 ATP DA . -11.87 59.14 3.32
C5 ATP DA . -13.02 58.57 2.78
C5 ATP DA . -13.02 58.57 2.78
C6 ATP DA . -14.07 59.07 1.99
C6 ATP DA . -14.07 59.07 2.00
N6 ATP DA . -14.12 60.34 1.60
N6 ATP DA . -14.11 60.36 1.62
N1 ATP DA . -15.07 58.21 1.66
N1 ATP DA . -15.06 58.23 1.66
C2 ATP DA . -15.00 56.95 2.08
C2 ATP DA . -15.00 56.95 2.07
N3 ATP DA . -14.06 56.36 2.82
N3 ATP DA . -14.06 56.36 2.81
C4 ATP DA . -13.09 57.22 3.15
C4 ATP DA . -13.09 57.21 3.14
P IMP EA . 11.03 19.57 26.10
O1P IMP EA . 11.53 18.33 26.80
O2P IMP EA . 10.88 20.79 26.98
O3P IMP EA . 9.79 19.30 25.26
O5' IMP EA . 12.15 19.96 25.04
C5' IMP EA . 13.46 20.27 25.48
C4' IMP EA . 14.32 20.68 24.32
O4' IMP EA . 13.81 21.89 23.72
C3' IMP EA . 15.76 21.03 24.62
O3' IMP EA . 16.57 19.88 24.87
C2' IMP EA . 16.16 21.81 23.38
O2' IMP EA . 16.37 20.92 22.30
C1' IMP EA . 14.86 22.58 23.07
N9 IMP EA . 14.90 23.96 23.54
C8 IMP EA . 15.52 24.45 24.65
N7 IMP EA . 15.35 25.78 24.80
C5 IMP EA . 14.57 26.14 23.71
C6 IMP EA . 14.05 27.43 23.32
O6 IMP EA . 14.20 28.50 23.88
N1 IMP EA . 13.32 27.32 22.15
C2 IMP EA . 13.11 26.19 21.45
N3 IMP EA . 13.57 25.00 21.78
C4 IMP EA . 14.28 25.04 22.93
PG ATP FA . 20.60 24.81 45.14
PG ATP FA . 20.17 24.98 44.74
O1G ATP FA . 20.15 23.57 45.88
O1G ATP FA . 19.37 25.04 43.46
O2G ATP FA . 19.44 25.74 44.81
O2G ATP FA . 19.86 26.09 45.72
O3G ATP FA . 21.75 25.53 45.81
O3G ATP FA . 20.13 23.60 45.39
PB ATP FA . 20.32 23.91 42.36
PB ATP FA . 22.59 26.37 43.74
O1B ATP FA . 20.10 22.46 42.28
O1B ATP FA . 24.03 26.05 43.97
O2B ATP FA . 19.16 24.82 42.29
O2B ATP FA . 22.06 27.65 44.26
O3B ATP FA . 21.13 24.25 43.70
O3B ATP FA . 21.73 25.15 44.31
PA ATP FA . 22.54 25.38 41.05
PA ATP FA . 22.69 25.39 40.95
O1A ATP FA . 23.80 24.66 40.75
O1A ATP FA . 21.86 24.16 40.91
O2A ATP FA . 22.49 26.35 42.16
O2A ATP FA . 24.16 25.27 40.91
O3A ATP FA . 21.37 24.30 41.22
O3A ATP FA . 22.26 26.30 42.19
O5' ATP FA . 22.07 26.11 39.70
O5' ATP FA . 22.21 26.30 39.73
C5' ATP FA . 20.75 26.67 39.58
C5' ATP FA . 20.82 26.68 39.58
C4' ATP FA . 20.61 27.28 38.21
C4' ATP FA . 20.63 27.28 38.20
O4' ATP FA . 21.45 28.45 38.10
O4' ATP FA . 21.45 28.46 38.07
C3' ATP FA . 21.01 26.37 37.04
C3' ATP FA . 21.02 26.37 37.04
O3' ATP FA . 20.20 26.64 35.91
O3' ATP FA . 20.21 26.65 35.90
C2' ATP FA . 22.46 26.78 36.80
C2' ATP FA . 22.47 26.77 36.80
O2' ATP FA . 22.89 26.50 35.47
O2' ATP FA . 22.90 26.47 35.47
C1' ATP FA . 22.38 28.28 37.05
C1' ATP FA . 22.39 28.27 37.03
N9 ATP FA . 23.63 28.90 37.44
N9 ATP FA . 23.64 28.89 37.43
C8 ATP FA . 24.42 28.58 38.51
C8 ATP FA . 24.43 28.58 38.50
N7 ATP FA . 25.47 29.36 38.66
N7 ATP FA . 25.47 29.36 38.65
C5 ATP FA . 25.38 30.26 37.61
C5 ATP FA . 25.38 30.26 37.61
C6 ATP FA . 26.16 31.35 37.19
C6 ATP FA . 26.16 31.36 37.20
N6 ATP FA . 27.26 31.71 37.85
N6 ATP FA . 27.25 31.73 37.87
N1 ATP FA . 25.77 32.03 36.09
N1 ATP FA . 25.77 32.04 36.11
C2 ATP FA . 24.66 31.65 35.47
C2 ATP FA . 24.67 31.65 35.46
N3 ATP FA . 23.82 30.65 35.76
N3 ATP FA . 23.83 30.64 35.75
C4 ATP FA . 24.23 29.98 36.85
C4 ATP FA . 24.24 29.98 36.84
P IMP GA . 30.54 -24.64 -6.00
O1P IMP GA . 31.63 -23.61 -5.89
O2P IMP GA . 30.91 -25.87 -6.82
O3P IMP GA . 29.21 -24.05 -6.41
O5' IMP GA . 30.29 -25.17 -4.52
C5' IMP GA . 31.32 -25.82 -3.78
C4' IMP GA . 30.83 -26.19 -2.42
O4' IMP GA . 29.77 -27.17 -2.52
C3' IMP GA . 31.84 -26.85 -1.49
O3' IMP GA . 32.75 -25.93 -0.92
C2' IMP GA . 30.93 -27.55 -0.47
O2' IMP GA . 30.42 -26.60 0.47
C1' IMP GA . 29.77 -27.99 -1.36
N9 IMP GA . 29.86 -29.41 -1.76
C8 IMP GA . 30.98 -30.14 -2.05
N7 IMP GA . 30.70 -31.41 -2.40
C5 IMP GA . 29.33 -31.48 -2.33
C6 IMP GA . 28.42 -32.58 -2.59
O6 IMP GA . 28.70 -33.72 -2.97
N1 IMP GA . 27.10 -32.21 -2.39
C2 IMP GA . 26.69 -30.98 -2.00
N3 IMP GA . 27.49 -29.97 -1.75
C4 IMP GA . 28.79 -30.27 -1.94
PG ATP HA . 49.72 -34.08 -10.59
PG ATP HA . 49.09 -33.92 -10.89
O1G ATP HA . 50.85 -33.19 -11.07
O1G ATP HA . 50.14 -33.04 -11.54
O2G ATP HA . 48.63 -34.25 -11.64
O2G ATP HA . 47.80 -33.18 -10.60
O3G ATP HA . 50.20 -35.40 -10.03
O3G ATP HA . 48.86 -35.22 -11.63
PB ATP HA . 47.64 -32.59 -9.07
PB ATP HA . 49.57 -35.61 -8.49
O1B ATP HA . 47.81 -31.13 -9.09
O1B ATP HA . 50.62 -35.57 -7.45
O2B ATP HA . 46.65 -33.23 -9.97
O2B ATP HA . 49.44 -36.82 -9.34
O3B ATP HA . 49.07 -33.28 -9.33
O3B ATP HA . 49.72 -34.33 -9.44
PA ATP HA . 47.70 -34.41 -6.76
PA ATP HA . 47.59 -34.24 -6.79
O1A ATP HA . 48.42 -34.05 -5.51
O1A ATP HA . 47.26 -32.99 -7.52
O2A ATP HA . 48.31 -35.39 -7.68
O2A ATP HA . 48.47 -34.17 -5.61
O3A ATP HA . 47.35 -33.08 -7.57
O3A ATP HA . 48.14 -35.32 -7.82
O5' ATP HA . 46.24 -34.91 -6.34
O5' ATP HA . 46.20 -34.92 -6.37
C5' ATP HA . 45.23 -35.09 -7.36
C5' ATP HA . 45.17 -35.12 -7.36
C4' ATP HA . 43.93 -35.51 -6.70
C4' ATP HA . 43.89 -35.53 -6.69
O4' ATP HA . 44.07 -36.82 -6.13
O4' ATP HA . 44.04 -36.84 -6.11
C3' ATP HA . 43.45 -34.60 -5.56
C3' ATP HA . 43.43 -34.62 -5.55
O3' ATP HA . 42.02 -34.57 -5.53
O3' ATP HA . 42.00 -34.61 -5.49
C2' ATP HA . 44.01 -35.32 -4.32
C2' ATP HA . 44.00 -35.32 -4.31
O2' ATP HA . 43.24 -35.02 -3.16
O2' ATP HA . 43.26 -35.00 -3.14
C1' ATP HA . 43.82 -36.78 -4.74
C1' ATP HA . 43.81 -36.78 -4.71
N9 ATP HA . 44.74 -37.70 -4.08
N9 ATP HA . 44.74 -37.70 -4.06
C8 ATP HA . 46.10 -37.70 -4.15
C8 ATP HA . 46.10 -37.69 -4.14
N7 ATP HA . 46.68 -38.68 -3.49
N7 ATP HA . 46.68 -38.68 -3.49
C5 ATP HA . 45.62 -39.39 -2.95
C5 ATP HA . 45.62 -39.39 -2.94
C6 ATP HA . 45.54 -40.54 -2.15
C6 ATP HA . 45.55 -40.54 -2.14
N6 ATP HA . 46.64 -41.20 -1.74
N6 ATP HA . 46.65 -41.21 -1.76
N1 ATP HA . 44.32 -40.97 -1.77
N1 ATP HA . 44.34 -40.98 -1.76
C2 ATP HA . 43.24 -40.30 -2.19
C2 ATP HA . 43.25 -40.30 -2.17
N3 ATP HA . 43.19 -39.20 -2.95
N3 ATP HA . 43.19 -39.20 -2.92
C4 ATP HA . 44.41 -38.78 -3.30
C4 ATP HA . 44.41 -38.79 -3.28
P IMP IA . 22.76 0.37 -25.88
O1P IMP IA . 21.88 1.41 -26.54
O2P IMP IA . 23.73 -0.35 -26.79
O3P IMP IA . 21.95 -0.59 -25.02
O5' IMP IA . 23.65 1.15 -24.81
C5' IMP IA . 24.59 2.13 -25.22
C4' IMP IA . 25.33 2.70 -24.04
O4' IMP IA . 26.14 1.68 -23.40
C3' IMP IA . 26.32 3.81 -24.32
O3' IMP IA . 25.69 5.06 -24.57
C2' IMP IA . 27.21 3.79 -23.08
O2' IMP IA . 26.56 4.43 -21.98
C1' IMP IA . 27.26 2.29 -22.77
N9 IMP IA . 28.49 1.64 -23.25
C8 IMP IA . 29.22 1.96 -24.36
N7 IMP IA . 30.29 1.15 -24.52
C5 IMP IA . 30.22 0.28 -23.46
C6 IMP IA . 31.08 -0.81 -23.09
O6 IMP IA . 32.07 -1.22 -23.69
N1 IMP IA . 30.64 -1.44 -21.93
C2 IMP IA . 29.54 -1.06 -21.22
N3 IMP IA . 28.74 -0.07 -21.54
C4 IMP IA . 29.12 0.57 -22.67
PG ATP JA . 31.89 5.97 -44.54
PG ATP JA . 31.93 6.48 -44.85
O1G ATP JA . 30.80 6.80 -45.19
O1G ATP JA . 30.61 6.69 -45.56
O2G ATP JA . 31.36 5.08 -43.42
O2G ATP JA . 32.27 5.02 -44.66
O3G ATP JA . 32.74 5.20 -45.53
O3G ATP JA . 33.06 7.27 -45.46
PB ATP JA . 34.39 7.09 -43.40
PB ATP JA . 30.95 6.50 -42.08
O1B ATP JA . 34.98 8.35 -43.89
O1B ATP JA . 29.57 7.02 -41.99
O2B ATP JA . 35.01 5.80 -43.78
O2B ATP JA . 31.16 5.04 -42.09
O3B ATP JA . 32.85 7.06 -43.80
O3B ATP JA . 31.67 7.11 -43.37
PA ATP JA . 33.21 7.69 -40.75
PA ATP JA . 33.30 7.69 -40.74
O1A ATP JA . 31.88 7.17 -41.12
O1A ATP JA . 33.26 9.14 -40.42
O2A ATP JA . 33.39 9.14 -40.54
O2A ATP JA . 34.12 7.21 -41.88
O3A ATP JA . 34.30 7.15 -41.80
O3A ATP JA . 31.81 7.13 -40.89
O5' ATP JA . 33.68 6.94 -39.42
O5' ATP JA . 33.79 6.95 -39.41
C5' ATP JA . 33.67 5.50 -39.32
C5' ATP JA . 33.65 5.51 -39.29
C4' ATP JA . 34.13 5.08 -37.95
C4' ATP JA . 34.13 5.09 -37.93
O4' ATP JA . 35.56 5.26 -37.86
O4' ATP JA . 35.56 5.26 -37.84
C3' ATP JA . 33.54 5.85 -36.78
C3' ATP JA . 33.55 5.84 -36.75
O3' ATP JA . 33.42 4.99 -35.65
O3' ATP JA . 33.44 4.98 -35.63
C2' ATP JA . 34.59 6.93 -36.53
C2' ATP JA . 34.60 6.93 -36.50
O2' ATP JA . 34.55 7.42 -35.18
O2' ATP JA . 34.57 7.41 -35.16
C1' ATP JA . 35.86 6.14 -36.79
C1' ATP JA . 35.87 6.14 -36.77
N9 ATP JA . 37.02 6.94 -37.19
N9 ATP JA . 37.02 6.95 -37.18
C8 ATP JA . 37.12 7.77 -38.27
C8 ATP JA . 37.11 7.77 -38.27
N7 ATP JA . 38.30 8.30 -38.43
N7 ATP JA . 38.30 8.30 -38.43
C5 ATP JA . 39.05 7.81 -37.37
C5 ATP JA . 39.05 7.81 -37.37
C6 ATP JA . 40.37 7.99 -36.95
C6 ATP JA . 40.38 8.01 -36.95
N6 ATP JA . 41.23 8.77 -37.64
N6 ATP JA . 41.23 8.76 -37.65
N1 ATP JA . 40.78 7.36 -35.83
N1 ATP JA . 40.79 7.36 -35.84
C2 ATP JA . 39.90 6.58 -35.18
C2 ATP JA . 39.92 6.58 -35.19
N3 ATP JA . 38.63 6.32 -35.47
N3 ATP JA . 38.63 6.32 -35.48
C4 ATP JA . 38.25 6.96 -36.59
C4 ATP JA . 38.26 6.97 -36.58
P IMP KA . -7.58 -11.80 -29.19
O1P IMP KA . -8.86 -12.50 -28.81
O2P IMP KA . -7.09 -12.09 -30.59
O3P IMP KA . -6.49 -11.95 -28.16
O5' IMP KA . -7.91 -10.25 -29.17
C5' IMP KA . -8.93 -9.71 -29.99
C4' IMP KA . -9.05 -8.22 -29.76
O4' IMP KA . -7.81 -7.56 -30.09
C3' IMP KA . -10.10 -7.48 -30.57
O3' IMP KA . -11.42 -7.67 -30.07
C2' IMP KA . -9.61 -6.04 -30.46
O2' IMP KA . -9.97 -5.48 -29.19
C1' IMP KA . -8.09 -6.23 -30.49
N9 IMP KA . -7.51 -5.98 -31.82
C8 IMP KA . -8.05 -6.29 -33.04
N7 IMP KA . -7.24 -5.96 -34.07
C5 IMP KA . -6.13 -5.42 -33.46
C6 IMP KA . -4.91 -4.91 -34.02
O6 IMP KA . -4.63 -4.82 -35.22
N1 IMP KA . -4.03 -4.49 -33.04
C2 IMP KA . -4.28 -4.54 -31.71
N3 IMP KA . -5.37 -5.00 -31.16
C4 IMP KA . -6.27 -5.43 -32.07
PG ATP LA . -18.16 -17.97 -47.34
PG ATP LA . -17.70 -18.09 -47.63
O1G ATP LA . -18.78 -19.24 -46.78
O1G ATP LA . -18.55 -18.95 -46.72
O2G ATP LA . -16.66 -18.05 -47.47
O2G ATP LA . -16.22 -18.19 -47.32
O3G ATP LA . -18.84 -17.49 -48.60
O3G ATP LA . -18.01 -18.30 -49.09
PB ATP LA . -17.65 -16.46 -44.87
PB ATP LA . -18.39 -15.26 -48.18
O1B ATP LA . -18.24 -17.19 -43.73
O1B ATP LA . -17.49 -15.34 -49.35
O2B ATP LA . -16.20 -16.59 -45.14
O2B ATP LA . -19.83 -15.07 -48.39
O3B ATP LA . -18.45 -16.84 -46.21
O3B ATP LA . -18.16 -16.57 -47.28
PA ATP LA . -18.11 -13.72 -45.80
PA ATP LA . -18.20 -13.62 -45.72
O1A ATP LA . -19.41 -13.03 -45.64
O1A ATP LA . -18.07 -14.73 -44.76
O2A ATP LA . -17.73 -14.25 -47.14
O2A ATP LA . -19.45 -12.84 -45.78
O3A ATP LA . -18.00 -14.90 -44.73
O3A ATP LA . -17.83 -14.13 -47.20
O5' ATP LA . -16.97 -12.74 -45.29
O5' ATP LA . -16.99 -12.63 -45.43
C5' ATP LA . -15.59 -13.14 -45.31
C5' ATP LA . -15.63 -13.11 -45.31
C4' ATP LA . -14.74 -11.98 -44.88
C4' ATP LA . -14.75 -11.96 -44.88
O4' ATP LA . -14.73 -10.97 -45.91
O4' ATP LA . -14.75 -10.94 -45.91
C3' ATP LA . -15.19 -11.27 -43.61
C3' ATP LA . -15.21 -11.25 -43.60
O3' ATP LA . -14.07 -10.79 -42.88
O3' ATP LA . -14.07 -10.75 -42.90
C2' ATP LA . -16.04 -10.11 -44.16
C2' ATP LA . -16.06 -10.10 -44.16
O2' ATP LA . -16.12 -9.01 -43.25
O2' ATP LA . -16.16 -9.01 -43.24
C1' ATP LA . -15.23 -9.75 -45.40
C1' ATP LA . -15.25 -9.73 -45.38
N9 ATP LA . -15.99 -9.08 -46.45
N9 ATP LA . -16.01 -9.06 -46.43
C8 ATP LA . -17.09 -9.56 -47.11
C8 ATP LA . -17.12 -9.55 -47.10
N7 ATP LA . -17.54 -8.77 -48.05
N7 ATP LA . -17.56 -8.76 -48.04
C5 ATP LA . -16.68 -7.68 -48.01
C5 ATP LA . -16.70 -7.67 -48.02
C6 ATP LA . -16.61 -6.48 -48.75
C6 ATP LA . -16.62 -6.48 -48.77
N6 ATP LA . -17.47 -6.22 -49.75
N6 ATP LA . -17.47 -6.23 -49.76
N1 ATP LA . -15.63 -5.61 -48.45
N1 ATP LA . -15.65 -5.61 -48.46
C2 ATP LA . -14.78 -5.92 -47.47
C2 ATP LA . -14.79 -5.92 -47.48
N3 ATP LA . -14.73 -7.02 -46.70
N3 ATP LA . -14.76 -7.00 -46.70
C4 ATP LA . -15.72 -7.87 -47.03
C4 ATP LA . -15.74 -7.85 -47.02
P IMP MA . 0.17 -36.82 -9.31
O1P IMP MA . 0.87 -37.54 -8.17
O2P IMP MA . 0.01 -37.62 -10.59
O3P IMP MA . 0.72 -35.43 -9.55
O5' IMP MA . -1.33 -36.55 -8.83
C5' IMP MA . -2.23 -37.61 -8.59
C4' IMP MA . -3.56 -37.09 -8.13
O4' IMP MA . -4.18 -36.32 -9.19
C3' IMP MA . -4.61 -38.13 -7.77
O3' IMP MA . -4.40 -38.71 -6.50
C2' IMP MA . -5.90 -37.33 -7.89
O2' IMP MA . -6.07 -36.48 -6.77
C1' IMP MA . -5.58 -36.42 -9.10
N9 IMP MA . -6.12 -36.95 -10.37
C8 IMP MA . -6.25 -38.26 -10.74
N7 IMP MA . -6.80 -38.41 -11.96
C5 IMP MA . -7.02 -37.11 -12.38
C6 IMP MA . -7.59 -36.59 -13.61
O6 IMP MA . -8.02 -37.25 -14.55
N1 IMP MA . -7.62 -35.21 -13.61
C2 IMP MA . -7.18 -34.43 -12.61
N3 IMP MA . -6.66 -34.85 -11.48
C4 IMP MA . -6.61 -36.20 -11.42
PG ATP NA . -0.24 -58.28 -13.46
PG ATP NA . -0.27 -58.24 -13.66
O1G ATP NA . 1.14 -58.51 -12.89
O1G ATP NA . 0.66 -58.29 -12.46
O2G ATP NA . -0.22 -57.58 -14.81
O2G ATP NA . 0.01 -57.07 -14.58
O3G ATP NA . -1.10 -59.52 -13.46
O3G ATP NA . -0.34 -59.56 -14.41
PB ATP NA . -0.78 -55.70 -12.14
PB ATP NA . -3.24 -58.22 -13.51
O1B ATP NA . 0.13 -55.51 -10.99
O1B ATP NA . -3.24 -58.28 -14.98
O2B ATP NA . -0.47 -55.04 -13.43
O2B ATP NA . -3.84 -59.33 -12.73
O3B ATP NA . -0.95 -57.26 -12.41
O3B ATP NA . -1.74 -58.00 -12.99
PA ATP NA . -3.71 -55.93 -11.91
PA ATP NA . -3.70 -55.83 -11.84
O1A ATP NA . -4.26 -56.31 -10.60
O1A ATP NA . -2.28 -55.40 -11.81
O2A ATP NA . -3.65 -56.93 -13.00
O2A ATP NA . -4.34 -56.35 -10.62
O3A ATP NA . -2.27 -55.28 -11.71
O3A ATP NA . -3.93 -56.86 -13.04
O5' ATP NA . -4.54 -54.67 -12.44
O5' ATP NA . -4.54 -54.58 -12.37
C5' ATP NA . -3.98 -53.84 -13.47
C5' ATP NA . -4.03 -53.82 -13.49
C4' ATP NA . -4.88 -52.67 -13.72
C4' ATP NA . -4.92 -52.63 -13.73
O4' ATP NA . -6.16 -53.11 -14.24
O4' ATP NA . -6.20 -53.07 -14.25
C3' ATP NA . -5.21 -51.82 -12.49
C3' ATP NA . -5.24 -51.79 -12.50
O3' ATP NA . -5.31 -50.44 -12.87
O3' ATP NA . -5.34 -50.42 -12.88
C2' ATP NA . -6.56 -52.39 -12.04
C2' ATP NA . -6.58 -52.36 -12.04
O2' ATP NA . -7.33 -51.43 -11.31
O2' ATP NA . -7.34 -51.42 -11.29
C1' ATP NA . -7.20 -52.69 -13.39
C1' ATP NA . -7.24 -52.66 -13.38
N9 ATP NA . -8.20 -53.74 -13.35
N9 ATP NA . -8.23 -53.73 -13.34
C8 ATP NA . -8.03 -55.03 -12.92
C8 ATP NA . -8.04 -55.00 -12.90
N7 ATP NA . -9.09 -55.79 -13.05
N7 ATP NA . -9.10 -55.78 -13.04
C5 ATP NA . -10.04 -54.94 -13.62
C5 ATP NA . -10.05 -54.96 -13.61
C6 ATP NA . -11.38 -55.13 -14.02
C6 ATP NA . -11.39 -55.16 -14.02
N6 ATP NA . -11.99 -56.31 -13.91
N6 ATP NA . -11.98 -56.35 -13.91
N1 ATP NA . -12.04 -54.08 -14.55
N1 ATP NA . -12.05 -54.11 -14.56
C2 ATP NA . -11.38 -52.91 -14.68
C2 ATP NA . -11.42 -52.94 -14.67
N3 ATP NA . -10.12 -52.61 -14.33
N3 ATP NA . -10.16 -52.62 -14.33
C4 ATP NA . -9.50 -53.68 -13.81
C4 ATP NA . -9.53 -53.67 -13.80
P IMP OA . 14.59 -62.97 -48.20
O1P IMP OA . 13.27 -63.29 -48.86
O2P IMP OA . 14.48 -62.58 -46.74
O3P IMP OA . 15.41 -62.00 -49.01
O5' IMP OA . 15.47 -64.31 -48.18
C5' IMP OA . 15.01 -65.46 -47.49
C4' IMP OA . 15.96 -66.62 -47.69
O4' IMP OA . 17.26 -66.31 -47.11
C3' IMP OA . 15.57 -67.93 -47.04
O3' IMP OA . 14.56 -68.63 -47.75
C2' IMP OA . 16.91 -68.66 -46.96
O2' IMP OA . 17.26 -69.19 -48.23
C1' IMP OA . 17.87 -67.50 -46.66
N9 IMP OA . 18.18 -67.38 -45.22
C8 IMP OA . 17.37 -67.71 -44.17
N7 IMP OA . 17.95 -67.49 -42.98
C5 IMP OA . 19.21 -67.01 -43.31
C6 IMP OA . 20.30 -66.58 -42.47
O6 IMP OA . 20.33 -66.58 -41.23
N1 IMP OA . 21.38 -66.17 -43.21
C2 IMP OA . 21.42 -66.14 -44.56
N3 IMP OA . 20.45 -66.50 -45.36
C4 IMP OA . 19.36 -66.93 -44.68
PG ATP PA . -0.26 -66.77 -33.29
PG ATP PA . -0.39 -66.98 -32.86
O1G ATP PA . -1.74 -66.55 -33.52
O1G ATP PA . -1.71 -66.45 -33.38
O2G ATP PA . 0.56 -66.56 -34.54
O2G ATP PA . 0.60 -65.89 -32.55
O3G ATP PA . 0.27 -66.02 -32.10
O3G ATP PA . -0.55 -67.97 -31.73
PB ATP PA . 0.93 -69.19 -32.07
PB ATP PA . 1.32 -67.51 -35.25
O1B ATP PA . 1.26 -68.41 -30.86
O1B ATP PA . 0.62 -67.22 -36.51
O2B ATP PA . 0.44 -70.57 -31.93
O2B ATP PA . 2.27 -66.51 -34.70
O3B ATP PA . -0.11 -68.35 -32.94
O3B ATP PA . 0.22 -67.84 -34.13
PA ATP PA . 2.61 -69.98 -34.37
PA ATP PA . 2.59 -70.00 -34.32
O1A ATP PA . 2.18 -69.18 -35.55
O1A ATP PA . 2.22 -71.35 -34.78
O2A ATP PA . 2.16 -71.39 -34.26
O2A ATP PA . 2.21 -69.57 -32.95
O3A ATP PA . 2.22 -69.20 -33.03
O3A ATP PA . 2.07 -68.91 -35.37
O5' ATP PA . 4.19 -69.92 -34.31
O5' ATP PA . 4.17 -69.87 -34.49
C5' ATP PA . 4.87 -68.65 -34.17
C5' ATP PA . 4.85 -68.64 -34.16
C4' ATP PA . 6.36 -68.86 -34.33
C4' ATP PA . 6.34 -68.85 -34.32
O4' ATP PA . 6.87 -69.64 -33.22
O4' ATP PA . 6.85 -69.63 -33.21
C3' ATP PA . 6.79 -69.60 -35.59
C3' ATP PA . 6.78 -69.57 -35.58
O3' ATP PA . 8.03 -69.08 -36.06
O3' ATP PA . 8.01 -69.06 -36.06
C2' ATP PA . 6.92 -71.04 -35.11
C2' ATP PA . 6.92 -71.02 -35.11
O2' ATP PA . 7.84 -71.78 -35.92
O2' ATP PA . 7.85 -71.75 -35.91
C1' ATP PA . 7.46 -70.83 -33.71
C1' ATP PA . 7.45 -70.81 -33.69
N9 ATP PA . 7.14 -71.91 -32.77
N9 ATP PA . 7.14 -71.90 -32.77
C8 ATP PA . 5.90 -72.34 -32.40
C8 ATP PA . 5.90 -72.34 -32.40
N7 ATP PA . 5.90 -73.31 -31.51
N7 ATP PA . 5.91 -73.31 -31.52
C5 ATP PA . 7.26 -73.53 -31.28
C5 ATP PA . 7.26 -73.53 -31.28
C6 ATP PA . 7.95 -74.42 -30.44
C6 ATP PA . 7.96 -74.42 -30.44
N6 ATP PA . 7.30 -75.27 -29.63
N6 ATP PA . 7.32 -75.28 -29.64
N1 ATP PA . 9.30 -74.38 -30.44
N1 ATP PA . 9.31 -74.36 -30.45
C2 ATP PA . 9.91 -73.49 -31.24
C2 ATP PA . 9.92 -73.48 -31.24
N3 ATP PA . 9.37 -72.61 -32.08
N3 ATP PA . 9.37 -72.59 -32.08
C4 ATP PA . 8.03 -72.66 -32.06
C4 ATP PA . 8.03 -72.66 -32.06
P IMP QA . 7.11 -37.80 -67.98
O1P IMP QA . 7.34 -36.72 -69.01
O2P IMP QA . 6.19 -37.41 -66.84
O3P IMP QA . 8.39 -38.44 -67.50
O5' IMP QA . 6.34 -38.99 -68.72
C5' IMP QA . 5.02 -38.78 -69.24
C4' IMP QA . 4.50 -40.03 -69.92
O4' IMP QA . 4.33 -41.10 -68.96
C3' IMP QA . 3.13 -39.91 -70.56
O3' IMP QA . 3.14 -39.21 -71.80
C2' IMP QA . 2.70 -41.37 -70.66
O2' IMP QA . 3.34 -42.00 -71.76
C1' IMP QA . 3.29 -41.95 -69.38
N9 IMP QA . 2.29 -42.03 -68.30
C8 IMP QA . 1.22 -41.21 -68.07
N7 IMP QA . 0.50 -41.57 -67.01
C5 IMP QA . 1.14 -42.70 -66.52
C6 IMP QA . 0.84 -43.54 -65.41
O6 IMP QA . -0.09 -43.42 -64.61
N1 IMP QA . 1.77 -44.57 -65.28
C2 IMP QA . 2.82 -44.76 -66.11
N3 IMP QA . 3.12 -44.02 -67.15
C4 IMP QA . 2.25 -42.99 -67.30
PG ATP RA . -8.21 -23.00 -65.94
PG ATP RA . -8.56 -22.63 -65.82
O1G ATP RA . -7.25 -24.14 -66.13
O1G ATP RA . -10.07 -22.63 -65.82
O2G ATP RA . -7.73 -21.72 -66.60
O2G ATP RA . -7.97 -23.14 -64.52
O3G ATP RA . -8.64 -22.80 -64.50
O3G ATP RA . -7.97 -21.31 -66.27
PB ATP RA . -10.67 -24.55 -66.56
PB ATP RA . -6.95 -24.80 -67.03
O1B ATP RA . -11.18 -24.48 -65.18
O1B ATP RA . -5.83 -24.30 -67.86
O2B ATP RA . -11.62 -24.47 -67.69
O2B ATP RA . -6.67 -25.26 -65.65
O3B ATP RA . -9.54 -23.43 -66.78
O3B ATP RA . -8.11 -23.71 -66.98
PA ATP RA . -9.18 -26.69 -67.95
PA ATP RA . -9.15 -26.60 -67.80
O1A ATP RA . -7.81 -26.20 -68.22
O1A ATP RA . -9.68 -26.62 -69.18
O2A ATP RA . -10.19 -26.70 -69.04
O2A ATP RA . -9.94 -25.94 -66.74
O3A ATP RA . -9.79 -25.88 -66.70
O3A ATP RA . -7.68 -25.99 -67.83
O5' ATP RA . -9.06 -28.15 -67.34
O5' ATP RA . -8.86 -28.12 -67.39
C5' ATP RA . -8.23 -28.42 -66.19
C5' ATP RA . -8.21 -28.43 -66.15
C4' ATP RA . -8.12 -29.92 -66.01
C4' ATP RA . -8.12 -29.92 -65.99
O4' ATP RA . -9.44 -30.48 -65.77
O4' ATP RA . -9.43 -30.48 -65.76
C3' ATP RA . -7.54 -30.69 -67.19
C3' ATP RA . -7.55 -30.68 -67.19
O3' ATP RA . -6.79 -31.79 -66.71
O3' ATP RA . -6.78 -31.79 -66.73
C2' ATP RA . -8.80 -31.14 -67.93
C2' ATP RA . -8.81 -31.14 -67.93
O2' ATP RA . -8.58 -32.29 -68.74
O2' ATP RA . -8.59 -32.29 -68.74
C1' ATP RA . -9.72 -31.45 -66.76
C1' ATP RA . -9.73 -31.45 -66.75
N9 ATP RA . -11.15 -31.38 -67.06
N9 ATP RA . -11.15 -31.38 -67.05
C8 ATP RA . -11.84 -30.28 -67.49
C8 ATP RA . -11.85 -30.28 -67.48
N7 ATP RA . -13.13 -30.48 -67.60
N7 ATP RA . -13.14 -30.49 -67.61
C5 ATP RA . -13.31 -31.80 -67.24
C5 ATP RA . -13.32 -31.81 -67.23
C6 ATP RA . -14.45 -32.63 -67.14
C6 ATP RA . -14.44 -32.64 -67.13
N6 ATP RA . -15.66 -32.19 -67.41
N6 ATP RA . -15.67 -32.21 -67.43
N1 ATP RA . -14.26 -33.91 -66.73
N1 ATP RA . -14.25 -33.92 -66.73
C2 ATP RA . -13.01 -34.32 -66.44
C2 ATP RA . -13.01 -34.32 -66.43
N3 ATP RA . -11.87 -33.63 -66.50
N3 ATP RA . -11.87 -33.64 -66.48
C4 ATP RA . -12.08 -32.37 -66.89
C4 ATP RA . -12.08 -32.37 -66.89
P IMP SA . 37.69 -25.72 -64.49
O1P IMP SA . 39.17 -25.76 -64.19
O2P IMP SA . 36.94 -24.62 -63.75
O3P IMP SA . 37.03 -27.07 -64.34
O5' IMP SA . 37.48 -25.42 -66.04
C5' IMP SA . 37.74 -24.14 -66.59
C4' IMP SA . 37.46 -24.14 -68.07
O4' IMP SA . 36.04 -24.23 -68.31
C3' IMP SA . 37.89 -22.90 -68.84
O3' IMP SA . 39.28 -22.89 -69.13
C2' IMP SA . 37.01 -22.97 -70.07
O2' IMP SA . 37.51 -23.92 -71.00
C1' IMP SA . 35.70 -23.52 -69.49
N9 IMP SA . 34.74 -22.46 -69.14
C8 IMP SA . 35.02 -21.19 -68.68
N7 IMP SA . 33.90 -20.47 -68.48
C5 IMP SA . 32.88 -21.32 -68.84
C6 IMP SA . 31.45 -21.14 -68.82
O6 IMP SA . 30.83 -20.12 -68.51
N1 IMP SA . 30.78 -22.26 -69.26
C2 IMP SA . 31.38 -23.41 -69.64
N3 IMP SA . 32.67 -23.63 -69.66
C4 IMP SA . 33.38 -22.55 -69.24
PG ATP TA . 44.08 -6.23 -57.17
PG ATP TA . 43.71 -6.31 -56.82
O1G ATP TA . 45.29 -6.15 -56.27
O1G ATP TA . 45.06 -6.73 -56.28
O2G ATP TA . 42.88 -6.88 -56.51
O2G ATP TA . 42.71 -7.46 -56.84
O3G ATP TA . 43.73 -4.89 -57.81
O3G ATP TA . 43.16 -5.06 -56.17
PB ATP TA . 44.01 -8.64 -58.88
PB ATP TA . 43.34 -4.91 -59.44
O1B ATP TA . 45.09 -9.63 -58.68
O1B ATP TA . 44.44 -4.20 -60.12
O2B ATP TA . 42.69 -8.90 -58.26
O2B ATP TA . 42.28 -4.14 -58.75
O3B ATP TA . 44.53 -7.20 -58.40
O3B ATP TA . 43.97 -5.96 -58.40
PA ATP TA . 43.22 -7.16 -61.30
PA ATP TA . 43.16 -7.09 -61.42
O1A ATP TA . 44.18 -6.82 -62.37
O1A ATP TA . 43.71 -8.18 -60.59
O2A ATP TA . 42.75 -6.11 -60.38
O2A ATP TA . 44.01 -6.52 -62.49
O3A ATP TA . 43.82 -8.38 -60.45
O3A ATP TA . 42.65 -5.91 -60.48
O5' ATP TA . 41.95 -7.83 -62.01
O5' ATP TA . 41.81 -7.60 -62.07
C5' ATP TA . 40.83 -8.32 -61.24
C5' ATP TA . 40.79 -8.26 -61.28
C4' ATP TA . 39.76 -8.81 -62.18
C4' ATP TA . 39.71 -8.78 -62.21
O4' ATP TA . 39.10 -7.68 -62.81
O4' ATP TA . 39.05 -7.67 -62.86
C3' ATP TA . 40.23 -9.71 -63.32
C3' ATP TA . 40.19 -9.70 -63.33
O3' ATP TA . 39.24 -10.69 -63.60
O3' ATP TA . 39.18 -10.65 -63.63
C2' ATP TA . 40.38 -8.73 -64.48
C2' ATP TA . 40.37 -8.73 -64.49
O2' ATP TA . 40.25 -9.38 -65.74
O2' ATP TA . 40.28 -9.40 -65.75
C1' ATP TA . 39.20 -7.80 -64.21
C1' ATP TA . 39.19 -7.79 -64.26
N9 ATP TA . 39.34 -6.46 -64.79
N9 ATP TA . 39.34 -6.46 -64.83
C8 ATP TA . 40.30 -5.52 -64.49
C8 ATP TA . 40.30 -5.53 -64.52
N7 ATP TA . 40.15 -4.38 -65.10
N7 ATP TA . 40.14 -4.38 -65.12
C5 ATP TA . 39.00 -4.57 -65.88
C5 ATP TA . 39.00 -4.55 -65.88
C6 ATP TA . 38.29 -3.73 -66.75
C6 ATP TA . 38.28 -3.69 -66.75
N6 ATP TA . 38.67 -2.47 -67.00
N6 ATP TA . 38.66 -2.43 -66.97
N1 ATP TA . 37.18 -4.23 -67.35
N1 ATP TA . 37.18 -4.19 -67.35
C2 ATP TA . 36.82 -5.49 -67.07
C2 ATP TA . 36.82 -5.45 -67.10
N3 ATP TA . 37.40 -6.38 -66.26
N3 ATP TA . 37.41 -6.35 -66.30
C4 ATP TA . 38.49 -5.85 -65.68
C4 ATP TA . 38.50 -5.84 -65.72
P IMP UA . 45.10 -50.95 -44.58
O1P IMP UA . 45.11 -52.37 -44.05
O2P IMP UA . 45.13 -49.87 -43.51
O3P IMP UA . 44.01 -50.72 -45.61
O5' IMP UA . 46.46 -50.74 -45.40
C5' IMP UA . 47.71 -50.86 -44.74
C4' IMP UA . 48.84 -50.74 -45.72
O4' IMP UA . 48.85 -49.41 -46.29
C3' IMP UA . 50.24 -50.89 -45.16
O3' IMP UA . 50.59 -52.25 -44.92
C2' IMP UA . 51.09 -50.21 -46.21
O2' IMP UA . 51.24 -51.06 -47.35
C1' IMP UA . 50.18 -49.05 -46.62
N9 IMP UA . 50.54 -47.79 -45.93
C8 IMP UA . 51.15 -47.63 -44.73
N7 IMP UA . 51.38 -46.35 -44.43
C5 IMP UA . 50.90 -45.64 -45.52
C6 IMP UA . 50.88 -44.23 -45.81
O6 IMP UA . 51.31 -43.33 -45.11
N1 IMP UA . 50.30 -43.98 -47.04
C2 IMP UA . 49.81 -44.92 -47.87
N3 IMP UA . 49.81 -46.20 -47.64
C4 IMP UA . 50.37 -46.52 -46.45
PG ATP VA . 52.01 -50.59 -23.87
PG ATP VA . 51.88 -50.11 -23.80
O1G ATP VA . 51.44 -51.77 -23.12
O1G ATP VA . 51.49 -51.58 -23.70
O2G ATP VA . 50.95 -49.61 -24.32
O2G ATP VA . 50.82 -49.27 -24.48
O3G ATP VA . 53.16 -49.92 -23.14
O3G ATP VA . 52.33 -49.53 -22.48
PB ATP VA . 52.12 -51.28 -26.73
PB ATP VA . 54.65 -49.51 -24.69
O1B ATP VA . 51.40 -52.56 -26.94
O1B ATP VA . 54.59 -48.15 -24.11
O2B ATP VA . 51.43 -50.01 -27.02
O2B ATP VA . 55.53 -50.52 -24.08
O3B ATP VA . 52.65 -51.23 -25.22
O3B ATP VA . 53.17 -50.11 -24.79
PA ATP VA . 54.83 -50.42 -27.42
PA ATP VA . 54.96 -50.42 -27.47
O1A ATP VA . 56.02 -51.29 -27.48
O1A ATP VA . 53.67 -51.14 -27.47
O2A ATP VA . 54.68 -49.48 -26.29
O2A ATP VA . 56.21 -51.20 -27.48
O3A ATP VA . 53.52 -51.32 -27.52
O3A ATP VA . 55.00 -49.39 -26.26
O5' ATP VA . 54.77 -49.61 -28.79
O5' ATP VA . 54.97 -49.45 -28.73
C5' ATP VA . 53.81 -48.56 -28.99
C5' ATP VA . 53.88 -48.55 -28.99
C4' ATP VA . 54.11 -47.84 -30.28
C4' ATP VA . 54.13 -47.82 -30.29
O4' ATP VA . 55.24 -46.95 -30.10
O4' ATP VA . 55.26 -46.93 -30.14
C3' ATP VA . 54.46 -48.72 -31.48
C3' ATP VA . 54.47 -48.72 -31.49
O3' ATP VA . 53.97 -48.17 -32.68
O3' ATP VA . 53.98 -48.14 -32.69
C2' ATP VA . 56.00 -48.73 -31.44
C2' ATP VA . 56.00 -48.73 -31.47
O2' ATP VA . 56.55 -48.98 -32.73
O2' ATP VA . 56.55 -48.99 -32.76
C1' ATP VA . 56.28 -47.31 -31.00
C1' ATP VA . 56.30 -47.31 -31.02
N9 ATP VA . 57.55 -47.13 -30.30
N9 ATP VA . 57.57 -47.15 -30.33
C8 ATP VA . 57.97 -47.77 -29.17
C8 ATP VA . 57.97 -47.79 -29.19
N7 ATP VA . 59.14 -47.39 -28.73
N7 ATP VA . 59.14 -47.41 -28.74
C5 ATP VA . 59.54 -46.42 -29.65
C5 ATP VA . 59.55 -46.44 -29.64
C6 ATP VA . 60.69 -45.62 -29.76
C6 ATP VA . 60.70 -45.64 -29.75
N6 ATP VA . 61.68 -45.67 -28.87
N6 ATP VA . 61.68 -45.68 -28.83
N1 ATP VA . 60.76 -44.76 -30.80
N1 ATP VA . 60.79 -44.78 -30.78
C2 ATP VA . 59.74 -44.70 -31.66
C2 ATP VA . 59.78 -44.73 -31.66
N3 ATP VA . 58.60 -45.41 -31.66
N3 ATP VA . 58.64 -45.44 -31.67
C4 ATP VA . 58.56 -46.25 -30.63
C4 ATP VA . 58.59 -46.28 -30.64
#